data_9GMA
#
_entry.id   9GMA
#
_cell.length_a   1.00
_cell.length_b   1.00
_cell.length_c   1.00
_cell.angle_alpha   90.00
_cell.angle_beta   90.00
_cell.angle_gamma   90.00
#
_symmetry.space_group_name_H-M   'P 1'
#
loop_
_entity.id
_entity.type
_entity.pdbx_description
1 polymer 'Chromosome partition protein MukB'
2 polymer 'Chromosome partition protein MukF'
3 polymer 'Chromosome partition protein MukE'
4 polymer 'Acyl carrier protein'
5 polymer pFB526
6 polymer pFB526
7 non-polymer 'MAGNESIUM ION'
8 non-polymer "ADENOSINE-5'-TRIPHOSPHATE"
#
loop_
_entity_poly.entity_id
_entity_poly.type
_entity_poly.pdbx_seq_one_letter_code
_entity_poly.pdbx_strand_id
1 'polypeptide(L)'
;MIERGKFRSLTLVNWNGFFARTFDLDELVTTLSGGNGAGKSTTMAAFVTALIPDLTLLHFRNTTEAGATSGSRDKGLHGK
LRAGVCYSTLDVINSRHQRVVVGVRLQQVAGRDRKVDIKPFMIQGLPTAIQPTQLLTENVGERQARVLPLNELKDRLDEM
EGVQFKQFNSITDYHAQMFDLGVIPKRLRSASDRSKFYRLIEASLYGGISSAITRSLRDYLLPENSGVRKAFQDMEAALR
ENRITLEAIRVTQSDRDLFKHLITEATSYVSADYMRHANERRTHLDEALALRGELFGSHKQLATEQYRHVEMARELAEQS
GASSDLETDHQAASDHLNLVQTAMRQQEKIDRYQVDLEELSYRLEEQTDVVEEAGELQAEYEARTEATEQEVDELKSQLA
DYQQALDVQQTRAIQYQQALQALERARELCRLPDLSVDNAEEWLETFQAKEQQATEALLALEQKLSVADAAHNQFEQAYQ
LVKNIVGETSRSEAWQSARELLRDWPSQRHLADRVQPLRMRLSELEQRLNNQQNAERLLSEFCKRQGRQYQAEDLEALQN
ELEARQEALSLSVNEGGERRMEMRQELEQLKQKIQSLTARAPVWLAAQDTLNQLCEQSGETLASSNDVTEYMQQLLERER
EATVERDEVAAQKRELEKQIERLSQPSGAEDSRMIALAERFGGVLLSEIYDDITIDDAPYFSALYGPARHGIVVPDLSLV
RPHLETLEDCPEDLYLIEGDPQSFDDSVFNAEEQTNAVLVKSSDRQWRYSRYPELPLFGRAARENRLEALNLERDALAER
YATLSFDVQKIQRAHQAFSQFVGKHLSVAFDTDPEAEIRELRQRHTELEREVSRFEDQTQQQRQQYAQAKESLTTLNRLI
PQVTLLLDETLIDRVEEVREEMDEAQEAARFLQQHGSALTKLEPMVAVLQSDPQQHEQLQQDYETAKHSQHQAKQQAFAL
VEIVQRRVHFSYSDSAGMLSENADLNDKLRQRLEHAESDRSRAREQLRQQQAQYSQFNQVLASLKSSYETKQDMLKELLQ
EMKDIGVQADANAEMRARERRDRLHEALSVNRSRVNQLEKQIAFCEAEMENVQKKLRKLERDYYQIREQVVSAKAGWCAV
MRMVKDNGVERRLHRRELAYMEGGALRSMSDKALGALRLAVADNEHLRDALRLSEDPKRPERKVQFFIAVYQHLRERIRQ
DIIRTDDPVDAIEQMEIELARLTEELTAREQKLAISSKSVANIIRKTIQREQNRIRMLNQGLQAVSFGQVRGVRLNVNVR
ESHAILLDVLSEQQEQHQDLFNSQRLTFSEAMAKLYQRLNPQVDMGQRLPQTIGEELLDYRNYLELDVEVNRGSDGWLKA
ESGALSTGEAIGTGMSILVMVVQSWEEESRRLRGKDISPCRLLFLDEAARLDAKSIATLFELCERLQMQLIIAAPENISP
EKGTTYKLVRKVFKNHEHVHVVGLRGFGQDAPATQLISDVTA
;
A,B,O,P
2 'polypeptide(L)'
;MSEYSQTVPELVSWARKNDFSISLPVERLAFLMAIAVLNSERLDGEMSEGELIDAFREVCKGFEQTAESVAVRANNAIND
MVRQKLLNRFTSELADGNAIYRLTPLGISISDYYIRQREFSTLRLSMQLSIVANELHRAAEAAEEGGDEFHWHRNVFAPL
KYSVAEIFDSIDMSQRLMDEQQNFVKEDIAALLNQDWQAAIANCEQLLSETSGTLRELQDTLEAAGDKLQANLLRIQDAN
MGSGGSELVDKLVFDLQSKLDRIISWGQQAIDLWIGYDRHVHKFIRTAIDMDKNRIFSQRLRQSVQHYFDNPWTLTVANA
ERLLDMRDEELALRNEEVTGELPLELEYEEFSEINDQLAAMIEKALLVYQQEQRPLDLGAVLRDYLAQHPLPRHFDVARI
LVDQAVRLGVAEADFSGLPAEWLAINDYGAKVQAHVIDTY
;
C,D
3 'polypeptide(L)'
;MSSTHIEQFMPVKLAQALANSLFPELDSQLRAGRHIGIDDLDNHAFLMDFQEQLEEFYARYNVELIRAPEGFFYLRPRST
TLIPRSVLSELDMMVGKILCYLYLSPERLANQGIFTSQELYEELISLADEGKLMKFVNQRSSGSDLDKQKLQEKVRTTLN
RLRRLGMVYFLPNNNNKFTITEAVFRFGADVRSGDDPREIQLRMIRDGEAMPVEGSLSLDDSENDETPDNSAEGAGDEQP
;
E,F,Q,R
4 'polypeptide(L)'
;MSTIEERVKKIIGEQLGVKQEEVTNNASFVEDLGAD(4HH)LDTVELVMALEEEFDTEIPDEEAEKITTVQAAIDYINGH
QA
;
G,I,S,M
5 'polydeoxyribonucleotide'
;(DA)(DA)(DC)(DC)(DT)(DA)(DT)(DA)(DA)(DA)(DA)(DA)(DT)(DA)(DG)(DG)(DC)(DG)(DT)(DA)
(DT)(DC)(DA)(DC)(DG)(DA)(DG)(DG)(DC)(DC)(DC)(DT)(DT)(DT)(DC)(DG)(DT)(DT)(DA)(DC)
(DA)(DT)(DT)(DG)(DT)(DA)(DA)(DC)(DA)(DC)(DA)(DC)(DT)(DT)(DA)(DA)(DT)(DT)(DG)(DC)
(DG)(DT)(DT)(DG)(DC)(DG)(DC)(DT)(DC)(DA)(DC)(DT)(DG)(DC)(DC)(DC)(DG)(DC)(DT)(DT)
(DT)(DC)(DC)(DA)(DG)(DT)(DC)(DG)(DG)(DG)(DA)(DA)(DA)(DC)(DC)(DT)(DG)(DT)(DC)(DG)
(DT)(DG)(DC)(DC)(DA)(DG)(DC)(DT)(DG)(DC)(DA)(DT)(DT)(DA)(DA)(DT)(DG)(DA)(DA)(DT)
(DC)(DG)(DG)(DC)(DC)(DA)(DA)(DC)(DG)(DC)(DG)(DC)(DG)(DG)(DG)(DG)(DA)(DG)(DA)(DG)
(DG)(DC)(DG)(DG)(DT)(DT)(DT)(DG)(DC)(DG)(DT)(DA)(DT)(DT)(DG)(DG)(DG)(DC)(DG)(DC)
(DT)(DC)(DT)(DT)(DC)(DC)(DG)(DC)(DT)(DT)(DC)(DC)(DT)(DC)(DG)(DC)(DT)(DC)(DA)(DC)
(DT)(DG)(DA)(DC)(DT)(DC)(DG)(DC)(DT)(DG)(DC)(DG)(DC)(DT)(DC)(DG)(DG)(DT)(DC)(DG)
(DT)(DT)(DC)(DG)(DG)(DC)(DT)(DG)(DC)(DG)(DG)(DC)(DG)(DA)(DG)(DC)(DG)(DG)(DT)(DA)
(DT)(DC)(DA)(DG)(DC)(DT)(DC)(DA)(DC)(DT)(DC)(DA)(DA)(DA)(DG)(DG)(DC)(DG)(DG)(DT)
(DA)(DA)(DT)(DA)(DC)(DG)(DG)(DT)(DT)(DA)(DT)(DC)(DC)(DA)(DC)(DA)(DG)(DA)(DA)(DT)
(DC)(DA)(DG)(DG)(DG)(DG)(DA)(DT)(DA)(DA)(DC)(DG)(DC)(DA)(DG)(DG)(DA)(DA)(DA)(DG)
(DA)(DA)(DC)(DA)(DT)(DG)(DT)(DG)(DA)(DG)(DC)(DA)(DA)(DA)(DA)(DG)(DG)(DC)(DC)(DA)
(DG)(DC)(DA)(DA)(DA)(DA)(DG)(DG)(DC)(DC)(DA)(DG)(DG)(DA)(DA)(DC)(DC)(DG)(DT)(DA)
(DA)(DA)(DA)(DA)(DG)(DG)(DC)(DC)(DG)(DC)(DG)(DT)(DT)(DG)(DC)(DT)(DG)(DG)(DC)(DG)
(DT)(DT)(DT)(DT)(DT)(DC)(DC)(DA)(DT)(DA)(DG)(DG)(DC)(DT)(DC)(DC)(DG)(DC)(DC)(DC)
(DC)(DC)(DC)(DT)(DG)(DA)(DC)(DG)(DA)(DG)(DC)(DA)(DT)(DC)(DA)(DC)(DA)(DA)(DA)(DA)
(DA)(DT)(DC)(DG)(DA)(DC)(DG)(DC)(DT)(DC)(DA)(DA)(DG)(DT)(DC)(DA)(DG)(DA)(DG)(DG)
(DT)(DG)(DG)(DC)(DG)(DA)(DA)(DA)(DC)(DC)(DC)(DG)(DA)(DC)(DA)(DG)(DG)(DA)(DC)(DT)
(DA)(DT)(DA)(DA)(DA)(DG)(DA)(DT)(DA)(DC)(DC)(DA)(DG)(DG)(DC)(DG)(DT)(DT)(DT)(DC)
(DC)(DC)(DC)(DC)(DT)(DG)(DG)(DA)(DA)(DG)(DC)(DT)(DC)(DC)(DC)(DT)(DC)(DG)(DT)(DG)
(DC)(DG)(DC)(DT)(DC)(DT)(DC)(DC)(DT)(DG)(DT)(DT)(DC)(DC)(DG)(DA)(DC)(DC)(DC)(DT)
(DG)(DC)(DC)(DG)(DC)(DT)(DT)(DA)(DC)(DC)(DG)(DG)(DA)(DT)(DA)(DC)(DC)(DT)(DG)(DT)
(DC)(DC)(DG)(DC)(DC)(DT)(DT)(DT)(DC)(DT)(DC)(DC)(DC)(DT)(DT)(DC)(DG)(DG)(DG)(DA)
(DA)(DG)(DC)(DG)(DT)(DG)(DG)(DC)(DG)(DC)(DT)(DT)(DT)(DC)(DT)(DC)(DA)(DT)(DA)(DG)
(DC)(DT)(DC)(DA)(DC)(DG)(DC)(DT)(DG)(DT)(DA)(DG)(DG)(DT)(DA)(DT)(DC)(DT)(DC)(DA)
(DG)(DT)(DT)(DC)(DG)(DG)(DT)(DG)(DT)(DA)(DG)(DG)(DT)(DC)(DG)(DT)(DT)(DC)(DG)(DC)
(DT)(DC)(DC)(DA)(DA)(DG)(DC)(DT)(DG)(DG)(DG)(DC)(DT)(DG)(DT)(DG)(DT)(DG)(DC)(DA)
(DC)(DG)(DA)(DA)(DC)(DC)(DC)(DC)(DC)(DC)(DG)(DT)(DT)(DC)(DA)(DG)(DC)(DC)(DC)(DG)
(DA)(DC)(DC)(DG)(DC)(DT)(DG)(DC)(DG)(DC)(DC)(DT)(DT)(DA)(DT)(DC)(DC)(DG)(DG)(DT)
(DA)(DA)(DC)(DT)(DA)(DT)(DC)(DG)(DT)(DC)(DT)(DT)(DG)(DA)(DG)(DT)(DC)(DC)(DA)(DA)
(DC)(DC)(DC)(DG)(DG)(DT)(DA)(DA)(DG)(DA)(DC)(DA)(DC)(DG)(DA)(DC)(DT)(DT)(DA)(DT)
(DC)(DG)(DC)(DC)(DA)(DC)(DT)(DG)(DG)(DC)(DA)(DG)(DC)(DA)(DG)(DC)(DC)(DA)(DC)(DT)
(DG)(DG)(DT)(DA)(DA)(DC)(DA)(DG)(DG)(DA)(DT)(DT)(DA)(DG)(DC)(DA)(DG)(DA)(DG)(DC)
(DG)(DA)(DG)(DG)(DT)(DA)(DT)(DG)(DT)(DA)(DG)(DG)(DC)(DG)(DG)(DT)(DG)(DC)(DT)(DA)
(DC)(DA)(DG)(DA)(DG)(DT)(DT)(DC)(DT)(DT)(DG)(DA)(DA)(DG)(DT)(DG)(DG)(DT)(DG)(DG)
(DC)(DC)(DT)(DA)(DA)(DC)(DT)(DA)(DC)(DG)(DG)(DC)(DT)(DA)(DC)(DA)(DC)(DT)(DA)(DG)
(DA)(DA)(DG)(DG)(DA)(DC)(DA)(DG)(DT)(DA)(DT)(DT)(DT)(DG)(DG)(DT)(DA)(DT)(DC)(DT)
(DG)(DC)(DG)(DC)(DT)(DC)(DT)(DG)(DC)(DT)(DG)(DA)(DA)(DG)(DC)(DC)(DA)(DG)(DT)(DT)
(DA)(DC)(DC)(DT)(DT)(DC)(DG)(DG)(DA)(DA)(DA)(DA)(DA)(DG)(DA)(DG)(DT)(DT)(DG)(DG)
(DT)(DA)(DG)(DC)(DT)(DC)(DT)(DT)(DG)(DA)(DT)(DC)(DC)(DG)(DG)(DC)(DA)(DA)(DA)(DC)
(DA)(DA)(DA)(DC)(DC)(DA)(DC)(DC)(DG)(DC)(DT)(DG)(DG)(DT)(DA)(DG)(DC)(DG)(DG)(DT)
(DG)(DG)(DT)(DT)(DT)(DT)(DT)(DT)(DT)(DG)(DT)(DT)(DT)(DG)(DC)(DA)(DA)(DG)(DC)(DA)
(DG)(DC)(DA)(DG)(DA)(DT)(DT)(DA)(DC)(DG)(DC)(DG)(DC)(DA)(DG)(DA)(DA)(DA)(DA)(DA)
(DA)(DA)(DG)(DG)(DA)(DT)(DC)(DT)(DC)(DA)(DA)(DG)(DA)(DA)(DG)(DA)(DT)(DC)(DC)(DT)
(DT)(DT)(DG)(DA)(DT)(DC)(DT)(DT)(DT)(DT)(DC)(DT)(DA)(DC)(DG)(DG)(DG)(DG)(DT)(DC)
(DT)(DG)(DA)(DC)(DG)(DC)(DT)(DC)(DA)(DG)(DT)(DG)(DG)(DA)(DA)(DC)(DG)(DA)(DA)(DA)
(DA)(DC)(DT)(DC)(DA)(DC)(DG)(DT)(DT)(DA)(DA)(DG)(DG)(DG)(DA)(DT)(DT)(DT)(DT)(DG)
(DG)(DT)(DC)(DA)(DT)(DG)(DA)(DG)(DA)(DT)(DT)(DA)(DT)(DC)(DA)(DA)(DA)(DA)(DA)(DG)
(DG)(DA)(DT)(DC)(DT)(DT)(DC)(DA)(DC)(DC)(DT)(DA)(DG)(DA)(DT)(DC)(DC)(DT)(DT)(DT)
(DT)(DA)(DA)(DA)(DT)(DT)(DA)(DA)(DA)(DA)(DA)(DT)(DG)(DA)(DA)(DG)(DT)(DT)(DT)(DT)
(DA)(DA)(DA)(DT)(DC)(DA)(DA)(DT)(DC)(DT)(DA)(DA)(DA)(DG)(DT)(DA)(DT)(DA)(DT)(DA)
(DT)(DG)(DA)(DG)(DT)(DA)(DA)(DA)(DC)(DT)(DT)(DG)(DG)(DT)(DC)(DT)(DG)(DA)(DC)(DA)
(DG)(DT)(DT)(DA)(DC)(DC)(DA)(DA)(DT)(DG)(DC)(DT)(DT)(DA)(DA)(DT)(DC)(DA)(DG)(DT)
(DG)(DA)(DG)(DG)(DC)(DA)(DC)(DC)(DT)(DA)(DT)(DC)(DT)(DC)(DA)(DG)(DC)(DG)(DA)(DT)
(DC)(DT)(DG)(DT)(DC)(DT)(DA)(DT)(DT)(DT)(DC)(DG)(DT)(DT)(DC)(DA)(DT)(DC)(DC)(DA)
(DT)(DA)(DG)(DT)(DT)(DG)(DC)(DC)(DT)(DG)(DA)(DC)(DT)(DC)(DC)(DC)(DC)(DG)(DT)(DC)
(DG)(DT)(DG)(DT)(DA)(DG)(DA)(DT)(DA)(DA)(DC)(DT)(DA)(DC)(DG)(DA)(DT)(DA)(DC)(DG)
(DG)(DG)(DA)(DG)(DG)(DG)(DC)(DT)(DT)(DA)(DC)(DC)(DA)(DT)(DC)(DT)(DG)(DG)(DC)(DC)
(DC)(DC)(DA)(DG)(DT)(DG)(DC)(DT)(DG)(DC)(DA)(DA)(DT)(DG)(DA)(DT)(DA)(DC)(DC)(DG)
(DC)(DG)(DA)(DG)(DA)(DC)(DC)(DC)(DA)(DC)(DG)(DC)(DT)(DC)(DA)(DC)(DC)(DG)(DG)(DC)
(DT)(DC)(DC)(DA)(DG)(DA)(DT)(DT)(DT)(DA)(DT)(DC)(DA)(DG)(DC)(DA)(DA)(DT)(DA)(DA)
(DA)(DC)(DC)(DA)(DG)(DC)(DC)(DA)(DG)(DC)(DC)(DG)(DG)(DA)(DA)(DG)(DG)(DG)(DC)(DC)
(DG)(DA)(DG)(DC)(DG)(DC)(DA)(DG)(DA)(DA)(DG)(DT)(DG)(DG)(DT)(DC)(DC)(DT)(DG)(DC)
(DA)(DA)(DC)(DT)(DT)(DT)(DA)(DT)(DC)(DC)(DG)(DC)(DC)(DT)(DC)(DC)(DA)(DT)(DC)(DC)
(DA)(DG)(DT)(DC)(DT)(DA)(DT)(DT)(DA)(DA)(DT)(DT)(DG)(DT)(DT)(DG)(DC)(DC)(DG)(DG)
(DG)(DA)(DA)(DG)(DC)(DT)(DA)(DG)(DA)(DG)(DT)(DA)(DA)(DG)(DT)(DA)(DG)(DT)(DT)(DC)
(DG)(DC)(DC)(DA)(DG)(DT)(DT)(DA)(DA)(DT)(DA)(DG)(DT)(DT)(DT)(DG)(DC)(DG)(DC)(DA)
(DA)(DC)(DG)(DT)(DT)(DG)(DT)(DT)(DG)(DC)(DC)(DA)(DT)(DT)(DG)(DC)(DT)(DA)(DC)(DA)
(DG)(DG)(DC)(DA)(DT)(DC)(DG)(DT)(DG)(DG)(DT)(DG)(DT)(DC)(DA)(DC)(DG)(DC)(DT)(DC)
(DG)(DT)(DC)(DG)(DT)(DT)(DT)(DG)(DG)(DT)(DA)(DT)(DG)(DG)(DC)(DT)(DT)(DC)(DA)(DT)
(DT)(DC)(DA)(DG)(DC)(DT)(DC)(DC)(DG)(DG)(DT)(DT)(DC)(DC)(DC)(DA)(DA)(DC)(DG)(DA)
(DT)(DC)(DA)(DA)(DG)(DG)(DC)(DG)(DA)(DG)(DT)(DT)(DA)(DC)(DA)(DT)(DG)(DA)(DT)(DC)
(DC)(DC)(DC)(DC)(DA)(DT)(DG)(DT)(DT)(DG)(DT)(DG)(DC)(DA)(DA)(DA)(DA)(DA)(DA)(DG)
(DC)(DG)(DG)(DT)(DT)(DA)(DG)(DC)(DT)(DC)(DC)(DT)(DT)(DC)(DG)(DG)(DT)(DC)(DC)(DT)
(DC)(DC)(DG)(DA)(DT)(DC)(DG)(DT)(DT)(DG)(DT)(DC)(DA)(DG)(DA)(DA)(DG)(DT)(DA)(DA)
(DG)(DT)(DT)(DG)(DG)(DC)(DC)(DG)(DC)(DA)(DG)(DT)(DG)(DT)(DT)(DA)(DT)(DC)(DA)(DC)
(DT)(DC)(DA)(DT)(DG)(DG)(DT)(DT)(DA)(DT)(DG)(DG)(DC)(DA)(DG)(DC)(DA)(DC)(DT)(DG)
(DC)(DA)(DT)(DA)(DA)(DT)(DT)(DC)(DT)(DC)(DT)(DT)(DA)(DC)(DT)(DG)(DT)(DC)(DA)(DT)
(DG)(DC)(DC)(DA)(DT)(DC)(DC)(DG)(DT)(DA)(DA)(DG)(DA)(DT)(DG)(DC)(DT)(DT)(DT)(DT)
(DC)(DT)(DG)(DT)(DG)(DA)(DC)(DT)(DG)(DG)(DT)(DG)(DA)(DG)(DT)(DA)(DC)(DT)(DC)(DA)
(DA)(DC)(DC)(DA)(DA)(DG)(DT)(DC)(DA)(DT)(DT)(DC)(DT)(DG)(DA)(DG)(DA)(DA)(DT)(DA)
(DG)(DT)(DG)(DT)(DA)(DT)(DG)(DC)(DG)(DG)(DC)(DG)(DA)(DC)(DC)(DG)(DA)(DG)(DT)(DT)
(DG)(DC)(DT)(DC)(DT)(DT)(DG)(DC)(DC)(DC)(DG)(DG)(DC)(DG)(DT)(DC)(DA)(DA)(DT)(DA)
(DC)(DG)(DG)(DG)(DA)(DT)(DA)(DA)(DT)(DA)(DC)(DC)(DG)(DC)(DG)(DC)(DC)(DA)(DC)(DA)
(DT)(DA)(DG)(DC)(DA)(DG)(DA)(DA)(DC)(DT)(DT)(DT)(DA)(DA)(DA)(DA)(DG)(DT)(DG)(DC)
(DT)(DC)(DA)(DT)(DC)(DA)(DT)(DT)(DG)(DG)(DA)(DA)(DA)(DA)(DC)(DG)(DT)(DT)(DC)(DT)
(DT)(DC)(DG)(DG)(DG)(DG)(DC)(DG)(DA)(DA)(DA)(DA)(DC)(DT)(DC)(DT)(DC)(DA)(DA)(DG)
(DG)(DA)(DT)(DC)(DT)(DT)(DA)(DC)(DC)(DG)(DC)(DT)(DG)(DT)(DT)(DG)(DA)(DG)(DA)(DT)
(DC)(DC)(DA)(DG)(DT)(DT)(DC)(DG)(DA)(DT)(DG)(DT)(DA)(DA)(DC)(DC)(DC)(DA)(DC)(DT)
(DC)(DG)(DT)(DG)(DC)(DA)(DC)(DC)(DC)(DA)(DA)(DC)(DT)(DG)(DA)(DT)(DC)(DT)(DT)(DC)
(DA)(DG)(DC)(DA)(DT)(DC)(DT)(DT)(DT)(DT)(DA)(DC)(DT)(DT)(DT)(DC)(DA)(DC)(DC)(DA)
(DG)(DC)(DG)(DT)(DT)(DT)(DC)(DT)(DG)(DG)(DG)(DT)(DG)(DA)(DG)(DC)(DA)(DA)(DA)(DA)
(DA)(DC)(DA)(DG)(DG)(DA)(DA)(DG)(DG)(DC)(DA)(DA)(DA)(DA)(DT)(DG)(DC)(DC)(DG)(DC)
(DA)(DA)(DA)(DA)(DA)(DA)(DG)(DG)(DG)(DA)(DA)(DT)(DA)(DA)(DG)(DG)(DG)(DC)(DG)(DA)
(DC)(DA)(DC)(DG)(DG)(DA)(DA)(DA)(DT)(DG)(DT)(DT)(DG)(DA)(DA)(DT)(DA)(DC)(DT)(DC)
(DA)(DT)(DA)(DC)(DT)(DC)(DT)(DT)(DC)(DC)(DT)(DT)(DT)(DT)(DT)(DC)(DA)(DA)(DT)(DA)
(DT)(DT)(DA)(DT)(DT)(DG)(DA)(DA)(DG)(DC)(DA)(DT)(DT)(DT)(DA)(DT)(DC)(DA)(DG)(DG)
(DG)(DT)(DT)(DA)(DT)(DT)(DG)(DT)(DC)(DT)(DC)(DA)(DT)(DG)(DA)(DG)(DC)(DG)(DG)(DA)
(DT)(DA)(DC)(DA)(DT)(DA)(DT)(DT)(DT)(DG)(DA)(DA)(DT)(DG)(DT)(DA)(DT)(DT)(DT)(DA)
(DG)(DA)(DA)(DA)(DA)(DA)(DT)(DA)(DA)(DA)(DC)(DA)(DA)(DA)(DT)(DA)(DG)(DG)(DG)(DG)
(DT)(DT)(DC)(DC)(DG)(DC)(DG)(DC)(DA)(DC)(DA)(DT)(DT)(DT)(DC)(DC)(DC)(DC)(DG)(DA)
(DA)(DA)(DA)(DG)(DT)(DG)(DC)(DC)(DA)(DC)(DC)(DT)(DG)(DA)(DC)(DG)(DT)(DC)(DT)(DA)
(DA)(DG)(DA)(DA)(DA)(DC)(DC)(DA)(DT)(DT)(DA)(DT)(DT)(DA)(DT)(DC)(DA)(DT)(DG)(DA)
(DC)(DA)(DT)(DT)
;
K
6 'polydeoxyribonucleotide'
;(DA)(DA)(DT)(DG)(DT)(DC)(DA)(DT)(DG)(DA)(DT)(DA)(DA)(DT)(DA)(DA)(DT)(DG)(DG)(DT)
(DT)(DT)(DC)(DT)(DT)(DA)(DG)(DA)(DC)(DG)(DT)(DC)(DA)(DG)(DG)(DT)(DG)(DG)(DC)(DA)
(DC)(DT)(DT)(DT)(DT)(DC)(DG)(DG)(DG)(DG)(DA)(DA)(DA)(DT)(DG)(DT)(DG)(DC)(DG)(DC)
(DG)(DG)(DA)(DA)(DC)(DC)(DC)(DC)(DT)(DA)(DT)(DT)(DT)(DG)(DT)(DT)(DT)(DA)(DT)(DT)
(DT)(DT)(DT)(DC)(DT)(DA)(DA)(DA)(DT)(DA)(DC)(DA)(DT)(DT)(DC)(DA)(DA)(DA)(DT)(DA)
(DT)(DG)(DT)(DA)(DT)(DC)(DC)(DG)(DC)(DT)(DC)(DA)(DT)(DG)(DA)(DG)(DA)(DC)(DA)(DA)
(DT)(DA)(DA)(DC)(DC)(DC)(DT)(DG)(DA)(DT)(DA)(DA)(DA)(DT)(DG)(DC)(DT)(DT)(DC)(DA)
(DA)(DT)(DA)(DA)(DT)(DA)(DT)(DT)(DG)(DA)(DA)(DA)(DA)(DA)(DG)(DG)(DA)(DA)(DG)(DA)
(DG)(DT)(DA)(DT)(DG)(DA)(DG)(DT)(DA)(DT)(DT)(DC)(DA)(DA)(DC)(DA)(DT)(DT)(DT)(DC)
(DC)(DG)(DT)(DG)(DT)(DC)(DG)(DC)(DC)(DC)(DT)(DT)(DA)(DT)(DT)(DC)(DC)(DC)(DT)(DT)
(DT)(DT)(DT)(DT)(DG)(DC)(DG)(DG)(DC)(DA)(DT)(DT)(DT)(DT)(DG)(DC)(DC)(DT)(DT)(DC)
(DC)(DT)(DG)(DT)(DT)(DT)(DT)(DT)(DG)(DC)(DT)(DC)(DA)(DC)(DC)(DC)(DA)(DG)(DA)(DA)
(DA)(DC)(DG)(DC)(DT)(DG)(DG)(DT)(DG)(DA)(DA)(DA)(DG)(DT)(DA)(DA)(DA)(DA)(DG)(DA)
(DT)(DG)(DC)(DT)(DG)(DA)(DA)(DG)(DA)(DT)(DC)(DA)(DG)(DT)(DT)(DG)(DG)(DG)(DT)(DG)
(DC)(DA)(DC)(DG)(DA)(DG)(DT)(DG)(DG)(DG)(DT)(DT)(DA)(DC)(DA)(DT)(DC)(DG)(DA)(DA)
(DC)(DT)(DG)(DG)(DA)(DT)(DC)(DT)(DC)(DA)(DA)(DC)(DA)(DG)(DC)(DG)(DG)(DT)(DA)(DA)
(DG)(DA)(DT)(DC)(DC)(DT)(DT)(DG)(DA)(DG)(DA)(DG)(DT)(DT)(DT)(DT)(DC)(DG)(DC)(DC)
(DC)(DC)(DG)(DA)(DA)(DG)(DA)(DA)(DC)(DG)(DT)(DT)(DT)(DT)(DC)(DC)(DA)(DA)(DT)(DG)
(DA)(DT)(DG)(DA)(DG)(DC)(DA)(DC)(DT)(DT)(DT)(DT)(DA)(DA)(DA)(DG)(DT)(DT)(DC)(DT)
(DG)(DC)(DT)(DA)(DT)(DG)(DT)(DG)(DG)(DC)(DG)(DC)(DG)(DG)(DT)(DA)(DT)(DT)(DA)(DT)
(DC)(DC)(DC)(DG)(DT)(DA)(DT)(DT)(DG)(DA)(DC)(DG)(DC)(DC)(DG)(DG)(DG)(DC)(DA)(DA)
(DG)(DA)(DG)(DC)(DA)(DA)(DC)(DT)(DC)(DG)(DG)(DT)(DC)(DG)(DC)(DC)(DG)(DC)(DA)(DT)
(DA)(DC)(DA)(DC)(DT)(DA)(DT)(DT)(DC)(DT)(DC)(DA)(DG)(DA)(DA)(DT)(DG)(DA)(DC)(DT)
(DT)(DG)(DG)(DT)(DT)(DG)(DA)(DG)(DT)(DA)(DC)(DT)(DC)(DA)(DC)(DC)(DA)(DG)(DT)(DC)
(DA)(DC)(DA)(DG)(DA)(DA)(DA)(DA)(DG)(DC)(DA)(DT)(DC)(DT)(DT)(DA)(DC)(DG)(DG)(DA)
(DT)(DG)(DG)(DC)(DA)(DT)(DG)(DA)(DC)(DA)(DG)(DT)(DA)(DA)(DG)(DA)(DG)(DA)(DA)(DT)
(DT)(DA)(DT)(DG)(DC)(DA)(DG)(DT)(DG)(DC)(DT)(DG)(DC)(DC)(DA)(DT)(DA)(DA)(DC)(DC)
(DA)(DT)(DG)(DA)(DG)(DT)(DG)(DA)(DT)(DA)(DA)(DC)(DA)(DC)(DT)(DG)(DC)(DG)(DG)(DC)
(DC)(DA)(DA)(DC)(DT)(DT)(DA)(DC)(DT)(DT)(DC)(DT)(DG)(DA)(DC)(DA)(DA)(DC)(DG)(DA)
(DT)(DC)(DG)(DG)(DA)(DG)(DG)(DA)(DC)(DC)(DG)(DA)(DA)(DG)(DG)(DA)(DG)(DC)(DT)(DA)
(DA)(DC)(DC)(DG)(DC)(DT)(DT)(DT)(DT)(DT)(DT)(DG)(DC)(DA)(DC)(DA)(DA)(DC)(DA)(DT)
(DG)(DG)(DG)(DG)(DG)(DA)(DT)(DC)(DA)(DT)(DG)(DT)(DA)(DA)(DC)(DT)(DC)(DG)(DC)(DC)
(DT)(DT)(DG)(DA)(DT)(DC)(DG)(DT)(DT)(DG)(DG)(DG)(DA)(DA)(DC)(DC)(DG)(DG)(DA)(DG)
(DC)(DT)(DG)(DA)(DA)(DT)(DG)(DA)(DA)(DG)(DC)(DC)(DA)(DT)(DA)(DC)(DC)(DA)(DA)(DA)
(DC)(DG)(DA)(DC)(DG)(DA)(DG)(DC)(DG)(DT)(DG)(DA)(DC)(DA)(DC)(DC)(DA)(DC)(DG)(DA)
(DT)(DG)(DC)(DC)(DT)(DG)(DT)(DA)(DG)(DC)(DA)(DA)(DT)(DG)(DG)(DC)(DA)(DA)(DC)(DA)
(DA)(DC)(DG)(DT)(DT)(DG)(DC)(DG)(DC)(DA)(DA)(DA)(DC)(DT)(DA)(DT)(DT)(DA)(DA)(DC)
(DT)(DG)(DG)(DC)(DG)(DA)(DA)(DC)(DT)(DA)(DC)(DT)(DT)(DA)(DC)(DT)(DC)(DT)(DA)(DG)
(DC)(DT)(DT)(DC)(DC)(DC)(DG)(DG)(DC)(DA)(DA)(DC)(DA)(DA)(DT)(DT)(DA)(DA)(DT)(DA)
(DG)(DA)(DC)(DT)(DG)(DG)(DA)(DT)(DG)(DG)(DA)(DG)(DG)(DC)(DG)(DG)(DA)(DT)(DA)(DA)
(DA)(DG)(DT)(DT)(DG)(DC)(DA)(DG)(DG)(DA)(DC)(DC)(DA)(DC)(DT)(DT)(DC)(DT)(DG)(DC)
(DG)(DC)(DT)(DC)(DG)(DG)(DC)(DC)(DC)(DT)(DT)(DC)(DC)(DG)(DG)(DC)(DT)(DG)(DG)(DC)
(DT)(DG)(DG)(DT)(DT)(DT)(DA)(DT)(DT)(DG)(DC)(DT)(DG)(DA)(DT)(DA)(DA)(DA)(DT)(DC)
(DT)(DG)(DG)(DA)(DG)(DC)(DC)(DG)(DG)(DT)(DG)(DA)(DG)(DC)(DG)(DT)(DG)(DG)(DG)(DT)
(DC)(DT)(DC)(DG)(DC)(DG)(DG)(DT)(DA)(DT)(DC)(DA)(DT)(DT)(DG)(DC)(DA)(DG)(DC)(DA)
(DC)(DT)(DG)(DG)(DG)(DG)(DC)(DC)(DA)(DG)(DA)(DT)(DG)(DG)(DT)(DA)(DA)(DG)(DC)(DC)
(DC)(DT)(DC)(DC)(DC)(DG)(DT)(DA)(DT)(DC)(DG)(DT)(DA)(DG)(DT)(DT)(DA)(DT)(DC)(DT)
(DA)(DC)(DA)(DC)(DG)(DA)(DC)(DG)(DG)(DG)(DG)(DA)(DG)(DT)(DC)(DA)(DG)(DG)(DC)(DA)
(DA)(DC)(DT)(DA)(DT)(DG)(DG)(DA)(DT)(DG)(DA)(DA)(DC)(DG)(DA)(DA)(DA)(DT)(DA)(DG)
(DA)(DC)(DA)(DG)(DA)(DT)(DC)(DG)(DC)(DT)(DG)(DA)(DG)(DA)(DT)(DA)(DG)(DG)(DT)(DG)
(DC)(DC)(DT)(DC)(DA)(DC)(DT)(DG)(DA)(DT)(DT)(DA)(DA)(DG)(DC)(DA)(DT)(DT)(DG)(DG)
(DT)(DA)(DA)(DC)(DT)(DG)(DT)(DC)(DA)(DG)(DA)(DC)(DC)(DA)(DA)(DG)(DT)(DT)(DT)(DA)
(DC)(DT)(DC)(DA)(DT)(DA)(DT)(DA)(DT)(DA)(DC)(DT)(DT)(DT)(DA)(DG)(DA)(DT)(DT)(DG)
(DA)(DT)(DT)(DT)(DA)(DA)(DA)(DA)(DC)(DT)(DT)(DC)(DA)(DT)(DT)(DT)(DT)(DT)(DA)(DA)
(DT)(DT)(DT)(DA)(DA)(DA)(DA)(DG)(DG)(DA)(DT)(DC)(DT)(DA)(DG)(DG)(DT)(DG)(DA)(DA)
(DG)(DA)(DT)(DC)(DC)(DT)(DT)(DT)(DT)(DT)(DG)(DA)(DT)(DA)(DA)(DT)(DC)(DT)(DC)(DA)
(DT)(DG)(DA)(DC)(DC)(DA)(DA)(DA)(DA)(DT)(DC)(DC)(DC)(DT)(DT)(DA)(DA)(DC)(DG)(DT)
(DG)(DA)(DG)(DT)(DT)(DT)(DT)(DC)(DG)(DT)(DT)(DC)(DC)(DA)(DC)(DT)(DG)(DA)(DG)(DC)
(DG)(DT)(DC)(DA)(DG)(DA)(DC)(DC)(DC)(DC)(DG)(DT)(DA)(DG)(DA)(DA)(DA)(DA)(DG)(DA)
(DT)(DC)(DA)(DA)(DA)(DG)(DG)(DA)(DT)(DC)(DT)(DT)(DC)(DT)(DT)(DG)(DA)(DG)(DA)(DT)
(DC)(DC)(DT)(DT)(DT)(DT)(DT)(DT)(DT)(DC)(DT)(DG)(DC)(DG)(DC)(DG)(DT)(DA)(DA)(DT)
(DC)(DT)(DG)(DC)(DT)(DG)(DC)(DT)(DT)(DG)(DC)(DA)(DA)(DA)(DC)(DA)(DA)(DA)(DA)(DA)
(DA)(DA)(DC)(DC)(DA)(DC)(DC)(DG)(DC)(DT)(DA)(DC)(DC)(DA)(DG)(DC)(DG)(DG)(DT)(DG)
(DG)(DT)(DT)(DT)(DG)(DT)(DT)(DT)(DG)(DC)(DC)(DG)(DG)(DA)(DT)(DC)(DA)(DA)(DG)(DA)
(DG)(DC)(DT)(DA)(DC)(DC)(DA)(DA)(DC)(DT)(DC)(DT)(DT)(DT)(DT)(DT)(DC)(DC)(DG)(DA)
(DA)(DG)(DG)(DT)(DA)(DA)(DC)(DT)(DG)(DG)(DC)(DT)(DT)(DC)(DA)(DG)(DC)(DA)(DG)(DA)
(DG)(DC)(DG)(DC)(DA)(DG)(DA)(DT)(DA)(DC)(DC)(DA)(DA)(DA)(DT)(DA)(DC)(DT)(DG)(DT)
(DC)(DC)(DT)(DT)(DC)(DT)(DA)(DG)(DT)(DG)(DT)(DA)(DG)(DC)(DC)(DG)(DT)(DA)(DG)(DT)
(DT)(DA)(DG)(DG)(DC)(DC)(DA)(DC)(DC)(DA)(DC)(DT)(DT)(DC)(DA)(DA)(DG)(DA)(DA)(DC)
(DT)(DC)(DT)(DG)(DT)(DA)(DG)(DC)(DA)(DC)(DC)(DG)(DC)(DC)(DT)(DA)(DC)(DA)(DT)(DA)
(DC)(DC)(DT)(DC)(DG)(DC)(DT)(DC)(DT)(DG)(DC)(DT)(DA)(DA)(DT)(DC)(DC)(DT)(DG)(DT)
(DT)(DA)(DC)(DC)(DA)(DG)(DT)(DG)(DG)(DC)(DT)(DG)(DC)(DT)(DG)(DC)(DC)(DA)(DG)(DT)
(DG)(DG)(DC)(DG)(DA)(DT)(DA)(DA)(DG)(DT)(DC)(DG)(DT)(DG)(DT)(DC)(DT)(DT)(DA)(DC)
(DC)(DG)(DG)(DG)(DT)(DT)(DG)(DG)(DA)(DC)(DT)(DC)(DA)(DA)(DG)(DA)(DC)(DG)(DA)(DT)
(DA)(DG)(DT)(DT)(DA)(DC)(DC)(DG)(DG)(DA)(DT)(DA)(DA)(DG)(DG)(DC)(DG)(DC)(DA)(DG)
(DC)(DG)(DG)(DT)(DC)(DG)(DG)(DG)(DC)(DT)(DG)(DA)(DA)(DC)(DG)(DG)(DG)(DG)(DG)(DG)
(DT)(DT)(DC)(DG)(DT)(DG)(DC)(DA)(DC)(DA)(DC)(DA)(DG)(DC)(DC)(DC)(DA)(DG)(DC)(DT)
(DT)(DG)(DG)(DA)(DG)(DC)(DG)(DA)(DA)(DC)(DG)(DA)(DC)(DC)(DT)(DA)(DC)(DA)(DC)(DC)
(DG)(DA)(DA)(DC)(DT)(DG)(DA)(DG)(DA)(DT)(DA)(DC)(DC)(DT)(DA)(DC)(DA)(DG)(DC)(DG)
(DT)(DG)(DA)(DG)(DC)(DT)(DA)(DT)(DG)(DA)(DG)(DA)(DA)(DA)(DG)(DC)(DG)(DC)(DC)(DA)
(DC)(DG)(DC)(DT)(DT)(DC)(DC)(DC)(DG)(DA)(DA)(DG)(DG)(DG)(DA)(DG)(DA)(DA)(DA)(DG)
(DG)(DC)(DG)(DG)(DA)(DC)(DA)(DG)(DG)(DT)(DA)(DT)(DC)(DC)(DG)(DG)(DT)(DA)(DA)(DG)
(DC)(DG)(DG)(DC)(DA)(DG)(DG)(DG)(DT)(DC)(DG)(DG)(DA)(DA)(DC)(DA)(DG)(DG)(DA)(DG)
(DA)(DG)(DC)(DG)(DC)(DA)(DC)(DG)(DA)(DG)(DG)(DG)(DA)(DG)(DC)(DT)(DT)(DC)(DC)(DA)
(DG)(DG)(DG)(DG)(DG)(DA)(DA)(DA)(DC)(DG)(DC)(DC)(DT)(DG)(DG)(DT)(DA)(DT)(DC)(DT)
(DT)(DT)(DA)(DT)(DA)(DG)(DT)(DC)(DC)(DT)(DG)(DT)(DC)(DG)(DG)(DG)(DT)(DT)(DT)(DC)
(DG)(DC)(DC)(DA)(DC)(DC)(DT)(DC)(DT)(DG)(DA)(DC)(DT)(DT)(DG)(DA)(DG)(DC)(DG)(DT)
(DC)(DG)(DA)(DT)(DT)(DT)(DT)(DT)(DG)(DT)(DG)(DA)(DT)(DG)(DC)(DT)(DC)(DG)(DT)(DC)
(DA)(DG)(DG)(DG)(DG)(DG)(DG)(DC)(DG)(DG)(DA)(DG)(DC)(DC)(DT)(DA)(DT)(DG)(DG)(DA)
(DA)(DA)(DA)(DA)(DC)(DG)(DC)(DC)(DA)(DG)(DC)(DA)(DA)(DC)(DG)(DC)(DG)(DG)(DC)(DC)
(DT)(DT)(DT)(DT)(DT)(DA)(DC)(DG)(DG)(DT)(DT)(DC)(DC)(DT)(DG)(DG)(DC)(DC)(DT)(DT)
(DT)(DT)(DG)(DC)(DT)(DG)(DG)(DC)(DC)(DT)(DT)(DT)(DT)(DG)(DC)(DT)(DC)(DA)(DC)(DA)
(DT)(DG)(DT)(DT)(DC)(DT)(DT)(DT)(DC)(DC)(DT)(DG)(DC)(DG)(DT)(DT)(DA)(DT)(DC)(DC)
(DC)(DC)(DT)(DG)(DA)(DT)(DT)(DC)(DT)(DG)(DT)(DG)(DG)(DA)(DT)(DA)(DA)(DC)(DC)(DG)
(DT)(DA)(DT)(DT)(DA)(DC)(DC)(DG)(DC)(DC)(DT)(DT)(DT)(DG)(DA)(DG)(DT)(DG)(DA)(DG)
(DC)(DT)(DG)(DA)(DT)(DA)(DC)(DC)(DG)(DC)(DT)(DC)(DG)(DC)(DC)(DG)(DC)(DA)(DG)(DC)
(DC)(DG)(DA)(DA)(DC)(DG)(DA)(DC)(DC)(DG)(DA)(DG)(DC)(DG)(DC)(DA)(DG)(DC)(DG)(DA)
(DG)(DT)(DC)(DA)(DG)(DT)(DG)(DA)(DG)(DC)(DG)(DA)(DG)(DG)(DA)(DA)(DG)(DC)(DG)(DG)
(DA)(DA)(DG)(DA)(DG)(DC)(DG)(DC)(DC)(DC)(DA)(DA)(DT)(DA)(DC)(DG)(DC)(DA)(DA)(DA)
(DC)(DC)(DG)(DC)(DC)(DT)(DC)(DT)(DC)(DC)(DC)(DC)(DG)(DC)(DG)(DC)(DG)(DT)(DT)(DG)
(DG)(DC)(DC)(DG)(DA)(DT)(DT)(DC)(DA)(DT)(DT)(DA)(DA)(DT)(DG)(DC)(DA)(DG)(DC)(DT)
(DG)(DG)(DC)(DA)(DC)(DG)(DA)(DC)(DA)(DG)(DG)(DT)(DT)(DT)(DC)(DC)(DC)(DG)(DA)(DC)
(DT)(DG)(DG)(DA)(DA)(DA)(DG)(DC)(DG)(DG)(DG)(DC)(DA)(DG)(DT)(DG)(DA)(DG)(DC)(DG)
(DC)(DA)(DA)(DC)(DG)(DC)(DA)(DA)(DT)(DT)(DA)(DA)(DG)(DT)(DG)(DT)(DG)(DT)(DT)(DA)
(DC)(DA)(DA)(DT)(DG)(DT)(DA)(DA)(DC)(DG)(DA)(DA)(DA)(DG)(DG)(DG)(DC)(DC)(DT)(DC)
(DG)(DT)(DG)(DA)(DT)(DA)(DC)(DG)(DC)(DC)(DT)(DA)(DT)(DT)(DT)(DT)(DT)(DA)(DT)(DA)
(DG)(DG)(DT)(DT)
;
L
#
loop_
_chem_comp.id
_chem_comp.type
_chem_comp.name
_chem_comp.formula
ATP non-polymer ADENOSINE-5'-TRIPHOSPHATE 'C10 H16 N5 O13 P3'
DA DNA linking 2'-DEOXYADENOSINE-5'-MONOPHOSPHATE 'C10 H14 N5 O6 P'
DC DNA linking 2'-DEOXYCYTIDINE-5'-MONOPHOSPHATE 'C9 H14 N3 O7 P'
DG DNA linking 2'-DEOXYGUANOSINE-5'-MONOPHOSPHATE 'C10 H14 N5 O7 P'
DT DNA linking THYMIDINE-5'-MONOPHOSPHATE 'C10 H15 N2 O8 P'
MG non-polymer 'MAGNESIUM ION' 'Mg 2'
#
# COMPACT_ATOMS: atom_id res chain seq x y z
N ILE A 2 -24.04 91.66 -34.54
CA ILE A 2 -23.52 92.21 -35.82
C ILE A 2 -22.53 93.33 -35.52
N GLU A 3 -21.58 93.56 -36.43
CA GLU A 3 -20.57 94.61 -36.30
C GLU A 3 -19.70 94.39 -35.06
N ARG A 4 -18.89 93.33 -35.15
CA ARG A 4 -17.93 93.02 -34.11
C ARG A 4 -17.04 94.22 -33.79
N GLY A 5 -16.63 94.33 -32.54
CA GLY A 5 -15.73 95.39 -32.14
C GLY A 5 -14.32 95.20 -32.66
N LYS A 6 -13.51 96.25 -32.53
CA LYS A 6 -12.16 96.26 -33.07
C LYS A 6 -11.21 97.01 -32.14
N PHE A 7 -9.96 96.56 -32.09
CA PHE A 7 -8.88 97.36 -31.51
C PHE A 7 -8.44 98.40 -32.53
N ARG A 8 -8.33 99.67 -32.09
CA ARG A 8 -7.99 100.71 -33.04
C ARG A 8 -6.53 101.13 -33.00
N SER A 9 -5.91 101.24 -31.83
CA SER A 9 -4.54 101.71 -31.80
C SER A 9 -3.84 101.29 -30.52
N LEU A 10 -2.51 101.32 -30.58
CA LEU A 10 -1.62 100.99 -29.46
C LEU A 10 -0.63 102.12 -29.28
N THR A 11 -0.46 102.58 -28.04
CA THR A 11 0.40 103.72 -27.75
C THR A 11 1.44 103.35 -26.69
N LEU A 12 2.68 103.74 -26.94
CA LEU A 12 3.79 103.59 -26.01
C LEU A 12 4.34 104.96 -25.64
N VAL A 13 4.65 105.13 -24.36
CA VAL A 13 5.23 106.38 -23.87
C VAL A 13 6.44 106.04 -23.00
N ASN A 14 7.59 106.55 -23.38
CA ASN A 14 8.80 106.48 -22.56
C ASN A 14 9.23 105.04 -22.31
N TRP A 15 9.05 104.19 -23.30
CA TRP A 15 9.67 102.87 -23.26
C TRP A 15 11.05 102.91 -23.90
N ASN A 16 11.78 101.81 -23.74
CA ASN A 16 13.12 101.71 -24.26
C ASN A 16 13.06 101.85 -25.78
N GLY A 17 13.56 102.97 -26.29
CA GLY A 17 13.56 103.23 -27.71
C GLY A 17 12.33 103.97 -28.22
N PHE A 18 11.29 104.11 -27.40
CA PHE A 18 10.06 104.80 -27.81
C PHE A 18 9.74 105.84 -26.75
N PHE A 19 9.96 107.12 -27.06
CA PHE A 19 9.51 108.15 -26.13
C PHE A 19 8.00 108.32 -26.20
N ALA A 20 7.47 108.43 -27.42
CA ALA A 20 6.03 108.59 -27.62
C ALA A 20 5.70 108.10 -29.02
N ARG A 21 5.02 106.96 -29.11
CA ARG A 21 4.72 106.33 -30.38
C ARG A 21 3.32 105.73 -30.32
N THR A 22 2.57 105.88 -31.41
CA THR A 22 1.24 105.32 -31.54
C THR A 22 1.14 104.53 -32.83
N PHE A 23 0.66 103.28 -32.74
CA PHE A 23 0.47 102.42 -33.89
C PHE A 23 -1.02 102.33 -34.20
N ASP A 24 -1.38 102.55 -35.46
CA ASP A 24 -2.75 102.44 -35.92
C ASP A 24 -2.97 101.02 -36.44
N LEU A 25 -3.72 100.22 -35.69
CA LEU A 25 -3.87 98.81 -36.02
C LEU A 25 -4.84 98.60 -37.18
N ASP A 26 -4.54 97.60 -37.99
CA ASP A 26 -5.36 97.26 -39.14
C ASP A 26 -6.59 96.48 -38.70
N GLU A 27 -7.61 96.49 -39.55
CA GLU A 27 -8.81 95.71 -39.28
C GLU A 27 -8.58 94.22 -39.44
N LEU A 28 -7.64 93.80 -40.29
CA LEU A 28 -7.36 92.37 -40.42
C LEU A 28 -5.94 91.98 -40.02
N VAL A 29 -4.93 92.63 -40.59
CA VAL A 29 -3.54 92.21 -40.38
C VAL A 29 -2.66 93.45 -40.22
N THR A 30 -1.82 93.42 -39.19
CA THR A 30 -0.79 94.43 -38.95
C THR A 30 0.55 93.72 -38.89
N THR A 31 1.53 94.21 -39.65
CA THR A 31 2.82 93.56 -39.80
C THR A 31 3.91 94.49 -39.30
N LEU A 32 4.67 94.02 -38.31
CA LEU A 32 5.82 94.74 -37.80
C LEU A 32 7.08 94.24 -38.50
N SER A 33 7.94 95.15 -38.93
CA SER A 33 9.07 94.78 -39.76
C SER A 33 10.28 95.65 -39.44
N GLY A 34 11.42 95.00 -39.23
CA GLY A 34 12.67 95.70 -39.00
C GLY A 34 13.80 94.75 -38.63
N GLY A 35 15.04 95.20 -38.78
CA GLY A 35 16.17 94.34 -38.52
C GLY A 35 16.18 93.80 -37.09
N ASN A 36 17.11 92.90 -36.86
CA ASN A 36 17.25 92.28 -35.54
C ASN A 36 17.48 93.36 -34.49
N GLY A 37 16.84 93.19 -33.34
CA GLY A 37 16.99 94.13 -32.25
C GLY A 37 16.29 95.45 -32.44
N ALA A 38 15.46 95.61 -33.48
CA ALA A 38 14.82 96.88 -33.75
C ALA A 38 13.79 97.23 -32.67
N GLY A 39 13.03 96.23 -32.20
CA GLY A 39 12.06 96.47 -31.14
C GLY A 39 10.67 95.91 -31.36
N LYS A 40 10.54 94.93 -32.25
CA LYS A 40 9.24 94.36 -32.58
C LYS A 40 8.63 93.63 -31.37
N SER A 41 9.38 92.67 -30.83
CA SER A 41 8.91 91.94 -29.67
C SER A 41 8.61 92.87 -28.52
N THR A 42 9.28 94.02 -28.46
CA THR A 42 9.01 95.00 -27.42
C THR A 42 7.58 95.53 -27.54
N THR A 43 7.15 95.82 -28.77
CA THR A 43 5.78 96.29 -28.97
C THR A 43 4.78 95.24 -28.56
N MET A 44 5.01 93.97 -28.93
CA MET A 44 4.07 92.95 -28.47
C MET A 44 4.08 92.79 -26.95
N ALA A 45 5.26 92.94 -26.33
CA ALA A 45 5.32 92.93 -24.88
C ALA A 45 4.42 94.02 -24.29
N ALA A 46 4.49 95.21 -24.87
CA ALA A 46 3.63 96.30 -24.42
C ALA A 46 2.17 95.92 -24.53
N PHE A 47 1.78 95.36 -25.68
CA PHE A 47 0.38 95.02 -25.88
C PHE A 47 -0.08 94.07 -24.78
N VAL A 48 0.64 92.97 -24.60
CA VAL A 48 0.12 91.97 -23.67
C VAL A 48 0.16 92.48 -22.24
N THR A 49 1.19 93.27 -21.88
CA THR A 49 1.24 93.74 -20.50
C THR A 49 0.08 94.69 -20.21
N ALA A 50 -0.30 95.52 -21.19
CA ALA A 50 -1.49 96.34 -21.00
C ALA A 50 -2.72 95.47 -20.88
N LEU A 51 -2.78 94.38 -21.64
CA LEU A 51 -3.97 93.53 -21.63
C LEU A 51 -4.11 92.79 -20.31
N ILE A 52 -3.02 92.19 -19.80
CA ILE A 52 -3.03 91.40 -18.57
C ILE A 52 -1.98 91.94 -17.62
N PRO A 53 -2.31 92.95 -16.81
CA PRO A 53 -1.34 93.53 -15.87
C PRO A 53 -1.19 92.73 -14.58
N ASP A 54 -0.63 91.52 -14.70
CA ASP A 54 -0.38 90.66 -13.54
C ASP A 54 1.08 90.25 -13.52
N LEU A 55 1.82 90.72 -12.52
CA LEU A 55 3.26 90.47 -12.47
C LEU A 55 3.60 89.03 -12.11
N THR A 56 2.65 88.26 -11.58
CA THR A 56 2.94 86.86 -11.30
C THR A 56 3.02 86.04 -12.58
N LEU A 57 2.21 86.37 -13.57
CA LEU A 57 2.19 85.64 -14.84
C LEU A 57 3.18 86.18 -15.86
N LEU A 58 3.32 87.51 -15.92
CA LEU A 58 4.12 88.15 -16.96
C LEU A 58 5.55 87.65 -16.96
N HIS A 59 5.97 87.01 -18.05
CA HIS A 59 7.33 86.48 -18.18
C HIS A 59 7.69 86.46 -19.66
N PHE A 60 8.52 87.40 -20.08
CA PHE A 60 8.91 87.52 -21.49
C PHE A 60 10.26 86.85 -21.72
N ARG A 61 10.23 85.53 -21.72
CA ARG A 61 11.42 84.76 -22.05
C ARG A 61 11.79 84.95 -23.52
N ASN A 62 13.06 84.70 -23.83
CA ASN A 62 13.54 84.82 -25.20
C ASN A 62 12.88 83.79 -26.09
N THR A 63 12.81 84.10 -27.40
CA THR A 63 12.17 83.17 -28.33
C THR A 63 12.95 81.88 -28.44
N THR A 64 14.28 81.96 -28.54
CA THR A 64 15.08 80.77 -28.34
C THR A 64 14.95 80.34 -26.88
N GLU A 65 15.09 79.04 -26.64
CA GLU A 65 14.75 78.45 -25.34
C GLU A 65 13.26 78.65 -25.03
N ALA A 66 12.43 78.50 -26.07
CA ALA A 66 11.03 78.92 -26.01
C ALA A 66 10.23 78.18 -24.95
N GLY A 67 10.65 77.00 -24.52
CA GLY A 67 9.79 76.14 -23.73
C GLY A 67 10.35 75.72 -22.39
N ALA A 68 11.43 76.33 -21.95
CA ALA A 68 12.15 75.86 -20.78
C ALA A 68 11.41 76.26 -19.49
N THR A 69 12.04 75.96 -18.37
CA THR A 69 11.47 76.23 -17.05
C THR A 69 11.56 77.73 -16.72
N SER A 70 11.14 78.07 -15.49
CA SER A 70 11.21 79.45 -15.04
C SER A 70 12.65 79.97 -15.06
N GLY A 71 13.58 79.17 -14.55
CA GLY A 71 14.99 79.54 -14.57
C GLY A 71 15.29 80.79 -13.76
N SER A 72 15.65 81.88 -14.44
CA SER A 72 16.09 83.06 -13.75
C SER A 72 14.95 83.71 -12.96
N ARG A 73 15.32 84.57 -12.03
CA ARG A 73 14.36 85.37 -11.30
C ARG A 73 13.94 86.61 -12.06
N ASP A 74 14.69 86.99 -13.09
CA ASP A 74 14.32 88.11 -13.94
C ASP A 74 13.21 87.71 -14.90
N LYS A 75 12.16 88.51 -14.94
CA LYS A 75 11.04 88.26 -15.84
C LYS A 75 11.20 88.92 -17.19
N GLY A 76 12.29 89.66 -17.40
CA GLY A 76 12.59 90.23 -18.71
C GLY A 76 11.84 91.51 -19.05
N LEU A 77 11.03 92.04 -18.12
CA LEU A 77 10.25 93.25 -18.39
C LEU A 77 10.99 94.51 -17.98
N HIS A 78 11.70 94.47 -16.85
CA HIS A 78 12.32 95.67 -16.31
C HIS A 78 13.17 96.40 -17.35
N GLY A 79 13.97 95.65 -18.10
CA GLY A 79 14.89 96.28 -19.03
C GLY A 79 14.23 97.03 -20.16
N LYS A 80 12.95 96.77 -20.42
CA LYS A 80 12.26 97.43 -21.51
C LYS A 80 11.74 98.82 -21.14
N LEU A 81 11.73 99.16 -19.86
CA LEU A 81 11.31 100.48 -19.39
C LEU A 81 12.49 101.44 -19.36
N ARG A 82 12.20 102.70 -19.03
CA ARG A 82 13.22 103.72 -18.85
C ARG A 82 12.97 104.42 -17.51
N ALA A 83 13.98 105.16 -17.07
CA ALA A 83 13.84 105.91 -15.83
C ALA A 83 12.67 106.87 -15.94
N GLY A 84 11.88 106.95 -14.87
CA GLY A 84 10.74 107.84 -14.84
C GLY A 84 9.42 107.11 -14.93
N VAL A 85 8.46 107.70 -15.63
CA VAL A 85 7.10 107.18 -15.71
C VAL A 85 6.86 106.70 -17.14
N CYS A 86 6.18 105.57 -17.27
CA CYS A 86 5.92 104.96 -18.57
C CYS A 86 4.45 104.55 -18.65
N TYR A 87 3.93 104.52 -19.88
CA TYR A 87 2.53 104.16 -20.10
C TYR A 87 2.39 103.16 -21.25
N SER A 88 1.30 102.40 -21.21
CA SER A 88 0.86 101.57 -22.32
C SER A 88 -0.65 101.60 -22.35
N THR A 89 -1.22 101.95 -23.50
CA THR A 89 -2.66 102.15 -23.61
C THR A 89 -3.21 101.57 -24.90
N LEU A 90 -4.45 101.10 -24.84
CA LEU A 90 -5.19 100.59 -25.99
C LEU A 90 -6.41 101.47 -26.24
N ASP A 91 -6.80 101.58 -27.51
CA ASP A 91 -7.99 102.32 -27.91
C ASP A 91 -8.93 101.37 -28.64
N VAL A 92 -10.18 101.29 -28.19
CA VAL A 92 -11.11 100.27 -28.64
C VAL A 92 -12.43 100.90 -29.04
N ILE A 93 -13.09 100.28 -30.01
CA ILE A 93 -14.41 100.68 -30.49
C ILE A 93 -15.33 99.48 -30.39
N ASN A 94 -16.38 99.59 -29.58
CA ASN A 94 -17.32 98.50 -29.38
C ASN A 94 -18.31 98.41 -30.53
N SER A 95 -19.16 97.38 -30.47
CA SER A 95 -20.29 97.30 -31.39
C SER A 95 -21.22 98.49 -31.22
N ARG A 96 -21.27 99.06 -30.03
CA ARG A 96 -22.06 100.26 -29.78
C ARG A 96 -21.42 101.51 -30.35
N HIS A 97 -20.18 101.41 -30.84
CA HIS A 97 -19.39 102.55 -31.31
C HIS A 97 -19.03 103.51 -30.18
N GLN A 98 -18.84 103.00 -28.97
CA GLN A 98 -18.35 103.79 -27.86
C GLN A 98 -16.82 103.72 -27.83
N ARG A 99 -16.16 104.88 -27.74
CA ARG A 99 -14.70 104.93 -27.70
C ARG A 99 -14.24 104.83 -26.25
N VAL A 100 -13.49 103.78 -25.94
CA VAL A 100 -12.97 103.52 -24.61
C VAL A 100 -11.46 103.36 -24.69
N VAL A 101 -10.74 103.99 -23.77
CA VAL A 101 -9.29 103.91 -23.70
C VAL A 101 -8.92 103.20 -22.39
N VAL A 102 -8.12 102.14 -22.51
CA VAL A 102 -7.71 101.31 -21.39
C VAL A 102 -6.19 101.20 -21.40
N GLY A 103 -5.58 101.22 -20.23
CA GLY A 103 -4.14 101.18 -20.16
C GLY A 103 -3.63 101.04 -18.74
N VAL A 104 -2.31 101.13 -18.62
CA VAL A 104 -1.62 100.97 -17.34
C VAL A 104 -0.48 101.98 -17.26
N ARG A 105 -0.07 102.31 -16.04
CA ARG A 105 1.09 103.16 -15.79
C ARG A 105 2.21 102.32 -15.19
N LEU A 106 3.41 102.44 -15.75
CA LEU A 106 4.55 101.61 -15.41
C LEU A 106 5.71 102.46 -14.90
N GLN A 107 6.43 101.93 -13.91
CA GLN A 107 7.55 102.64 -13.30
C GLN A 107 8.55 101.64 -12.75
N GLN A 108 9.84 101.93 -12.94
CA GLN A 108 10.92 101.09 -12.41
C GLN A 108 11.07 101.31 -10.91
N VAL A 109 10.86 100.26 -10.12
CA VAL A 109 11.07 100.35 -8.69
C VAL A 109 12.57 100.31 -8.41
N ALA A 110 13.06 101.30 -7.66
CA ALA A 110 14.49 101.40 -7.39
C ALA A 110 14.95 100.30 -6.44
N GLY A 111 16.08 99.70 -6.74
CA GLY A 111 16.67 98.74 -5.85
C GLY A 111 17.77 97.96 -6.54
N ARG A 112 18.35 97.02 -5.80
CA ARG A 112 19.33 96.13 -6.40
C ARG A 112 18.69 95.30 -7.50
N ASP A 113 17.52 94.74 -7.21
CA ASP A 113 16.84 93.85 -8.13
C ASP A 113 16.04 94.65 -9.16
N ARG A 114 15.62 93.96 -10.20
CA ARG A 114 14.95 94.56 -11.34
C ARG A 114 13.45 94.27 -11.22
N LYS A 115 12.73 95.19 -10.58
CA LYS A 115 11.32 95.06 -10.28
C LYS A 115 10.57 96.23 -10.87
N VAL A 116 9.26 96.06 -11.04
CA VAL A 116 8.42 97.05 -11.72
C VAL A 116 7.13 97.26 -10.93
N ASP A 117 6.60 98.47 -11.00
CA ASP A 117 5.33 98.84 -10.39
C ASP A 117 4.32 99.19 -11.49
N ILE A 118 3.08 98.72 -11.32
CA ILE A 118 2.06 98.79 -12.36
C ILE A 118 0.72 99.19 -11.76
N LYS A 119 -0.01 100.06 -12.47
CA LYS A 119 -1.31 100.54 -12.02
C LYS A 119 -2.28 100.70 -13.21
N PRO A 120 -3.37 99.94 -13.27
CA PRO A 120 -4.31 100.08 -14.38
C PRO A 120 -5.23 101.29 -14.23
N PHE A 121 -5.85 101.66 -15.36
CA PHE A 121 -6.80 102.76 -15.40
C PHE A 121 -7.62 102.66 -16.67
N MET A 122 -8.72 103.41 -16.72
CA MET A 122 -9.61 103.43 -17.88
C MET A 122 -10.26 104.80 -18.01
N ILE A 123 -10.50 105.21 -19.26
CA ILE A 123 -11.12 106.49 -19.59
C ILE A 123 -12.26 106.23 -20.56
N GLN A 124 -13.39 106.89 -20.36
CA GLN A 124 -14.53 106.78 -21.24
C GLN A 124 -15.04 108.17 -21.63
N GLY A 125 -15.66 108.24 -22.81
CA GLY A 125 -16.26 109.47 -23.27
C GLY A 125 -15.32 110.47 -23.90
N LEU A 126 -14.07 110.10 -24.14
CA LEU A 126 -13.14 111.03 -24.73
C LEU A 126 -13.62 111.46 -26.12
N PRO A 127 -13.47 112.74 -26.49
CA PRO A 127 -13.79 113.13 -27.86
C PRO A 127 -12.91 112.41 -28.85
N THR A 128 -13.44 112.23 -30.06
CA THR A 128 -12.67 111.62 -31.13
C THR A 128 -11.51 112.49 -31.60
N ALA A 129 -11.45 113.75 -31.16
CA ALA A 129 -10.44 114.68 -31.63
C ALA A 129 -9.16 114.66 -30.83
N ILE A 130 -9.12 113.96 -29.69
CA ILE A 130 -7.96 113.97 -28.80
C ILE A 130 -7.31 112.59 -28.81
N GLN A 131 -5.94 112.56 -29.06
CA GLN A 131 -5.12 111.37 -29.13
C GLN A 131 -4.45 111.08 -27.79
N PRO A 132 -4.13 109.82 -27.50
CA PRO A 132 -3.54 109.50 -26.18
C PRO A 132 -2.24 110.23 -25.89
N THR A 133 -1.36 110.32 -26.89
CA THR A 133 -0.07 110.97 -26.68
C THR A 133 -0.26 112.40 -26.21
N GLN A 134 -1.28 113.08 -26.73
CA GLN A 134 -1.57 114.44 -26.29
C GLN A 134 -2.01 114.47 -24.84
N LEU A 135 -2.84 113.51 -24.44
CA LEU A 135 -3.28 113.47 -23.05
C LEU A 135 -2.10 113.30 -22.11
N LEU A 136 -1.17 112.43 -22.46
CA LEU A 136 -0.14 112.05 -21.48
C LEU A 136 1.12 112.90 -21.50
N THR A 137 1.22 113.92 -22.34
CA THR A 137 2.44 114.74 -22.40
C THR A 137 2.13 116.22 -22.38
N GLU A 138 3.03 117.00 -21.79
CA GLU A 138 2.97 118.46 -21.78
C GLU A 138 4.02 119.02 -22.73
N ASN A 139 3.60 119.94 -23.61
CA ASN A 139 4.49 120.53 -24.60
C ASN A 139 5.23 121.75 -24.03
N VAL A 140 6.10 121.48 -23.07
CA VAL A 140 6.90 122.52 -22.43
C VAL A 140 7.90 123.10 -23.41
N GLY A 141 8.53 124.21 -23.05
CA GLY A 141 9.43 124.91 -23.94
C GLY A 141 10.60 124.09 -24.43
N GLU A 142 10.96 123.04 -23.72
CA GLU A 142 12.15 122.27 -24.09
C GLU A 142 11.94 121.55 -25.43
N ARG A 143 13.04 121.01 -25.95
CA ARG A 143 13.00 120.28 -27.22
C ARG A 143 12.06 119.09 -27.11
N GLN A 144 12.02 118.45 -25.94
CA GLN A 144 11.24 117.24 -25.72
C GLN A 144 10.19 117.48 -24.65
N ALA A 145 9.01 116.90 -24.84
CA ALA A 145 7.89 117.14 -23.95
C ALA A 145 8.14 116.47 -22.59
N ARG A 146 7.20 116.69 -21.67
CA ARG A 146 7.25 116.13 -20.34
C ARG A 146 6.09 115.18 -20.14
N VAL A 147 6.40 113.95 -19.72
CA VAL A 147 5.36 112.98 -19.39
C VAL A 147 4.81 113.29 -18.01
N LEU A 148 3.49 113.35 -17.91
CA LEU A 148 2.86 113.83 -16.69
C LEU A 148 2.26 112.68 -15.88
N PRO A 149 2.54 112.62 -14.56
CA PRO A 149 2.04 111.49 -13.75
C PRO A 149 0.53 111.41 -13.62
N LEU A 150 0.07 110.42 -12.87
CA LEU A 150 -1.36 110.17 -12.73
C LEU A 150 -2.09 111.32 -12.05
N ASN A 151 -1.44 112.03 -11.13
CA ASN A 151 -2.11 113.16 -10.50
C ASN A 151 -2.47 114.22 -11.52
N GLU A 152 -1.49 114.66 -12.31
CA GLU A 152 -1.75 115.62 -13.36
C GLU A 152 -2.79 115.09 -14.33
N LEU A 153 -2.72 113.80 -14.65
CA LEU A 153 -3.67 113.23 -15.61
C LEU A 153 -5.10 113.26 -15.08
N LYS A 154 -5.28 112.90 -13.80
CA LYS A 154 -6.61 112.94 -13.21
C LYS A 154 -7.16 114.36 -13.20
N ASP A 155 -6.32 115.32 -12.81
CA ASP A 155 -6.76 116.71 -12.84
C ASP A 155 -7.13 117.15 -14.24
N ARG A 156 -6.31 116.76 -15.23
CA ARG A 156 -6.54 117.20 -16.60
C ARG A 156 -7.82 116.60 -17.16
N LEU A 157 -8.07 115.33 -16.88
CA LEU A 157 -9.26 114.66 -17.40
C LEU A 157 -10.53 115.14 -16.71
N ASP A 158 -10.51 115.27 -15.39
CA ASP A 158 -11.71 115.67 -14.68
C ASP A 158 -12.23 117.02 -15.18
N GLU A 159 -11.34 117.85 -15.73
CA GLU A 159 -11.76 119.15 -16.25
C GLU A 159 -12.65 119.01 -17.47
N MET A 160 -12.52 117.91 -18.21
CA MET A 160 -13.31 117.73 -19.42
C MET A 160 -14.77 117.45 -19.08
N GLU A 161 -15.65 117.80 -20.01
CA GLU A 161 -17.09 117.60 -19.85
C GLU A 161 -17.45 116.21 -20.37
N GLY A 162 -18.09 115.42 -19.52
CA GLY A 162 -18.57 114.11 -19.91
C GLY A 162 -17.53 113.00 -19.88
N VAL A 163 -16.26 113.33 -19.66
CA VAL A 163 -15.21 112.32 -19.64
C VAL A 163 -15.07 111.79 -18.22
N GLN A 164 -15.00 110.47 -18.09
CA GLN A 164 -14.88 109.80 -16.80
C GLN A 164 -13.54 109.08 -16.74
N PHE A 165 -12.84 109.25 -15.63
CA PHE A 165 -11.55 108.59 -15.40
C PHE A 165 -11.69 107.66 -14.21
N LYS A 166 -11.49 106.37 -14.44
CA LYS A 166 -11.60 105.33 -13.42
C LYS A 166 -10.22 104.73 -13.20
N GLN A 167 -9.81 104.63 -11.94
CA GLN A 167 -8.50 104.12 -11.57
C GLN A 167 -8.70 102.94 -10.62
N PHE A 168 -8.17 101.79 -10.99
CA PHE A 168 -8.46 100.54 -10.32
C PHE A 168 -7.44 100.20 -9.24
N ASN A 169 -7.92 99.50 -8.21
CA ASN A 169 -7.09 99.04 -7.10
C ASN A 169 -6.76 97.56 -7.18
N SER A 170 -7.53 96.79 -7.96
CA SER A 170 -7.29 95.36 -8.12
C SER A 170 -7.53 94.97 -9.57
N ILE A 171 -6.79 93.94 -10.01
CA ILE A 171 -6.88 93.49 -11.39
C ILE A 171 -8.28 92.96 -11.70
N THR A 172 -8.93 92.34 -10.70
CA THR A 172 -10.24 91.76 -10.91
C THR A 172 -11.25 92.80 -11.39
N ASP A 173 -11.26 93.97 -10.77
CA ASP A 173 -12.18 95.03 -11.17
C ASP A 173 -11.92 95.45 -12.60
N TYR A 174 -10.64 95.57 -12.95
CA TYR A 174 -10.23 96.01 -14.28
C TYR A 174 -10.73 95.03 -15.33
N HIS A 175 -10.55 93.73 -15.09
CA HIS A 175 -11.03 92.73 -16.03
C HIS A 175 -12.56 92.72 -16.09
N ALA A 176 -13.23 92.91 -14.95
CA ALA A 176 -14.68 92.97 -14.96
C ALA A 176 -15.18 94.08 -15.87
N GLN A 177 -14.62 95.28 -15.72
CA GLN A 177 -15.03 96.37 -16.60
C GLN A 177 -14.71 96.06 -18.06
N MET A 178 -13.54 95.49 -18.34
CA MET A 178 -13.23 95.18 -19.72
C MET A 178 -14.24 94.21 -20.32
N PHE A 179 -14.61 93.18 -19.57
CA PHE A 179 -15.60 92.24 -20.07
C PHE A 179 -16.95 92.91 -20.29
N ASP A 180 -17.39 93.74 -19.36
CA ASP A 180 -18.70 94.36 -19.51
C ASP A 180 -18.79 95.18 -20.79
N LEU A 181 -17.67 95.74 -21.23
CA LEU A 181 -17.63 96.56 -22.44
C LEU A 181 -17.29 95.76 -23.69
N GLY A 182 -17.12 94.44 -23.57
CA GLY A 182 -16.88 93.61 -24.73
C GLY A 182 -15.48 93.75 -25.31
N VAL A 183 -14.47 93.90 -24.46
CA VAL A 183 -13.09 93.93 -24.93
C VAL A 183 -12.43 92.56 -24.88
N ILE A 184 -12.95 91.64 -24.07
CA ILE A 184 -12.41 90.29 -23.97
C ILE A 184 -13.56 89.29 -24.00
N PRO A 185 -13.32 88.03 -24.40
CA PRO A 185 -14.43 87.10 -24.61
C PRO A 185 -14.92 86.40 -23.36
N LYS A 186 -14.27 86.57 -22.22
CA LYS A 186 -14.63 85.85 -21.01
C LYS A 186 -14.24 86.70 -19.81
N ARG A 187 -15.09 86.72 -18.78
CA ARG A 187 -14.78 87.53 -17.60
C ARG A 187 -13.95 86.71 -16.64
N LEU A 188 -12.74 87.19 -16.36
CA LEU A 188 -11.72 86.46 -15.61
C LEU A 188 -12.08 86.48 -14.14
N ARG A 189 -12.92 85.51 -13.76
CA ARG A 189 -13.40 85.43 -12.39
C ARG A 189 -12.25 85.46 -11.38
N SER A 190 -11.25 84.59 -11.59
CA SER A 190 -10.26 84.31 -10.58
C SER A 190 -8.89 84.14 -11.22
N ALA A 191 -7.87 84.03 -10.36
CA ALA A 191 -6.50 83.92 -10.84
C ALA A 191 -6.31 82.76 -11.81
N SER A 192 -7.03 81.66 -11.59
CA SER A 192 -6.92 80.52 -12.51
C SER A 192 -7.38 80.90 -13.90
N ASP A 193 -8.48 81.65 -13.99
CA ASP A 193 -8.95 82.13 -15.29
C ASP A 193 -7.91 83.04 -15.93
N ARG A 194 -7.29 83.91 -15.14
CA ARG A 194 -6.23 84.76 -15.68
C ARG A 194 -5.10 83.91 -16.24
N SER A 195 -4.73 82.85 -15.52
CA SER A 195 -3.64 81.99 -15.97
C SER A 195 -3.98 81.33 -17.29
N LYS A 196 -5.20 80.81 -17.43
CA LYS A 196 -5.57 80.17 -18.69
C LYS A 196 -5.60 81.18 -19.84
N PHE A 197 -6.14 82.38 -19.60
CA PHE A 197 -6.16 83.39 -20.66
C PHE A 197 -4.75 83.75 -21.09
N TYR A 198 -3.85 83.92 -20.13
CA TYR A 198 -2.46 84.22 -20.47
C TYR A 198 -1.81 83.06 -21.20
N ARG A 199 -2.11 81.83 -20.80
CA ARG A 199 -1.62 80.68 -21.55
C ARG A 199 -2.02 80.79 -23.00
N LEU A 200 -3.28 81.11 -23.25
CA LEU A 200 -3.75 81.26 -24.63
C LEU A 200 -2.92 82.29 -25.38
N ILE A 201 -2.79 83.48 -24.79
CA ILE A 201 -2.09 84.57 -25.49
C ILE A 201 -0.65 84.20 -25.78
N GLU A 202 0.08 83.73 -24.75
CA GLU A 202 1.50 83.50 -24.94
C GLU A 202 1.77 82.29 -25.84
N ALA A 203 0.91 81.27 -25.78
CA ALA A 203 1.01 80.17 -26.72
C ALA A 203 0.85 80.67 -28.15
N SER A 204 -0.10 81.59 -28.37
CA SER A 204 -0.20 82.16 -29.70
C SER A 204 1.04 82.95 -30.06
N LEU A 205 1.61 83.66 -29.08
CA LEU A 205 2.75 84.53 -29.37
C LEU A 205 3.95 83.73 -29.84
N TYR A 206 4.35 82.70 -29.08
CA TYR A 206 5.53 81.95 -29.48
C TYR A 206 5.26 80.96 -30.61
N GLY A 207 4.07 80.39 -30.67
CA GLY A 207 3.71 79.48 -31.73
C GLY A 207 4.08 78.04 -31.42
N GLY A 208 3.38 77.14 -32.08
CA GLY A 208 3.56 75.70 -31.90
C GLY A 208 2.42 75.10 -31.10
N ILE A 209 2.34 73.77 -31.17
CA ILE A 209 1.31 73.04 -30.41
C ILE A 209 1.67 73.17 -28.94
N SER A 210 0.89 73.95 -28.21
CA SER A 210 1.18 74.21 -26.80
C SER A 210 1.03 72.93 -25.99
N SER A 211 2.03 72.65 -25.15
CA SER A 211 1.95 71.47 -24.29
C SER A 211 0.82 71.60 -23.28
N ALA A 212 0.73 72.77 -22.63
CA ALA A 212 -0.27 72.95 -21.58
C ALA A 212 -1.68 72.86 -22.13
N ILE A 213 -1.93 73.50 -23.28
CA ILE A 213 -3.25 73.41 -23.89
C ILE A 213 -3.58 71.95 -24.21
N THR A 214 -2.58 71.21 -24.69
CA THR A 214 -2.83 69.83 -25.08
C THR A 214 -3.14 68.95 -23.89
N ARG A 215 -2.47 69.18 -22.75
CA ARG A 215 -2.72 68.36 -21.58
C ARG A 215 -4.17 68.46 -21.12
N SER A 216 -4.66 69.70 -20.94
CA SER A 216 -5.95 69.96 -20.30
C SER A 216 -7.05 70.30 -21.30
N LEU A 217 -7.07 69.63 -22.45
CA LEU A 217 -7.95 69.99 -23.56
C LEU A 217 -9.41 70.14 -23.13
N ARG A 218 -9.92 69.19 -22.34
CA ARG A 218 -11.31 69.30 -21.90
C ARG A 218 -11.53 70.52 -21.03
N ASP A 219 -10.55 70.90 -20.22
CA ASP A 219 -10.71 72.07 -19.36
C ASP A 219 -10.86 73.34 -20.17
N TYR A 220 -10.26 73.39 -21.36
CA TYR A 220 -10.33 74.59 -22.19
C TYR A 220 -11.56 74.59 -23.09
N LEU A 221 -11.86 73.47 -23.75
CA LEU A 221 -12.89 73.49 -24.79
C LEU A 221 -14.31 73.24 -24.31
N LEU A 222 -14.53 72.81 -23.07
CA LEU A 222 -15.89 72.49 -22.66
C LEU A 222 -16.38 73.42 -21.56
N PRO A 223 -17.56 74.02 -21.71
CA PRO A 223 -18.12 74.81 -20.62
C PRO A 223 -18.65 73.91 -19.50
N GLU A 224 -18.63 74.45 -18.28
CA GLU A 224 -19.11 73.72 -17.12
C GLU A 224 -20.59 74.02 -16.92
N ASN A 225 -21.38 72.97 -16.69
CA ASN A 225 -22.83 73.07 -16.62
C ASN A 225 -23.29 72.86 -15.18
N SER A 226 -24.07 73.81 -14.66
CA SER A 226 -24.55 73.74 -13.28
C SER A 226 -25.84 72.95 -13.14
N GLY A 227 -26.64 72.84 -14.20
CA GLY A 227 -27.97 72.24 -14.06
C GLY A 227 -27.92 70.86 -13.43
N VAL A 228 -26.96 70.06 -13.84
CA VAL A 228 -26.86 68.67 -13.37
C VAL A 228 -26.64 68.61 -11.86
N ARG A 229 -26.16 69.68 -11.24
CA ARG A 229 -25.64 69.65 -9.87
C ARG A 229 -26.56 70.25 -8.81
N LYS A 230 -27.11 71.43 -9.07
CA LYS A 230 -27.67 72.22 -7.98
C LYS A 230 -28.93 71.58 -7.42
N ALA A 231 -29.66 70.86 -8.27
CA ALA A 231 -30.77 70.06 -7.77
C ALA A 231 -30.33 69.21 -6.61
N PHE A 232 -29.21 68.52 -6.78
CA PHE A 232 -28.78 67.52 -5.84
C PHE A 232 -28.10 68.17 -4.64
N GLN A 233 -27.49 69.35 -4.83
CA GLN A 233 -27.04 70.09 -3.66
C GLN A 233 -28.21 70.51 -2.78
N ASP A 234 -29.31 70.97 -3.38
CA ASP A 234 -30.46 71.34 -2.55
C ASP A 234 -31.10 70.12 -1.91
N MET A 235 -31.27 69.04 -2.66
CA MET A 235 -31.87 67.85 -2.07
C MET A 235 -30.99 67.29 -0.96
N GLU A 236 -29.67 67.38 -1.15
CA GLU A 236 -28.70 66.88 -0.19
C GLU A 236 -28.62 67.76 1.07
N ALA A 237 -29.19 68.96 1.04
CA ALA A 237 -28.93 69.93 2.09
C ALA A 237 -29.37 69.44 3.47
N ALA A 238 -30.56 68.84 3.55
CA ALA A 238 -31.08 68.43 4.85
C ALA A 238 -30.13 67.46 5.53
N LEU A 239 -29.56 66.51 4.78
CA LEU A 239 -28.63 65.56 5.36
C LEU A 239 -27.32 66.24 5.78
N ARG A 240 -26.83 67.16 4.96
CA ARG A 240 -25.57 67.82 5.27
C ARG A 240 -25.65 68.54 6.61
N GLU A 241 -26.72 69.33 6.80
CA GLU A 241 -26.88 70.06 8.04
C GLU A 241 -26.96 69.12 9.23
N ASN A 242 -27.71 68.02 9.08
CA ASN A 242 -27.88 67.08 10.17
C ASN A 242 -26.54 66.45 10.56
N ARG A 243 -25.76 66.04 9.56
CA ARG A 243 -24.45 65.45 9.83
C ARG A 243 -23.55 66.43 10.56
N ILE A 244 -23.51 67.68 10.09
CA ILE A 244 -22.65 68.67 10.74
C ILE A 244 -23.09 68.90 12.18
N THR A 245 -24.39 68.97 12.41
CA THR A 245 -24.91 69.15 13.76
C THR A 245 -24.47 68.00 14.67
N LEU A 246 -24.58 66.77 14.16
CA LEU A 246 -24.17 65.61 14.96
C LEU A 246 -22.69 65.69 15.31
N GLU A 247 -21.85 66.07 14.36
CA GLU A 247 -20.42 66.16 14.67
C GLU A 247 -20.17 67.22 15.73
N ALA A 248 -20.87 68.37 15.62
CA ALA A 248 -20.68 69.43 16.60
C ALA A 248 -21.08 68.97 17.99
N ILE A 249 -22.21 68.27 18.12
CA ILE A 249 -22.63 67.80 19.43
C ILE A 249 -21.58 66.87 20.00
N ARG A 250 -20.98 66.02 19.17
CA ARG A 250 -19.94 65.13 19.70
C ARG A 250 -18.74 65.91 20.24
N VAL A 251 -18.23 66.85 19.46
CA VAL A 251 -17.03 67.58 19.90
C VAL A 251 -17.31 68.33 21.18
N THR A 252 -18.44 69.05 21.23
CA THR A 252 -18.73 69.84 22.41
C THR A 252 -18.95 68.96 23.63
N GLN A 253 -19.57 67.78 23.43
CA GLN A 253 -19.73 66.87 24.54
C GLN A 253 -18.38 66.51 25.15
N SER A 254 -17.41 66.15 24.30
CA SER A 254 -16.10 65.77 24.84
C SER A 254 -15.47 66.93 25.61
N ASP A 255 -15.53 68.14 25.03
CA ASP A 255 -14.89 69.27 25.69
C ASP A 255 -15.53 69.55 27.04
N ARG A 256 -16.87 69.53 27.10
CA ARG A 256 -17.54 69.79 28.36
C ARG A 256 -17.20 68.76 29.41
N ASP A 257 -17.16 67.48 29.03
CA ASP A 257 -16.86 66.47 30.03
C ASP A 257 -15.46 66.69 30.60
N LEU A 258 -14.48 66.94 29.73
CA LEU A 258 -13.12 67.15 30.20
C LEU A 258 -13.05 68.33 31.16
N PHE A 259 -13.55 69.48 30.73
CA PHE A 259 -13.50 70.66 31.59
C PHE A 259 -14.16 70.37 32.93
N LYS A 260 -15.39 69.87 32.91
CA LYS A 260 -16.16 69.77 34.13
C LYS A 260 -15.53 68.81 35.13
N HIS A 261 -14.86 67.76 34.66
CA HIS A 261 -14.28 66.85 35.63
C HIS A 261 -12.95 67.38 36.17
N LEU A 262 -12.07 67.84 35.27
CA LEU A 262 -10.75 68.27 35.69
C LEU A 262 -10.84 69.49 36.63
N ILE A 263 -11.70 70.44 36.28
CA ILE A 263 -11.83 71.64 37.12
C ILE A 263 -12.29 71.26 38.51
N THR A 264 -13.26 70.34 38.61
CA THR A 264 -13.80 69.95 39.91
C THR A 264 -12.72 69.33 40.78
N GLU A 265 -11.97 68.38 40.22
CA GLU A 265 -10.94 67.73 41.03
C GLU A 265 -9.87 68.73 41.46
N ALA A 266 -9.40 69.58 40.55
CA ALA A 266 -8.40 70.56 40.94
C ALA A 266 -8.91 71.45 42.07
N THR A 267 -10.14 71.95 41.92
CA THR A 267 -10.68 72.88 42.90
C THR A 267 -10.79 72.22 44.27
N SER A 268 -11.33 71.02 44.33
CA SER A 268 -11.50 70.37 45.63
C SER A 268 -10.14 70.10 46.27
N TYR A 269 -9.22 69.50 45.51
CA TYR A 269 -7.91 69.16 46.05
C TYR A 269 -7.22 70.39 46.64
N VAL A 270 -7.30 71.52 45.96
CA VAL A 270 -6.59 72.71 46.44
C VAL A 270 -7.33 73.32 47.64
N SER A 271 -8.64 73.51 47.52
CA SER A 271 -9.37 74.27 48.52
C SER A 271 -9.42 73.56 49.85
N ALA A 272 -9.56 72.22 49.84
CA ALA A 272 -9.63 71.50 51.10
C ALA A 272 -8.36 71.70 51.92
N ASP A 273 -7.20 71.60 51.27
CA ASP A 273 -5.95 71.83 51.97
C ASP A 273 -5.86 73.27 52.47
N TYR A 274 -6.29 74.22 51.65
CA TYR A 274 -6.25 75.62 52.06
C TYR A 274 -7.03 75.81 53.37
N MET A 275 -8.23 75.24 53.43
CA MET A 275 -9.03 75.39 54.64
C MET A 275 -8.43 74.63 55.81
N ARG A 276 -7.81 73.48 55.55
CA ARG A 276 -7.17 72.76 56.65
C ARG A 276 -6.08 73.60 57.27
N HIS A 277 -5.29 74.29 56.45
CA HIS A 277 -4.29 75.21 56.99
C HIS A 277 -4.93 76.32 57.81
N ALA A 278 -6.04 76.88 57.32
CA ALA A 278 -6.71 77.91 58.09
C ALA A 278 -7.09 77.39 59.48
N ASN A 279 -7.69 76.20 59.52
CA ASN A 279 -8.10 75.64 60.81
C ASN A 279 -6.90 75.35 61.70
N GLU A 280 -5.80 74.87 61.13
CA GLU A 280 -4.61 74.62 61.94
C GLU A 280 -4.12 75.92 62.57
N ARG A 281 -4.10 77.01 61.80
CA ARG A 281 -3.67 78.28 62.37
C ARG A 281 -4.61 78.69 63.50
N ARG A 282 -5.91 78.53 63.31
CA ARG A 282 -6.85 78.88 64.38
C ARG A 282 -6.57 78.08 65.64
N THR A 283 -6.31 76.78 65.48
CA THR A 283 -6.00 75.95 66.64
C THR A 283 -4.73 76.41 67.33
N HIS A 284 -3.71 76.78 66.55
CA HIS A 284 -2.47 77.26 67.14
C HIS A 284 -2.70 78.53 67.95
N LEU A 285 -3.50 79.45 67.41
CA LEU A 285 -3.78 80.68 68.14
C LEU A 285 -4.55 80.39 69.42
N ASP A 286 -5.54 79.51 69.35
CA ASP A 286 -6.29 79.16 70.56
C ASP A 286 -5.38 78.55 71.62
N GLU A 287 -4.52 77.62 71.21
CA GLU A 287 -3.60 77.01 72.16
C GLU A 287 -2.69 78.05 72.79
N ALA A 288 -2.14 78.95 71.98
CA ALA A 288 -1.27 79.99 72.50
C ALA A 288 -2.00 80.83 73.53
N LEU A 289 -3.20 81.31 73.20
CA LEU A 289 -3.92 82.17 74.13
C LEU A 289 -4.27 81.43 75.41
N ALA A 290 -4.72 80.18 75.32
CA ALA A 290 -5.10 79.46 76.54
C ALA A 290 -3.90 79.28 77.47
N LEU A 291 -2.79 78.78 76.91
CA LEU A 291 -1.64 78.52 77.76
C LEU A 291 -1.05 79.83 78.30
N ARG A 292 -1.02 80.87 77.47
CA ARG A 292 -0.65 82.20 77.95
C ARG A 292 -1.51 82.64 79.13
N GLY A 293 -2.82 82.51 79.00
CA GLY A 293 -3.72 82.99 80.03
C GLY A 293 -3.44 82.31 81.35
N GLU A 294 -3.41 80.97 81.32
CA GLU A 294 -3.24 80.26 82.60
C GLU A 294 -1.83 80.44 83.14
N LEU A 295 -0.82 80.53 82.27
CA LEU A 295 0.54 80.81 82.72
C LEU A 295 0.60 82.15 83.46
N PHE A 296 0.08 83.21 82.85
CA PHE A 296 0.14 84.53 83.49
C PHE A 296 -0.62 84.53 84.81
N GLY A 297 -1.81 83.94 84.82
CA GLY A 297 -2.61 83.94 86.05
C GLY A 297 -1.91 83.20 87.17
N SER A 298 -1.41 82.00 86.89
CA SER A 298 -0.70 81.25 87.92
C SER A 298 0.56 81.96 88.35
N HIS A 299 1.21 82.67 87.43
CA HIS A 299 2.42 83.41 87.79
C HIS A 299 2.12 84.47 88.84
N LYS A 300 1.12 85.32 88.58
CA LYS A 300 0.77 86.33 89.57
C LYS A 300 0.26 85.71 90.87
N GLN A 301 -0.51 84.62 90.76
CA GLN A 301 -0.99 83.95 91.98
C GLN A 301 0.18 83.46 92.84
N LEU A 302 1.14 82.82 92.09
CA LEU A 302 2.32 82.32 92.79
C LEU A 302 3.09 83.48 93.45
N ALA A 303 3.23 84.61 92.76
CA ALA A 303 3.90 85.77 93.33
C ALA A 303 3.15 86.25 94.60
N THR A 304 1.81 86.34 94.51
CA THR A 304 0.99 86.76 95.65
C THR A 304 1.03 85.73 96.79
N GLU A 305 0.98 84.44 96.46
CA GLU A 305 1.05 83.36 97.46
C GLU A 305 2.42 83.38 98.17
N GLN A 306 3.51 83.66 97.45
CA GLN A 306 4.85 83.79 98.04
C GLN A 306 4.86 84.97 99.02
N TYR A 307 4.25 86.11 98.67
CA TYR A 307 4.22 87.28 99.56
C TYR A 307 3.43 86.95 100.85
N ARG A 308 2.32 86.22 100.72
CA ARG A 308 1.53 85.75 101.87
C ARG A 308 2.34 84.76 102.69
N HIS A 309 2.97 83.79 102.05
CA HIS A 309 3.80 82.77 102.69
C HIS A 309 4.90 83.42 103.55
N VAL A 310 5.59 84.43 103.00
CA VAL A 310 6.63 85.19 103.72
C VAL A 310 6.04 85.85 104.97
N GLU A 311 4.82 86.41 104.87
CA GLU A 311 4.16 87.05 106.01
C GLU A 311 3.83 86.02 107.11
N MET A 312 3.28 84.84 106.76
CA MET A 312 3.01 83.80 107.77
C MET A 312 4.33 83.27 108.36
N ALA A 313 5.39 83.14 107.55
CA ALA A 313 6.69 82.71 108.03
C ALA A 313 7.26 83.72 109.05
N ARG A 314 7.10 85.04 108.82
CA ARG A 314 7.54 86.13 109.70
C ARG A 314 6.85 86.05 111.07
N GLU A 315 5.52 85.93 111.11
CA GLU A 315 4.81 85.82 112.40
C GLU A 315 5.21 84.54 113.15
N LEU A 316 5.46 83.41 112.48
CA LEU A 316 5.92 82.22 113.18
C LEU A 316 7.34 82.40 113.70
N ALA A 317 8.19 83.18 113.02
CA ALA A 317 9.53 83.46 113.52
C ALA A 317 9.41 84.20 114.87
N GLU A 318 8.49 85.17 114.98
CA GLU A 318 8.23 85.88 116.24
C GLU A 318 7.73 84.91 117.31
N GLN A 319 6.76 84.03 117.00
CA GLN A 319 6.29 83.04 117.97
C GLN A 319 7.42 82.07 118.37
N SER A 320 8.31 81.68 117.44
CA SER A 320 9.43 80.79 117.75
C SER A 320 10.35 81.45 118.80
N GLY A 321 10.63 82.75 118.63
CA GLY A 321 11.43 83.53 119.58
C GLY A 321 10.69 83.57 120.92
N ALA A 322 9.39 83.87 120.91
CA ALA A 322 8.57 83.89 122.12
C ALA A 322 8.62 82.51 122.82
N SER A 323 8.58 81.40 122.07
CA SER A 323 8.67 80.06 122.64
C SER A 323 10.01 79.85 123.37
N SER A 324 11.13 80.33 122.82
CA SER A 324 12.44 80.22 123.47
C SER A 324 12.50 81.06 124.75
N ASP A 325 11.90 82.26 124.73
CA ASP A 325 11.81 83.13 125.91
C ASP A 325 10.95 82.43 126.97
N LEU A 326 9.80 81.88 126.57
CA LEU A 326 8.92 81.11 127.46
C LEU A 326 9.69 79.91 128.00
N GLU A 327 10.44 79.15 127.20
CA GLU A 327 11.23 78.01 127.71
C GLU A 327 12.19 78.49 128.80
N THR A 328 12.84 79.64 128.60
CA THR A 328 13.74 80.23 129.60
C THR A 328 12.97 80.57 130.88
N ASP A 329 11.80 81.19 130.77
CA ASP A 329 10.94 81.52 131.91
C ASP A 329 10.42 80.27 132.63
N HIS A 330 10.09 79.22 131.88
CA HIS A 330 9.58 77.95 132.41
C HIS A 330 10.71 77.14 133.07
N GLN A 331 11.94 77.22 132.58
CA GLN A 331 13.08 76.59 133.24
C GLN A 331 13.21 77.25 134.63
N ALA A 332 13.24 78.58 134.68
CA ALA A 332 13.27 79.34 135.94
C ALA A 332 12.05 79.00 136.82
N ALA A 333 10.87 78.79 136.23
CA ALA A 333 9.65 78.42 136.95
C ALA A 333 9.81 77.04 137.61
N SER A 334 10.35 76.05 136.89
CA SER A 334 10.58 74.71 137.42
C SER A 334 11.59 74.77 138.58
N ASP A 335 12.63 75.59 138.44
CA ASP A 335 13.62 75.80 139.50
C ASP A 335 12.94 76.42 140.72
N HIS A 336 12.07 77.42 140.52
CA HIS A 336 11.33 78.07 141.60
C HIS A 336 10.46 77.06 142.36
N LEU A 337 9.76 76.15 141.67
CA LEU A 337 8.96 75.13 142.35
C LEU A 337 9.87 74.26 143.25
N ASN A 338 10.98 73.75 142.71
CA ASN A 338 11.92 72.93 143.49
C ASN A 338 12.49 73.70 144.68
N LEU A 339 12.82 74.99 144.50
CA LEU A 339 13.31 75.84 145.59
C LEU A 339 12.25 75.95 146.70
N VAL A 340 10.97 76.13 146.34
CA VAL A 340 9.86 76.20 147.33
C VAL A 340 9.70 74.84 148.04
N GLN A 341 9.71 73.71 147.30
CA GLN A 341 9.61 72.37 147.92
C GLN A 341 10.75 72.17 148.94
N THR A 342 11.94 72.60 148.58
CA THR A 342 13.14 72.53 149.43
C THR A 342 12.96 73.39 150.70
N ALA A 343 12.50 74.63 150.53
CA ALA A 343 12.24 75.51 151.67
C ALA A 343 11.16 74.92 152.59
N MET A 344 10.08 74.33 152.07
CA MET A 344 9.04 73.68 152.88
C MET A 344 9.64 72.58 153.76
N ARG A 345 10.50 71.71 153.20
CA ARG A 345 11.18 70.65 153.96
C ARG A 345 12.05 71.23 155.08
N GLN A 346 12.81 72.29 154.81
CA GLN A 346 13.60 72.92 155.88
C GLN A 346 12.71 73.65 156.90
N GLN A 347 11.53 74.14 156.51
CA GLN A 347 10.62 74.79 157.46
C GLN A 347 10.09 73.77 158.46
N GLU A 348 9.75 72.57 158.00
CA GLU A 348 9.33 71.52 158.93
C GLU A 348 10.48 71.18 159.89
N LYS A 349 11.72 71.19 159.41
CA LYS A 349 12.90 70.94 160.25
C LYS A 349 13.03 72.02 161.32
N ILE A 350 12.77 73.29 160.99
CA ILE A 350 12.77 74.39 161.96
C ILE A 350 11.70 74.10 163.03
N ASP A 351 10.52 73.62 162.62
CA ASP A 351 9.46 73.25 163.58
C ASP A 351 9.93 72.11 164.50
N ARG A 352 10.59 71.09 163.95
CA ARG A 352 11.14 69.98 164.74
C ARG A 352 12.18 70.50 165.74
N TYR A 353 13.11 71.35 165.32
CA TYR A 353 14.10 71.95 166.22
C TYR A 353 13.44 72.81 167.31
N GLN A 354 12.34 73.51 167.01
CA GLN A 354 11.61 74.28 168.03
C GLN A 354 11.05 73.32 169.10
N VAL A 355 10.42 72.22 168.68
CA VAL A 355 9.90 71.19 169.60
C VAL A 355 11.05 70.58 170.41
N ASP A 356 12.19 70.30 169.78
CA ASP A 356 13.37 69.76 170.47
C ASP A 356 13.88 70.74 171.55
N LEU A 357 13.84 72.05 171.30
CA LEU A 357 14.24 73.07 172.29
C LEU A 357 13.21 73.16 173.43
N GLU A 358 11.91 73.03 173.14
CA GLU A 358 10.87 72.99 174.19
C GLU A 358 11.12 71.78 175.11
N GLU A 359 11.39 70.61 174.53
CA GLU A 359 11.72 69.37 175.26
C GLU A 359 12.95 69.59 176.15
N LEU A 360 14.05 70.14 175.61
CA LEU A 360 15.24 70.40 176.41
C LEU A 360 14.96 71.42 177.51
N SER A 361 14.03 72.37 177.32
CA SER A 361 13.67 73.35 178.36
C SER A 361 13.11 72.61 179.59
N TYR A 362 12.17 71.68 179.38
CA TYR A 362 11.58 70.91 180.47
C TYR A 362 12.63 70.03 181.16
N ARG A 363 13.49 69.36 180.38
CA ARG A 363 14.57 68.53 180.94
C ARG A 363 15.55 69.39 181.77
N LEU A 364 15.88 70.60 181.30
CA LEU A 364 16.74 71.53 182.04
C LEU A 364 16.10 71.92 183.39
N GLU A 365 14.82 72.28 183.39
CA GLU A 365 14.11 72.63 184.63
C GLU A 365 14.16 71.48 185.64
N GLU A 366 13.89 70.25 185.21
CA GLU A 366 13.97 69.10 186.10
C GLU A 366 15.39 68.89 186.62
N GLN A 367 16.42 68.96 185.78
CA GLN A 367 17.79 68.80 186.26
C GLN A 367 18.21 69.96 187.19
N THR A 368 17.73 71.19 186.96
CA THR A 368 18.04 72.30 187.87
C THR A 368 17.41 72.00 189.24
N ASP A 369 16.15 71.54 189.28
CA ASP A 369 15.51 71.16 190.54
C ASP A 369 16.30 70.04 191.25
N VAL A 370 16.70 68.99 190.52
CA VAL A 370 17.48 67.88 191.08
C VAL A 370 18.84 68.37 191.63
N VAL A 371 19.54 69.23 190.88
CA VAL A 371 20.83 69.79 191.32
C VAL A 371 20.62 70.65 192.56
N GLU A 372 19.53 71.44 192.63
CA GLU A 372 19.21 72.23 193.81
C GLU A 372 18.96 71.34 195.03
N GLU A 373 18.13 70.30 194.92
CA GLU A 373 17.90 69.41 196.08
C GLU A 373 19.21 68.71 196.49
N ALA A 374 20.03 68.27 195.53
CA ALA A 374 21.31 67.65 195.85
C ALA A 374 22.24 68.67 196.55
N GLY A 375 22.23 69.93 196.12
CA GLY A 375 23.01 71.00 196.73
C GLY A 375 22.54 71.29 198.16
N GLU A 376 21.22 71.27 198.39
CA GLU A 376 20.64 71.44 199.73
C GLU A 376 21.10 70.30 200.65
N LEU A 377 20.97 69.04 200.21
CA LEU A 377 21.42 67.88 200.99
C LEU A 377 22.93 67.97 201.25
N GLN A 378 23.73 68.38 200.26
CA GLN A 378 25.17 68.56 200.41
C GLN A 378 25.48 69.58 201.52
N ALA A 379 24.79 70.73 201.53
CA ALA A 379 24.96 71.76 202.55
C ALA A 379 24.54 71.26 203.94
N GLU A 380 23.42 70.51 204.04
CA GLU A 380 22.96 69.94 205.31
C GLU A 380 23.97 68.93 205.87
N TYR A 381 24.47 68.00 205.03
CA TYR A 381 25.46 67.02 205.48
C TYR A 381 26.80 67.70 205.80
N GLU A 382 27.18 68.79 205.11
CA GLU A 382 28.40 69.54 205.41
C GLU A 382 28.27 70.19 206.81
N ALA A 383 27.19 70.93 207.07
CA ALA A 383 26.97 71.56 208.37
C ALA A 383 26.92 70.53 209.51
N ARG A 384 26.25 69.39 209.29
CA ARG A 384 26.16 68.29 210.26
C ARG A 384 27.53 67.67 210.52
N THR A 385 28.31 67.39 209.47
CA THR A 385 29.65 66.81 209.60
C THR A 385 30.58 67.78 210.32
N GLU A 386 30.56 69.08 209.98
CA GLU A 386 31.37 70.11 210.64
C GLU A 386 31.05 70.15 212.14
N ALA A 387 29.77 70.18 212.52
CA ALA A 387 29.38 70.18 213.92
C ALA A 387 29.87 68.92 214.65
N THR A 388 29.74 67.74 214.04
CA THR A 388 30.22 66.49 214.67
C THR A 388 31.73 66.49 214.83
N GLU A 389 32.52 66.90 213.83
CA GLU A 389 33.97 66.90 214.00
C GLU A 389 34.43 67.99 214.98
N GLN A 390 33.77 69.16 215.03
CA GLN A 390 34.10 70.20 216.02
C GLN A 390 33.84 69.69 217.44
N GLU A 391 32.73 68.99 217.68
CA GLU A 391 32.43 68.41 219.00
C GLU A 391 33.44 67.29 219.32
N VAL A 392 33.81 66.46 218.33
CA VAL A 392 34.84 65.42 218.49
C VAL A 392 36.17 66.08 218.88
N ASP A 393 36.56 67.15 218.19
CA ASP A 393 37.79 67.88 218.49
C ASP A 393 37.79 68.50 219.89
N GLU A 394 36.63 68.96 220.37
CA GLU A 394 36.54 69.51 221.73
C GLU A 394 36.83 68.38 222.73
N LEU A 395 36.19 67.21 222.58
CA LEU A 395 36.42 66.07 223.46
C LEU A 395 37.87 65.58 223.36
N LYS A 396 38.46 65.58 222.15
CA LYS A 396 39.87 65.21 221.95
C LYS A 396 40.76 66.19 222.72
N SER A 397 40.45 67.49 222.67
CA SER A 397 41.25 68.50 223.39
C SER A 397 41.11 68.30 224.91
N GLN A 398 39.93 67.96 225.42
CA GLN A 398 39.71 67.69 226.85
C GLN A 398 40.55 66.48 227.32
N LEU A 399 40.63 65.41 226.50
CA LEU A 399 41.41 64.21 226.83
C LEU A 399 42.92 64.47 226.72
N ALA A 400 43.37 65.21 225.70
CA ALA A 400 44.76 65.57 225.52
C ALA A 400 45.26 66.54 226.60
N ASP A 401 44.47 67.56 226.91
CA ASP A 401 44.72 68.60 227.92
C ASP A 401 43.86 68.35 229.17
N TYR A 402 44.13 67.28 229.92
CA TYR A 402 43.35 66.99 231.14
C TYR A 402 43.58 68.06 232.23
N GLN A 403 44.64 68.87 232.10
CA GLN A 403 44.93 70.01 232.98
C GLN A 403 43.81 71.07 232.88
N GLN A 404 42.94 70.97 231.85
CA GLN A 404 41.74 71.81 231.65
C GLN A 404 40.91 71.77 232.97
N ALA A 405 41.00 70.67 233.72
CA ALA A 405 40.40 70.47 235.04
C ALA A 405 38.88 70.67 235.13
N LEU A 406 38.11 70.02 234.26
CA LEU A 406 36.64 70.09 234.22
C LEU A 406 36.01 71.50 234.04
N ASP A 407 36.76 72.54 233.65
CA ASP A 407 36.22 73.89 233.43
C ASP A 407 35.19 73.91 232.28
N VAL A 408 35.53 73.25 231.17
CA VAL A 408 34.64 73.08 230.02
C VAL A 408 33.45 72.21 230.42
N GLN A 409 33.65 71.19 231.26
CA GLN A 409 32.55 70.32 231.74
C GLN A 409 31.57 71.15 232.57
N GLN A 410 32.05 72.03 233.46
CA GLN A 410 31.20 72.94 234.24
C GLN A 410 30.46 73.87 233.28
N THR A 411 31.14 74.43 232.29
CA THR A 411 30.52 75.33 231.30
C THR A 411 29.42 74.59 230.53
N ARG A 412 29.66 73.35 230.10
CA ARG A 412 28.70 72.50 229.38
C ARG A 412 27.53 72.13 230.31
N ALA A 413 27.78 71.84 231.58
CA ALA A 413 26.72 71.52 232.54
C ALA A 413 25.84 72.76 232.80
N ILE A 414 26.43 73.95 232.97
CA ILE A 414 25.66 75.19 233.16
C ILE A 414 24.87 75.49 231.87
N GLN A 415 25.46 75.25 230.68
CA GLN A 415 24.76 75.39 229.39
C GLN A 415 23.59 74.39 229.32
N TYR A 416 23.75 73.16 229.83
CA TYR A 416 22.67 72.17 229.86
C TYR A 416 21.51 72.69 230.75
N GLN A 417 21.82 73.25 231.92
CA GLN A 417 20.80 73.86 232.80
C GLN A 417 20.12 75.05 232.09
N GLN A 418 20.89 75.87 231.37
CA GLN A 418 20.38 77.01 230.57
C GLN A 418 19.47 76.52 229.44
N ALA A 419 19.78 75.37 228.82
CA ALA A 419 18.96 74.79 227.77
C ALA A 419 17.62 74.30 228.35
N LEU A 420 17.68 73.62 229.51
CA LEU A 420 16.51 73.13 230.23
C LEU A 420 15.62 74.31 230.67
N GLN A 421 16.23 75.38 231.21
CA GLN A 421 15.53 76.58 231.64
C GLN A 421 14.84 77.26 230.44
N ALA A 422 15.52 77.36 229.29
CA ALA A 422 14.93 77.94 228.08
C ALA A 422 13.75 77.09 227.59
N LEU A 423 13.89 75.76 227.57
CA LEU A 423 12.82 74.85 227.17
C LEU A 423 11.60 75.03 228.06
N GLU A 424 11.78 75.13 229.38
CA GLU A 424 10.67 75.35 230.31
C GLU A 424 9.98 76.69 230.01
N ARG A 425 10.76 77.75 229.75
CA ARG A 425 10.22 79.07 229.39
C ARG A 425 9.42 79.00 228.09
N ALA A 426 9.89 78.26 227.09
CA ALA A 426 9.18 78.08 225.83
C ALA A 426 7.88 77.27 226.03
N ARG A 427 7.90 76.21 226.86
CA ARG A 427 6.69 75.41 227.16
C ARG A 427 5.62 76.31 227.80
N GLU A 428 6.03 77.28 228.63
CA GLU A 428 5.11 78.24 229.26
C GLU A 428 4.56 79.26 228.23
N LEU A 429 5.42 79.96 227.49
CA LEU A 429 4.99 80.96 226.49
C LEU A 429 4.11 80.35 225.39
N CYS A 430 4.51 79.20 224.84
CA CYS A 430 3.77 78.48 223.80
C CYS A 430 2.61 77.62 224.37
N ARG A 431 2.51 77.49 225.70
CA ARG A 431 1.50 76.66 226.42
C ARG A 431 1.48 75.21 225.92
N LEU A 432 2.67 74.61 225.80
CA LEU A 432 2.91 73.24 225.35
C LEU A 432 3.70 72.44 226.40
N PRO A 433 3.06 71.88 227.44
CA PRO A 433 3.76 71.06 228.44
C PRO A 433 4.39 69.83 227.77
N ASP A 434 3.71 69.29 226.76
CA ASP A 434 4.17 68.17 225.92
C ASP A 434 5.11 68.71 224.83
N LEU A 435 6.43 68.70 225.06
CA LEU A 435 7.45 69.20 224.11
C LEU A 435 8.83 68.56 224.37
N SER A 436 9.64 68.41 223.32
CA SER A 436 11.00 67.86 223.38
C SER A 436 11.92 68.53 222.35
N VAL A 437 13.24 68.49 222.56
CA VAL A 437 14.21 69.08 221.62
C VAL A 437 14.10 68.48 220.21
N ASP A 438 13.82 67.17 220.10
CA ASP A 438 13.66 66.45 218.83
C ASP A 438 12.42 66.85 218.01
N ASN A 439 11.29 67.15 218.66
CA ASN A 439 10.04 67.53 217.97
C ASN A 439 9.70 69.04 218.04
N ALA A 440 10.49 69.86 218.73
CA ALA A 440 10.24 71.30 218.81
C ALA A 440 10.31 71.99 217.43
N GLU A 441 11.08 71.44 216.48
CA GLU A 441 11.16 71.99 215.12
C GLU A 441 9.80 71.97 214.40
N GLU A 442 8.95 70.97 214.70
CA GLU A 442 7.60 70.84 214.12
C GLU A 442 6.71 71.99 214.60
N TRP A 443 6.70 72.26 215.91
CA TRP A 443 5.93 73.39 216.43
C TRP A 443 6.55 74.71 215.98
N LEU A 444 7.89 74.81 215.86
CA LEU A 444 8.53 76.04 215.41
C LEU A 444 8.14 76.33 213.95
N GLU A 445 8.19 75.36 213.03
CA GLU A 445 7.81 75.63 211.64
C GLU A 445 6.30 75.97 211.55
N THR A 446 5.48 75.34 212.40
CA THR A 446 4.04 75.62 212.48
C THR A 446 3.80 77.07 212.91
N PHE A 447 4.51 77.53 213.96
CA PHE A 447 4.38 78.90 214.45
C PHE A 447 5.07 79.89 213.49
N GLN A 448 6.10 79.47 212.74
CA GLN A 448 6.73 80.30 211.71
C GLN A 448 5.70 80.54 210.59
N ALA A 449 4.95 79.51 210.20
CA ALA A 449 3.89 79.65 209.21
C ALA A 449 2.80 80.59 209.75
N LYS A 450 2.44 80.46 211.04
CA LYS A 450 1.46 81.33 211.73
C LYS A 450 1.93 82.80 211.70
N GLU A 451 3.20 83.04 212.00
CA GLU A 451 3.84 84.35 211.96
C GLU A 451 3.90 84.90 210.53
N GLN A 452 4.18 84.05 209.54
CA GLN A 452 4.21 84.45 208.13
C GLN A 452 2.79 84.88 207.72
N GLN A 453 1.76 84.11 208.08
CA GLN A 453 0.37 84.45 207.81
C GLN A 453 0.01 85.79 208.48
N ALA A 454 0.40 85.99 209.75
CA ALA A 454 0.15 87.24 210.47
C ALA A 454 0.85 88.45 209.82
N THR A 455 2.12 88.32 209.43
CA THR A 455 2.89 89.40 208.78
C THR A 455 2.41 89.69 207.36
N GLU A 456 2.14 88.67 206.54
CA GLU A 456 1.64 88.83 205.17
C GLU A 456 0.24 89.46 205.19
N ALA A 457 -0.62 89.03 206.13
CA ALA A 457 -1.95 89.62 206.31
C ALA A 457 -1.78 91.10 206.69
N LEU A 458 -1.09 91.38 207.81
CA LEU A 458 -0.87 92.73 208.33
C LEU A 458 -0.21 93.67 207.30
N LEU A 459 0.59 93.15 206.35
CA LEU A 459 1.16 93.96 205.28
C LEU A 459 0.03 94.50 204.39
N ALA A 460 -0.89 93.63 203.97
CA ALA A 460 -2.04 94.04 203.17
C ALA A 460 -2.93 95.00 203.99
N LEU A 461 -3.05 94.77 205.30
CA LEU A 461 -3.82 95.64 206.19
C LEU A 461 -3.15 97.03 206.26
N GLU A 462 -1.82 97.11 206.36
CA GLU A 462 -1.08 98.39 206.36
C GLU A 462 -1.30 99.15 205.06
N GLN A 463 -1.28 98.50 203.88
CA GLN A 463 -1.57 99.21 202.63
C GLN A 463 -3.02 99.72 202.65
N LYS A 464 -3.99 98.91 203.10
CA LYS A 464 -5.40 99.32 203.16
C LYS A 464 -5.62 100.49 204.12
N LEU A 465 -5.00 100.48 205.31
CA LEU A 465 -5.11 101.60 206.25
C LEU A 465 -4.43 102.86 205.69
N SER A 466 -3.33 102.70 204.95
CA SER A 466 -2.62 103.82 204.32
C SER A 466 -3.51 104.52 203.26
N VAL A 467 -4.21 103.76 202.41
CA VAL A 467 -5.13 104.36 201.41
C VAL A 467 -6.46 104.85 202.01
N ALA A 468 -6.79 104.44 203.25
CA ALA A 468 -8.00 104.87 203.95
C ALA A 468 -7.96 106.37 204.36
N ASP A 469 -6.81 107.05 204.20
CA ASP A 469 -6.66 108.47 204.52
C ASP A 469 -7.50 109.40 203.61
N ALA A 470 -7.97 108.92 202.46
CA ALA A 470 -8.80 109.67 201.52
C ALA A 470 -10.08 110.19 202.19
N ALA A 471 -10.43 111.45 201.98
CA ALA A 471 -11.61 112.07 202.57
C ALA A 471 -12.94 111.49 202.01
N HIS A 472 -14.04 111.89 202.63
CA HIS A 472 -15.40 111.45 202.29
C HIS A 472 -15.82 111.76 200.85
N ASN A 473 -15.43 112.93 200.32
CA ASN A 473 -15.81 113.36 198.97
C ASN A 473 -15.34 112.42 197.84
N GLN A 474 -14.11 111.86 197.89
CA GLN A 474 -13.64 110.95 196.84
C GLN A 474 -14.52 109.69 196.73
N PHE A 475 -14.91 109.10 197.86
CA PHE A 475 -15.76 107.91 197.89
C PHE A 475 -17.13 108.19 197.27
N GLU A 476 -17.75 109.30 197.66
CA GLU A 476 -19.05 109.72 197.11
C GLU A 476 -18.95 109.98 195.61
N GLN A 477 -17.97 110.78 195.16
CA GLN A 477 -17.79 111.08 193.74
C GLN A 477 -17.57 109.78 192.92
N ALA A 478 -16.73 108.86 193.38
CA ALA A 478 -16.50 107.60 192.67
C ALA A 478 -17.77 106.72 192.67
N TYR A 479 -18.45 106.60 193.81
CA TYR A 479 -19.68 105.83 193.95
C TYR A 479 -20.81 106.37 193.05
N GLN A 480 -21.03 107.68 193.02
CA GLN A 480 -22.03 108.30 192.16
C GLN A 480 -21.65 108.14 190.69
N LEU A 481 -20.36 108.19 190.32
CA LEU A 481 -19.96 107.97 188.94
C LEU A 481 -20.33 106.54 188.50
N VAL A 482 -20.01 105.51 189.30
CA VAL A 482 -20.36 104.11 188.98
C VAL A 482 -21.89 103.94 188.87
N LYS A 483 -22.65 104.51 189.82
CA LYS A 483 -24.11 104.46 189.84
C LYS A 483 -24.71 105.13 188.60
N ASN A 484 -24.16 106.26 188.15
CA ASN A 484 -24.64 106.94 186.94
C ASN A 484 -24.37 106.12 185.66
N ILE A 485 -23.30 105.33 185.62
CA ILE A 485 -22.94 104.50 184.47
C ILE A 485 -23.71 103.17 184.42
N VAL A 486 -23.70 102.39 185.52
CA VAL A 486 -24.34 101.05 185.61
C VAL A 486 -25.77 101.05 186.14
N GLY A 487 -26.14 102.05 186.94
CA GLY A 487 -27.40 102.12 187.67
C GLY A 487 -27.12 101.80 189.14
N GLU A 488 -28.15 101.77 189.99
CA GLU A 488 -28.01 101.48 191.42
C GLU A 488 -27.22 100.18 191.71
N THR A 489 -26.17 100.30 192.52
CA THR A 489 -25.27 99.21 192.96
C THR A 489 -24.90 99.43 194.42
N SER A 490 -24.59 98.39 195.20
CA SER A 490 -24.18 98.60 196.59
C SER A 490 -22.76 99.17 196.64
N ARG A 491 -22.43 99.92 197.70
CA ARG A 491 -21.11 100.53 197.91
C ARG A 491 -20.01 99.46 197.95
N SER A 492 -20.30 98.31 198.55
CA SER A 492 -19.38 97.16 198.63
C SER A 492 -19.07 96.59 197.24
N GLU A 493 -20.04 96.58 196.32
CA GLU A 493 -19.93 96.07 194.94
C GLU A 493 -19.41 97.12 193.94
N ALA A 494 -19.37 98.39 194.34
CA ALA A 494 -18.93 99.49 193.49
C ALA A 494 -17.48 99.33 192.97
N TRP A 495 -16.56 98.82 193.79
CA TRP A 495 -15.16 98.61 193.39
C TRP A 495 -15.04 97.59 192.24
N GLN A 496 -15.66 96.42 192.38
CA GLN A 496 -15.64 95.36 191.37
C GLN A 496 -16.35 95.82 190.09
N SER A 497 -17.51 96.47 190.21
CA SER A 497 -18.23 96.98 189.04
C SER A 497 -17.42 98.09 188.35
N ALA A 498 -16.77 98.99 189.07
CA ALA A 498 -15.92 100.02 188.47
C ALA A 498 -14.76 99.37 187.71
N ARG A 499 -14.12 98.37 188.31
CA ARG A 499 -13.02 97.61 187.69
C ARG A 499 -13.52 96.92 186.42
N GLU A 500 -14.69 96.29 186.46
CA GLU A 500 -15.27 95.61 185.30
C GLU A 500 -15.57 96.60 184.17
N LEU A 501 -16.08 97.79 184.51
CA LEU A 501 -16.36 98.86 183.55
C LEU A 501 -15.05 99.34 182.92
N LEU A 502 -14.02 99.58 183.72
CA LEU A 502 -12.71 100.02 183.24
C LEU A 502 -12.00 98.90 182.45
N ARG A 503 -12.41 97.64 182.60
CA ARG A 503 -11.98 96.48 181.82
C ARG A 503 -12.69 96.47 180.45
N ASP A 504 -14.00 96.63 180.42
CA ASP A 504 -14.79 96.64 179.18
C ASP A 504 -14.61 97.91 178.33
N TRP A 505 -14.58 99.10 178.93
CA TRP A 505 -14.48 100.39 178.23
C TRP A 505 -13.29 100.49 177.24
N PRO A 506 -12.05 100.07 177.57
CA PRO A 506 -10.95 100.06 176.60
C PRO A 506 -11.28 99.19 175.38
N SER A 507 -11.95 98.04 175.57
CA SER A 507 -12.35 97.18 174.46
C SER A 507 -13.41 97.89 173.60
N GLN A 508 -14.38 98.57 174.24
CA GLN A 508 -15.42 99.35 173.54
C GLN A 508 -14.76 100.44 172.68
N ARG A 509 -13.78 101.19 173.24
CA ARG A 509 -13.04 102.22 172.50
C ARG A 509 -12.24 101.63 171.34
N HIS A 510 -11.59 100.48 171.55
CA HIS A 510 -10.80 99.79 170.52
C HIS A 510 -11.65 99.32 169.33
N LEU A 511 -12.85 98.76 169.57
CA LEU A 511 -13.73 98.27 168.49
C LEU A 511 -14.69 99.33 167.91
N ALA A 512 -14.90 100.48 168.57
CA ALA A 512 -15.78 101.54 168.06
C ALA A 512 -15.27 102.12 166.72
N ASP A 513 -13.96 102.29 166.55
CA ASP A 513 -13.36 102.81 165.31
C ASP A 513 -13.59 101.89 164.09
N ARG A 514 -13.87 100.60 164.30
CA ARG A 514 -14.10 99.62 163.22
C ARG A 514 -15.44 99.77 162.50
N VAL A 515 -16.37 100.63 162.95
CA VAL A 515 -17.68 100.80 162.28
C VAL A 515 -17.50 101.15 160.79
N GLN A 516 -16.61 102.09 160.46
CA GLN A 516 -16.38 102.45 159.05
C GLN A 516 -15.73 101.28 158.26
N PRO A 517 -14.65 100.61 158.74
CA PRO A 517 -14.11 99.41 158.08
C PRO A 517 -15.18 98.33 157.89
N LEU A 518 -16.08 98.16 158.88
CA LEU A 518 -17.19 97.20 158.79
C LEU A 518 -18.20 97.65 157.73
N ARG A 519 -18.49 98.96 157.60
CA ARG A 519 -19.41 99.52 156.59
C ARG A 519 -18.91 99.19 155.19
N MET A 520 -17.63 99.46 154.90
CA MET A 520 -17.08 99.12 153.58
C MET A 520 -17.06 97.59 153.40
N ARG A 521 -16.71 96.81 154.45
CA ARG A 521 -16.69 95.34 154.40
C ARG A 521 -18.06 94.78 154.06
N LEU A 522 -19.13 95.23 154.73
CA LEU A 522 -20.49 94.78 154.48
C LEU A 522 -20.99 95.21 153.10
N SER A 523 -20.63 96.41 152.66
CA SER A 523 -21.06 96.90 151.34
C SER A 523 -20.51 95.97 150.24
N GLU A 524 -19.21 95.66 150.29
CA GLU A 524 -18.57 94.75 149.33
C GLU A 524 -19.16 93.34 149.44
N LEU A 525 -19.33 92.84 150.66
CA LEU A 525 -19.86 91.51 150.94
C LEU A 525 -21.32 91.36 150.47
N GLU A 526 -22.18 92.35 150.68
CA GLU A 526 -23.58 92.29 150.25
C GLU A 526 -23.66 92.39 148.72
N GLN A 527 -22.82 93.22 148.08
CA GLN A 527 -22.77 93.30 146.62
C GLN A 527 -22.33 91.95 146.07
N ARG A 528 -21.36 91.29 146.74
CA ARG A 528 -20.88 89.95 146.39
C ARG A 528 -22.02 88.94 146.56
N LEU A 529 -22.81 88.99 147.64
CA LEU A 529 -23.94 88.09 147.82
C LEU A 529 -25.00 88.30 146.73
N ASN A 530 -25.26 89.55 146.30
CA ASN A 530 -26.20 89.80 145.21
C ASN A 530 -25.72 89.06 143.95
N ASN A 531 -24.42 89.18 143.64
CA ASN A 531 -23.82 88.50 142.49
C ASN A 531 -23.90 86.97 142.64
N GLN A 532 -23.71 86.43 143.86
CA GLN A 532 -23.84 85.00 144.12
C GLN A 532 -25.29 84.55 143.82
N GLN A 533 -26.28 85.29 144.35
CA GLN A 533 -27.69 84.99 144.12
C GLN A 533 -28.01 85.03 142.62
N ASN A 534 -27.50 86.03 141.89
CA ASN A 534 -27.72 86.13 140.44
C ASN A 534 -27.14 84.90 139.73
N ALA A 535 -25.88 84.53 140.03
CA ALA A 535 -25.26 83.36 139.41
C ALA A 535 -26.03 82.06 139.76
N GLU A 536 -26.46 81.87 141.01
CA GLU A 536 -27.25 80.69 141.40
C GLU A 536 -28.57 80.62 140.62
N ARG A 537 -29.25 81.76 140.48
CA ARG A 537 -30.51 81.83 139.73
C ARG A 537 -30.26 81.47 138.26
N LEU A 538 -29.27 82.09 137.61
CA LEU A 538 -28.95 81.83 136.21
C LEU A 538 -28.49 80.37 136.00
N LEU A 539 -27.75 79.78 136.95
CA LEU A 539 -27.35 78.37 136.88
C LEU A 539 -28.58 77.47 136.94
N SER A 540 -29.42 77.64 137.97
CA SER A 540 -30.64 76.85 138.15
C SER A 540 -31.59 76.99 136.96
N GLU A 541 -31.67 78.18 136.37
CA GLU A 541 -32.46 78.46 135.17
C GLU A 541 -31.97 77.64 133.98
N PHE A 542 -30.65 77.58 133.74
CA PHE A 542 -30.12 76.85 132.59
C PHE A 542 -30.16 75.32 132.77
N CYS A 543 -30.00 74.80 134.00
CA CYS A 543 -29.99 73.36 134.29
C CYS A 543 -31.12 72.56 133.61
N LYS A 544 -32.32 73.16 133.49
CA LYS A 544 -33.52 72.55 132.88
C LYS A 544 -33.77 72.92 131.41
N ARG A 545 -33.23 74.03 130.88
CA ARG A 545 -33.45 74.49 129.48
C ARG A 545 -32.93 73.48 128.44
N GLN A 546 -31.72 72.96 128.65
CA GLN A 546 -31.08 71.89 127.87
C GLN A 546 -30.49 70.96 128.93
N GLY A 547 -30.79 69.66 128.87
CA GLY A 547 -30.42 68.77 129.97
C GLY A 547 -31.38 69.03 131.16
N ARG A 548 -31.30 68.24 132.24
CA ARG A 548 -32.13 68.44 133.47
C ARG A 548 -31.31 68.90 134.67
N GLN A 549 -30.08 68.40 134.76
CA GLN A 549 -29.03 68.78 135.72
C GLN A 549 -27.74 68.93 134.89
N TYR A 550 -27.47 67.91 134.07
CA TYR A 550 -26.41 67.82 133.06
C TYR A 550 -25.06 68.45 133.44
N GLN A 551 -24.46 67.92 134.52
CA GLN A 551 -23.15 68.30 135.07
C GLN A 551 -22.91 69.82 135.25
N ALA A 552 -23.93 70.58 135.68
CA ALA A 552 -23.84 72.03 135.88
C ALA A 552 -22.75 72.45 136.90
N GLU A 553 -22.24 71.54 137.74
CA GLU A 553 -21.18 71.82 138.71
C GLU A 553 -19.90 72.35 138.04
N ASP A 554 -19.57 71.81 136.86
CA ASP A 554 -18.42 72.21 136.03
C ASP A 554 -18.78 71.86 134.58
N LEU A 555 -19.43 72.81 133.91
CA LEU A 555 -20.00 72.67 132.57
C LEU A 555 -19.10 73.09 131.39
N GLU A 556 -17.82 73.39 131.64
CA GLU A 556 -16.85 73.81 130.61
C GLU A 556 -16.82 72.88 129.38
N ALA A 557 -16.74 71.56 129.58
CA ALA A 557 -16.69 70.60 128.48
C ALA A 557 -17.87 70.73 127.51
N LEU A 558 -19.10 70.96 128.00
CA LEU A 558 -20.28 71.12 127.14
C LEU A 558 -20.10 72.27 126.14
N GLN A 559 -19.47 73.38 126.52
CA GLN A 559 -19.25 74.49 125.59
C GLN A 559 -18.47 74.00 124.36
N ASN A 560 -17.44 73.17 124.56
CA ASN A 560 -16.66 72.58 123.47
C ASN A 560 -17.54 71.70 122.56
N GLU A 561 -18.50 70.96 123.13
CA GLU A 561 -19.44 70.15 122.33
C GLU A 561 -20.29 71.09 121.46
N LEU A 562 -20.84 72.13 122.08
CA LEU A 562 -21.66 73.15 121.41
C LEU A 562 -20.88 73.86 120.30
N GLU A 563 -19.57 74.02 120.42
CA GLU A 563 -18.75 74.62 119.35
C GLU A 563 -18.77 73.75 118.08
N ALA A 564 -18.63 72.42 118.22
CA ALA A 564 -18.72 71.50 117.08
C ALA A 564 -20.10 71.65 116.43
N ARG A 565 -21.15 71.73 117.26
CA ARG A 565 -22.53 71.98 116.80
C ARG A 565 -22.61 73.30 116.04
N GLN A 566 -22.10 74.39 116.61
CA GLN A 566 -22.07 75.74 116.00
C GLN A 566 -21.35 75.73 114.64
N GLU A 567 -20.21 75.04 114.51
CA GLU A 567 -19.53 74.92 113.21
C GLU A 567 -20.47 74.19 112.23
N ALA A 568 -20.99 73.03 112.62
CA ALA A 568 -21.92 72.25 111.82
C ALA A 568 -23.22 73.03 111.51
N LEU A 569 -23.64 74.00 112.33
CA LEU A 569 -24.81 74.85 112.07
C LEU A 569 -24.57 75.57 110.75
N SER A 570 -23.44 76.29 110.67
CA SER A 570 -23.04 77.03 109.48
C SER A 570 -22.98 76.13 108.26
N LEU A 571 -22.28 75.00 108.33
CA LEU A 571 -22.22 74.05 107.21
C LEU A 571 -23.61 73.60 106.78
N SER A 572 -24.38 73.05 107.71
CA SER A 572 -25.73 72.52 107.45
C SER A 572 -26.71 73.56 106.89
N VAL A 573 -26.64 74.82 107.32
CA VAL A 573 -27.55 75.87 106.81
C VAL A 573 -27.03 76.43 105.48
N ASN A 574 -25.70 76.65 105.36
CA ASN A 574 -25.08 77.13 104.14
C ASN A 574 -25.35 76.17 102.99
N GLU A 575 -25.12 74.87 103.17
CA GLU A 575 -25.38 73.88 102.12
C GLU A 575 -26.88 73.78 101.82
N GLY A 576 -27.73 73.52 102.83
CA GLY A 576 -29.18 73.43 102.67
C GLY A 576 -29.78 74.61 101.90
N GLY A 577 -29.50 75.83 102.38
CA GLY A 577 -29.94 77.08 101.74
C GLY A 577 -29.48 77.15 100.29
N GLU A 578 -28.20 76.85 100.01
CA GLU A 578 -27.68 76.79 98.65
C GLU A 578 -28.44 75.76 97.81
N ARG A 579 -28.67 74.53 98.31
CA ARG A 579 -29.43 73.50 97.57
C ARG A 579 -30.82 73.99 97.20
N ARG A 580 -31.62 74.47 98.17
CA ARG A 580 -32.95 74.99 97.82
C ARG A 580 -32.83 76.12 96.80
N MET A 581 -31.89 77.04 96.98
CA MET A 581 -31.63 78.17 96.08
C MET A 581 -31.29 77.69 94.65
N GLU A 582 -30.43 76.68 94.52
CA GLU A 582 -30.08 76.08 93.23
C GLU A 582 -31.36 75.63 92.55
N MET A 583 -32.18 74.87 93.26
CA MET A 583 -33.48 74.44 92.75
C MET A 583 -34.43 75.61 92.52
N ARG A 584 -34.39 76.71 93.29
CA ARG A 584 -35.22 77.89 93.00
C ARG A 584 -34.88 78.43 91.62
N GLN A 585 -33.60 78.56 91.32
CA GLN A 585 -33.15 78.98 90.00
C GLN A 585 -33.55 77.94 88.95
N GLU A 586 -33.31 76.65 89.19
CA GLU A 586 -33.69 75.59 88.26
C GLU A 586 -35.21 75.61 87.99
N LEU A 587 -36.01 75.84 89.03
CA LEU A 587 -37.46 75.97 88.93
C LEU A 587 -37.77 77.12 87.99
N GLU A 588 -37.15 78.27 88.19
CA GLU A 588 -37.33 79.40 87.29
C GLU A 588 -36.93 79.01 85.87
N GLN A 589 -35.82 78.29 85.67
CA GLN A 589 -35.43 77.80 84.34
C GLN A 589 -36.53 76.91 83.76
N LEU A 590 -36.80 75.81 84.77
CA LEU A 590 -37.87 74.95 84.27
C LEU A 590 -39.11 75.76 83.93
N LYS A 591 -39.44 76.74 84.75
CA LYS A 591 -40.56 77.63 84.47
C LYS A 591 -40.35 78.34 83.15
N GLN A 592 -39.14 78.83 82.91
CA GLN A 592 -38.85 79.54 81.67
C GLN A 592 -38.85 78.59 80.48
N LYS A 593 -38.38 77.36 80.67
CA LYS A 593 -38.47 76.36 79.60
C LYS A 593 -39.92 76.10 79.23
N ILE A 594 -40.77 75.90 80.23
CA ILE A 594 -42.19 75.70 79.98
C ILE A 594 -42.80 76.93 79.31
N GLN A 595 -42.40 78.12 79.76
CA GLN A 595 -42.89 79.35 79.15
C GLN A 595 -42.47 79.46 77.69
N SER A 596 -41.23 79.11 77.37
CA SER A 596 -40.77 79.12 75.99
C SER A 596 -41.56 78.12 75.15
N LEU A 597 -41.70 76.89 75.66
CA LEU A 597 -42.48 75.88 74.97
C LEU A 597 -43.92 76.34 74.78
N THR A 598 -44.46 77.06 75.77
CA THR A 598 -45.84 77.53 75.69
C THR A 598 -45.99 78.64 74.66
N ALA A 599 -45.07 79.61 74.68
CA ALA A 599 -45.09 80.65 73.66
C ALA A 599 -44.96 80.06 72.27
N ARG A 600 -44.21 78.97 72.15
CA ARG A 600 -44.08 78.26 70.87
C ARG A 600 -45.24 77.31 70.60
N ALA A 601 -46.05 76.99 71.61
CA ALA A 601 -47.14 76.04 71.43
C ALA A 601 -48.19 76.54 70.44
N PRO A 602 -48.87 77.67 70.66
CA PRO A 602 -49.88 78.10 69.70
C PRO A 602 -49.29 78.39 68.33
N VAL A 603 -48.05 78.86 68.27
CA VAL A 603 -47.39 79.06 66.99
C VAL A 603 -47.25 77.72 66.26
N TRP A 604 -46.82 76.69 66.99
CA TRP A 604 -46.70 75.36 66.39
C TRP A 604 -48.07 74.85 65.94
N LEU A 605 -49.09 75.03 66.77
CA LEU A 605 -50.41 74.53 66.43
C LEU A 605 -50.96 75.22 65.19
N ALA A 606 -50.80 76.54 65.11
CA ALA A 606 -51.21 77.26 63.90
C ALA A 606 -50.43 76.78 62.69
N ALA A 607 -49.12 76.55 62.85
CA ALA A 607 -48.33 76.01 61.76
C ALA A 607 -48.88 74.69 61.28
N GLN A 608 -49.15 73.77 62.21
CA GLN A 608 -49.70 72.47 61.83
C GLN A 608 -51.07 72.61 61.16
N ASP A 609 -51.91 73.49 61.69
CA ASP A 609 -53.25 73.67 61.12
C ASP A 609 -53.16 74.13 59.68
N THR A 610 -52.46 75.24 59.44
CA THR A 610 -52.35 75.73 58.07
C THR A 610 -51.55 74.79 57.20
N LEU A 611 -50.61 74.04 57.78
CA LEU A 611 -49.90 73.02 57.02
C LEU A 611 -50.86 71.96 56.50
N ASN A 612 -51.73 71.46 57.36
CA ASN A 612 -52.72 70.48 56.93
C ASN A 612 -53.64 71.07 55.87
N GLN A 613 -54.08 72.31 56.07
CA GLN A 613 -54.97 72.94 55.10
C GLN A 613 -54.27 73.08 53.74
N LEU A 614 -53.04 73.57 53.75
CA LEU A 614 -52.28 73.75 52.51
C LEU A 614 -51.98 72.40 51.86
N CYS A 615 -51.71 71.39 52.68
CA CYS A 615 -51.49 70.03 52.18
C CYS A 615 -52.72 69.51 51.48
N GLU A 616 -53.90 69.75 52.05
CA GLU A 616 -55.13 69.29 51.43
C GLU A 616 -55.45 70.08 50.18
N GLN A 617 -55.13 71.37 50.16
CA GLN A 617 -55.31 72.18 48.95
C GLN A 617 -54.47 71.64 47.81
N SER A 618 -53.38 70.95 48.12
CA SER A 618 -52.50 70.35 47.12
C SER A 618 -52.86 68.88 46.92
N GLY A 619 -52.65 68.41 45.70
CA GLY A 619 -52.86 67.00 45.42
C GLY A 619 -51.91 66.11 46.20
N GLU A 620 -50.62 66.47 46.20
CA GLU A 620 -49.62 65.69 46.89
C GLU A 620 -49.60 66.04 48.37
N THR A 621 -49.29 65.05 49.19
CA THR A 621 -49.25 65.23 50.64
C THR A 621 -47.81 65.49 51.11
N LEU A 622 -47.66 66.44 52.02
CA LEU A 622 -46.37 66.91 52.47
C LEU A 622 -46.01 66.26 53.80
N ALA A 623 -44.71 66.01 54.01
CA ALA A 623 -44.24 65.34 55.21
C ALA A 623 -42.96 65.92 55.81
N SER A 624 -42.19 66.72 55.07
CA SER A 624 -40.95 67.26 55.59
C SER A 624 -40.61 68.57 54.88
N SER A 625 -39.74 69.34 55.52
CA SER A 625 -39.40 70.67 55.00
C SER A 625 -38.82 70.60 53.59
N ASN A 626 -37.82 69.74 53.41
CA ASN A 626 -37.26 69.57 52.07
C ASN A 626 -38.32 69.04 51.11
N ASP A 627 -39.23 68.21 51.62
CA ASP A 627 -40.34 67.75 50.78
C ASP A 627 -41.23 68.92 50.38
N VAL A 628 -41.48 69.86 51.29
CA VAL A 628 -42.28 71.03 50.96
C VAL A 628 -41.60 71.85 49.86
N THR A 629 -40.29 72.07 49.99
CA THR A 629 -39.58 72.84 48.96
C THR A 629 -39.54 72.09 47.64
N GLU A 630 -39.42 70.76 47.68
CA GLU A 630 -39.46 69.97 46.47
C GLU A 630 -40.79 70.16 45.75
N TYR A 631 -41.90 70.07 46.50
CA TYR A 631 -43.21 70.31 45.93
C TYR A 631 -43.29 71.72 45.35
N MET A 632 -42.69 72.69 46.04
CA MET A 632 -42.76 74.07 45.55
C MET A 632 -42.08 74.19 44.20
N GLN A 633 -40.90 73.59 44.04
CA GLN A 633 -40.23 73.72 42.75
C GLN A 633 -41.00 72.96 41.66
N GLN A 634 -41.62 71.84 42.02
CA GLN A 634 -42.50 71.17 41.06
C GLN A 634 -43.62 72.11 40.62
N LEU A 635 -44.18 72.85 41.56
CA LEU A 635 -45.25 73.79 41.24
C LEU A 635 -44.77 74.87 40.27
N LEU A 636 -43.57 75.41 40.51
CA LEU A 636 -43.03 76.41 39.59
C LEU A 636 -42.85 75.82 38.20
N GLU A 637 -42.34 74.58 38.11
CA GLU A 637 -42.16 73.95 36.81
C GLU A 637 -43.48 73.85 36.06
N ARG A 638 -44.52 73.35 36.74
CA ARG A 638 -45.81 73.20 36.10
C ARG A 638 -46.37 74.55 35.65
N GLU A 639 -46.19 75.58 36.49
CA GLU A 639 -46.65 76.92 36.13
C GLU A 639 -45.99 77.41 34.86
N ARG A 640 -44.68 77.22 34.73
CA ARG A 640 -43.97 77.65 33.53
C ARG A 640 -44.51 76.94 32.29
N GLU A 641 -44.71 75.62 32.40
CA GLU A 641 -45.22 74.90 31.24
C GLU A 641 -46.61 75.42 30.85
N ALA A 642 -47.47 75.66 31.84
CA ALA A 642 -48.83 76.10 31.54
C ALA A 642 -48.83 77.46 30.83
N THR A 643 -48.02 78.39 31.30
CA THR A 643 -47.98 79.70 30.65
C THR A 643 -47.43 79.59 29.23
N VAL A 644 -46.47 78.69 29.02
CA VAL A 644 -46.00 78.48 27.66
C VAL A 644 -47.15 78.04 26.75
N GLU A 645 -47.95 77.08 27.24
CA GLU A 645 -49.05 76.58 26.40
C GLU A 645 -50.08 77.67 26.10
N ARG A 646 -50.44 78.48 27.11
CA ARG A 646 -51.44 79.50 26.82
C ARG A 646 -50.89 80.53 25.83
N ASP A 647 -49.59 80.81 25.89
CA ASP A 647 -49.01 81.69 24.88
C ASP A 647 -49.08 81.06 23.49
N GLU A 648 -48.81 79.76 23.39
CA GLU A 648 -48.90 79.09 22.10
C GLU A 648 -50.30 79.22 21.51
N VAL A 649 -51.32 78.96 22.34
CA VAL A 649 -52.68 79.04 21.84
C VAL A 649 -53.02 80.47 21.44
N ALA A 650 -52.53 81.46 22.19
CA ALA A 650 -52.77 82.84 21.80
C ALA A 650 -52.17 83.14 20.43
N ALA A 651 -50.98 82.61 20.16
CA ALA A 651 -50.37 82.83 18.85
C ALA A 651 -51.21 82.21 17.73
N GLN A 652 -51.68 80.97 17.93
CA GLN A 652 -52.49 80.36 16.89
C GLN A 652 -53.79 81.13 16.69
N LYS A 653 -54.38 81.64 17.78
CA LYS A 653 -55.60 82.40 17.64
C LYS A 653 -55.35 83.70 16.89
N ARG A 654 -54.18 84.32 17.10
CA ARG A 654 -53.82 85.46 16.27
C ARG A 654 -53.75 85.08 14.80
N GLU A 655 -53.18 83.91 14.51
CA GLU A 655 -53.10 83.49 13.10
C GLU A 655 -54.48 83.33 12.49
N LEU A 656 -55.39 82.69 13.23
CA LEU A 656 -56.76 82.52 12.73
C LEU A 656 -57.45 83.87 12.57
N GLU A 657 -57.26 84.79 13.52
CA GLU A 657 -57.86 86.10 13.40
C GLU A 657 -57.32 86.86 12.20
N LYS A 658 -56.02 86.71 11.93
CA LYS A 658 -55.44 87.31 10.73
C LYS A 658 -56.06 86.72 9.48
N GLN A 659 -56.26 85.39 9.46
CA GLN A 659 -56.87 84.76 8.30
C GLN A 659 -58.29 85.25 8.07
N ILE A 660 -59.05 85.42 9.16
CA ILE A 660 -60.43 85.90 9.04
C ILE A 660 -60.44 87.36 8.61
N GLU A 661 -59.51 88.16 9.13
CA GLU A 661 -59.40 89.56 8.71
C GLU A 661 -59.09 89.64 7.23
N ARG A 662 -58.31 88.70 6.72
CA ARG A 662 -58.01 88.62 5.30
C ARG A 662 -59.25 88.36 4.46
N LEU A 663 -60.38 88.07 5.10
CA LEU A 663 -61.69 88.02 4.46
C LEU A 663 -62.39 89.38 4.51
N SER A 664 -61.71 90.39 3.96
CA SER A 664 -62.09 91.78 4.21
C SER A 664 -63.52 92.06 3.76
N GLN A 665 -63.78 91.89 2.46
CA GLN A 665 -65.03 92.36 1.88
C GLN A 665 -65.43 91.55 0.66
N PRO A 666 -66.69 91.08 0.56
CA PRO A 666 -67.77 91.19 1.56
C PRO A 666 -67.56 90.16 2.66
N SER A 667 -67.15 88.96 2.22
CA SER A 667 -66.72 87.88 3.10
C SER A 667 -65.70 87.09 2.28
N GLY A 668 -64.43 87.46 2.44
CA GLY A 668 -63.40 87.04 1.51
C GLY A 668 -62.99 88.23 0.67
N ALA A 669 -61.74 88.67 0.83
CA ALA A 669 -61.33 89.95 0.26
C ALA A 669 -61.36 89.91 -1.27
N GLU A 670 -61.82 91.01 -1.86
CA GLU A 670 -61.77 91.22 -3.30
C GLU A 670 -61.06 92.53 -3.58
N ASP A 671 -60.19 92.54 -4.59
CA ASP A 671 -59.32 93.68 -4.83
C ASP A 671 -60.15 94.87 -5.30
N SER A 672 -60.09 95.98 -4.55
CA SER A 672 -60.85 97.17 -4.92
C SER A 672 -60.30 97.82 -6.18
N ARG A 673 -59.00 97.70 -6.42
CA ARG A 673 -58.40 98.27 -7.63
C ARG A 673 -59.09 97.73 -8.88
N MET A 674 -59.43 96.44 -8.87
CA MET A 674 -60.13 95.87 -10.01
C MET A 674 -61.52 96.48 -10.16
N ILE A 675 -62.16 96.82 -9.03
CA ILE A 675 -63.44 97.52 -9.10
C ILE A 675 -63.26 98.88 -9.77
N ALA A 676 -62.20 99.60 -9.40
CA ALA A 676 -61.93 100.88 -10.05
C ALA A 676 -61.72 100.71 -11.54
N LEU A 677 -60.96 99.69 -11.93
CA LEU A 677 -60.73 99.45 -13.36
C LEU A 677 -62.04 99.11 -14.07
N ALA A 678 -62.88 98.30 -13.45
CA ALA A 678 -64.18 98.02 -14.04
C ALA A 678 -65.03 99.27 -14.14
N GLU A 679 -64.81 100.24 -13.27
CA GLU A 679 -65.49 101.52 -13.40
C GLU A 679 -64.94 102.32 -14.56
N ARG A 680 -63.64 102.22 -14.81
CA ARG A 680 -63.02 103.02 -15.86
C ARG A 680 -63.38 102.54 -17.26
N PHE A 681 -63.83 101.30 -17.40
CA PHE A 681 -64.28 100.76 -18.68
C PHE A 681 -65.68 100.21 -18.51
N GLY A 682 -66.53 100.43 -19.52
CA GLY A 682 -67.87 99.89 -19.47
C GLY A 682 -67.84 98.38 -19.34
N GLY A 683 -68.21 97.87 -18.18
CA GLY A 683 -68.16 96.44 -17.95
C GLY A 683 -68.30 96.13 -16.48
N VAL A 684 -68.20 94.84 -16.17
CA VAL A 684 -68.37 94.35 -14.80
C VAL A 684 -67.35 93.26 -14.53
N LEU A 685 -67.00 93.12 -13.25
CA LEU A 685 -66.07 92.07 -12.84
C LEU A 685 -66.74 90.70 -12.96
N LEU A 686 -66.02 89.75 -13.54
CA LEU A 686 -66.60 88.45 -13.86
C LEU A 686 -67.08 87.71 -12.62
N SER A 687 -66.25 87.68 -11.57
CA SER A 687 -66.65 87.03 -10.33
C SER A 687 -67.95 87.63 -9.81
N GLU A 688 -68.10 88.94 -9.96
CA GLU A 688 -69.35 89.59 -9.55
C GLU A 688 -70.53 89.07 -10.38
N ILE A 689 -70.27 88.65 -11.62
CA ILE A 689 -71.35 88.11 -12.45
C ILE A 689 -71.73 86.71 -11.98
N TYR A 690 -70.74 85.85 -11.71
CA TYR A 690 -71.03 84.50 -11.24
C TYR A 690 -70.87 84.31 -9.73
N ASP A 691 -70.96 85.38 -8.94
CA ASP A 691 -70.78 85.22 -7.50
C ASP A 691 -71.90 84.41 -6.85
N ASP A 692 -73.02 84.19 -7.54
CA ASP A 692 -74.18 83.54 -6.93
C ASP A 692 -74.44 82.14 -7.46
N ILE A 693 -73.57 81.61 -8.31
CA ILE A 693 -73.83 80.28 -8.87
C ILE A 693 -73.69 79.22 -7.77
N THR A 694 -74.33 78.07 -8.02
CA THR A 694 -74.42 77.02 -7.01
C THR A 694 -73.04 76.52 -6.61
N ILE A 695 -72.91 76.13 -5.34
CA ILE A 695 -71.66 75.59 -4.83
C ILE A 695 -71.32 74.27 -5.51
N ASP A 696 -72.32 73.53 -5.99
CA ASP A 696 -72.04 72.27 -6.66
C ASP A 696 -71.25 72.48 -7.94
N ASP A 697 -71.65 73.46 -8.75
CA ASP A 697 -70.98 73.73 -10.01
C ASP A 697 -69.83 74.72 -9.89
N ALA A 698 -69.71 75.41 -8.77
CA ALA A 698 -68.63 76.40 -8.61
C ALA A 698 -67.25 75.84 -8.88
N PRO A 699 -66.84 74.68 -8.34
CA PRO A 699 -65.50 74.19 -8.67
C PRO A 699 -65.33 73.94 -10.15
N TYR A 700 -66.37 73.45 -10.82
CA TYR A 700 -66.29 73.23 -12.26
C TYR A 700 -66.02 74.54 -13.00
N PHE A 701 -66.76 75.60 -12.67
CA PHE A 701 -66.54 76.87 -13.34
C PHE A 701 -65.15 77.42 -13.06
N SER A 702 -64.69 77.34 -11.81
CA SER A 702 -63.36 77.84 -11.49
C SER A 702 -62.30 77.08 -12.26
N ALA A 703 -62.45 75.77 -12.41
CA ALA A 703 -61.53 75.01 -13.24
C ALA A 703 -61.62 75.48 -14.69
N LEU A 704 -62.82 75.80 -15.14
CA LEU A 704 -63.02 76.20 -16.53
C LEU A 704 -62.28 77.49 -16.84
N TYR A 705 -62.41 78.50 -15.98
CA TYR A 705 -61.84 79.81 -16.30
C TYR A 705 -60.35 79.93 -16.00
N GLY A 706 -59.82 79.19 -15.03
CA GLY A 706 -58.41 79.27 -14.73
C GLY A 706 -57.97 80.66 -14.32
N PRO A 707 -56.79 81.11 -14.79
CA PRO A 707 -56.32 82.44 -14.38
C PRO A 707 -57.28 83.55 -14.73
N ALA A 708 -58.04 83.42 -15.81
CA ALA A 708 -58.96 84.47 -16.22
C ALA A 708 -60.12 84.66 -15.26
N ARG A 709 -60.17 83.92 -14.14
CA ARG A 709 -61.28 84.06 -13.22
C ARG A 709 -61.49 85.51 -12.83
N HIS A 710 -60.41 86.26 -12.60
CA HIS A 710 -60.51 87.67 -12.24
C HIS A 710 -60.32 88.49 -13.50
N GLY A 711 -61.42 89.02 -14.04
CA GLY A 711 -61.38 89.81 -15.26
C GLY A 711 -62.66 90.60 -15.39
N ILE A 712 -62.63 91.54 -16.34
CA ILE A 712 -63.73 92.47 -16.56
C ILE A 712 -64.43 92.11 -17.86
N VAL A 713 -65.75 92.13 -17.83
CA VAL A 713 -66.57 91.83 -19.00
C VAL A 713 -66.88 93.16 -19.70
N VAL A 714 -66.20 93.43 -20.79
CA VAL A 714 -66.34 94.67 -21.55
C VAL A 714 -66.85 94.32 -22.94
N PRO A 715 -68.12 94.61 -23.26
CA PRO A 715 -68.67 94.20 -24.56
C PRO A 715 -68.14 94.97 -25.76
N ASP A 716 -67.33 96.01 -25.56
CA ASP A 716 -66.87 96.85 -26.68
C ASP A 716 -65.44 96.58 -27.11
N LEU A 717 -64.50 96.56 -26.19
CA LEU A 717 -63.08 96.39 -26.50
C LEU A 717 -62.51 97.56 -27.29
N SER A 718 -63.30 98.60 -27.51
CA SER A 718 -62.81 99.81 -28.18
C SER A 718 -62.35 100.86 -27.18
N LEU A 719 -62.90 100.83 -25.97
CA LEU A 719 -62.50 101.79 -24.94
C LEU A 719 -61.12 101.47 -24.38
N VAL A 720 -60.71 100.20 -24.40
CA VAL A 720 -59.50 99.78 -23.71
C VAL A 720 -58.26 100.15 -24.53
N ARG A 721 -58.26 99.80 -25.81
CA ARG A 721 -57.06 99.96 -26.65
C ARG A 721 -56.48 101.37 -26.58
N PRO A 722 -57.27 102.44 -26.68
CA PRO A 722 -56.66 103.77 -26.50
C PRO A 722 -56.14 103.99 -25.09
N HIS A 723 -56.86 103.51 -24.09
CA HIS A 723 -56.48 103.69 -22.69
C HIS A 723 -55.42 102.70 -22.23
N LEU A 724 -55.06 101.74 -23.08
CA LEU A 724 -54.18 100.66 -22.65
C LEU A 724 -52.81 101.17 -22.23
N GLU A 725 -52.20 102.02 -23.05
CA GLU A 725 -50.89 102.57 -22.69
C GLU A 725 -50.95 103.47 -21.47
N THR A 726 -52.15 103.84 -21.02
CA THR A 726 -52.33 104.67 -19.83
C THR A 726 -52.41 103.84 -18.55
N LEU A 727 -52.49 102.51 -18.65
CA LEU A 727 -52.67 101.67 -17.48
C LEU A 727 -51.31 101.31 -16.88
N GLU A 728 -51.09 101.72 -15.64
CA GLU A 728 -49.85 101.41 -14.95
C GLU A 728 -50.06 100.82 -13.56
N ASP A 729 -51.11 101.24 -12.84
CA ASP A 729 -51.38 100.69 -11.51
C ASP A 729 -52.06 99.33 -11.56
N CYS A 730 -52.47 98.89 -12.74
CA CYS A 730 -53.27 97.67 -12.88
C CYS A 730 -52.47 96.43 -12.48
N PRO A 731 -53.14 95.33 -12.16
CA PRO A 731 -52.43 94.08 -11.88
C PRO A 731 -51.59 93.66 -13.07
N GLU A 732 -50.47 92.99 -12.76
CA GLU A 732 -49.47 92.72 -13.79
C GLU A 732 -50.02 91.85 -14.92
N ASP A 733 -50.95 90.96 -14.63
CA ASP A 733 -51.64 90.16 -15.64
C ASP A 733 -53.12 90.51 -15.63
N LEU A 734 -53.49 91.50 -16.42
CA LEU A 734 -54.89 91.89 -16.53
C LEU A 734 -55.60 91.07 -17.60
N TYR A 735 -56.84 90.68 -17.30
CA TYR A 735 -57.65 89.84 -18.18
C TYR A 735 -58.93 90.59 -18.54
N LEU A 736 -59.32 90.50 -19.81
CA LEU A 736 -60.51 91.19 -20.32
C LEU A 736 -61.31 90.24 -21.21
N ILE A 737 -62.63 90.32 -21.11
CA ILE A 737 -63.54 89.46 -21.86
C ILE A 737 -64.66 90.32 -22.42
N GLU A 738 -65.16 89.94 -23.60
CA GLU A 738 -66.22 90.66 -24.29
C GLU A 738 -67.52 89.89 -24.16
N GLY A 739 -68.56 90.57 -23.71
CA GLY A 739 -69.87 89.96 -23.59
C GLY A 739 -70.80 90.92 -22.88
N ASP A 740 -72.08 90.57 -22.91
CA ASP A 740 -73.08 91.40 -22.24
C ASP A 740 -72.95 91.23 -20.73
N PRO A 741 -72.62 92.28 -19.97
CA PRO A 741 -72.56 92.12 -18.51
C PRO A 741 -73.89 91.73 -17.89
N GLN A 742 -75.01 92.20 -18.44
CA GLN A 742 -76.31 91.90 -17.83
C GLN A 742 -76.71 90.45 -18.07
N SER A 743 -76.52 89.94 -19.30
CA SER A 743 -76.80 88.54 -19.64
C SER A 743 -75.56 88.02 -20.39
N PHE A 744 -74.62 87.48 -19.63
CA PHE A 744 -73.31 87.10 -20.13
C PHE A 744 -73.36 85.73 -20.78
N ASP A 745 -73.26 85.69 -22.11
CA ASP A 745 -73.25 84.44 -22.83
C ASP A 745 -71.97 83.66 -22.52
N ASP A 746 -72.05 82.34 -22.68
CA ASP A 746 -70.92 81.48 -22.38
C ASP A 746 -69.68 81.96 -23.12
N SER A 747 -68.58 82.14 -22.39
CA SER A 747 -67.34 82.56 -23.00
C SER A 747 -66.88 81.50 -24.00
N VAL A 748 -66.11 81.95 -24.99
CA VAL A 748 -65.62 81.04 -26.02
C VAL A 748 -64.57 80.14 -25.43
N PHE A 749 -64.99 78.94 -25.02
CA PHE A 749 -64.08 77.84 -24.70
C PHE A 749 -64.54 76.61 -25.46
N ASN A 750 -63.60 75.94 -26.10
CA ASN A 750 -63.85 74.59 -26.62
C ASN A 750 -63.57 73.61 -25.49
N ALA A 751 -64.46 73.65 -24.50
CA ALA A 751 -64.25 72.96 -23.23
C ALA A 751 -64.82 71.55 -23.29
N GLU A 752 -64.04 70.59 -22.77
CA GLU A 752 -64.43 69.19 -22.72
C GLU A 752 -64.17 68.66 -21.33
N GLU A 753 -65.19 68.03 -20.73
CA GLU A 753 -65.19 67.72 -19.31
C GLU A 753 -64.61 66.32 -19.08
N GLN A 754 -63.60 66.23 -18.23
CA GLN A 754 -62.97 64.97 -17.85
C GLN A 754 -63.35 64.64 -16.41
N THR A 755 -62.92 63.46 -15.96
CA THR A 755 -63.13 63.08 -14.58
C THR A 755 -62.42 64.06 -13.65
N ASN A 756 -63.21 64.84 -12.90
CA ASN A 756 -62.67 65.78 -11.93
C ASN A 756 -61.71 66.77 -12.58
N ALA A 757 -61.92 67.10 -13.85
CA ALA A 757 -61.03 68.02 -14.53
C ALA A 757 -61.71 68.55 -15.78
N VAL A 758 -61.08 69.56 -16.39
CA VAL A 758 -61.57 70.18 -17.60
C VAL A 758 -60.41 70.37 -18.56
N LEU A 759 -60.70 70.26 -19.85
CA LEU A 759 -59.73 70.49 -20.92
C LEU A 759 -60.29 71.56 -21.84
N VAL A 760 -59.49 72.57 -22.15
CA VAL A 760 -59.93 73.72 -22.93
C VAL A 760 -58.92 73.97 -24.05
N LYS A 761 -59.40 74.00 -25.29
CA LYS A 761 -58.56 74.34 -26.43
C LYS A 761 -58.51 75.86 -26.52
N SER A 762 -57.54 76.46 -25.82
CA SER A 762 -57.53 77.91 -25.67
C SER A 762 -57.31 78.61 -27.00
N SER A 763 -56.38 78.12 -27.81
CA SER A 763 -55.95 78.81 -29.01
C SER A 763 -55.42 77.76 -29.99
N ASP A 764 -55.10 78.22 -31.20
CA ASP A 764 -54.39 77.36 -32.14
C ASP A 764 -53.10 76.87 -31.50
N ARG A 765 -52.89 75.55 -31.52
CA ARG A 765 -51.69 74.97 -30.97
C ARG A 765 -51.53 75.23 -29.47
N GLN A 766 -52.64 75.39 -28.75
CA GLN A 766 -52.62 75.52 -27.29
C GLN A 766 -53.86 74.89 -26.68
N TRP A 767 -53.65 73.87 -25.84
CA TRP A 767 -54.66 73.33 -24.94
C TRP A 767 -54.27 73.69 -23.51
N ARG A 768 -55.28 73.88 -22.64
CA ARG A 768 -55.07 74.08 -21.22
C ARG A 768 -55.88 73.05 -20.44
N TYR A 769 -55.24 72.41 -19.46
CA TYR A 769 -55.85 71.36 -18.66
C TYR A 769 -55.85 71.76 -17.19
N SER A 770 -57.00 71.62 -16.53
CA SER A 770 -57.15 72.03 -15.13
C SER A 770 -57.99 71.01 -14.36
N ARG A 771 -57.69 70.87 -13.08
CA ARG A 771 -58.39 69.99 -12.17
C ARG A 771 -59.35 70.78 -11.27
N TYR A 772 -60.33 70.08 -10.72
CA TYR A 772 -61.34 70.71 -9.88
C TYR A 772 -60.74 71.19 -8.56
N PRO A 773 -60.83 72.48 -8.23
CA PRO A 773 -60.39 72.94 -6.91
C PRO A 773 -61.51 72.99 -5.88
N GLU A 774 -61.22 73.51 -4.70
CA GLU A 774 -62.20 73.92 -3.70
C GLU A 774 -62.01 75.40 -3.40
N LEU A 775 -63.00 75.98 -2.71
CA LEU A 775 -63.08 77.43 -2.54
C LEU A 775 -63.01 78.11 -3.90
N PRO A 776 -63.92 77.81 -4.81
CA PRO A 776 -63.88 78.43 -6.14
C PRO A 776 -64.19 79.92 -6.08
N LEU A 777 -63.60 80.67 -7.01
CA LEU A 777 -63.85 82.10 -7.06
C LEU A 777 -65.29 82.40 -7.43
N PHE A 778 -65.93 81.52 -8.19
CA PHE A 778 -67.33 81.69 -8.54
C PHE A 778 -68.22 80.94 -7.56
N GLY A 779 -69.51 81.28 -7.59
CA GLY A 779 -70.45 80.70 -6.66
C GLY A 779 -70.12 81.01 -5.22
N ARG A 780 -69.50 82.17 -4.97
CA ARG A 780 -69.09 82.50 -3.62
C ARG A 780 -70.28 82.45 -2.67
N ALA A 781 -71.38 83.12 -3.04
CA ALA A 781 -72.51 83.29 -2.14
C ALA A 781 -72.04 83.80 -0.79
N ALA A 782 -70.99 84.62 -0.82
CA ALA A 782 -70.24 85.08 0.35
C ALA A 782 -69.43 83.97 1.00
N ARG A 783 -69.57 82.72 0.57
CA ARG A 783 -68.92 81.58 1.20
C ARG A 783 -68.89 81.77 2.71
N GLU A 784 -70.03 82.20 3.27
CA GLU A 784 -70.13 82.40 4.71
C GLU A 784 -69.81 81.13 5.48
N ASN A 785 -70.08 79.96 4.90
CA ASN A 785 -69.81 78.72 5.62
C ASN A 785 -68.33 78.57 5.96
N ARG A 786 -67.43 78.99 5.07
CA ARG A 786 -66.01 78.98 5.40
C ARG A 786 -65.69 79.99 6.48
N LEU A 787 -66.27 81.18 6.41
CA LEU A 787 -66.05 82.16 7.46
C LEU A 787 -66.49 81.61 8.81
N GLU A 788 -67.61 80.87 8.83
CA GLU A 788 -68.10 80.27 10.07
C GLU A 788 -67.23 79.10 10.51
N ALA A 789 -66.70 78.31 9.58
CA ALA A 789 -65.77 77.26 9.99
C ALA A 789 -64.53 77.86 10.64
N LEU A 790 -64.00 78.93 10.05
CA LEU A 790 -62.88 79.62 10.66
C LEU A 790 -63.27 80.24 12.00
N ASN A 791 -64.49 80.75 12.12
CA ASN A 791 -64.96 81.26 13.40
C ASN A 791 -65.04 80.15 14.44
N LEU A 792 -65.52 78.97 14.02
CA LEU A 792 -65.57 77.83 14.92
C LEU A 792 -64.18 77.46 15.42
N GLU A 793 -63.22 77.42 14.51
CA GLU A 793 -61.84 77.14 14.92
C GLU A 793 -61.31 78.22 15.85
N ARG A 794 -61.58 79.49 15.53
CA ARG A 794 -61.12 80.59 16.35
C ARG A 794 -61.73 80.52 17.74
N ASP A 795 -63.02 80.17 17.83
CA ASP A 795 -63.67 80.08 19.12
C ASP A 795 -63.17 78.88 19.91
N ALA A 796 -62.86 77.78 19.24
CA ALA A 796 -62.22 76.66 19.93
C ALA A 796 -60.87 77.08 20.51
N LEU A 797 -60.07 77.80 19.73
CA LEU A 797 -58.80 78.31 20.25
C LEU A 797 -59.02 79.26 21.41
N ALA A 798 -60.02 80.14 21.31
CA ALA A 798 -60.30 81.08 22.38
C ALA A 798 -60.70 80.35 23.66
N GLU A 799 -61.53 79.32 23.53
CA GLU A 799 -61.95 78.54 24.70
C GLU A 799 -60.77 77.83 25.33
N ARG A 800 -59.91 77.23 24.51
CA ARG A 800 -58.73 76.57 25.05
C ARG A 800 -57.83 77.56 25.77
N TYR A 801 -57.64 78.74 25.16
CA TYR A 801 -56.87 79.80 25.81
C TYR A 801 -57.48 80.19 27.15
N ALA A 802 -58.81 80.31 27.21
CA ALA A 802 -59.47 80.68 28.45
C ALA A 802 -59.20 79.65 29.54
N THR A 803 -59.35 78.37 29.20
CA THR A 803 -59.07 77.33 30.18
C THR A 803 -57.63 77.38 30.67
N LEU A 804 -56.68 77.56 29.76
CA LEU A 804 -55.28 77.59 30.18
C LEU A 804 -54.98 78.79 31.05
N SER A 805 -55.56 79.96 30.73
CA SER A 805 -55.36 81.13 31.56
C SER A 805 -55.91 80.89 32.97
N PHE A 806 -57.10 80.30 33.06
CA PHE A 806 -57.68 79.98 34.35
C PHE A 806 -56.77 79.04 35.14
N ASP A 807 -56.25 78.02 34.47
CA ASP A 807 -55.38 77.07 35.16
C ASP A 807 -54.13 77.76 35.70
N VAL A 808 -53.52 78.62 34.89
CA VAL A 808 -52.33 79.33 35.34
C VAL A 808 -52.65 80.19 36.56
N GLN A 809 -53.82 80.85 36.55
CA GLN A 809 -54.20 81.65 37.71
C GLN A 809 -54.27 80.79 38.96
N LYS A 810 -54.88 79.61 38.84
CA LYS A 810 -54.95 78.70 39.99
C LYS A 810 -53.55 78.35 40.50
N ILE A 811 -52.66 78.01 39.58
CA ILE A 811 -51.32 77.58 39.99
C ILE A 811 -50.60 78.71 40.71
N GLN A 812 -50.71 79.94 40.19
CA GLN A 812 -50.04 81.06 40.83
C GLN A 812 -50.59 81.30 42.24
N ARG A 813 -51.89 81.16 42.41
CA ARG A 813 -52.46 81.33 43.75
C ARG A 813 -51.88 80.29 44.72
N ALA A 814 -51.78 79.03 44.29
CA ALA A 814 -51.18 78.02 45.15
C ALA A 814 -49.72 78.37 45.49
N HIS A 815 -48.98 78.86 44.49
CA HIS A 815 -47.60 79.25 44.73
C HIS A 815 -47.51 80.34 45.80
N GLN A 816 -48.36 81.37 45.70
CA GLN A 816 -48.31 82.43 46.70
C GLN A 816 -48.63 81.89 48.09
N ALA A 817 -49.59 80.96 48.18
CA ALA A 817 -49.89 80.37 49.48
C ALA A 817 -48.65 79.72 50.08
N PHE A 818 -47.94 78.92 49.29
CA PHE A 818 -46.74 78.27 49.82
C PHE A 818 -45.65 79.27 50.18
N SER A 819 -45.46 80.31 49.36
CA SER A 819 -44.45 81.31 49.70
C SER A 819 -44.75 81.92 51.06
N GLN A 820 -46.02 82.28 51.29
CA GLN A 820 -46.38 82.87 52.58
C GLN A 820 -46.12 81.89 53.71
N PHE A 821 -46.51 80.63 53.52
CA PHE A 821 -46.33 79.64 54.58
C PHE A 821 -44.87 79.51 54.98
N VAL A 822 -43.98 79.29 54.00
CA VAL A 822 -42.58 79.16 54.34
C VAL A 822 -42.03 80.48 54.85
N GLY A 823 -42.72 81.58 54.57
CA GLY A 823 -42.31 82.85 55.14
C GLY A 823 -42.68 83.02 56.59
N LYS A 824 -43.67 82.28 57.10
CA LYS A 824 -44.16 82.52 58.45
C LYS A 824 -44.30 81.31 59.36
N HIS A 825 -44.29 80.08 58.84
CA HIS A 825 -44.39 78.90 59.70
C HIS A 825 -43.28 77.89 59.52
N LEU A 826 -42.43 78.04 58.51
CA LEU A 826 -41.42 77.02 58.22
C LEU A 826 -40.56 76.72 59.43
N SER A 827 -40.25 77.73 60.24
CA SER A 827 -39.36 77.52 61.38
C SER A 827 -39.86 76.44 62.32
N VAL A 828 -41.18 76.26 62.39
CA VAL A 828 -41.80 75.31 63.31
C VAL A 828 -42.45 74.15 62.60
N ALA A 829 -42.42 74.13 61.27
CA ALA A 829 -43.10 73.07 60.52
C ALA A 829 -42.55 71.70 60.88
N PHE A 830 -43.45 70.73 61.00
CA PHE A 830 -43.13 69.33 61.19
C PHE A 830 -42.49 69.03 62.54
N ASP A 831 -42.47 69.97 63.48
CA ASP A 831 -41.98 69.67 64.81
C ASP A 831 -43.06 68.95 65.62
N THR A 832 -42.62 68.35 66.73
CA THR A 832 -43.51 67.58 67.59
C THR A 832 -44.33 68.49 68.49
N ASP A 833 -45.30 67.90 69.17
CA ASP A 833 -46.20 68.64 70.04
C ASP A 833 -45.47 69.01 71.33
N PRO A 834 -45.41 70.29 71.70
CA PRO A 834 -44.68 70.67 72.93
C PRO A 834 -45.39 70.33 74.24
N GLU A 835 -46.67 69.98 74.20
CA GLU A 835 -47.40 69.75 75.43
C GLU A 835 -46.82 68.58 76.22
N ALA A 836 -46.36 67.52 75.54
CA ALA A 836 -45.76 66.40 76.25
C ALA A 836 -44.54 66.84 77.04
N GLU A 837 -43.67 67.63 76.41
CA GLU A 837 -42.48 68.11 77.07
C GLU A 837 -42.83 69.02 78.23
N ILE A 838 -43.85 69.85 78.05
CA ILE A 838 -44.31 70.73 79.13
C ILE A 838 -44.78 69.88 80.31
N ARG A 839 -45.51 68.81 80.02
CA ARG A 839 -45.96 67.89 81.09
C ARG A 839 -44.78 67.29 81.84
N GLU A 840 -43.75 66.87 81.10
CA GLU A 840 -42.58 66.31 81.74
C GLU A 840 -41.92 67.34 82.67
N LEU A 841 -41.78 68.57 82.19
CA LEU A 841 -41.21 69.61 83.03
C LEU A 841 -42.11 69.94 84.22
N ARG A 842 -43.42 69.73 84.10
CA ARG A 842 -44.28 69.89 85.26
C ARG A 842 -44.00 68.81 86.31
N GLN A 843 -43.75 67.58 85.86
CA GLN A 843 -43.33 66.55 86.81
C GLN A 843 -42.03 66.95 87.52
N ARG A 844 -41.09 67.51 86.75
CA ARG A 844 -39.86 68.03 87.35
C ARG A 844 -40.15 69.12 88.37
N HIS A 845 -41.08 70.04 88.05
CA HIS A 845 -41.50 71.03 89.05
C HIS A 845 -41.96 70.35 90.33
N THR A 846 -42.79 69.31 90.20
CA THR A 846 -43.35 68.67 91.39
C THR A 846 -42.24 68.09 92.26
N GLU A 847 -41.34 67.32 91.65
CA GLU A 847 -40.26 66.71 92.43
C GLU A 847 -39.35 67.77 93.04
N LEU A 848 -39.19 68.89 92.17
CA LEU A 848 -38.40 70.01 92.65
C LEU A 848 -39.08 70.64 93.86
N GLU A 849 -40.39 70.85 93.82
CA GLU A 849 -41.14 71.42 94.93
C GLU A 849 -41.08 70.48 96.15
N ARG A 850 -41.11 69.15 95.93
CA ARG A 850 -40.93 68.16 97.01
C ARG A 850 -39.55 68.32 97.62
N GLU A 851 -38.51 68.40 96.78
CA GLU A 851 -37.13 68.56 97.23
C GLU A 851 -36.91 69.90 97.95
N VAL A 852 -37.50 70.99 97.44
CA VAL A 852 -37.45 72.31 98.07
C VAL A 852 -38.08 72.21 99.44
N SER A 853 -39.26 71.57 99.54
CA SER A 853 -39.94 71.37 100.80
C SER A 853 -39.04 70.60 101.76
N ARG A 854 -38.40 69.51 101.31
CA ARG A 854 -37.48 68.72 102.14
C ARG A 854 -36.32 69.57 102.65
N PHE A 855 -35.68 70.37 101.80
CA PHE A 855 -34.57 71.23 102.23
C PHE A 855 -35.07 72.36 103.14
N GLU A 856 -36.19 73.00 102.85
CA GLU A 856 -36.76 74.04 103.69
C GLU A 856 -37.09 73.46 105.07
N ASP A 857 -37.76 72.31 105.13
CA ASP A 857 -38.07 71.64 106.40
C ASP A 857 -36.78 71.28 107.15
N GLN A 858 -35.87 70.55 106.50
CA GLN A 858 -34.61 70.13 107.08
C GLN A 858 -33.81 71.33 107.60
N THR A 859 -33.68 72.39 106.81
CA THR A 859 -32.97 73.60 107.24
C THR A 859 -33.71 74.26 108.40
N GLN A 860 -35.05 74.34 108.39
CA GLN A 860 -35.81 74.91 109.49
C GLN A 860 -35.57 74.14 110.79
N GLN A 861 -35.76 72.81 110.80
CA GLN A 861 -35.52 72.01 112.00
C GLN A 861 -34.06 72.15 112.45
N GLN A 862 -33.12 71.88 111.54
CA GLN A 862 -31.70 71.97 111.82
C GLN A 862 -31.34 73.34 112.40
N ARG A 863 -31.73 74.45 111.76
CA ARG A 863 -31.39 75.78 112.30
C ARG A 863 -32.05 75.98 113.65
N GLN A 864 -33.28 75.51 113.89
CA GLN A 864 -33.92 75.66 115.20
C GLN A 864 -33.14 74.92 116.30
N GLN A 865 -32.87 73.61 116.18
CA GLN A 865 -32.12 72.89 117.21
C GLN A 865 -30.70 73.40 117.37
N TYR A 866 -30.01 73.71 116.26
CA TYR A 866 -28.65 74.21 116.32
C TYR A 866 -28.60 75.65 116.85
N ALA A 867 -29.57 76.51 116.52
CA ALA A 867 -29.64 77.87 117.06
C ALA A 867 -29.95 77.80 118.55
N GLN A 868 -30.83 76.89 119.01
CA GLN A 868 -31.10 76.73 120.44
C GLN A 868 -29.81 76.29 121.15
N ALA A 869 -29.03 75.40 120.54
CA ALA A 869 -27.74 74.97 121.10
C ALA A 869 -26.74 76.15 121.10
N LYS A 870 -26.70 76.97 120.04
CA LYS A 870 -25.84 78.17 119.96
C LYS A 870 -26.26 79.19 121.02
N GLU A 871 -27.55 79.43 121.17
CA GLU A 871 -28.06 80.35 122.19
C GLU A 871 -27.71 79.81 123.57
N SER A 872 -27.76 78.49 123.78
CA SER A 872 -27.36 77.91 125.05
C SER A 872 -25.89 78.22 125.34
N LEU A 873 -25.01 78.06 124.34
CA LEU A 873 -23.59 78.39 124.49
C LEU A 873 -23.43 79.87 124.84
N THR A 874 -24.15 80.75 124.17
CA THR A 874 -24.10 82.19 124.48
C THR A 874 -24.59 82.46 125.90
N THR A 875 -25.67 81.81 126.36
CA THR A 875 -26.14 82.02 127.74
C THR A 875 -25.07 81.54 128.73
N LEU A 876 -24.45 80.38 128.47
CA LEU A 876 -23.38 79.85 129.29
C LEU A 876 -22.20 80.84 129.36
N ASN A 877 -21.64 81.22 128.22
CA ASN A 877 -20.50 82.15 128.20
C ASN A 877 -20.84 83.63 128.43
N ARG A 878 -22.10 84.01 128.70
CA ARG A 878 -22.49 85.41 129.00
C ARG A 878 -22.84 85.54 130.48
N LEU A 879 -23.70 84.63 130.95
CA LEU A 879 -24.17 84.55 132.32
C LEU A 879 -23.19 83.83 133.26
N ILE A 880 -22.53 82.78 132.78
CA ILE A 880 -21.57 81.96 133.54
C ILE A 880 -20.22 81.62 132.86
N PRO A 881 -19.51 82.57 132.22
CA PRO A 881 -18.17 82.34 131.64
C PRO A 881 -17.19 82.26 132.83
N GLN A 882 -17.10 81.09 133.45
CA GLN A 882 -16.35 80.81 134.69
C GLN A 882 -16.71 81.73 135.87
N VAL A 883 -17.83 82.47 135.78
CA VAL A 883 -18.35 83.34 136.87
C VAL A 883 -18.71 82.47 138.09
N THR A 884 -18.93 81.18 137.86
CA THR A 884 -19.19 80.18 138.91
C THR A 884 -18.02 80.12 139.89
N LEU A 885 -16.80 80.52 139.49
CA LEU A 885 -15.62 80.56 140.37
C LEU A 885 -15.72 81.75 141.36
N LEU A 886 -16.42 82.83 140.99
CA LEU A 886 -16.66 83.98 141.88
C LEU A 886 -17.75 83.59 142.90
N LEU A 887 -18.77 82.85 142.45
CA LEU A 887 -19.84 82.31 143.28
C LEU A 887 -19.27 81.27 144.25
N ASP A 888 -18.53 80.30 143.71
CA ASP A 888 -17.85 79.18 144.38
C ASP A 888 -18.73 78.30 145.29
N GLU A 889 -20.06 78.46 145.21
CA GLU A 889 -21.08 77.78 146.03
C GLU A 889 -20.72 77.86 147.54
N THR A 890 -20.17 78.99 147.95
CA THR A 890 -19.70 79.19 149.34
C THR A 890 -20.77 79.18 150.43
N LEU A 891 -21.93 79.83 150.21
CA LEU A 891 -22.99 79.99 151.21
C LEU A 891 -22.41 80.56 152.53
N ILE A 892 -21.47 81.52 152.41
CA ILE A 892 -20.79 82.16 153.55
C ILE A 892 -21.75 82.78 154.57
N ASP A 893 -22.78 83.50 154.10
CA ASP A 893 -23.81 84.15 154.93
C ASP A 893 -23.22 85.02 156.08
N ARG A 894 -22.03 85.60 155.87
CA ARG A 894 -21.33 86.43 156.87
C ARG A 894 -21.85 87.87 156.97
N VAL A 895 -22.70 88.33 156.05
CA VAL A 895 -23.27 89.69 156.12
C VAL A 895 -23.98 89.89 157.46
N GLU A 896 -24.68 88.86 157.96
CA GLU A 896 -25.31 88.91 159.28
C GLU A 896 -24.25 89.07 160.38
N GLU A 897 -23.15 88.30 160.38
CA GLU A 897 -22.09 88.43 161.39
C GLU A 897 -21.48 89.85 161.37
N VAL A 898 -21.19 90.37 160.18
CA VAL A 898 -20.64 91.73 160.03
C VAL A 898 -21.64 92.75 160.58
N ARG A 899 -22.95 92.55 160.36
CA ARG A 899 -24.01 93.42 160.89
C ARG A 899 -24.08 93.32 162.42
N GLU A 900 -23.90 92.14 163.02
CA GLU A 900 -23.83 92.00 164.48
C GLU A 900 -22.59 92.73 165.02
N GLU A 901 -21.45 92.64 164.33
CA GLU A 901 -20.24 93.37 164.72
C GLU A 901 -20.49 94.89 164.62
N MET A 902 -21.23 95.35 163.61
CA MET A 902 -21.61 96.76 163.49
C MET A 902 -22.51 97.19 164.64
N ASP A 903 -23.51 96.38 165.00
CA ASP A 903 -24.43 96.69 166.10
C ASP A 903 -23.65 96.87 167.40
N GLU A 904 -22.76 95.91 167.72
CA GLU A 904 -21.91 95.96 168.90
C GLU A 904 -20.99 97.19 168.86
N ALA A 905 -20.38 97.47 167.70
CA ALA A 905 -19.47 98.61 167.56
C ALA A 905 -20.19 99.96 167.60
N GLN A 906 -21.38 100.09 167.00
CA GLN A 906 -22.16 101.33 167.05
C GLN A 906 -22.69 101.53 168.49
N GLU A 907 -23.09 100.47 169.20
CA GLU A 907 -23.53 100.57 170.59
C GLU A 907 -22.34 100.96 171.48
N ALA A 908 -21.15 100.41 171.23
CA ALA A 908 -19.95 100.77 171.98
C ALA A 908 -19.63 102.26 171.77
N ALA A 909 -19.74 102.75 170.52
CA ALA A 909 -19.53 104.16 170.21
C ALA A 909 -20.58 105.06 170.89
N ARG A 910 -21.86 104.63 170.89
CA ARG A 910 -22.97 105.37 171.53
C ARG A 910 -22.77 105.40 173.04
N PHE A 911 -22.35 104.29 173.66
CA PHE A 911 -22.07 104.20 175.09
C PHE A 911 -20.86 105.07 175.46
N LEU A 912 -19.83 105.11 174.60
CA LEU A 912 -18.65 105.96 174.78
C LEU A 912 -19.07 107.45 174.84
N GLN A 913 -19.97 107.88 173.94
CA GLN A 913 -20.49 109.25 173.94
C GLN A 913 -21.35 109.50 175.20
N GLN A 914 -22.15 108.52 175.63
CA GLN A 914 -23.02 108.61 176.80
C GLN A 914 -22.31 108.68 178.16
N HIS A 915 -21.24 107.89 178.39
CA HIS A 915 -20.54 107.83 179.68
C HIS A 915 -19.01 108.04 179.68
N GLY A 916 -18.42 108.51 178.57
CA GLY A 916 -16.97 108.79 178.48
C GLY A 916 -16.47 109.76 179.55
N SER A 917 -17.22 110.84 179.80
CA SER A 917 -16.88 111.84 180.83
C SER A 917 -16.91 111.22 182.24
N ALA A 918 -17.89 110.35 182.52
CA ALA A 918 -18.00 109.68 183.80
C ALA A 918 -16.85 108.68 184.03
N LEU A 919 -16.53 107.86 183.01
CA LEU A 919 -15.45 106.88 183.06
C LEU A 919 -14.07 107.56 183.20
N THR A 920 -13.80 108.63 182.44
CA THR A 920 -12.53 109.39 182.54
C THR A 920 -12.39 110.05 183.92
N LYS A 921 -13.48 110.51 184.55
CA LYS A 921 -13.42 111.11 185.89
C LYS A 921 -13.31 110.05 187.01
N LEU A 922 -13.72 108.80 186.74
CA LEU A 922 -13.64 107.67 187.67
C LEU A 922 -12.27 106.97 187.68
N GLU A 923 -11.64 106.80 186.51
CA GLU A 923 -10.35 106.10 186.41
C GLU A 923 -9.14 106.61 187.25
N PRO A 924 -9.00 107.91 187.64
CA PRO A 924 -7.87 108.34 188.46
C PRO A 924 -8.02 108.05 189.96
N MET A 925 -9.22 107.73 190.46
CA MET A 925 -9.46 107.48 191.90
C MET A 925 -10.39 106.28 192.14
N VAL A 926 -10.19 105.17 191.43
CA VAL A 926 -11.04 103.96 191.54
C VAL A 926 -10.84 103.24 192.89
N ALA A 927 -9.60 103.24 193.40
CA ALA A 927 -9.20 102.56 194.63
C ALA A 927 -10.01 102.94 195.89
N VAL A 928 -10.57 104.15 195.95
CA VAL A 928 -11.37 104.62 197.09
C VAL A 928 -12.60 103.75 197.34
N LEU A 929 -13.16 103.13 196.30
CA LEU A 929 -14.35 102.27 196.37
C LEU A 929 -14.17 101.05 197.31
N GLN A 930 -12.93 100.65 197.60
CA GLN A 930 -12.63 99.55 198.51
C GLN A 930 -12.77 99.94 200.01
N SER A 931 -12.86 101.24 200.32
CA SER A 931 -12.97 101.79 201.68
C SER A 931 -14.21 102.65 201.89
N ASP A 932 -15.16 102.19 202.71
CA ASP A 932 -16.41 102.89 203.04
C ASP A 932 -16.29 103.54 204.44
N PRO A 933 -16.66 104.83 204.64
CA PRO A 933 -16.54 105.56 205.90
C PRO A 933 -16.81 104.81 207.22
N GLN A 934 -17.94 104.10 207.39
CA GLN A 934 -18.17 103.35 208.64
C GLN A 934 -17.24 102.14 208.75
N GLN A 935 -17.04 101.42 207.64
CA GLN A 935 -16.20 100.24 207.56
C GLN A 935 -14.74 100.56 207.92
N HIS A 936 -14.27 101.81 207.75
CA HIS A 936 -12.91 102.24 208.13
C HIS A 936 -12.68 102.09 209.64
N GLU A 937 -13.71 102.32 210.47
CA GLU A 937 -13.60 102.14 211.94
C GLU A 937 -13.52 100.64 212.27
N GLN A 938 -14.41 99.84 211.67
CA GLN A 938 -14.43 98.38 211.87
C GLN A 938 -13.11 97.75 211.40
N LEU A 939 -12.53 98.30 210.33
CA LEU A 939 -11.24 97.94 209.75
C LEU A 939 -10.13 98.17 210.77
N GLN A 940 -10.11 99.33 211.45
CA GLN A 940 -9.10 99.63 212.47
C GLN A 940 -9.14 98.60 213.60
N GLN A 941 -10.33 98.18 214.06
CA GLN A 941 -10.47 97.19 215.13
C GLN A 941 -9.84 95.83 214.73
N ASP A 942 -10.08 95.38 213.49
CA ASP A 942 -9.48 94.14 213.00
C ASP A 942 -7.95 94.27 212.87
N TYR A 943 -7.47 95.46 212.50
CA TYR A 943 -6.04 95.70 212.27
C TYR A 943 -5.24 95.81 213.59
N GLU A 944 -5.78 96.44 214.64
CA GLU A 944 -5.08 96.48 215.94
C GLU A 944 -5.00 95.05 216.52
N THR A 945 -6.04 94.24 216.26
CA THR A 945 -6.10 92.82 216.68
C THR A 945 -5.02 92.02 215.93
N ALA A 946 -4.82 92.29 214.63
CA ALA A 946 -3.78 91.63 213.84
C ALA A 946 -2.38 92.02 214.36
N LYS A 947 -2.17 93.29 214.77
CA LYS A 947 -0.87 93.75 215.33
C LYS A 947 -0.56 93.02 216.64
N HIS A 948 -1.56 92.86 217.52
CA HIS A 948 -1.40 92.14 218.78
C HIS A 948 -1.09 90.65 218.53
N SER A 949 -1.78 90.06 217.54
CA SER A 949 -1.58 88.66 217.12
C SER A 949 -0.15 88.44 216.60
N GLN A 950 0.40 89.40 215.85
CA GLN A 950 1.78 89.35 215.34
C GLN A 950 2.79 89.34 216.51
N HIS A 951 2.56 90.14 217.57
CA HIS A 951 3.44 90.16 218.74
C HIS A 951 3.44 88.79 219.44
N GLN A 952 2.26 88.17 219.61
CA GLN A 952 2.15 86.84 220.22
C GLN A 952 2.98 85.81 219.43
N ALA A 953 2.86 85.82 218.09
CA ALA A 953 3.61 84.91 217.23
C ALA A 953 5.13 85.16 217.35
N LYS A 954 5.57 86.43 217.36
CA LYS A 954 6.99 86.79 217.49
C LYS A 954 7.58 86.31 218.82
N GLN A 955 6.93 86.53 219.97
CA GLN A 955 7.48 86.08 221.25
C GLN A 955 7.53 84.54 221.37
N GLN A 956 6.50 83.83 220.90
CA GLN A 956 6.47 82.37 220.94
C GLN A 956 7.53 81.78 220.00
N ALA A 957 7.61 82.26 218.75
CA ALA A 957 8.61 81.80 217.79
C ALA A 957 10.02 82.11 218.30
N PHE A 958 10.28 83.30 218.88
CA PHE A 958 11.60 83.65 219.41
C PHE A 958 12.03 82.65 220.49
N ALA A 959 11.12 82.28 221.39
CA ALA A 959 11.42 81.32 222.44
C ALA A 959 11.79 79.96 221.81
N LEU A 960 10.97 79.43 220.89
CA LEU A 960 11.28 78.16 220.22
C LEU A 960 12.62 78.24 219.43
N VAL A 961 12.92 79.38 218.77
CA VAL A 961 14.18 79.60 218.05
C VAL A 961 15.37 79.52 219.01
N GLU A 962 15.27 80.06 220.22
CA GLU A 962 16.34 79.97 221.23
C GLU A 962 16.65 78.50 221.56
N ILE A 963 15.64 77.64 221.71
CA ILE A 963 15.83 76.20 221.96
C ILE A 963 16.55 75.56 220.76
N VAL A 964 16.25 75.97 219.52
CA VAL A 964 16.96 75.45 218.33
C VAL A 964 18.44 75.83 218.41
N GLN A 965 18.80 77.05 218.88
CA GLN A 965 20.21 77.42 219.05
C GLN A 965 20.85 76.55 220.15
N ARG A 966 20.08 76.27 221.22
CA ARG A 966 20.49 75.42 222.36
C ARG A 966 20.47 73.91 222.06
N ARG A 967 20.17 73.47 220.82
CA ARG A 967 20.12 72.04 220.45
C ARG A 967 21.37 71.27 220.87
N VAL A 968 22.55 71.82 220.61
CA VAL A 968 23.82 71.19 221.01
C VAL A 968 23.98 71.15 222.53
N HIS A 969 23.47 72.15 223.26
CA HIS A 969 23.53 72.20 224.73
C HIS A 969 22.74 71.07 225.39
N PHE A 970 21.62 70.61 224.81
CA PHE A 970 20.88 69.47 225.39
C PHE A 970 21.72 68.18 225.34
N SER A 971 22.62 68.04 224.35
CA SER A 971 23.53 66.89 224.26
C SER A 971 24.52 66.87 225.44
N TYR A 972 24.74 68.01 226.10
CA TYR A 972 25.60 68.17 227.26
C TYR A 972 25.04 67.48 228.52
N SER A 973 23.88 66.80 228.46
CA SER A 973 23.34 66.04 229.59
C SER A 973 24.38 65.01 230.08
N ASP A 974 25.12 64.40 229.15
CA ASP A 974 26.21 63.46 229.45
C ASP A 974 27.33 64.24 230.17
N SER A 975 27.68 65.44 229.68
CA SER A 975 28.68 66.33 230.31
C SER A 975 28.27 66.73 231.74
N ALA A 976 26.97 66.99 231.99
CA ALA A 976 26.45 67.31 233.31
C ALA A 976 26.55 66.07 234.23
N GLY A 977 26.21 64.88 233.73
CA GLY A 977 26.35 63.61 234.47
C GLY A 977 27.82 63.30 234.77
N MET A 978 28.70 63.57 233.81
CA MET A 978 30.15 63.40 233.91
C MET A 978 30.66 64.36 235.00
N LEU A 979 30.23 65.63 234.98
CA LEU A 979 30.64 66.60 236.01
C LEU A 979 30.28 66.11 237.43
N SER A 980 29.14 65.44 237.60
CA SER A 980 28.74 64.90 238.91
C SER A 980 29.61 63.73 239.41
N GLU A 981 30.52 63.17 238.61
CA GLU A 981 31.42 62.08 239.04
C GLU A 981 32.33 62.50 240.22
N ASN A 982 32.87 63.73 240.18
CA ASN A 982 33.76 64.31 241.21
C ASN A 982 35.01 63.46 241.56
N ALA A 983 35.46 62.63 240.61
CA ALA A 983 36.61 61.73 240.71
C ALA A 983 37.14 61.40 239.31
N ASP A 984 38.00 60.39 239.15
CA ASP A 984 38.51 59.97 237.83
C ASP A 984 37.37 59.58 236.87
N LEU A 985 37.31 60.22 235.70
CA LEU A 985 36.27 60.01 234.68
C LEU A 985 36.80 59.98 233.23
N ASN A 986 38.11 59.73 233.03
CA ASN A 986 38.70 59.70 231.68
C ASN A 986 38.07 58.60 230.80
N ASP A 987 37.56 57.51 231.39
CA ASP A 987 36.86 56.45 230.66
C ASP A 987 35.53 56.96 230.06
N LYS A 988 34.73 57.72 230.82
CA LYS A 988 33.47 58.31 230.32
C LYS A 988 33.78 59.30 229.20
N LEU A 989 34.84 60.10 229.35
CA LEU A 989 35.28 61.06 228.34
C LEU A 989 35.66 60.34 227.03
N ARG A 990 36.42 59.25 227.12
CA ARG A 990 36.82 58.45 225.95
C ARG A 990 35.62 57.73 225.33
N GLN A 991 34.66 57.24 226.11
CA GLN A 991 33.45 56.59 225.60
C GLN A 991 32.58 57.60 224.81
N ARG A 992 32.39 58.82 225.37
CA ARG A 992 31.63 59.89 224.72
C ARG A 992 32.30 60.24 223.39
N LEU A 993 33.64 60.34 223.39
CA LEU A 993 34.44 60.62 222.19
C LEU A 993 34.33 59.48 221.16
N GLU A 994 34.41 58.22 221.55
CA GLU A 994 34.31 57.09 220.60
C GLU A 994 32.93 57.08 219.91
N HIS A 995 31.87 57.39 220.65
CA HIS A 995 30.55 57.49 220.06
C HIS A 995 30.56 58.65 219.05
N ALA A 996 31.13 59.79 219.42
CA ALA A 996 31.23 60.94 218.53
C ALA A 996 32.08 60.61 217.27
N GLU A 997 33.15 59.83 217.41
CA GLU A 997 34.00 59.37 216.30
C GLU A 997 33.21 58.47 215.33
N SER A 998 32.36 57.58 215.87
CA SER A 998 31.53 56.70 215.05
C SER A 998 30.51 57.52 214.25
N ASP A 999 29.86 58.50 214.90
CA ASP A 999 28.90 59.41 214.27
C ASP A 999 29.57 60.26 213.18
N ARG A 1000 30.77 60.81 213.47
CA ARG A 1000 31.58 61.62 212.54
C ARG A 1000 32.00 60.82 211.31
N SER A 1001 32.41 59.57 211.50
CA SER A 1001 32.84 58.70 210.39
C SER A 1001 31.67 58.39 209.46
N ARG A 1002 30.50 58.08 210.03
CA ARG A 1002 29.26 57.83 209.26
C ARG A 1002 28.86 59.11 208.50
N ALA A 1003 28.95 60.27 209.14
CA ALA A 1003 28.64 61.55 208.51
C ALA A 1003 29.61 61.85 207.34
N ARG A 1004 30.92 61.56 207.48
CA ARG A 1004 31.91 61.75 206.41
C ARG A 1004 31.62 60.86 205.20
N GLU A 1005 31.30 59.60 205.43
CA GLU A 1005 30.95 58.67 204.34
C GLU A 1005 29.68 59.15 203.61
N GLN A 1006 28.66 59.56 204.39
CA GLN A 1006 27.39 60.09 203.88
C GLN A 1006 27.63 61.34 203.03
N LEU A 1007 28.52 62.23 203.49
CA LEU A 1007 28.91 63.46 202.78
C LEU A 1007 29.64 63.14 201.48
N ARG A 1008 30.60 62.21 201.48
CA ARG A 1008 31.37 61.81 200.28
C ARG A 1008 30.46 61.29 199.16
N GLN A 1009 29.57 60.35 199.48
CA GLN A 1009 28.67 59.78 198.47
C GLN A 1009 27.66 60.84 197.98
N GLN A 1010 27.17 61.74 198.85
CA GLN A 1010 26.26 62.81 198.42
C GLN A 1010 27.00 63.81 197.51
N GLN A 1011 28.26 64.15 197.83
CA GLN A 1011 29.09 65.07 197.02
C GLN A 1011 29.33 64.46 195.63
N ALA A 1012 29.61 63.15 195.55
CA ALA A 1012 29.78 62.47 194.28
C ALA A 1012 28.48 62.52 193.47
N GLN A 1013 27.33 62.21 194.10
CA GLN A 1013 26.02 62.24 193.45
C GLN A 1013 25.68 63.66 192.96
N TYR A 1014 25.94 64.68 193.78
CA TYR A 1014 25.72 66.08 193.42
C TYR A 1014 26.59 66.47 192.22
N SER A 1015 27.87 66.06 192.20
CA SER A 1015 28.76 66.36 191.07
C SER A 1015 28.22 65.71 189.79
N GLN A 1016 27.76 64.45 189.86
CA GLN A 1016 27.19 63.73 188.72
C GLN A 1016 25.96 64.49 188.20
N PHE A 1017 25.05 64.91 189.09
CA PHE A 1017 23.87 65.68 188.71
C PHE A 1017 24.27 67.02 188.07
N ASN A 1018 25.34 67.66 188.57
CA ASN A 1018 25.83 68.92 188.03
C ASN A 1018 26.38 68.69 186.61
N GLN A 1019 27.17 67.63 186.36
CA GLN A 1019 27.66 67.34 184.99
C GLN A 1019 26.51 67.03 184.02
N VAL A 1020 25.49 66.24 184.41
CA VAL A 1020 24.37 65.99 183.48
C VAL A 1020 23.59 67.29 183.21
N LEU A 1021 23.40 68.16 184.21
CA LEU A 1021 22.73 69.44 184.00
C LEU A 1021 23.52 70.29 182.99
N ALA A 1022 24.85 70.37 183.15
CA ALA A 1022 25.70 71.10 182.21
C ALA A 1022 25.64 70.48 180.80
N SER A 1023 25.51 69.14 180.72
CA SER A 1023 25.39 68.47 179.43
C SER A 1023 24.09 68.92 178.75
N LEU A 1024 22.98 69.05 179.50
CA LEU A 1024 21.72 69.55 178.94
C LEU A 1024 21.86 71.01 178.51
N LYS A 1025 22.52 71.86 179.31
CA LYS A 1025 22.73 73.27 178.96
C LYS A 1025 23.45 73.40 177.63
N SER A 1026 24.58 72.69 177.49
CA SER A 1026 25.36 72.69 176.25
C SER A 1026 24.55 72.12 175.08
N SER A 1027 23.71 71.09 175.30
CA SER A 1027 22.86 70.54 174.25
C SER A 1027 21.83 71.57 173.81
N TYR A 1028 21.26 72.34 174.73
CA TYR A 1028 20.32 73.40 174.41
C TYR A 1028 21.04 74.50 173.61
N GLU A 1029 22.25 74.90 174.02
CA GLU A 1029 23.04 75.90 173.29
C GLU A 1029 23.33 75.47 171.85
N THR A 1030 23.79 74.24 171.61
CA THR A 1030 24.05 73.77 170.24
C THR A 1030 22.75 73.66 169.43
N LYS A 1031 21.65 73.16 170.02
CA LYS A 1031 20.35 73.09 169.33
C LYS A 1031 19.84 74.50 169.00
N GLN A 1032 20.02 75.46 169.91
CA GLN A 1032 19.62 76.85 169.69
C GLN A 1032 20.46 77.47 168.57
N ASP A 1033 21.79 77.30 168.59
CA ASP A 1033 22.66 77.81 167.54
C ASP A 1033 22.30 77.19 166.18
N MET A 1034 21.99 75.88 166.13
CA MET A 1034 21.56 75.23 164.88
C MET A 1034 20.22 75.81 164.41
N LEU A 1035 19.27 76.09 165.31
CA LEU A 1035 17.99 76.71 164.95
C LEU A 1035 18.27 78.10 164.34
N LYS A 1036 19.14 78.90 164.96
CA LYS A 1036 19.54 80.23 164.44
C LYS A 1036 20.21 80.11 163.08
N GLU A 1037 21.10 79.14 162.89
CA GLU A 1037 21.80 78.91 161.63
C GLU A 1037 20.81 78.45 160.53
N LEU A 1038 19.85 77.59 160.86
CA LEU A 1038 18.81 77.12 159.93
C LEU A 1038 17.87 78.28 159.54
N LEU A 1039 17.52 79.16 160.50
CA LEU A 1039 16.71 80.35 160.20
C LEU A 1039 17.53 81.32 159.32
N GLN A 1040 18.83 81.46 159.56
CA GLN A 1040 19.70 82.29 158.71
C GLN A 1040 19.72 81.70 157.29
N GLU A 1041 19.73 80.37 157.14
CA GLU A 1041 19.66 79.70 155.84
C GLU A 1041 18.36 80.09 155.11
N MET A 1042 17.24 80.22 155.84
CA MET A 1042 15.95 80.69 155.28
C MET A 1042 16.08 82.14 154.79
N LYS A 1043 16.77 83.01 155.54
CA LYS A 1043 17.02 84.40 155.13
C LYS A 1043 17.93 84.45 153.89
N ASP A 1044 18.90 83.54 153.78
CA ASP A 1044 19.83 83.46 152.65
C ASP A 1044 19.09 83.04 151.35
N ILE A 1045 18.30 81.96 151.38
CA ILE A 1045 17.52 81.52 150.19
C ILE A 1045 16.49 82.59 149.76
N GLY A 1046 16.00 83.40 150.69
CA GLY A 1046 15.08 84.50 150.45
C GLY A 1046 13.71 84.13 149.87
N VAL A 1047 13.12 83.00 150.28
CA VAL A 1047 11.80 82.55 149.83
C VAL A 1047 10.85 82.34 151.02
N GLN A 1048 9.66 82.94 150.98
CA GLN A 1048 8.65 82.82 152.04
C GLN A 1048 8.15 81.36 152.20
N ALA A 1049 7.87 80.70 151.07
CA ALA A 1049 7.41 79.32 150.96
C ALA A 1049 6.26 78.93 151.94
N ASP A 1050 5.20 79.73 152.01
CA ASP A 1050 4.00 79.40 152.81
C ASP A 1050 3.28 78.21 152.17
N ALA A 1051 2.58 77.37 152.93
CA ALA A 1051 1.85 76.21 152.39
C ALA A 1051 0.86 76.63 151.27
N ASN A 1052 0.12 77.72 151.52
CA ASN A 1052 -0.81 78.29 150.53
C ASN A 1052 -0.04 78.77 149.28
N ALA A 1053 1.08 79.47 149.48
CA ALA A 1053 1.92 79.97 148.39
C ALA A 1053 2.52 78.83 147.55
N GLU A 1054 2.92 77.71 148.18
CA GLU A 1054 3.48 76.54 147.50
C GLU A 1054 2.47 75.93 146.52
N MET A 1055 1.24 75.61 146.98
CA MET A 1055 0.22 75.04 146.09
C MET A 1055 -0.10 76.01 144.94
N ARG A 1056 -0.28 77.31 145.24
CA ARG A 1056 -0.54 78.34 144.22
C ARG A 1056 0.60 78.41 143.20
N ALA A 1057 1.85 78.42 143.65
CA ALA A 1057 3.00 78.48 142.75
C ALA A 1057 3.04 77.27 141.83
N ARG A 1058 2.93 76.04 142.36
CA ARG A 1058 2.94 74.85 141.50
C ARG A 1058 1.77 74.83 140.52
N GLU A 1059 0.57 75.24 140.93
CA GLU A 1059 -0.58 75.28 140.01
C GLU A 1059 -0.31 76.23 138.84
N ARG A 1060 0.13 77.47 139.12
CA ARG A 1060 0.45 78.43 138.05
C ARG A 1060 1.60 77.96 137.16
N ARG A 1061 2.71 77.48 137.73
CA ARG A 1061 3.82 77.04 136.88
C ARG A 1061 3.50 75.75 136.13
N ASP A 1062 2.73 74.81 136.69
CA ASP A 1062 2.32 73.61 135.98
C ASP A 1062 1.35 73.92 134.83
N ARG A 1063 0.35 74.81 135.04
CA ARG A 1063 -0.56 75.16 133.92
C ARG A 1063 0.23 75.91 132.84
N LEU A 1064 1.24 76.69 133.24
CA LEU A 1064 2.13 77.39 132.31
C LEU A 1064 2.97 76.38 131.51
N HIS A 1065 3.56 75.36 132.15
CA HIS A 1065 4.34 74.31 131.44
C HIS A 1065 3.51 73.63 130.36
N GLU A 1066 2.27 73.22 130.67
CA GLU A 1066 1.43 72.60 129.63
C GLU A 1066 1.06 73.63 128.54
N ALA A 1067 0.74 74.89 128.90
CA ALA A 1067 0.42 75.92 127.92
C ALA A 1067 1.61 76.18 126.98
N LEU A 1068 2.85 76.25 127.49
CA LEU A 1068 4.07 76.41 126.68
C LEU A 1068 4.18 75.27 125.68
N SER A 1069 4.02 74.02 126.14
CA SER A 1069 4.12 72.84 125.28
C SER A 1069 3.07 72.91 124.16
N VAL A 1070 1.84 73.33 124.48
CA VAL A 1070 0.77 73.48 123.49
C VAL A 1070 1.10 74.61 122.52
N ASN A 1071 1.51 75.79 122.99
CA ASN A 1071 1.88 76.91 122.11
C ASN A 1071 3.02 76.53 121.17
N ARG A 1072 4.08 75.89 121.69
CA ARG A 1072 5.22 75.43 120.90
C ARG A 1072 4.77 74.35 119.89
N SER A 1073 3.87 73.44 120.28
CA SER A 1073 3.35 72.41 119.36
C SER A 1073 2.60 73.06 118.19
N ARG A 1074 1.77 74.10 118.45
CA ARG A 1074 1.05 74.85 117.42
C ARG A 1074 2.05 75.51 116.47
N VAL A 1075 3.08 76.15 117.03
CA VAL A 1075 4.15 76.81 116.26
C VAL A 1075 4.83 75.79 115.36
N ASN A 1076 5.26 74.64 115.89
CA ASN A 1076 5.90 73.60 115.10
C ASN A 1076 4.97 73.09 113.98
N GLN A 1077 3.69 72.82 114.29
CA GLN A 1077 2.71 72.35 113.33
C GLN A 1077 2.54 73.36 112.18
N LEU A 1078 2.33 74.63 112.50
CA LEU A 1078 2.19 75.70 111.51
C LEU A 1078 3.48 75.85 110.68
N GLU A 1079 4.67 75.77 111.30
CA GLU A 1079 5.93 75.85 110.55
C GLU A 1079 6.07 74.68 109.57
N LYS A 1080 5.69 73.45 109.97
CA LYS A 1080 5.74 72.29 109.07
C LYS A 1080 4.80 72.50 107.89
N GLN A 1081 3.57 72.98 108.14
CA GLN A 1081 2.61 73.27 107.05
C GLN A 1081 3.18 74.33 106.11
N ILE A 1082 3.75 75.41 106.65
CA ILE A 1082 4.35 76.49 105.86
C ILE A 1082 5.56 75.98 105.08
N ALA A 1083 6.43 75.16 105.67
CA ALA A 1083 7.58 74.58 104.95
C ALA A 1083 7.10 73.70 103.77
N PHE A 1084 6.01 72.95 103.96
CA PHE A 1084 5.41 72.12 102.91
C PHE A 1084 4.85 73.02 101.80
N CYS A 1085 4.15 74.10 102.17
CA CYS A 1085 3.60 75.06 101.21
C CYS A 1085 4.72 75.67 100.34
N GLU A 1086 5.87 76.01 100.95
CA GLU A 1086 7.02 76.58 100.22
C GLU A 1086 7.57 75.56 99.22
N ALA A 1087 7.81 74.33 99.67
CA ALA A 1087 8.33 73.24 98.86
C ALA A 1087 7.41 72.87 97.68
N GLU A 1088 6.10 72.79 97.94
CA GLU A 1088 5.11 72.48 96.91
C GLU A 1088 5.01 73.62 95.88
N MET A 1089 4.97 74.86 96.37
CA MET A 1089 4.83 76.05 95.53
C MET A 1089 6.08 76.30 94.66
N GLU A 1090 7.29 76.02 95.16
CA GLU A 1090 8.51 76.16 94.36
C GLU A 1090 8.50 75.19 93.16
N ASN A 1091 7.92 73.99 93.33
CA ASN A 1091 7.77 73.08 92.20
C ASN A 1091 6.77 73.66 91.21
N VAL A 1092 5.71 74.34 91.68
CA VAL A 1092 4.77 75.02 90.77
C VAL A 1092 5.52 76.16 90.06
N GLN A 1093 6.46 76.85 90.70
CA GLN A 1093 7.28 77.89 90.04
C GLN A 1093 8.12 77.21 88.93
N LYS A 1094 8.70 76.12 89.36
CA LYS A 1094 9.46 75.43 88.32
C LYS A 1094 8.53 74.89 87.22
N LYS A 1095 7.31 74.48 87.60
CA LYS A 1095 6.29 74.22 86.57
C LYS A 1095 6.05 75.44 85.71
N LEU A 1096 5.99 76.62 86.32
CA LEU A 1096 5.79 77.85 85.54
C LEU A 1096 6.91 78.02 84.52
N ARG A 1097 8.15 77.77 84.92
CA ARG A 1097 9.25 77.85 83.97
C ARG A 1097 9.08 76.88 82.80
N LYS A 1098 8.72 75.64 83.10
CA LYS A 1098 8.52 74.66 82.02
C LYS A 1098 7.40 75.11 81.08
N LEU A 1099 6.30 75.59 81.66
CA LEU A 1099 5.19 76.08 80.85
C LEU A 1099 5.61 77.29 80.02
N GLU A 1100 6.48 78.13 80.58
CA GLU A 1100 6.94 79.31 79.86
C GLU A 1100 7.72 78.91 78.62
N ARG A 1101 8.62 77.94 78.74
CA ARG A 1101 9.32 77.51 77.53
C ARG A 1101 8.39 76.84 76.52
N ASP A 1102 7.37 76.12 77.00
CA ASP A 1102 6.37 75.59 76.07
C ASP A 1102 5.68 76.72 75.30
N TYR A 1103 5.27 77.76 76.02
CA TYR A 1103 4.65 78.93 75.40
C TYR A 1103 5.58 79.55 74.36
N TYR A 1104 6.87 79.62 74.69
CA TYR A 1104 7.87 80.17 73.78
C TYR A 1104 7.90 79.39 72.45
N GLN A 1105 7.90 78.07 72.55
CA GLN A 1105 7.84 77.22 71.36
C GLN A 1105 6.59 77.52 70.53
N ILE A 1106 5.43 77.53 71.19
CA ILE A 1106 4.18 77.79 70.48
C ILE A 1106 4.25 79.13 69.75
N ARG A 1107 4.84 80.12 70.40
CA ARG A 1107 4.90 81.47 69.85
C ARG A 1107 5.72 81.50 68.56
N GLU A 1108 6.88 80.83 68.56
CA GLU A 1108 7.64 80.74 67.32
C GLU A 1108 6.81 80.08 66.23
N GLN A 1109 6.10 78.99 66.57
CA GLN A 1109 5.26 78.36 65.57
C GLN A 1109 4.32 79.36 64.92
N VAL A 1110 3.65 80.17 65.75
CA VAL A 1110 2.62 81.08 65.22
C VAL A 1110 3.24 82.09 64.26
N VAL A 1111 4.32 82.75 64.70
CA VAL A 1111 4.86 83.83 63.87
C VAL A 1111 5.39 83.27 62.55
N SER A 1112 6.08 82.14 62.61
CA SER A 1112 6.61 81.55 61.39
C SER A 1112 5.49 81.16 60.43
N ALA A 1113 4.37 80.67 60.96
CA ALA A 1113 3.25 80.33 60.10
C ALA A 1113 2.70 81.56 59.38
N LYS A 1114 2.51 82.66 60.11
CA LYS A 1114 1.96 83.84 59.46
C LYS A 1114 2.86 84.33 58.34
N ALA A 1115 4.18 84.19 58.51
CA ALA A 1115 5.07 84.67 57.46
C ALA A 1115 4.72 84.04 56.11
N GLY A 1116 4.32 82.76 56.11
CA GLY A 1116 3.93 82.10 54.86
C GLY A 1116 2.51 82.42 54.44
N TRP A 1117 1.59 82.53 55.41
CA TRP A 1117 0.24 82.95 55.05
C TRP A 1117 0.29 84.23 54.22
N CYS A 1118 1.18 85.15 54.60
CA CYS A 1118 1.30 86.40 53.86
C CYS A 1118 1.51 86.15 52.38
N ALA A 1119 2.50 85.33 52.05
CA ALA A 1119 2.83 85.11 50.65
C ALA A 1119 1.68 84.45 49.92
N VAL A 1120 1.08 83.42 50.51
CA VAL A 1120 0.01 82.72 49.79
C VAL A 1120 -1.15 83.67 49.51
N MET A 1121 -1.58 84.44 50.51
CA MET A 1121 -2.67 85.37 50.23
C MET A 1121 -2.26 86.53 49.33
N ARG A 1122 -0.96 86.76 49.13
CA ARG A 1122 -0.57 87.71 48.10
C ARG A 1122 -0.80 87.14 46.70
N MET A 1123 -0.40 85.89 46.49
CA MET A 1123 -0.50 85.30 45.16
C MET A 1123 -1.94 84.94 44.82
N VAL A 1124 -2.73 84.53 45.83
CA VAL A 1124 -4.08 84.04 45.58
C VAL A 1124 -5.02 85.12 45.05
N LYS A 1125 -4.63 86.38 45.14
CA LYS A 1125 -5.51 87.47 44.71
C LYS A 1125 -5.72 87.52 43.21
N ASP A 1126 -5.29 86.49 42.47
CA ASP A 1126 -5.67 86.37 41.08
C ASP A 1126 -7.03 85.69 40.96
N ASN A 1127 -8.00 86.20 41.73
CA ASN A 1127 -9.43 85.91 41.67
C ASN A 1127 -9.80 84.52 42.19
N GLY A 1128 -8.81 83.72 42.55
CA GLY A 1128 -9.12 82.41 43.11
C GLY A 1128 -9.76 82.51 44.49
N VAL A 1129 -9.20 83.35 45.36
CA VAL A 1129 -9.67 83.43 46.73
C VAL A 1129 -11.10 83.95 46.78
N GLU A 1130 -11.49 84.76 45.80
CA GLU A 1130 -12.79 85.41 45.86
C GLU A 1130 -13.87 84.44 46.30
N ARG A 1131 -14.12 83.39 45.51
CA ARG A 1131 -15.00 82.32 45.97
C ARG A 1131 -14.52 80.92 45.61
N ARG A 1132 -13.54 80.78 44.73
CA ARG A 1132 -13.23 79.44 44.23
C ARG A 1132 -12.45 78.62 45.25
N LEU A 1133 -11.37 79.16 45.79
CA LEU A 1133 -10.60 78.40 46.79
C LEU A 1133 -11.20 78.52 48.18
N HIS A 1134 -11.78 79.68 48.52
CA HIS A 1134 -12.31 79.94 49.86
C HIS A 1134 -13.69 79.32 50.01
N ARG A 1135 -13.72 77.99 50.10
CA ARG A 1135 -14.94 77.22 50.26
C ARG A 1135 -15.36 77.24 51.74
N ARG A 1136 -15.84 78.41 52.17
CA ARG A 1136 -16.08 78.65 53.59
C ARG A 1136 -17.05 77.66 54.22
N GLU A 1137 -17.76 76.84 53.43
CA GLU A 1137 -18.57 75.80 54.06
C GLU A 1137 -17.71 74.89 54.93
N LEU A 1138 -16.46 74.67 54.53
CA LEU A 1138 -15.60 73.67 55.14
C LEU A 1138 -15.08 74.08 56.52
N ALA A 1139 -15.28 75.32 56.94
CA ALA A 1139 -14.70 75.78 58.19
C ALA A 1139 -15.26 75.03 59.40
N TYR A 1140 -16.41 74.39 59.27
CA TYR A 1140 -17.09 73.72 60.38
C TYR A 1140 -16.97 72.21 60.30
N MET A 1141 -15.79 71.73 59.93
CA MET A 1141 -15.49 70.31 59.79
C MET A 1141 -14.16 70.01 60.48
N GLU A 1142 -14.01 68.76 60.90
CA GLU A 1142 -12.75 68.30 61.50
C GLU A 1142 -11.76 67.90 60.41
N GLY A 1143 -10.48 67.88 60.79
CA GLY A 1143 -9.42 67.67 59.81
C GLY A 1143 -9.47 66.33 59.13
N GLY A 1144 -10.00 65.31 59.80
CA GLY A 1144 -10.03 63.98 59.20
C GLY A 1144 -10.85 63.95 57.93
N ALA A 1145 -12.03 64.56 57.94
CA ALA A 1145 -12.86 64.62 56.74
C ALA A 1145 -12.16 65.41 55.64
N LEU A 1146 -11.53 66.52 56.01
CA LEU A 1146 -10.81 67.32 55.02
C LEU A 1146 -9.72 66.50 54.35
N ARG A 1147 -8.95 65.75 55.13
CA ARG A 1147 -7.92 64.90 54.55
C ARG A 1147 -8.52 63.82 53.67
N SER A 1148 -9.64 63.22 54.10
CA SER A 1148 -10.27 62.20 53.27
C SER A 1148 -10.63 62.77 51.90
N MET A 1149 -11.25 63.95 51.88
CA MET A 1149 -11.61 64.57 50.61
C MET A 1149 -10.36 64.88 49.78
N SER A 1150 -9.33 65.41 50.43
CA SER A 1150 -8.11 65.75 49.70
C SER A 1150 -7.49 64.51 49.06
N ASP A 1151 -7.44 63.41 49.81
CA ASP A 1151 -6.83 62.19 49.30
C ASP A 1151 -7.63 61.63 48.11
N LYS A 1152 -8.95 61.57 48.24
CA LYS A 1152 -9.75 61.03 47.16
C LYS A 1152 -9.67 61.93 45.92
N ALA A 1153 -9.64 63.25 46.12
CA ALA A 1153 -9.45 64.16 45.00
C ALA A 1153 -8.11 63.93 44.31
N LEU A 1154 -7.05 63.72 45.10
CA LEU A 1154 -5.74 63.43 44.51
C LEU A 1154 -5.78 62.14 43.71
N GLY A 1155 -6.47 61.14 44.25
CA GLY A 1155 -6.62 59.88 43.52
C GLY A 1155 -7.25 60.09 42.16
N ALA A 1156 -8.30 60.92 42.10
CA ALA A 1156 -8.90 61.23 40.81
C ALA A 1156 -7.92 62.01 39.92
N LEU A 1157 -7.22 63.00 40.49
CA LEU A 1157 -6.35 63.83 39.70
C LEU A 1157 -5.26 63.02 39.01
N ARG A 1158 -4.65 62.08 39.73
CA ARG A 1158 -3.57 61.30 39.14
C ARG A 1158 -4.01 60.71 37.80
N LEU A 1159 -5.23 60.20 37.75
CA LEU A 1159 -5.73 59.65 36.50
C LEU A 1159 -6.06 60.75 35.49
N ALA A 1160 -6.71 61.82 35.95
CA ALA A 1160 -7.09 62.87 35.01
C ALA A 1160 -5.88 63.49 34.32
N VAL A 1161 -4.81 63.72 35.08
CA VAL A 1161 -3.64 64.44 34.58
C VAL A 1161 -2.57 63.50 34.04
N ALA A 1162 -2.91 62.23 33.82
CA ALA A 1162 -1.87 61.25 33.52
C ALA A 1162 -1.03 61.64 32.31
N ASP A 1163 -1.67 62.14 31.25
CA ASP A 1163 -0.97 62.34 29.98
C ASP A 1163 -0.09 63.59 30.01
N ASN A 1164 -0.61 64.70 30.54
CA ASN A 1164 0.14 65.94 30.52
C ASN A 1164 1.41 65.81 31.36
N GLU A 1165 2.41 66.63 31.03
CA GLU A 1165 3.67 66.64 31.76
C GLU A 1165 3.85 67.87 32.64
N HIS A 1166 3.50 69.05 32.16
CA HIS A 1166 3.65 70.26 32.97
C HIS A 1166 2.81 70.14 34.23
N LEU A 1167 1.52 69.84 34.07
CA LEU A 1167 0.63 69.68 35.20
C LEU A 1167 1.09 68.53 36.09
N ARG A 1168 1.58 67.46 35.49
CA ARG A 1168 2.04 66.32 36.27
C ARG A 1168 3.23 66.71 37.16
N ASP A 1169 4.17 67.48 36.60
CA ASP A 1169 5.29 67.96 37.40
C ASP A 1169 4.80 68.84 38.54
N ALA A 1170 3.88 69.77 38.26
CA ALA A 1170 3.40 70.66 39.30
C ALA A 1170 2.70 69.88 40.41
N LEU A 1171 1.83 68.94 40.03
CA LEU A 1171 1.15 68.13 41.04
C LEU A 1171 2.15 67.36 41.88
N ARG A 1172 3.16 66.77 41.23
CA ARG A 1172 4.20 66.08 41.97
C ARG A 1172 4.82 67.00 43.01
N LEU A 1173 5.19 68.21 42.59
CA LEU A 1173 5.82 69.14 43.51
C LEU A 1173 4.89 69.55 44.63
N SER A 1174 3.58 69.45 44.44
CA SER A 1174 2.64 70.02 45.39
C SER A 1174 2.51 69.24 46.69
N GLU A 1175 2.91 67.96 46.74
CA GLU A 1175 2.46 67.11 47.83
C GLU A 1175 3.30 67.17 49.09
N ASP A 1176 4.31 68.04 49.17
CA ASP A 1176 5.01 68.23 50.44
C ASP A 1176 4.21 69.19 51.33
N PRO A 1177 3.79 68.77 52.53
CA PRO A 1177 2.94 69.65 53.34
C PRO A 1177 3.64 70.92 53.80
N LYS A 1178 4.96 70.96 53.74
CA LYS A 1178 5.74 72.07 54.29
C LYS A 1178 5.90 73.24 53.32
N ARG A 1179 5.31 73.16 52.12
CA ARG A 1179 5.38 74.22 51.11
C ARG A 1179 4.01 74.45 50.49
N PRO A 1180 3.10 75.09 51.24
CA PRO A 1180 1.70 75.24 50.76
C PRO A 1180 1.53 75.96 49.43
N GLU A 1181 2.31 77.01 49.17
CA GLU A 1181 2.07 77.83 47.98
C GLU A 1181 2.15 77.01 46.69
N ARG A 1182 2.84 75.86 46.75
CA ARG A 1182 2.95 74.99 45.60
C ARG A 1182 1.58 74.53 45.10
N LYS A 1183 0.64 74.28 46.00
CA LYS A 1183 -0.68 73.83 45.57
C LYS A 1183 -1.42 74.91 44.79
N VAL A 1184 -1.38 76.15 45.27
CA VAL A 1184 -2.03 77.23 44.54
C VAL A 1184 -1.35 77.44 43.20
N GLN A 1185 -0.03 77.25 43.15
CA GLN A 1185 0.67 77.35 41.88
C GLN A 1185 0.20 76.27 40.90
N PHE A 1186 -0.05 75.07 41.42
CA PHE A 1186 -0.65 74.02 40.60
C PHE A 1186 -2.02 74.43 40.08
N PHE A 1187 -2.82 75.03 40.94
CA PHE A 1187 -4.14 75.51 40.53
C PHE A 1187 -4.03 76.54 39.40
N ILE A 1188 -3.09 77.49 39.54
CA ILE A 1188 -2.88 78.49 38.50
C ILE A 1188 -2.49 77.83 37.19
N ALA A 1189 -1.60 76.83 37.26
CA ALA A 1189 -1.21 76.12 36.06
C ALA A 1189 -2.43 75.50 35.38
N VAL A 1190 -3.30 74.87 36.15
CA VAL A 1190 -4.48 74.24 35.58
C VAL A 1190 -5.34 75.28 34.88
N TYR A 1191 -5.61 76.40 35.55
CA TYR A 1191 -6.47 77.41 34.94
C TYR A 1191 -5.87 77.94 33.64
N GLN A 1192 -4.57 78.24 33.63
CA GLN A 1192 -3.95 78.75 32.40
C GLN A 1192 -4.05 77.72 31.28
N HIS A 1193 -3.77 76.46 31.61
CA HIS A 1193 -3.83 75.39 30.62
C HIS A 1193 -5.22 75.29 30.02
N LEU A 1194 -6.26 75.38 30.85
CA LEU A 1194 -7.62 75.37 30.32
C LEU A 1194 -7.87 76.59 29.44
N ARG A 1195 -7.46 77.78 29.89
CA ARG A 1195 -7.74 78.98 29.10
C ARG A 1195 -7.19 78.89 27.70
N GLU A 1196 -6.04 78.23 27.51
CA GLU A 1196 -5.56 78.10 26.14
C GLU A 1196 -6.51 77.27 25.27
N ARG A 1197 -7.21 76.30 25.85
CA ARG A 1197 -8.02 75.34 25.10
C ARG A 1197 -9.47 75.77 24.89
N ILE A 1198 -9.85 77.00 25.26
CA ILE A 1198 -11.25 77.40 25.24
C ILE A 1198 -11.87 77.39 23.85
N ARG A 1199 -11.08 77.65 22.81
CA ARG A 1199 -11.61 77.76 21.44
C ARG A 1199 -12.62 78.91 21.35
N GLN A 1200 -12.10 80.13 21.47
CA GLN A 1200 -12.95 81.31 21.54
C GLN A 1200 -13.68 81.65 20.23
N ASP A 1201 -13.48 80.85 19.18
CA ASP A 1201 -14.30 81.04 17.98
C ASP A 1201 -15.79 81.03 18.31
N ILE A 1202 -16.18 80.19 19.26
CA ILE A 1202 -17.59 80.02 19.61
C ILE A 1202 -17.88 80.49 21.03
N ILE A 1203 -16.85 80.77 21.83
CA ILE A 1203 -16.98 81.11 23.24
C ILE A 1203 -16.16 82.36 23.49
N ARG A 1204 -16.52 83.12 24.52
CA ARG A 1204 -15.82 84.36 24.79
C ARG A 1204 -15.32 84.48 26.22
N THR A 1205 -15.96 83.81 27.16
CA THR A 1205 -15.53 83.88 28.55
C THR A 1205 -14.09 83.38 28.69
N ASP A 1206 -13.29 84.12 29.45
CA ASP A 1206 -11.94 83.67 29.76
C ASP A 1206 -11.94 82.66 30.90
N ASP A 1207 -12.81 82.86 31.89
CA ASP A 1207 -12.89 81.94 33.02
C ASP A 1207 -13.55 80.63 32.59
N PRO A 1208 -12.86 79.49 32.69
CA PRO A 1208 -13.49 78.22 32.28
C PRO A 1208 -14.77 77.88 33.03
N VAL A 1209 -14.77 78.15 34.34
CA VAL A 1209 -15.93 77.80 35.15
C VAL A 1209 -17.18 78.44 34.58
N ASP A 1210 -17.06 79.68 34.12
CA ASP A 1210 -18.17 80.33 33.45
C ASP A 1210 -18.42 79.75 32.07
N ALA A 1211 -17.38 79.19 31.44
CA ALA A 1211 -17.54 78.62 30.10
C ALA A 1211 -18.40 77.37 30.12
N ILE A 1212 -18.48 76.69 31.27
CA ILE A 1212 -19.33 75.50 31.35
C ILE A 1212 -20.76 75.82 30.92
N GLU A 1213 -21.32 76.93 31.41
CA GLU A 1213 -22.69 77.27 31.07
C GLU A 1213 -22.86 77.45 29.57
N GLN A 1214 -21.87 78.04 28.91
CA GLN A 1214 -22.00 78.23 27.47
C GLN A 1214 -21.94 76.91 26.73
N MET A 1215 -21.10 75.98 27.19
CA MET A 1215 -21.15 74.65 26.56
C MET A 1215 -22.51 74.00 26.76
N GLU A 1216 -23.10 74.16 27.94
CA GLU A 1216 -24.43 73.58 28.18
C GLU A 1216 -25.46 74.18 27.23
N ILE A 1217 -25.41 75.50 27.05
CA ILE A 1217 -26.35 76.17 26.15
C ILE A 1217 -26.16 75.65 24.73
N GLU A 1218 -24.91 75.51 24.30
CA GLU A 1218 -24.66 74.98 22.97
C GLU A 1218 -25.24 73.59 22.80
N LEU A 1219 -25.08 72.72 23.79
CA LEU A 1219 -25.68 71.40 23.68
C LEU A 1219 -27.19 71.48 23.53
N ALA A 1220 -27.84 72.30 24.36
CA ALA A 1220 -29.31 72.38 24.25
C ALA A 1220 -29.72 72.89 22.87
N ARG A 1221 -29.09 73.96 22.39
CA ARG A 1221 -29.46 74.54 21.12
C ARG A 1221 -29.22 73.57 19.97
N LEU A 1222 -28.06 72.91 19.97
CA LEU A 1222 -27.76 71.98 18.88
C LEU A 1222 -28.74 70.81 18.89
N THR A 1223 -29.07 70.28 20.07
CA THR A 1223 -30.06 69.21 20.10
C THR A 1223 -31.40 69.69 19.60
N GLU A 1224 -31.74 70.97 19.81
CA GLU A 1224 -33.01 71.46 19.27
C GLU A 1224 -32.96 71.60 17.75
N GLU A 1225 -31.83 72.06 17.20
CA GLU A 1225 -31.73 72.21 15.75
C GLU A 1225 -31.80 70.88 15.04
N LEU A 1226 -31.43 69.79 15.72
CA LEU A 1226 -31.35 68.47 15.11
C LEU A 1226 -32.71 67.89 14.73
N THR A 1227 -33.81 68.56 15.08
CA THR A 1227 -35.15 67.97 15.04
C THR A 1227 -35.58 67.30 13.73
N ALA A 1228 -35.82 68.04 12.66
CA ALA A 1228 -36.43 67.44 11.45
C ALA A 1228 -36.77 68.52 10.43
N ARG A 1229 -36.80 68.13 9.15
CA ARG A 1229 -37.34 68.99 8.09
C ARG A 1229 -38.31 68.28 7.14
N GLU A 1230 -37.93 67.09 6.69
CA GLU A 1230 -38.75 66.12 5.96
C GLU A 1230 -39.45 66.66 4.70
N GLN A 1231 -38.96 67.73 4.08
CA GLN A 1231 -39.49 68.13 2.77
C GLN A 1231 -38.76 67.46 1.61
N LYS A 1232 -38.83 66.13 1.56
CA LYS A 1232 -37.99 65.30 0.70
C LYS A 1232 -38.76 64.89 -0.56
N LEU A 1233 -38.35 65.41 -1.72
CA LEU A 1233 -38.94 65.02 -3.01
C LEU A 1233 -38.03 65.50 -4.14
N ALA A 1234 -37.55 64.57 -4.97
CA ALA A 1234 -36.62 64.93 -6.03
C ALA A 1234 -36.67 63.92 -7.17
N ILE A 1235 -35.97 64.27 -8.25
CA ILE A 1235 -35.80 63.44 -9.45
C ILE A 1235 -35.01 62.18 -9.14
N SER A 1236 -35.04 61.21 -10.06
CA SER A 1236 -34.36 59.94 -9.85
C SER A 1236 -34.05 59.27 -11.18
N SER A 1237 -33.08 58.37 -11.14
CA SER A 1237 -32.74 57.44 -12.21
C SER A 1237 -32.89 57.99 -13.62
N LYS A 1238 -33.89 57.51 -14.37
CA LYS A 1238 -33.92 57.73 -15.82
C LYS A 1238 -33.76 59.19 -16.17
N SER A 1239 -34.46 60.08 -15.45
CA SER A 1239 -34.44 61.49 -15.81
C SER A 1239 -33.03 62.06 -15.72
N VAL A 1240 -32.27 61.66 -14.70
CA VAL A 1240 -30.88 62.10 -14.61
C VAL A 1240 -30.10 61.63 -15.83
N ALA A 1241 -30.29 60.37 -16.20
CA ALA A 1241 -29.61 59.85 -17.38
C ALA A 1241 -29.97 60.66 -18.62
N ASN A 1242 -31.25 61.05 -18.74
CA ASN A 1242 -31.66 61.79 -19.93
C ASN A 1242 -31.03 63.18 -19.98
N ILE A 1243 -30.97 63.88 -18.85
CA ILE A 1243 -30.34 65.20 -18.87
C ILE A 1243 -28.85 65.07 -19.19
N ILE A 1244 -28.19 64.06 -18.63
CA ILE A 1244 -26.78 63.85 -18.97
C ILE A 1244 -26.63 63.56 -20.45
N ARG A 1245 -27.47 62.67 -20.99
CA ARG A 1245 -27.38 62.33 -22.41
C ARG A 1245 -27.60 63.55 -23.29
N LYS A 1246 -28.61 64.38 -22.98
CA LYS A 1246 -28.85 65.55 -23.80
C LYS A 1246 -27.69 66.53 -23.72
N THR A 1247 -27.12 66.73 -22.53
CA THR A 1247 -25.96 67.61 -22.42
C THR A 1247 -24.81 67.09 -23.27
N ILE A 1248 -24.55 65.79 -23.20
CA ILE A 1248 -23.49 65.19 -24.00
C ILE A 1248 -23.77 65.39 -25.48
N GLN A 1249 -25.02 65.17 -25.89
CA GLN A 1249 -25.38 65.28 -27.30
C GLN A 1249 -25.18 66.70 -27.80
N ARG A 1250 -25.60 67.69 -27.00
CA ARG A 1250 -25.44 69.08 -27.40
C ARG A 1250 -23.96 69.44 -27.52
N GLU A 1251 -23.14 68.99 -26.59
CA GLU A 1251 -21.72 69.28 -26.69
C GLU A 1251 -21.12 68.64 -27.94
N GLN A 1252 -21.48 67.38 -28.21
CA GLN A 1252 -20.98 66.72 -29.41
C GLN A 1252 -21.37 67.50 -30.66
N ASN A 1253 -22.62 67.95 -30.72
CA ASN A 1253 -23.07 68.67 -31.91
C ASN A 1253 -22.36 70.00 -32.07
N ARG A 1254 -22.21 70.76 -30.99
CA ARG A 1254 -21.50 72.03 -31.12
C ARG A 1254 -20.07 71.79 -31.58
N ILE A 1255 -19.39 70.80 -31.00
CA ILE A 1255 -18.04 70.50 -31.45
C ILE A 1255 -18.04 70.16 -32.93
N ARG A 1256 -19.02 69.37 -33.36
CA ARG A 1256 -19.10 69.00 -34.77
C ARG A 1256 -19.26 70.23 -35.65
N MET A 1257 -19.97 71.25 -35.17
CA MET A 1257 -20.10 72.48 -35.96
C MET A 1257 -18.78 73.23 -36.02
N LEU A 1258 -18.12 73.42 -34.87
CA LEU A 1258 -16.79 74.04 -34.89
C LEU A 1258 -15.86 73.27 -35.81
N ASN A 1259 -15.99 71.94 -35.81
CA ASN A 1259 -15.08 71.09 -36.55
C ASN A 1259 -15.10 71.39 -38.04
N GLN A 1260 -16.26 71.78 -38.57
CA GLN A 1260 -16.40 71.95 -40.02
C GLN A 1260 -15.64 73.17 -40.53
N GLY A 1261 -15.50 74.21 -39.70
CA GLY A 1261 -14.80 75.40 -40.15
C GLY A 1261 -13.33 75.16 -40.45
N LEU A 1262 -12.77 74.08 -39.92
CA LEU A 1262 -11.35 73.78 -40.09
C LEU A 1262 -11.06 72.76 -41.19
N GLN A 1263 -12.08 72.31 -41.94
CA GLN A 1263 -11.82 71.42 -43.03
C GLN A 1263 -11.00 72.13 -44.12
N ALA A 1264 -10.13 71.36 -44.77
CA ALA A 1264 -9.36 71.85 -45.91
C ALA A 1264 -8.56 73.08 -45.54
N VAL A 1265 -7.69 72.92 -44.55
CA VAL A 1265 -6.67 73.91 -44.21
C VAL A 1265 -5.32 73.29 -44.56
N SER A 1266 -4.56 73.97 -45.40
CA SER A 1266 -3.31 73.44 -45.94
C SER A 1266 -2.15 74.01 -45.15
N PHE A 1267 -1.40 73.13 -44.48
CA PHE A 1267 -0.20 73.50 -43.74
C PHE A 1267 0.84 72.44 -44.07
N GLY A 1268 1.72 72.73 -45.01
CA GLY A 1268 2.64 71.70 -45.45
C GLY A 1268 1.85 70.49 -45.94
N GLN A 1269 2.11 69.33 -45.34
CA GLN A 1269 1.40 68.11 -45.71
C GLN A 1269 0.15 67.88 -44.89
N VAL A 1270 -0.15 68.72 -43.90
CA VAL A 1270 -1.40 68.61 -43.16
C VAL A 1270 -2.51 69.23 -43.99
N ARG A 1271 -3.65 68.54 -44.04
CA ARG A 1271 -4.77 68.96 -44.87
C ARG A 1271 -6.08 69.10 -44.09
N GLY A 1272 -6.09 68.79 -42.79
CA GLY A 1272 -7.28 69.00 -41.99
C GLY A 1272 -6.99 68.75 -40.53
N VAL A 1273 -7.86 69.30 -39.68
CA VAL A 1273 -7.74 69.20 -38.23
C VAL A 1273 -9.10 68.90 -37.65
N ARG A 1274 -9.13 68.13 -36.56
CA ARG A 1274 -10.39 67.77 -35.91
C ARG A 1274 -10.21 67.71 -34.40
N LEU A 1275 -11.32 67.86 -33.69
CA LEU A 1275 -11.42 67.57 -32.27
C LEU A 1275 -12.26 66.31 -32.12
N ASN A 1276 -11.59 65.20 -31.80
CA ASN A 1276 -12.27 63.91 -31.70
C ASN A 1276 -12.83 63.75 -30.30
N VAL A 1277 -14.14 63.53 -30.21
CA VAL A 1277 -14.86 63.43 -28.94
C VAL A 1277 -15.42 62.02 -28.81
N ASN A 1278 -15.19 61.39 -27.66
CA ASN A 1278 -15.64 60.04 -27.42
C ASN A 1278 -16.08 59.90 -25.98
N VAL A 1279 -16.84 58.84 -25.71
CA VAL A 1279 -17.39 58.56 -24.39
C VAL A 1279 -16.65 57.38 -23.79
N ARG A 1280 -16.17 57.55 -22.56
CA ARG A 1280 -15.47 56.48 -21.88
C ARG A 1280 -16.41 55.32 -21.58
N GLU A 1281 -15.89 54.10 -21.73
CA GLU A 1281 -16.72 52.90 -21.54
C GLU A 1281 -17.21 52.81 -20.09
N SER A 1282 -16.29 52.95 -19.13
CA SER A 1282 -16.66 52.73 -17.74
C SER A 1282 -17.81 53.62 -17.33
N HIS A 1283 -17.97 54.76 -18.01
CA HIS A 1283 -19.11 55.63 -17.76
C HIS A 1283 -20.28 55.34 -18.68
N ALA A 1284 -20.03 54.86 -19.89
CA ALA A 1284 -21.14 54.49 -20.77
C ALA A 1284 -21.98 53.39 -20.15
N ILE A 1285 -21.34 52.34 -19.63
CA ILE A 1285 -22.10 51.26 -19.01
C ILE A 1285 -22.83 51.77 -17.79
N LEU A 1286 -22.20 52.64 -17.01
CA LEU A 1286 -22.88 53.18 -15.83
C LEU A 1286 -24.13 53.95 -16.23
N LEU A 1287 -24.03 54.76 -17.29
CA LEU A 1287 -25.17 55.53 -17.74
C LEU A 1287 -26.28 54.61 -18.21
N ASP A 1288 -25.94 53.56 -18.95
CA ASP A 1288 -26.96 52.61 -19.39
C ASP A 1288 -27.62 51.89 -18.20
N VAL A 1289 -26.82 51.46 -17.23
CA VAL A 1289 -27.37 50.78 -16.06
C VAL A 1289 -28.33 51.70 -15.33
N LEU A 1290 -27.90 52.94 -15.10
CA LEU A 1290 -28.77 53.91 -14.44
C LEU A 1290 -30.02 54.16 -15.24
N SER A 1291 -29.95 54.01 -16.57
CA SER A 1291 -31.14 54.20 -17.39
C SER A 1291 -32.12 53.03 -17.27
N GLU A 1292 -31.64 51.78 -17.27
CA GLU A 1292 -32.54 50.66 -17.52
C GLU A 1292 -32.55 49.55 -16.47
N GLN A 1293 -31.56 49.46 -15.59
CA GLN A 1293 -31.52 48.38 -14.59
C GLN A 1293 -31.74 48.91 -13.18
N GLN A 1294 -32.43 50.04 -13.05
CA GLN A 1294 -32.60 50.68 -11.75
C GLN A 1294 -33.29 49.79 -10.72
N GLU A 1295 -34.17 48.89 -11.16
CA GLU A 1295 -34.83 48.02 -10.19
C GLU A 1295 -33.87 47.04 -9.54
N GLN A 1296 -32.70 46.83 -10.13
CA GLN A 1296 -31.70 45.93 -9.58
C GLN A 1296 -30.85 46.59 -8.49
N HIS A 1297 -30.90 47.92 -8.38
CA HIS A 1297 -30.04 48.66 -7.46
C HIS A 1297 -30.82 49.65 -6.60
N GLN A 1298 -32.15 49.62 -6.66
CA GLN A 1298 -32.93 50.65 -5.95
C GLN A 1298 -32.62 50.66 -4.47
N ASP A 1299 -32.22 49.51 -3.91
CA ASP A 1299 -31.83 49.48 -2.50
C ASP A 1299 -30.75 50.51 -2.21
N LEU A 1300 -29.80 50.67 -3.14
CA LEU A 1300 -28.68 51.58 -2.93
C LEU A 1300 -29.06 53.03 -3.13
N PHE A 1301 -30.20 53.30 -3.77
CA PHE A 1301 -30.60 54.68 -4.08
C PHE A 1301 -31.58 55.25 -3.06
N ASN A 1302 -32.54 54.46 -2.58
CA ASN A 1302 -33.54 54.95 -1.64
C ASN A 1302 -33.14 54.75 -0.18
N SER A 1303 -31.98 54.15 0.08
CA SER A 1303 -31.49 54.05 1.45
C SER A 1303 -31.16 55.44 1.97
N GLN A 1304 -31.96 55.93 2.93
CA GLN A 1304 -31.83 57.30 3.41
C GLN A 1304 -30.61 57.50 4.32
N ARG A 1305 -29.91 56.44 4.70
CA ARG A 1305 -28.70 56.59 5.50
C ARG A 1305 -27.56 57.21 4.69
N LEU A 1306 -27.66 57.26 3.37
CA LEU A 1306 -26.64 57.87 2.53
C LEU A 1306 -27.30 58.73 1.47
N THR A 1307 -26.59 59.77 1.05
CA THR A 1307 -27.12 60.75 0.11
C THR A 1307 -26.96 60.28 -1.34
N PHE A 1308 -27.50 61.09 -2.25
CA PHE A 1308 -27.54 60.69 -3.66
C PHE A 1308 -26.15 60.56 -4.25
N SER A 1309 -25.30 61.57 -4.08
CA SER A 1309 -23.96 61.51 -4.66
C SER A 1309 -23.21 60.31 -4.11
N GLU A 1310 -23.37 60.01 -2.83
CA GLU A 1310 -22.78 58.81 -2.26
C GLU A 1310 -23.34 57.56 -2.94
N ALA A 1311 -24.63 57.55 -3.25
CA ALA A 1311 -25.22 56.43 -3.96
C ALA A 1311 -24.58 56.26 -5.33
N MET A 1312 -24.36 57.37 -6.04
CA MET A 1312 -23.70 57.29 -7.34
C MET A 1312 -22.31 56.71 -7.21
N ALA A 1313 -21.55 57.16 -6.21
CA ALA A 1313 -20.20 56.65 -6.02
C ALA A 1313 -20.22 55.15 -5.72
N LYS A 1314 -21.15 54.71 -4.86
CA LYS A 1314 -21.22 53.30 -4.51
C LYS A 1314 -21.63 52.45 -5.70
N LEU A 1315 -22.58 52.92 -6.50
CA LEU A 1315 -22.93 52.19 -7.71
C LEU A 1315 -21.74 52.10 -8.64
N TYR A 1316 -21.00 53.20 -8.81
CA TYR A 1316 -19.84 53.16 -9.69
C TYR A 1316 -18.80 52.17 -9.21
N GLN A 1317 -18.62 52.04 -7.89
CA GLN A 1317 -17.68 51.04 -7.42
C GLN A 1317 -18.23 49.64 -7.59
N ARG A 1318 -19.56 49.48 -7.53
CA ARG A 1318 -20.13 48.15 -7.73
C ARG A 1318 -19.85 47.65 -9.14
N LEU A 1319 -20.02 48.52 -10.14
CA LEU A 1319 -19.49 48.23 -11.45
C LEU A 1319 -17.97 48.43 -11.44
N ASN A 1320 -17.29 47.79 -12.40
CA ASN A 1320 -15.84 47.87 -12.56
C ASN A 1320 -15.17 47.74 -11.19
N PRO A 1321 -15.36 46.61 -10.50
CA PRO A 1321 -14.88 46.52 -9.12
C PRO A 1321 -13.38 46.71 -8.96
N GLN A 1322 -12.59 46.52 -10.01
CA GLN A 1322 -11.14 46.64 -9.88
C GLN A 1322 -10.71 48.07 -9.58
N VAL A 1323 -11.59 49.06 -9.80
CA VAL A 1323 -11.23 50.44 -9.49
C VAL A 1323 -10.93 50.57 -8.01
N ASP A 1324 -9.86 51.29 -7.70
CA ASP A 1324 -9.51 51.64 -6.33
C ASP A 1324 -9.83 53.10 -6.07
N MET A 1325 -10.03 53.43 -4.79
CA MET A 1325 -10.36 54.77 -4.34
C MET A 1325 -9.28 55.25 -3.39
N GLY A 1326 -8.74 56.44 -3.65
CA GLY A 1326 -7.59 56.95 -2.92
C GLY A 1326 -7.92 57.55 -1.58
N GLN A 1327 -8.64 56.81 -0.73
CA GLN A 1327 -8.96 57.28 0.61
C GLN A 1327 -9.64 58.65 0.58
N ARG A 1328 -10.34 58.94 -0.51
CA ARG A 1328 -11.07 60.19 -0.64
C ARG A 1328 -12.55 59.95 -0.35
N LEU A 1329 -13.22 60.99 0.12
CA LEU A 1329 -14.59 60.83 0.55
C LEU A 1329 -15.44 60.38 -0.64
N PRO A 1330 -16.39 59.46 -0.42
CA PRO A 1330 -17.29 59.10 -1.53
C PRO A 1330 -18.09 60.28 -2.05
N GLN A 1331 -18.30 61.30 -1.21
CA GLN A 1331 -19.02 62.50 -1.63
C GLN A 1331 -18.34 63.15 -2.83
N THR A 1332 -17.01 63.29 -2.77
CA THR A 1332 -16.29 63.91 -3.87
C THR A 1332 -16.37 63.08 -5.14
N ILE A 1333 -16.25 61.77 -5.02
CA ILE A 1333 -16.36 60.90 -6.20
C ILE A 1333 -17.75 61.03 -6.80
N GLY A 1334 -18.76 61.13 -5.96
CA GLY A 1334 -20.11 61.34 -6.43
C GLY A 1334 -20.23 62.62 -7.24
N GLU A 1335 -19.77 63.74 -6.66
CA GLU A 1335 -19.84 64.99 -7.41
C GLU A 1335 -19.04 64.92 -8.70
N GLU A 1336 -17.95 64.14 -8.73
CA GLU A 1336 -17.24 63.93 -9.98
C GLU A 1336 -18.14 63.22 -11.00
N LEU A 1337 -18.86 62.19 -10.56
CA LEU A 1337 -19.79 61.54 -11.47
C LEU A 1337 -20.91 62.47 -11.91
N LEU A 1338 -21.26 63.46 -11.09
CA LEU A 1338 -22.31 64.39 -11.48
C LEU A 1338 -21.87 65.36 -12.58
N ASP A 1339 -20.56 65.56 -12.77
CA ASP A 1339 -20.06 66.53 -13.73
C ASP A 1339 -19.95 65.83 -15.08
N TYR A 1340 -20.70 66.32 -16.07
CA TYR A 1340 -20.79 65.65 -17.36
C TYR A 1340 -19.45 65.59 -18.07
N ARG A 1341 -18.60 66.60 -17.91
CA ARG A 1341 -17.35 66.63 -18.66
C ARG A 1341 -16.51 65.39 -18.42
N ASN A 1342 -16.60 64.82 -17.22
CA ASN A 1342 -15.78 63.66 -16.89
C ASN A 1342 -16.11 62.45 -17.76
N TYR A 1343 -17.25 62.46 -18.44
CA TYR A 1343 -17.63 61.33 -19.29
C TYR A 1343 -16.98 61.38 -20.67
N LEU A 1344 -16.31 62.47 -21.04
CA LEU A 1344 -15.84 62.68 -22.40
C LEU A 1344 -14.34 62.54 -22.50
N GLU A 1345 -13.89 61.98 -23.63
CA GLU A 1345 -12.48 61.82 -23.95
C GLU A 1345 -12.18 62.65 -25.20
N LEU A 1346 -11.11 63.44 -25.14
CA LEU A 1346 -10.82 64.43 -26.16
C LEU A 1346 -9.43 64.25 -26.75
N ASP A 1347 -9.35 64.37 -28.08
CA ASP A 1347 -8.09 64.25 -28.81
C ASP A 1347 -8.06 65.28 -29.93
N VAL A 1348 -6.86 65.51 -30.45
CA VAL A 1348 -6.64 66.33 -31.64
C VAL A 1348 -6.05 65.44 -32.72
N GLU A 1349 -6.60 65.53 -33.93
CA GLU A 1349 -6.17 64.69 -35.04
C GLU A 1349 -5.91 65.54 -36.26
N VAL A 1350 -5.00 65.06 -37.11
CA VAL A 1350 -4.63 65.76 -38.35
C VAL A 1350 -4.62 64.76 -39.50
N ASN A 1351 -5.02 65.23 -40.67
CA ASN A 1351 -5.08 64.41 -41.89
C ASN A 1351 -3.82 64.67 -42.70
N ARG A 1352 -2.77 63.93 -42.40
CA ARG A 1352 -1.44 64.19 -42.96
C ARG A 1352 -1.24 63.40 -44.24
N GLY A 1353 -0.92 64.10 -45.32
CA GLY A 1353 -0.40 63.47 -46.52
C GLY A 1353 -1.26 62.32 -46.99
N SER A 1354 -0.58 61.25 -47.43
CA SER A 1354 -1.29 60.08 -47.91
C SER A 1354 -1.99 59.31 -46.80
N ASP A 1355 -1.60 59.56 -45.55
CA ASP A 1355 -2.13 58.79 -44.43
C ASP A 1355 -3.52 59.31 -44.03
N GLY A 1356 -4.17 58.54 -43.15
CA GLY A 1356 -5.48 58.90 -42.63
C GLY A 1356 -5.38 59.90 -41.50
N TRP A 1357 -6.32 59.80 -40.57
CA TRP A 1357 -6.35 60.71 -39.42
C TRP A 1357 -5.41 60.18 -38.34
N LEU A 1358 -4.46 61.02 -37.92
CA LEU A 1358 -3.44 60.68 -36.96
C LEU A 1358 -3.52 61.62 -35.78
N LYS A 1359 -3.18 61.12 -34.59
CA LYS A 1359 -3.13 62.01 -33.44
C LYS A 1359 -1.96 62.99 -33.61
N ALA A 1360 -2.21 64.25 -33.27
CA ALA A 1360 -1.23 65.31 -33.48
C ALA A 1360 -0.16 65.24 -32.40
N GLU A 1361 1.04 64.78 -32.77
CA GLU A 1361 2.20 64.80 -31.90
C GLU A 1361 3.22 65.79 -32.46
N SER A 1362 3.75 66.64 -31.58
CA SER A 1362 4.69 67.66 -32.02
C SER A 1362 5.91 67.04 -32.69
N GLY A 1363 6.45 65.98 -32.09
CA GLY A 1363 7.65 65.37 -32.63
C GLY A 1363 7.47 64.72 -33.98
N ALA A 1364 6.23 64.54 -34.43
CA ALA A 1364 5.93 63.90 -35.70
C ALA A 1364 5.48 64.88 -36.76
N LEU A 1365 5.90 66.15 -36.65
CA LEU A 1365 5.49 67.18 -37.59
C LEU A 1365 6.68 68.11 -37.85
N SER A 1366 6.66 68.76 -39.00
CA SER A 1366 7.64 69.80 -39.26
C SER A 1366 7.31 71.04 -38.44
N THR A 1367 8.14 72.08 -38.59
CA THR A 1367 7.95 73.29 -37.81
C THR A 1367 6.68 74.03 -38.21
N GLY A 1368 6.52 74.27 -39.52
CA GLY A 1368 5.37 75.03 -39.98
C GLY A 1368 4.06 74.32 -39.69
N GLU A 1369 4.03 73.00 -39.87
CA GLU A 1369 2.82 72.25 -39.57
C GLU A 1369 2.45 72.42 -38.10
N ALA A 1370 3.45 72.40 -37.21
CA ALA A 1370 3.17 72.59 -35.79
C ALA A 1370 2.57 73.97 -35.52
N ILE A 1371 3.14 75.01 -36.13
CA ILE A 1371 2.61 76.36 -35.91
C ILE A 1371 1.17 76.44 -36.39
N GLY A 1372 0.90 75.91 -37.59
CA GLY A 1372 -0.45 75.98 -38.13
C GLY A 1372 -1.45 75.24 -37.28
N THR A 1373 -1.08 74.05 -36.79
CA THR A 1373 -1.98 73.30 -35.94
C THR A 1373 -2.27 74.06 -34.64
N GLY A 1374 -1.23 74.71 -34.08
CA GLY A 1374 -1.46 75.51 -32.89
C GLY A 1374 -2.47 76.60 -33.11
N MET A 1375 -2.33 77.34 -34.21
CA MET A 1375 -3.31 78.38 -34.52
C MET A 1375 -4.72 77.79 -34.62
N SER A 1376 -4.84 76.62 -35.26
CA SER A 1376 -6.16 76.00 -35.39
C SER A 1376 -6.78 75.76 -34.02
N ILE A 1377 -6.04 75.12 -33.12
CA ILE A 1377 -6.62 74.82 -31.81
C ILE A 1377 -6.96 76.10 -31.07
N LEU A 1378 -6.15 77.14 -31.24
CA LEU A 1378 -6.44 78.39 -30.53
C LEU A 1378 -7.76 79.00 -30.99
N VAL A 1379 -8.01 79.00 -32.30
CA VAL A 1379 -9.31 79.54 -32.73
C VAL A 1379 -10.45 78.66 -32.23
N MET A 1380 -10.24 77.34 -32.14
CA MET A 1380 -11.26 76.51 -31.49
C MET A 1380 -11.59 77.04 -30.10
N VAL A 1381 -10.56 77.29 -29.30
CA VAL A 1381 -10.79 77.74 -27.93
C VAL A 1381 -11.56 79.05 -27.93
N VAL A 1382 -11.15 79.99 -28.78
CA VAL A 1382 -11.79 81.30 -28.77
C VAL A 1382 -13.27 81.19 -29.12
N GLN A 1383 -13.59 80.41 -30.15
CA GLN A 1383 -14.99 80.26 -30.52
C GLN A 1383 -15.79 79.64 -29.38
N SER A 1384 -15.23 78.61 -28.73
CA SER A 1384 -15.96 77.99 -27.63
C SER A 1384 -16.22 78.99 -26.52
N TRP A 1385 -15.22 79.79 -26.16
CA TRP A 1385 -15.40 80.75 -25.08
C TRP A 1385 -16.44 81.80 -25.44
N GLU A 1386 -16.45 82.27 -26.68
CA GLU A 1386 -17.49 83.23 -27.04
C GLU A 1386 -18.87 82.61 -26.96
N GLU A 1387 -19.04 81.37 -27.40
CA GLU A 1387 -20.35 80.75 -27.26
C GLU A 1387 -20.74 80.62 -25.79
N GLU A 1388 -19.77 80.35 -24.93
CA GLU A 1388 -20.07 80.15 -23.51
C GLU A 1388 -20.62 81.43 -22.88
N SER A 1389 -19.96 82.57 -23.14
CA SER A 1389 -20.24 83.77 -22.37
C SER A 1389 -21.45 84.55 -22.88
N ARG A 1390 -21.89 84.31 -24.11
CA ARG A 1390 -22.90 85.18 -24.72
C ARG A 1390 -24.19 85.21 -23.91
N ARG A 1391 -24.45 84.19 -23.11
CA ARG A 1391 -25.63 84.22 -22.24
C ARG A 1391 -25.47 85.18 -21.07
N LEU A 1392 -24.29 85.76 -20.87
CA LEU A 1392 -24.07 86.78 -19.85
C LEU A 1392 -23.75 88.15 -20.43
N ARG A 1393 -23.96 88.35 -21.72
CA ARG A 1393 -23.60 89.60 -22.38
C ARG A 1393 -24.82 90.24 -23.04
N GLY A 1394 -24.69 91.52 -23.33
CA GLY A 1394 -25.78 92.24 -23.97
C GLY A 1394 -26.09 91.68 -25.34
N LYS A 1395 -27.35 91.80 -25.74
CA LYS A 1395 -27.79 91.25 -27.03
C LYS A 1395 -27.11 91.88 -28.22
N ASP A 1396 -26.54 93.08 -28.08
CA ASP A 1396 -25.94 93.77 -29.22
C ASP A 1396 -24.46 94.03 -29.00
N ILE A 1397 -23.76 93.08 -28.38
CA ILE A 1397 -22.34 93.19 -28.11
C ILE A 1397 -21.64 91.99 -28.73
N SER A 1398 -20.55 92.24 -29.44
CA SER A 1398 -19.74 91.19 -30.06
C SER A 1398 -18.27 91.44 -29.71
N PRO A 1399 -17.68 90.62 -28.84
CA PRO A 1399 -16.32 90.91 -28.36
C PRO A 1399 -15.29 90.94 -29.48
N CYS A 1400 -14.19 91.65 -29.21
CA CYS A 1400 -13.06 91.70 -30.12
C CYS A 1400 -12.24 90.42 -30.06
N ARG A 1401 -11.58 90.07 -31.16
CA ARG A 1401 -10.75 88.87 -31.23
C ARG A 1401 -9.43 89.22 -31.90
N LEU A 1402 -8.32 88.90 -31.23
CA LEU A 1402 -6.99 89.25 -31.74
C LEU A 1402 -5.96 88.24 -31.24
N LEU A 1403 -5.01 87.87 -32.11
CA LEU A 1403 -3.95 86.93 -31.78
C LEU A 1403 -2.64 87.37 -32.43
N PHE A 1404 -1.54 86.82 -31.92
CA PHE A 1404 -0.19 87.19 -32.30
C PHE A 1404 0.50 86.07 -33.07
N LEU A 1405 1.67 86.41 -33.63
CA LEU A 1405 2.61 85.42 -34.15
C LEU A 1405 3.98 86.06 -34.23
N ASP A 1406 4.91 85.57 -33.41
CA ASP A 1406 6.28 86.05 -33.41
C ASP A 1406 7.17 85.17 -34.29
N GLU A 1407 8.17 85.79 -34.90
CA GLU A 1407 9.05 85.10 -35.85
C GLU A 1407 8.22 84.41 -36.92
N ALA A 1408 7.34 85.19 -37.57
CA ALA A 1408 6.46 84.64 -38.58
C ALA A 1408 7.20 84.18 -39.82
N ALA A 1409 8.48 84.52 -39.97
CA ALA A 1409 9.21 84.09 -41.17
C ALA A 1409 9.24 82.57 -41.29
N ARG A 1410 8.95 81.85 -40.22
CA ARG A 1410 8.99 80.40 -40.23
C ARG A 1410 7.92 79.77 -41.11
N LEU A 1411 6.93 80.54 -41.57
CA LEU A 1411 5.86 80.02 -42.42
C LEU A 1411 6.08 80.43 -43.87
N ASP A 1412 5.76 79.51 -44.78
CA ASP A 1412 5.88 79.73 -46.21
C ASP A 1412 4.63 80.42 -46.73
N ALA A 1413 4.72 80.98 -47.94
CA ALA A 1413 3.64 81.79 -48.49
C ALA A 1413 2.31 81.05 -48.47
N LYS A 1414 2.30 79.78 -48.87
CA LYS A 1414 1.04 79.02 -48.90
C LYS A 1414 0.41 78.96 -47.52
N SER A 1415 1.23 78.70 -46.50
CA SER A 1415 0.70 78.64 -45.13
C SER A 1415 0.15 79.98 -44.70
N ILE A 1416 0.83 81.07 -45.06
CA ILE A 1416 0.36 82.40 -44.67
C ILE A 1416 -0.96 82.71 -45.36
N ALA A 1417 -1.10 82.31 -46.63
CA ALA A 1417 -2.38 82.49 -47.30
C ALA A 1417 -3.48 81.73 -46.58
N THR A 1418 -3.20 80.50 -46.15
CA THR A 1418 -4.19 79.74 -45.41
C THR A 1418 -4.57 80.45 -44.12
N LEU A 1419 -3.57 80.97 -43.40
CA LEU A 1419 -3.82 81.62 -42.12
C LEU A 1419 -4.63 82.90 -42.31
N PHE A 1420 -4.31 83.68 -43.33
CA PHE A 1420 -5.09 84.88 -43.63
C PHE A 1420 -6.53 84.52 -43.95
N GLU A 1421 -6.73 83.48 -44.76
CA GLU A 1421 -8.09 83.06 -45.06
C GLU A 1421 -8.85 82.70 -43.79
N LEU A 1422 -8.22 81.93 -42.90
CA LEU A 1422 -8.90 81.56 -41.65
C LEU A 1422 -9.29 82.80 -40.86
N CYS A 1423 -8.33 83.68 -40.59
CA CYS A 1423 -8.65 84.81 -39.72
C CYS A 1423 -9.71 85.69 -40.34
N GLU A 1424 -9.63 85.91 -41.67
CA GLU A 1424 -10.64 86.73 -42.33
C GLU A 1424 -12.02 86.10 -42.20
N ARG A 1425 -12.12 84.80 -42.40
CA ARG A 1425 -13.42 84.15 -42.25
C ARG A 1425 -13.91 84.20 -40.82
N LEU A 1426 -13.01 84.36 -39.86
CA LEU A 1426 -13.34 84.41 -38.44
C LEU A 1426 -13.37 85.83 -37.88
N GLN A 1427 -13.25 86.84 -38.72
CA GLN A 1427 -13.31 88.24 -38.28
C GLN A 1427 -12.34 88.51 -37.13
N MET A 1428 -11.15 87.93 -37.21
CA MET A 1428 -10.19 87.97 -36.11
C MET A 1428 -8.92 88.68 -36.57
N GLN A 1429 -8.46 89.63 -35.77
CA GLN A 1429 -7.31 90.46 -36.12
C GLN A 1429 -6.01 89.72 -35.84
N LEU A 1430 -4.96 90.10 -36.57
CA LEU A 1430 -3.64 89.51 -36.40
C LEU A 1430 -2.57 90.59 -36.35
N ILE A 1431 -1.56 90.35 -35.50
CA ILE A 1431 -0.34 91.13 -35.43
C ILE A 1431 0.81 90.15 -35.57
N ILE A 1432 1.64 90.32 -36.60
CA ILE A 1432 2.72 89.39 -36.89
C ILE A 1432 4.03 90.17 -37.00
N ALA A 1433 5.10 89.55 -36.54
CA ALA A 1433 6.44 90.13 -36.58
C ALA A 1433 7.34 89.26 -37.45
N ALA A 1434 8.08 89.89 -38.35
CA ALA A 1434 9.01 89.18 -39.20
C ALA A 1434 10.16 90.13 -39.54
N PRO A 1435 11.39 89.64 -39.59
CA PRO A 1435 12.49 90.50 -40.02
C PRO A 1435 12.49 90.71 -41.53
N GLU A 1436 11.39 91.30 -42.02
CA GLU A 1436 11.25 91.86 -43.35
C GLU A 1436 11.17 90.76 -44.41
N ASN A 1437 11.39 89.51 -44.04
CA ASN A 1437 11.44 88.47 -45.07
C ASN A 1437 10.10 88.32 -45.78
N ILE A 1438 8.99 88.60 -45.10
CA ILE A 1438 7.66 88.46 -45.68
C ILE A 1438 7.02 89.83 -45.84
N SER A 1439 6.33 90.03 -46.96
CA SER A 1439 5.67 91.28 -47.29
C SER A 1439 4.23 91.00 -47.70
N PRO A 1440 3.34 90.73 -46.73
CA PRO A 1440 1.94 90.50 -47.07
C PRO A 1440 1.29 91.75 -47.65
N GLU A 1441 0.71 91.60 -48.84
CA GLU A 1441 0.18 92.76 -49.55
C GLU A 1441 -1.02 93.36 -48.85
N LYS A 1442 -1.87 92.55 -48.24
CA LYS A 1442 -3.04 93.06 -47.55
C LYS A 1442 -2.68 93.49 -46.13
N GLY A 1443 -3.31 94.56 -45.68
CA GLY A 1443 -3.13 95.04 -44.33
C GLY A 1443 -2.14 96.18 -44.22
N THR A 1444 -1.79 96.50 -42.99
CA THR A 1444 -0.93 97.62 -42.66
C THR A 1444 0.46 97.14 -42.26
N THR A 1445 1.48 97.87 -42.68
CA THR A 1445 2.87 97.51 -42.46
C THR A 1445 3.59 98.66 -41.77
N TYR A 1446 4.48 98.32 -40.84
CA TYR A 1446 5.26 99.30 -40.10
C TYR A 1446 6.74 98.97 -40.21
N LYS A 1447 7.53 99.94 -40.68
CA LYS A 1447 8.97 99.80 -40.81
C LYS A 1447 9.67 100.43 -39.61
N LEU A 1448 10.55 99.67 -38.97
CA LEU A 1448 11.24 100.10 -37.76
C LEU A 1448 12.74 100.16 -38.00
N VAL A 1449 13.38 101.18 -37.41
CA VAL A 1449 14.83 101.34 -37.48
C VAL A 1449 15.29 101.99 -36.19
N ARG A 1450 16.21 101.34 -35.48
CA ARG A 1450 16.71 101.84 -34.21
C ARG A 1450 18.01 102.60 -34.42
N LYS A 1451 18.12 103.77 -33.81
CA LYS A 1451 19.25 104.68 -34.03
C LYS A 1451 19.71 105.23 -32.69
N VAL A 1452 20.85 105.92 -32.72
CA VAL A 1452 21.39 106.62 -31.57
C VAL A 1452 21.33 108.12 -31.86
N PHE A 1453 20.66 108.86 -30.99
CA PHE A 1453 20.41 110.28 -31.19
C PHE A 1453 20.61 111.02 -29.87
N LYS A 1454 21.50 112.01 -29.89
CA LYS A 1454 21.90 112.70 -28.67
C LYS A 1454 22.32 111.70 -27.60
N ASN A 1455 23.06 110.67 -28.03
CA ASN A 1455 23.56 109.65 -27.13
C ASN A 1455 22.44 108.91 -26.42
N HIS A 1456 21.36 108.62 -27.17
CA HIS A 1456 20.25 107.85 -26.64
C HIS A 1456 19.60 107.04 -27.75
N GLU A 1457 19.08 105.88 -27.37
CA GLU A 1457 18.45 104.97 -28.32
C GLU A 1457 17.08 105.48 -28.74
N HIS A 1458 16.83 105.46 -30.05
CA HIS A 1458 15.60 106.02 -30.62
C HIS A 1458 15.16 105.17 -31.81
N VAL A 1459 13.85 104.95 -31.93
CA VAL A 1459 13.27 104.09 -32.95
C VAL A 1459 12.50 104.96 -33.94
N HIS A 1460 12.92 104.92 -35.20
CA HIS A 1460 12.23 105.61 -36.29
C HIS A 1460 11.19 104.68 -36.89
N VAL A 1461 9.98 105.19 -37.10
CA VAL A 1461 8.84 104.35 -37.51
C VAL A 1461 8.18 104.97 -38.74
N VAL A 1462 7.85 104.13 -39.71
CA VAL A 1462 7.14 104.52 -40.93
C VAL A 1462 6.07 103.48 -41.20
N GLY A 1463 4.97 103.92 -41.81
CA GLY A 1463 3.83 103.05 -42.05
C GLY A 1463 3.31 103.14 -43.46
N LEU A 1464 2.79 102.01 -43.94
CA LEU A 1464 2.19 101.89 -45.26
C LEU A 1464 0.91 101.07 -45.15
N ARG A 1465 -0.08 101.38 -45.98
CA ARG A 1465 -1.31 100.59 -45.97
C ARG A 1465 -2.13 100.92 -47.20
N GLY A 1466 -3.16 100.11 -47.43
CA GLY A 1466 -4.13 100.32 -48.49
C GLY A 1466 -3.85 99.58 -49.78
N PHE A 1467 -2.71 98.93 -49.92
CA PHE A 1467 -2.38 98.23 -51.16
C PHE A 1467 -3.31 97.05 -51.38
N GLY A 1468 -3.64 96.81 -52.64
CA GLY A 1468 -4.51 95.70 -53.02
C GLY A 1468 -5.89 96.16 -53.41
N ILE B 2 49.25 74.02 -43.66
CA ILE B 2 48.53 72.72 -43.70
C ILE B 2 47.14 72.91 -44.28
N GLU B 3 46.69 71.92 -45.04
CA GLU B 3 45.36 71.96 -45.64
C GLU B 3 44.38 71.19 -44.76
N ARG B 4 43.36 71.89 -44.28
CA ARG B 4 42.38 71.29 -43.38
C ARG B 4 41.44 70.38 -44.15
N GLY B 5 40.97 69.33 -43.47
CA GLY B 5 40.05 68.40 -44.08
C GLY B 5 38.69 69.01 -44.34
N LYS B 6 37.92 68.36 -45.20
CA LYS B 6 36.62 68.88 -45.61
C LYS B 6 35.64 67.74 -45.82
N PHE B 7 34.36 68.05 -45.63
CA PHE B 7 33.27 67.11 -45.93
C PHE B 7 32.85 67.30 -47.38
N ARG B 8 32.93 66.24 -48.18
CA ARG B 8 32.57 66.36 -49.58
C ARG B 8 31.06 66.23 -49.81
N SER B 9 30.42 65.19 -49.27
CA SER B 9 29.02 64.98 -49.63
C SER B 9 28.31 64.15 -48.56
N LEU B 10 26.98 64.16 -48.65
CA LEU B 10 26.08 63.43 -47.78
C LEU B 10 25.13 62.61 -48.65
N THR B 11 24.88 61.36 -48.26
CA THR B 11 24.02 60.46 -49.03
C THR B 11 22.95 59.87 -48.13
N LEU B 12 21.72 59.81 -48.64
CA LEU B 12 20.57 59.24 -47.95
C LEU B 12 19.97 58.14 -48.80
N VAL B 13 19.60 57.02 -48.18
CA VAL B 13 18.96 55.91 -48.89
C VAL B 13 17.73 55.47 -48.10
N ASN B 14 16.58 55.47 -48.77
CA ASN B 14 15.35 54.91 -48.25
C ASN B 14 14.92 55.60 -46.95
N TRP B 15 15.09 56.92 -46.91
CA TRP B 15 14.53 57.73 -45.84
C TRP B 15 13.11 58.16 -46.20
N ASN B 16 12.45 58.82 -45.26
CA ASN B 16 11.07 59.22 -45.47
C ASN B 16 11.01 60.33 -46.51
N GLY B 17 10.69 59.95 -47.75
CA GLY B 17 10.64 60.89 -48.85
C GLY B 17 11.83 60.83 -49.79
N PHE B 18 12.96 60.28 -49.34
CA PHE B 18 14.15 60.13 -50.16
C PHE B 18 14.37 58.64 -50.42
N PHE B 19 14.47 58.26 -51.68
CA PHE B 19 14.86 56.89 -52.00
C PHE B 19 16.38 56.77 -52.04
N ALA B 20 17.03 57.56 -52.89
CA ALA B 20 18.49 57.58 -52.95
C ALA B 20 18.90 58.95 -53.49
N ARG B 21 19.35 59.81 -52.58
CA ARG B 21 19.70 61.19 -52.91
C ARG B 21 21.05 61.53 -52.30
N THR B 22 21.84 62.32 -53.03
CA THR B 22 23.18 62.71 -52.61
C THR B 22 23.34 64.22 -52.73
N PHE B 23 23.60 64.88 -51.60
CA PHE B 23 23.88 66.31 -51.56
C PHE B 23 25.38 66.53 -51.58
N ASP B 24 25.84 67.39 -52.49
CA ASP B 24 27.24 67.76 -52.57
C ASP B 24 27.47 69.03 -51.76
N LEU B 25 28.24 68.92 -50.69
CA LEU B 25 28.45 70.06 -49.81
C LEU B 25 29.41 71.07 -50.44
N ASP B 26 29.38 72.27 -49.89
CA ASP B 26 30.21 73.39 -50.34
C ASP B 26 31.39 73.58 -49.38
N GLU B 27 32.41 74.28 -49.88
CA GLU B 27 33.59 74.53 -49.07
C GLU B 27 33.30 75.46 -47.89
N LEU B 28 32.38 76.41 -48.06
CA LEU B 28 32.07 77.35 -46.98
C LEU B 28 30.64 77.23 -46.47
N VAL B 29 29.63 77.31 -47.33
CA VAL B 29 28.24 77.37 -46.88
C VAL B 29 27.36 76.58 -47.82
N THR B 30 26.42 75.82 -47.27
CA THR B 30 25.43 75.06 -48.02
C THR B 30 24.06 75.37 -47.45
N THR B 31 23.12 75.75 -48.32
CA THR B 31 21.79 76.18 -47.92
C THR B 31 20.73 75.23 -48.46
N LEU B 32 19.71 74.97 -47.64
CA LEU B 32 18.57 74.15 -48.03
C LEU B 32 17.32 75.01 -47.95
N SER B 33 16.54 75.03 -49.03
CA SER B 33 15.34 75.84 -49.12
C SER B 33 14.17 75.00 -49.60
N GLY B 34 12.97 75.46 -49.31
CA GLY B 34 11.76 74.78 -49.71
C GLY B 34 10.65 75.00 -48.69
N GLY B 35 9.41 74.87 -49.15
CA GLY B 35 8.26 75.11 -48.30
C GLY B 35 8.25 74.21 -47.08
N ASN B 36 7.31 74.51 -46.19
CA ASN B 36 7.20 73.75 -44.94
C ASN B 36 6.93 72.28 -45.25
N GLY B 37 7.61 71.40 -44.51
CA GLY B 37 7.46 69.98 -44.71
C GLY B 37 8.25 69.42 -45.87
N ALA B 38 9.11 70.21 -46.51
CA ALA B 38 9.85 69.72 -47.68
C ALA B 38 10.84 68.63 -47.29
N GLY B 39 11.52 68.77 -46.16
CA GLY B 39 12.47 67.76 -45.72
C GLY B 39 13.84 68.26 -45.30
N LYS B 40 13.95 69.55 -45.01
CA LYS B 40 15.24 70.13 -44.64
C LYS B 40 15.73 69.60 -43.30
N SER B 41 14.91 69.73 -42.26
CA SER B 41 15.30 69.25 -40.93
C SER B 41 15.62 67.76 -40.96
N THR B 42 14.95 67.01 -41.84
CA THR B 42 15.24 65.58 -41.97
C THR B 42 16.67 65.37 -42.45
N THR B 43 17.12 66.19 -43.40
CA THR B 43 18.49 66.10 -43.87
C THR B 43 19.47 66.40 -42.76
N MET B 44 19.19 67.46 -41.98
CA MET B 44 20.03 67.74 -40.81
C MET B 44 20.13 66.50 -39.92
N ALA B 45 18.98 65.91 -39.62
CA ALA B 45 18.95 64.78 -38.70
C ALA B 45 19.75 63.62 -39.23
N ALA B 46 19.65 63.34 -40.52
CA ALA B 46 20.43 62.25 -41.09
C ALA B 46 21.92 62.52 -40.92
N PHE B 47 22.35 63.76 -41.18
CA PHE B 47 23.77 64.06 -41.02
C PHE B 47 24.21 63.78 -39.59
N VAL B 48 23.58 64.30 -38.61
CA VAL B 48 23.94 64.20 -37.25
C VAL B 48 23.94 62.76 -36.80
N THR B 49 22.98 61.98 -37.20
CA THR B 49 22.88 60.60 -36.97
C THR B 49 24.11 59.88 -37.43
N ALA B 50 24.53 60.09 -38.62
CA ALA B 50 25.70 59.58 -39.21
C ALA B 50 26.94 59.96 -38.45
N LEU B 51 26.96 61.07 -37.78
CA LEU B 51 28.04 61.59 -37.06
C LEU B 51 28.21 60.96 -35.69
N ILE B 52 27.17 60.88 -34.91
CA ILE B 52 27.08 60.38 -33.58
C ILE B 52 26.03 59.32 -33.41
N PRO B 53 26.27 58.06 -33.74
CA PRO B 53 25.23 57.03 -33.68
C PRO B 53 24.71 56.65 -32.33
N ASP B 54 25.15 57.24 -31.26
CA ASP B 54 24.77 56.99 -29.93
C ASP B 54 23.29 57.16 -29.78
N LEU B 55 22.50 56.13 -29.73
CA LEU B 55 21.09 56.11 -29.64
C LEU B 55 20.55 56.68 -28.36
N THR B 56 21.29 56.68 -27.30
CA THR B 56 20.97 57.24 -26.04
C THR B 56 20.81 58.74 -26.11
N LEU B 57 21.57 59.39 -26.91
CA LEU B 57 21.68 60.80 -27.08
C LEU B 57 20.66 61.39 -28.02
N LEU B 58 20.56 60.87 -29.19
CA LEU B 58 19.78 61.31 -30.29
C LEU B 58 18.37 61.64 -29.85
N HIS B 59 17.95 62.90 -30.02
CA HIS B 59 16.61 63.33 -29.63
C HIS B 59 16.24 64.52 -30.49
N PHE B 60 15.38 64.31 -31.48
CA PHE B 60 15.04 65.33 -32.47
C PHE B 60 13.72 66.00 -32.08
N ARG B 61 13.82 67.02 -31.23
CA ARG B 61 12.65 67.83 -30.93
C ARG B 61 12.31 68.75 -32.10
N ASN B 62 11.08 69.25 -32.08
CA ASN B 62 10.69 70.33 -32.99
C ASN B 62 11.55 71.54 -32.71
N THR B 63 11.62 72.45 -33.69
CA THR B 63 12.32 73.70 -33.45
C THR B 63 11.59 74.53 -32.39
N THR B 64 10.27 74.60 -32.47
CA THR B 64 9.52 75.03 -31.32
C THR B 64 9.66 74.01 -30.20
N GLU B 65 9.49 74.46 -28.97
CA GLU B 65 9.83 73.69 -27.78
C GLU B 65 11.33 73.45 -27.67
N ALA B 66 12.12 74.34 -28.28
CA ALA B 66 13.57 74.24 -28.16
C ALA B 66 14.00 74.54 -26.73
N GLY B 67 14.95 73.77 -26.23
CA GLY B 67 15.51 74.01 -24.92
C GLY B 67 14.72 73.43 -23.77
N ALA B 68 13.55 72.84 -24.03
CA ALA B 68 12.77 72.21 -22.97
C ALA B 68 13.17 70.75 -22.85
N THR B 69 13.72 70.38 -21.70
CA THR B 69 14.07 69.00 -21.42
C THR B 69 12.78 68.21 -21.14
N SER B 70 12.35 67.43 -22.12
CA SER B 70 11.00 66.90 -22.11
C SER B 70 10.91 65.42 -21.78
N GLY B 71 11.95 64.63 -22.07
CA GLY B 71 11.84 63.19 -21.89
C GLY B 71 10.75 62.56 -22.72
N SER B 72 10.43 63.16 -23.87
CA SER B 72 9.32 62.70 -24.71
C SER B 72 9.35 61.19 -24.89
N ARG B 73 8.15 60.61 -25.00
CA ARG B 73 8.04 59.18 -25.22
C ARG B 73 8.81 58.74 -26.47
N ASP B 74 8.80 59.55 -27.52
CA ASP B 74 9.39 59.18 -28.79
C ASP B 74 10.49 60.17 -29.17
N LYS B 75 11.68 59.65 -29.49
CA LYS B 75 12.80 60.50 -29.84
C LYS B 75 12.66 61.14 -31.22
N GLY B 76 11.72 60.69 -32.04
CA GLY B 76 11.46 61.30 -33.32
C GLY B 76 12.30 60.81 -34.48
N LEU B 77 13.17 59.83 -34.26
CA LEU B 77 13.97 59.31 -35.37
C LEU B 77 13.24 58.24 -36.16
N HIS B 78 12.51 57.36 -35.46
CA HIS B 78 11.91 56.21 -36.12
C HIS B 78 11.05 56.62 -37.31
N GLY B 79 10.20 57.62 -37.13
CA GLY B 79 9.28 58.01 -38.19
C GLY B 79 9.95 58.54 -39.43
N LYS B 80 11.21 58.98 -39.32
CA LYS B 80 11.92 59.50 -40.48
C LYS B 80 12.49 58.40 -41.35
N LEU B 81 12.29 57.14 -40.98
CA LEU B 81 12.78 55.98 -41.73
C LEU B 81 11.62 55.20 -42.32
N ARG B 82 11.86 54.58 -43.46
CA ARG B 82 10.89 53.69 -44.09
C ARG B 82 11.17 52.25 -43.71
N ALA B 83 10.26 51.37 -44.10
CA ALA B 83 10.45 49.95 -43.87
C ALA B 83 11.63 49.46 -44.71
N GLY B 84 12.25 48.38 -44.24
CA GLY B 84 13.41 47.84 -44.91
C GLY B 84 14.69 48.46 -44.39
N VAL B 85 15.74 48.31 -45.19
CA VAL B 85 17.07 48.78 -44.81
C VAL B 85 17.25 50.22 -45.25
N CYS B 86 18.09 50.94 -44.50
CA CYS B 86 18.35 52.35 -44.75
C CYS B 86 19.84 52.63 -44.53
N TYR B 87 20.33 53.70 -45.14
CA TYR B 87 21.72 54.12 -44.97
C TYR B 87 21.83 55.62 -44.77
N SER B 88 22.98 56.02 -44.25
CA SER B 88 23.39 57.42 -44.17
C SER B 88 24.91 57.45 -44.10
N THR B 89 25.54 58.11 -45.07
CA THR B 89 26.98 58.04 -45.21
C THR B 89 27.55 59.41 -45.53
N LEU B 90 28.82 59.61 -45.17
CA LEU B 90 29.56 60.84 -45.42
C LEU B 90 30.86 60.52 -46.14
N ASP B 91 31.22 61.36 -47.11
CA ASP B 91 32.50 61.26 -47.80
C ASP B 91 33.38 62.42 -47.33
N VAL B 92 34.61 62.11 -46.93
CA VAL B 92 35.50 63.10 -46.33
C VAL B 92 36.87 63.01 -47.00
N ILE B 93 37.46 64.17 -47.25
CA ILE B 93 38.84 64.26 -47.74
C ILE B 93 39.73 64.66 -46.58
N ASN B 94 40.63 63.83 -46.18
CA ASN B 94 41.56 63.98 -45.13
C ASN B 94 42.59 65.04 -45.45
N SER B 95 43.22 65.59 -44.40
CA SER B 95 44.32 66.50 -44.64
C SER B 95 45.44 65.83 -45.43
N ARG B 96 45.60 64.56 -45.35
CA ARG B 96 46.46 63.70 -46.07
C ARG B 96 46.01 63.43 -47.48
N HIS B 97 44.91 64.06 -47.89
CA HIS B 97 44.31 63.82 -49.20
C HIS B 97 43.96 62.34 -49.38
N GLN B 98 43.34 61.74 -48.42
CA GLN B 98 42.79 60.44 -48.33
C GLN B 98 41.29 60.46 -48.35
N ARG B 99 40.65 59.68 -49.22
CA ARG B 99 39.20 59.63 -49.29
C ARG B 99 38.69 58.52 -48.38
N VAL B 100 37.89 58.80 -47.42
CA VAL B 100 37.31 57.97 -46.43
C VAL B 100 35.81 58.11 -46.38
N VAL B 101 35.04 57.08 -46.33
CA VAL B 101 33.64 56.96 -46.32
C VAL B 101 33.16 56.39 -45.00
N VAL B 102 32.61 57.14 -44.11
CA VAL B 102 31.97 56.80 -42.91
C VAL B 102 30.48 56.71 -43.10
N GLY B 103 29.76 56.00 -42.30
CA GLY B 103 28.39 55.83 -42.32
C GLY B 103 27.79 54.87 -41.37
N VAL B 104 26.51 54.63 -41.43
CA VAL B 104 25.69 53.81 -40.63
C VAL B 104 24.64 53.09 -41.43
N ARG B 105 24.27 51.89 -41.10
CA ARG B 105 23.17 51.13 -41.55
C ARG B 105 22.04 51.23 -40.56
N LEU B 106 20.89 51.78 -40.94
CA LEU B 106 19.76 51.94 -40.06
C LEU B 106 18.63 51.00 -40.48
N GLN B 107 17.87 50.53 -39.51
CA GLN B 107 16.77 49.61 -39.80
C GLN B 107 15.76 49.65 -38.67
N GLN B 108 14.47 49.74 -39.02
CA GLN B 108 13.41 49.69 -38.03
C GLN B 108 13.34 48.32 -37.38
N VAL B 109 12.89 48.31 -36.13
CA VAL B 109 12.71 47.07 -35.37
C VAL B 109 11.23 46.72 -35.37
N ALA B 110 10.89 45.51 -35.80
CA ALA B 110 9.52 45.04 -35.72
C ALA B 110 9.13 44.83 -34.26
N GLY B 111 7.96 45.30 -33.91
CA GLY B 111 7.47 45.23 -32.54
C GLY B 111 6.77 46.51 -32.16
N ARG B 112 5.96 46.42 -31.09
CA ARG B 112 5.16 47.56 -30.68
C ARG B 112 6.02 48.79 -30.38
N ASP B 113 7.15 48.60 -29.70
CA ASP B 113 8.03 49.73 -29.43
C ASP B 113 8.70 50.20 -30.71
N ARG B 114 8.66 51.50 -30.96
CA ARG B 114 9.25 52.08 -32.18
C ARG B 114 10.75 52.28 -31.98
N LYS B 115 11.46 51.17 -32.02
CA LYS B 115 12.90 51.14 -31.81
C LYS B 115 13.63 51.08 -33.15
N VAL B 116 14.93 51.39 -33.10
CA VAL B 116 15.76 51.44 -34.30
C VAL B 116 17.09 50.76 -34.02
N ASP B 117 17.66 50.16 -35.08
CA ASP B 117 18.94 49.48 -35.03
C ASP B 117 19.97 50.24 -35.85
N ILE B 118 21.18 50.34 -35.41
CA ILE B 118 22.30 51.01 -35.95
C ILE B 118 23.53 50.13 -36.03
N LYS B 119 24.23 50.08 -37.10
CA LYS B 119 25.46 49.42 -37.37
C LYS B 119 26.47 50.28 -38.08
N PRO B 120 27.45 50.89 -37.43
CA PRO B 120 28.43 51.69 -38.11
C PRO B 120 29.34 50.93 -39.02
N PHE B 121 29.99 51.55 -39.95
CA PHE B 121 30.92 51.05 -40.87
C PHE B 121 31.83 52.12 -41.44
N MET B 122 32.93 51.78 -42.01
CA MET B 122 33.92 52.59 -42.62
C MET B 122 34.56 51.97 -43.82
N ILE B 123 34.85 52.68 -44.86
CA ILE B 123 35.47 52.33 -46.08
C ILE B 123 36.67 53.19 -46.37
N GLN B 124 37.81 52.65 -46.69
CA GLN B 124 39.04 53.26 -47.02
C GLN B 124 39.56 52.83 -48.36
N GLY B 125 40.20 53.74 -49.10
CA GLY B 125 40.83 53.40 -50.35
C GLY B 125 39.90 53.26 -51.53
N LEU B 126 38.65 53.66 -51.40
CA LEU B 126 37.71 53.51 -52.49
C LEU B 126 38.16 54.38 -53.68
N PRO B 127 38.10 53.88 -54.90
CA PRO B 127 38.53 54.70 -56.05
C PRO B 127 37.69 55.96 -56.16
N THR B 128 38.34 57.04 -56.62
CA THR B 128 37.66 58.32 -56.71
C THR B 128 36.48 58.31 -57.68
N ALA B 129 36.42 57.33 -58.58
CA ALA B 129 35.38 57.30 -59.59
C ALA B 129 34.06 56.69 -59.09
N ILE B 130 34.06 56.08 -57.91
CA ILE B 130 32.87 55.40 -57.40
C ILE B 130 32.03 56.39 -56.62
N GLN B 131 30.73 56.45 -56.93
CA GLN B 131 29.79 57.25 -56.17
C GLN B 131 29.08 56.38 -55.13
N PRO B 132 28.84 56.90 -53.92
CA PRO B 132 28.17 56.07 -52.92
C PRO B 132 26.77 55.64 -53.34
N THR B 133 26.04 56.49 -54.06
CA THR B 133 24.69 56.14 -54.47
C THR B 133 24.68 54.85 -55.27
N GLN B 134 25.64 54.70 -56.19
CA GLN B 134 25.71 53.48 -56.99
C GLN B 134 26.29 52.32 -56.20
N LEU B 135 27.26 52.60 -55.32
CA LEU B 135 27.88 51.52 -54.56
C LEU B 135 26.86 50.82 -53.66
N LEU B 136 25.88 51.57 -53.15
CA LEU B 136 24.91 51.02 -52.21
C LEU B 136 23.68 50.41 -52.87
N THR B 137 23.59 50.40 -54.19
CA THR B 137 22.40 49.88 -54.88
C THR B 137 22.79 48.96 -56.01
N GLU B 138 21.87 48.06 -56.33
CA GLU B 138 22.00 47.10 -57.42
C GLU B 138 20.99 47.44 -58.51
N ASN B 139 21.44 47.45 -59.76
CA ASN B 139 20.57 47.77 -60.89
C ASN B 139 19.81 46.53 -61.29
N VAL B 140 18.55 46.43 -60.87
CA VAL B 140 17.68 45.32 -61.20
C VAL B 140 16.56 45.83 -62.09
N GLY B 141 16.33 45.14 -63.20
CA GLY B 141 15.30 45.56 -64.11
C GLY B 141 15.74 46.76 -64.93
N GLU B 142 14.75 47.34 -65.60
CA GLU B 142 15.00 48.45 -66.52
C GLU B 142 15.06 49.73 -65.69
N ARG B 143 16.25 50.07 -65.20
CA ARG B 143 16.43 51.34 -64.47
C ARG B 143 15.48 51.41 -63.27
N GLN B 144 15.45 50.34 -62.49
CA GLN B 144 14.57 50.19 -61.32
C GLN B 144 15.36 49.63 -60.13
N ALA B 145 16.48 50.26 -59.81
CA ALA B 145 17.48 49.70 -58.90
C ALA B 145 16.88 49.22 -57.58
N ARG B 146 17.64 48.36 -56.90
CA ARG B 146 17.31 47.79 -55.61
C ARG B 146 18.43 48.10 -54.61
N VAL B 147 18.06 48.23 -53.32
CA VAL B 147 19.04 48.43 -52.27
C VAL B 147 19.51 47.08 -51.75
N LEU B 148 20.76 47.03 -51.28
CA LEU B 148 21.37 45.76 -50.88
C LEU B 148 21.90 45.82 -49.44
N PRO B 149 21.73 44.74 -48.68
CA PRO B 149 22.09 44.79 -47.24
C PRO B 149 23.59 44.78 -47.02
N LEU B 150 24.01 44.75 -45.79
CA LEU B 150 25.35 44.77 -45.32
C LEU B 150 26.16 43.61 -45.86
N ASN B 151 25.62 42.40 -45.73
CA ASN B 151 26.39 41.24 -46.16
C ASN B 151 26.66 41.28 -47.67
N GLU B 152 25.64 41.62 -48.45
CA GLU B 152 25.85 41.77 -49.89
C GLU B 152 26.82 42.91 -50.17
N LEU B 153 26.73 43.99 -49.40
CA LEU B 153 27.64 45.11 -49.57
C LEU B 153 29.09 44.69 -49.31
N LYS B 154 29.29 43.93 -48.24
CA LYS B 154 30.63 43.44 -47.91
C LYS B 154 31.15 42.52 -49.01
N ASP B 155 30.30 41.65 -49.53
CA ASP B 155 30.72 40.80 -50.63
C ASP B 155 31.10 41.64 -51.84
N ARG B 156 30.32 42.67 -52.14
CA ARG B 156 30.62 43.51 -53.30
C ARG B 156 31.96 44.23 -53.12
N LEU B 157 32.23 44.71 -51.91
CA LEU B 157 33.46 45.44 -51.66
C LEU B 157 34.67 44.52 -51.65
N ASP B 158 34.55 43.36 -50.99
CA ASP B 158 35.70 42.47 -50.86
C ASP B 158 36.19 42.00 -52.22
N GLU B 159 35.30 41.93 -53.21
CA GLU B 159 35.70 41.50 -54.54
C GLU B 159 36.52 42.57 -55.26
N MET B 160 36.55 43.79 -54.74
CA MET B 160 37.37 44.84 -55.33
C MET B 160 38.80 44.74 -54.85
N GLU B 161 39.66 45.54 -55.47
CA GLU B 161 41.09 45.56 -55.20
C GLU B 161 41.45 46.84 -54.45
N GLY B 162 42.12 46.70 -53.31
CA GLY B 162 42.71 47.81 -52.60
C GLY B 162 41.80 48.50 -51.59
N VAL B 163 40.49 48.27 -51.65
CA VAL B 163 39.58 48.91 -50.71
C VAL B 163 39.49 48.09 -49.44
N GLN B 164 39.44 48.69 -48.31
CA GLN B 164 39.32 48.19 -46.99
C GLN B 164 37.97 48.48 -46.39
N PHE B 165 37.20 47.53 -46.00
CA PHE B 165 35.94 47.55 -45.36
C PHE B 165 36.03 47.14 -43.92
N LYS B 166 35.48 47.83 -42.99
CA LYS B 166 35.45 47.61 -41.60
C LYS B 166 34.09 47.81 -40.98
N GLN B 167 33.61 46.95 -40.15
CA GLN B 167 32.41 46.95 -39.41
C GLN B 167 32.66 46.98 -37.93
N PHE B 168 32.04 47.93 -37.23
CA PHE B 168 32.31 48.15 -35.81
C PHE B 168 31.26 47.56 -34.90
N ASN B 169 31.65 46.80 -33.88
CA ASN B 169 30.65 46.23 -32.97
C ASN B 169 30.32 47.22 -31.86
N SER B 170 31.09 48.30 -31.74
CA SER B 170 30.88 49.34 -30.75
C SER B 170 31.23 50.70 -31.34
N ILE B 171 30.50 51.69 -30.88
CA ILE B 171 30.69 53.07 -31.30
C ILE B 171 32.05 53.60 -30.87
N THR B 172 32.61 53.10 -29.78
CA THR B 172 33.89 53.60 -29.30
C THR B 172 34.98 53.35 -30.31
N ASP B 173 35.06 52.13 -30.83
CA ASP B 173 36.10 51.81 -31.81
C ASP B 173 35.94 52.67 -33.05
N TYR B 174 34.70 52.97 -33.37
CA TYR B 174 34.28 53.78 -34.43
C TYR B 174 34.77 55.20 -34.27
N HIS B 175 34.54 55.77 -33.13
CA HIS B 175 35.00 57.04 -32.73
C HIS B 175 36.51 57.15 -32.76
N ALA B 176 37.18 56.08 -32.33
CA ALA B 176 38.63 56.03 -32.33
C ALA B 176 39.16 56.13 -33.75
N GLN B 177 38.62 55.32 -34.67
CA GLN B 177 39.06 55.38 -36.04
C GLN B 177 38.82 56.74 -36.65
N MET B 178 37.70 57.37 -36.29
CA MET B 178 37.34 58.65 -36.75
C MET B 178 38.35 59.69 -36.32
N PHE B 179 38.68 59.66 -35.04
CA PHE B 179 39.62 60.59 -34.49
C PHE B 179 40.99 60.42 -35.14
N ASP B 180 41.45 59.18 -35.29
CA ASP B 180 42.76 58.89 -35.88
C ASP B 180 42.93 59.43 -37.30
N LEU B 181 41.84 59.49 -38.04
CA LEU B 181 41.69 59.96 -39.36
C LEU B 181 41.39 61.43 -39.47
N GLY B 182 41.39 62.17 -38.42
CA GLY B 182 41.09 63.52 -38.41
C GLY B 182 39.74 63.93 -38.82
N VAL B 183 38.73 63.29 -38.34
CA VAL B 183 37.35 63.52 -38.53
C VAL B 183 36.66 64.22 -37.39
N ILE B 184 37.11 64.08 -36.19
CA ILE B 184 36.68 64.64 -34.97
C ILE B 184 37.75 65.49 -34.33
N PRO B 185 37.44 66.64 -33.70
CA PRO B 185 38.45 67.38 -32.99
C PRO B 185 38.99 66.74 -31.75
N LYS B 186 38.17 66.13 -30.97
CA LYS B 186 38.37 65.53 -29.70
C LYS B 186 38.37 64.02 -29.77
N ARG B 187 39.14 63.35 -28.90
CA ARG B 187 39.12 61.89 -28.77
C ARG B 187 38.07 61.52 -27.72
N LEU B 188 36.95 61.01 -28.16
CA LEU B 188 35.80 60.62 -27.43
C LEU B 188 36.02 59.29 -26.73
N ARG B 189 36.90 59.25 -25.75
CA ARG B 189 37.12 57.99 -25.07
C ARG B 189 35.93 57.63 -24.20
N SER B 190 35.47 58.55 -23.36
CA SER B 190 34.40 58.24 -22.42
C SER B 190 33.02 58.70 -22.88
N ALA B 191 32.01 58.11 -22.25
CA ALA B 191 30.65 58.45 -22.46
C ALA B 191 30.39 59.92 -22.28
N SER B 192 30.92 60.51 -21.25
CA SER B 192 30.82 61.88 -20.91
C SER B 192 31.34 62.77 -22.01
N ASP B 193 32.45 62.44 -22.58
CA ASP B 193 33.04 63.06 -23.71
C ASP B 193 32.08 63.11 -24.86
N ARG B 194 31.48 61.98 -25.13
CA ARG B 194 30.53 61.84 -26.22
C ARG B 194 29.33 62.75 -26.00
N SER B 195 28.85 62.86 -24.77
CA SER B 195 27.84 63.73 -24.32
C SER B 195 28.15 65.17 -24.61
N LYS B 196 29.31 65.61 -24.28
CA LYS B 196 29.82 66.91 -24.54
C LYS B 196 29.76 67.26 -26.01
N PHE B 197 30.27 66.41 -26.84
CA PHE B 197 30.27 66.52 -28.25
C PHE B 197 28.88 66.71 -28.80
N TYR B 198 27.97 65.88 -28.41
CA TYR B 198 26.61 65.92 -28.75
C TYR B 198 25.97 67.23 -28.36
N ARG B 199 26.21 67.69 -27.17
CA ARG B 199 25.78 68.95 -26.67
C ARG B 199 26.13 70.05 -27.60
N LEU B 200 27.34 70.10 -28.03
CA LEU B 200 27.87 71.06 -28.93
C LEU B 200 27.06 71.11 -30.21
N ILE B 201 26.95 70.02 -30.89
CA ILE B 201 26.27 69.89 -32.13
C ILE B 201 24.80 70.26 -32.01
N GLU B 202 24.15 69.71 -31.00
CA GLU B 202 22.71 69.96 -30.83
C GLU B 202 22.45 71.44 -30.57
N ALA B 203 23.26 72.06 -29.71
CA ALA B 203 23.12 73.49 -29.46
C ALA B 203 23.30 74.29 -30.73
N SER B 204 24.27 73.91 -31.57
CA SER B 204 24.42 74.61 -32.84
C SER B 204 23.17 74.44 -33.70
N LEU B 205 22.62 73.22 -33.73
CA LEU B 205 21.49 72.95 -34.62
C LEU B 205 20.29 73.82 -34.24
N TYR B 206 19.91 73.81 -32.97
CA TYR B 206 18.76 74.65 -32.58
C TYR B 206 19.13 76.11 -32.39
N GLY B 207 20.42 76.42 -32.27
CA GLY B 207 20.86 77.81 -32.24
C GLY B 207 20.58 78.53 -30.94
N GLY B 208 21.35 79.57 -30.67
CA GLY B 208 21.14 80.41 -29.50
C GLY B 208 22.03 80.07 -28.34
N ILE B 209 21.88 80.85 -27.28
CA ILE B 209 22.63 80.64 -26.04
C ILE B 209 22.12 79.38 -25.38
N SER B 210 22.91 78.31 -25.44
CA SER B 210 22.50 77.03 -24.88
C SER B 210 22.64 77.08 -23.36
N SER B 211 21.55 76.77 -22.65
CA SER B 211 21.57 76.88 -21.19
C SER B 211 22.64 75.99 -20.59
N ALA B 212 22.78 74.77 -21.11
CA ALA B 212 23.72 73.81 -20.52
C ALA B 212 25.17 74.23 -20.76
N ILE B 213 25.46 74.78 -21.93
CA ILE B 213 26.85 75.13 -22.25
C ILE B 213 27.37 76.19 -21.29
N THR B 214 26.62 77.29 -21.15
CA THR B 214 27.11 78.40 -20.33
C THR B 214 27.24 78.00 -18.87
N ARG B 215 26.36 77.14 -18.39
CA ARG B 215 26.33 76.83 -16.96
C ARG B 215 27.61 76.13 -16.51
N SER B 216 28.26 75.39 -17.40
CA SER B 216 29.44 74.60 -17.07
C SER B 216 30.64 74.99 -17.93
N LEU B 217 30.76 76.28 -18.23
CA LEU B 217 31.72 76.73 -19.22
C LEU B 217 33.15 76.32 -18.89
N ARG B 218 33.50 76.27 -17.60
CA ARG B 218 34.82 75.77 -17.22
C ARG B 218 35.07 74.41 -17.83
N ASP B 219 34.13 73.49 -17.64
CA ASP B 219 34.33 72.11 -18.07
C ASP B 219 34.56 72.03 -19.56
N TYR B 220 33.95 72.83 -20.36
CA TYR B 220 34.00 72.87 -21.77
C TYR B 220 35.27 73.48 -22.32
N LEU B 221 35.67 74.61 -21.76
CA LEU B 221 36.80 75.33 -22.36
C LEU B 221 38.16 74.92 -21.83
N LEU B 222 38.34 74.86 -20.52
CA LEU B 222 39.67 74.67 -19.96
C LEU B 222 40.12 73.22 -20.11
N PRO B 223 41.31 72.97 -20.66
CA PRO B 223 41.84 71.63 -20.78
C PRO B 223 42.49 71.11 -19.53
N GLU B 224 42.71 69.83 -19.43
CA GLU B 224 43.35 69.10 -18.40
C GLU B 224 44.83 68.91 -18.63
N ASN B 225 45.64 68.89 -17.63
CA ASN B 225 47.05 68.86 -17.54
C ASN B 225 47.58 67.68 -16.79
N SER B 226 48.40 66.83 -17.40
CA SER B 226 48.97 65.63 -16.76
C SER B 226 50.12 65.93 -15.79
N GLY B 227 50.92 66.98 -16.02
CA GLY B 227 51.91 67.41 -15.16
C GLY B 227 51.47 67.81 -13.80
N VAL B 228 50.36 68.46 -13.72
CA VAL B 228 49.67 68.82 -12.53
C VAL B 228 49.34 67.58 -11.72
N ARG B 229 48.77 66.60 -12.34
CA ARG B 229 48.39 65.35 -11.81
C ARG B 229 49.56 64.63 -11.17
N LYS B 230 50.66 64.44 -11.91
CA LYS B 230 51.82 63.65 -11.42
C LYS B 230 52.32 64.18 -10.08
N ALA B 231 52.48 65.50 -9.94
CA ALA B 231 52.82 66.12 -8.72
C ALA B 231 51.79 65.90 -7.65
N PHE B 232 50.54 66.12 -7.95
CA PHE B 232 49.41 66.00 -7.11
C PHE B 232 49.15 64.61 -6.60
N GLN B 233 49.66 63.58 -7.18
CA GLN B 233 49.52 62.24 -6.78
C GLN B 233 49.93 62.04 -5.34
N ASP B 234 51.08 62.49 -4.97
CA ASP B 234 51.67 62.43 -3.69
C ASP B 234 50.80 63.09 -2.65
N MET B 235 50.44 64.31 -2.88
CA MET B 235 49.61 65.10 -2.09
C MET B 235 48.25 64.50 -1.91
N GLU B 236 47.73 63.87 -2.91
CA GLU B 236 46.53 63.13 -2.94
C GLU B 236 46.54 62.04 -1.90
N ALA B 237 47.61 61.24 -1.94
CA ALA B 237 47.77 60.21 -0.92
C ALA B 237 47.73 60.82 0.47
N ALA B 238 48.51 61.89 0.68
CA ALA B 238 48.59 62.50 2.00
C ALA B 238 47.22 62.98 2.47
N LEU B 239 46.48 63.65 1.59
CA LEU B 239 45.22 64.25 1.98
C LEU B 239 44.16 63.20 2.24
N ARG B 240 44.12 62.13 1.52
CA ARG B 240 43.32 61.00 1.77
C ARG B 240 43.54 60.47 3.16
N GLU B 241 44.82 60.30 3.50
CA GLU B 241 45.16 59.80 4.82
C GLU B 241 44.61 60.73 5.90
N ASN B 242 44.75 62.04 5.68
CA ASN B 242 44.26 63.01 6.65
C ASN B 242 42.74 62.89 6.81
N ARG B 243 42.00 62.72 5.77
CA ARG B 243 40.59 62.51 5.78
C ARG B 243 40.22 61.34 6.64
N ILE B 244 40.87 60.23 6.46
CA ILE B 244 40.74 59.04 7.22
C ILE B 244 40.73 59.39 8.69
N THR B 245 41.77 59.99 9.16
CA THR B 245 42.01 60.33 10.50
C THR B 245 40.92 61.21 11.06
N LEU B 246 40.56 62.23 10.36
CA LEU B 246 39.53 63.15 10.68
C LEU B 246 38.23 62.46 10.95
N GLU B 247 37.81 61.60 10.10
CA GLU B 247 36.60 60.87 10.17
C GLU B 247 36.56 60.00 11.41
N ALA B 248 37.62 59.32 11.71
CA ALA B 248 37.79 58.56 12.88
C ALA B 248 37.47 59.37 14.12
N ILE B 249 38.06 60.52 14.23
CA ILE B 249 37.85 61.47 15.25
C ILE B 249 36.39 61.84 15.36
N ARG B 250 35.78 62.20 14.28
CA ARG B 250 34.45 62.63 14.15
C ARG B 250 33.47 61.62 14.69
N VAL B 251 33.75 60.36 14.57
CA VAL B 251 33.02 59.28 15.10
C VAL B 251 33.14 59.20 16.61
N THR B 252 34.32 59.00 17.09
CA THR B 252 34.65 58.73 18.44
C THR B 252 34.23 59.85 19.36
N GLN B 253 34.50 61.08 18.93
CA GLN B 253 34.13 62.25 19.72
C GLN B 253 32.64 62.25 20.04
N SER B 254 31.78 62.02 19.10
CA SER B 254 30.40 61.90 19.23
C SER B 254 30.03 60.87 20.26
N ASP B 255 30.51 59.68 20.09
CA ASP B 255 30.24 58.57 20.93
C ASP B 255 30.50 58.90 22.37
N ARG B 256 31.61 59.49 22.66
CA ARG B 256 32.04 59.93 23.93
C ARG B 256 31.12 60.95 24.53
N ASP B 257 30.75 61.95 23.72
CA ASP B 257 29.83 62.97 24.22
C ASP B 257 28.57 62.32 24.77
N LEU B 258 27.97 61.40 23.99
CA LEU B 258 26.71 60.79 24.43
C LEU B 258 26.91 59.95 25.69
N PHE B 259 27.89 59.11 25.77
CA PHE B 259 28.24 58.37 26.92
C PHE B 259 28.28 59.24 28.16
N LYS B 260 29.12 60.27 28.07
CA LYS B 260 29.37 61.10 29.25
C LYS B 260 28.11 61.79 29.71
N HIS B 261 27.36 62.37 28.77
CA HIS B 261 26.16 63.10 29.19
C HIS B 261 25.19 62.18 29.90
N LEU B 262 24.92 61.00 29.32
CA LEU B 262 23.98 60.10 29.97
C LEU B 262 24.45 59.70 31.36
N ILE B 263 25.67 59.30 31.55
CA ILE B 263 26.21 58.87 32.77
C ILE B 263 26.05 59.91 33.84
N THR B 264 26.55 61.11 33.52
CA THR B 264 26.56 62.16 34.54
C THR B 264 25.15 62.52 34.96
N GLU B 265 24.24 62.71 33.99
CA GLU B 265 22.88 63.11 34.37
C GLU B 265 22.17 62.01 35.14
N ALA B 266 22.34 60.75 34.73
CA ALA B 266 21.63 59.67 35.42
C ALA B 266 22.11 59.53 36.85
N THR B 267 23.43 59.57 37.07
CA THR B 267 23.93 59.50 38.44
C THR B 267 23.46 60.69 39.26
N SER B 268 23.49 61.90 38.68
CA SER B 268 22.99 63.05 39.42
C SER B 268 21.54 62.84 39.82
N TYR B 269 20.74 62.28 38.92
CA TYR B 269 19.31 62.09 39.18
C TYR B 269 19.05 61.08 40.28
N VAL B 270 19.82 59.99 40.32
CA VAL B 270 19.51 58.89 41.24
C VAL B 270 20.19 59.07 42.59
N SER B 271 21.51 59.31 42.58
CA SER B 271 22.27 59.35 43.81
C SER B 271 21.72 60.38 44.78
N ALA B 272 21.20 61.50 44.27
CA ALA B 272 20.71 62.56 45.14
C ALA B 272 19.61 62.04 46.06
N ASP B 273 18.58 61.41 45.49
CA ASP B 273 17.48 60.91 46.30
C ASP B 273 17.90 59.72 47.14
N TYR B 274 18.80 58.88 46.62
CA TYR B 274 19.30 57.78 47.45
C TYR B 274 19.93 58.30 48.73
N MET B 275 20.77 59.32 48.60
CA MET B 275 21.38 59.95 49.77
C MET B 275 20.34 60.64 50.64
N ARG B 276 19.31 61.25 50.03
CA ARG B 276 18.26 61.83 50.87
C ARG B 276 17.68 60.78 51.81
N HIS B 277 17.31 59.62 51.25
CA HIS B 277 16.75 58.56 52.08
C HIS B 277 17.73 58.12 53.16
N ALA B 278 18.98 57.88 52.76
CA ALA B 278 19.97 57.44 53.73
C ALA B 278 20.11 58.45 54.86
N ASN B 279 20.03 59.74 54.52
CA ASN B 279 20.23 60.79 55.53
C ASN B 279 19.05 60.86 56.48
N GLU B 280 17.82 60.72 55.97
CA GLU B 280 16.69 60.68 56.89
C GLU B 280 16.82 59.53 57.87
N ARG B 281 17.19 58.35 57.37
CA ARG B 281 17.35 57.20 58.25
C ARG B 281 18.46 57.43 59.27
N ARG B 282 19.59 57.98 58.81
CA ARG B 282 20.68 58.32 59.74
C ARG B 282 20.19 59.27 60.83
N THR B 283 19.43 60.30 60.44
CA THR B 283 19.02 61.32 61.38
C THR B 283 18.11 60.74 62.45
N HIS B 284 17.09 59.99 62.04
CA HIS B 284 16.20 59.42 63.03
C HIS B 284 16.93 58.42 63.93
N LEU B 285 17.85 57.64 63.37
CA LEU B 285 18.64 56.77 64.23
C LEU B 285 19.44 57.55 65.25
N ASP B 286 20.06 58.66 64.83
CA ASP B 286 20.86 59.45 65.76
C ASP B 286 19.98 60.01 66.87
N GLU B 287 18.81 60.51 66.51
CA GLU B 287 17.90 61.03 67.53
C GLU B 287 17.50 59.93 68.50
N ALA B 288 17.25 58.74 67.98
CA ALA B 288 16.86 57.62 68.84
C ALA B 288 17.99 57.24 69.79
N LEU B 289 19.23 57.24 69.31
CA LEU B 289 20.35 56.90 70.18
C LEU B 289 20.56 57.95 71.26
N ALA B 290 20.46 59.22 70.90
CA ALA B 290 20.59 60.25 71.93
C ALA B 290 19.50 60.10 72.98
N LEU B 291 18.26 59.87 72.55
CA LEU B 291 17.17 59.66 73.50
C LEU B 291 17.42 58.42 74.36
N ARG B 292 17.90 57.34 73.75
CA ARG B 292 18.20 56.13 74.51
C ARG B 292 19.23 56.39 75.59
N GLY B 293 20.36 56.99 75.22
CA GLY B 293 21.41 57.22 76.18
C GLY B 293 20.97 58.13 77.31
N GLU B 294 20.26 59.21 76.96
CA GLU B 294 19.78 60.12 78.00
C GLU B 294 18.79 59.42 78.92
N LEU B 295 17.90 58.60 78.36
CA LEU B 295 16.94 57.88 79.19
C LEU B 295 17.64 56.93 80.15
N PHE B 296 18.60 56.15 79.65
CA PHE B 296 19.31 55.22 80.52
C PHE B 296 20.04 55.97 81.64
N GLY B 297 20.78 57.02 81.29
CA GLY B 297 21.49 57.78 82.31
C GLY B 297 20.53 58.37 83.34
N SER B 298 19.44 58.97 82.87
CA SER B 298 18.48 59.59 83.78
C SER B 298 17.86 58.56 84.71
N HIS B 299 17.48 57.41 84.15
CA HIS B 299 16.81 56.38 84.92
C HIS B 299 17.71 55.84 86.02
N LYS B 300 18.93 55.44 85.65
CA LYS B 300 19.86 54.91 86.63
C LYS B 300 20.23 55.96 87.67
N GLN B 301 20.44 57.20 87.22
CA GLN B 301 20.78 58.28 88.14
C GLN B 301 19.69 58.49 89.17
N LEU B 302 18.28 58.46 88.86
CA LEU B 302 17.19 58.70 89.82
C LEU B 302 16.94 57.53 90.77
N ALA B 303 17.14 56.28 90.35
CA ALA B 303 16.96 55.15 91.25
C ALA B 303 17.97 55.24 92.41
N THR B 304 19.27 55.35 92.09
CA THR B 304 20.34 55.47 93.10
C THR B 304 20.17 56.72 93.96
N GLU B 305 19.79 57.83 93.35
CA GLU B 305 19.55 59.11 94.02
C GLU B 305 18.43 58.95 95.06
N GLN B 306 17.30 58.35 94.65
CA GLN B 306 16.19 58.08 95.57
C GLN B 306 16.60 57.12 96.67
N TYR B 307 17.37 56.06 96.40
CA TYR B 307 17.78 55.16 97.47
C TYR B 307 18.66 55.89 98.48
N ARG B 308 19.63 56.70 98.03
CA ARG B 308 20.49 57.47 98.95
C ARG B 308 19.65 58.44 99.78
N HIS B 309 18.71 59.15 99.15
CA HIS B 309 17.81 60.07 99.85
C HIS B 309 16.91 59.34 100.84
N VAL B 310 16.34 58.19 100.47
CA VAL B 310 15.49 57.42 101.39
C VAL B 310 16.30 56.96 102.60
N GLU B 311 17.49 56.37 102.40
CA GLU B 311 18.32 55.94 103.54
C GLU B 311 18.73 57.15 104.40
N MET B 312 19.10 58.27 103.79
CA MET B 312 19.42 59.50 104.53
C MET B 312 18.16 59.94 105.30
N ALA B 313 16.97 59.92 104.70
CA ALA B 313 15.73 60.30 105.37
C ALA B 313 15.47 59.41 106.59
N ARG B 314 15.77 58.10 106.54
CA ARG B 314 15.65 57.21 107.72
C ARG B 314 16.60 57.73 108.80
N GLU B 315 17.86 58.01 108.44
CA GLU B 315 18.85 58.54 109.38
C GLU B 315 18.38 59.88 109.98
N LEU B 316 17.78 60.78 109.21
CA LEU B 316 17.26 62.04 109.76
C LEU B 316 16.09 61.78 110.72
N ALA B 317 15.21 60.84 110.40
CA ALA B 317 14.11 60.47 111.29
C ALA B 317 14.70 59.95 112.62
N GLU B 318 15.68 59.04 112.55
CA GLU B 318 16.35 58.51 113.74
C GLU B 318 17.09 59.63 114.50
N GLN B 319 17.80 60.51 113.80
CA GLN B 319 18.50 61.65 114.42
C GLN B 319 17.50 62.60 115.09
N SER B 320 16.33 62.85 114.49
CA SER B 320 15.30 63.72 115.09
C SER B 320 14.76 63.08 116.37
N GLY B 321 14.47 61.77 116.35
CA GLY B 321 13.99 61.03 117.52
C GLY B 321 15.06 61.05 118.61
N ALA B 322 16.29 60.68 118.26
CA ALA B 322 17.43 60.69 119.16
C ALA B 322 17.65 62.10 119.73
N SER B 323 17.51 63.16 118.93
CA SER B 323 17.67 64.53 119.42
C SER B 323 16.63 64.85 120.50
N SER B 324 15.37 64.44 120.32
CA SER B 324 14.32 64.66 121.33
C SER B 324 14.61 63.85 122.62
N ASP B 325 15.10 62.62 122.47
CA ASP B 325 15.47 61.76 123.59
C ASP B 325 16.65 62.37 124.35
N LEU B 326 17.68 62.80 123.61
CA LEU B 326 18.86 63.48 124.14
C LEU B 326 18.44 64.79 124.81
N GLU B 327 17.43 65.52 124.30
CA GLU B 327 16.92 66.72 124.98
C GLU B 327 16.40 66.30 126.36
N THR B 328 15.58 65.24 126.46
CA THR B 328 15.07 64.78 127.76
C THR B 328 16.20 64.32 128.68
N ASP B 329 17.18 63.57 128.16
CA ASP B 329 18.33 63.11 128.94
C ASP B 329 19.19 64.28 129.41
N HIS B 330 19.51 65.26 128.56
CA HIS B 330 20.33 66.41 128.96
C HIS B 330 19.54 67.36 129.87
N GLN B 331 18.21 67.43 129.75
CA GLN B 331 17.38 68.20 130.70
C GLN B 331 17.49 67.51 132.06
N ALA B 332 17.32 66.19 132.13
CA ALA B 332 17.48 65.43 133.37
C ALA B 332 18.91 65.58 133.93
N ALA B 333 19.91 65.64 133.05
CA ALA B 333 21.30 65.85 133.44
C ALA B 333 21.48 67.27 134.02
N SER B 334 20.89 68.29 133.41
CA SER B 334 20.96 69.67 133.93
C SER B 334 20.20 69.78 135.26
N ASP B 335 19.11 69.03 135.43
CA ASP B 335 18.37 68.95 136.69
C ASP B 335 19.31 68.37 137.77
N HIS B 336 20.06 67.32 137.43
CA HIS B 336 21.06 66.73 138.32
C HIS B 336 22.13 67.78 138.65
N LEU B 337 22.61 68.56 137.67
CA LEU B 337 23.58 69.63 137.93
C LEU B 337 22.98 70.66 138.91
N ASN B 338 21.74 71.11 138.69
CA ASN B 338 21.08 72.06 139.57
C ASN B 338 20.96 71.49 141.00
N LEU B 339 20.65 70.20 141.13
CA LEU B 339 20.56 69.52 142.41
C LEU B 339 21.95 69.52 143.09
N VAL B 340 23.02 69.23 142.34
CA VAL B 340 24.40 69.29 142.85
C VAL B 340 24.77 70.72 143.26
N GLN B 341 24.43 71.75 142.46
CA GLN B 341 24.70 73.16 142.79
C GLN B 341 24.01 73.52 144.12
N THR B 342 22.77 73.05 144.28
CA THR B 342 21.97 73.28 145.48
C THR B 342 22.68 72.67 146.70
N ALA B 343 23.13 71.42 146.56
CA ALA B 343 23.82 70.67 147.62
C ALA B 343 25.24 71.19 147.96
N MET B 344 25.89 72.01 147.12
CA MET B 344 27.22 72.55 147.43
C MET B 344 27.22 73.29 148.77
N ARG B 345 26.14 74.03 149.10
CA ARG B 345 26.02 74.76 150.37
C ARG B 345 26.09 73.77 151.55
N GLN B 346 25.38 72.64 151.46
CA GLN B 346 25.39 71.61 152.49
C GLN B 346 26.71 70.82 152.50
N GLN B 347 27.41 70.65 151.36
CA GLN B 347 28.71 69.99 151.33
C GLN B 347 29.68 70.80 152.22
N GLU B 348 29.76 72.11 151.97
CA GLU B 348 30.59 73.02 152.77
C GLU B 348 30.15 73.05 154.24
N LYS B 349 28.84 72.98 154.53
CA LYS B 349 28.31 72.95 155.90
C LYS B 349 28.80 71.69 156.63
N ILE B 350 28.78 70.53 155.98
CA ILE B 350 29.28 69.28 156.56
C ILE B 350 30.78 69.43 156.83
N ASP B 351 31.53 70.04 155.90
CA ASP B 351 32.96 70.30 156.08
C ASP B 351 33.22 71.25 157.26
N ARG B 352 32.46 72.35 157.38
CA ARG B 352 32.59 73.28 158.50
C ARG B 352 32.28 72.58 159.81
N TYR B 353 31.22 71.76 159.87
CA TYR B 353 30.90 71.03 161.10
C TYR B 353 32.02 70.02 161.44
N GLN B 354 32.68 69.43 160.45
CA GLN B 354 33.83 68.53 160.70
C GLN B 354 34.99 69.36 161.30
N VAL B 355 35.27 70.55 160.78
CA VAL B 355 36.32 71.43 161.32
C VAL B 355 35.94 71.85 162.76
N ASP B 356 34.67 72.18 163.01
CA ASP B 356 34.19 72.51 164.35
C ASP B 356 34.43 71.33 165.30
N LEU B 357 34.17 70.10 164.84
CA LEU B 357 34.39 68.88 165.63
C LEU B 357 35.89 68.68 165.91
N GLU B 358 36.77 69.00 164.95
CA GLU B 358 38.22 68.93 165.17
C GLU B 358 38.63 69.95 166.24
N GLU B 359 38.15 71.19 166.14
CA GLU B 359 38.44 72.24 167.13
C GLU B 359 37.89 71.84 168.50
N LEU B 360 36.66 71.32 168.57
CA LEU B 360 36.07 70.84 169.82
C LEU B 360 36.88 69.66 170.35
N SER B 361 37.43 68.80 169.51
CA SER B 361 38.29 67.69 169.95
C SER B 361 39.57 68.25 170.57
N TYR B 362 40.19 69.28 169.99
CA TYR B 362 41.38 69.91 170.55
C TYR B 362 41.04 70.54 171.91
N ARG B 363 39.91 71.25 172.01
CA ARG B 363 39.44 71.85 173.26
C ARG B 363 39.15 70.76 174.30
N LEU B 364 38.56 69.63 173.90
CA LEU B 364 38.31 68.49 174.77
C LEU B 364 39.64 67.92 175.28
N GLU B 365 40.63 67.72 174.41
CA GLU B 365 41.94 67.21 174.82
C GLU B 365 42.56 68.15 175.86
N GLU B 366 42.58 69.46 175.60
CA GLU B 366 43.10 70.43 176.56
C GLU B 366 42.36 70.36 177.89
N GLN B 367 41.02 70.33 177.90
CA GLN B 367 40.28 70.25 179.15
C GLN B 367 40.44 68.88 179.82
N THR B 368 40.56 67.77 179.09
CA THR B 368 40.77 66.46 179.72
C THR B 368 42.13 66.47 180.42
N ASP B 369 43.17 67.01 179.78
CA ASP B 369 44.49 67.10 180.42
C ASP B 369 44.42 67.96 181.69
N VAL B 370 43.71 69.09 181.64
CA VAL B 370 43.54 69.98 182.79
C VAL B 370 42.74 69.28 183.91
N VAL B 371 41.67 68.55 183.58
CA VAL B 371 40.84 67.81 184.54
C VAL B 371 41.64 66.67 185.16
N GLU B 372 42.45 65.94 184.39
CA GLU B 372 43.29 64.85 184.92
C GLU B 372 44.34 65.39 185.88
N GLU B 373 45.02 66.49 185.54
CA GLU B 373 46.00 67.14 186.42
C GLU B 373 45.31 67.65 187.69
N ALA B 374 44.15 68.30 187.54
CA ALA B 374 43.37 68.80 188.66
C ALA B 374 42.87 67.67 189.56
N GLY B 375 42.49 66.52 188.99
CA GLY B 375 42.04 65.32 189.71
C GLY B 375 43.19 64.69 190.51
N GLU B 376 44.40 64.64 189.93
CA GLU B 376 45.58 64.12 190.62
C GLU B 376 45.92 65.04 191.81
N LEU B 377 45.92 66.35 191.60
CA LEU B 377 46.16 67.34 192.66
C LEU B 377 45.06 67.24 193.73
N GLN B 378 43.80 67.04 193.33
CA GLN B 378 42.68 66.89 194.26
C GLN B 378 42.88 65.64 195.14
N ALA B 379 43.16 64.49 194.55
CA ALA B 379 43.38 63.24 195.29
C ALA B 379 44.62 63.31 196.19
N GLU B 380 45.71 63.93 195.72
CA GLU B 380 46.93 64.10 196.52
C GLU B 380 46.63 65.02 197.70
N TYR B 381 45.93 66.13 197.49
CA TYR B 381 45.55 67.03 198.58
C TYR B 381 44.57 66.34 199.54
N GLU B 382 43.68 65.46 199.07
CA GLU B 382 42.79 64.69 199.96
C GLU B 382 43.62 63.77 200.86
N ALA B 383 44.50 62.94 200.29
CA ALA B 383 45.35 62.05 201.08
C ALA B 383 46.21 62.86 202.06
N ARG B 384 46.78 63.98 201.62
CA ARG B 384 47.58 64.87 202.47
C ARG B 384 46.74 65.49 203.57
N THR B 385 45.53 65.97 203.28
CA THR B 385 44.68 66.58 204.29
C THR B 385 44.28 65.53 205.32
N GLU B 386 43.79 64.36 204.89
CA GLU B 386 43.46 63.27 205.80
C GLU B 386 44.70 62.91 206.64
N ALA B 387 45.90 62.92 206.04
CA ALA B 387 47.15 62.67 206.76
C ALA B 387 47.39 63.76 207.80
N THR B 388 47.06 65.04 207.52
CA THR B 388 47.19 66.12 208.51
C THR B 388 46.19 65.91 209.65
N GLU B 389 44.94 65.51 209.40
CA GLU B 389 44.04 65.19 210.52
C GLU B 389 44.56 63.97 211.30
N GLN B 390 45.08 62.95 210.63
CA GLN B 390 45.65 61.77 211.28
C GLN B 390 46.85 62.17 212.16
N GLU B 391 47.72 63.06 211.67
CA GLU B 391 48.88 63.58 212.42
C GLU B 391 48.40 64.39 213.64
N VAL B 392 47.39 65.24 213.48
CA VAL B 392 46.80 66.02 214.56
C VAL B 392 46.20 65.07 215.62
N ASP B 393 45.47 64.04 215.21
CA ASP B 393 44.90 63.05 216.12
C ASP B 393 45.98 62.23 216.83
N GLU B 394 47.04 61.86 216.12
CA GLU B 394 48.17 61.10 216.69
C GLU B 394 48.84 61.96 217.77
N LEU B 395 49.12 63.24 217.48
CA LEU B 395 49.71 64.16 218.44
C LEU B 395 48.79 64.34 219.67
N LYS B 396 47.48 64.51 219.46
CA LYS B 396 46.49 64.64 220.56
C LYS B 396 46.46 63.38 221.42
N SER B 397 46.45 62.20 220.81
CA SER B 397 46.45 60.93 221.53
C SER B 397 47.77 60.73 222.30
N GLN B 398 48.92 61.02 221.69
CA GLN B 398 50.21 60.87 222.37
C GLN B 398 50.33 61.87 223.53
N LEU B 399 49.79 63.09 223.39
CA LEU B 399 49.77 64.08 224.46
C LEU B 399 48.91 63.55 225.62
N ALA B 400 47.72 62.99 225.33
CA ALA B 400 46.85 62.39 226.35
C ALA B 400 47.57 61.27 227.11
N ASP B 401 48.21 60.34 226.38
CA ASP B 401 48.96 59.22 226.98
C ASP B 401 50.13 59.71 227.84
N TYR B 402 50.84 60.76 227.42
CA TYR B 402 51.96 61.31 228.18
C TYR B 402 51.52 61.98 229.49
N GLN B 403 50.40 62.71 229.50
CA GLN B 403 49.93 63.40 230.72
C GLN B 403 49.18 62.52 231.73
N GLN B 404 48.80 61.27 231.40
CA GLN B 404 48.00 60.38 232.26
C GLN B 404 48.35 60.42 233.77
N ALA B 405 49.61 60.23 234.15
CA ALA B 405 50.02 60.28 235.57
C ALA B 405 50.07 61.69 236.18
N LEU B 406 50.28 62.74 235.37
CA LEU B 406 50.38 64.15 235.79
C LEU B 406 49.08 64.80 236.27
N ASP B 407 48.01 64.76 235.44
CA ASP B 407 46.75 65.46 235.72
C ASP B 407 45.64 64.66 236.44
N VAL B 408 45.77 63.34 236.63
CA VAL B 408 44.76 62.51 237.32
C VAL B 408 44.65 62.86 238.81
N GLN B 409 45.78 63.09 239.49
CA GLN B 409 45.82 63.44 240.92
C GLN B 409 45.65 64.97 241.07
N GLN B 410 44.44 65.46 240.79
CA GLN B 410 44.09 66.89 240.83
C GLN B 410 43.88 67.45 242.25
N THR B 411 43.52 66.62 243.22
CA THR B 411 43.33 66.93 244.67
C THR B 411 42.33 68.05 245.04
N ARG B 412 41.42 68.43 244.13
CA ARG B 412 40.42 69.53 244.27
C ARG B 412 41.01 70.89 244.71
N ALA B 413 42.33 71.08 244.62
CA ALA B 413 43.03 72.29 245.02
C ALA B 413 43.24 73.26 243.84
N ILE B 414 43.42 72.74 242.62
CA ILE B 414 43.63 73.53 241.39
C ILE B 414 42.27 73.85 240.71
N GLN B 415 41.15 73.60 241.42
CA GLN B 415 39.79 73.81 240.93
C GLN B 415 39.26 75.26 241.09
N TYR B 416 39.66 75.98 242.15
CA TYR B 416 39.17 77.36 242.38
C TYR B 416 39.75 78.40 241.39
N GLN B 417 40.89 78.15 240.75
CA GLN B 417 41.46 79.09 239.77
C GLN B 417 40.47 79.30 238.61
N GLN B 418 39.65 78.31 238.28
CA GLN B 418 38.62 78.43 237.24
C GLN B 418 37.58 79.48 237.64
N ALA B 419 37.22 79.56 238.93
CA ALA B 419 36.31 80.57 239.46
C ALA B 419 36.94 81.96 239.29
N LEU B 420 38.24 82.07 239.62
CA LEU B 420 39.03 83.29 239.46
C LEU B 420 39.10 83.69 237.98
N GLN B 421 39.38 82.75 237.07
CA GLN B 421 39.42 83.03 235.63
C GLN B 421 38.04 83.44 235.11
N ALA B 422 36.95 82.80 235.56
CA ALA B 422 35.60 83.16 235.16
C ALA B 422 35.28 84.60 235.59
N LEU B 423 35.63 84.94 236.83
CA LEU B 423 35.46 86.29 237.40
C LEU B 423 36.31 87.30 236.60
N GLU B 424 37.55 86.97 236.27
CA GLU B 424 38.42 87.87 235.49
C GLU B 424 37.87 88.06 234.07
N ARG B 425 37.39 86.97 233.43
CA ARG B 425 36.77 87.03 232.09
C ARG B 425 35.56 87.96 232.13
N ALA B 426 34.75 87.85 233.18
CA ALA B 426 33.60 88.72 233.38
C ALA B 426 34.06 90.16 233.61
N ARG B 427 35.17 90.42 234.31
CA ARG B 427 35.72 91.77 234.53
C ARG B 427 36.09 92.45 233.20
N GLU B 428 36.57 91.72 232.18
CA GLU B 428 36.80 92.34 230.86
C GLU B 428 35.50 92.44 230.04
N LEU B 429 34.68 91.39 229.99
CA LEU B 429 33.43 91.33 229.22
C LEU B 429 32.34 92.31 229.70
N CYS B 430 32.18 92.45 231.01
CA CYS B 430 31.26 93.34 231.69
C CYS B 430 32.04 94.57 232.17
N ARG B 431 31.60 95.79 231.86
CA ARG B 431 32.29 97.04 232.26
C ARG B 431 32.09 97.34 233.77
N LEU B 432 32.62 96.46 234.61
CA LEU B 432 32.53 96.46 236.08
C LEU B 432 33.90 96.08 236.71
N PRO B 433 34.86 97.01 236.82
CA PRO B 433 36.17 96.71 237.41
C PRO B 433 36.08 96.27 238.89
N ASP B 434 35.05 96.72 239.61
CA ASP B 434 34.78 96.40 241.02
C ASP B 434 33.98 95.08 241.22
N LEU B 435 33.66 94.35 240.16
CA LEU B 435 32.89 93.10 240.19
C LEU B 435 33.51 92.06 241.14
N SER B 436 32.76 91.69 242.18
CA SER B 436 33.11 90.70 243.21
C SER B 436 32.10 89.56 243.21
N VAL B 437 32.50 88.35 243.61
CA VAL B 437 31.58 87.21 243.67
C VAL B 437 30.37 87.47 244.60
N ASP B 438 30.52 88.40 245.55
CA ASP B 438 29.49 88.83 246.50
C ASP B 438 28.43 89.73 245.84
N ASN B 439 28.84 90.82 245.16
CA ASN B 439 27.89 91.73 244.49
C ASN B 439 27.52 91.29 243.06
N ALA B 440 28.05 90.16 242.59
CA ALA B 440 27.75 89.62 241.26
C ALA B 440 26.27 89.21 241.12
N GLU B 441 25.52 89.00 242.22
CA GLU B 441 24.10 88.65 242.13
C GLU B 441 23.28 89.89 241.69
N GLU B 442 23.57 91.07 242.24
CA GLU B 442 22.92 92.32 241.82
C GLU B 442 23.30 92.63 240.37
N TRP B 443 24.56 92.40 239.99
CA TRP B 443 24.97 92.60 238.60
C TRP B 443 24.26 91.59 237.68
N LEU B 444 24.12 90.33 238.07
CA LEU B 444 23.42 89.31 237.28
C LEU B 444 21.97 89.75 236.98
N GLU B 445 21.18 90.12 237.99
CA GLU B 445 19.80 90.56 237.75
C GLU B 445 19.77 91.85 236.92
N THR B 446 20.71 92.78 237.15
CA THR B 446 20.80 94.02 236.38
C THR B 446 21.11 93.76 234.90
N PHE B 447 22.02 92.83 234.59
CA PHE B 447 22.34 92.47 233.21
C PHE B 447 21.22 91.62 232.59
N GLN B 448 20.52 90.78 233.37
CA GLN B 448 19.36 90.04 232.85
C GLN B 448 18.27 91.04 232.43
N ALA B 449 18.09 92.14 233.18
CA ALA B 449 17.14 93.19 232.82
C ALA B 449 17.53 93.80 231.45
N LYS B 450 18.82 94.09 231.23
CA LYS B 450 19.30 94.60 229.94
C LYS B 450 19.08 93.57 228.82
N GLU B 451 19.31 92.28 229.07
CA GLU B 451 19.10 91.23 228.08
C GLU B 451 17.63 91.12 227.67
N GLN B 452 16.68 91.10 228.62
CA GLN B 452 15.26 91.04 228.23
C GLN B 452 14.88 92.34 227.48
N GLN B 453 15.39 93.51 227.89
CA GLN B 453 15.12 94.76 227.19
C GLN B 453 15.64 94.67 225.74
N ALA B 454 16.83 94.08 225.54
CA ALA B 454 17.38 93.89 224.22
C ALA B 454 16.49 92.94 223.38
N THR B 455 15.95 91.85 223.96
CA THR B 455 15.05 90.96 223.21
C THR B 455 13.75 91.68 222.84
N GLU B 456 13.17 92.46 223.75
CA GLU B 456 11.94 93.22 223.47
C GLU B 456 12.18 94.25 222.35
N ALA B 457 13.31 94.97 222.41
CA ALA B 457 13.68 95.94 221.39
C ALA B 457 13.93 95.24 220.04
N LEU B 458 14.56 94.06 220.07
CA LEU B 458 14.83 93.26 218.88
C LEU B 458 13.52 92.81 218.22
N LEU B 459 12.56 92.30 218.99
CA LEU B 459 11.24 91.90 218.48
C LEU B 459 10.47 93.10 217.94
N ALA B 460 10.51 94.25 218.63
CA ALA B 460 9.84 95.48 218.20
C ALA B 460 10.36 95.92 216.82
N LEU B 461 11.68 95.89 216.63
CA LEU B 461 12.31 96.20 215.34
C LEU B 461 11.93 95.13 214.30
N GLU B 462 11.89 93.85 214.71
CA GLU B 462 11.58 92.71 213.82
C GLU B 462 10.18 92.77 213.19
N GLN B 463 9.16 93.25 213.92
CA GLN B 463 7.80 93.39 213.37
C GLN B 463 7.82 94.34 212.17
N LYS B 464 8.36 95.55 212.35
CA LYS B 464 8.46 96.55 211.26
C LYS B 464 9.38 96.04 210.15
N LEU B 465 10.45 95.33 210.50
CA LEU B 465 11.41 94.78 209.54
C LEU B 465 10.73 93.75 208.62
N SER B 466 9.89 92.87 209.19
CA SER B 466 9.19 91.82 208.43
C SER B 466 8.21 92.42 207.41
N VAL B 467 7.42 93.41 207.81
CA VAL B 467 6.47 94.07 206.89
C VAL B 467 7.26 94.85 205.83
N ALA B 468 8.36 95.52 206.20
CA ALA B 468 9.20 96.27 205.28
C ALA B 468 9.89 95.35 204.25
N ASP B 469 10.44 94.21 204.68
CA ASP B 469 11.12 93.28 203.79
C ASP B 469 10.13 92.66 202.78
N ALA B 470 8.93 92.27 203.23
CA ALA B 470 7.93 91.71 202.35
C ALA B 470 7.38 92.78 201.38
N ALA B 471 7.20 94.02 201.84
CA ALA B 471 6.75 95.12 200.99
C ALA B 471 7.79 95.35 199.87
N HIS B 472 9.09 95.31 200.21
CA HIS B 472 10.17 95.43 199.22
C HIS B 472 10.15 94.20 198.28
N ASN B 473 9.84 93.00 198.77
CA ASN B 473 9.74 91.82 197.90
C ASN B 473 8.60 92.01 196.87
N GLN B 474 7.42 92.49 197.27
CA GLN B 474 6.35 92.75 196.30
C GLN B 474 6.74 93.87 195.34
N PHE B 475 7.38 94.93 195.83
CA PHE B 475 7.87 96.03 195.00
C PHE B 475 8.85 95.50 193.93
N GLU B 476 9.80 94.65 194.32
CA GLU B 476 10.74 94.01 193.42
C GLU B 476 10.00 93.09 192.45
N GLN B 477 8.99 92.31 192.87
CA GLN B 477 8.21 91.47 191.96
C GLN B 477 7.53 92.34 190.90
N ALA B 478 6.89 93.44 191.29
CA ALA B 478 6.25 94.34 190.35
C ALA B 478 7.30 94.91 189.36
N TYR B 479 8.47 95.29 189.87
CA TYR B 479 9.57 95.78 189.04
C TYR B 479 10.09 94.69 188.08
N GLN B 480 10.27 93.44 188.52
CA GLN B 480 10.70 92.35 187.64
C GLN B 480 9.64 92.11 186.56
N LEU B 481 8.35 92.09 186.92
CA LEU B 481 7.27 91.90 185.97
C LEU B 481 7.31 93.01 184.91
N VAL B 482 7.46 94.27 185.30
CA VAL B 482 7.59 95.39 184.34
C VAL B 482 8.85 95.21 183.47
N LYS B 483 10.01 94.85 184.06
CA LYS B 483 11.23 94.63 183.27
C LYS B 483 11.09 93.46 182.29
N ASN B 484 10.41 92.38 182.66
CA ASN B 484 10.21 91.26 181.75
C ASN B 484 9.33 91.65 180.55
N ILE B 485 8.29 92.49 180.77
CA ILE B 485 7.36 92.94 179.72
C ILE B 485 7.97 94.02 178.79
N VAL B 486 8.66 95.04 179.32
CA VAL B 486 9.23 96.16 178.51
C VAL B 486 10.76 96.28 178.49
N GLY B 487 11.44 95.89 179.56
CA GLY B 487 12.90 96.01 179.70
C GLY B 487 13.28 97.04 180.78
N GLU B 488 14.52 97.52 180.79
CA GLU B 488 14.98 98.49 181.79
C GLU B 488 14.16 99.80 181.78
N THR B 489 13.81 100.27 182.98
CA THR B 489 13.05 101.50 183.25
C THR B 489 13.22 101.84 184.73
N SER B 490 13.00 103.09 185.16
CA SER B 490 13.16 103.46 186.57
C SER B 490 11.92 103.11 187.41
N ARG B 491 12.08 103.04 188.74
CA ARG B 491 10.96 102.75 189.66
C ARG B 491 9.91 103.84 189.61
N SER B 492 10.31 105.10 189.35
CA SER B 492 9.40 106.24 189.20
C SER B 492 8.43 106.04 188.03
N GLU B 493 8.91 105.43 186.93
CA GLU B 493 8.16 105.08 185.71
C GLU B 493 7.41 103.74 185.78
N ALA B 494 7.67 102.91 186.79
CA ALA B 494 7.06 101.59 186.91
C ALA B 494 5.53 101.58 187.00
N TRP B 495 4.91 102.42 187.84
CA TRP B 495 3.44 102.45 187.97
C TRP B 495 2.74 102.87 186.67
N GLN B 496 3.19 103.96 186.04
CA GLN B 496 2.61 104.46 184.80
C GLN B 496 2.80 103.45 183.67
N SER B 497 3.98 102.82 183.57
CA SER B 497 4.21 101.80 182.55
C SER B 497 3.33 100.57 182.84
N ALA B 498 3.19 100.13 184.09
CA ALA B 498 2.30 99.00 184.42
C ALA B 498 0.85 99.33 184.04
N ARG B 499 0.38 100.56 184.31
CA ARG B 499 -0.96 101.03 183.93
C ARG B 499 -1.13 101.05 182.41
N GLU B 500 -0.13 101.52 181.68
CA GLU B 500 -0.12 101.58 180.21
C GLU B 500 -0.16 100.15 179.62
N LEU B 501 0.62 99.22 180.20
CA LEU B 501 0.68 97.82 179.81
C LEU B 501 -0.68 97.14 180.02
N LEU B 502 -1.32 97.38 181.17
CA LEU B 502 -2.64 96.83 181.47
C LEU B 502 -3.74 97.48 180.61
N ARG B 503 -3.47 98.67 180.05
CA ARG B 503 -4.36 99.37 179.10
C ARG B 503 -4.17 98.77 177.70
N ASP B 504 -2.94 98.37 177.35
CA ASP B 504 -2.62 97.71 176.08
C ASP B 504 -3.17 96.28 176.04
N TRP B 505 -3.08 95.51 177.13
CA TRP B 505 -3.53 94.11 177.19
C TRP B 505 -4.95 93.85 176.63
N PRO B 506 -5.99 94.64 176.96
CA PRO B 506 -7.33 94.51 176.37
C PRO B 506 -7.28 94.60 174.84
N SER B 507 -6.63 95.65 174.31
CA SER B 507 -6.48 95.87 172.87
C SER B 507 -5.67 94.76 172.19
N GLN B 508 -4.58 94.31 172.80
CA GLN B 508 -3.72 93.23 172.28
C GLN B 508 -4.54 91.94 172.06
N ARG B 509 -5.38 91.55 173.02
CA ARG B 509 -6.24 90.37 172.87
C ARG B 509 -7.28 90.57 171.76
N HIS B 510 -8.01 91.69 171.76
CA HIS B 510 -9.04 91.96 170.75
C HIS B 510 -8.47 91.98 169.32
N LEU B 511 -7.30 92.59 169.11
CA LEU B 511 -6.68 92.62 167.79
C LEU B 511 -6.05 91.26 167.43
N ALA B 512 -5.54 90.48 168.41
CA ALA B 512 -5.04 89.13 168.15
C ALA B 512 -6.18 88.20 167.69
N ASP B 513 -7.42 88.43 168.17
CA ASP B 513 -8.62 87.68 167.75
C ASP B 513 -9.00 87.95 166.26
N ARG B 514 -8.45 88.99 165.63
CA ARG B 514 -8.74 89.38 164.23
C ARG B 514 -8.09 88.44 163.19
N VAL B 515 -7.16 87.55 163.58
CA VAL B 515 -6.42 86.63 162.69
C VAL B 515 -7.32 85.78 161.78
N GLN B 516 -8.19 84.92 162.32
CA GLN B 516 -9.05 84.04 161.51
C GLN B 516 -9.91 84.80 160.48
N PRO B 517 -10.67 85.85 160.83
CA PRO B 517 -11.43 86.63 159.84
C PRO B 517 -10.55 87.13 158.67
N LEU B 518 -9.31 87.54 158.96
CA LEU B 518 -8.36 87.99 157.94
C LEU B 518 -7.83 86.84 157.06
N ARG B 519 -7.74 85.60 157.55
CA ARG B 519 -7.29 84.44 156.74
C ARG B 519 -8.26 84.21 155.58
N MET B 520 -9.57 84.21 155.86
CA MET B 520 -10.59 84.05 154.81
C MET B 520 -10.52 85.23 153.84
N ARG B 521 -10.35 86.46 154.34
CA ARG B 521 -10.20 87.66 153.51
C ARG B 521 -8.98 87.54 152.59
N LEU B 522 -7.85 87.07 153.11
CA LEU B 522 -6.62 86.86 152.34
C LEU B 522 -6.85 85.83 151.23
N SER B 523 -7.48 84.70 151.55
CA SER B 523 -7.74 83.64 150.56
C SER B 523 -8.61 84.16 149.41
N GLU B 524 -9.67 84.92 149.73
CA GLU B 524 -10.58 85.48 148.74
C GLU B 524 -9.85 86.52 147.88
N LEU B 525 -9.15 87.47 148.51
CA LEU B 525 -8.40 88.54 147.83
C LEU B 525 -7.30 87.96 146.93
N GLU B 526 -6.68 86.85 147.32
CA GLU B 526 -5.67 86.15 146.52
C GLU B 526 -6.31 85.61 145.23
N GLN B 527 -7.49 84.99 145.32
CA GLN B 527 -8.18 84.52 144.11
C GLN B 527 -8.51 85.72 143.22
N ARG B 528 -8.95 86.84 143.80
CA ARG B 528 -9.27 88.04 143.00
C ARG B 528 -8.06 88.48 142.20
N LEU B 529 -6.88 88.61 142.82
CA LEU B 529 -5.66 88.98 142.10
C LEU B 529 -5.37 87.98 140.97
N ASN B 530 -5.50 86.67 141.24
CA ASN B 530 -5.27 85.63 140.23
C ASN B 530 -6.16 85.90 139.01
N ASN B 531 -7.46 86.11 139.23
CA ASN B 531 -8.40 86.39 138.14
C ASN B 531 -8.08 87.71 137.44
N GLN B 532 -7.62 88.74 138.16
CA GLN B 532 -7.24 90.02 137.55
C GLN B 532 -6.08 89.76 136.58
N GLN B 533 -5.03 89.05 137.03
CA GLN B 533 -3.90 88.71 136.18
C GLN B 533 -4.33 87.81 135.01
N ASN B 534 -5.23 86.84 135.20
CA ASN B 534 -5.68 86.01 134.08
C ASN B 534 -6.37 86.90 133.03
N ALA B 535 -7.29 87.77 133.45
CA ALA B 535 -8.00 88.67 132.55
C ALA B 535 -7.04 89.63 131.82
N GLU B 536 -6.08 90.24 132.52
CA GLU B 536 -5.08 91.13 131.93
C GLU B 536 -4.21 90.40 130.89
N ARG B 537 -3.75 89.18 131.23
CA ARG B 537 -2.96 88.34 130.30
C ARG B 537 -3.76 87.99 129.06
N LEU B 538 -4.95 87.42 129.23
CA LEU B 538 -5.83 87.05 128.12
C LEU B 538 -6.17 88.27 127.24
N LEU B 539 -6.43 89.43 127.84
CA LEU B 539 -6.66 90.68 127.11
C LEU B 539 -5.44 91.03 126.27
N SER B 540 -4.24 91.02 126.87
CA SER B 540 -3.00 91.36 126.17
C SER B 540 -2.69 90.39 125.03
N GLU B 541 -2.84 89.08 125.23
CA GLU B 541 -2.60 88.09 124.16
C GLU B 541 -3.61 88.25 123.02
N PHE B 542 -4.91 88.40 123.30
CA PHE B 542 -5.89 88.61 122.23
C PHE B 542 -5.62 89.94 121.50
N CYS B 543 -5.41 91.03 122.24
CA CYS B 543 -5.14 92.34 121.66
C CYS B 543 -3.84 92.37 120.82
N LYS B 544 -2.94 91.39 120.99
CA LYS B 544 -1.72 91.22 120.19
C LYS B 544 -1.99 90.32 118.99
N ARG B 545 -2.85 89.30 119.14
CA ARG B 545 -3.23 88.34 118.10
C ARG B 545 -4.05 89.05 117.01
N GLN B 546 -5.06 89.83 117.41
CA GLN B 546 -5.88 90.68 116.55
C GLN B 546 -5.68 92.12 117.08
N GLY B 547 -5.28 93.05 116.21
CA GLY B 547 -4.87 94.39 116.65
C GLY B 547 -3.50 94.26 117.35
N ARG B 548 -2.98 95.33 117.97
CA ARG B 548 -1.72 95.30 118.77
C ARG B 548 -2.00 95.71 120.23
N GLN B 549 -2.88 96.70 120.36
CA GLN B 549 -3.51 97.25 121.56
C GLN B 549 -4.87 97.61 120.96
N TYR B 550 -5.93 96.93 121.36
CA TYR B 550 -7.24 97.11 120.72
C TYR B 550 -8.39 97.32 121.70
N GLN B 551 -8.51 98.56 122.20
CA GLN B 551 -9.58 99.03 123.10
C GLN B 551 -9.99 98.05 124.23
N ALA B 552 -8.98 97.47 124.89
CA ALA B 552 -9.12 96.53 126.00
C ALA B 552 -9.97 97.07 127.17
N GLU B 553 -10.05 98.39 127.33
CA GLU B 553 -10.82 99.07 128.38
C GLU B 553 -12.32 98.78 128.29
N ASP B 554 -12.87 98.76 127.07
CA ASP B 554 -14.29 98.49 126.78
C ASP B 554 -14.39 97.95 125.34
N LEU B 555 -14.40 96.62 125.20
CA LEU B 555 -14.37 95.91 123.92
C LEU B 555 -15.71 95.35 123.42
N GLU B 556 -16.81 95.47 124.18
CA GLU B 556 -18.14 94.96 123.77
C GLU B 556 -18.59 95.51 122.41
N ALA B 557 -18.30 96.77 122.12
CA ALA B 557 -18.64 97.39 120.84
C ALA B 557 -18.04 96.62 119.66
N LEU B 558 -16.82 96.09 119.81
CA LEU B 558 -16.16 95.30 118.78
C LEU B 558 -16.86 93.97 118.63
N GLN B 559 -17.31 93.35 119.73
CA GLN B 559 -18.06 92.08 119.63
C GLN B 559 -19.33 92.32 118.81
N ASN B 560 -20.05 93.43 119.07
CA ASN B 560 -21.25 93.78 118.32
C ASN B 560 -20.94 94.03 116.83
N GLU B 561 -19.87 94.77 116.50
CA GLU B 561 -19.50 94.99 115.09
C GLU B 561 -19.06 93.69 114.41
N LEU B 562 -18.36 92.79 115.12
CA LEU B 562 -17.96 91.51 114.56
C LEU B 562 -19.21 90.65 114.33
N GLU B 563 -20.23 90.70 115.19
CA GLU B 563 -21.50 90.02 114.95
C GLU B 563 -22.16 90.59 113.69
N ALA B 564 -22.14 91.92 113.52
CA ALA B 564 -22.64 92.57 112.31
C ALA B 564 -21.84 92.09 111.09
N ARG B 565 -20.53 91.88 111.22
CA ARG B 565 -19.69 91.33 110.16
C ARG B 565 -20.02 89.85 109.90
N GLN B 566 -20.49 89.09 110.89
CA GLN B 566 -20.94 87.71 110.65
C GLN B 566 -22.26 87.75 109.88
N GLU B 567 -23.14 88.73 110.17
CA GLU B 567 -24.34 88.91 109.36
C GLU B 567 -23.89 89.24 107.93
N ALA B 568 -22.90 90.13 107.77
CA ALA B 568 -22.33 90.46 106.48
C ALA B 568 -21.76 89.20 105.78
N LEU B 569 -21.17 88.25 106.53
CA LEU B 569 -20.70 86.97 105.99
C LEU B 569 -21.87 86.29 105.31
N SER B 570 -22.95 86.04 106.08
CA SER B 570 -24.15 85.36 105.58
C SER B 570 -24.74 86.08 104.37
N LEU B 571 -24.86 87.41 104.39
CA LEU B 571 -25.36 88.17 103.26
C LEU B 571 -24.45 88.01 102.04
N SER B 572 -23.16 88.27 102.20
CA SER B 572 -22.16 88.20 101.13
C SER B 572 -22.01 86.82 100.51
N VAL B 573 -21.95 85.76 101.33
CA VAL B 573 -21.81 84.39 100.83
C VAL B 573 -23.07 83.96 100.08
N ASN B 574 -24.27 84.25 100.60
CA ASN B 574 -25.52 83.90 99.93
C ASN B 574 -25.69 84.69 98.63
N GLU B 575 -25.43 86.01 98.63
CA GLU B 575 -25.53 86.84 97.43
C GLU B 575 -24.53 86.38 96.36
N GLY B 576 -23.27 86.19 96.74
CA GLY B 576 -22.24 85.74 95.80
C GLY B 576 -22.60 84.37 95.24
N GLY B 577 -23.09 83.45 96.09
CA GLY B 577 -23.51 82.10 95.72
C GLY B 577 -24.70 82.08 94.75
N GLU B 578 -25.78 82.81 95.06
CA GLU B 578 -26.93 82.84 94.17
C GLU B 578 -26.58 83.55 92.87
N ARG B 579 -25.89 84.71 92.93
CA ARG B 579 -25.54 85.45 91.72
C ARG B 579 -24.59 84.66 90.83
N ARG B 580 -23.53 84.05 91.36
CA ARG B 580 -22.61 83.26 90.52
C ARG B 580 -23.32 82.07 89.92
N MET B 581 -24.22 81.39 90.66
CA MET B 581 -24.87 80.23 90.06
C MET B 581 -25.91 80.69 89.04
N GLU B 582 -26.63 81.79 89.27
CA GLU B 582 -27.60 82.32 88.31
C GLU B 582 -26.89 82.76 87.02
N MET B 583 -25.74 83.43 87.12
CA MET B 583 -24.98 83.80 85.92
C MET B 583 -24.36 82.53 85.30
N ARG B 584 -24.07 81.47 86.07
CA ARG B 584 -23.64 80.20 85.47
C ARG B 584 -24.82 79.62 84.68
N GLN B 585 -26.06 79.72 85.17
CA GLN B 585 -27.21 79.24 84.41
C GLN B 585 -27.36 80.06 83.13
N GLU B 586 -27.10 81.38 83.19
CA GLU B 586 -27.09 82.21 81.99
C GLU B 586 -26.01 81.65 81.05
N LEU B 587 -24.83 81.26 81.57
CA LEU B 587 -23.79 80.64 80.77
C LEU B 587 -24.34 79.38 80.13
N GLU B 588 -25.08 78.53 80.85
CA GLU B 588 -25.67 77.33 80.25
C GLU B 588 -26.62 77.70 79.11
N GLN B 589 -27.45 78.73 79.27
CA GLN B 589 -28.31 79.17 78.17
C GLN B 589 -27.44 79.59 77.00
N LEU B 590 -26.35 80.23 77.35
CA LEU B 590 -25.49 80.65 76.25
C LEU B 590 -24.83 79.46 75.57
N LYS B 591 -24.47 78.44 76.35
CA LYS B 591 -23.84 77.24 75.80
C LYS B 591 -24.80 76.50 74.88
N GLN B 592 -26.03 76.29 75.34
CA GLN B 592 -27.04 75.67 74.48
C GLN B 592 -27.26 76.50 73.22
N LYS B 593 -27.29 77.83 73.36
CA LYS B 593 -27.41 78.69 72.19
C LYS B 593 -26.28 78.46 71.22
N ILE B 594 -25.05 78.34 71.72
CA ILE B 594 -23.90 78.13 70.83
C ILE B 594 -24.03 76.80 70.12
N GLN B 595 -24.46 75.74 70.81
CA GLN B 595 -24.65 74.47 70.10
C GLN B 595 -25.71 74.60 69.01
N SER B 596 -26.83 75.26 69.31
CA SER B 596 -27.86 75.43 68.28
C SER B 596 -27.32 76.20 67.08
N LEU B 597 -26.65 77.31 67.34
CA LEU B 597 -26.11 78.13 66.26
C LEU B 597 -25.09 77.34 65.45
N THR B 598 -24.26 76.56 66.12
CA THR B 598 -23.24 75.79 65.43
C THR B 598 -23.85 74.73 64.53
N ALA B 599 -24.87 74.02 65.02
CA ALA B 599 -25.54 73.04 64.18
C ALA B 599 -26.16 73.71 62.97
N ARG B 600 -26.75 74.89 63.16
CA ARG B 600 -27.42 75.60 62.07
C ARG B 600 -26.44 76.17 61.04
N ALA B 601 -25.27 76.61 61.47
CA ALA B 601 -24.38 77.40 60.61
C ALA B 601 -24.08 76.81 59.24
N PRO B 602 -23.59 75.57 59.11
CA PRO B 602 -23.09 75.13 57.80
C PRO B 602 -24.16 75.15 56.71
N VAL B 603 -25.40 74.83 57.06
CA VAL B 603 -26.48 74.85 56.09
C VAL B 603 -26.69 76.27 55.58
N TRP B 604 -26.74 77.23 56.50
CA TRP B 604 -26.92 78.63 56.11
C TRP B 604 -25.77 79.08 55.22
N LEU B 605 -24.55 78.65 55.53
CA LEU B 605 -23.42 79.08 54.72
C LEU B 605 -23.49 78.51 53.30
N ALA B 606 -23.80 77.22 53.17
CA ALA B 606 -23.95 76.63 51.83
C ALA B 606 -25.03 77.36 51.04
N ALA B 607 -26.17 77.62 51.69
CA ALA B 607 -27.26 78.31 51.04
C ALA B 607 -26.81 79.69 50.57
N GLN B 608 -26.08 80.42 51.41
CA GLN B 608 -25.62 81.74 51.03
C GLN B 608 -24.66 81.69 49.84
N ASP B 609 -23.75 80.71 49.80
CA ASP B 609 -22.86 80.65 48.65
C ASP B 609 -23.66 80.45 47.37
N THR B 610 -24.61 79.51 47.39
CA THR B 610 -25.39 79.29 46.17
C THR B 610 -26.16 80.54 45.79
N LEU B 611 -26.76 81.22 46.78
CA LEU B 611 -27.52 82.42 46.49
C LEU B 611 -26.65 83.50 45.88
N ASN B 612 -25.48 83.74 46.45
CA ASN B 612 -24.60 84.78 45.91
C ASN B 612 -24.22 84.44 44.48
N GLN B 613 -23.85 83.19 44.21
CA GLN B 613 -23.51 82.81 42.85
C GLN B 613 -24.68 83.06 41.92
N LEU B 614 -25.89 82.68 42.35
CA LEU B 614 -27.05 82.80 41.50
C LEU B 614 -27.34 84.25 41.16
N CYS B 615 -27.43 85.12 42.18
CA CYS B 615 -27.82 86.50 41.91
C CYS B 615 -26.72 87.25 41.17
N GLU B 616 -25.46 86.96 41.49
CA GLU B 616 -24.38 87.58 40.74
C GLU B 616 -24.41 87.16 39.28
N GLN B 617 -24.82 85.91 39.01
CA GLN B 617 -24.97 85.47 37.63
C GLN B 617 -26.01 86.32 36.90
N SER B 618 -27.00 86.84 37.61
CA SER B 618 -27.97 87.74 37.04
C SER B 618 -27.55 89.20 37.24
N GLY B 619 -28.28 90.11 36.58
CA GLY B 619 -27.99 91.52 36.73
C GLY B 619 -28.56 92.13 38.00
N GLU B 620 -29.65 91.58 38.51
CA GLU B 620 -30.34 92.13 39.66
C GLU B 620 -29.97 91.34 40.91
N THR B 621 -30.00 92.02 42.05
CA THR B 621 -29.64 91.44 43.34
C THR B 621 -30.90 91.16 44.14
N LEU B 622 -31.03 89.93 44.63
CA LEU B 622 -32.21 89.48 45.35
C LEU B 622 -32.04 89.71 46.85
N ALA B 623 -33.17 89.94 47.53
CA ALA B 623 -33.13 90.16 48.97
C ALA B 623 -34.19 89.42 49.76
N SER B 624 -35.20 88.81 49.14
CA SER B 624 -36.28 88.17 49.90
C SER B 624 -36.99 87.17 49.00
N SER B 625 -37.78 86.31 49.64
CA SER B 625 -38.53 85.29 48.91
C SER B 625 -39.45 85.92 47.86
N ASN B 626 -40.23 86.92 48.28
CA ASN B 626 -41.12 87.61 47.34
C ASN B 626 -40.33 88.22 46.20
N ASP B 627 -39.15 88.75 46.50
CA ASP B 627 -38.30 89.34 45.47
C ASP B 627 -37.91 88.29 44.43
N VAL B 628 -37.54 87.10 44.90
CA VAL B 628 -37.19 86.02 43.98
C VAL B 628 -38.38 85.67 43.10
N THR B 629 -39.58 85.63 43.68
CA THR B 629 -40.77 85.31 42.89
C THR B 629 -41.02 86.33 41.79
N GLU B 630 -40.95 87.62 42.14
CA GLU B 630 -41.16 88.65 41.12
C GLU B 630 -40.10 88.54 40.03
N TYR B 631 -38.86 88.19 40.40
CA TYR B 631 -37.85 87.97 39.38
C TYR B 631 -38.21 86.80 38.48
N MET B 632 -38.79 85.73 39.05
CA MET B 632 -39.33 84.66 38.22
C MET B 632 -40.28 85.22 37.16
N GLN B 633 -41.20 86.07 37.57
CA GLN B 633 -42.19 86.57 36.61
C GLN B 633 -41.53 87.38 35.50
N GLN B 634 -40.59 88.25 35.85
CA GLN B 634 -39.88 89.00 34.80
C GLN B 634 -39.16 88.06 33.85
N LEU B 635 -38.58 86.98 34.39
CA LEU B 635 -37.91 86.01 33.53
C LEU B 635 -38.89 85.39 32.54
N LEU B 636 -40.09 85.05 33.00
CA LEU B 636 -41.10 84.49 32.09
C LEU B 636 -41.43 85.47 30.98
N GLU B 637 -41.61 86.74 31.32
CA GLU B 637 -41.94 87.72 30.28
C GLU B 637 -40.84 87.79 29.23
N ARG B 638 -39.58 87.79 29.65
CA ARG B 638 -38.51 87.80 28.66
C ARG B 638 -38.51 86.54 27.81
N GLU B 639 -38.81 85.38 28.40
CA GLU B 639 -38.96 84.18 27.60
C GLU B 639 -39.96 84.40 26.49
N ARG B 640 -41.16 84.85 26.83
CA ARG B 640 -42.24 84.88 25.87
C ARG B 640 -42.12 86.03 24.88
N GLU B 641 -41.21 86.98 25.11
CA GLU B 641 -40.89 87.97 24.06
C GLU B 641 -39.83 87.43 23.10
N ALA B 642 -38.73 86.93 23.65
CA ALA B 642 -37.66 86.41 22.81
C ALA B 642 -38.17 85.30 21.90
N THR B 643 -39.07 84.47 22.41
CA THR B 643 -39.58 83.38 21.58
C THR B 643 -40.35 83.90 20.37
N VAL B 644 -41.10 84.99 20.55
CA VAL B 644 -41.84 85.56 19.43
C VAL B 644 -40.88 86.05 18.35
N GLU B 645 -39.85 86.79 18.75
CA GLU B 645 -38.90 87.20 17.71
C GLU B 645 -38.23 85.99 17.03
N ARG B 646 -37.90 84.97 17.83
CA ARG B 646 -37.28 83.77 17.27
C ARG B 646 -38.19 83.13 16.22
N ASP B 647 -39.48 82.98 16.54
CA ASP B 647 -40.40 82.34 15.61
C ASP B 647 -40.61 83.18 14.35
N GLU B 648 -40.70 84.50 14.49
CA GLU B 648 -40.90 85.32 13.31
C GLU B 648 -39.71 85.23 12.36
N VAL B 649 -38.50 85.30 12.92
CA VAL B 649 -37.31 85.14 12.07
C VAL B 649 -37.30 83.75 11.44
N ALA B 650 -37.77 82.74 12.17
CA ALA B 650 -37.86 81.41 11.59
C ALA B 650 -38.80 81.39 10.40
N ALA B 651 -39.93 82.08 10.49
CA ALA B 651 -40.86 82.14 9.37
C ALA B 651 -40.20 82.78 8.16
N GLN B 652 -39.47 83.89 8.36
CA GLN B 652 -38.78 84.51 7.23
C GLN B 652 -37.76 83.55 6.63
N LYS B 653 -37.01 82.83 7.46
CA LYS B 653 -36.00 81.91 6.94
C LYS B 653 -36.65 80.80 6.11
N ARG B 654 -37.76 80.27 6.59
CA ARG B 654 -38.47 79.23 5.84
C ARG B 654 -38.92 79.76 4.48
N GLU B 655 -39.47 80.98 4.47
CA GLU B 655 -39.88 81.56 3.19
C GLU B 655 -38.69 81.71 2.26
N LEU B 656 -37.55 82.16 2.78
CA LEU B 656 -36.37 82.32 1.94
C LEU B 656 -35.91 81.00 1.35
N GLU B 657 -35.84 79.95 2.15
CA GLU B 657 -35.43 78.66 1.59
C GLU B 657 -36.41 78.18 0.54
N LYS B 658 -37.71 78.35 0.79
CA LYS B 658 -38.68 77.90 -0.23
C LYS B 658 -38.50 78.69 -1.52
N GLN B 659 -38.27 80.00 -1.41
CA GLN B 659 -38.05 80.81 -2.61
C GLN B 659 -36.80 80.38 -3.34
N ILE B 660 -35.70 80.14 -2.62
CA ILE B 660 -34.46 79.69 -3.24
C ILE B 660 -34.69 78.37 -3.94
N GLU B 661 -35.42 77.47 -3.28
CA GLU B 661 -35.56 76.11 -3.79
C GLU B 661 -36.35 76.09 -5.10
N ARG B 662 -37.32 76.99 -5.26
CA ARG B 662 -38.07 77.04 -6.50
C ARG B 662 -37.19 77.36 -7.70
N LEU B 663 -36.07 78.04 -7.50
CA LEU B 663 -35.19 78.48 -8.58
C LEU B 663 -34.06 77.50 -8.86
N SER B 664 -34.11 76.31 -8.26
CA SER B 664 -32.93 75.46 -8.23
C SER B 664 -32.76 74.66 -9.53
N GLN B 665 -33.74 73.84 -9.88
CA GLN B 665 -33.48 72.70 -10.74
C GLN B 665 -34.71 72.38 -11.56
N PRO B 666 -34.55 71.66 -12.67
CA PRO B 666 -33.30 71.47 -13.42
C PRO B 666 -33.12 72.73 -14.23
N SER B 667 -34.28 73.18 -14.71
CA SER B 667 -34.52 74.54 -15.17
C SER B 667 -35.65 75.03 -14.26
N GLY B 668 -35.29 75.79 -13.23
CA GLY B 668 -36.17 76.08 -12.11
C GLY B 668 -37.61 76.30 -12.50
N ALA B 669 -38.49 75.49 -11.94
CA ALA B 669 -39.90 75.45 -12.33
C ALA B 669 -40.65 74.69 -11.25
N GLU B 670 -41.88 74.27 -11.57
CA GLU B 670 -42.67 73.46 -10.64
C GLU B 670 -42.21 72.02 -10.72
N ASP B 671 -40.93 71.81 -10.47
CA ASP B 671 -40.20 70.57 -10.70
C ASP B 671 -40.81 69.32 -10.07
N SER B 672 -41.73 69.47 -9.11
CA SER B 672 -42.21 68.31 -8.37
C SER B 672 -42.70 67.22 -9.31
N ARG B 673 -43.56 67.60 -10.25
CA ARG B 673 -44.13 66.68 -11.23
C ARG B 673 -43.71 66.97 -12.66
N MET B 674 -43.28 68.20 -12.95
CA MET B 674 -43.13 68.65 -14.33
C MET B 674 -42.08 67.85 -15.10
N ILE B 675 -41.03 67.37 -14.43
CA ILE B 675 -39.97 66.66 -15.16
C ILE B 675 -40.51 65.33 -15.69
N ALA B 676 -41.17 64.55 -14.82
CA ALA B 676 -41.82 63.34 -15.25
C ALA B 676 -42.89 63.63 -16.29
N LEU B 677 -43.68 64.68 -16.09
CA LEU B 677 -44.69 65.04 -17.07
C LEU B 677 -44.07 65.43 -18.40
N ALA B 678 -42.84 65.93 -18.38
CA ALA B 678 -42.17 66.32 -19.61
C ALA B 678 -41.73 65.10 -20.40
N GLU B 679 -41.22 64.09 -19.71
CA GLU B 679 -40.82 62.89 -20.45
C GLU B 679 -41.98 61.94 -20.75
N ARG B 680 -43.06 61.95 -19.96
CA ARG B 680 -44.13 61.00 -20.25
C ARG B 680 -44.84 61.33 -21.56
N PHE B 681 -44.66 62.54 -22.08
CA PHE B 681 -45.05 62.86 -23.44
C PHE B 681 -43.80 63.20 -24.24
N GLY B 682 -43.90 63.07 -25.56
CA GLY B 682 -42.77 63.34 -26.42
C GLY B 682 -42.51 64.82 -26.56
N GLY B 683 -42.27 65.50 -25.43
CA GLY B 683 -42.19 66.95 -25.42
C GLY B 683 -40.99 67.45 -24.63
N VAL B 684 -40.87 68.77 -24.61
CA VAL B 684 -39.78 69.46 -23.92
C VAL B 684 -40.37 70.64 -23.16
N LEU B 685 -39.84 70.88 -21.96
CA LEU B 685 -40.30 72.00 -21.16
C LEU B 685 -39.92 73.32 -21.82
N LEU B 686 -40.90 74.24 -21.92
CA LEU B 686 -40.67 75.50 -22.61
C LEU B 686 -39.58 76.32 -21.93
N SER B 687 -39.64 76.41 -20.60
CA SER B 687 -38.62 77.19 -19.89
C SER B 687 -37.22 76.67 -20.18
N GLU B 688 -37.10 75.37 -20.42
CA GLU B 688 -35.80 74.80 -20.76
C GLU B 688 -35.36 75.19 -22.16
N ILE B 689 -36.30 75.32 -23.09
CA ILE B 689 -35.97 75.77 -24.44
C ILE B 689 -35.44 77.20 -24.38
N TYR B 690 -35.99 78.03 -23.48
CA TYR B 690 -35.56 79.40 -23.30
C TYR B 690 -34.52 79.55 -22.20
N ASP B 691 -33.71 78.51 -21.97
CA ASP B 691 -32.69 78.59 -20.93
C ASP B 691 -31.67 79.67 -21.22
N ASP B 692 -31.34 79.89 -22.49
CA ASP B 692 -30.16 80.66 -22.84
C ASP B 692 -30.44 82.14 -23.10
N ILE B 693 -31.69 82.58 -23.00
CA ILE B 693 -32.03 83.93 -23.43
C ILE B 693 -31.36 84.97 -22.55
N THR B 694 -31.03 86.11 -23.14
CA THR B 694 -30.33 87.17 -22.45
C THR B 694 -31.25 87.92 -21.49
N ILE B 695 -30.63 88.70 -20.61
CA ILE B 695 -31.37 89.43 -19.58
C ILE B 695 -32.26 90.50 -20.21
N ASP B 696 -31.89 91.02 -21.37
CA ASP B 696 -32.66 92.10 -21.99
C ASP B 696 -33.99 91.59 -22.55
N ASP B 697 -33.98 90.41 -23.18
CA ASP B 697 -35.21 89.83 -23.70
C ASP B 697 -35.98 89.01 -22.68
N ALA B 698 -35.37 88.69 -21.54
CA ALA B 698 -36.06 87.88 -20.53
C ALA B 698 -37.36 88.51 -20.05
N PRO B 699 -37.40 89.79 -19.65
CA PRO B 699 -38.69 90.34 -19.21
C PRO B 699 -39.73 90.36 -20.32
N TYR B 700 -39.32 90.70 -21.54
CA TYR B 700 -40.26 90.65 -22.65
C TYR B 700 -40.88 89.28 -22.80
N PHE B 701 -40.04 88.24 -22.87
CA PHE B 701 -40.57 86.90 -23.09
C PHE B 701 -41.44 86.47 -21.92
N SER B 702 -41.04 86.79 -20.68
CA SER B 702 -41.83 86.40 -19.54
C SER B 702 -43.20 87.06 -19.55
N ALA B 703 -43.27 88.32 -19.96
CA ALA B 703 -44.57 88.96 -20.12
C ALA B 703 -45.36 88.32 -21.25
N LEU B 704 -44.70 88.01 -22.36
CA LEU B 704 -45.40 87.45 -23.51
C LEU B 704 -46.06 86.13 -23.16
N TYR B 705 -45.30 85.20 -22.58
CA TYR B 705 -45.82 83.86 -22.35
C TYR B 705 -46.72 83.77 -21.11
N GLY B 706 -46.65 84.74 -20.21
CA GLY B 706 -47.57 84.80 -19.09
C GLY B 706 -47.61 83.52 -18.29
N PRO B 707 -48.81 83.07 -17.91
CA PRO B 707 -48.90 81.81 -17.14
C PRO B 707 -48.34 80.61 -17.86
N ALA B 708 -48.30 80.63 -19.19
CA ALA B 708 -47.86 79.47 -19.96
C ALA B 708 -46.34 79.34 -20.03
N ARG B 709 -45.58 80.17 -19.31
CA ARG B 709 -44.13 80.09 -19.40
C ARG B 709 -43.65 78.66 -19.15
N HIS B 710 -44.21 78.00 -18.15
CA HIS B 710 -43.80 76.67 -17.73
C HIS B 710 -44.69 75.57 -18.29
N GLY B 711 -45.23 75.75 -19.49
CA GLY B 711 -45.90 74.66 -20.18
C GLY B 711 -44.91 73.74 -20.88
N ILE B 712 -45.45 72.71 -21.54
CA ILE B 712 -44.67 71.71 -22.25
C ILE B 712 -44.96 71.83 -23.74
N VAL B 713 -43.93 71.69 -24.57
CA VAL B 713 -44.09 71.67 -26.02
C VAL B 713 -44.33 70.24 -26.47
N VAL B 714 -45.41 70.01 -27.21
CA VAL B 714 -45.73 68.68 -27.73
C VAL B 714 -46.31 68.83 -29.14
N PRO B 715 -45.67 68.28 -30.16
CA PRO B 715 -45.99 68.70 -31.54
C PRO B 715 -47.35 68.24 -32.06
N ASP B 716 -48.04 67.29 -31.43
CA ASP B 716 -49.33 66.84 -31.95
C ASP B 716 -50.53 67.20 -31.08
N LEU B 717 -50.47 66.98 -29.76
CA LEU B 717 -51.55 67.33 -28.85
C LEU B 717 -52.78 66.43 -28.99
N SER B 718 -52.76 65.50 -29.95
CA SER B 718 -53.79 64.47 -30.00
C SER B 718 -53.32 63.18 -29.35
N LEU B 719 -52.01 62.95 -29.31
CA LEU B 719 -51.46 61.78 -28.65
C LEU B 719 -51.64 61.86 -27.14
N VAL B 720 -51.73 63.08 -26.60
CA VAL B 720 -52.01 63.23 -25.18
C VAL B 720 -53.46 62.95 -24.86
N ARG B 721 -54.37 63.13 -25.81
CA ARG B 721 -55.80 63.00 -25.48
C ARG B 721 -56.14 61.68 -24.81
N PRO B 722 -55.61 60.53 -25.24
CA PRO B 722 -55.86 59.31 -24.45
C PRO B 722 -55.16 59.31 -23.10
N HIS B 723 -53.92 59.78 -23.04
CA HIS B 723 -53.20 59.79 -21.76
C HIS B 723 -53.87 60.68 -20.72
N LEU B 724 -54.59 61.70 -21.18
CA LEU B 724 -54.95 62.81 -20.31
C LEU B 724 -55.79 62.37 -19.12
N GLU B 725 -56.75 61.45 -19.34
CA GLU B 725 -57.64 61.07 -18.25
C GLU B 725 -56.86 60.58 -17.04
N THR B 726 -55.66 60.05 -17.26
CA THR B 726 -54.85 59.51 -16.16
C THR B 726 -54.22 60.60 -15.30
N LEU B 727 -54.16 61.85 -15.79
CA LEU B 727 -53.47 62.89 -15.03
C LEU B 727 -54.28 63.29 -13.80
N GLU B 728 -54.01 62.60 -12.69
CA GLU B 728 -54.53 62.99 -11.39
C GLU B 728 -53.47 63.64 -10.51
N ASP B 729 -52.21 63.60 -10.93
CA ASP B 729 -51.08 64.12 -10.17
C ASP B 729 -50.35 65.11 -11.05
N CYS B 730 -50.70 66.39 -10.94
CA CYS B 730 -50.15 67.42 -11.80
C CYS B 730 -50.50 68.77 -11.22
N PRO B 731 -49.83 69.84 -11.65
CA PRO B 731 -50.22 71.18 -11.19
C PRO B 731 -51.65 71.48 -11.60
N GLU B 732 -52.32 72.33 -10.81
CA GLU B 732 -53.74 72.54 -10.99
C GLU B 732 -54.06 73.14 -12.37
N ASP B 733 -53.06 73.69 -13.05
CA ASP B 733 -53.26 74.28 -14.37
C ASP B 733 -52.05 73.93 -15.24
N LEU B 734 -52.22 72.96 -16.14
CA LEU B 734 -51.16 72.49 -17.00
C LEU B 734 -51.32 73.10 -18.40
N TYR B 735 -50.21 73.53 -18.98
CA TYR B 735 -50.20 74.19 -20.28
C TYR B 735 -49.44 73.34 -21.29
N LEU B 736 -50.01 73.18 -22.48
CA LEU B 736 -49.42 72.38 -23.54
C LEU B 736 -49.38 73.20 -24.82
N ILE B 737 -48.29 73.08 -25.56
CA ILE B 737 -48.08 73.85 -26.78
C ILE B 737 -47.60 72.92 -27.87
N GLU B 738 -47.95 73.24 -29.11
CA GLU B 738 -47.62 72.43 -30.26
C GLU B 738 -46.56 73.13 -31.10
N GLY B 739 -45.51 72.39 -31.46
CA GLY B 739 -44.46 72.93 -32.30
C GLY B 739 -43.25 72.02 -32.23
N ASP B 740 -42.27 72.36 -33.06
CA ASP B 740 -41.04 71.57 -33.08
C ASP B 740 -40.23 71.84 -31.83
N PRO B 741 -40.02 70.85 -30.96
CA PRO B 741 -39.23 71.13 -29.74
C PRO B 741 -37.83 71.59 -30.02
N GLN B 742 -37.19 71.11 -31.09
CA GLN B 742 -35.81 71.49 -31.36
C GLN B 742 -35.68 72.90 -31.95
N SER B 743 -36.61 73.31 -32.80
CA SER B 743 -36.55 74.62 -33.45
C SER B 743 -37.92 75.28 -33.38
N PHE B 744 -38.50 75.24 -32.19
CA PHE B 744 -39.84 75.77 -31.92
C PHE B 744 -40.00 77.19 -32.44
N ASP B 745 -40.98 77.39 -33.32
CA ASP B 745 -41.30 78.71 -33.83
C ASP B 745 -42.16 79.47 -32.81
N ASP B 746 -42.04 80.79 -32.81
CA ASP B 746 -42.87 81.62 -31.94
C ASP B 746 -44.32 81.20 -32.06
N SER B 747 -44.89 80.70 -30.97
CA SER B 747 -46.29 80.33 -30.94
C SER B 747 -47.14 81.45 -31.53
N VAL B 748 -48.02 81.09 -32.46
CA VAL B 748 -48.90 82.09 -33.05
C VAL B 748 -49.69 82.75 -31.94
N PHE B 749 -49.30 83.98 -31.59
CA PHE B 749 -50.02 84.78 -30.62
C PHE B 749 -50.52 86.01 -31.37
N ASN B 750 -51.68 86.52 -30.98
CA ASN B 750 -52.13 87.78 -31.53
C ASN B 750 -51.47 88.89 -30.71
N ALA B 751 -50.15 88.82 -30.60
CA ALA B 751 -49.42 89.65 -29.66
C ALA B 751 -49.23 91.06 -30.23
N GLU B 752 -49.04 92.02 -29.33
CA GLU B 752 -48.86 93.41 -29.73
C GLU B 752 -48.03 94.11 -28.65
N GLU B 753 -46.84 94.55 -29.01
CA GLU B 753 -45.96 95.22 -28.07
C GLU B 753 -46.47 96.61 -27.74
N GLN B 754 -46.39 96.98 -26.46
CA GLN B 754 -46.74 98.31 -25.98
C GLN B 754 -45.64 98.79 -25.05
N THR B 755 -45.77 100.04 -24.61
CA THR B 755 -44.79 100.59 -23.69
C THR B 755 -44.70 99.73 -22.44
N ASN B 756 -43.57 99.06 -22.27
CA ASN B 756 -43.29 98.28 -21.05
C ASN B 756 -44.41 97.28 -20.76
N ALA B 757 -45.05 96.79 -21.80
CA ALA B 757 -46.13 95.82 -21.63
C ALA B 757 -46.45 95.19 -22.98
N VAL B 758 -47.27 94.14 -22.95
CA VAL B 758 -47.65 93.38 -24.13
C VAL B 758 -49.13 93.06 -24.07
N LEU B 759 -49.82 93.25 -25.18
CA LEU B 759 -51.22 92.87 -25.33
C LEU B 759 -51.30 91.60 -26.18
N VAL B 760 -52.26 90.73 -25.88
CA VAL B 760 -52.45 89.49 -26.63
C VAL B 760 -53.92 89.15 -26.66
N LYS B 761 -54.40 88.70 -27.82
CA LYS B 761 -55.73 88.10 -27.94
C LYS B 761 -55.59 86.60 -27.76
N SER B 762 -56.08 86.09 -26.64
CA SER B 762 -56.01 84.64 -26.39
C SER B 762 -57.08 83.88 -27.16
N SER B 763 -58.28 84.46 -27.25
CA SER B 763 -59.41 83.79 -27.88
C SER B 763 -60.37 84.87 -28.39
N ASP B 764 -61.31 84.45 -29.23
CA ASP B 764 -62.39 85.35 -29.62
C ASP B 764 -63.09 85.86 -28.38
N ARG B 765 -63.14 87.19 -28.24
CA ARG B 765 -63.71 87.85 -27.08
C ARG B 765 -62.87 87.66 -25.82
N GLN B 766 -61.56 87.46 -25.98
CA GLN B 766 -60.64 87.41 -24.83
C GLN B 766 -59.31 88.08 -25.18
N TRP B 767 -58.81 88.88 -24.24
CA TRP B 767 -57.52 89.56 -24.31
C TRP B 767 -56.81 89.49 -22.96
N ARG B 768 -55.47 89.42 -23.01
CA ARG B 768 -54.64 89.50 -21.81
C ARG B 768 -53.62 90.62 -21.98
N TYR B 769 -53.35 91.35 -20.90
CA TYR B 769 -52.41 92.47 -20.91
C TYR B 769 -51.40 92.26 -19.79
N SER B 770 -50.13 92.05 -20.16
CA SER B 770 -49.08 91.71 -19.21
C SER B 770 -48.05 92.85 -19.14
N ARG B 771 -47.81 93.33 -17.92
CA ARG B 771 -46.76 94.32 -17.68
C ARG B 771 -45.41 93.64 -17.47
N TYR B 772 -44.35 94.27 -17.97
CA TYR B 772 -42.99 93.77 -17.87
C TYR B 772 -42.62 93.53 -16.41
N PRO B 773 -42.39 92.28 -16.00
CA PRO B 773 -41.85 92.05 -14.65
C PRO B 773 -40.34 92.27 -14.61
N GLU B 774 -39.82 92.31 -13.39
CA GLU B 774 -38.38 92.39 -13.14
C GLU B 774 -37.89 91.10 -12.48
N LEU B 775 -36.74 90.62 -12.98
CA LEU B 775 -36.15 89.36 -12.55
C LEU B 775 -37.08 88.20 -12.87
N PRO B 776 -37.21 87.86 -14.15
CA PRO B 776 -38.22 86.88 -14.57
C PRO B 776 -37.84 85.41 -14.40
N LEU B 777 -38.66 84.55 -15.01
CA LEU B 777 -38.42 83.11 -15.05
C LEU B 777 -37.41 82.75 -16.14
N PHE B 778 -37.74 83.03 -17.40
CA PHE B 778 -36.85 82.66 -18.49
C PHE B 778 -35.48 83.27 -18.30
N GLY B 779 -34.56 82.86 -19.16
CA GLY B 779 -33.19 83.30 -19.04
C GLY B 779 -32.56 82.77 -17.78
N ARG B 780 -32.65 81.46 -17.57
CA ARG B 780 -32.09 80.85 -16.38
C ARG B 780 -30.58 80.71 -16.51
N ALA B 781 -29.92 81.83 -16.78
CA ALA B 781 -28.47 81.93 -16.58
C ALA B 781 -28.22 82.94 -15.48
N ALA B 782 -28.81 84.14 -15.54
CA ALA B 782 -28.66 85.10 -14.46
C ALA B 782 -29.67 84.89 -13.33
N ARG B 783 -30.68 84.05 -13.53
CA ARG B 783 -31.55 83.77 -12.40
C ARG B 783 -30.78 83.06 -11.31
N GLU B 784 -29.69 82.37 -11.69
CA GLU B 784 -28.69 82.00 -10.71
C GLU B 784 -28.08 83.21 -10.03
N ASN B 785 -27.94 84.32 -10.76
CA ASN B 785 -27.50 85.57 -10.13
C ASN B 785 -28.45 85.97 -9.02
N ARG B 786 -29.75 85.90 -9.28
CA ARG B 786 -30.68 86.32 -8.23
C ARG B 786 -30.69 85.33 -7.08
N LEU B 787 -30.58 84.02 -7.35
CA LEU B 787 -30.55 83.11 -6.21
C LEU B 787 -29.25 83.26 -5.42
N GLU B 788 -28.18 83.73 -6.08
CA GLU B 788 -26.98 84.09 -5.33
C GLU B 788 -27.27 85.24 -4.39
N ALA B 789 -27.99 86.25 -4.88
CA ALA B 789 -28.40 87.33 -3.99
C ALA B 789 -29.25 86.81 -2.84
N LEU B 790 -30.13 85.85 -3.11
CA LEU B 790 -30.97 85.28 -2.06
C LEU B 790 -30.14 84.49 -1.05
N ASN B 791 -29.13 83.76 -1.50
CA ASN B 791 -28.24 83.09 -0.56
C ASN B 791 -27.58 84.09 0.37
N LEU B 792 -27.07 85.18 -0.21
CA LEU B 792 -26.47 86.22 0.61
C LEU B 792 -27.48 86.77 1.61
N GLU B 793 -28.74 86.93 1.19
CA GLU B 793 -29.77 87.41 2.10
C GLU B 793 -30.03 86.40 3.23
N ARG B 794 -30.10 85.12 2.90
CA ARG B 794 -30.49 84.10 3.87
C ARG B 794 -29.39 83.85 4.89
N ASP B 795 -28.14 84.13 4.53
CA ASP B 795 -27.06 83.99 5.50
C ASP B 795 -27.32 84.82 6.75
N ALA B 796 -27.75 86.07 6.56
CA ALA B 796 -28.01 86.95 7.69
C ALA B 796 -29.12 86.42 8.56
N LEU B 797 -30.18 85.90 7.95
CA LEU B 797 -31.28 85.34 8.73
C LEU B 797 -30.82 84.16 9.55
N ALA B 798 -29.99 83.29 8.98
CA ALA B 798 -29.48 82.16 9.73
C ALA B 798 -28.69 82.63 10.95
N GLU B 799 -27.81 83.61 10.74
CA GLU B 799 -27.00 84.13 11.85
C GLU B 799 -27.89 84.70 12.95
N ARG B 800 -28.84 85.55 12.57
CA ARG B 800 -29.69 86.21 13.55
C ARG B 800 -30.53 85.19 14.31
N TYR B 801 -31.04 84.18 13.59
CA TYR B 801 -31.81 83.12 14.24
C TYR B 801 -30.96 82.36 15.24
N ALA B 802 -29.70 82.09 14.88
CA ALA B 802 -28.81 81.43 15.81
C ALA B 802 -28.70 82.21 17.11
N THR B 803 -28.46 83.51 17.01
CA THR B 803 -28.34 84.31 18.24
C THR B 803 -29.62 84.28 19.05
N LEU B 804 -30.77 84.42 18.40
CA LEU B 804 -32.03 84.44 19.15
C LEU B 804 -32.30 83.11 19.85
N SER B 805 -32.02 82.00 19.18
CA SER B 805 -32.22 80.70 19.82
C SER B 805 -31.29 80.55 21.02
N PHE B 806 -30.05 81.01 20.88
CA PHE B 806 -29.12 80.94 22.01
C PHE B 806 -29.68 81.72 23.20
N ASP B 807 -30.22 82.91 22.93
CA ASP B 807 -30.77 83.73 24.01
C ASP B 807 -31.94 83.01 24.70
N VAL B 808 -32.84 82.41 23.92
CA VAL B 808 -33.97 81.72 24.52
C VAL B 808 -33.48 80.59 25.41
N GLN B 809 -32.50 79.81 24.94
CA GLN B 809 -31.98 78.74 25.76
C GLN B 809 -31.37 79.28 27.06
N LYS B 810 -30.68 80.40 26.98
CA LYS B 810 -30.10 81.00 28.19
C LYS B 810 -31.20 81.33 29.20
N ILE B 811 -32.29 81.94 28.73
CA ILE B 811 -33.38 82.28 29.65
C ILE B 811 -33.97 81.02 30.28
N GLN B 812 -34.19 79.99 29.45
CA GLN B 812 -34.80 78.77 29.98
C GLN B 812 -33.93 78.15 31.05
N ARG B 813 -32.62 78.08 30.81
CA ARG B 813 -31.73 77.52 31.81
C ARG B 813 -31.68 78.38 33.07
N ALA B 814 -31.78 79.71 32.93
CA ALA B 814 -31.82 80.54 34.12
C ALA B 814 -33.02 80.22 34.99
N HIS B 815 -34.19 80.05 34.35
CA HIS B 815 -35.37 79.64 35.12
C HIS B 815 -35.15 78.28 35.77
N GLN B 816 -34.54 77.34 35.05
CA GLN B 816 -34.26 76.04 35.63
C GLN B 816 -33.38 76.18 36.87
N ALA B 817 -32.37 77.04 36.79
CA ALA B 817 -31.47 77.24 37.92
C ALA B 817 -32.23 77.78 39.13
N PHE B 818 -33.07 78.79 38.92
CA PHE B 818 -33.82 79.33 40.06
C PHE B 818 -34.77 78.29 40.65
N SER B 819 -35.40 77.48 39.80
CA SER B 819 -36.30 76.44 40.32
C SER B 819 -35.52 75.42 41.15
N GLN B 820 -34.39 74.97 40.63
CA GLN B 820 -33.54 74.03 41.38
C GLN B 820 -33.17 74.63 42.73
N PHE B 821 -32.76 75.90 42.70
CA PHE B 821 -32.40 76.63 43.90
C PHE B 821 -33.52 76.55 44.92
N VAL B 822 -34.72 77.02 44.55
CA VAL B 822 -35.78 77.07 45.55
C VAL B 822 -36.15 75.67 46.00
N GLY B 823 -36.01 74.67 45.13
CA GLY B 823 -36.27 73.30 45.55
C GLY B 823 -35.34 72.87 46.67
N LYS B 824 -34.09 73.33 46.63
CA LYS B 824 -33.07 72.86 47.57
C LYS B 824 -32.67 73.87 48.64
N HIS B 825 -33.27 75.06 48.68
CA HIS B 825 -32.64 76.19 49.35
C HIS B 825 -33.49 76.96 50.35
N LEU B 826 -34.79 77.13 50.11
CA LEU B 826 -35.57 78.09 50.91
C LEU B 826 -35.57 77.80 52.40
N SER B 827 -35.28 76.58 52.82
CA SER B 827 -35.44 76.26 54.24
C SER B 827 -34.65 77.22 55.13
N VAL B 828 -33.60 77.83 54.59
CA VAL B 828 -32.72 78.69 55.39
C VAL B 828 -32.39 79.99 54.67
N ALA B 829 -33.06 80.24 53.55
CA ALA B 829 -32.73 81.42 52.74
C ALA B 829 -32.92 82.71 53.53
N PHE B 830 -32.04 83.68 53.29
CA PHE B 830 -32.16 85.04 53.79
C PHE B 830 -32.21 85.14 55.30
N ASP B 831 -31.75 84.12 56.03
CA ASP B 831 -31.76 84.20 57.48
C ASP B 831 -30.53 84.96 57.98
N THR B 832 -30.55 85.29 59.27
CA THR B 832 -29.49 86.10 59.86
C THR B 832 -28.19 85.31 59.98
N ASP B 833 -27.08 86.03 59.88
CA ASP B 833 -25.75 85.42 59.78
C ASP B 833 -25.32 84.79 61.11
N PRO B 834 -24.98 83.51 61.15
CA PRO B 834 -24.59 82.90 62.43
C PRO B 834 -23.18 83.27 62.89
N GLU B 835 -22.25 83.56 61.98
CA GLU B 835 -20.91 83.95 62.41
C GLU B 835 -20.99 85.10 63.42
N ALA B 836 -21.78 86.12 63.09
CA ALA B 836 -21.91 87.27 63.97
C ALA B 836 -22.36 86.86 65.36
N GLU B 837 -23.44 86.08 65.42
CA GLU B 837 -24.05 85.79 66.70
C GLU B 837 -23.18 84.87 67.55
N ILE B 838 -22.51 83.92 66.89
CA ILE B 838 -21.55 83.07 67.60
C ILE B 838 -20.42 83.93 68.16
N ARG B 839 -19.95 84.90 67.38
CA ARG B 839 -18.87 85.75 67.89
C ARG B 839 -19.36 86.49 69.13
N GLU B 840 -20.59 87.01 69.07
CA GLU B 840 -21.15 87.73 70.21
C GLU B 840 -21.24 86.86 71.44
N LEU B 841 -21.77 85.65 71.29
CA LEU B 841 -21.91 84.77 72.46
C LEU B 841 -20.55 84.38 73.02
N ARG B 842 -19.53 84.27 72.19
CA ARG B 842 -18.20 84.01 72.73
C ARG B 842 -17.64 85.23 73.46
N GLN B 843 -17.98 86.45 73.02
CA GLN B 843 -17.66 87.62 73.82
C GLN B 843 -18.34 87.54 75.18
N ARG B 844 -19.62 87.16 75.20
CA ARG B 844 -20.34 87.01 76.45
C ARG B 844 -19.68 85.98 77.36
N HIS B 845 -19.26 84.84 76.78
CA HIS B 845 -18.57 83.83 77.57
C HIS B 845 -17.29 84.40 78.19
N THR B 846 -16.53 85.18 77.41
CA THR B 846 -15.30 85.74 77.94
C THR B 846 -15.57 86.64 79.14
N GLU B 847 -16.49 87.55 78.98
CA GLU B 847 -16.81 88.48 80.08
C GLU B 847 -17.41 87.74 81.27
N LEU B 848 -18.22 86.70 81.00
CA LEU B 848 -18.83 85.90 82.05
C LEU B 848 -17.73 85.15 82.81
N GLU B 849 -16.71 84.60 82.13
CA GLU B 849 -15.58 83.93 82.79
C GLU B 849 -14.82 84.91 83.70
N ARG B 850 -14.64 86.15 83.24
CA ARG B 850 -14.01 87.19 84.06
C ARG B 850 -14.87 87.44 85.30
N GLU B 851 -16.18 87.49 85.12
CA GLU B 851 -17.12 87.71 86.22
C GLU B 851 -17.17 86.52 87.18
N VAL B 852 -17.12 85.28 86.68
CA VAL B 852 -17.06 84.06 87.51
C VAL B 852 -15.84 84.15 88.40
N SER B 853 -14.70 84.55 87.80
CA SER B 853 -13.45 84.70 88.52
C SER B 853 -13.60 85.73 89.63
N ARG B 854 -14.20 86.90 89.34
CA ARG B 854 -14.43 87.95 90.36
C ARG B 854 -15.33 87.43 91.48
N PHE B 855 -16.42 86.73 91.18
CA PHE B 855 -17.28 86.17 92.23
C PHE B 855 -16.53 85.13 93.05
N GLU B 856 -15.74 84.26 92.43
CA GLU B 856 -14.97 83.26 93.17
C GLU B 856 -13.94 83.95 94.08
N ASP B 857 -13.20 84.92 93.56
CA ASP B 857 -12.24 85.68 94.36
C ASP B 857 -12.92 86.38 95.55
N GLN B 858 -14.03 87.08 95.29
CA GLN B 858 -14.77 87.80 96.33
C GLN B 858 -15.35 86.84 97.38
N THR B 859 -16.03 85.78 96.95
CA THR B 859 -16.64 84.80 97.88
C THR B 859 -15.60 84.11 98.73
N GLN B 860 -14.43 83.79 98.18
CA GLN B 860 -13.32 83.21 98.93
C GLN B 860 -12.82 84.22 99.97
N GLN B 861 -12.35 85.39 99.50
CA GLN B 861 -11.83 86.46 100.35
C GLN B 861 -12.76 86.80 101.52
N GLN B 862 -14.04 87.06 101.25
CA GLN B 862 -14.98 87.37 102.33
C GLN B 862 -15.18 86.19 103.28
N ARG B 863 -15.26 84.94 102.79
CA ARG B 863 -15.47 83.79 103.69
C ARG B 863 -14.25 83.62 104.60
N GLN B 864 -13.03 83.75 104.06
CA GLN B 864 -11.82 83.66 104.88
C GLN B 864 -11.75 84.82 105.89
N GLN B 865 -11.81 86.08 105.42
CA GLN B 865 -11.74 87.27 106.27
C GLN B 865 -12.77 87.22 107.41
N TYR B 866 -14.04 86.94 107.10
CA TYR B 866 -15.08 86.85 108.12
C TYR B 866 -14.93 85.58 108.96
N ALA B 867 -14.34 84.48 108.46
CA ALA B 867 -14.08 83.30 109.29
C ALA B 867 -13.01 83.65 110.33
N GLN B 868 -11.93 84.35 109.94
CA GLN B 868 -10.92 84.79 110.92
C GLN B 868 -11.58 85.77 111.91
N ALA B 869 -12.50 86.63 111.44
CA ALA B 869 -13.23 87.52 112.35
C ALA B 869 -14.05 86.67 113.33
N LYS B 870 -14.72 85.59 112.87
CA LYS B 870 -15.50 84.67 113.70
C LYS B 870 -14.61 84.01 114.75
N GLU B 871 -13.42 83.56 114.35
CA GLU B 871 -12.43 82.96 115.25
C GLU B 871 -11.98 83.97 116.30
N SER B 872 -11.80 85.24 115.93
CA SER B 872 -11.42 86.29 116.89
C SER B 872 -12.58 86.63 117.85
N LEU B 873 -13.82 86.72 117.34
CA LEU B 873 -15.03 86.98 118.12
C LEU B 873 -15.27 85.84 119.13
N THR B 874 -15.11 84.60 118.68
CA THR B 874 -15.27 83.43 119.54
C THR B 874 -14.20 83.42 120.63
N THR B 875 -12.94 83.79 120.36
CA THR B 875 -11.96 83.89 121.44
C THR B 875 -12.36 84.98 122.45
N LEU B 876 -12.84 86.15 122.00
CA LEU B 876 -13.29 87.21 122.89
C LEU B 876 -14.49 86.76 123.74
N ASN B 877 -15.53 86.22 123.10
CA ASN B 877 -16.73 85.78 123.80
C ASN B 877 -16.52 84.51 124.65
N ARG B 878 -15.35 83.85 124.55
CA ARG B 878 -14.97 82.68 125.36
C ARG B 878 -14.16 83.13 126.57
N LEU B 879 -13.04 83.79 126.30
CA LEU B 879 -12.05 84.23 127.29
C LEU B 879 -12.42 85.49 128.09
N ILE B 880 -13.00 86.50 127.44
CA ILE B 880 -13.37 87.78 128.08
C ILE B 880 -14.76 88.34 127.76
N PRO B 881 -15.83 87.53 127.83
CA PRO B 881 -17.22 87.99 127.65
C PRO B 881 -17.61 88.74 128.94
N GLN B 882 -17.33 90.05 128.98
CA GLN B 882 -17.55 90.94 130.14
C GLN B 882 -16.69 90.58 131.35
N VAL B 883 -15.71 89.68 131.24
CA VAL B 883 -14.80 89.33 132.35
C VAL B 883 -13.96 90.57 132.71
N THR B 884 -13.77 91.46 131.74
CA THR B 884 -13.10 92.75 131.89
C THR B 884 -13.86 93.64 132.88
N LEU B 885 -15.19 93.51 132.98
CA LEU B 885 -16.04 94.25 133.92
C LEU B 885 -15.91 93.65 135.33
N LEU B 886 -15.67 92.33 135.44
CA LEU B 886 -15.43 91.65 136.73
C LEU B 886 -14.10 92.19 137.31
N LEU B 887 -13.09 92.37 136.44
CA LEU B 887 -11.77 92.97 136.71
C LEU B 887 -11.93 94.47 137.04
N ASP B 888 -12.73 95.18 136.23
CA ASP B 888 -13.08 96.62 136.32
C ASP B 888 -11.85 97.57 136.33
N GLU B 889 -10.66 97.06 135.98
CA GLU B 889 -9.38 97.79 136.07
C GLU B 889 -9.22 98.37 137.48
N THR B 890 -9.65 97.60 138.49
CA THR B 890 -9.70 98.00 139.90
C THR B 890 -8.34 98.28 140.55
N LEU B 891 -7.30 97.46 140.29
CA LEU B 891 -5.96 97.60 140.90
C LEU B 891 -6.08 97.70 142.44
N ILE B 892 -6.58 96.63 143.06
CA ILE B 892 -6.84 96.53 144.51
C ILE B 892 -5.63 96.86 145.39
N ASP B 893 -4.44 96.31 145.10
CA ASP B 893 -3.18 96.53 145.84
C ASP B 893 -3.30 96.43 147.38
N ARG B 894 -4.22 95.57 147.87
CA ARG B 894 -4.49 95.34 149.29
C ARG B 894 -3.91 94.04 149.85
N VAL B 895 -3.47 93.07 149.04
CA VAL B 895 -2.89 91.81 149.59
C VAL B 895 -1.66 92.11 150.47
N GLU B 896 -0.91 93.16 150.14
CA GLU B 896 0.24 93.64 150.90
C GLU B 896 -0.22 94.14 152.28
N GLU B 897 -1.32 94.89 152.32
CA GLU B 897 -1.92 95.36 153.58
C GLU B 897 -2.43 94.17 154.39
N VAL B 898 -3.12 93.21 153.76
CA VAL B 898 -3.61 92.00 154.43
C VAL B 898 -2.45 91.19 154.99
N ARG B 899 -1.31 91.11 154.28
CA ARG B 899 -0.11 90.41 154.79
C ARG B 899 0.50 91.17 155.97
N GLU B 900 0.48 92.51 155.95
CA GLU B 900 0.94 93.31 157.09
C GLU B 900 -0.01 93.04 158.28
N GLU B 901 -1.32 92.95 158.05
CA GLU B 901 -2.32 92.62 159.06
C GLU B 901 -2.08 91.19 159.61
N MET B 902 -1.77 90.21 158.76
CA MET B 902 -1.40 88.84 159.18
C MET B 902 -0.24 88.90 160.17
N ASP B 903 0.88 89.54 159.78
CA ASP B 903 2.08 89.66 160.60
C ASP B 903 1.84 90.42 161.92
N GLU B 904 1.17 91.57 161.86
CA GLU B 904 0.86 92.40 163.05
C GLU B 904 -0.01 91.63 164.04
N ALA B 905 -1.07 90.97 163.57
CA ALA B 905 -1.94 90.18 164.43
C ALA B 905 -1.21 88.95 165.01
N GLN B 906 -0.41 88.24 164.20
CA GLN B 906 0.36 87.08 164.67
C GLN B 906 1.41 87.49 165.71
N GLU B 907 2.13 88.60 165.51
CA GLU B 907 3.09 89.10 166.50
C GLU B 907 2.39 89.50 167.80
N ALA B 908 1.22 90.16 167.74
CA ALA B 908 0.47 90.50 168.94
C ALA B 908 0.00 89.24 169.69
N ALA B 909 -0.44 88.21 168.97
CA ALA B 909 -0.84 86.93 169.57
C ALA B 909 0.37 86.26 170.25
N ARG B 910 1.53 86.27 169.58
CA ARG B 910 2.79 85.72 170.13
C ARG B 910 3.20 86.50 171.38
N PHE B 911 3.08 87.82 171.38
CA PHE B 911 3.35 88.68 172.54
C PHE B 911 2.39 88.35 173.70
N LEU B 912 1.11 88.15 173.41
CA LEU B 912 0.09 87.76 174.39
C LEU B 912 0.48 86.42 175.04
N GLN B 913 0.90 85.41 174.27
CA GLN B 913 1.34 84.13 174.83
C GLN B 913 2.65 84.29 175.62
N GLN B 914 3.60 85.11 175.13
CA GLN B 914 4.90 85.38 175.77
C GLN B 914 4.78 86.08 177.14
N HIS B 915 3.92 87.09 177.27
CA HIS B 915 3.77 87.87 178.51
C HIS B 915 2.44 87.71 179.25
N GLY B 916 1.60 86.74 178.88
CA GLY B 916 0.30 86.50 179.54
C GLY B 916 0.45 86.25 181.05
N SER B 917 1.40 85.40 181.45
CA SER B 917 1.67 85.10 182.86
C SER B 917 2.20 86.33 183.61
N ALA B 918 3.12 87.09 183.01
CA ALA B 918 3.68 88.30 183.62
C ALA B 918 2.58 89.37 183.83
N LEU B 919 1.73 89.60 182.83
CA LEU B 919 0.62 90.55 182.92
C LEU B 919 -0.37 90.08 184.00
N THR B 920 -0.70 88.79 184.03
CA THR B 920 -1.61 88.20 185.04
C THR B 920 -1.08 88.40 186.47
N LYS B 921 0.22 88.17 186.69
CA LYS B 921 0.85 88.36 188.00
C LYS B 921 0.93 89.84 188.41
N LEU B 922 1.11 90.75 187.44
CA LEU B 922 1.21 92.19 187.69
C LEU B 922 -0.15 92.88 187.95
N GLU B 923 -1.21 92.50 187.23
CA GLU B 923 -2.55 93.10 187.31
C GLU B 923 -3.18 93.29 188.71
N PRO B 924 -3.15 92.30 189.63
CA PRO B 924 -3.77 92.47 190.95
C PRO B 924 -2.92 93.26 191.96
N MET B 925 -1.59 93.21 191.83
CA MET B 925 -0.63 93.83 192.77
C MET B 925 0.11 95.07 192.27
N VAL B 926 -0.43 95.83 191.30
CA VAL B 926 0.22 97.04 190.76
C VAL B 926 0.42 98.16 191.80
N ALA B 927 -0.48 98.25 192.78
CA ALA B 927 -0.48 99.28 193.82
C ALA B 927 0.80 99.36 194.67
N VAL B 928 1.63 98.32 194.71
CA VAL B 928 2.89 98.35 195.46
C VAL B 928 3.93 99.31 194.85
N LEU B 929 3.86 99.61 193.54
CA LEU B 929 4.81 100.47 192.81
C LEU B 929 4.90 101.94 193.29
N GLN B 930 4.01 102.36 194.19
CA GLN B 930 4.00 103.70 194.79
C GLN B 930 4.57 103.66 196.23
N SER B 931 5.54 102.76 196.49
CA SER B 931 6.17 102.53 197.81
C SER B 931 7.69 102.74 197.80
N ASP B 932 8.26 103.07 198.96
CA ASP B 932 9.70 103.30 199.17
C ASP B 932 10.30 102.15 200.03
N PRO B 933 11.27 101.38 199.52
CA PRO B 933 11.90 100.30 200.27
C PRO B 933 13.20 100.68 201.01
N GLN B 934 13.76 101.89 200.85
CA GLN B 934 15.03 102.23 201.55
C GLN B 934 14.95 102.09 203.08
N GLN B 935 13.75 102.27 203.64
CA GLN B 935 13.47 102.08 205.07
C GLN B 935 13.75 100.63 205.53
N HIS B 936 13.54 99.61 204.68
CA HIS B 936 13.83 98.20 205.01
C HIS B 936 15.34 98.02 205.26
N GLU B 937 16.18 98.54 204.37
CA GLU B 937 17.65 98.43 204.47
C GLU B 937 18.17 99.09 205.76
N GLN B 938 17.72 100.31 206.06
CA GLN B 938 18.16 101.01 207.27
C GLN B 938 17.69 100.25 208.53
N LEU B 939 16.44 99.79 208.55
CA LEU B 939 15.88 99.02 209.67
C LEU B 939 16.61 97.68 209.83
N GLN B 940 17.11 97.07 208.75
CA GLN B 940 17.88 95.83 208.80
C GLN B 940 19.21 96.09 209.54
N GLN B 941 19.85 97.24 209.31
CA GLN B 941 21.08 97.65 210.02
C GLN B 941 20.79 97.86 211.51
N ASP B 942 19.67 98.51 211.86
CA ASP B 942 19.26 98.71 213.26
C ASP B 942 18.98 97.36 213.95
N TYR B 943 18.25 96.46 213.29
CA TYR B 943 17.96 95.13 213.82
C TYR B 943 19.24 94.29 213.96
N GLU B 944 20.18 94.39 213.03
CA GLU B 944 21.48 93.71 213.11
C GLU B 944 22.24 94.22 214.34
N THR B 945 22.25 95.54 214.55
CA THR B 945 22.87 96.18 215.72
C THR B 945 22.19 95.69 217.00
N ALA B 946 20.86 95.55 216.99
CA ALA B 946 20.09 95.03 218.11
C ALA B 946 20.44 93.56 218.38
N LYS B 947 20.64 92.74 217.34
CA LYS B 947 21.03 91.32 217.44
C LYS B 947 22.43 91.21 218.04
N HIS B 948 23.38 92.06 217.61
CA HIS B 948 24.73 92.08 218.20
C HIS B 948 24.65 92.47 219.68
N SER B 949 23.87 93.52 220.00
CA SER B 949 23.68 93.99 221.37
C SER B 949 23.06 92.90 222.24
N GLN B 950 22.07 92.16 221.72
CA GLN B 950 21.42 91.04 222.42
C GLN B 950 22.45 89.92 222.67
N HIS B 951 23.29 89.59 221.69
CA HIS B 951 24.33 88.57 221.83
C HIS B 951 25.32 88.97 222.93
N GLN B 952 25.80 90.22 222.95
CA GLN B 952 26.70 90.69 224.01
C GLN B 952 25.99 90.67 225.37
N ALA B 953 24.73 91.10 225.45
CA ALA B 953 23.98 91.08 226.71
C ALA B 953 23.83 89.64 227.23
N LYS B 954 23.54 88.67 226.35
CA LYS B 954 23.39 87.26 226.70
C LYS B 954 24.72 86.69 227.19
N GLN B 955 25.82 87.00 226.50
CA GLN B 955 27.16 86.55 226.87
C GLN B 955 27.56 87.13 228.25
N GLN B 956 27.25 88.40 228.49
CA GLN B 956 27.52 89.08 229.76
C GLN B 956 26.67 88.46 230.89
N ALA B 957 25.37 88.23 230.66
CA ALA B 957 24.50 87.60 231.65
C ALA B 957 25.03 86.19 231.99
N PHE B 958 25.45 85.41 230.98
CA PHE B 958 26.01 84.07 231.18
C PHE B 958 27.32 84.12 232.00
N ALA B 959 28.19 85.11 231.75
CA ALA B 959 29.43 85.26 232.52
C ALA B 959 29.10 85.51 234.00
N LEU B 960 28.06 86.31 234.28
CA LEU B 960 27.59 86.58 235.64
C LEU B 960 26.97 85.32 236.27
N VAL B 961 26.22 84.50 235.51
CA VAL B 961 25.67 83.23 236.01
C VAL B 961 26.83 82.30 236.40
N GLU B 962 27.89 82.23 235.59
CA GLU B 962 29.06 81.39 235.91
C GLU B 962 29.68 81.81 237.25
N ILE B 963 29.79 83.10 237.54
CA ILE B 963 30.34 83.60 238.81
C ILE B 963 29.48 83.09 239.97
N VAL B 964 28.15 83.19 239.85
CA VAL B 964 27.20 82.74 240.89
C VAL B 964 27.35 81.23 241.13
N GLN B 965 27.44 80.41 240.08
CA GLN B 965 27.64 78.96 240.23
C GLN B 965 28.99 78.63 240.88
N ARG B 966 30.03 79.41 240.57
CA ARG B 966 31.40 79.23 241.07
C ARG B 966 31.69 79.82 242.46
N ARG B 967 30.70 80.42 243.15
CA ARG B 967 30.89 80.97 244.52
C ARG B 967 31.35 79.89 245.50
N VAL B 968 30.82 78.66 245.38
CA VAL B 968 31.22 77.52 246.23
C VAL B 968 32.70 77.16 245.97
N HIS B 969 33.15 77.17 244.71
CA HIS B 969 34.54 76.89 244.35
C HIS B 969 35.49 77.94 244.93
N PHE B 970 35.09 79.21 244.94
CA PHE B 970 35.86 80.30 245.56
C PHE B 970 36.02 80.12 247.07
N SER B 971 35.09 79.45 247.76
CA SER B 971 35.13 79.22 249.22
C SER B 971 36.41 78.55 249.71
N TYR B 972 36.95 77.58 248.98
CA TYR B 972 38.19 76.84 249.32
C TYR B 972 39.42 77.36 248.55
N SER B 973 39.42 78.64 248.20
CA SER B 973 40.53 79.33 247.51
C SER B 973 41.84 79.34 248.33
N ASP B 974 41.80 79.01 249.62
CA ASP B 974 42.98 78.89 250.49
C ASP B 974 43.79 77.60 250.20
N SER B 975 43.19 76.61 249.53
CA SER B 975 43.84 75.34 249.17
C SER B 975 44.95 75.49 248.12
N ALA B 976 45.89 74.53 248.07
CA ALA B 976 47.00 74.49 247.12
C ALA B 976 47.51 73.05 246.89
N GLY B 977 48.19 72.82 245.77
CA GLY B 977 48.73 71.51 245.38
C GLY B 977 49.88 71.61 244.37
N MET B 978 50.50 70.47 244.06
CA MET B 978 51.62 70.40 243.10
C MET B 978 51.17 70.75 241.66
N LEU B 979 52.06 71.36 240.88
CA LEU B 979 51.82 71.77 239.49
C LEU B 979 53.12 71.89 238.69
N SER B 980 53.05 71.81 237.35
CA SER B 980 54.17 71.96 236.41
C SER B 980 55.36 70.99 236.58
N GLU B 981 55.09 69.70 236.81
CA GLU B 981 56.13 68.68 236.98
C GLU B 981 56.74 68.25 235.63
N ASN B 982 55.90 67.88 234.66
CA ASN B 982 56.29 67.46 233.30
C ASN B 982 55.86 68.49 232.24
N ALA B 983 55.79 69.78 232.59
CA ALA B 983 55.33 70.85 231.70
C ALA B 983 56.17 71.08 230.43
N ASP B 984 57.49 70.86 230.47
CA ASP B 984 58.36 71.10 229.30
C ASP B 984 57.94 70.29 228.06
N LEU B 985 57.92 68.95 228.14
CA LEU B 985 57.52 68.12 226.99
C LEU B 985 56.05 68.36 226.63
N ASN B 986 55.16 68.53 227.62
CA ASN B 986 53.73 68.80 227.36
C ASN B 986 53.58 70.10 226.55
N ASP B 987 54.30 71.17 226.89
CA ASP B 987 54.26 72.44 226.14
C ASP B 987 54.88 72.30 224.74
N LYS B 988 56.03 71.63 224.58
CA LYS B 988 56.65 71.42 223.26
C LYS B 988 55.75 70.58 222.36
N LEU B 989 55.13 69.53 222.90
CA LEU B 989 54.19 68.67 222.18
C LEU B 989 52.94 69.47 221.81
N ARG B 990 52.46 70.35 222.69
CA ARG B 990 51.31 71.24 222.42
C ARG B 990 51.66 72.20 221.28
N GLN B 991 52.89 72.72 221.24
CA GLN B 991 53.34 73.59 220.16
C GLN B 991 53.40 72.79 218.83
N ARG B 992 53.93 71.55 218.83
CA ARG B 992 53.94 70.71 217.61
C ARG B 992 52.51 70.42 217.16
N LEU B 993 51.58 70.22 218.10
CA LEU B 993 50.17 70.00 217.80
C LEU B 993 49.56 71.28 217.18
N GLU B 994 49.89 72.47 217.68
CA GLU B 994 49.39 73.72 217.09
C GLU B 994 49.94 73.86 215.66
N HIS B 995 51.21 73.50 215.43
CA HIS B 995 51.79 73.47 214.09
C HIS B 995 51.00 72.48 213.23
N ALA B 996 50.67 71.29 213.73
CA ALA B 996 49.89 70.32 212.99
C ALA B 996 48.46 70.83 212.71
N GLU B 997 47.78 71.48 213.67
CA GLU B 997 46.43 72.03 213.46
C GLU B 997 46.44 73.20 212.46
N SER B 998 47.44 74.07 212.53
CA SER B 998 47.59 75.18 211.57
C SER B 998 47.91 74.59 210.20
N ASP B 999 48.82 73.62 210.09
CA ASP B 999 49.11 72.93 208.82
C ASP B 999 47.87 72.20 208.29
N ARG B 1000 47.05 71.60 209.17
CA ARG B 1000 45.79 70.95 208.81
C ARG B 1000 44.84 71.99 208.23
N SER B 1001 44.79 73.19 208.82
CA SER B 1001 43.95 74.29 208.35
C SER B 1001 44.41 74.72 206.94
N ARG B 1002 45.72 74.84 206.71
CA ARG B 1002 46.28 75.15 205.39
C ARG B 1002 45.92 74.04 204.39
N ALA B 1003 46.11 72.78 204.80
CA ALA B 1003 45.81 71.60 204.00
C ALA B 1003 44.34 71.60 203.56
N ARG B 1004 43.41 71.90 204.48
CA ARG B 1004 41.97 72.01 204.18
C ARG B 1004 41.69 73.15 203.23
N GLU B 1005 42.32 74.31 203.39
CA GLU B 1005 42.10 75.43 202.50
C GLU B 1005 42.55 75.06 201.08
N GLN B 1006 43.74 74.49 200.93
CA GLN B 1006 44.26 74.03 199.64
C GLN B 1006 43.38 72.91 199.05
N LEU B 1007 42.80 72.04 199.89
CA LEU B 1007 41.89 70.99 199.46
C LEU B 1007 40.58 71.58 198.89
N ARG B 1008 39.94 72.49 199.62
CA ARG B 1008 38.66 73.11 199.19
C ARG B 1008 38.81 73.90 197.90
N GLN B 1009 39.85 74.73 197.79
CA GLN B 1009 40.09 75.50 196.56
C GLN B 1009 40.36 74.55 195.38
N GLN B 1010 41.10 73.45 195.58
CA GLN B 1010 41.35 72.48 194.52
C GLN B 1010 40.05 71.78 194.09
N GLN B 1011 39.19 71.37 195.05
CA GLN B 1011 37.89 70.78 194.72
C GLN B 1011 37.07 71.77 193.88
N ALA B 1012 37.13 73.06 194.23
CA ALA B 1012 36.44 74.10 193.48
C ALA B 1012 36.97 74.19 192.05
N GLN B 1013 38.28 74.44 191.82
CA GLN B 1013 38.78 74.52 190.45
C GLN B 1013 38.54 73.23 189.67
N TYR B 1014 38.75 72.06 190.30
CA TYR B 1014 38.49 70.77 189.64
C TYR B 1014 37.01 70.68 189.22
N SER B 1015 36.08 71.12 190.07
CA SER B 1015 34.66 71.12 189.73
C SER B 1015 34.42 72.03 188.52
N GLN B 1016 34.95 73.26 188.48
CA GLN B 1016 34.77 74.11 187.30
C GLN B 1016 35.41 73.49 186.05
N PHE B 1017 36.58 72.86 186.16
CA PHE B 1017 37.24 72.20 185.03
C PHE B 1017 36.37 71.03 184.51
N ASN B 1018 35.82 70.21 185.41
CA ASN B 1018 34.94 69.10 185.05
C ASN B 1018 33.65 69.65 184.38
N GLN B 1019 33.13 70.77 184.89
CA GLN B 1019 31.94 71.44 184.35
C GLN B 1019 32.19 71.97 182.93
N VAL B 1020 33.30 72.67 182.67
CA VAL B 1020 33.58 73.12 181.29
C VAL B 1020 33.84 71.91 180.40
N LEU B 1021 34.50 70.85 180.89
CA LEU B 1021 34.74 69.63 180.12
C LEU B 1021 33.41 68.97 179.75
N ALA B 1022 32.45 68.85 180.68
CA ALA B 1022 31.13 68.27 180.40
C ALA B 1022 30.37 69.14 179.38
N SER B 1023 30.52 70.47 179.46
CA SER B 1023 29.92 71.38 178.49
C SER B 1023 30.51 71.13 177.09
N LEU B 1024 31.83 70.95 177.01
CA LEU B 1024 32.53 70.64 175.75
C LEU B 1024 32.08 69.28 175.22
N LYS B 1025 32.00 68.24 176.06
CA LYS B 1025 31.57 66.88 175.67
C LYS B 1025 30.20 66.94 175.00
N SER B 1026 29.21 67.55 175.65
CA SER B 1026 27.86 67.68 175.09
C SER B 1026 27.86 68.49 173.79
N SER B 1027 28.65 69.58 173.71
CA SER B 1027 28.69 70.37 172.48
C SER B 1027 29.27 69.54 171.33
N TYR B 1028 30.33 68.79 171.60
CA TYR B 1028 30.97 67.91 170.63
C TYR B 1028 30.02 66.81 170.19
N GLU B 1029 29.39 66.11 171.13
CA GLU B 1029 28.45 65.02 170.84
C GLU B 1029 27.27 65.53 170.01
N THR B 1030 26.64 66.63 170.41
CA THR B 1030 25.50 67.21 169.66
C THR B 1030 25.94 67.69 168.27
N LYS B 1031 27.11 68.33 168.13
CA LYS B 1031 27.64 68.76 166.83
C LYS B 1031 27.92 67.52 165.96
N GLN B 1032 28.36 66.41 166.55
CA GLN B 1032 28.61 65.15 165.84
C GLN B 1032 27.29 64.53 165.39
N ASP B 1033 26.28 64.51 166.28
CA ASP B 1033 24.94 64.02 165.96
C ASP B 1033 24.31 64.85 164.84
N MET B 1034 24.54 66.16 164.84
CA MET B 1034 24.05 67.07 163.81
C MET B 1034 24.81 66.88 162.49
N LEU B 1035 26.12 66.59 162.52
CA LEU B 1035 26.88 66.32 161.31
C LEU B 1035 26.34 65.03 160.66
N LYS B 1036 26.17 63.94 161.42
CA LYS B 1036 25.62 62.69 160.86
C LYS B 1036 24.17 62.89 160.39
N GLU B 1037 23.37 63.70 161.09
CA GLU B 1037 22.00 64.02 160.67
C GLU B 1037 22.03 64.81 159.35
N LEU B 1038 22.95 65.75 159.18
CA LEU B 1038 23.11 66.50 157.94
C LEU B 1038 23.60 65.58 156.81
N LEU B 1039 24.47 64.62 157.11
CA LEU B 1039 24.93 63.65 156.12
C LEU B 1039 23.75 62.72 155.75
N GLN B 1040 22.88 62.38 156.70
CA GLN B 1040 21.68 61.59 156.44
C GLN B 1040 20.76 62.42 155.52
N GLU B 1041 20.58 63.72 155.80
CA GLU B 1041 19.80 64.63 154.96
C GLU B 1041 20.39 64.65 153.54
N MET B 1042 21.72 64.72 153.39
CA MET B 1042 22.42 64.68 152.10
C MET B 1042 22.10 63.36 151.34
N LYS B 1043 21.93 62.25 152.07
CA LYS B 1043 21.57 60.94 151.48
C LYS B 1043 20.07 60.83 151.22
N ASP B 1044 19.23 61.58 151.94
CA ASP B 1044 17.77 61.63 151.72
C ASP B 1044 17.46 62.42 150.44
N ILE B 1045 18.16 63.55 150.21
CA ILE B 1045 18.04 64.31 148.94
C ILE B 1045 18.64 63.46 147.78
N GLY B 1046 19.47 62.47 148.11
CA GLY B 1046 20.09 61.51 147.19
C GLY B 1046 21.14 62.05 146.22
N VAL B 1047 22.03 62.94 146.67
CA VAL B 1047 23.10 63.50 145.81
C VAL B 1047 24.47 63.43 146.49
N GLN B 1048 25.49 62.98 145.75
CA GLN B 1048 26.87 62.88 146.25
C GLN B 1048 27.49 64.22 146.70
N ALA B 1049 27.17 65.31 146.00
CA ALA B 1049 27.59 66.68 146.28
C ALA B 1049 29.11 66.97 146.44
N ASP B 1050 30.00 66.23 145.78
CA ASP B 1050 31.46 66.49 145.85
C ASP B 1050 31.84 67.59 144.84
N ALA B 1051 32.64 68.58 145.26
CA ALA B 1051 33.06 69.70 144.42
C ALA B 1051 33.82 69.29 143.13
N ASN B 1052 34.76 68.35 143.20
CA ASN B 1052 35.48 67.89 142.00
C ASN B 1052 34.52 67.20 141.02
N ALA B 1053 33.61 66.35 141.52
CA ALA B 1053 32.61 65.68 140.68
C ALA B 1053 31.64 66.69 140.05
N GLU B 1054 31.27 67.76 140.76
CA GLU B 1054 30.40 68.83 140.26
C GLU B 1054 30.99 69.46 138.98
N MET B 1055 32.28 69.83 139.00
CA MET B 1055 32.96 70.39 137.84
C MET B 1055 33.01 69.42 136.65
N ARG B 1056 33.40 68.16 136.89
CA ARG B 1056 33.47 67.13 135.83
C ARG B 1056 32.09 66.85 135.22
N ALA B 1057 31.06 66.75 136.04
CA ALA B 1057 29.69 66.53 135.58
C ALA B 1057 29.21 67.70 134.70
N ARG B 1058 29.33 68.95 135.17
CA ARG B 1058 28.89 70.12 134.39
C ARG B 1058 29.60 70.21 133.04
N GLU B 1059 30.91 69.95 133.02
CA GLU B 1059 31.69 69.95 131.78
C GLU B 1059 31.14 68.90 130.79
N ARG B 1060 30.95 67.65 131.23
CA ARG B 1060 30.43 66.59 130.36
C ARG B 1060 29.04 66.91 129.84
N ARG B 1061 28.12 67.41 130.69
CA ARG B 1061 26.76 67.78 130.25
C ARG B 1061 26.81 68.93 129.25
N ASP B 1062 27.59 69.99 129.51
CA ASP B 1062 27.69 71.13 128.59
C ASP B 1062 28.19 70.71 127.20
N ARG B 1063 29.22 69.85 127.12
CA ARG B 1063 29.71 69.36 125.82
C ARG B 1063 28.60 68.62 125.06
N LEU B 1064 27.79 67.84 125.78
CA LEU B 1064 26.66 67.10 125.19
C LEU B 1064 25.52 68.05 124.78
N HIS B 1065 25.22 69.10 125.55
CA HIS B 1065 24.20 70.11 125.19
C HIS B 1065 24.60 70.83 123.90
N GLU B 1066 25.87 71.24 123.80
CA GLU B 1066 26.41 71.90 122.61
C GLU B 1066 26.32 70.96 121.40
N ALA B 1067 26.75 69.70 121.54
CA ALA B 1067 26.67 68.71 120.48
C ALA B 1067 25.20 68.48 120.04
N LEU B 1068 24.26 68.39 120.98
CA LEU B 1068 22.84 68.21 120.66
C LEU B 1068 22.30 69.41 119.88
N SER B 1069 22.64 70.64 120.27
CA SER B 1069 22.18 71.83 119.55
C SER B 1069 22.64 71.78 118.09
N VAL B 1070 23.88 71.33 117.85
CA VAL B 1070 24.43 71.18 116.49
C VAL B 1070 23.65 70.07 115.76
N ASN B 1071 23.38 68.94 116.42
CA ASN B 1071 22.62 67.82 115.82
C ASN B 1071 21.24 68.28 115.35
N ARG B 1072 20.48 69.03 116.17
CA ARG B 1072 19.15 69.54 115.77
C ARG B 1072 19.26 70.43 114.53
N SER B 1073 20.25 71.34 114.52
CA SER B 1073 20.47 72.25 113.39
C SER B 1073 20.77 71.48 112.10
N ARG B 1074 21.66 70.48 112.15
CA ARG B 1074 22.02 69.63 111.01
C ARG B 1074 20.79 68.91 110.49
N VAL B 1075 20.02 68.29 111.39
CA VAL B 1075 18.79 67.58 111.01
C VAL B 1075 17.84 68.53 110.29
N ASN B 1076 17.66 69.75 110.78
CA ASN B 1076 16.78 70.73 110.11
C ASN B 1076 17.25 71.07 108.69
N GLN B 1077 18.54 71.35 108.44
CA GLN B 1077 18.98 71.64 107.07
C GLN B 1077 18.92 70.41 106.16
N LEU B 1078 19.31 69.23 106.65
CA LEU B 1078 19.25 68.01 105.85
C LEU B 1078 17.78 67.62 105.56
N GLU B 1079 16.84 67.88 106.48
CA GLU B 1079 15.40 67.63 106.21
C GLU B 1079 14.93 68.51 105.05
N LYS B 1080 15.37 69.77 105.01
CA LYS B 1080 15.04 70.68 103.90
C LYS B 1080 15.62 70.11 102.61
N GLN B 1081 16.91 69.72 102.61
CA GLN B 1081 17.54 69.11 101.45
C GLN B 1081 16.79 67.86 100.98
N ILE B 1082 16.45 66.95 101.89
CA ILE B 1082 15.70 65.72 101.62
C ILE B 1082 14.35 66.03 100.98
N ALA B 1083 13.53 66.86 101.62
CA ALA B 1083 12.21 67.20 101.09
C ALA B 1083 12.30 67.86 99.71
N PHE B 1084 13.25 68.79 99.52
CA PHE B 1084 13.43 69.45 98.24
C PHE B 1084 13.94 68.51 97.16
N CYS B 1085 15.02 67.76 97.40
CA CYS B 1085 15.59 66.85 96.42
C CYS B 1085 14.62 65.74 96.05
N GLU B 1086 13.90 65.12 97.01
CA GLU B 1086 12.92 64.08 96.69
C GLU B 1086 11.82 64.61 95.77
N ALA B 1087 11.31 65.82 96.07
CA ALA B 1087 10.30 66.45 95.24
C ALA B 1087 10.87 66.78 93.84
N GLU B 1088 12.13 67.24 93.77
CA GLU B 1088 12.80 67.51 92.49
C GLU B 1088 12.95 66.20 91.71
N MET B 1089 13.32 65.10 92.35
CA MET B 1089 13.46 63.80 91.69
C MET B 1089 12.14 63.33 91.11
N GLU B 1090 11.02 63.47 91.82
CA GLU B 1090 9.68 63.12 91.29
C GLU B 1090 9.33 63.98 90.07
N ASN B 1091 9.65 65.28 90.13
CA ASN B 1091 9.43 66.21 89.02
C ASN B 1091 10.28 65.79 87.81
N VAL B 1092 11.55 65.44 88.05
CA VAL B 1092 12.48 64.94 87.03
C VAL B 1092 12.00 63.59 86.48
N GLN B 1093 11.42 62.69 87.29
CA GLN B 1093 10.87 61.42 86.78
C GLN B 1093 9.71 61.68 85.80
N LYS B 1094 9.12 62.99 85.91
CA LYS B 1094 8.08 63.26 84.93
C LYS B 1094 8.68 63.63 83.56
N LYS B 1095 9.77 64.40 83.57
CA LYS B 1095 10.50 64.66 82.32
C LYS B 1095 11.02 63.36 81.74
N LEU B 1096 11.55 62.48 82.60
CA LEU B 1096 12.02 61.17 82.14
C LEU B 1096 10.94 60.43 81.40
N ARG B 1097 9.71 60.46 81.93
CA ARG B 1097 8.61 59.73 81.29
C ARG B 1097 8.23 60.38 79.96
N LYS B 1098 8.26 61.70 79.87
CA LYS B 1098 8.03 62.35 78.58
C LYS B 1098 9.05 61.87 77.56
N LEU B 1099 10.33 61.87 77.97
CA LEU B 1099 11.39 61.39 77.10
C LEU B 1099 11.17 59.94 76.70
N GLU B 1100 10.66 59.12 77.64
CA GLU B 1100 10.41 57.72 77.34
C GLU B 1100 9.38 57.55 76.23
N ARG B 1101 8.26 58.28 76.34
CA ARG B 1101 7.24 58.21 75.29
C ARG B 1101 7.78 58.68 73.94
N ASP B 1102 8.54 59.78 73.95
CA ASP B 1102 9.16 60.26 72.72
C ASP B 1102 10.07 59.20 72.12
N TYR B 1103 10.88 58.55 72.97
CA TYR B 1103 11.82 57.54 72.54
C TYR B 1103 11.10 56.35 71.91
N TYR B 1104 9.99 55.91 72.50
CA TYR B 1104 9.19 54.83 71.92
C TYR B 1104 8.73 55.19 70.50
N GLN B 1105 8.18 56.40 70.35
CA GLN B 1105 7.71 56.81 69.03
C GLN B 1105 8.84 56.78 68.01
N ILE B 1106 9.98 57.35 68.37
CA ILE B 1106 11.12 57.40 67.45
C ILE B 1106 11.58 55.98 67.12
N ARG B 1107 11.59 55.09 68.11
CA ARG B 1107 11.99 53.71 67.87
C ARG B 1107 11.14 53.06 66.79
N GLU B 1108 9.82 53.17 66.93
CA GLU B 1108 8.95 52.57 65.93
C GLU B 1108 9.23 53.15 64.55
N GLN B 1109 9.39 54.47 64.46
CA GLN B 1109 9.60 55.08 63.15
C GLN B 1109 10.89 54.59 62.49
N VAL B 1110 11.97 54.46 63.28
CA VAL B 1110 13.24 54.03 62.72
C VAL B 1110 13.12 52.61 62.18
N VAL B 1111 12.50 51.72 62.95
CA VAL B 1111 12.41 50.33 62.49
C VAL B 1111 11.62 50.27 61.19
N SER B 1112 10.52 51.04 61.11
CA SER B 1112 9.72 51.02 59.89
C SER B 1112 10.55 51.48 58.69
N ALA B 1113 11.39 52.50 58.88
CA ALA B 1113 12.24 52.94 57.77
C ALA B 1113 13.16 51.81 57.29
N LYS B 1114 13.82 51.14 58.24
CA LYS B 1114 14.76 50.08 57.85
C LYS B 1114 14.07 48.98 57.06
N ALA B 1115 12.86 48.61 57.48
CA ALA B 1115 12.17 47.51 56.80
C ALA B 1115 12.04 47.78 55.32
N GLY B 1116 11.62 48.99 54.95
CA GLY B 1116 11.52 49.33 53.54
C GLY B 1116 12.87 49.40 52.85
N TRP B 1117 13.87 49.97 53.52
CA TRP B 1117 15.17 50.18 52.86
C TRP B 1117 15.86 48.85 52.51
N CYS B 1118 15.52 47.79 53.23
CA CYS B 1118 16.14 46.48 52.96
C CYS B 1118 15.97 46.04 51.50
N ALA B 1119 14.79 46.28 50.92
CA ALA B 1119 14.55 45.82 49.56
C ALA B 1119 15.52 46.48 48.58
N VAL B 1120 15.71 47.79 48.72
CA VAL B 1120 16.68 48.47 47.87
C VAL B 1120 18.06 47.86 48.06
N MET B 1121 18.42 47.53 49.30
CA MET B 1121 19.76 46.97 49.48
C MET B 1121 19.92 45.64 48.74
N ARG B 1122 18.93 44.76 48.86
CA ARG B 1122 19.03 43.51 48.11
C ARG B 1122 19.04 43.76 46.61
N MET B 1123 18.36 44.81 46.15
CA MET B 1123 18.27 45.10 44.73
C MET B 1123 19.52 45.75 44.16
N VAL B 1124 20.32 46.43 44.97
CA VAL B 1124 21.48 47.16 44.49
C VAL B 1124 22.77 46.38 44.70
N LYS B 1125 22.67 45.05 44.81
CA LYS B 1125 23.84 44.18 44.92
C LYS B 1125 24.61 44.02 43.62
N ASP B 1126 24.24 44.65 42.55
CA ASP B 1126 24.79 44.61 41.25
C ASP B 1126 26.12 45.31 41.13
N ASN B 1127 26.69 45.78 42.20
CA ASN B 1127 27.87 46.56 42.29
C ASN B 1127 27.60 47.99 41.91
N GLY B 1128 26.39 48.45 41.93
CA GLY B 1128 25.99 49.75 41.72
C GLY B 1128 26.08 50.71 42.82
N VAL B 1129 26.25 50.20 44.02
CA VAL B 1129 26.18 51.00 45.23
C VAL B 1129 27.55 51.40 45.75
N GLU B 1130 28.55 50.53 45.57
CA GLU B 1130 29.80 50.70 46.31
C GLU B 1130 30.38 52.11 46.16
N ARG B 1131 30.50 52.66 45.00
CA ARG B 1131 30.96 53.98 44.77
C ARG B 1131 30.09 54.90 43.95
N ARG B 1132 29.44 54.42 42.95
CA ARG B 1132 28.68 55.16 42.01
C ARG B 1132 27.46 55.79 42.61
N LEU B 1133 26.70 55.00 43.37
CA LEU B 1133 25.48 55.49 43.99
C LEU B 1133 25.73 56.15 45.35
N HIS B 1134 26.65 55.58 46.14
CA HIS B 1134 26.93 56.10 47.49
C HIS B 1134 28.06 57.13 47.42
N ARG B 1135 27.74 58.30 46.88
CA ARG B 1135 28.69 59.41 46.80
C ARG B 1135 28.64 60.15 48.12
N ARG B 1136 29.57 59.80 49.01
CA ARG B 1136 29.61 60.39 50.35
C ARG B 1136 29.76 61.91 50.31
N GLU B 1137 30.27 62.46 49.20
CA GLU B 1137 30.41 63.90 49.08
C GLU B 1137 29.08 64.61 49.30
N LEU B 1138 27.97 64.00 48.90
CA LEU B 1138 26.65 64.61 49.02
C LEU B 1138 26.03 64.44 50.40
N ALA B 1139 26.63 63.63 51.28
CA ALA B 1139 25.96 63.28 52.54
C ALA B 1139 25.62 64.51 53.37
N TYR B 1140 26.39 65.59 53.23
CA TYR B 1140 26.23 66.75 54.11
C TYR B 1140 24.99 67.58 53.78
N MET B 1141 24.44 67.44 52.57
CA MET B 1141 23.34 68.29 52.15
C MET B 1141 22.02 67.93 52.83
N GLU B 1142 21.04 68.82 52.65
CA GLU B 1142 19.70 68.70 53.21
C GLU B 1142 18.70 68.38 52.10
N GLY B 1143 17.46 68.15 52.50
CA GLY B 1143 16.44 67.69 51.55
C GLY B 1143 16.21 68.66 50.40
N GLY B 1144 16.19 69.96 50.69
CA GLY B 1144 15.86 70.93 49.66
C GLY B 1144 16.87 70.93 48.52
N ALA B 1145 18.16 70.95 48.86
CA ALA B 1145 19.18 70.95 47.83
C ALA B 1145 19.11 69.68 46.98
N LEU B 1146 18.93 68.53 47.64
CA LEU B 1146 18.87 67.27 46.91
C LEU B 1146 17.69 67.25 45.96
N ARG B 1147 16.51 67.67 46.42
CA ARG B 1147 15.37 67.71 45.53
C ARG B 1147 15.60 68.67 44.36
N SER B 1148 16.17 69.85 44.65
CA SER B 1148 16.37 70.82 43.58
C SER B 1148 17.30 70.25 42.49
N MET B 1149 18.41 69.65 42.90
CA MET B 1149 19.35 69.14 41.90
C MET B 1149 18.80 67.90 41.19
N SER B 1150 18.01 67.08 41.89
CA SER B 1150 17.33 65.97 41.23
C SER B 1150 16.41 66.48 40.13
N ASP B 1151 15.63 67.52 40.43
CA ASP B 1151 14.74 68.08 39.40
C ASP B 1151 15.54 68.64 38.22
N LYS B 1152 16.66 69.33 38.51
CA LYS B 1152 17.46 69.85 37.42
C LYS B 1152 17.92 68.71 36.52
N ALA B 1153 18.33 67.59 37.12
CA ALA B 1153 18.78 66.45 36.32
C ALA B 1153 17.63 65.86 35.51
N LEU B 1154 16.45 65.73 36.12
CA LEU B 1154 15.31 65.14 35.43
C LEU B 1154 14.95 65.97 34.19
N GLY B 1155 15.08 67.29 34.30
CA GLY B 1155 14.82 68.14 33.15
C GLY B 1155 15.68 67.76 31.95
N ALA B 1156 16.97 67.51 32.19
CA ALA B 1156 17.84 67.09 31.10
C ALA B 1156 17.51 65.68 30.63
N LEU B 1157 17.16 64.79 31.56
CA LEU B 1157 16.90 63.40 31.20
C LEU B 1157 15.73 63.30 30.23
N ARG B 1158 14.62 63.99 30.52
CA ARG B 1158 13.48 63.90 29.62
C ARG B 1158 13.89 64.19 28.19
N LEU B 1159 14.76 65.18 28.00
CA LEU B 1159 15.23 65.50 26.65
C LEU B 1159 16.18 64.44 26.12
N ALA B 1160 17.08 63.96 26.96
CA ALA B 1160 18.13 63.05 26.49
C ALA B 1160 17.62 61.65 26.17
N VAL B 1161 16.41 61.30 26.63
CA VAL B 1161 15.93 59.93 26.49
C VAL B 1161 14.80 59.80 25.47
N ALA B 1162 14.36 60.90 24.84
CA ALA B 1162 13.17 60.85 24.00
C ALA B 1162 13.23 59.74 22.96
N ASP B 1163 14.35 59.47 22.35
CA ASP B 1163 14.51 58.59 21.26
C ASP B 1163 14.07 57.19 21.58
N ASN B 1164 14.51 56.64 22.66
CA ASN B 1164 14.28 55.34 23.13
C ASN B 1164 12.87 55.19 23.66
N GLU B 1165 12.31 54.03 23.66
CA GLU B 1165 11.00 53.67 24.08
C GLU B 1165 10.90 53.02 25.44
N HIS B 1166 11.52 51.90 25.65
CA HIS B 1166 11.49 51.17 26.86
C HIS B 1166 12.21 51.90 27.97
N LEU B 1167 13.34 52.50 27.61
CA LEU B 1167 14.07 53.33 28.57
C LEU B 1167 13.25 54.56 28.94
N ARG B 1168 12.58 55.16 27.95
CA ARG B 1168 11.69 56.28 28.24
C ARG B 1168 10.55 55.86 29.15
N ASP B 1169 9.97 54.68 28.91
CA ASP B 1169 8.93 54.19 29.79
C ASP B 1169 9.45 53.94 31.20
N ALA B 1170 10.67 53.42 31.31
CA ALA B 1170 11.25 53.20 32.63
C ALA B 1170 11.45 54.53 33.36
N LEU B 1171 11.93 55.54 32.66
CA LEU B 1171 12.06 56.85 33.28
C LEU B 1171 10.71 57.37 33.75
N ARG B 1172 9.68 57.22 32.91
CA ARG B 1172 8.35 57.68 33.30
C ARG B 1172 7.83 56.92 34.52
N LEU B 1173 8.11 55.62 34.60
CA LEU B 1173 7.69 54.84 35.76
C LEU B 1173 8.45 55.23 37.02
N SER B 1174 9.72 55.62 36.88
CA SER B 1174 10.54 55.98 38.03
C SER B 1174 10.06 57.25 38.74
N GLU B 1175 8.94 57.84 38.32
CA GLU B 1175 8.56 59.16 38.80
C GLU B 1175 8.06 59.14 40.24
N ASP B 1176 7.44 58.05 40.68
CA ASP B 1176 6.71 58.06 41.94
C ASP B 1176 7.66 57.98 43.13
N PRO B 1177 7.58 58.91 44.10
CA PRO B 1177 8.49 58.83 45.25
C PRO B 1177 8.13 57.76 46.27
N LYS B 1178 6.89 57.28 46.29
CA LYS B 1178 6.49 56.30 47.32
C LYS B 1178 7.11 54.93 47.08
N ARG B 1179 7.72 54.71 45.92
CA ARG B 1179 8.40 53.46 45.60
C ARG B 1179 9.79 53.77 45.06
N PRO B 1180 10.73 54.11 45.94
CA PRO B 1180 12.04 54.58 45.48
C PRO B 1180 12.83 53.56 44.65
N GLU B 1181 12.58 52.26 44.85
CA GLU B 1181 13.35 51.24 44.12
C GLU B 1181 13.22 51.40 42.61
N ARG B 1182 12.16 52.06 42.15
CA ARG B 1182 11.99 52.27 40.72
C ARG B 1182 13.15 53.07 40.16
N LYS B 1183 13.69 54.00 40.93
CA LYS B 1183 14.83 54.78 40.49
C LYS B 1183 16.05 53.88 40.28
N VAL B 1184 16.28 52.95 41.21
CA VAL B 1184 17.41 52.03 41.06
C VAL B 1184 17.22 51.15 39.83
N GLN B 1185 15.98 50.69 39.60
CA GLN B 1185 15.73 49.93 38.38
C GLN B 1185 16.06 50.74 37.14
N PHE B 1186 15.67 52.02 37.11
CA PHE B 1186 16.01 52.85 35.96
C PHE B 1186 17.52 52.98 35.80
N PHE B 1187 18.27 53.12 36.84
CA PHE B 1187 19.69 53.18 36.86
C PHE B 1187 20.29 51.96 36.23
N ILE B 1188 19.87 50.80 36.64
CA ILE B 1188 20.21 49.53 36.11
C ILE B 1188 19.98 49.49 34.63
N ALA B 1189 18.86 49.96 34.19
CA ALA B 1189 18.47 50.08 32.84
C ALA B 1189 19.44 50.90 32.03
N VAL B 1190 19.87 52.01 32.54
CA VAL B 1190 20.82 52.87 31.97
C VAL B 1190 22.11 52.15 31.71
N TYR B 1191 22.63 51.48 32.68
CA TYR B 1191 23.82 50.71 32.62
C TYR B 1191 23.74 49.62 31.58
N GLN B 1192 22.69 48.87 31.58
CA GLN B 1192 22.38 47.85 30.64
C GLN B 1192 22.41 48.38 29.23
N HIS B 1193 21.77 49.47 28.99
CA HIS B 1193 21.71 50.21 27.81
C HIS B 1193 23.09 50.51 27.28
N LEU B 1194 23.93 51.09 28.07
CA LEU B 1194 25.25 51.49 27.75
C LEU B 1194 26.17 50.34 27.46
N ARG B 1195 26.04 49.24 28.20
CA ARG B 1195 26.96 48.11 28.11
C ARG B 1195 27.12 47.56 26.70
N GLU B 1196 26.09 47.53 25.87
CA GLU B 1196 26.07 47.07 24.53
C GLU B 1196 26.85 47.93 23.59
N ARG B 1197 26.95 49.19 23.84
CA ARG B 1197 27.41 50.22 22.98
C ARG B 1197 28.91 50.37 22.86
N ILE B 1198 29.70 49.54 23.48
CA ILE B 1198 31.11 49.45 23.38
C ILE B 1198 31.54 49.07 21.99
N ARG B 1199 32.54 49.65 21.42
CA ARG B 1199 33.03 49.49 20.11
C ARG B 1199 33.83 48.23 19.79
N GLN B 1200 35.06 48.08 20.26
CA GLN B 1200 35.92 46.91 19.95
C GLN B 1200 36.69 46.37 21.17
N ASP B 1201 37.42 45.26 20.99
CA ASP B 1201 38.15 44.52 22.06
C ASP B 1201 39.04 45.31 23.02
N ILE B 1202 39.90 46.21 22.54
CA ILE B 1202 40.77 46.96 23.46
C ILE B 1202 39.97 47.84 24.43
N ILE B 1203 38.71 48.17 24.07
CA ILE B 1203 37.79 48.98 24.87
C ILE B 1203 36.78 48.08 25.60
N ARG B 1204 36.97 46.76 25.65
CA ARG B 1204 35.98 45.84 26.26
C ARG B 1204 35.92 45.81 27.78
N THR B 1205 36.29 46.90 28.42
CA THR B 1205 36.07 47.04 29.86
C THR B 1205 34.55 47.05 30.01
N ASP B 1206 33.93 45.99 30.55
CA ASP B 1206 32.46 45.92 30.66
C ASP B 1206 31.83 47.04 31.49
N ASP B 1207 32.63 47.90 32.11
CA ASP B 1207 32.28 48.97 32.95
C ASP B 1207 32.24 50.26 32.17
N PRO B 1208 31.08 50.86 31.85
CA PRO B 1208 31.06 52.05 31.02
C PRO B 1208 31.98 53.17 31.40
N VAL B 1209 31.92 53.58 32.62
CA VAL B 1209 32.67 54.63 33.20
C VAL B 1209 34.14 54.41 32.97
N ASP B 1210 34.59 53.22 33.10
CA ASP B 1210 35.89 52.77 32.81
C ASP B 1210 36.23 52.88 31.34
N ALA B 1211 35.29 52.72 30.48
CA ALA B 1211 35.40 52.84 29.06
C ALA B 1211 35.66 54.25 28.61
N ILE B 1212 35.14 55.22 29.29
CA ILE B 1212 35.23 56.60 29.00
C ILE B 1212 36.66 57.01 28.75
N GLU B 1213 37.52 56.75 29.68
CA GLU B 1213 38.89 57.12 29.70
C GLU B 1213 39.65 56.50 28.55
N GLN B 1214 39.39 55.28 28.22
CA GLN B 1214 39.92 54.58 27.11
C GLN B 1214 39.58 55.28 25.82
N MET B 1215 38.37 55.67 25.65
CA MET B 1215 37.89 56.45 24.56
C MET B 1215 38.68 57.72 24.40
N GLU B 1216 38.86 58.45 25.45
CA GLU B 1216 39.56 59.68 25.50
C GLU B 1216 41.02 59.52 25.17
N ILE B 1217 41.64 58.46 25.58
CA ILE B 1217 42.94 58.04 25.25
C ILE B 1217 43.07 57.90 23.76
N GLU B 1218 42.14 57.26 23.13
CA GLU B 1218 42.01 57.14 21.73
C GLU B 1218 41.97 58.50 21.06
N LEU B 1219 41.20 59.40 21.57
CA LEU B 1219 41.07 60.74 21.13
C LEU B 1219 42.42 61.43 21.07
N ALA B 1220 43.17 61.33 22.17
CA ALA B 1220 44.49 61.95 22.21
C ALA B 1220 45.43 61.34 21.17
N ARG B 1221 45.47 60.05 21.04
CA ARG B 1221 46.21 59.31 20.09
C ARG B 1221 45.95 59.80 18.70
N LEU B 1222 44.65 59.86 18.39
CA LEU B 1222 44.20 60.33 17.09
C LEU B 1222 44.66 61.74 16.82
N THR B 1223 44.59 62.60 17.84
CA THR B 1223 45.01 63.98 17.66
C THR B 1223 46.49 64.05 17.28
N GLU B 1224 47.33 63.24 17.93
CA GLU B 1224 48.74 63.24 17.58
C GLU B 1224 48.93 62.79 16.13
N GLU B 1225 48.24 61.71 15.75
CA GLU B 1225 48.38 61.23 14.37
C GLU B 1225 47.96 62.31 13.38
N LEU B 1226 46.86 63.01 13.66
CA LEU B 1226 46.41 64.08 12.80
C LEU B 1226 47.45 65.19 12.69
N THR B 1227 48.07 65.55 13.80
CA THR B 1227 49.08 66.59 13.77
C THR B 1227 50.22 66.20 12.83
N ALA B 1228 50.71 64.97 12.97
CA ALA B 1228 51.79 64.53 12.11
C ALA B 1228 51.38 64.53 10.64
N ARG B 1229 50.17 64.04 10.36
CA ARG B 1229 49.71 63.97 8.97
C ARG B 1229 49.57 65.34 8.34
N GLU B 1230 49.01 66.30 9.07
CA GLU B 1230 48.89 67.64 8.49
C GLU B 1230 50.26 68.29 8.28
N GLN B 1231 51.21 68.01 9.18
CA GLN B 1231 52.57 68.47 8.93
C GLN B 1231 53.13 67.89 7.63
N LYS B 1232 52.89 66.60 7.39
CA LYS B 1232 53.34 65.99 6.13
C LYS B 1232 52.67 66.66 4.93
N LEU B 1233 51.38 66.93 5.05
CA LEU B 1233 50.62 67.53 3.96
C LEU B 1233 51.20 68.89 3.57
N ALA B 1234 51.65 69.68 4.54
CA ALA B 1234 52.17 71.00 4.21
C ALA B 1234 53.35 70.92 3.25
N ILE B 1235 54.32 70.06 3.57
CA ILE B 1235 55.52 69.96 2.74
C ILE B 1235 55.14 69.39 1.37
N SER B 1236 54.16 68.48 1.33
CA SER B 1236 53.70 68.05 0.02
C SER B 1236 53.13 69.21 -0.79
N SER B 1237 52.38 70.10 -0.13
CA SER B 1237 51.68 71.17 -0.85
C SER B 1237 52.63 72.16 -1.49
N LYS B 1238 53.71 72.52 -0.78
CA LYS B 1238 54.62 73.53 -1.33
C LYS B 1238 55.13 73.12 -2.71
N SER B 1239 55.49 71.84 -2.89
CA SER B 1239 56.06 71.42 -4.17
C SER B 1239 55.10 71.69 -5.32
N VAL B 1240 53.82 71.58 -5.14
CA VAL B 1240 52.79 71.64 -6.11
C VAL B 1240 52.46 73.05 -6.53
N ALA B 1241 52.42 73.93 -5.53
CA ALA B 1241 51.99 75.31 -5.76
C ALA B 1241 52.64 75.95 -7.00
N ASN B 1242 53.94 75.70 -7.19
CA ASN B 1242 54.70 76.39 -8.22
C ASN B 1242 54.15 76.05 -9.61
N ILE B 1243 54.02 74.81 -9.93
CA ILE B 1243 53.54 74.31 -11.16
C ILE B 1243 52.14 74.81 -11.43
N ILE B 1244 51.31 74.86 -10.44
CA ILE B 1244 49.99 75.39 -10.53
C ILE B 1244 50.01 76.82 -11.03
N ARG B 1245 50.85 77.64 -10.39
CA ARG B 1245 50.94 79.04 -10.82
C ARG B 1245 51.36 79.14 -12.28
N LYS B 1246 52.38 78.37 -12.67
CA LYS B 1246 52.82 78.45 -14.06
C LYS B 1246 51.65 78.11 -14.99
N THR B 1247 50.91 77.08 -14.71
CA THR B 1247 49.82 76.59 -15.46
C THR B 1247 48.78 77.67 -15.69
N ILE B 1248 48.36 78.29 -14.59
CA ILE B 1248 47.30 79.29 -14.69
C ILE B 1248 47.76 80.47 -15.53
N GLN B 1249 49.02 80.89 -15.38
CA GLN B 1249 49.48 81.97 -16.23
C GLN B 1249 49.39 81.58 -17.71
N ARG B 1250 49.76 80.40 -18.07
CA ARG B 1250 49.69 79.89 -19.38
C ARG B 1250 48.30 79.99 -19.95
N GLU B 1251 47.34 79.46 -19.20
CA GLU B 1251 45.97 79.42 -19.71
C GLU B 1251 45.35 80.81 -19.82
N GLN B 1252 45.62 81.71 -18.88
CA GLN B 1252 45.11 83.07 -19.05
C GLN B 1252 45.68 83.71 -20.31
N ASN B 1253 46.98 83.51 -20.56
CA ASN B 1253 47.54 84.06 -21.79
C ASN B 1253 46.86 83.48 -23.02
N ARG B 1254 46.58 82.18 -22.99
CA ARG B 1254 45.94 81.56 -24.16
C ARG B 1254 44.54 82.11 -24.38
N ILE B 1255 43.74 82.23 -23.31
CA ILE B 1255 42.39 82.76 -23.49
C ILE B 1255 42.43 84.19 -24.02
N ARG B 1256 43.28 85.04 -23.44
CA ARG B 1256 43.33 86.41 -23.92
C ARG B 1256 43.79 86.48 -25.37
N MET B 1257 44.78 85.66 -25.75
CA MET B 1257 45.18 85.59 -27.14
C MET B 1257 44.00 85.19 -28.02
N LEU B 1258 43.15 84.31 -27.50
CA LEU B 1258 42.04 83.77 -28.28
C LEU B 1258 40.94 84.80 -28.52
N ASN B 1259 40.78 85.79 -27.63
CA ASN B 1259 39.77 86.81 -27.86
C ASN B 1259 40.08 87.64 -29.10
N GLN B 1260 41.36 87.92 -29.37
CA GLN B 1260 41.70 88.71 -30.56
C GLN B 1260 41.41 87.98 -31.86
N GLY B 1261 41.13 86.68 -31.81
CA GLY B 1261 40.61 86.02 -32.99
C GLY B 1261 39.21 86.46 -33.35
N LEU B 1262 38.59 87.22 -32.46
CA LEU B 1262 37.28 87.82 -32.67
C LEU B 1262 37.47 89.32 -32.85
N GLN B 1263 36.82 89.88 -33.87
CA GLN B 1263 37.13 91.23 -34.31
C GLN B 1263 35.91 92.14 -34.31
N ALA B 1264 35.21 92.19 -33.18
CA ALA B 1264 34.06 93.08 -33.00
C ALA B 1264 32.94 92.71 -33.96
N VAL B 1265 32.41 91.52 -33.74
CA VAL B 1265 31.29 91.03 -34.52
C VAL B 1265 30.11 91.99 -34.38
N SER B 1266 29.29 92.07 -35.42
CA SER B 1266 28.13 92.95 -35.45
C SER B 1266 26.87 92.10 -35.55
N PHE B 1267 26.09 92.06 -34.48
CA PHE B 1267 24.78 91.40 -34.47
C PHE B 1267 23.80 92.37 -33.84
N GLY B 1268 22.92 92.96 -34.63
CA GLY B 1268 21.97 93.89 -34.06
C GLY B 1268 22.72 94.99 -33.33
N GLN B 1269 22.43 95.12 -32.03
CA GLN B 1269 23.10 96.10 -31.21
C GLN B 1269 24.35 95.57 -30.51
N VAL B 1270 24.64 94.28 -30.62
CA VAL B 1270 25.85 93.72 -30.02
C VAL B 1270 27.02 94.03 -30.93
N ARG B 1271 28.05 94.69 -30.37
CA ARG B 1271 29.21 95.09 -31.15
C ARG B 1271 30.44 94.24 -30.91
N GLY B 1272 30.40 93.32 -29.94
CA GLY B 1272 31.55 92.50 -29.67
C GLY B 1272 31.23 91.48 -28.60
N VAL B 1273 32.04 90.41 -28.58
CA VAL B 1273 31.91 89.33 -27.62
C VAL B 1273 33.29 89.05 -27.03
N ARG B 1274 33.32 88.71 -25.75
CA ARG B 1274 34.58 88.55 -25.04
C ARG B 1274 34.41 87.53 -23.93
N LEU B 1275 35.50 86.83 -23.62
CA LEU B 1275 35.57 85.92 -22.48
C LEU B 1275 36.39 86.56 -21.37
N ASN B 1276 35.81 86.62 -20.18
CA ASN B 1276 36.40 87.30 -19.03
C ASN B 1276 36.95 86.25 -18.07
N VAL B 1277 38.26 86.25 -17.87
CA VAL B 1277 38.93 85.27 -17.01
C VAL B 1277 39.60 86.02 -15.85
N ASN B 1278 39.32 85.58 -14.63
CA ASN B 1278 39.97 86.11 -13.46
C ASN B 1278 40.25 84.99 -12.47
N VAL B 1279 41.40 85.07 -11.80
CA VAL B 1279 41.72 84.11 -10.77
C VAL B 1279 40.87 84.40 -9.52
N ARG B 1280 40.70 83.38 -8.70
CA ARG B 1280 39.91 83.49 -7.48
C ARG B 1280 40.83 83.80 -6.32
N GLU B 1281 40.59 84.93 -5.64
CA GLU B 1281 41.44 85.34 -4.54
C GLU B 1281 41.39 84.33 -3.39
N SER B 1282 40.23 83.72 -3.15
CA SER B 1282 40.12 82.78 -2.05
C SER B 1282 41.12 81.63 -2.21
N HIS B 1283 41.18 81.04 -3.41
CA HIS B 1283 42.06 79.90 -3.60
C HIS B 1283 43.52 80.31 -3.70
N ALA B 1284 43.82 81.48 -4.27
CA ALA B 1284 45.20 81.96 -4.23
C ALA B 1284 45.68 82.15 -2.81
N ILE B 1285 44.84 82.76 -1.98
CA ILE B 1285 45.17 82.96 -0.57
C ILE B 1285 45.36 81.63 0.13
N LEU B 1286 44.47 80.67 -0.15
CA LEU B 1286 44.57 79.37 0.48
C LEU B 1286 45.83 78.63 0.04
N LEU B 1287 46.23 78.80 -1.23
CA LEU B 1287 47.49 78.23 -1.68
C LEU B 1287 48.67 78.86 -0.96
N ASP B 1288 48.63 80.17 -0.74
CA ASP B 1288 49.69 80.79 0.06
C ASP B 1288 49.70 80.22 1.48
N VAL B 1289 48.53 80.04 2.07
CA VAL B 1289 48.45 79.52 3.43
C VAL B 1289 49.09 78.15 3.52
N LEU B 1290 48.76 77.26 2.58
CA LEU B 1290 49.31 75.92 2.65
C LEU B 1290 50.78 75.87 2.23
N SER B 1291 51.18 76.70 1.27
CA SER B 1291 52.53 76.59 0.71
C SER B 1291 53.59 76.98 1.73
N GLU B 1292 53.43 78.13 2.38
CA GLU B 1292 54.48 78.72 3.19
C GLU B 1292 54.37 78.18 4.62
N GLN B 1293 55.45 77.59 5.12
CA GLN B 1293 55.44 76.83 6.36
C GLN B 1293 56.00 77.64 7.54
N GLN B 1294 55.89 77.02 8.72
CA GLN B 1294 56.06 77.73 10.00
C GLN B 1294 57.44 78.35 10.16
N GLU B 1295 58.50 77.57 10.01
CA GLU B 1295 59.79 78.00 10.58
C GLU B 1295 60.36 79.22 9.85
N GLN B 1296 60.40 79.18 8.51
CA GLN B 1296 60.92 80.35 7.79
C GLN B 1296 59.92 81.50 7.77
N HIS B 1297 58.67 81.21 7.45
CA HIS B 1297 57.68 82.25 7.17
C HIS B 1297 56.92 82.72 8.41
N GLN B 1298 57.26 82.25 9.62
CA GLN B 1298 56.69 82.85 10.82
C GLN B 1298 56.97 84.34 10.88
N ASP B 1299 58.10 84.77 10.33
CA ASP B 1299 58.36 86.20 10.22
C ASP B 1299 57.48 86.85 9.15
N LEU B 1300 57.04 86.08 8.17
CA LEU B 1300 56.11 86.58 7.17
C LEU B 1300 54.67 86.57 7.67
N PHE B 1301 54.34 85.64 8.57
CA PHE B 1301 52.96 85.43 9.02
C PHE B 1301 52.38 86.54 9.87
N ASN B 1302 53.11 87.62 10.15
CA ASN B 1302 52.53 88.68 10.97
C ASN B 1302 51.52 89.52 10.18
N SER B 1303 51.13 89.06 8.99
CA SER B 1303 50.08 89.69 8.20
C SER B 1303 48.70 89.16 8.60
N GLN B 1304 47.70 90.03 8.54
CA GLN B 1304 46.37 89.74 9.05
C GLN B 1304 45.58 88.71 8.22
N ARG B 1305 46.04 88.36 7.02
CA ARG B 1305 45.25 87.51 6.13
C ARG B 1305 45.59 86.03 6.19
N LEU B 1306 46.80 85.67 6.61
CA LEU B 1306 47.28 84.28 6.55
C LEU B 1306 47.60 83.76 7.94
N THR B 1307 47.06 82.57 8.26
CA THR B 1307 47.45 81.84 9.45
C THR B 1307 47.28 80.35 9.23
N PHE B 1308 47.91 79.57 10.11
CA PHE B 1308 47.91 78.11 9.98
C PHE B 1308 46.52 77.53 10.24
N SER B 1309 45.85 77.98 11.30
CA SER B 1309 44.59 77.36 11.70
C SER B 1309 43.57 77.39 10.59
N GLU B 1310 43.73 78.29 9.62
CA GLU B 1310 42.73 78.44 8.56
C GLU B 1310 42.64 77.20 7.70
N ALA B 1311 43.71 76.40 7.63
CA ALA B 1311 43.64 75.14 6.90
C ALA B 1311 42.60 74.21 7.52
N MET B 1312 42.58 74.14 8.86
CA MET B 1312 41.53 73.40 9.55
C MET B 1312 40.20 74.13 9.49
N ALA B 1313 40.21 75.47 9.42
CA ALA B 1313 38.94 76.18 9.27
C ALA B 1313 38.23 75.78 8.00
N LYS B 1314 38.99 75.49 6.94
CA LYS B 1314 38.40 74.98 5.71
C LYS B 1314 37.81 73.59 5.87
N LEU B 1315 37.97 72.97 7.05
CA LEU B 1315 37.26 71.74 7.32
C LEU B 1315 35.76 71.94 7.18
N TYR B 1316 35.25 73.11 7.59
CA TYR B 1316 33.85 73.42 7.36
C TYR B 1316 33.51 73.38 5.88
N GLN B 1317 34.33 74.01 5.05
CA GLN B 1317 34.11 73.96 3.61
C GLN B 1317 34.38 72.56 3.08
N ARG B 1318 35.17 71.78 3.82
CA ARG B 1318 35.53 70.43 3.39
C ARG B 1318 34.31 69.53 3.24
N LEU B 1319 33.31 69.67 4.11
CA LEU B 1319 32.27 68.65 4.21
C LEU B 1319 31.42 68.57 2.93
N ASN B 1320 30.88 69.70 2.47
CA ASN B 1320 30.07 69.66 1.25
C ASN B 1320 29.95 71.02 0.54
N PRO B 1321 30.65 71.22 -0.59
CA PRO B 1321 30.32 72.37 -1.45
C PRO B 1321 29.06 72.14 -2.27
N GLN B 1322 28.50 73.26 -2.75
CA GLN B 1322 27.18 73.28 -3.38
C GLN B 1322 27.33 73.01 -4.89
N VAL B 1323 27.89 71.86 -5.25
CA VAL B 1323 27.98 71.50 -6.67
C VAL B 1323 26.60 71.06 -7.17
N ASP B 1324 26.35 71.26 -8.48
CA ASP B 1324 25.01 71.05 -9.01
C ASP B 1324 25.02 69.87 -10.01
N MET B 1325 25.73 69.97 -11.12
CA MET B 1325 25.63 68.92 -12.14
C MET B 1325 26.74 67.90 -11.98
N GLY B 1326 26.40 66.64 -12.22
CA GLY B 1326 27.27 65.51 -11.93
C GLY B 1326 27.78 64.85 -13.20
N GLN B 1327 29.06 64.81 -13.37
CA GLN B 1327 29.82 64.03 -14.26
C GLN B 1327 31.21 63.79 -13.76
N ARG B 1328 31.80 62.68 -14.01
CA ARG B 1328 33.03 62.29 -13.44
C ARG B 1328 32.89 62.30 -11.93
N LEU B 1329 33.71 63.09 -11.24
CA LEU B 1329 33.67 63.00 -9.78
C LEU B 1329 34.19 64.23 -9.04
N PRO B 1330 33.36 65.24 -8.81
CA PRO B 1330 33.74 66.34 -7.92
C PRO B 1330 33.32 66.08 -6.47
N GLN B 1331 34.20 66.42 -5.53
CA GLN B 1331 33.93 66.10 -4.13
C GLN B 1331 34.07 67.17 -3.05
N THR B 1332 35.14 67.97 -3.03
CA THR B 1332 35.37 68.78 -1.83
C THR B 1332 36.52 69.75 -2.04
N ILE B 1333 36.66 70.68 -1.10
CA ILE B 1333 37.65 71.76 -1.23
C ILE B 1333 39.05 71.21 -1.36
N GLY B 1334 39.41 70.21 -0.56
CA GLY B 1334 40.72 69.61 -0.70
C GLY B 1334 40.86 69.02 -2.09
N GLU B 1335 39.92 68.17 -2.47
CA GLU B 1335 39.87 67.69 -3.83
C GLU B 1335 39.78 68.84 -4.82
N GLU B 1336 39.06 69.91 -4.44
CA GLU B 1336 38.84 71.01 -5.36
C GLU B 1336 40.15 71.74 -5.67
N LEU B 1337 41.11 71.72 -4.74
CA LEU B 1337 42.39 72.37 -4.95
C LEU B 1337 43.34 71.56 -5.83
N LEU B 1338 43.07 70.27 -6.00
CA LEU B 1338 43.96 69.41 -6.77
C LEU B 1338 43.92 69.67 -8.28
N ASP B 1339 42.99 70.50 -8.76
CA ASP B 1339 42.90 70.80 -10.18
C ASP B 1339 42.99 72.31 -10.38
N TYR B 1340 43.82 72.76 -11.27
CA TYR B 1340 44.05 74.12 -11.63
C TYR B 1340 42.81 74.83 -12.06
N ARG B 1341 41.92 74.12 -12.74
CA ARG B 1341 40.75 74.75 -13.34
C ARG B 1341 39.83 75.38 -12.29
N ASN B 1342 39.85 74.88 -11.07
CA ASN B 1342 39.00 75.45 -10.02
C ASN B 1342 39.46 76.82 -9.56
N TYR B 1343 40.62 77.29 -10.00
CA TYR B 1343 41.19 78.56 -9.56
C TYR B 1343 40.69 79.75 -10.36
N LEU B 1344 39.64 79.61 -11.17
CA LEU B 1344 39.27 80.63 -12.13
C LEU B 1344 37.77 80.90 -12.10
N GLU B 1345 37.41 82.13 -12.47
CA GLU B 1345 36.06 82.50 -12.85
C GLU B 1345 36.07 82.81 -14.34
N LEU B 1346 34.99 82.43 -15.04
CA LEU B 1346 35.00 82.42 -16.49
C LEU B 1346 33.61 82.81 -16.97
N ASP B 1347 33.48 83.96 -17.63
CA ASP B 1347 32.17 84.48 -18.01
C ASP B 1347 32.22 85.18 -19.36
N VAL B 1348 31.04 85.29 -19.98
CA VAL B 1348 30.88 85.84 -21.33
C VAL B 1348 30.30 87.25 -21.20
N GLU B 1349 30.84 88.17 -22.00
CA GLU B 1349 30.45 89.57 -21.96
C GLU B 1349 30.18 90.07 -23.38
N VAL B 1350 29.29 91.05 -23.49
CA VAL B 1350 28.93 91.64 -24.77
C VAL B 1350 28.93 93.15 -24.65
N ASN B 1351 29.41 93.83 -25.69
CA ASN B 1351 29.47 95.29 -25.73
C ASN B 1351 28.24 95.85 -26.45
N ARG B 1352 27.09 95.70 -25.79
CA ARG B 1352 25.83 96.16 -26.38
C ARG B 1352 25.84 97.67 -26.54
N GLY B 1353 25.62 98.13 -27.77
CA GLY B 1353 25.43 99.54 -28.04
C GLY B 1353 26.50 100.42 -27.44
N SER B 1354 26.11 101.28 -26.50
CA SER B 1354 27.03 102.19 -25.84
C SER B 1354 27.01 102.01 -24.32
N ASP B 1355 26.55 100.85 -23.84
CA ASP B 1355 26.48 100.57 -22.42
C ASP B 1355 27.74 99.89 -21.88
N GLY B 1356 28.76 99.71 -22.71
CA GLY B 1356 29.97 99.03 -22.29
C GLY B 1356 29.76 97.53 -22.24
N TRP B 1357 30.72 96.86 -21.61
CA TRP B 1357 30.68 95.39 -21.53
C TRP B 1357 29.74 94.96 -20.41
N LEU B 1358 28.77 94.13 -20.76
CA LEU B 1358 27.77 93.61 -19.84
C LEU B 1358 27.74 92.09 -19.92
N LYS B 1359 27.33 91.46 -18.83
CA LYS B 1359 27.15 90.02 -18.85
C LYS B 1359 25.96 89.67 -19.73
N ALA B 1360 26.07 88.55 -20.45
CA ALA B 1360 25.04 88.15 -21.40
C ALA B 1360 24.04 87.20 -20.74
N GLU B 1361 22.78 87.62 -20.69
CA GLU B 1361 21.68 86.76 -20.33
C GLU B 1361 20.67 86.73 -21.47
N SER B 1362 20.08 85.55 -21.71
CA SER B 1362 19.15 85.39 -22.81
C SER B 1362 17.95 86.30 -22.67
N GLY B 1363 17.42 86.44 -21.46
CA GLY B 1363 16.23 87.23 -21.24
C GLY B 1363 16.40 88.72 -21.47
N ALA B 1364 17.62 89.18 -21.76
CA ALA B 1364 17.91 90.58 -21.99
C ALA B 1364 18.61 90.77 -23.33
N LEU B 1365 18.19 90.02 -24.34
CA LEU B 1365 18.78 90.12 -25.67
C LEU B 1365 17.72 89.78 -26.71
N SER B 1366 17.89 90.34 -27.90
CA SER B 1366 17.02 89.97 -29.00
C SER B 1366 17.32 88.56 -29.47
N THR B 1367 16.38 88.00 -30.24
CA THR B 1367 16.56 86.66 -30.78
C THR B 1367 17.81 86.57 -31.64
N GLY B 1368 17.96 87.49 -32.59
CA GLY B 1368 19.13 87.48 -33.46
C GLY B 1368 20.41 87.67 -32.68
N GLU B 1369 20.39 88.58 -31.71
CA GLU B 1369 21.57 88.80 -30.87
C GLU B 1369 21.94 87.52 -30.13
N ALA B 1370 20.92 86.82 -29.59
CA ALA B 1370 21.17 85.58 -28.89
C ALA B 1370 21.81 84.54 -29.79
N ILE B 1371 21.30 84.39 -31.01
CA ILE B 1371 21.85 83.39 -31.92
C ILE B 1371 23.29 83.72 -32.27
N GLY B 1372 23.57 84.98 -32.59
CA GLY B 1372 24.94 85.36 -32.92
C GLY B 1372 25.90 85.09 -31.77
N THR B 1373 25.49 85.43 -30.55
CA THR B 1373 26.36 85.20 -29.40
C THR B 1373 26.61 83.71 -29.21
N GLY B 1374 25.56 82.89 -29.34
CA GLY B 1374 25.75 81.45 -29.22
C GLY B 1374 26.76 80.91 -30.21
N MET B 1375 26.65 81.35 -31.47
CA MET B 1375 27.60 80.85 -32.47
C MET B 1375 29.03 81.26 -32.12
N SER B 1376 29.21 82.49 -31.64
CA SER B 1376 30.54 82.91 -31.22
C SER B 1376 31.08 81.95 -30.17
N ILE B 1377 30.26 81.64 -29.17
CA ILE B 1377 30.73 80.77 -28.09
C ILE B 1377 31.15 79.42 -28.64
N LEU B 1378 30.33 78.85 -29.53
CA LEU B 1378 30.63 77.51 -30.03
C LEU B 1378 31.92 77.48 -30.85
N VAL B 1379 32.15 78.49 -31.69
CA VAL B 1379 33.41 78.47 -32.42
C VAL B 1379 34.57 78.54 -31.43
N MET B 1380 34.43 79.31 -30.35
CA MET B 1380 35.54 79.36 -29.40
C MET B 1380 35.78 77.99 -28.78
N VAL B 1381 34.70 77.28 -28.45
CA VAL B 1381 34.84 75.96 -27.84
C VAL B 1381 35.58 75.01 -28.77
N VAL B 1382 35.17 74.96 -30.04
CA VAL B 1382 35.80 74.00 -30.94
C VAL B 1382 37.27 74.35 -31.13
N GLN B 1383 37.59 75.63 -31.19
CA GLN B 1383 39.00 76.01 -31.28
C GLN B 1383 39.77 75.51 -30.07
N SER B 1384 39.20 75.65 -28.88
CA SER B 1384 39.89 75.18 -27.68
C SER B 1384 40.14 73.69 -27.75
N TRP B 1385 39.20 72.89 -28.14
CA TRP B 1385 39.31 71.50 -28.30
C TRP B 1385 40.41 71.12 -29.25
N GLU B 1386 40.50 71.73 -30.38
CA GLU B 1386 41.51 71.53 -31.35
C GLU B 1386 42.87 71.77 -30.76
N GLU B 1387 43.05 72.81 -30.01
CA GLU B 1387 44.26 73.15 -29.36
C GLU B 1387 44.69 72.10 -28.37
N GLU B 1388 43.80 71.58 -27.60
CA GLU B 1388 44.01 70.59 -26.61
C GLU B 1388 44.67 69.36 -27.17
N SER B 1389 44.18 68.85 -28.24
CA SER B 1389 44.57 67.66 -28.93
C SER B 1389 45.83 67.80 -29.75
N ARG B 1390 46.47 68.93 -29.77
CA ARG B 1390 47.65 69.18 -30.49
C ARG B 1390 48.72 68.16 -30.21
N ARG B 1391 48.86 67.73 -28.97
CA ARG B 1391 49.92 66.77 -28.66
C ARG B 1391 49.63 65.36 -29.17
N LEU B 1392 48.43 64.85 -28.92
CA LEU B 1392 48.10 63.48 -29.28
C LEU B 1392 48.04 63.26 -30.78
N ARG B 1393 47.51 64.23 -31.52
CA ARG B 1393 47.38 64.17 -32.91
C ARG B 1393 48.72 64.05 -33.59
N GLY B 1394 48.80 63.43 -34.72
CA GLY B 1394 49.87 63.53 -35.58
C GLY B 1394 50.10 64.88 -36.12
N LYS B 1395 51.28 65.26 -36.45
CA LYS B 1395 51.66 66.57 -36.81
C LYS B 1395 50.86 67.07 -37.98
N ASP B 1396 50.56 66.25 -38.93
CA ASP B 1396 50.14 66.50 -40.26
C ASP B 1396 48.66 66.57 -40.51
N ILE B 1397 47.81 66.39 -39.55
CA ILE B 1397 46.40 66.32 -39.59
C ILE B 1397 45.74 67.49 -38.90
N SER B 1398 44.87 68.23 -39.59
CA SER B 1398 44.03 69.25 -39.00
C SER B 1398 42.57 68.81 -39.10
N PRO B 1399 41.85 68.63 -38.00
CA PRO B 1399 40.51 68.07 -38.06
C PRO B 1399 39.50 68.90 -38.78
N CYS B 1400 38.47 68.32 -39.32
CA CYS B 1400 37.38 68.90 -39.99
C CYS B 1400 36.55 69.77 -39.07
N ARG B 1401 35.89 70.78 -39.62
CA ARG B 1401 35.13 71.76 -38.86
C ARG B 1401 33.77 71.96 -39.51
N LEU B 1402 32.68 71.82 -38.74
CA LEU B 1402 31.36 71.91 -39.34
C LEU B 1402 30.31 72.16 -38.26
N LEU B 1403 29.36 73.06 -38.55
CA LEU B 1403 28.26 73.38 -37.65
C LEU B 1403 26.97 73.57 -38.42
N PHE B 1404 25.85 73.63 -37.68
CA PHE B 1404 24.52 73.72 -38.25
C PHE B 1404 23.78 74.95 -37.72
N LEU B 1405 22.68 75.29 -38.40
CA LEU B 1405 21.76 76.31 -37.90
C LEU B 1405 20.42 76.14 -38.62
N ASP B 1406 19.39 75.72 -37.89
CA ASP B 1406 18.06 75.62 -38.44
C ASP B 1406 17.27 76.91 -38.26
N GLU B 1407 16.27 77.10 -39.12
CA GLU B 1407 15.48 78.33 -39.15
C GLU B 1407 16.39 79.55 -39.19
N ALA B 1408 17.25 79.59 -40.19
CA ALA B 1408 18.12 80.74 -40.39
C ALA B 1408 17.34 82.00 -40.71
N ALA B 1409 16.06 81.89 -41.08
CA ALA B 1409 15.30 83.07 -41.45
C ALA B 1409 15.15 84.06 -40.31
N ARG B 1410 15.43 83.62 -39.08
CA ARG B 1410 15.34 84.51 -37.92
C ARG B 1410 16.41 85.59 -37.94
N LEU B 1411 17.41 85.47 -38.80
CA LEU B 1411 18.51 86.42 -38.88
C LEU B 1411 18.33 87.35 -40.09
N ASP B 1412 18.69 88.61 -39.91
CA ASP B 1412 18.62 89.58 -40.99
C ASP B 1412 19.92 89.59 -41.81
N ALA B 1413 19.90 90.37 -42.90
CA ALA B 1413 21.01 90.32 -43.86
C ALA B 1413 22.34 90.66 -43.21
N LYS B 1414 22.37 91.71 -42.39
CA LYS B 1414 23.62 92.11 -41.75
C LYS B 1414 24.16 90.99 -40.87
N SER B 1415 23.27 90.34 -40.11
CA SER B 1415 23.69 89.28 -39.22
C SER B 1415 24.28 88.11 -40.00
N ILE B 1416 23.64 87.72 -41.10
CA ILE B 1416 24.16 86.63 -41.92
C ILE B 1416 25.50 87.01 -42.54
N ALA B 1417 25.65 88.26 -42.98
CA ALA B 1417 26.96 88.67 -43.49
C ALA B 1417 28.04 88.49 -42.42
N THR B 1418 27.73 88.92 -41.20
CA THR B 1418 28.68 88.74 -40.10
C THR B 1418 29.02 87.27 -39.91
N LEU B 1419 27.99 86.42 -39.90
CA LEU B 1419 28.20 85.00 -39.65
C LEU B 1419 29.06 84.38 -40.74
N PHE B 1420 28.80 84.72 -42.00
CA PHE B 1420 29.61 84.18 -43.09
C PHE B 1420 31.06 84.59 -42.97
N GLU B 1421 31.32 85.87 -42.69
CA GLU B 1421 32.72 86.27 -42.62
C GLU B 1421 33.42 85.59 -41.45
N LEU B 1422 32.73 85.46 -40.31
CA LEU B 1422 33.32 84.74 -39.19
C LEU B 1422 33.70 83.33 -39.61
N CYS B 1423 32.76 82.58 -40.17
CA CYS B 1423 33.04 81.18 -40.44
C CYS B 1423 34.10 81.01 -41.54
N GLU B 1424 34.13 81.89 -42.53
CA GLU B 1424 35.15 81.72 -43.57
C GLU B 1424 36.53 82.08 -43.05
N ARG B 1425 36.63 83.05 -42.13
CA ARG B 1425 37.93 83.36 -41.58
C ARG B 1425 38.49 82.21 -40.75
N LEU B 1426 37.63 81.37 -40.21
CA LEU B 1426 38.03 80.23 -39.38
C LEU B 1426 38.03 78.91 -40.15
N GLN B 1427 37.89 78.94 -41.47
CA GLN B 1427 37.80 77.72 -42.28
C GLN B 1427 36.73 76.78 -41.72
N MET B 1428 35.58 77.34 -41.39
CA MET B 1428 34.49 76.59 -40.77
C MET B 1428 33.38 76.37 -41.79
N GLN B 1429 32.96 75.12 -41.94
CA GLN B 1429 31.86 74.79 -42.83
C GLN B 1429 30.53 74.97 -42.11
N LEU B 1430 29.51 75.38 -42.88
CA LEU B 1430 28.18 75.60 -42.34
C LEU B 1430 27.11 74.95 -43.21
N ILE B 1431 26.04 74.50 -42.55
CA ILE B 1431 24.85 73.97 -43.20
C ILE B 1431 23.66 74.67 -42.57
N ILE B 1432 22.91 75.42 -43.37
CA ILE B 1432 21.81 76.21 -42.85
C ILE B 1432 20.54 75.92 -43.65
N ALA B 1433 19.40 76.16 -43.02
CA ALA B 1433 18.09 75.86 -43.59
C ALA B 1433 17.16 77.05 -43.40
N ALA B 1434 16.31 77.29 -44.40
CA ALA B 1434 15.32 78.36 -44.31
C ALA B 1434 14.25 78.12 -45.36
N PRO B 1435 13.00 78.47 -45.09
CA PRO B 1435 11.95 78.28 -46.12
C PRO B 1435 12.26 79.01 -47.41
N GLU B 1436 12.85 80.20 -47.33
CA GLU B 1436 13.12 81.04 -48.49
C GLU B 1436 14.63 81.19 -48.64
N ASN B 1437 15.07 81.44 -49.87
CA ASN B 1437 16.52 81.47 -50.14
C ASN B 1437 17.13 82.74 -49.56
N ILE B 1438 17.67 82.63 -48.34
CA ILE B 1438 18.21 83.79 -47.65
C ILE B 1438 19.64 84.12 -48.03
N SER B 1439 20.34 83.23 -48.75
CA SER B 1439 21.74 83.44 -49.13
C SER B 1439 21.89 83.21 -50.63
N PRO B 1440 21.62 84.22 -51.45
CA PRO B 1440 21.66 84.01 -52.91
C PRO B 1440 23.03 84.15 -53.55
N GLU B 1441 23.98 84.84 -52.94
CA GLU B 1441 25.26 85.14 -53.59
C GLU B 1441 26.45 84.44 -52.94
N LYS B 1442 26.22 83.44 -52.10
CA LYS B 1442 27.31 82.73 -51.46
C LYS B 1442 27.02 81.24 -51.47
N GLY B 1443 28.07 80.45 -51.66
CA GLY B 1443 27.97 79.00 -51.57
C GLY B 1443 26.95 78.37 -52.50
N THR B 1444 26.62 77.10 -52.23
CA THR B 1444 25.66 76.35 -53.02
C THR B 1444 24.32 76.29 -52.30
N THR B 1445 23.27 76.06 -53.06
CA THR B 1445 21.90 76.03 -52.54
C THR B 1445 21.11 74.95 -53.25
N TYR B 1446 20.22 74.30 -52.51
CA TYR B 1446 19.33 73.28 -53.06
C TYR B 1446 17.90 73.63 -52.69
N LYS B 1447 16.97 73.33 -53.59
CA LYS B 1447 15.56 73.59 -53.40
C LYS B 1447 14.80 72.27 -53.39
N LEU B 1448 14.02 72.03 -52.35
CA LEU B 1448 13.32 70.77 -52.13
C LEU B 1448 11.82 70.97 -52.31
N VAL B 1449 11.20 70.09 -53.08
CA VAL B 1449 9.76 70.09 -53.28
C VAL B 1449 9.25 68.67 -53.08
N ARG B 1450 8.23 68.52 -52.27
CA ARG B 1450 7.64 67.21 -51.97
C ARG B 1450 6.38 67.00 -52.79
N LYS B 1451 6.27 65.85 -53.44
CA LYS B 1451 5.15 65.52 -54.29
C LYS B 1451 4.47 64.26 -53.75
N VAL B 1452 3.16 64.34 -53.53
CA VAL B 1452 2.38 63.13 -53.29
C VAL B 1452 2.19 62.40 -54.61
N PHE B 1453 2.43 61.10 -54.61
CA PHE B 1453 2.57 60.38 -55.88
C PHE B 1453 2.31 58.90 -55.68
N LYS B 1454 1.21 58.42 -56.27
CA LYS B 1454 0.79 57.02 -56.19
C LYS B 1454 0.78 56.52 -54.75
N ASN B 1455 0.07 57.24 -53.89
CA ASN B 1455 -0.16 56.84 -52.51
C ASN B 1455 1.14 56.67 -51.74
N HIS B 1456 2.16 57.44 -52.11
CA HIS B 1456 3.36 57.59 -51.30
C HIS B 1456 3.94 58.97 -51.62
N GLU B 1457 5.12 59.25 -51.07
CA GLU B 1457 5.70 60.57 -51.14
C GLU B 1457 7.08 60.50 -51.78
N HIS B 1458 7.44 61.54 -52.51
CA HIS B 1458 8.71 61.63 -53.19
C HIS B 1458 9.21 63.07 -53.17
N VAL B 1459 10.50 63.25 -52.94
CA VAL B 1459 11.11 64.57 -52.83
C VAL B 1459 11.92 64.84 -54.09
N HIS B 1460 11.69 66.01 -54.68
CA HIS B 1460 12.41 66.46 -55.87
C HIS B 1460 13.36 67.60 -55.49
N VAL B 1461 14.61 67.47 -55.89
CA VAL B 1461 15.67 68.42 -55.52
C VAL B 1461 16.20 69.07 -56.79
N VAL B 1462 16.35 70.39 -56.76
CA VAL B 1462 16.91 71.16 -57.86
C VAL B 1462 17.83 72.23 -57.29
N GLY B 1463 18.94 72.49 -57.99
CA GLY B 1463 19.87 73.51 -57.55
C GLY B 1463 19.47 74.91 -57.98
N LEU B 1464 20.07 75.88 -57.31
CA LEU B 1464 19.86 77.30 -57.58
C LEU B 1464 21.20 77.98 -57.79
N ARG B 1465 21.20 79.03 -58.62
CA ARG B 1465 22.43 79.73 -58.95
C ARG B 1465 22.25 81.24 -58.88
N GLY B 1466 23.32 81.92 -58.47
CA GLY B 1466 23.24 83.33 -58.15
C GLY B 1466 22.74 84.21 -59.27
N PHE B 1467 23.14 83.92 -60.50
CA PHE B 1467 22.87 84.80 -61.63
C PHE B 1467 22.45 83.99 -62.85
N GLY B 1468 21.68 84.63 -63.70
CA GLY B 1468 21.16 84.02 -64.91
C GLY B 1468 20.96 85.03 -66.03
N MET C 1 53.58 -18.34 -4.98
CA MET C 1 52.15 -18.05 -5.30
C MET C 1 51.64 -16.95 -4.37
N SER C 2 51.32 -15.77 -4.92
CA SER C 2 50.72 -14.66 -4.15
C SER C 2 49.64 -15.21 -3.21
N GLU C 3 49.63 -14.89 -1.91
CA GLU C 3 48.61 -15.39 -0.98
C GLU C 3 47.19 -15.31 -1.54
N TYR C 4 46.95 -14.26 -2.34
CA TYR C 4 45.72 -14.02 -3.06
C TYR C 4 45.97 -14.32 -4.55
N SER C 5 45.81 -15.58 -4.94
CA SER C 5 46.04 -16.07 -6.31
C SER C 5 45.17 -15.43 -7.40
N GLN C 6 44.13 -14.72 -7.00
CA GLN C 6 43.17 -14.14 -7.91
C GLN C 6 43.27 -12.62 -8.08
N THR C 7 43.22 -12.15 -9.32
CA THR C 7 43.19 -10.70 -9.64
C THR C 7 41.87 -10.08 -9.16
N VAL C 8 41.77 -8.76 -9.06
CA VAL C 8 40.53 -8.11 -8.59
C VAL C 8 39.30 -8.51 -9.44
N PRO C 9 39.35 -8.54 -10.79
CA PRO C 9 38.17 -8.89 -11.55
C PRO C 9 37.72 -10.34 -11.32
N GLU C 10 38.70 -11.25 -11.20
CA GLU C 10 38.50 -12.68 -10.95
C GLU C 10 37.89 -12.93 -9.59
N LEU C 11 38.38 -12.20 -8.60
CA LEU C 11 37.86 -12.29 -7.26
C LEU C 11 36.42 -11.79 -7.26
N VAL C 12 36.16 -10.67 -7.96
CA VAL C 12 34.82 -10.09 -8.00
C VAL C 12 33.88 -11.09 -8.67
N SER C 13 34.32 -11.70 -9.78
CA SER C 13 33.50 -12.69 -10.45
C SER C 13 33.28 -13.89 -9.51
N TRP C 14 34.33 -14.36 -8.84
CA TRP C 14 34.22 -15.47 -7.92
C TRP C 14 33.32 -15.19 -6.72
N ALA C 15 33.42 -14.01 -6.11
CA ALA C 15 32.61 -13.64 -4.98
C ALA C 15 31.15 -13.59 -5.40
N ARG C 16 30.90 -12.99 -6.57
CA ARG C 16 29.55 -12.81 -7.13
C ARG C 16 28.91 -14.17 -7.34
N LYS C 17 29.67 -15.12 -7.86
CA LYS C 17 29.20 -16.48 -8.12
C LYS C 17 28.93 -17.27 -6.84
N ASN C 18 29.71 -17.06 -5.79
CA ASN C 18 29.51 -17.76 -4.52
C ASN C 18 28.53 -17.08 -3.56
N ASP C 19 28.13 -15.85 -3.89
CA ASP C 19 27.13 -15.08 -3.14
C ASP C 19 27.44 -14.90 -1.65
N PHE C 20 28.70 -14.61 -1.35
CA PHE C 20 29.14 -14.41 0.02
C PHE C 20 28.66 -13.11 0.66
N SER C 21 28.30 -13.19 1.94
CA SER C 21 27.82 -12.07 2.76
C SER C 21 27.82 -12.42 4.26
N ILE C 22 27.74 -11.42 5.17
CA ILE C 22 27.70 -11.60 6.64
C ILE C 22 26.70 -10.68 7.33
N SER C 23 25.79 -11.24 8.12
CA SER C 23 24.75 -10.44 8.79
C SER C 23 24.67 -10.78 10.27
N LEU C 24 25.25 -9.88 11.07
CA LEU C 24 25.31 -9.97 12.52
C LEU C 24 24.78 -8.72 13.19
N PRO C 25 23.47 -8.62 13.35
CA PRO C 25 22.89 -7.52 14.09
C PRO C 25 23.36 -7.61 15.54
N VAL C 26 23.05 -6.59 16.32
CA VAL C 26 23.48 -6.45 17.71
C VAL C 26 23.18 -7.69 18.54
N GLU C 27 21.98 -8.25 18.41
CA GLU C 27 21.58 -9.46 19.14
C GLU C 27 22.43 -10.66 18.73
N ARG C 28 22.62 -10.88 17.42
CA ARG C 28 23.40 -12.01 16.92
C ARG C 28 24.85 -11.85 17.31
N LEU C 29 25.37 -10.64 17.23
CA LEU C 29 26.74 -10.37 17.59
C LEU C 29 26.91 -10.60 19.10
N ALA C 30 25.95 -10.16 19.90
CA ALA C 30 25.98 -10.39 21.33
C ALA C 30 25.95 -11.90 21.61
N PHE C 31 25.12 -12.66 20.90
CA PHE C 31 25.06 -14.10 21.10
C PHE C 31 26.38 -14.76 20.75
N LEU C 32 27.00 -14.34 19.65
CA LEU C 32 28.31 -14.88 19.26
C LEU C 32 29.31 -14.60 20.37
N MET C 33 29.31 -13.38 20.88
CA MET C 33 30.22 -13.02 21.93
C MET C 33 29.94 -13.85 23.19
N ALA C 34 28.68 -14.07 23.53
CA ALA C 34 28.32 -14.88 24.68
C ALA C 34 28.84 -16.31 24.50
N ILE C 35 28.71 -16.87 23.29
CA ILE C 35 29.22 -18.21 22.98
C ILE C 35 30.74 -18.21 23.13
N ALA C 36 31.42 -17.19 22.63
CA ALA C 36 32.86 -17.07 22.75
C ALA C 36 33.29 -17.03 24.23
N VAL C 37 32.58 -16.27 25.06
CA VAL C 37 32.90 -16.22 26.49
C VAL C 37 32.66 -17.59 27.11
N LEU C 38 31.54 -18.23 26.81
CA LEU C 38 31.22 -19.51 27.41
C LEU C 38 32.24 -20.59 27.00
N ASN C 39 32.66 -20.60 25.74
CA ASN C 39 33.65 -21.56 25.27
C ASN C 39 35.00 -21.39 25.98
N SER C 40 35.40 -20.15 26.25
CA SER C 40 36.67 -19.88 26.91
C SER C 40 36.69 -20.33 28.37
N GLU C 41 35.53 -20.45 29.01
CA GLU C 41 35.46 -20.92 30.40
C GLU C 41 35.45 -22.43 30.50
N ARG C 42 35.35 -23.18 29.38
CA ARG C 42 35.30 -24.65 29.39
C ARG C 42 36.63 -25.38 29.19
N LEU C 43 36.69 -26.61 29.69
CA LEU C 43 37.87 -27.47 29.62
C LEU C 43 38.01 -28.25 28.31
N ASP C 44 36.91 -28.52 27.61
CA ASP C 44 36.90 -29.31 26.36
C ASP C 44 36.72 -28.49 25.06
N GLY C 45 36.56 -27.17 25.11
CA GLY C 45 36.35 -26.32 23.92
C GLY C 45 35.13 -26.68 23.04
N GLU C 46 34.21 -27.50 23.55
CA GLU C 46 32.97 -27.99 22.92
C GLU C 46 31.70 -27.54 23.65
N MET C 47 30.64 -27.21 22.90
CA MET C 47 29.34 -26.81 23.44
C MET C 47 28.21 -27.67 22.86
N SER C 48 27.28 -28.12 23.70
CA SER C 48 26.12 -28.90 23.28
C SER C 48 25.00 -27.94 22.82
N GLU C 49 24.00 -28.48 22.12
CA GLU C 49 22.87 -27.67 21.65
C GLU C 49 22.07 -27.02 22.79
N GLY C 50 21.85 -27.73 23.91
CA GLY C 50 21.13 -27.18 25.05
C GLY C 50 21.85 -25.99 25.70
N GLU C 51 23.17 -26.05 25.79
CA GLU C 51 24.00 -24.99 26.37
C GLU C 51 23.95 -23.74 25.49
N LEU C 52 23.95 -23.91 24.17
CA LEU C 52 23.82 -22.78 23.24
C LEU C 52 22.45 -22.14 23.40
N ILE C 53 21.39 -22.94 23.58
CA ILE C 53 20.02 -22.43 23.76
C ILE C 53 19.95 -21.63 25.08
N ASP C 54 20.57 -22.11 26.14
CA ASP C 54 20.59 -21.39 27.42
C ASP C 54 21.29 -20.04 27.24
N ALA C 55 22.41 -20.01 26.51
CA ALA C 55 23.13 -18.78 26.21
C ALA C 55 22.26 -17.80 25.42
N PHE C 56 21.50 -18.30 24.44
CA PHE C 56 20.62 -17.44 23.67
C PHE C 56 19.53 -16.83 24.55
N ARG C 57 19.00 -17.62 25.49
CA ARG C 57 17.96 -17.16 26.42
C ARG C 57 18.46 -15.99 27.26
N GLU C 58 19.71 -16.06 27.71
CA GLU C 58 20.33 -14.98 28.48
C GLU C 58 20.45 -13.71 27.60
N VAL C 59 20.84 -13.88 26.35
CA VAL C 59 20.94 -12.71 25.47
C VAL C 59 19.55 -12.12 25.32
N CYS C 60 18.55 -12.96 25.07
CA CYS C 60 17.19 -12.48 24.88
C CYS C 60 16.67 -11.73 26.09
N LYS C 61 16.94 -12.24 27.29
CA LYS C 61 16.65 -11.59 28.57
C LYS C 61 17.34 -10.23 28.63
N GLY C 62 18.62 -10.19 28.27
CA GLY C 62 19.45 -8.99 28.25
C GLY C 62 18.92 -7.96 27.27
N PHE C 63 18.22 -8.40 26.22
CA PHE C 63 17.54 -7.53 25.26
C PHE C 63 16.06 -7.33 25.62
N GLU C 64 15.60 -7.85 26.77
CA GLU C 64 14.22 -7.72 27.30
C GLU C 64 13.14 -8.25 26.35
N GLN C 65 13.47 -9.28 25.58
CA GLN C 65 12.60 -9.88 24.56
C GLN C 65 11.56 -10.87 25.13
N THR C 66 10.48 -11.14 24.38
CA THR C 66 9.44 -12.10 24.76
C THR C 66 9.99 -13.52 24.86
N ALA C 67 9.60 -14.26 25.90
CA ALA C 67 10.02 -15.65 26.11
C ALA C 67 9.32 -16.66 25.17
N GLU C 68 8.43 -16.14 24.31
CA GLU C 68 7.70 -16.87 23.28
C GLU C 68 8.67 -17.27 22.16
N SER C 69 8.52 -18.51 21.68
CA SER C 69 9.33 -19.07 20.61
C SER C 69 10.85 -19.03 20.84
N VAL C 70 11.33 -18.94 22.08
CA VAL C 70 12.79 -18.79 22.29
C VAL C 70 13.55 -20.01 21.81
N ALA C 71 13.02 -21.22 22.00
CA ALA C 71 13.69 -22.42 21.52
C ALA C 71 13.79 -22.40 19.99
N VAL C 72 12.77 -21.87 19.31
CA VAL C 72 12.75 -21.76 17.83
C VAL C 72 13.75 -20.70 17.37
N ARG C 73 13.72 -19.51 17.98
CA ARG C 73 14.62 -18.40 17.69
C ARG C 73 16.06 -18.81 17.94
N ALA C 74 16.30 -19.58 19.00
CA ALA C 74 17.63 -20.06 19.28
C ALA C 74 18.05 -21.03 18.17
N ASN C 75 17.17 -21.93 17.75
CA ASN C 75 17.53 -22.84 16.67
C ASN C 75 17.78 -22.05 15.40
N ASN C 76 16.99 -21.02 15.08
CA ASN C 76 17.21 -20.24 13.86
C ASN C 76 18.55 -19.52 13.94
N ALA C 77 18.88 -18.97 15.10
CA ALA C 77 20.14 -18.28 15.32
C ALA C 77 21.32 -19.26 15.19
N ILE C 78 21.23 -20.45 15.77
CA ILE C 78 22.28 -21.46 15.69
C ILE C 78 22.45 -21.90 14.23
N ASN C 79 21.35 -22.16 13.51
CA ASN C 79 21.42 -22.54 12.12
C ASN C 79 22.01 -21.40 11.30
N ASP C 80 21.66 -20.15 11.59
CA ASP C 80 22.21 -18.99 10.89
C ASP C 80 23.72 -18.90 11.11
N MET C 81 24.20 -19.11 12.32
CA MET C 81 25.63 -19.07 12.58
C MET C 81 26.35 -20.19 11.85
N VAL C 82 25.77 -21.39 11.79
CA VAL C 82 26.36 -22.51 11.08
C VAL C 82 26.36 -22.17 9.57
N ARG C 83 25.25 -21.65 9.05
CA ARG C 83 25.08 -21.25 7.64
C ARG C 83 26.01 -20.13 7.22
N GLN C 84 26.34 -19.24 8.16
CA GLN C 84 27.26 -18.13 8.00
C GLN C 84 28.71 -18.53 8.31
N LYS C 85 29.00 -19.84 8.49
CA LYS C 85 30.35 -20.38 8.74
C LYS C 85 30.99 -19.89 10.05
N LEU C 86 30.19 -19.63 11.08
CA LEU C 86 30.68 -19.18 12.38
C LEU C 86 30.83 -20.33 13.37
N LEU C 87 30.07 -21.39 13.15
CA LEU C 87 30.06 -22.60 13.98
C LEU C 87 30.16 -23.87 13.14
N ASN C 88 30.95 -24.83 13.62
CA ASN C 88 31.08 -26.16 13.04
C ASN C 88 30.26 -27.11 13.91
N ARG C 89 29.40 -27.90 13.28
CA ARG C 89 28.52 -28.87 13.92
C ARG C 89 28.98 -30.30 13.63
N PHE C 90 29.14 -31.11 14.67
CA PHE C 90 29.54 -32.52 14.56
C PHE C 90 28.39 -33.41 15.01
N THR C 91 27.86 -34.19 14.06
CA THR C 91 26.75 -35.14 14.28
C THR C 91 27.32 -36.55 14.20
N SER C 92 27.51 -37.17 15.35
CA SER C 92 28.07 -38.51 15.48
C SER C 92 26.99 -39.52 15.82
N GLU C 93 27.02 -40.69 15.18
CA GLU C 93 26.11 -41.77 15.52
C GLU C 93 26.34 -42.24 16.97
N LEU C 94 27.60 -42.18 17.41
CA LEU C 94 28.05 -42.56 18.75
C LEU C 94 27.43 -41.67 19.84
N ALA C 95 27.14 -40.40 19.54
CA ALA C 95 26.54 -39.45 20.47
C ALA C 95 25.00 -39.52 20.50
N ASP C 96 24.38 -40.65 20.10
CA ASP C 96 22.92 -40.86 20.06
C ASP C 96 22.18 -39.72 19.32
N GLY C 97 22.86 -39.08 18.36
CA GLY C 97 22.31 -37.97 17.60
C GLY C 97 22.55 -36.59 18.21
N ASN C 98 23.20 -36.45 19.37
CA ASN C 98 23.45 -35.13 19.97
C ASN C 98 24.61 -34.43 19.26
N ALA C 99 24.35 -33.26 18.68
CA ALA C 99 25.34 -32.50 17.96
C ALA C 99 26.29 -31.72 18.88
N ILE C 100 27.57 -31.75 18.54
CA ILE C 100 28.63 -31.02 19.25
C ILE C 100 29.03 -29.82 18.41
N TYR C 101 29.20 -28.66 19.03
CA TYR C 101 29.55 -27.41 18.34
C TYR C 101 30.89 -26.82 18.78
N ARG C 102 31.61 -26.26 17.81
CA ARG C 102 32.89 -25.56 17.99
C ARG C 102 32.89 -24.29 17.13
N LEU C 103 33.42 -23.16 17.62
CA LEU C 103 33.52 -21.93 16.83
C LEU C 103 34.58 -22.05 15.72
N THR C 104 34.31 -21.50 14.54
CA THR C 104 35.25 -21.51 13.40
C THR C 104 36.31 -20.42 13.57
N PRO C 105 37.45 -20.46 12.86
CA PRO C 105 38.47 -19.42 12.96
C PRO C 105 37.87 -18.03 12.73
N LEU C 106 36.87 -17.93 11.84
CA LEU C 106 36.16 -16.71 11.54
C LEU C 106 35.34 -16.22 12.73
N GLY C 107 34.47 -17.08 13.27
CA GLY C 107 33.65 -16.75 14.45
C GLY C 107 34.52 -16.30 15.62
N ILE C 108 35.67 -16.94 15.80
CA ILE C 108 36.60 -16.54 16.87
C ILE C 108 37.20 -15.17 16.50
N SER C 109 37.69 -14.96 15.29
CA SER C 109 38.34 -13.68 15.00
C SER C 109 37.41 -12.49 15.25
N ILE C 110 36.15 -12.63 14.84
CA ILE C 110 35.17 -11.56 14.98
C ILE C 110 34.87 -11.31 16.45
N SER C 111 34.59 -12.37 17.21
CA SER C 111 34.25 -12.19 18.62
C SER C 111 35.42 -11.57 19.37
N ASP C 112 36.64 -12.03 19.09
CA ASP C 112 37.79 -11.48 19.77
C ASP C 112 38.00 -10.01 19.44
N TYR C 113 37.69 -9.54 18.23
CA TYR C 113 37.89 -8.13 17.93
C TYR C 113 37.13 -7.23 18.90
N TYR C 114 35.93 -7.66 19.28
CA TYR C 114 35.12 -6.89 20.19
C TYR C 114 35.38 -7.18 21.64
N ILE C 115 35.58 -8.43 22.02
CA ILE C 115 35.68 -8.72 23.44
C ILE C 115 37.11 -8.52 23.94
N ARG C 116 38.13 -8.92 23.16
CA ARG C 116 39.51 -8.80 23.62
C ARG C 116 39.93 -7.34 23.62
N GLN C 117 40.24 -6.84 24.81
CA GLN C 117 40.77 -5.50 25.02
C GLN C 117 42.24 -5.52 24.64
N ARG C 118 42.49 -5.23 23.38
CA ARG C 118 43.83 -5.22 22.76
C ARG C 118 44.41 -3.82 22.88
N GLU C 119 45.46 -3.67 23.67
CA GLU C 119 46.20 -2.42 23.81
C GLU C 119 47.66 -2.66 23.41
N PHE C 120 48.29 -1.70 22.77
CA PHE C 120 49.68 -1.85 22.36
C PHE C 120 50.70 -1.96 23.51
N SER C 121 51.34 -3.13 23.65
CA SER C 121 52.41 -3.38 24.61
C SER C 121 53.80 -3.46 23.96
N THR C 122 54.73 -2.62 24.39
CA THR C 122 56.11 -2.59 23.89
C THR C 122 56.84 -3.88 24.18
N LEU C 123 56.52 -4.47 25.33
CA LEU C 123 57.08 -5.74 25.77
C LEU C 123 56.67 -6.83 24.84
N ARG C 124 55.41 -6.80 24.41
CA ARG C 124 54.88 -7.81 23.51
C ARG C 124 55.65 -7.73 22.22
N LEU C 125 55.78 -6.54 21.66
CA LEU C 125 56.52 -6.35 20.43
C LEU C 125 57.97 -6.82 20.60
N SER C 126 58.61 -6.43 21.70
CA SER C 126 59.98 -6.85 21.96
C SER C 126 60.08 -8.37 21.98
N MET C 127 59.10 -9.02 22.62
CA MET C 127 59.08 -10.48 22.67
C MET C 127 58.88 -11.08 21.28
N GLN C 128 57.91 -10.58 20.51
CA GLN C 128 57.62 -11.11 19.17
C GLN C 128 58.84 -11.01 18.26
N LEU C 129 59.46 -9.85 18.29
CA LEU C 129 60.70 -9.58 17.55
C LEU C 129 61.80 -10.56 17.98
N SER C 130 61.84 -10.94 19.26
CA SER C 130 62.85 -11.90 19.76
C SER C 130 62.63 -13.30 19.17
N ILE C 131 61.38 -13.73 19.12
CA ILE C 131 61.06 -15.03 18.58
C ILE C 131 61.36 -15.05 17.07
N VAL C 132 60.88 -14.05 16.31
CA VAL C 132 61.14 -14.00 14.87
C VAL C 132 62.63 -13.90 14.59
N ALA C 133 63.40 -13.16 15.40
CA ALA C 133 64.84 -13.07 15.19
C ALA C 133 65.49 -14.44 15.36
N ASN C 134 65.08 -15.22 16.36
CA ASN C 134 65.60 -16.57 16.58
C ASN C 134 65.18 -17.53 15.47
N GLU C 135 63.92 -17.45 15.01
CA GLU C 135 63.39 -18.28 13.93
C GLU C 135 64.09 -17.98 12.60
N LEU C 136 64.29 -16.69 12.29
CA LEU C 136 65.00 -16.28 11.08
C LEU C 136 66.47 -16.68 11.16
N HIS C 137 67.09 -16.55 12.34
CA HIS C 137 68.49 -16.94 12.53
C HIS C 137 68.68 -18.45 12.32
N ARG C 138 67.78 -19.28 12.86
CA ARG C 138 67.81 -20.74 12.67
C ARG C 138 67.59 -21.08 11.19
N ALA C 139 66.62 -20.42 10.55
CA ALA C 139 66.35 -20.66 9.13
C ALA C 139 67.55 -20.27 8.26
N ALA C 140 68.25 -19.19 8.60
CA ALA C 140 69.44 -18.75 7.88
C ALA C 140 70.59 -19.72 8.08
N GLU C 141 70.78 -20.22 9.30
CA GLU C 141 71.81 -21.23 9.58
C GLU C 141 71.49 -22.51 8.79
N ALA C 142 70.21 -22.92 8.75
CA ALA C 142 69.79 -24.09 7.98
C ALA C 142 70.00 -23.89 6.47
N ALA C 143 69.67 -22.71 5.95
CA ALA C 143 69.90 -22.39 4.56
C ALA C 143 71.40 -22.41 4.21
N GLU C 144 72.27 -21.91 5.10
CA GLU C 144 73.73 -21.90 4.92
C GLU C 144 74.34 -23.29 5.06
N GLU C 145 73.75 -24.16 5.90
CA GLU C 145 74.20 -25.56 6.03
C GLU C 145 73.99 -26.30 4.72
N GLY C 146 73.02 -25.85 3.93
CA GLY C 146 72.68 -26.46 2.66
C GLY C 146 71.97 -27.79 2.86
N GLY C 147 71.48 -28.37 1.76
CA GLY C 147 70.80 -29.66 1.81
C GLY C 147 69.93 -29.93 0.60
N ASP C 148 69.13 -30.98 0.75
CA ASP C 148 68.20 -31.45 -0.26
C ASP C 148 66.88 -30.67 -0.18
N GLU C 149 65.97 -30.99 -1.10
CA GLU C 149 64.67 -30.36 -1.15
C GLU C 149 63.87 -30.58 0.15
N PHE C 150 64.09 -31.72 0.81
CA PHE C 150 63.45 -32.01 2.08
C PHE C 150 64.01 -31.13 3.20
N HIS C 151 65.33 -30.89 3.21
CA HIS C 151 65.95 -30.01 4.18
C HIS C 151 65.48 -28.57 3.99
N TRP C 152 65.45 -28.11 2.75
CA TRP C 152 64.99 -26.76 2.45
C TRP C 152 63.50 -26.59 2.74
N HIS C 153 62.71 -27.64 2.53
CA HIS C 153 61.31 -27.53 2.86
C HIS C 153 61.08 -27.53 4.38
N ARG C 154 61.73 -28.45 5.10
CA ARG C 154 61.50 -28.60 6.54
C ARG C 154 62.21 -27.60 7.42
N ASN C 155 63.42 -27.19 7.05
CA ASN C 155 64.19 -26.31 7.90
C ASN C 155 64.23 -24.85 7.44
N VAL C 156 63.72 -24.54 6.24
CA VAL C 156 63.76 -23.14 5.75
C VAL C 156 62.36 -22.67 5.37
N PHE C 157 61.71 -23.37 4.47
CA PHE C 157 60.40 -22.94 4.02
C PHE C 157 59.34 -23.01 5.10
N ALA C 158 59.25 -24.14 5.82
CA ALA C 158 58.24 -24.31 6.86
C ALA C 158 58.38 -23.25 7.95
N PRO C 159 59.56 -22.98 8.51
CA PRO C 159 59.67 -21.95 9.51
C PRO C 159 59.31 -20.57 8.94
N LEU C 160 59.65 -20.26 7.68
CA LEU C 160 59.33 -18.95 7.12
C LEU C 160 57.83 -18.78 6.89
N LYS C 161 57.19 -19.81 6.34
CA LYS C 161 55.76 -19.79 6.04
C LYS C 161 54.84 -19.97 7.24
N TYR C 162 55.17 -20.87 8.16
CA TYR C 162 54.33 -21.23 9.30
C TYR C 162 54.73 -20.60 10.63
N SER C 163 55.82 -19.84 10.67
CA SER C 163 56.22 -19.16 11.89
C SER C 163 56.49 -17.67 11.67
N VAL C 164 57.46 -17.34 10.82
CA VAL C 164 57.86 -15.94 10.61
C VAL C 164 56.74 -15.10 10.00
N ALA C 165 56.08 -15.63 8.99
CA ALA C 165 55.00 -14.91 8.38
C ALA C 165 53.87 -14.61 9.38
N GLU C 166 53.57 -15.56 10.26
CA GLU C 166 52.48 -15.39 11.23
C GLU C 166 52.84 -14.28 12.21
N ILE C 167 54.09 -14.25 12.64
CA ILE C 167 54.54 -13.26 13.61
C ILE C 167 54.50 -11.87 12.99
N PHE C 168 54.88 -11.76 11.72
CA PHE C 168 54.79 -10.48 11.01
C PHE C 168 53.35 -10.00 10.88
N ASP C 169 52.44 -10.91 10.63
CA ASP C 169 51.04 -10.54 10.54
C ASP C 169 50.56 -10.01 11.91
N SER C 170 50.99 -10.66 12.99
CA SER C 170 50.60 -10.24 14.35
C SER C 170 51.12 -8.84 14.67
N ILE C 171 52.33 -8.53 14.23
CA ILE C 171 52.91 -7.21 14.43
C ILE C 171 52.08 -6.18 13.65
N ASP C 172 51.72 -6.48 12.40
CA ASP C 172 50.90 -5.58 11.59
C ASP C 172 49.54 -5.32 12.24
N MET C 173 48.94 -6.33 12.84
CA MET C 173 47.69 -6.13 13.57
C MET C 173 47.90 -5.19 14.75
N SER C 174 49.01 -5.33 15.46
CA SER C 174 49.31 -4.47 16.60
C SER C 174 49.46 -3.02 16.13
N GLN C 175 50.04 -2.81 14.96
CA GLN C 175 50.12 -1.47 14.41
C GLN C 175 48.73 -0.92 14.09
N ARG C 176 47.85 -1.72 13.47
CA ARG C 176 46.50 -1.28 13.09
C ARG C 176 45.65 -0.96 14.32
N LEU C 177 45.97 -1.64 15.42
CA LEU C 177 45.39 -1.39 16.73
C LEU C 177 45.86 -0.02 17.24
N MET C 178 47.14 0.27 17.08
CA MET C 178 47.68 1.55 17.49
C MET C 178 47.06 2.71 16.71
N ASP C 179 46.83 2.49 15.44
CA ASP C 179 46.17 3.46 14.56
C ASP C 179 44.77 3.81 15.10
N GLU C 180 43.97 2.82 15.50
CA GLU C 180 42.64 3.09 16.07
C GLU C 180 42.76 3.88 17.38
N GLN C 181 43.75 3.55 18.22
CA GLN C 181 43.96 4.23 19.48
C GLN C 181 44.22 5.72 19.26
N GLN C 182 45.03 6.10 18.27
CA GLN C 182 45.31 7.52 17.98
C GLN C 182 44.03 8.28 17.63
N ASN C 183 43.18 7.71 16.78
CA ASN C 183 41.93 8.35 16.39
C ASN C 183 41.03 8.56 17.61
N PHE C 184 41.01 7.60 18.54
CA PHE C 184 40.22 7.71 19.76
C PHE C 184 40.70 8.90 20.62
N VAL C 185 42.02 9.05 20.77
CA VAL C 185 42.61 10.14 21.56
C VAL C 185 42.27 11.50 20.96
N LYS C 186 42.27 11.65 19.63
CA LYS C 186 41.91 12.92 19.00
C LYS C 186 40.49 13.34 19.38
N GLU C 187 39.57 12.38 19.42
CA GLU C 187 38.18 12.68 19.79
C GLU C 187 38.08 13.12 21.25
N ASP C 188 38.84 12.51 22.15
CA ASP C 188 38.83 12.86 23.56
C ASP C 188 39.36 14.28 23.78
N ILE C 189 40.45 14.66 23.09
CA ILE C 189 41.03 16.01 23.21
C ILE C 189 40.02 17.06 22.73
N ALA C 190 39.29 16.80 21.64
CA ALA C 190 38.29 17.75 21.17
C ALA C 190 37.17 17.91 22.21
N ALA C 191 36.77 16.83 22.88
CA ALA C 191 35.74 16.88 23.90
C ALA C 191 36.20 17.68 25.13
N LEU C 192 37.45 17.48 25.56
CA LEU C 192 38.02 18.20 26.69
C LEU C 192 38.08 19.72 26.41
N LEU C 193 38.46 20.10 25.18
CA LEU C 193 38.53 21.50 24.78
C LEU C 193 37.13 22.12 24.69
N ASN C 194 36.09 21.34 24.39
CA ASN C 194 34.72 21.85 24.32
C ASN C 194 34.08 21.99 25.72
N GLN C 195 34.47 21.18 26.69
CA GLN C 195 33.92 21.26 28.05
C GLN C 195 34.50 22.48 28.79
N ASP C 196 35.78 22.42 29.14
CA ASP C 196 36.52 23.49 29.82
C ASP C 196 37.94 23.53 29.28
N TRP C 197 38.16 24.34 28.24
CA TRP C 197 39.47 24.42 27.61
C TRP C 197 40.56 24.92 28.56
N GLN C 198 40.25 25.80 29.51
CA GLN C 198 41.25 26.30 30.45
C GLN C 198 41.76 25.20 31.39
N ALA C 199 40.88 24.37 31.95
CA ALA C 199 41.32 23.27 32.82
C ALA C 199 41.85 22.08 32.02
N ALA C 200 41.45 21.94 30.75
CA ALA C 200 41.82 20.82 29.91
C ALA C 200 43.24 20.88 29.33
N ILE C 201 43.93 22.01 29.42
CA ILE C 201 45.27 22.19 28.85
C ILE C 201 46.27 21.14 29.37
N ALA C 202 46.35 20.93 30.67
CA ALA C 202 47.25 19.95 31.26
C ALA C 202 46.92 18.50 30.84
N ASN C 203 45.62 18.18 30.77
CA ASN C 203 45.15 16.85 30.40
C ASN C 203 45.46 16.56 28.93
N CYS C 204 45.28 17.55 28.04
CA CYS C 204 45.56 17.41 26.62
C CYS C 204 47.06 17.22 26.39
N GLU C 205 47.90 17.98 27.10
CA GLU C 205 49.35 17.85 26.97
C GLU C 205 49.79 16.46 27.44
N GLN C 206 49.18 15.93 28.51
CA GLN C 206 49.49 14.59 28.99
C GLN C 206 49.14 13.53 27.93
N LEU C 207 47.95 13.62 27.32
CA LEU C 207 47.52 12.67 26.30
C LEU C 207 48.42 12.72 25.05
N LEU C 208 48.85 13.92 24.65
CA LEU C 208 49.74 14.13 23.51
C LEU C 208 51.14 13.54 23.79
N SER C 209 51.69 13.80 24.98
CA SER C 209 53.01 13.29 25.38
C SER C 209 53.02 11.77 25.55
N GLU C 210 51.99 11.20 26.18
CA GLU C 210 51.91 9.75 26.38
C GLU C 210 51.81 9.03 25.04
N THR C 211 51.02 9.57 24.11
CA THR C 211 50.87 8.98 22.78
C THR C 211 52.17 9.12 21.99
N SER C 212 52.81 10.29 22.05
CA SER C 212 54.06 10.53 21.33
C SER C 212 55.18 9.61 21.81
N GLY C 213 55.33 9.48 23.13
CA GLY C 213 56.35 8.63 23.73
C GLY C 213 56.12 7.18 23.32
N THR C 214 54.87 6.75 23.29
CA THR C 214 54.59 5.39 22.89
C THR C 214 54.97 5.15 21.43
N LEU C 215 54.56 6.04 20.52
CA LEU C 215 54.88 5.90 19.09
C LEU C 215 56.39 5.88 18.87
N ARG C 216 57.14 6.74 19.56
CA ARG C 216 58.60 6.78 19.41
C ARG C 216 59.26 5.52 19.96
N GLU C 217 58.87 5.10 21.15
CA GLU C 217 59.44 3.91 21.74
C GLU C 217 59.25 2.70 20.82
N LEU C 218 58.08 2.62 20.21
CA LEU C 218 57.74 1.57 19.29
C LEU C 218 58.67 1.62 18.08
N GLN C 219 58.76 2.77 17.40
CA GLN C 219 59.63 2.94 16.25
C GLN C 219 61.08 2.59 16.59
N ASP C 220 61.57 2.96 17.78
CA ASP C 220 62.94 2.64 18.19
C ASP C 220 63.15 1.13 18.24
N THR C 221 62.18 0.46 18.81
CA THR C 221 62.25 -0.98 18.94
C THR C 221 62.23 -1.66 17.57
N LEU C 222 61.38 -1.21 16.63
CA LEU C 222 61.29 -1.77 15.28
C LEU C 222 62.58 -1.56 14.49
N GLU C 223 63.17 -0.37 14.59
CA GLU C 223 64.40 -0.04 13.87
C GLU C 223 65.57 -0.87 14.40
N ALA C 224 65.65 -1.11 15.71
CA ALA C 224 66.74 -1.90 16.29
C ALA C 224 66.75 -3.35 15.80
N ALA C 225 65.55 -3.95 15.69
CA ALA C 225 65.41 -5.33 15.24
C ALA C 225 65.41 -5.48 13.71
N GLY C 226 64.84 -4.49 13.01
CA GLY C 226 64.65 -4.51 11.55
C GLY C 226 65.91 -4.80 10.74
N ASP C 227 67.04 -4.25 11.14
CA ASP C 227 68.33 -4.47 10.47
C ASP C 227 68.78 -5.94 10.57
N LYS C 228 68.65 -6.54 11.77
CA LYS C 228 69.01 -7.95 12.01
C LYS C 228 68.09 -8.88 11.25
N LEU C 229 66.79 -8.57 11.20
CA LEU C 229 65.81 -9.40 10.49
C LEU C 229 66.08 -9.36 8.98
N GLN C 230 66.37 -8.17 8.44
CA GLN C 230 66.69 -8.01 7.02
C GLN C 230 68.00 -8.71 6.66
N ALA C 231 69.02 -8.64 7.53
CA ALA C 231 70.29 -9.32 7.30
C ALA C 231 70.06 -10.84 7.24
N ASN C 232 69.23 -11.41 8.13
CA ASN C 232 68.95 -12.84 8.09
C ASN C 232 68.15 -13.22 6.84
N LEU C 233 67.21 -12.39 6.40
CA LEU C 233 66.46 -12.67 5.17
C LEU C 233 67.43 -12.66 3.98
N LEU C 234 68.40 -11.74 3.97
CA LEU C 234 69.40 -11.65 2.91
C LEU C 234 70.32 -12.88 2.94
N ARG C 235 70.71 -13.34 4.13
CA ARG C 235 71.54 -14.56 4.25
C ARG C 235 70.81 -15.74 3.63
N ILE C 236 69.50 -15.85 3.87
CA ILE C 236 68.68 -16.93 3.31
C ILE C 236 68.62 -16.78 1.79
N GLN C 237 68.44 -15.56 1.29
CA GLN C 237 68.39 -15.30 -0.13
C GLN C 237 69.71 -15.65 -0.81
N ASP C 238 70.84 -15.29 -0.19
CA ASP C 238 72.18 -15.60 -0.73
C ASP C 238 72.44 -17.11 -0.73
N ALA C 239 72.07 -17.80 0.34
CA ALA C 239 72.23 -19.24 0.44
C ALA C 239 71.34 -19.96 -0.59
N ASN C 240 70.12 -19.45 -0.80
CA ASN C 240 69.19 -20.01 -1.78
C ASN C 240 69.79 -19.81 -3.17
N MET C 241 70.29 -18.61 -3.49
CA MET C 241 70.90 -18.36 -4.80
C MET C 241 72.12 -19.26 -5.03
N GLY C 242 72.89 -19.53 -3.98
CA GLY C 242 74.08 -20.38 -4.06
C GLY C 242 73.76 -21.86 -4.24
N SER C 243 72.64 -22.35 -3.68
CA SER C 243 72.22 -23.77 -3.75
C SER C 243 71.23 -24.02 -4.89
N GLY C 244 71.38 -23.30 -6.00
CA GLY C 244 70.53 -23.41 -7.20
C GLY C 244 69.14 -22.78 -7.07
N GLY C 245 68.85 -22.23 -5.91
CA GLY C 245 67.58 -21.60 -5.58
C GLY C 245 66.46 -22.60 -5.37
N SER C 246 65.31 -21.99 -5.20
CA SER C 246 63.98 -22.55 -5.09
C SER C 246 63.13 -21.30 -5.24
N GLU C 247 62.30 -21.30 -6.27
CA GLU C 247 61.43 -20.18 -6.58
C GLU C 247 60.44 -19.91 -5.43
N LEU C 248 60.07 -20.98 -4.73
CA LEU C 248 59.15 -20.93 -3.61
C LEU C 248 59.77 -20.21 -2.42
N VAL C 249 61.05 -20.48 -2.14
CA VAL C 249 61.74 -19.82 -1.05
C VAL C 249 62.07 -18.38 -1.42
N ASP C 250 62.44 -18.12 -2.68
CA ASP C 250 62.76 -16.75 -3.10
C ASP C 250 61.53 -15.85 -2.99
N LYS C 251 60.38 -16.33 -3.48
CA LYS C 251 59.14 -15.58 -3.43
C LYS C 251 58.70 -15.34 -1.99
N LEU C 252 58.81 -16.37 -1.15
CA LEU C 252 58.45 -16.22 0.24
C LEU C 252 59.36 -15.20 0.94
N VAL C 253 60.68 -15.26 0.70
CA VAL C 253 61.61 -14.30 1.29
C VAL C 253 61.32 -12.88 0.81
N PHE C 254 61.00 -12.72 -0.47
CA PHE C 254 60.67 -11.41 -1.03
C PHE C 254 59.40 -10.85 -0.38
N ASP C 255 58.40 -11.70 -0.17
CA ASP C 255 57.17 -11.28 0.49
C ASP C 255 57.44 -10.83 1.93
N LEU C 256 58.25 -11.59 2.67
CA LEU C 256 58.57 -11.25 4.05
C LEU C 256 59.36 -9.93 4.10
N GLN C 257 60.30 -9.71 3.18
CA GLN C 257 61.06 -8.47 3.11
C GLN C 257 60.11 -7.30 2.82
N SER C 258 59.13 -7.48 1.92
CA SER C 258 58.16 -6.44 1.60
C SER C 258 57.31 -6.12 2.83
N LYS C 259 56.91 -7.13 3.60
CA LYS C 259 56.16 -6.87 4.83
C LYS C 259 57.01 -6.14 5.85
N LEU C 260 58.26 -6.56 6.02
CA LEU C 260 59.14 -5.90 6.97
C LEU C 260 59.32 -4.42 6.62
N ASP C 261 59.46 -4.09 5.34
CA ASP C 261 59.60 -2.69 4.92
C ASP C 261 58.34 -1.89 5.26
N ARG C 262 57.16 -2.50 5.05
CA ARG C 262 55.86 -1.90 5.36
C ARG C 262 55.75 -1.63 6.86
N ILE C 263 56.16 -2.60 7.69
CA ILE C 263 56.13 -2.53 9.15
C ILE C 263 57.04 -1.40 9.64
N ILE C 264 58.23 -1.26 9.06
CA ILE C 264 59.16 -0.20 9.45
C ILE C 264 58.66 1.18 8.97
N SER C 265 58.10 1.26 7.76
CA SER C 265 57.64 2.53 7.17
C SER C 265 56.42 3.13 7.90
N TRP C 266 55.51 2.26 8.35
CA TRP C 266 54.30 2.64 9.07
C TRP C 266 54.57 3.51 10.31
N GLY C 267 55.59 3.15 11.09
CA GLY C 267 55.94 3.86 12.31
C GLY C 267 56.36 5.31 12.07
N GLN C 268 57.18 5.55 11.04
CA GLN C 268 57.63 6.90 10.71
C GLN C 268 56.45 7.77 10.23
N GLN C 269 55.58 7.18 9.41
CA GLN C 269 54.39 7.85 8.87
C GLN C 269 53.42 8.22 10.01
N ALA C 270 53.19 7.30 10.95
CA ALA C 270 52.33 7.55 12.10
C ALA C 270 52.87 8.70 12.95
N ILE C 271 54.20 8.75 13.14
CA ILE C 271 54.84 9.82 13.90
C ILE C 271 54.65 11.17 13.19
N ASP C 272 54.80 11.23 11.86
CA ASP C 272 54.59 12.49 11.13
C ASP C 272 53.16 13.00 11.26
N LEU C 273 52.18 12.10 11.14
CA LEU C 273 50.78 12.46 11.29
C LEU C 273 50.50 12.94 12.71
N TRP C 274 51.05 12.28 13.73
CA TRP C 274 50.83 12.69 15.12
C TRP C 274 51.48 14.04 15.40
N ILE C 275 52.67 14.29 14.85
CA ILE C 275 53.37 15.56 14.99
C ILE C 275 52.52 16.71 14.41
N GLY C 276 51.94 16.52 13.21
CA GLY C 276 51.09 17.55 12.58
C GLY C 276 49.94 17.95 13.50
N TYR C 277 49.28 16.95 14.08
CA TYR C 277 48.18 17.17 15.01
C TYR C 277 48.65 17.84 16.31
N ASP C 278 49.74 17.34 16.89
CA ASP C 278 50.30 17.86 18.12
C ASP C 278 50.66 19.35 17.99
N ARG C 279 51.31 19.73 16.88
CA ARG C 279 51.67 21.12 16.59
C ARG C 279 50.43 21.98 16.50
N HIS C 280 49.41 21.47 15.81
CA HIS C 280 48.15 22.16 15.61
C HIS C 280 47.41 22.39 16.93
N VAL C 281 47.35 21.39 17.79
CA VAL C 281 46.70 21.55 19.09
C VAL C 281 47.49 22.53 19.95
N HIS C 282 48.83 22.46 19.96
CA HIS C 282 49.62 23.42 20.73
C HIS C 282 49.45 24.83 20.22
N LYS C 283 49.45 25.02 18.89
CA LYS C 283 49.24 26.33 18.30
C LYS C 283 47.87 26.84 18.71
N PHE C 284 46.83 26.02 18.57
CA PHE C 284 45.48 26.40 18.95
C PHE C 284 45.40 26.84 20.41
N ILE C 285 45.93 26.03 21.33
CA ILE C 285 45.91 26.36 22.75
C ILE C 285 46.62 27.68 23.00
N ARG C 286 47.79 27.90 22.40
CA ARG C 286 48.54 29.15 22.59
C ARG C 286 47.76 30.32 22.07
N THR C 287 47.12 30.16 20.92
CA THR C 287 46.30 31.22 20.36
C THR C 287 45.11 31.55 21.27
N ALA C 288 44.43 30.52 21.80
CA ALA C 288 43.28 30.69 22.68
C ALA C 288 43.67 31.33 24.03
N ILE C 289 44.76 30.86 24.65
CA ILE C 289 45.25 31.34 25.95
C ILE C 289 45.85 32.75 25.89
N ASP C 290 47.00 32.83 25.20
CA ASP C 290 47.89 33.98 25.22
C ASP C 290 47.54 35.19 24.38
N MET C 291 46.80 35.07 23.27
CA MET C 291 46.65 36.25 22.44
C MET C 291 45.56 37.21 22.90
N ASP C 292 44.46 36.73 23.50
CA ASP C 292 43.54 37.65 24.18
C ASP C 292 44.25 38.06 25.49
N LYS C 293 44.46 39.36 25.77
CA LYS C 293 45.28 39.80 26.92
C LYS C 293 44.45 40.46 28.00
N ASN C 294 43.46 41.30 27.65
CA ASN C 294 42.46 41.74 28.65
C ASN C 294 41.66 40.45 28.97
N ARG C 295 41.59 39.52 27.98
CA ARG C 295 41.02 38.17 27.98
C ARG C 295 39.51 38.09 28.21
N ILE C 296 38.86 38.82 27.88
CA ILE C 296 37.44 39.31 27.79
C ILE C 296 36.65 38.69 26.65
N PHE C 297 36.98 38.87 25.37
CA PHE C 297 36.17 38.30 24.26
C PHE C 297 36.49 36.87 23.83
N SER C 298 37.70 36.35 24.04
CA SER C 298 38.05 34.99 23.64
C SER C 298 36.99 33.99 24.10
N GLN C 299 36.71 33.96 25.40
CA GLN C 299 35.72 33.08 26.00
C GLN C 299 34.31 33.41 25.48
N ARG C 300 34.01 34.71 25.49
CA ARG C 300 32.74 35.34 25.11
C ARG C 300 32.27 34.92 23.72
N LEU C 301 33.15 34.98 22.73
CA LEU C 301 32.84 34.64 21.34
C LEU C 301 33.09 33.17 20.99
N ARG C 302 34.17 32.54 21.48
CA ARG C 302 34.38 31.13 21.15
C ARG C 302 33.25 30.26 21.64
N GLN C 303 32.78 30.45 22.86
CA GLN C 303 31.67 29.64 23.34
C GLN C 303 30.41 29.84 22.50
N SER C 304 30.18 31.04 21.97
CA SER C 304 29.02 31.28 21.11
C SER C 304 29.10 30.44 19.84
N VAL C 305 30.26 30.41 19.17
CA VAL C 305 30.42 29.59 17.96
C VAL C 305 30.30 28.11 18.30
N GLN C 306 30.97 27.66 19.36
CA GLN C 306 30.94 26.26 19.78
C GLN C 306 29.53 25.75 20.06
N HIS C 307 28.66 26.57 20.64
CA HIS C 307 27.32 26.14 21.05
C HIS C 307 26.17 26.78 20.27
N TYR C 308 26.43 27.36 19.11
CA TYR C 308 25.42 28.05 18.30
C TYR C 308 24.14 27.24 18.07
N PHE C 309 24.29 25.96 17.74
CA PHE C 309 23.16 25.11 17.41
C PHE C 309 22.18 24.85 18.54
N ASP C 310 22.49 25.24 19.77
CA ASP C 310 21.54 25.10 20.88
C ASP C 310 20.50 26.22 20.87
N ASN C 311 20.80 27.33 20.17
CA ASN C 311 19.93 28.48 20.03
C ASN C 311 20.23 29.21 18.71
N PRO C 312 20.07 28.55 17.55
CA PRO C 312 20.38 29.17 16.29
C PRO C 312 19.50 30.40 16.08
N TRP C 313 20.14 31.49 15.71
CA TRP C 313 19.51 32.79 15.47
C TRP C 313 20.09 33.37 14.17
N THR C 314 19.35 34.26 13.52
CA THR C 314 19.71 34.86 12.23
C THR C 314 19.44 36.35 12.18
N LEU C 315 20.32 37.13 11.56
CA LEU C 315 20.15 38.58 11.44
C LEU C 315 19.15 38.96 10.36
N THR C 316 18.62 40.19 10.44
CA THR C 316 17.69 40.75 9.44
C THR C 316 18.40 41.77 8.55
N VAL C 317 18.05 41.83 7.28
CA VAL C 317 18.62 42.75 6.30
C VAL C 317 17.56 43.31 5.37
N ALA C 318 17.77 44.51 4.84
CA ALA C 318 16.86 45.09 3.86
C ALA C 318 17.09 44.37 2.54
N ASN C 319 16.03 43.92 1.91
CA ASN C 319 16.10 43.11 0.70
C ASN C 319 15.10 43.57 -0.35
N ALA C 320 15.13 44.86 -0.70
CA ALA C 320 14.26 45.49 -1.62
C ALA C 320 14.12 44.68 -2.89
N GLU C 321 13.00 44.68 -3.55
CA GLU C 321 12.67 43.94 -4.70
C GLU C 321 13.46 44.39 -5.91
N ARG C 322 13.77 43.48 -6.84
CA ARG C 322 14.42 43.80 -8.11
C ARG C 322 13.36 44.27 -9.09
N LEU C 323 13.75 45.13 -10.00
CA LEU C 323 12.98 45.70 -11.04
C LEU C 323 12.73 44.70 -12.13
N LEU C 324 11.58 44.12 -12.26
CA LEU C 324 11.15 43.25 -13.28
C LEU C 324 11.14 43.91 -14.62
N ASP C 325 11.69 43.36 -15.64
CA ASP C 325 11.78 43.78 -16.98
C ASP C 325 11.35 42.72 -17.96
N MET C 326 10.93 43.06 -19.14
CA MET C 326 10.64 42.22 -20.22
C MET C 326 11.85 41.42 -20.62
N ARG C 327 11.66 40.13 -20.86
CA ARG C 327 12.72 39.33 -21.45
C ARG C 327 12.86 39.78 -22.89
N ASP C 328 14.06 40.11 -23.31
CA ASP C 328 14.38 40.49 -24.63
C ASP C 328 14.21 39.34 -25.59
N GLU C 329 13.29 39.36 -26.48
CA GLU C 329 13.10 38.48 -27.56
C GLU C 329 14.14 38.71 -28.63
N GLU C 330 14.48 37.74 -29.41
CA GLU C 330 15.37 37.82 -30.50
C GLU C 330 15.00 38.98 -31.39
N LEU C 331 15.95 39.85 -31.68
CA LEU C 331 15.64 41.06 -32.46
C LEU C 331 15.18 40.69 -33.86
N ALA C 332 14.02 41.20 -34.23
CA ALA C 332 13.41 40.94 -35.53
C ALA C 332 13.30 42.25 -36.30
N LEU C 333 14.17 42.43 -37.28
CA LEU C 333 14.16 43.63 -38.10
C LEU C 333 13.15 43.49 -39.24
N ARG C 334 12.88 44.60 -39.90
CA ARG C 334 11.96 44.64 -41.03
C ARG C 334 12.76 44.60 -42.34
N ASN C 335 12.57 43.52 -43.10
CA ASN C 335 13.21 43.32 -44.38
C ASN C 335 12.15 43.31 -45.48
N GLU C 336 12.34 44.15 -46.50
CA GLU C 336 11.31 44.29 -47.53
C GLU C 336 11.84 44.36 -48.96
N GLU C 337 13.15 44.36 -49.19
CA GLU C 337 13.70 44.38 -50.54
C GLU C 337 13.11 45.54 -51.35
N VAL C 338 13.29 46.74 -50.81
CA VAL C 338 12.70 47.92 -51.44
C VAL C 338 13.41 48.23 -52.75
N THR C 339 12.65 48.75 -53.71
CA THR C 339 13.17 49.13 -55.01
C THR C 339 12.57 50.48 -55.40
N GLY C 340 13.20 51.14 -56.36
CA GLY C 340 12.69 52.42 -56.82
C GLY C 340 13.51 52.94 -57.98
N GLU C 341 12.93 53.95 -58.65
CA GLU C 341 13.59 54.59 -59.78
C GLU C 341 14.67 55.54 -59.30
N LEU C 342 15.84 55.47 -59.93
CA LEU C 342 17.01 56.20 -59.44
C LEU C 342 17.07 57.60 -60.04
N PRO C 343 17.35 58.64 -59.25
CA PRO C 343 17.24 60.01 -59.77
C PRO C 343 18.25 60.34 -60.86
N LEU C 344 17.88 61.32 -61.69
CA LEU C 344 18.69 61.80 -62.81
C LEU C 344 19.67 62.88 -62.36
N GLU C 345 20.33 63.49 -63.34
CA GLU C 345 21.26 64.59 -63.06
C GLU C 345 20.51 65.85 -62.63
N LEU C 346 21.15 66.62 -61.75
CA LEU C 346 20.51 67.77 -61.14
C LEU C 346 20.32 68.92 -62.14
N GLU C 347 19.13 69.50 -62.14
CA GLU C 347 18.83 70.67 -62.95
C GLU C 347 19.11 71.96 -62.19
N TYR C 348 18.76 73.09 -62.78
CA TYR C 348 19.08 74.40 -62.20
C TYR C 348 18.02 75.43 -62.56
N GLU C 349 18.01 76.50 -61.76
CA GLU C 349 17.07 77.61 -61.89
C GLU C 349 17.76 78.87 -61.38
N GLU C 350 17.38 80.02 -61.93
CA GLU C 350 18.13 81.26 -61.73
C GLU C 350 17.25 82.37 -61.17
N PHE C 351 17.89 83.31 -60.47
CA PHE C 351 17.21 84.45 -59.88
C PHE C 351 17.18 85.65 -60.81
N SER C 352 16.24 86.56 -60.53
CA SER C 352 16.08 87.81 -61.25
C SER C 352 16.58 88.98 -60.40
N GLU C 353 17.27 89.93 -61.02
CA GLU C 353 17.86 91.07 -60.33
C GLU C 353 17.07 92.36 -60.52
N ILE C 354 15.80 92.27 -60.91
CA ILE C 354 15.01 93.47 -61.18
C ILE C 354 14.91 94.36 -59.95
N ASN C 355 14.72 93.77 -58.76
CA ASN C 355 14.58 94.57 -57.56
C ASN C 355 15.87 95.28 -57.17
N ASP C 356 17.02 94.64 -57.40
CA ASP C 356 18.30 95.30 -57.12
C ASP C 356 18.47 96.51 -58.03
N GLN C 357 18.13 96.36 -59.30
CA GLN C 357 18.17 97.49 -60.23
C GLN C 357 17.26 98.62 -59.74
N LEU C 358 16.06 98.26 -59.31
CA LEU C 358 15.13 99.25 -58.78
C LEU C 358 15.73 100.00 -57.60
N ALA C 359 16.36 99.27 -56.67
CA ALA C 359 17.03 99.92 -55.56
C ALA C 359 18.11 100.88 -56.04
N ALA C 360 18.84 100.50 -57.09
CA ALA C 360 19.89 101.37 -57.61
C ALA C 360 19.31 102.68 -58.15
N MET C 361 18.26 102.60 -58.98
CA MET C 361 17.67 103.85 -59.48
C MET C 361 17.19 104.70 -58.31
N ILE C 362 16.51 104.11 -57.33
CA ILE C 362 15.95 104.94 -56.26
C ILE C 362 17.06 105.59 -55.44
N GLU C 363 18.11 104.83 -55.08
CA GLU C 363 19.14 105.43 -54.26
C GLU C 363 19.85 106.56 -54.99
N LYS C 364 20.14 106.36 -56.29
CA LYS C 364 20.73 107.46 -57.06
C LYS C 364 19.81 108.66 -57.11
N ALA C 365 18.51 108.44 -57.31
CA ALA C 365 17.59 109.56 -57.38
C ALA C 365 17.47 110.30 -56.05
N LEU C 366 17.62 109.58 -54.94
CA LEU C 366 17.42 110.18 -53.62
C LEU C 366 18.66 110.81 -53.03
N LEU C 367 19.86 110.48 -53.54
CA LEU C 367 21.08 111.00 -52.92
C LEU C 367 21.11 112.53 -52.85
N VAL C 368 20.41 113.23 -53.75
CA VAL C 368 20.50 114.68 -53.80
C VAL C 368 20.01 115.32 -52.50
N TYR C 369 18.96 114.76 -51.91
CA TYR C 369 18.37 115.36 -50.72
C TYR C 369 19.40 115.50 -49.60
N GLN C 370 20.19 114.45 -49.36
CA GLN C 370 21.21 114.53 -48.33
C GLN C 370 22.25 115.57 -48.71
N GLN C 371 22.75 115.52 -49.95
CA GLN C 371 23.85 116.41 -50.33
C GLN C 371 23.47 117.87 -50.16
N GLU C 372 22.24 118.24 -50.53
CA GLU C 372 21.77 119.60 -50.25
C GLU C 372 21.16 119.73 -48.87
N GLN C 373 20.98 118.64 -48.13
CA GLN C 373 20.33 118.67 -46.83
C GLN C 373 18.92 119.27 -46.95
N ARG C 374 18.25 118.94 -48.05
CA ARG C 374 16.92 119.45 -48.30
C ARG C 374 15.89 118.67 -47.50
N PRO C 375 14.93 119.33 -46.85
CA PRO C 375 13.89 118.59 -46.13
C PRO C 375 13.14 117.65 -47.07
N LEU C 376 12.98 116.41 -46.62
CA LEU C 376 12.34 115.36 -47.41
C LEU C 376 10.98 115.00 -46.82
N ASP C 377 9.96 114.98 -47.68
CA ASP C 377 8.61 114.55 -47.30
C ASP C 377 8.27 113.28 -48.06
N LEU C 378 7.97 112.21 -47.33
CA LEU C 378 7.68 110.93 -47.97
C LEU C 378 6.44 111.01 -48.85
N GLY C 379 5.43 111.76 -48.42
CA GLY C 379 4.20 111.84 -49.20
C GLY C 379 4.45 112.28 -50.63
N ALA C 380 5.06 113.46 -50.77
CA ALA C 380 5.30 114.00 -52.10
C ALA C 380 6.22 113.10 -52.91
N VAL C 381 7.30 112.60 -52.28
CA VAL C 381 8.27 111.80 -53.01
C VAL C 381 7.63 110.52 -53.52
N LEU C 382 6.85 109.85 -52.67
CA LEU C 382 6.17 108.63 -53.09
C LEU C 382 5.18 108.91 -54.20
N ARG C 383 4.40 109.99 -54.07
CA ARG C 383 3.42 110.31 -55.11
C ARG C 383 4.10 110.57 -56.45
N ASP C 384 5.22 111.30 -56.44
CA ASP C 384 5.92 111.56 -57.69
C ASP C 384 6.56 110.29 -58.25
N TYR C 385 7.14 109.46 -57.38
CA TYR C 385 7.90 108.31 -57.84
C TYR C 385 7.02 107.13 -58.27
N LEU C 386 5.85 106.96 -57.66
CA LEU C 386 4.97 105.88 -58.10
C LEU C 386 4.41 106.12 -59.50
N ALA C 387 4.34 107.38 -59.93
CA ALA C 387 3.82 107.66 -61.26
C ALA C 387 4.70 107.06 -62.36
N GLN C 388 5.93 106.67 -62.04
CA GLN C 388 6.85 106.17 -63.04
C GLN C 388 6.79 104.65 -63.22
N HIS C 389 5.90 103.96 -62.51
CA HIS C 389 5.75 102.52 -62.65
C HIS C 389 4.27 102.15 -62.65
N PRO C 390 3.93 100.99 -63.21
CA PRO C 390 2.54 100.55 -63.23
C PRO C 390 2.07 100.05 -61.87
N LEU C 391 0.74 99.99 -61.73
CA LEU C 391 0.11 99.68 -60.45
C LEU C 391 0.58 98.39 -59.80
N PRO C 392 0.69 97.26 -60.51
CA PRO C 392 1.08 96.03 -59.81
C PRO C 392 2.39 96.12 -59.07
N ARG C 393 3.32 96.97 -59.52
CA ARG C 393 4.62 97.10 -58.90
C ARG C 393 4.70 98.19 -57.82
N HIS C 394 3.61 98.93 -57.59
CA HIS C 394 3.67 100.05 -56.66
C HIS C 394 4.12 99.62 -55.26
N PHE C 395 3.55 98.53 -54.74
CA PHE C 395 3.83 98.11 -53.38
C PHE C 395 5.33 97.91 -53.15
N ASP C 396 5.98 97.19 -54.06
CA ASP C 396 7.41 96.94 -53.91
C ASP C 396 8.21 98.24 -53.98
N VAL C 397 7.81 99.15 -54.88
CA VAL C 397 8.49 100.43 -55.00
C VAL C 397 8.37 101.21 -53.70
N ALA C 398 7.17 101.25 -53.13
CA ALA C 398 6.97 101.94 -51.87
C ALA C 398 7.87 101.36 -50.78
N ARG C 399 7.86 100.04 -50.65
CA ARG C 399 8.70 99.41 -49.62
C ARG C 399 10.17 99.82 -49.80
N ILE C 400 10.70 99.66 -51.02
CA ILE C 400 12.12 99.92 -51.23
C ILE C 400 12.43 101.40 -50.98
N LEU C 401 11.56 102.30 -51.46
CA LEU C 401 11.81 103.72 -51.26
C LEU C 401 11.87 104.05 -49.78
N VAL C 402 10.94 103.49 -49.00
CA VAL C 402 10.99 103.73 -47.55
C VAL C 402 12.29 103.19 -46.98
N ASP C 403 12.71 102.01 -47.42
CA ASP C 403 13.97 101.45 -46.90
C ASP C 403 15.13 102.41 -47.16
N GLN C 404 15.18 103.02 -48.35
CA GLN C 404 16.28 103.94 -48.64
C GLN C 404 16.15 105.25 -47.89
N ALA C 405 14.93 105.76 -47.72
CA ALA C 405 14.75 107.11 -47.18
C ALA C 405 15.08 107.19 -45.69
N VAL C 406 14.75 106.14 -44.93
CA VAL C 406 14.88 106.23 -43.48
C VAL C 406 16.32 106.32 -43.04
N ARG C 407 17.28 105.92 -43.89
CA ARG C 407 18.68 106.00 -43.52
C ARG C 407 19.19 107.44 -43.47
N LEU C 408 18.45 108.39 -44.04
CA LEU C 408 18.89 109.78 -44.14
C LEU C 408 18.27 110.58 -43.00
N GLY C 409 19.02 110.78 -41.93
CA GLY C 409 18.58 111.64 -40.85
C GLY C 409 17.35 111.14 -40.11
N VAL C 410 16.83 112.02 -39.27
CA VAL C 410 15.65 111.74 -38.45
C VAL C 410 14.69 112.91 -38.56
N ALA C 411 13.46 112.68 -38.10
CA ALA C 411 12.44 113.71 -38.04
C ALA C 411 12.31 114.20 -36.61
N GLU C 412 12.65 115.47 -36.39
CA GLU C 412 12.62 116.03 -35.04
C GLU C 412 11.20 116.12 -34.48
N ALA C 413 10.18 116.13 -35.36
CA ALA C 413 8.81 116.25 -34.88
C ALA C 413 8.39 115.05 -34.05
N ASP C 414 9.08 113.92 -34.17
CA ASP C 414 8.66 112.71 -33.49
C ASP C 414 8.60 112.87 -31.98
N PHE C 415 9.37 113.82 -31.43
CA PHE C 415 9.42 114.03 -29.99
C PHE C 415 8.39 115.04 -29.51
N SER C 416 7.49 115.50 -30.40
CA SER C 416 6.48 116.49 -30.03
C SER C 416 5.25 115.88 -29.38
N GLY C 417 5.09 114.56 -29.45
CA GLY C 417 3.87 113.93 -28.96
C GLY C 417 2.68 114.07 -29.88
N LEU C 418 2.88 114.53 -31.11
CA LEU C 418 1.80 114.78 -32.05
C LEU C 418 1.84 113.77 -33.20
N PRO C 419 0.87 112.87 -33.31
CA PRO C 419 0.91 111.87 -34.38
C PRO C 419 0.80 112.51 -35.76
N ALA C 420 1.38 111.84 -36.74
CA ALA C 420 1.29 112.28 -38.14
C ALA C 420 0.03 111.71 -38.79
N GLU C 421 -0.36 112.34 -39.90
CA GLU C 421 -1.55 111.95 -40.64
C GLU C 421 -1.23 110.92 -41.70
N TRP C 422 -2.28 110.27 -42.23
CA TRP C 422 -2.14 109.28 -43.29
C TRP C 422 -2.35 109.97 -44.63
N LEU C 423 -1.24 110.22 -45.35
CA LEU C 423 -1.29 110.89 -46.63
C LEU C 423 -1.54 109.90 -47.76
N ALA C 424 -2.40 110.27 -48.69
CA ALA C 424 -2.63 109.48 -49.89
C ALA C 424 -1.53 109.75 -50.91
N ILE C 425 -1.12 108.71 -51.63
CA ILE C 425 0.00 108.81 -52.57
C ILE C 425 -0.36 108.31 -53.97
N ASN C 426 -1.57 107.80 -54.18
CA ASN C 426 -1.98 107.38 -55.52
C ASN C 426 -3.47 107.09 -55.47
N ASP C 427 -4.03 106.79 -56.64
CA ASP C 427 -5.44 106.42 -56.72
C ASP C 427 -5.55 104.93 -56.36
N TYR C 428 -6.79 104.43 -56.25
CA TYR C 428 -7.03 103.09 -55.71
C TYR C 428 -6.80 103.01 -54.20
N GLY C 429 -6.32 104.10 -53.59
CA GLY C 429 -6.38 104.22 -52.14
C GLY C 429 -5.21 103.67 -51.35
N ALA C 430 -3.99 104.12 -51.64
CA ALA C 430 -2.83 103.80 -50.84
C ALA C 430 -2.45 104.99 -49.98
N LYS C 431 -1.95 104.71 -48.78
CA LYS C 431 -1.72 105.73 -47.76
C LYS C 431 -0.33 105.57 -47.16
N VAL C 432 0.20 106.65 -46.60
CA VAL C 432 1.50 106.64 -45.94
C VAL C 432 1.43 107.52 -44.70
N GLN C 433 2.20 107.15 -43.68
CA GLN C 433 2.30 107.91 -42.43
C GLN C 433 3.77 108.13 -42.11
N ALA C 434 4.18 109.39 -42.05
CA ALA C 434 5.55 109.72 -41.70
C ALA C 434 5.71 111.21 -41.49
N HIS C 435 6.47 111.60 -40.48
CA HIS C 435 6.85 112.99 -40.28
C HIS C 435 7.94 113.40 -41.26
N VAL C 436 8.03 114.70 -41.49
CA VAL C 436 9.06 115.24 -42.36
C VAL C 436 10.43 115.04 -41.74
N ILE C 437 11.41 114.74 -42.59
CA ILE C 437 12.78 114.49 -42.15
C ILE C 437 13.51 115.83 -42.12
N ASP C 438 13.94 116.25 -40.93
CA ASP C 438 14.59 117.55 -40.75
C ASP C 438 16.04 117.46 -40.33
N THR C 439 16.38 116.54 -39.42
CA THR C 439 17.74 116.50 -38.84
C THR C 439 18.58 115.54 -39.64
N TYR C 440 19.54 116.08 -40.40
CA TYR C 440 20.45 115.25 -41.19
C TYR C 440 21.84 115.27 -40.58
N MET D 1 43.71 -11.46 35.48
CA MET D 1 42.45 -10.91 34.92
C MET D 1 42.02 -11.73 33.71
N SER D 2 40.91 -12.45 33.79
CA SER D 2 40.34 -13.21 32.67
C SER D 2 40.39 -12.34 31.40
N GLU D 3 40.89 -12.84 30.25
CA GLU D 3 40.93 -12.06 28.99
C GLU D 3 39.61 -11.30 28.69
N TYR D 4 38.49 -11.92 29.08
CA TYR D 4 37.15 -11.37 28.97
C TYR D 4 36.71 -10.96 30.39
N SER D 5 37.06 -9.74 30.78
CA SER D 5 36.78 -9.21 32.12
C SER D 5 35.30 -9.11 32.51
N GLN D 6 34.41 -9.25 31.55
CA GLN D 6 32.98 -9.08 31.71
C GLN D 6 32.22 -10.40 31.66
N THR D 7 31.26 -10.56 32.57
CA THR D 7 30.31 -11.70 32.58
C THR D 7 29.36 -11.60 31.38
N VAL D 8 28.66 -12.70 31.03
CA VAL D 8 27.74 -12.67 29.87
C VAL D 8 26.67 -11.56 30.00
N PRO D 9 26.01 -11.33 31.15
CA PRO D 9 24.99 -10.29 31.21
C PRO D 9 25.57 -8.89 31.00
N GLU D 10 26.76 -8.65 31.57
CA GLU D 10 27.50 -7.38 31.48
C GLU D 10 27.94 -7.10 30.06
N LEU D 11 28.39 -8.14 29.38
CA LEU D 11 28.80 -8.04 27.99
C LEU D 11 27.61 -7.71 27.12
N VAL D 12 26.49 -8.38 27.36
CA VAL D 12 25.26 -8.18 26.59
C VAL D 12 24.79 -6.75 26.78
N SER D 13 24.82 -6.25 28.02
CA SER D 13 24.45 -4.86 28.29
C SER D 13 25.42 -3.90 27.60
N TRP D 14 26.73 -4.16 27.68
CA TRP D 14 27.74 -3.35 27.03
C TRP D 14 27.60 -3.31 25.52
N ALA D 15 27.36 -4.46 24.89
CA ALA D 15 27.17 -4.57 23.46
C ALA D 15 25.93 -3.79 23.03
N ARG D 16 24.84 -3.94 23.79
CA ARG D 16 23.56 -3.29 23.55
C ARG D 16 23.74 -1.77 23.63
N LYS D 17 24.48 -1.30 24.62
CA LYS D 17 24.74 0.13 24.81
C LYS D 17 25.59 0.72 23.69
N ASN D 18 26.58 -0.01 23.20
CA ASN D 18 27.47 0.48 22.15
C ASN D 18 26.93 0.25 20.74
N ASP D 19 25.88 -0.54 20.63
CA ASP D 19 25.19 -0.81 19.38
C ASP D 19 26.08 -1.35 18.24
N PHE D 20 26.94 -2.31 18.57
CA PHE D 20 27.84 -2.93 17.60
C PHE D 20 27.08 -3.90 16.64
N SER D 21 27.32 -3.83 15.33
CA SER D 21 26.70 -4.71 14.32
C SER D 21 27.54 -4.84 13.04
N ILE D 22 27.40 -5.96 12.33
CA ILE D 22 28.09 -6.23 11.06
C ILE D 22 27.08 -6.60 9.97
N SER D 23 27.13 -5.88 8.86
CA SER D 23 26.29 -6.13 7.70
C SER D 23 27.15 -6.07 6.46
N LEU D 24 27.42 -7.22 5.86
CA LEU D 24 28.30 -7.38 4.74
C LEU D 24 27.65 -7.95 3.51
N PRO D 25 27.07 -7.10 2.66
CA PRO D 25 26.44 -7.53 1.42
C PRO D 25 27.51 -7.94 0.42
N VAL D 26 27.08 -8.65 -0.61
CA VAL D 26 27.98 -9.20 -1.62
C VAL D 26 28.85 -8.13 -2.28
N GLU D 27 28.27 -7.02 -2.70
CA GLU D 27 29.00 -5.92 -3.35
C GLU D 27 29.99 -5.25 -2.41
N ARG D 28 29.56 -4.92 -1.18
CA ARG D 28 30.46 -4.28 -0.22
C ARG D 28 31.54 -5.25 0.18
N LEU D 29 31.20 -6.52 0.41
CA LEU D 29 32.17 -7.53 0.78
C LEU D 29 33.19 -7.69 -0.35
N ALA D 30 32.73 -7.69 -1.60
CA ALA D 30 33.62 -7.76 -2.74
C ALA D 30 34.54 -6.53 -2.76
N PHE D 31 34.00 -5.35 -2.49
CA PHE D 31 34.79 -4.11 -2.45
C PHE D 31 35.84 -4.21 -1.36
N LEU D 32 35.48 -4.72 -0.19
CA LEU D 32 36.43 -4.91 0.91
C LEU D 32 37.54 -5.85 0.48
N MET D 33 37.19 -6.95 -0.15
CA MET D 33 38.19 -7.88 -0.61
C MET D 33 39.08 -7.23 -1.67
N ALA D 34 38.51 -6.46 -2.58
CA ALA D 34 39.29 -5.76 -3.59
C ALA D 34 40.28 -4.79 -2.92
N ILE D 35 39.84 -4.05 -1.90
CA ILE D 35 40.70 -3.13 -1.13
C ILE D 35 41.81 -3.95 -0.45
N ALA D 36 41.47 -5.06 0.19
CA ALA D 36 42.46 -5.89 0.87
C ALA D 36 43.53 -6.36 -0.10
N VAL D 37 43.10 -6.78 -1.29
CA VAL D 37 44.03 -7.23 -2.31
C VAL D 37 44.90 -6.08 -2.77
N LEU D 38 44.30 -4.94 -3.08
CA LEU D 38 45.09 -3.79 -3.54
C LEU D 38 46.10 -3.35 -2.47
N ASN D 39 45.72 -3.37 -1.20
CA ASN D 39 46.64 -3.00 -0.12
C ASN D 39 47.83 -3.95 -0.01
N SER D 40 47.59 -5.25 -0.25
CA SER D 40 48.64 -6.24 -0.17
C SER D 40 49.68 -6.10 -1.29
N GLU D 41 49.31 -5.50 -2.42
CA GLU D 41 50.23 -5.30 -3.52
C GLU D 41 51.07 -4.03 -3.36
N ARG D 42 50.79 -3.19 -2.36
CA ARG D 42 51.53 -1.93 -2.15
C ARG D 42 52.68 -1.97 -1.15
N LEU D 43 53.62 -1.05 -1.31
CA LEU D 43 54.82 -0.93 -0.49
C LEU D 43 54.63 -0.14 0.81
N ASP D 44 53.66 0.78 0.85
CA ASP D 44 53.38 1.63 2.01
C ASP D 44 52.16 1.26 2.87
N GLY D 45 51.40 0.21 2.51
CA GLY D 45 50.18 -0.20 3.24
C GLY D 45 49.07 0.88 3.39
N GLU D 46 49.16 1.97 2.62
CA GLU D 46 48.24 3.12 2.57
C GLU D 46 47.55 3.28 1.21
N MET D 47 46.28 3.69 1.22
CA MET D 47 45.47 3.94 0.02
C MET D 47 44.86 5.35 0.04
N SER D 48 44.92 6.07 -1.07
CA SER D 48 44.31 7.40 -1.20
C SER D 48 42.84 7.26 -1.58
N GLU D 49 42.07 8.33 -1.43
CA GLU D 49 40.64 8.32 -1.77
C GLU D 49 40.39 8.01 -3.26
N GLY D 50 41.19 8.54 -4.17
CA GLY D 50 41.03 8.27 -5.61
C GLY D 50 41.24 6.79 -5.97
N GLU D 51 42.21 6.15 -5.33
CA GLU D 51 42.52 4.72 -5.55
C GLU D 51 41.38 3.84 -5.07
N LEU D 52 40.76 4.20 -3.94
CA LEU D 52 39.60 3.48 -3.42
C LEU D 52 38.42 3.62 -4.40
N ILE D 53 38.23 4.82 -4.97
CA ILE D 53 37.14 5.06 -5.93
C ILE D 53 37.38 4.23 -7.19
N ASP D 54 38.62 4.14 -7.67
CA ASP D 54 38.94 3.32 -8.85
C ASP D 54 38.61 1.85 -8.56
N ALA D 55 38.95 1.36 -7.36
CA ALA D 55 38.64 0.00 -6.94
C ALA D 55 37.12 -0.24 -6.91
N PHE D 56 36.36 0.72 -6.41
CA PHE D 56 34.93 0.56 -6.38
C PHE D 56 34.37 0.48 -7.80
N ARG D 57 34.89 1.30 -8.73
CA ARG D 57 34.46 1.31 -10.14
C ARG D 57 34.63 -0.07 -10.75
N GLU D 58 35.75 -0.75 -10.47
CA GLU D 58 36.02 -2.10 -10.96
C GLU D 58 34.97 -3.08 -10.39
N VAL D 59 34.65 -2.96 -9.10
CA VAL D 59 33.65 -3.86 -8.52
C VAL D 59 32.33 -3.63 -9.24
N CYS D 60 31.92 -2.38 -9.39
CA CYS D 60 30.66 -2.03 -10.04
C CYS D 60 30.60 -2.57 -11.48
N LYS D 61 31.70 -2.43 -12.23
CA LYS D 61 31.84 -3.03 -13.57
C LYS D 61 31.64 -4.54 -13.48
N GLY D 62 32.27 -5.20 -12.50
CA GLY D 62 32.18 -6.64 -12.26
C GLY D 62 30.77 -7.08 -11.89
N PHE D 63 29.98 -6.18 -11.31
CA PHE D 63 28.57 -6.39 -11.01
C PHE D 63 27.66 -5.84 -12.13
N GLU D 64 28.24 -5.36 -13.24
CA GLU D 64 27.56 -4.81 -14.41
C GLU D 64 26.61 -3.63 -14.12
N GLN D 65 26.91 -2.83 -13.11
CA GLN D 65 26.09 -1.72 -12.65
C GLN D 65 26.24 -0.42 -13.48
N THR D 66 25.24 0.48 -13.39
CA THR D 66 25.23 1.78 -14.07
C THR D 66 26.44 2.62 -13.66
N ALA D 67 27.07 3.31 -14.62
CA ALA D 67 28.19 4.22 -14.33
C ALA D 67 27.73 5.59 -13.75
N GLU D 68 26.44 5.82 -13.59
CA GLU D 68 25.92 7.06 -13.02
C GLU D 68 26.14 7.13 -11.50
N SER D 69 26.54 8.30 -11.02
CA SER D 69 26.81 8.59 -9.59
C SER D 69 27.80 7.63 -8.95
N VAL D 70 28.62 6.94 -9.74
CA VAL D 70 29.64 6.02 -9.17
C VAL D 70 30.52 6.72 -8.14
N ALA D 71 30.90 7.97 -8.38
CA ALA D 71 31.72 8.71 -7.42
C ALA D 71 30.95 8.90 -6.10
N VAL D 72 29.65 9.07 -6.16
CA VAL D 72 28.83 9.21 -4.97
C VAL D 72 28.69 7.87 -4.29
N ARG D 73 28.38 6.84 -5.05
CA ARG D 73 28.21 5.49 -4.56
C ARG D 73 29.49 5.05 -3.86
N ALA D 74 30.63 5.38 -4.43
CA ALA D 74 31.92 5.04 -3.88
C ALA D 74 32.13 5.81 -2.57
N ASN D 75 31.78 7.10 -2.53
CA ASN D 75 31.91 7.85 -1.29
C ASN D 75 31.00 7.24 -0.23
N ASN D 76 29.77 6.85 -0.58
CA ASN D 76 28.86 6.28 0.38
C ASN D 76 29.46 4.99 0.94
N ALA D 77 29.98 4.15 0.06
CA ALA D 77 30.58 2.88 0.45
C ALA D 77 31.80 3.11 1.35
N ILE D 78 32.67 4.05 1.00
CA ILE D 78 33.85 4.38 1.81
C ILE D 78 33.42 4.88 3.18
N ASN D 79 32.44 5.78 3.24
CA ASN D 79 31.93 6.30 4.50
C ASN D 79 31.30 5.15 5.31
N ASP D 80 30.57 4.24 4.67
CA ASP D 80 29.97 3.10 5.33
C ASP D 80 31.06 2.21 5.95
N MET D 81 32.15 1.95 5.23
CA MET D 81 33.23 1.14 5.77
C MET D 81 33.91 1.80 6.94
N VAL D 82 34.08 3.12 6.88
CA VAL D 82 34.67 3.86 7.98
C VAL D 82 33.71 3.82 9.17
N ARG D 83 32.40 4.03 8.93
CA ARG D 83 31.33 4.02 9.94
C ARG D 83 31.14 2.66 10.60
N GLN D 84 31.46 1.61 9.86
CA GLN D 84 31.45 0.24 10.33
C GLN D 84 32.81 -0.18 10.92
N LYS D 85 33.77 0.74 11.13
CA LYS D 85 35.09 0.47 11.70
C LYS D 85 35.95 -0.48 10.87
N LEU D 86 35.79 -0.49 9.56
CA LEU D 86 36.57 -1.36 8.69
C LEU D 86 37.79 -0.65 8.13
N LEU D 87 37.68 0.66 8.02
CA LEU D 87 38.74 1.55 7.54
C LEU D 87 39.02 2.70 8.51
N ASN D 88 40.30 3.01 8.70
CA ASN D 88 40.77 4.15 9.47
C ASN D 88 41.17 5.24 8.47
N ARG D 89 40.67 6.45 8.68
CA ARG D 89 40.92 7.63 7.85
C ARG D 89 41.82 8.62 8.57
N PHE D 90 42.90 9.05 7.93
CA PHE D 90 43.83 10.04 8.47
C PHE D 90 43.76 11.32 7.65
N THR D 91 43.32 12.40 8.28
CA THR D 91 43.17 13.75 7.69
C THR D 91 44.24 14.64 8.29
N SER D 92 45.30 14.87 7.54
CA SER D 92 46.45 15.68 7.95
C SER D 92 46.42 17.04 7.27
N GLU D 93 46.69 18.11 8.03
CA GLU D 93 46.84 19.44 7.44
C GLU D 93 48.00 19.47 6.44
N LEU D 94 49.06 18.70 6.73
CA LEU D 94 50.26 18.58 5.92
C LEU D 94 49.96 17.98 4.53
N ALA D 95 48.96 17.11 4.42
CA ALA D 95 48.56 16.47 3.16
C ALA D 95 47.58 17.34 2.33
N ASP D 96 47.54 18.66 2.53
CA ASP D 96 46.64 19.61 1.83
C ASP D 96 45.16 19.16 1.86
N GLY D 97 44.78 18.43 2.90
CA GLY D 97 43.43 17.90 3.05
C GLY D 97 43.20 16.51 2.43
N ASN D 98 44.18 15.88 1.79
CA ASN D 98 43.99 14.54 1.20
C ASN D 98 44.02 13.47 2.29
N ALA D 99 42.94 12.72 2.43
CA ALA D 99 42.82 11.67 3.43
C ALA D 99 43.55 10.39 3.03
N ILE D 100 44.23 9.78 4.00
CA ILE D 100 44.95 8.53 3.85
C ILE D 100 44.14 7.43 4.55
N TYR D 101 43.99 6.27 3.93
CA TYR D 101 43.21 5.15 4.46
C TYR D 101 44.04 3.90 4.71
N ARG D 102 43.71 3.20 5.80
CA ARG D 102 44.30 1.91 6.21
C ARG D 102 43.18 0.99 6.71
N LEU D 103 43.23 -0.31 6.40
CA LEU D 103 42.23 -1.27 6.89
C LEU D 103 42.41 -1.54 8.40
N THR D 104 41.32 -1.68 9.14
CA THR D 104 41.36 -1.98 10.58
C THR D 104 41.58 -3.47 10.82
N PRO D 105 41.98 -3.89 12.02
CA PRO D 105 42.17 -5.30 12.30
C PRO D 105 40.95 -6.12 11.93
N LEU D 106 39.77 -5.54 12.12
CA LEU D 106 38.51 -6.17 11.80
C LEU D 106 38.34 -6.35 10.29
N GLY D 107 38.46 -5.27 9.52
CA GLY D 107 38.37 -5.30 8.06
C GLY D 107 39.34 -6.31 7.46
N ILE D 108 40.55 -6.41 8.03
CA ILE D 108 41.53 -7.40 7.57
C ILE D 108 41.03 -8.79 7.95
N SER D 109 40.66 -9.04 9.21
CA SER D 109 40.28 -10.41 9.59
C SER D 109 39.18 -10.97 8.69
N ILE D 110 38.19 -10.14 8.39
CA ILE D 110 37.05 -10.53 7.55
C ILE D 110 37.53 -10.82 6.13
N SER D 111 38.30 -9.92 5.52
CA SER D 111 38.77 -10.10 4.14
C SER D 111 39.66 -11.35 4.03
N ASP D 112 40.55 -11.56 5.00
CA ASP D 112 41.41 -12.72 4.97
C ASP D 112 40.62 -14.01 5.08
N TYR D 113 39.56 -14.08 5.88
CA TYR D 113 38.83 -15.33 5.96
C TYR D 113 38.34 -15.83 4.60
N TYR D 114 37.90 -14.92 3.75
CA TYR D 114 37.43 -15.31 2.42
C TYR D 114 38.53 -15.48 1.40
N ILE D 115 39.50 -14.57 1.41
CA ILE D 115 40.50 -14.60 0.36
C ILE D 115 41.63 -15.56 0.71
N ARG D 116 42.06 -15.63 1.97
CA ARG D 116 43.15 -16.52 2.33
C ARG D 116 42.73 -17.97 2.29
N GLN D 117 43.40 -18.73 1.44
CA GLN D 117 43.22 -20.17 1.30
C GLN D 117 44.01 -20.83 2.42
N ARG D 118 43.30 -21.12 3.50
CA ARG D 118 43.85 -21.72 4.72
C ARG D 118 43.64 -23.25 4.72
N GLU D 119 44.72 -24.02 4.73
CA GLU D 119 44.74 -25.51 4.82
C GLU D 119 45.71 -25.94 5.96
N PHE D 120 45.44 -26.99 6.74
CA PHE D 120 46.27 -27.46 7.88
C PHE D 120 47.70 -28.04 7.54
N SER D 121 48.78 -27.68 8.27
CA SER D 121 50.16 -28.21 8.07
C SER D 121 50.90 -28.73 9.33
N THR D 122 51.39 -29.97 9.34
CA THR D 122 52.15 -30.50 10.48
C THR D 122 53.49 -29.78 10.66
N LEU D 123 54.30 -29.60 9.61
CA LEU D 123 55.56 -28.82 9.68
C LEU D 123 55.37 -27.54 10.49
N ARG D 124 54.29 -26.82 10.21
CA ARG D 124 53.97 -25.55 10.89
C ARG D 124 53.78 -25.84 12.38
N LEU D 125 52.99 -26.85 12.72
CA LEU D 125 52.71 -27.23 14.10
C LEU D 125 54.01 -27.61 14.81
N SER D 126 54.84 -28.42 14.16
CA SER D 126 56.11 -28.84 14.72
C SER D 126 56.99 -27.62 14.99
N MET D 127 57.00 -26.65 14.06
CA MET D 127 57.81 -25.46 14.27
C MET D 127 57.27 -24.66 15.46
N GLN D 128 55.96 -24.47 15.51
CA GLN D 128 55.32 -23.71 16.58
C GLN D 128 55.61 -24.33 17.94
N LEU D 129 55.51 -25.64 18.03
CA LEU D 129 55.80 -26.35 19.26
C LEU D 129 57.27 -26.18 19.63
N SER D 130 58.17 -26.18 18.65
CA SER D 130 59.60 -26.00 18.90
C SER D 130 59.89 -24.62 19.48
N ILE D 131 59.29 -23.57 18.91
CA ILE D 131 59.47 -22.20 19.38
C ILE D 131 58.90 -22.05 20.78
N VAL D 132 57.65 -22.46 20.98
CA VAL D 132 57.03 -22.39 22.31
C VAL D 132 57.84 -23.20 23.32
N ALA D 133 58.39 -24.36 22.94
CA ALA D 133 59.19 -25.15 23.86
C ALA D 133 60.44 -24.35 24.29
N ASN D 134 61.09 -23.66 23.36
CA ASN D 134 62.26 -22.84 23.67
C ASN D 134 61.88 -21.61 24.53
N GLU D 135 60.77 -20.96 24.21
CA GLU D 135 60.28 -19.80 24.97
C GLU D 135 59.87 -20.20 26.40
N LEU D 136 59.18 -21.33 26.56
CA LEU D 136 58.81 -21.83 27.87
C LEU D 136 60.04 -22.26 28.65
N HIS D 137 61.01 -22.89 27.99
CA HIS D 137 62.25 -23.32 28.63
C HIS D 137 63.05 -22.12 29.15
N ARG D 138 63.17 -21.05 28.36
CA ARG D 138 63.84 -19.81 28.77
C ARG D 138 63.10 -19.16 29.93
N ALA D 139 61.76 -19.11 29.85
CA ALA D 139 60.95 -18.52 30.90
C ALA D 139 61.09 -19.31 32.22
N ALA D 140 61.18 -20.65 32.13
CA ALA D 140 61.36 -21.51 33.30
C ALA D 140 62.76 -21.32 33.89
N GLU D 141 63.78 -21.21 33.06
CA GLU D 141 65.14 -20.94 33.54
C GLU D 141 65.17 -19.56 34.23
N ALA D 142 64.51 -18.55 33.65
CA ALA D 142 64.44 -17.22 34.25
C ALA D 142 63.67 -17.25 35.58
N ALA D 143 62.56 -17.97 35.65
CA ALA D 143 61.81 -18.12 36.89
C ALA D 143 62.64 -18.83 37.98
N GLU D 144 63.43 -19.85 37.61
CA GLU D 144 64.31 -20.58 38.54
C GLU D 144 65.52 -19.75 38.96
N GLU D 145 66.02 -18.86 38.11
CA GLU D 145 67.12 -17.95 38.46
C GLU D 145 66.67 -16.99 39.55
N GLY D 146 65.37 -16.73 39.62
CA GLY D 146 64.79 -15.83 40.59
C GLY D 146 65.11 -14.37 40.26
N GLY D 147 64.50 -13.45 41.01
CA GLY D 147 64.74 -12.04 40.81
C GLY D 147 63.66 -11.14 41.38
N ASP D 148 63.75 -9.87 41.01
CA ASP D 148 62.84 -8.83 41.43
C ASP D 148 61.58 -8.81 40.54
N GLU D 149 60.67 -7.92 40.87
CA GLU D 149 59.43 -7.76 40.11
C GLU D 149 59.70 -7.39 38.64
N PHE D 150 60.79 -6.65 38.39
CA PHE D 150 61.19 -6.30 37.05
C PHE D 150 61.69 -7.52 36.27
N HIS D 151 62.46 -8.40 36.92
CA HIS D 151 62.93 -9.63 36.30
C HIS D 151 61.77 -10.56 35.98
N TRP D 152 60.84 -10.72 36.92
CA TRP D 152 59.68 -11.56 36.72
C TRP D 152 58.75 -10.98 35.66
N HIS D 153 58.59 -9.67 35.60
CA HIS D 153 57.72 -9.11 34.61
C HIS D 153 58.32 -9.21 33.21
N ARG D 154 59.62 -8.91 33.07
CA ARG D 154 60.27 -8.86 31.75
C ARG D 154 60.72 -10.21 31.19
N ASN D 155 61.19 -11.12 32.03
CA ASN D 155 61.72 -12.40 31.59
C ASN D 155 60.78 -13.58 31.80
N VAL D 156 59.68 -13.42 32.54
CA VAL D 156 58.73 -14.52 32.75
C VAL D 156 57.33 -14.13 32.24
N PHE D 157 56.77 -13.05 32.76
CA PHE D 157 55.43 -12.65 32.37
C PHE D 157 55.34 -12.19 30.91
N ALA D 158 56.26 -11.34 30.44
CA ALA D 158 56.23 -10.83 29.07
C ALA D 158 56.33 -11.98 28.05
N PRO D 159 57.26 -12.94 28.19
CA PRO D 159 57.29 -14.03 27.23
C PRO D 159 56.02 -14.87 27.29
N LEU D 160 55.49 -15.14 28.48
CA LEU D 160 54.30 -15.98 28.57
C LEU D 160 53.08 -15.31 27.94
N LYS D 161 52.90 -14.02 28.23
CA LYS D 161 51.75 -13.26 27.75
C LYS D 161 51.88 -12.83 26.29
N TYR D 162 53.05 -12.39 25.87
CA TYR D 162 53.20 -11.82 24.51
C TYR D 162 53.80 -12.76 23.47
N SER D 163 54.17 -13.97 23.86
CA SER D 163 54.75 -14.96 22.94
C SER D 163 54.08 -16.34 23.07
N VAL D 164 54.17 -16.99 24.23
CA VAL D 164 53.59 -18.34 24.41
C VAL D 164 52.08 -18.36 24.18
N ALA D 165 51.37 -17.43 24.79
CA ALA D 165 49.93 -17.37 24.66
C ALA D 165 49.49 -17.19 23.21
N GLU D 166 50.23 -16.36 22.45
CA GLU D 166 49.90 -16.09 21.05
C GLU D 166 50.13 -17.35 20.18
N ILE D 167 51.23 -18.07 20.41
CA ILE D 167 51.53 -19.29 19.67
C ILE D 167 50.45 -20.35 19.97
N PHE D 168 50.00 -20.49 21.22
CA PHE D 168 48.92 -21.41 21.56
C PHE D 168 47.63 -21.04 20.83
N ASP D 169 47.33 -19.75 20.71
CA ASP D 169 46.15 -19.36 19.98
C ASP D 169 46.29 -19.75 18.51
N SER D 170 47.49 -19.61 17.92
CA SER D 170 47.69 -20.02 16.53
C SER D 170 47.47 -21.52 16.33
N ILE D 171 47.92 -22.31 17.29
CA ILE D 171 47.75 -23.75 17.26
C ILE D 171 46.25 -24.08 17.27
N ASP D 172 45.50 -23.41 18.13
CA ASP D 172 44.04 -23.60 18.24
C ASP D 172 43.34 -23.23 16.93
N MET D 173 43.76 -22.12 16.29
CA MET D 173 43.18 -21.72 15.02
C MET D 173 43.42 -22.79 13.95
N SER D 174 44.61 -23.38 13.96
CA SER D 174 44.97 -24.45 13.03
C SER D 174 44.07 -25.65 13.28
N GLN D 175 43.81 -25.98 14.55
CA GLN D 175 42.92 -27.08 14.84
C GLN D 175 41.53 -26.78 14.28
N ARG D 176 41.03 -25.56 14.48
CA ARG D 176 39.70 -25.18 14.01
C ARG D 176 39.64 -25.22 12.49
N LEU D 177 40.76 -24.97 11.85
CA LEU D 177 40.88 -25.09 10.40
C LEU D 177 40.76 -26.55 9.98
N MET D 178 41.42 -27.43 10.70
CA MET D 178 41.35 -28.85 10.43
C MET D 178 39.91 -29.37 10.59
N ASP D 179 39.17 -28.86 11.58
CA ASP D 179 37.77 -29.21 11.79
C ASP D 179 36.92 -28.90 10.55
N GLU D 180 37.12 -27.72 9.95
CA GLU D 180 36.39 -27.36 8.73
C GLU D 180 36.75 -28.31 7.57
N GLN D 181 38.03 -28.66 7.46
CA GLN D 181 38.51 -29.56 6.42
C GLN D 181 37.77 -30.91 6.49
N GLN D 182 37.58 -31.50 7.69
CA GLN D 182 36.88 -32.79 7.86
C GLN D 182 35.44 -32.71 7.35
N ASN D 183 34.72 -31.63 7.67
CA ASN D 183 33.34 -31.47 7.24
C ASN D 183 33.27 -31.38 5.71
N PHE D 184 34.25 -30.72 5.09
CA PHE D 184 34.31 -30.62 3.63
C PHE D 184 34.46 -32.01 2.98
N VAL D 185 35.35 -32.84 3.54
CA VAL D 185 35.60 -34.20 3.02
C VAL D 185 34.34 -35.06 3.12
N LYS D 186 33.56 -34.94 4.20
CA LYS D 186 32.33 -35.73 4.33
C LYS D 186 31.36 -35.41 3.19
N GLU D 187 31.26 -34.15 2.82
CA GLU D 187 30.37 -33.73 1.73
C GLU D 187 30.84 -34.30 0.39
N ASP D 188 32.16 -34.33 0.14
CA ASP D 188 32.71 -34.86 -1.10
C ASP D 188 32.44 -36.37 -1.21
N ILE D 189 32.61 -37.14 -0.13
CA ILE D 189 32.35 -38.58 -0.12
C ILE D 189 30.88 -38.87 -0.43
N ALA D 190 29.95 -38.08 0.12
CA ALA D 190 28.53 -38.28 -0.18
C ALA D 190 28.25 -38.02 -1.66
N ALA D 191 28.90 -37.02 -2.26
CA ALA D 191 28.73 -36.69 -3.67
C ALA D 191 29.27 -37.82 -4.57
N LEU D 192 30.43 -38.36 -4.23
CA LEU D 192 31.05 -39.47 -4.97
C LEU D 192 30.14 -40.71 -4.95
N LEU D 193 29.55 -41.01 -3.79
CA LEU D 193 28.65 -42.16 -3.64
C LEU D 193 27.34 -41.94 -4.41
N ASN D 194 26.90 -40.69 -4.59
CA ASN D 194 25.68 -40.41 -5.35
C ASN D 194 25.92 -40.43 -6.87
N GLN D 195 27.12 -40.11 -7.35
CA GLN D 195 27.42 -40.13 -8.78
C GLN D 195 27.58 -41.58 -9.29
N ASP D 196 28.64 -42.26 -8.87
CA ASP D 196 28.94 -43.65 -9.22
C ASP D 196 29.58 -44.34 -8.02
N TRP D 197 28.76 -44.95 -7.16
CA TRP D 197 29.26 -45.59 -5.96
C TRP D 197 30.23 -46.73 -6.25
N GLN D 198 30.08 -47.46 -7.34
CA GLN D 198 30.98 -48.56 -7.67
C GLN D 198 32.40 -48.06 -8.00
N ALA D 199 32.53 -47.01 -8.81
CA ALA D 199 33.86 -46.47 -9.11
C ALA D 199 34.42 -45.60 -7.98
N ALA D 200 33.54 -45.06 -7.12
CA ALA D 200 33.94 -44.16 -6.03
C ALA D 200 34.55 -44.86 -4.81
N ILE D 201 34.46 -46.18 -4.70
CA ILE D 201 34.97 -46.92 -3.53
C ILE D 201 36.45 -46.65 -3.28
N ALA D 202 37.30 -46.74 -4.29
CA ALA D 202 38.74 -46.48 -4.13
C ALA D 202 39.04 -45.03 -3.74
N ASN D 203 38.31 -44.06 -4.31
CA ASN D 203 38.49 -42.64 -4.04
C ASN D 203 38.07 -42.32 -2.60
N CYS D 204 36.96 -42.90 -2.13
CA CYS D 204 36.46 -42.69 -0.78
C CYS D 204 37.45 -43.26 0.25
N GLU D 205 38.00 -44.45 -0.02
CA GLU D 205 38.96 -45.07 0.89
C GLU D 205 40.24 -44.22 0.95
N GLN D 206 40.67 -43.63 -0.18
CA GLN D 206 41.82 -42.76 -0.20
C GLN D 206 41.58 -41.50 0.66
N LEU D 207 40.42 -40.86 0.53
CA LEU D 207 40.08 -39.67 1.29
C LEU D 207 39.99 -39.96 2.79
N LEU D 208 39.44 -41.12 3.17
CA LEU D 208 39.34 -41.56 4.57
C LEU D 208 40.72 -41.85 5.17
N SER D 209 41.59 -42.55 4.43
CA SER D 209 42.95 -42.88 4.88
C SER D 209 43.83 -41.63 5.00
N GLU D 210 43.78 -40.73 4.02
CA GLU D 210 44.58 -39.50 4.03
C GLU D 210 44.17 -38.61 5.21
N THR D 211 42.87 -38.50 5.47
CA THR D 211 42.38 -37.70 6.60
C THR D 211 42.76 -38.36 7.92
N SER D 212 42.61 -39.69 8.03
CA SER D 212 42.94 -40.41 9.26
C SER D 212 44.43 -40.31 9.59
N GLY D 213 45.30 -40.52 8.62
CA GLY D 213 46.74 -40.43 8.84
C GLY D 213 47.10 -39.04 9.33
N THR D 214 46.48 -38.02 8.74
CA THR D 214 46.73 -36.63 9.13
C THR D 214 46.32 -36.37 10.57
N LEU D 215 45.13 -36.81 10.97
CA LEU D 215 44.65 -36.62 12.33
C LEU D 215 45.58 -37.32 13.31
N ARG D 216 46.04 -38.52 12.98
CA ARG D 216 46.92 -39.28 13.86
C ARG D 216 48.31 -38.66 13.96
N GLU D 217 48.86 -38.22 12.83
CA GLU D 217 50.15 -37.54 12.79
C GLU D 217 50.11 -36.29 13.67
N LEU D 218 49.00 -35.54 13.61
CA LEU D 218 48.82 -34.33 14.38
C LEU D 218 48.85 -34.68 15.86
N GLN D 219 48.05 -35.66 16.25
CA GLN D 219 47.93 -36.05 17.65
C GLN D 219 49.27 -36.56 18.20
N ASP D 220 50.03 -37.33 17.41
CA ASP D 220 51.32 -37.85 17.85
C ASP D 220 52.29 -36.70 18.16
N THR D 221 52.23 -35.68 17.32
CA THR D 221 53.08 -34.50 17.47
C THR D 221 52.68 -33.74 18.74
N LEU D 222 51.39 -33.55 18.99
CA LEU D 222 50.93 -32.81 20.17
C LEU D 222 51.32 -33.52 21.44
N GLU D 223 51.15 -34.82 21.45
CA GLU D 223 51.42 -35.62 22.64
C GLU D 223 52.92 -35.61 22.96
N ALA D 224 53.79 -35.67 21.96
CA ALA D 224 55.23 -35.68 22.19
C ALA D 224 55.73 -34.37 22.82
N ALA D 225 55.20 -33.24 22.38
CA ALA D 225 55.58 -31.94 22.89
C ALA D 225 54.85 -31.55 24.17
N GLY D 226 53.57 -31.95 24.31
CA GLY D 226 52.68 -31.60 25.42
C GLY D 226 53.26 -31.87 26.81
N ASP D 227 53.94 -32.99 26.99
CA ASP D 227 54.55 -33.35 28.28
C ASP D 227 55.67 -32.36 28.66
N LYS D 228 56.54 -32.00 27.70
CA LYS D 228 57.64 -31.06 27.91
C LYS D 228 57.11 -29.65 28.20
N LEU D 229 56.05 -29.24 27.50
CA LEU D 229 55.45 -27.92 27.70
C LEU D 229 54.81 -27.84 29.09
N GLN D 230 54.10 -28.88 29.51
CA GLN D 230 53.48 -28.95 30.84
C GLN D 230 54.54 -28.97 31.94
N ALA D 231 55.64 -29.71 31.74
CA ALA D 231 56.72 -29.76 32.71
C ALA D 231 57.33 -28.35 32.90
N ASN D 232 57.53 -27.60 31.81
CA ASN D 232 58.07 -26.25 31.92
C ASN D 232 57.07 -25.30 32.59
N LEU D 233 55.77 -25.43 32.32
CA LEU D 233 54.77 -24.61 32.99
C LEU D 233 54.78 -24.90 34.50
N LEU D 234 54.95 -26.17 34.87
CA LEU D 234 55.02 -26.59 36.27
C LEU D 234 56.28 -26.05 36.93
N ARG D 235 57.42 -26.05 36.23
CA ARG D 235 58.67 -25.49 36.77
C ARG D 235 58.46 -24.01 37.08
N ILE D 236 57.77 -23.29 36.20
CA ILE D 236 57.49 -21.86 36.40
C ILE D 236 56.56 -21.70 37.60
N GLN D 237 55.55 -22.54 37.73
CA GLN D 237 54.62 -22.49 38.84
C GLN D 237 55.34 -22.77 40.16
N ASP D 238 56.24 -23.75 40.20
CA ASP D 238 57.00 -24.10 41.41
C ASP D 238 57.96 -22.96 41.79
N ALA D 239 58.65 -22.39 40.82
CA ALA D 239 59.55 -21.27 41.05
C ALA D 239 58.78 -20.03 41.53
N ASN D 240 57.58 -19.80 40.98
CA ASN D 240 56.74 -18.67 41.39
C ASN D 240 56.31 -18.92 42.84
N MET D 241 55.84 -20.12 43.18
CA MET D 241 55.42 -20.42 44.55
C MET D 241 56.59 -20.27 45.53
N GLY D 242 57.80 -20.62 45.11
CA GLY D 242 59.01 -20.51 45.94
C GLY D 242 59.47 -19.07 46.16
N SER D 243 59.27 -18.17 45.19
CA SER D 243 59.68 -16.75 45.24
C SER D 243 58.55 -15.83 45.70
N GLY D 244 57.68 -16.31 46.59
CA GLY D 244 56.53 -15.58 47.15
C GLY D 244 55.35 -15.42 46.21
N GLY D 245 55.48 -15.93 44.99
CA GLY D 245 54.48 -15.86 43.95
C GLY D 245 54.36 -14.48 43.33
N SER D 246 53.36 -14.42 42.47
CA SER D 246 52.81 -13.28 41.77
C SER D 246 51.52 -13.86 41.24
N GLU D 247 50.42 -13.25 41.66
CA GLU D 247 49.09 -13.70 41.27
C GLU D 247 48.89 -13.61 39.75
N LEU D 248 49.57 -12.64 39.14
CA LEU D 248 49.52 -12.40 37.70
C LEU D 248 50.18 -13.53 36.93
N VAL D 249 51.33 -14.00 37.43
CA VAL D 249 52.04 -15.10 36.78
C VAL D 249 51.30 -16.41 37.04
N ASP D 250 50.76 -16.61 38.23
CA ASP D 250 50.04 -17.85 38.53
C ASP D 250 48.80 -17.99 37.64
N LYS D 251 48.03 -16.91 37.52
CA LYS D 251 46.83 -16.92 36.70
C LYS D 251 47.17 -17.12 35.24
N LEU D 252 48.22 -16.47 34.75
CA LEU D 252 48.65 -16.63 33.38
C LEU D 252 49.10 -18.09 33.12
N VAL D 253 49.88 -18.68 34.04
CA VAL D 253 50.32 -20.06 33.88
C VAL D 253 49.13 -21.02 33.90
N PHE D 254 48.15 -20.77 34.77
CA PHE D 254 46.95 -21.60 34.85
C PHE D 254 46.16 -21.54 33.55
N ASP D 255 46.03 -20.34 32.98
CA ASP D 255 45.35 -20.16 31.71
C ASP D 255 46.05 -20.92 30.59
N LEU D 256 47.38 -20.84 30.52
CA LEU D 256 48.15 -21.53 29.49
C LEU D 256 48.03 -23.05 29.65
N GLN D 257 48.05 -23.56 30.89
CA GLN D 257 47.87 -24.99 31.16
C GLN D 257 46.48 -25.42 30.71
N SER D 258 45.44 -24.61 30.96
CA SER D 258 44.08 -24.93 30.54
C SER D 258 44.00 -24.97 29.01
N LYS D 259 44.66 -24.05 28.32
CA LYS D 259 44.67 -24.06 26.85
C LYS D 259 45.40 -25.30 26.33
N LEU D 260 46.54 -25.63 26.93
CA LEU D 260 47.29 -26.80 26.51
C LEU D 260 46.46 -28.07 26.66
N ASP D 261 45.71 -28.21 27.74
CA ASP D 261 44.85 -29.37 27.95
C ASP D 261 43.76 -29.46 26.87
N ARG D 262 43.18 -28.31 26.51
CA ARG D 262 42.17 -28.19 25.46
C ARG D 262 42.74 -28.61 24.11
N ILE D 263 43.96 -28.15 23.80
CA ILE D 263 44.67 -28.44 22.55
C ILE D 263 44.95 -29.94 22.45
N ILE D 264 45.37 -30.58 23.54
CA ILE D 264 45.65 -32.02 23.56
C ILE D 264 44.35 -32.83 23.47
N SER D 265 43.29 -32.41 24.16
CA SER D 265 42.00 -33.13 24.20
C SER D 265 41.27 -33.13 22.85
N TRP D 266 41.33 -32.00 22.16
CA TRP D 266 40.69 -31.83 20.87
C TRP D 266 41.09 -32.91 19.86
N GLY D 267 42.38 -33.25 19.75
CA GLY D 267 42.91 -34.25 18.81
C GLY D 267 42.30 -35.64 19.00
N GLN D 268 42.18 -36.08 20.25
CA GLN D 268 41.59 -37.40 20.55
C GLN D 268 40.11 -37.43 20.19
N GLN D 269 39.40 -36.35 20.49
CA GLN D 269 37.97 -36.20 20.21
C GLN D 269 37.73 -36.20 18.69
N ALA D 270 38.56 -35.48 17.93
CA ALA D 270 38.44 -35.44 16.47
C ALA D 270 38.67 -36.83 15.88
N ILE D 271 39.63 -37.59 16.42
CA ILE D 271 39.91 -38.95 15.96
C ILE D 271 38.69 -39.85 16.22
N ASP D 272 38.06 -39.77 17.40
CA ASP D 272 36.88 -40.58 17.69
C ASP D 272 35.72 -40.29 16.74
N LEU D 273 35.47 -39.01 16.47
CA LEU D 273 34.43 -38.61 15.54
C LEU D 273 34.74 -39.13 14.13
N TRP D 274 35.99 -39.02 13.68
CA TRP D 274 36.37 -39.48 12.35
C TRP D 274 36.24 -41.00 12.24
N ILE D 275 36.62 -41.73 13.30
CA ILE D 275 36.50 -43.19 13.35
C ILE D 275 35.03 -43.62 13.20
N GLY D 276 34.10 -42.95 13.91
CA GLY D 276 32.66 -43.27 13.82
C GLY D 276 32.17 -43.16 12.38
N TYR D 277 32.56 -42.08 11.70
CA TYR D 277 32.20 -41.86 10.31
C TYR D 277 32.85 -42.88 9.38
N ASP D 278 34.15 -43.12 9.55
CA ASP D 278 34.91 -44.06 8.75
C ASP D 278 34.31 -45.48 8.80
N ARG D 279 33.96 -45.94 10.02
CA ARG D 279 33.32 -47.25 10.23
C ARG D 279 31.99 -47.31 9.50
N HIS D 280 31.21 -46.24 9.61
CA HIS D 280 29.90 -46.13 8.99
C HIS D 280 29.98 -46.17 7.48
N VAL D 281 30.92 -45.43 6.88
CA VAL D 281 31.10 -45.46 5.44
C VAL D 281 31.57 -46.85 4.99
N HIS D 282 32.50 -47.48 5.69
CA HIS D 282 32.94 -48.82 5.32
C HIS D 282 31.81 -49.83 5.43
N LYS D 283 31.02 -49.76 6.51
CA LYS D 283 29.88 -50.65 6.68
C LYS D 283 28.92 -50.44 5.52
N PHE D 284 28.57 -49.19 5.22
CA PHE D 284 27.67 -48.88 4.12
C PHE D 284 28.16 -49.45 2.80
N ILE D 285 29.42 -49.20 2.44
CA ILE D 285 29.99 -49.71 1.20
C ILE D 285 29.91 -51.22 1.16
N ARG D 286 30.27 -51.91 2.25
CA ARG D 286 30.22 -53.38 2.30
C ARG D 286 28.80 -53.88 2.13
N THR D 287 27.85 -53.21 2.75
CA THR D 287 26.46 -53.58 2.62
C THR D 287 25.97 -53.40 1.18
N ALA D 288 26.33 -52.28 0.54
CA ALA D 288 25.95 -51.97 -0.84
C ALA D 288 26.59 -52.94 -1.85
N ILE D 289 27.89 -53.22 -1.71
CA ILE D 289 28.65 -54.10 -2.60
C ILE D 289 28.28 -55.58 -2.45
N ASP D 290 28.66 -56.12 -1.29
CA ASP D 290 28.66 -57.55 -1.02
C ASP D 290 27.36 -58.24 -0.69
N MET D 291 26.34 -57.56 -0.15
CA MET D 291 25.17 -58.35 0.27
C MET D 291 24.18 -58.65 -0.85
N ASP D 292 24.02 -57.78 -1.85
CA ASP D 292 23.29 -58.20 -3.06
C ASP D 292 24.24 -59.13 -3.83
N LYS D 293 23.86 -60.38 -4.15
CA LYS D 293 24.78 -61.36 -4.75
C LYS D 293 24.45 -61.69 -6.19
N ASN D 294 23.17 -61.81 -6.56
CA ASN D 294 22.80 -61.83 -7.99
C ASN D 294 23.10 -60.39 -8.48
N ARG D 295 23.02 -59.41 -7.54
CA ARG D 295 23.34 -57.98 -7.63
C ARG D 295 22.50 -57.16 -8.61
N ILE D 296 21.51 -57.39 -8.81
CA ILE D 296 20.26 -57.06 -9.57
C ILE D 296 19.44 -55.93 -8.94
N PHE D 297 18.89 -56.03 -7.73
CA PHE D 297 18.05 -54.95 -7.16
C PHE D 297 18.78 -53.84 -6.39
N SER D 298 19.97 -54.07 -5.84
CA SER D 298 20.71 -53.04 -5.10
C SER D 298 20.76 -51.73 -5.89
N GLN D 299 21.28 -51.78 -7.12
CA GLN D 299 21.39 -50.63 -8.01
C GLN D 299 20.00 -50.10 -8.37
N ARG D 300 19.12 -51.03 -8.75
CA ARG D 300 17.74 -50.83 -9.22
C ARG D 300 16.91 -50.00 -8.24
N LEU D 301 16.95 -50.34 -6.95
CA LEU D 301 16.18 -49.65 -5.91
C LEU D 301 16.92 -48.49 -5.26
N ARG D 302 18.23 -48.61 -4.99
CA ARG D 302 18.95 -47.48 -4.37
C ARG D 302 18.90 -46.25 -5.24
N GLN D 303 19.12 -46.36 -6.54
CA GLN D 303 19.07 -45.20 -7.40
C GLN D 303 17.67 -44.57 -7.41
N SER D 304 16.61 -45.37 -7.28
CA SER D 304 15.25 -44.83 -7.22
C SER D 304 15.08 -43.95 -5.98
N VAL D 305 15.51 -44.41 -4.80
CA VAL D 305 15.40 -43.60 -3.59
C VAL D 305 16.27 -42.36 -3.70
N GLN D 306 17.52 -42.49 -4.16
CA GLN D 306 18.44 -41.37 -4.29
C GLN D 306 17.91 -40.26 -5.20
N HIS D 307 17.21 -40.61 -6.28
CA HIS D 307 16.76 -39.63 -7.26
C HIS D 307 15.24 -39.42 -7.32
N TYR D 308 14.50 -39.86 -6.31
CA TYR D 308 13.04 -39.78 -6.29
C TYR D 308 12.47 -38.40 -6.65
N PHE D 309 13.07 -37.35 -6.10
CA PHE D 309 12.57 -35.99 -6.28
C PHE D 309 12.66 -35.46 -7.70
N ASP D 310 13.31 -36.15 -8.63
CA ASP D 310 13.35 -35.73 -10.03
C ASP D 310 12.05 -36.14 -10.75
N ASN D 311 11.30 -37.10 -10.20
CA ASN D 311 10.05 -37.59 -10.72
C ASN D 311 9.17 -38.13 -9.58
N PRO D 312 8.80 -37.29 -8.60
CA PRO D 312 8.01 -37.76 -7.49
C PRO D 312 6.68 -38.30 -7.97
N TRP D 313 6.34 -39.49 -7.50
CA TRP D 313 5.12 -40.20 -7.84
C TRP D 313 4.52 -40.77 -6.56
N THR D 314 3.21 -41.02 -6.54
CA THR D 314 2.46 -41.50 -5.38
C THR D 314 1.46 -42.60 -5.72
N LEU D 315 1.33 -43.61 -4.86
CA LEU D 315 0.39 -44.71 -5.08
C LEU D 315 -1.06 -44.33 -4.78
N THR D 316 -2.01 -45.10 -5.31
CA THR D 316 -3.44 -44.92 -5.08
C THR D 316 -3.97 -45.99 -4.12
N VAL D 317 -4.91 -45.63 -3.27
CA VAL D 317 -5.54 -46.55 -2.29
C VAL D 317 -7.02 -46.31 -2.17
N ALA D 318 -7.79 -47.34 -1.81
CA ALA D 318 -9.22 -47.18 -1.57
C ALA D 318 -9.38 -46.46 -0.24
N ASN D 319 -10.20 -45.43 -0.20
CA ASN D 319 -10.37 -44.59 0.97
C ASN D 319 -11.84 -44.28 1.24
N ALA D 320 -12.68 -45.31 1.34
CA ALA D 320 -14.07 -45.24 1.54
C ALA D 320 -14.42 -44.26 2.64
N GLU D 321 -15.51 -43.58 2.59
CA GLU D 321 -15.96 -42.58 3.50
C GLU D 321 -16.30 -43.16 4.85
N ARG D 322 -16.05 -42.43 5.93
CA ARG D 322 -16.46 -42.83 7.28
C ARG D 322 -17.94 -42.48 7.47
N LEU D 323 -18.66 -43.25 8.28
CA LEU D 323 -20.02 -43.15 8.65
C LEU D 323 -20.25 -41.98 9.57
N LEU D 324 -20.79 -40.88 9.17
CA LEU D 324 -21.15 -39.75 9.91
C LEU D 324 -22.21 -40.07 10.93
N ASP D 325 -22.10 -39.72 12.16
CA ASP D 325 -22.98 -39.88 13.25
C ASP D 325 -23.23 -38.62 14.00
N MET D 326 -24.30 -38.48 14.71
CA MET D 326 -24.65 -37.44 15.58
C MET D 326 -23.63 -37.33 16.69
N ARG D 327 -23.16 -36.13 16.97
CA ARG D 327 -22.36 -35.94 18.17
C ARG D 327 -23.29 -36.11 19.36
N ASP D 328 -22.88 -36.92 20.31
CA ASP D 328 -23.56 -37.18 21.51
C ASP D 328 -23.59 -35.96 22.41
N GLU D 329 -24.69 -35.35 22.65
CA GLU D 329 -24.93 -34.32 23.59
C GLU D 329 -24.91 -34.87 24.99
N GLU D 330 -24.61 -34.10 25.98
CA GLU D 330 -24.63 -34.45 27.35
C GLU D 330 -25.94 -35.08 27.70
N LEU D 331 -25.92 -36.25 28.32
CA LEU D 331 -27.16 -36.97 28.60
C LEU D 331 -28.02 -36.19 29.58
N ALA D 332 -29.27 -35.95 29.19
CA ALA D 332 -30.23 -35.19 29.98
C ALA D 332 -31.39 -36.11 30.35
N LEU D 333 -31.42 -36.54 31.61
CA LEU D 333 -32.48 -37.40 32.10
C LEU D 333 -33.68 -36.57 32.53
N ARG D 334 -34.80 -37.25 32.75
CA ARG D 334 -36.04 -36.62 33.20
C ARG D 334 -36.17 -36.76 34.70
N ASN D 335 -36.14 -35.63 35.41
CA ASN D 335 -36.28 -35.58 36.86
C ASN D 335 -37.56 -34.83 37.20
N GLU D 336 -38.42 -35.46 38.02
CA GLU D 336 -39.73 -34.87 38.31
C GLU D 336 -40.17 -34.96 39.76
N GLU D 337 -39.40 -35.59 40.65
CA GLU D 337 -39.76 -35.67 42.06
C GLU D 337 -41.18 -36.20 42.24
N VAL D 338 -41.42 -37.39 41.69
CA VAL D 338 -42.76 -37.97 41.71
C VAL D 338 -43.14 -38.36 43.13
N THR D 339 -44.42 -38.25 43.44
CA THR D 339 -44.97 -38.61 44.74
C THR D 339 -46.27 -39.37 44.53
N GLY D 340 -46.70 -40.08 45.55
CA GLY D 340 -47.95 -40.82 45.46
C GLY D 340 -48.30 -41.48 46.77
N GLU D 341 -49.55 -41.92 46.87
CA GLU D 341 -50.04 -42.60 48.05
C GLU D 341 -49.56 -44.04 48.08
N LEU D 342 -49.08 -44.48 49.24
CA LEU D 342 -48.41 -45.77 49.34
C LEU D 342 -49.43 -46.88 49.65
N PRO D 343 -49.36 -48.03 48.97
CA PRO D 343 -50.42 -49.04 49.12
C PRO D 343 -50.49 -49.64 50.52
N LEU D 344 -51.68 -50.14 50.86
CA LEU D 344 -51.99 -50.77 52.14
C LEU D 344 -51.65 -52.25 52.12
N GLU D 345 -52.06 -52.95 53.19
CA GLU D 345 -51.86 -54.39 53.28
C GLU D 345 -52.78 -55.13 52.32
N LEU D 346 -52.30 -56.27 51.81
CA LEU D 346 -52.99 -57.00 50.77
C LEU D 346 -54.24 -57.69 51.31
N GLU D 347 -55.36 -57.57 50.58
CA GLU D 347 -56.60 -58.25 50.91
C GLU D 347 -56.66 -59.62 50.23
N TYR D 348 -57.81 -60.28 50.35
CA TYR D 348 -57.96 -61.64 49.82
C TYR D 348 -59.40 -61.90 49.40
N GLU D 349 -59.55 -62.92 48.56
CA GLU D 349 -60.82 -63.34 47.99
C GLU D 349 -60.75 -64.85 47.73
N GLU D 350 -61.89 -65.52 47.80
CA GLU D 350 -61.93 -66.98 47.84
C GLU D 350 -62.80 -67.56 46.72
N PHE D 351 -62.48 -68.79 46.34
CA PHE D 351 -63.22 -69.50 45.29
C PHE D 351 -64.37 -70.33 45.86
N SER D 352 -65.32 -70.66 44.98
CA SER D 352 -66.46 -71.50 45.30
C SER D 352 -66.28 -72.88 44.67
N GLU D 353 -66.64 -73.93 45.40
CA GLU D 353 -66.47 -75.31 44.96
C GLU D 353 -67.78 -75.96 44.50
N ILE D 354 -68.78 -75.16 44.16
CA ILE D 354 -70.09 -75.70 43.78
C ILE D 354 -69.96 -76.62 42.55
N ASN D 355 -69.15 -76.22 41.56
CA ASN D 355 -69.03 -77.02 40.35
C ASN D 355 -68.32 -78.34 40.61
N ASP D 356 -67.34 -78.37 41.51
CA ASP D 356 -66.69 -79.63 41.86
C ASP D 356 -67.68 -80.59 42.51
N GLN D 357 -68.50 -80.06 43.41
CA GLN D 357 -69.55 -80.87 44.02
C GLN D 357 -70.49 -81.43 42.95
N LEU D 358 -70.88 -80.58 42.00
CA LEU D 358 -71.74 -81.02 40.91
C LEU D 358 -71.10 -82.16 40.14
N ALA D 359 -69.81 -82.04 39.82
CA ALA D 359 -69.10 -83.11 39.14
C ALA D 359 -69.14 -84.39 39.97
N ALA D 360 -69.01 -84.27 41.29
CA ALA D 360 -69.03 -85.47 42.14
C ALA D 360 -70.40 -86.17 42.06
N MET D 361 -71.49 -85.41 42.22
CA MET D 361 -72.79 -86.08 42.12
C MET D 361 -72.95 -86.74 40.76
N ILE D 362 -72.58 -86.06 39.67
CA ILE D 362 -72.81 -86.64 38.35
C ILE D 362 -71.98 -87.91 38.16
N GLU D 363 -70.70 -87.88 38.55
CA GLU D 363 -69.87 -89.06 38.30
C GLU D 363 -70.38 -90.24 39.13
N LYS D 364 -70.77 -90.01 40.38
CA LYS D 364 -71.34 -91.10 41.17
C LYS D 364 -72.62 -91.63 40.51
N ALA D 365 -73.47 -90.73 40.03
CA ALA D 365 -74.72 -91.19 39.42
C ALA D 365 -74.48 -91.97 38.13
N LEU D 366 -73.42 -91.63 37.40
CA LEU D 366 -73.16 -92.25 36.10
C LEU D 366 -72.35 -93.53 36.18
N LEU D 367 -71.66 -93.79 37.29
CA LEU D 367 -70.77 -94.96 37.35
C LEU D 367 -71.51 -96.27 37.06
N VAL D 368 -72.82 -96.33 37.32
CA VAL D 368 -73.54 -97.60 37.18
C VAL D 368 -73.51 -98.10 35.74
N TYR D 369 -73.61 -97.19 34.77
CA TYR D 369 -73.69 -97.59 33.38
C TYR D 369 -72.48 -98.42 32.97
N GLN D 370 -71.28 -98.00 33.36
CA GLN D 370 -70.09 -98.76 33.04
C GLN D 370 -70.13 -100.12 33.74
N GLN D 371 -70.43 -100.13 35.04
CA GLN D 371 -70.36 -101.36 35.80
C GLN D 371 -71.29 -102.43 35.22
N GLU D 372 -72.50 -102.04 34.82
CA GLU D 372 -73.37 -102.98 34.12
C GLU D 372 -73.12 -103.01 32.62
N GLN D 373 -72.27 -102.12 32.10
CA GLN D 373 -72.05 -102.04 30.66
C GLN D 373 -73.36 -101.79 29.91
N ARG D 374 -74.22 -100.98 30.52
CA ARG D 374 -75.51 -100.68 29.95
C ARG D 374 -75.37 -99.63 28.85
N PRO D 375 -76.01 -99.80 27.69
CA PRO D 375 -75.94 -98.76 26.66
C PRO D 375 -76.45 -97.43 27.19
N LEU D 376 -75.68 -96.38 26.93
CA LEU D 376 -75.97 -95.03 27.42
C LEU D 376 -76.39 -94.13 26.25
N ASP D 377 -77.51 -93.43 26.42
CA ASP D 377 -78.00 -92.44 25.47
C ASP D 377 -77.97 -91.07 26.12
N LEU D 378 -77.21 -90.14 25.51
CA LEU D 378 -77.09 -88.80 26.10
C LEU D 378 -78.42 -88.09 26.15
N GLY D 379 -79.27 -88.27 25.14
CA GLY D 379 -80.54 -87.57 25.12
C GLY D 379 -81.36 -87.83 26.37
N ALA D 380 -81.65 -89.10 26.63
CA ALA D 380 -82.46 -89.45 27.78
C ALA D 380 -81.80 -89.04 29.08
N VAL D 381 -80.50 -89.28 29.21
CA VAL D 381 -79.82 -88.99 30.47
C VAL D 381 -79.85 -87.49 30.75
N LEU D 382 -79.57 -86.67 29.73
CA LEU D 382 -79.60 -85.24 29.92
C LEU D 382 -81.00 -84.76 30.26
N ARG D 383 -82.02 -85.29 29.57
CA ARG D 383 -83.39 -84.86 29.86
C ARG D 383 -83.78 -85.21 31.29
N ASP D 384 -83.42 -86.40 31.77
CA ASP D 384 -83.74 -86.78 33.14
C ASP D 384 -82.95 -85.95 34.14
N TYR D 385 -81.67 -85.69 33.87
CA TYR D 385 -80.80 -85.04 34.84
C TYR D 385 -81.00 -83.54 34.91
N LEU D 386 -81.38 -82.88 33.81
CA LEU D 386 -81.64 -81.44 33.88
C LEU D 386 -82.87 -81.12 34.70
N ALA D 387 -83.80 -82.06 34.83
CA ALA D 387 -85.01 -81.80 35.61
C ALA D 387 -84.69 -81.56 37.09
N GLN D 388 -83.49 -81.93 37.54
CA GLN D 388 -83.13 -81.82 38.94
C GLN D 388 -82.50 -80.48 39.30
N HIS D 389 -82.35 -79.56 38.34
CA HIS D 389 -81.77 -78.25 38.61
C HIS D 389 -82.56 -77.18 37.88
N PRO D 390 -82.49 -75.93 38.36
CA PRO D 390 -83.20 -74.84 37.70
C PRO D 390 -82.54 -74.41 36.40
N LEU D 391 -83.32 -73.70 35.59
CA LEU D 391 -82.91 -73.33 34.23
C LEU D 391 -81.57 -72.61 34.15
N PRO D 392 -81.29 -71.60 34.98
CA PRO D 392 -80.03 -70.88 34.80
C PRO D 392 -78.79 -71.76 34.87
N ARG D 393 -78.86 -72.87 35.60
CA ARG D 393 -77.72 -73.77 35.76
C ARG D 393 -77.67 -74.90 34.73
N HIS D 394 -78.66 -75.00 33.84
CA HIS D 394 -78.70 -76.14 32.92
C HIS D 394 -77.43 -76.24 32.07
N PHE D 395 -76.99 -75.12 31.51
CA PHE D 395 -75.85 -75.15 30.59
C PHE D 395 -74.63 -75.80 31.24
N ASP D 396 -74.29 -75.37 32.45
CA ASP D 396 -73.13 -75.94 33.13
C ASP D 396 -73.32 -77.42 33.41
N VAL D 397 -74.52 -77.82 33.79
CA VAL D 397 -74.80 -79.23 34.06
C VAL D 397 -74.60 -80.03 32.79
N ALA D 398 -75.12 -79.54 31.66
CA ALA D 398 -74.94 -80.23 30.40
C ALA D 398 -73.47 -80.41 30.07
N ARG D 399 -72.71 -79.31 30.16
CA ARG D 399 -71.28 -79.41 29.86
C ARG D 399 -70.60 -80.47 30.72
N ILE D 400 -70.81 -80.40 32.03
CA ILE D 400 -70.11 -81.32 32.93
C ILE D 400 -70.54 -82.75 32.66
N LEU D 401 -71.84 -82.98 32.45
CA LEU D 401 -72.30 -84.33 32.19
C LEU D 401 -71.67 -84.90 30.93
N VAL D 402 -71.57 -84.09 29.88
CA VAL D 402 -70.90 -84.56 28.67
C VAL D 402 -69.44 -84.88 28.98
N ASP D 403 -68.77 -84.02 29.75
CA ASP D 403 -67.37 -84.30 30.08
C ASP D 403 -67.23 -85.66 30.75
N GLN D 404 -68.15 -86.00 31.66
CA GLN D 404 -68.03 -87.28 32.36
C GLN D 404 -68.42 -88.44 31.45
N ALA D 405 -69.41 -88.26 30.57
CA ALA D 405 -69.94 -89.39 29.82
C ALA D 405 -68.98 -89.88 28.74
N VAL D 406 -68.25 -88.97 28.11
CA VAL D 406 -67.44 -89.35 26.96
C VAL D 406 -66.28 -90.26 27.34
N ARG D 407 -65.89 -90.27 28.62
CA ARG D 407 -64.79 -91.12 29.05
C ARG D 407 -65.18 -92.60 29.05
N LEU D 408 -66.48 -92.92 28.98
CA LEU D 408 -66.95 -94.30 29.06
C LEU D 408 -67.19 -94.84 27.67
N GLY D 409 -66.21 -95.58 27.14
CA GLY D 409 -66.39 -96.27 25.88
C GLY D 409 -66.56 -95.33 24.69
N VAL D 410 -66.91 -95.94 23.56
CA VAL D 410 -67.12 -95.23 22.31
C VAL D 410 -68.43 -95.70 21.70
N ALA D 411 -68.90 -94.95 20.71
CA ALA D 411 -70.09 -95.29 19.95
C ALA D 411 -69.67 -95.88 18.61
N GLU D 412 -69.99 -97.16 18.40
CA GLU D 412 -69.59 -97.84 17.17
C GLU D 412 -70.29 -97.28 15.95
N ALA D 413 -71.44 -96.63 16.12
CA ALA D 413 -72.17 -96.09 14.97
C ALA D 413 -71.39 -95.00 14.25
N ASP D 414 -70.39 -94.40 14.90
CA ASP D 414 -69.69 -93.27 14.30
C ASP D 414 -69.01 -93.64 13.00
N PHE D 415 -68.70 -94.92 12.79
CA PHE D 415 -68.02 -95.38 11.60
C PHE D 415 -68.99 -95.78 10.48
N SER D 416 -70.28 -95.54 10.66
CA SER D 416 -71.28 -95.91 9.66
C SER D 416 -71.45 -94.87 8.57
N GLY D 417 -70.90 -93.67 8.75
CA GLY D 417 -71.13 -92.60 7.80
C GLY D 417 -72.49 -91.95 7.90
N LEU D 418 -73.25 -92.23 8.96
CA LEU D 418 -74.60 -91.72 9.12
C LEU D 418 -74.65 -90.70 10.25
N PRO D 419 -74.89 -89.41 9.98
CA PRO D 419 -74.91 -88.42 11.05
C PRO D 419 -76.05 -88.66 12.03
N ALA D 420 -75.84 -88.24 13.28
CA ALA D 420 -76.86 -88.31 14.31
C ALA D 420 -77.76 -87.07 14.28
N GLU D 421 -78.93 -87.21 14.88
CA GLU D 421 -79.92 -86.14 14.91
C GLU D 421 -79.73 -85.26 16.15
N TRP D 422 -80.37 -84.09 16.13
CA TRP D 422 -80.32 -83.15 17.24
C TRP D 422 -81.54 -83.39 18.14
N LEU D 423 -81.30 -84.05 19.27
CA LEU D 423 -82.36 -84.37 20.21
C LEU D 423 -82.62 -83.21 21.17
N ALA D 424 -83.88 -82.93 21.43
CA ALA D 424 -84.25 -81.94 22.43
C ALA D 424 -84.20 -82.56 23.82
N ILE D 425 -83.76 -81.78 24.80
CA ILE D 425 -83.57 -82.26 26.17
C ILE D 425 -84.28 -81.44 27.22
N ASN D 426 -84.94 -80.35 26.84
CA ASN D 426 -85.71 -79.55 27.80
C ASN D 426 -86.53 -78.54 27.00
N ASP D 427 -87.36 -77.80 27.72
CA ASP D 427 -88.16 -76.75 27.10
C ASP D 427 -87.26 -75.51 26.98
N TYR D 428 -87.77 -74.46 26.30
CA TYR D 428 -86.95 -73.31 25.95
C TYR D 428 -85.96 -73.63 24.82
N GLY D 429 -85.88 -74.89 24.39
CA GLY D 429 -85.22 -75.20 23.14
C GLY D 429 -83.73 -75.48 23.20
N ALA D 430 -83.30 -76.44 24.03
CA ALA D 430 -81.93 -76.90 24.03
C ALA D 430 -81.84 -78.25 23.32
N LYS D 431 -80.72 -78.48 22.63
CA LYS D 431 -80.57 -79.63 21.75
C LYS D 431 -79.24 -80.30 22.02
N VAL D 432 -79.15 -81.59 21.66
CA VAL D 432 -77.92 -82.37 21.81
C VAL D 432 -77.76 -83.28 20.60
N GLN D 433 -76.51 -83.54 20.22
CA GLN D 433 -76.18 -84.44 19.12
C GLN D 433 -75.15 -85.44 19.59
N ALA D 434 -75.50 -86.73 19.57
CA ALA D 434 -74.55 -87.76 19.95
C ALA D 434 -75.13 -89.14 19.61
N HIS D 435 -74.27 -90.02 19.12
CA HIS D 435 -74.65 -91.41 18.94
C HIS D 435 -74.65 -92.15 20.26
N VAL D 436 -75.38 -93.27 20.29
CA VAL D 436 -75.44 -94.10 21.49
C VAL D 436 -74.08 -94.73 21.74
N ILE D 437 -73.72 -94.85 23.01
CA ILE D 437 -72.44 -95.43 23.41
C ILE D 437 -72.63 -96.93 23.56
N ASP D 438 -71.93 -97.71 22.74
CA ASP D 438 -72.08 -99.17 22.72
C ASP D 438 -70.84 -99.91 23.16
N THR D 439 -69.65 -99.49 22.74
CA THR D 439 -68.42 -100.24 22.98
C THR D 439 -67.76 -99.73 24.26
N TYR D 440 -67.81 -100.55 25.31
CA TYR D 440 -67.20 -100.19 26.59
C TYR D 440 -65.94 -101.04 26.83
N SER E 2 7.59 83.27 2.67
CA SER E 2 6.71 83.55 1.49
C SER E 2 6.33 82.28 0.75
N SER E 3 5.40 82.41 -0.20
CA SER E 3 4.93 81.27 -0.97
C SER E 3 5.97 80.84 -1.99
N THR E 4 5.78 79.65 -2.54
CA THR E 4 6.71 79.07 -3.52
C THR E 4 8.13 79.13 -2.99
N HIS E 5 8.32 78.57 -1.79
CA HIS E 5 9.56 78.65 -1.06
C HIS E 5 9.87 77.27 -0.47
N ILE E 6 11.09 76.79 -0.71
CA ILE E 6 11.40 75.39 -0.39
C ILE E 6 10.97 75.06 1.03
N GLU E 7 11.16 75.99 1.96
CA GLU E 7 10.88 75.71 3.36
C GLU E 7 9.42 75.33 3.60
N GLN E 8 8.51 75.71 2.71
CA GLN E 8 7.11 75.37 2.90
C GLN E 8 6.91 73.85 2.93
N PHE E 9 7.68 73.11 2.13
CA PHE E 9 7.46 71.68 1.96
C PHE E 9 8.58 70.84 2.55
N MET E 10 9.79 71.36 2.63
CA MET E 10 10.93 70.56 3.04
C MET E 10 12.03 71.38 3.71
N PRO E 11 12.71 70.83 4.72
CA PRO E 11 13.89 71.49 5.25
C PRO E 11 14.96 71.67 4.19
N VAL E 12 15.68 72.79 4.26
CA VAL E 12 16.68 73.10 3.25
C VAL E 12 17.77 72.04 3.23
N LYS E 13 18.23 71.62 4.42
CA LYS E 13 19.34 70.65 4.46
C LYS E 13 18.93 69.33 3.83
N LEU E 14 17.68 68.90 4.03
CA LEU E 14 17.24 67.64 3.44
C LEU E 14 17.19 67.74 1.92
N ALA E 15 16.63 68.82 1.40
CA ALA E 15 16.62 69.02 -0.04
C ALA E 15 18.04 69.08 -0.60
N GLN E 16 18.93 69.76 0.13
CA GLN E 16 20.33 69.84 -0.28
C GLN E 16 20.96 68.46 -0.35
N ALA E 17 20.65 67.61 0.62
CA ALA E 17 21.18 66.24 0.58
C ALA E 17 20.63 65.46 -0.60
N LEU E 18 19.31 65.48 -0.78
CA LEU E 18 18.70 64.69 -1.86
C LEU E 18 19.17 65.16 -3.23
N ALA E 19 19.59 66.41 -3.35
CA ALA E 19 20.06 66.93 -4.63
C ALA E 19 21.51 66.55 -4.92
N ASN E 20 22.21 65.95 -3.96
CA ASN E 20 23.62 65.64 -4.15
C ASN E 20 23.79 64.51 -5.16
N SER E 21 24.96 64.50 -5.80
CA SER E 21 25.23 63.51 -6.85
C SER E 21 25.49 62.12 -6.30
N LEU E 22 25.82 61.94 -5.07
CA LEU E 22 26.04 60.73 -4.38
C LEU E 22 24.81 60.00 -3.94
N PHE E 23 23.70 60.73 -3.83
CA PHE E 23 22.49 60.14 -3.25
C PHE E 23 21.96 58.95 -4.01
N PRO E 24 21.79 58.98 -5.33
CA PRO E 24 21.13 57.83 -5.98
C PRO E 24 21.89 56.52 -5.79
N GLU E 25 23.16 56.46 -5.97
CA GLU E 25 24.00 55.36 -5.72
C GLU E 25 23.77 54.79 -4.35
N LEU E 26 23.88 55.60 -3.35
CA LEU E 26 23.79 55.30 -1.97
C LEU E 26 22.45 54.75 -1.60
N ASP E 27 21.39 55.36 -2.04
CA ASP E 27 20.05 54.98 -1.86
C ASP E 27 19.79 53.59 -2.39
N SER E 28 20.17 53.34 -3.59
CA SER E 28 20.08 52.10 -4.26
C SER E 28 20.74 51.01 -3.47
N GLN E 29 21.93 51.21 -3.04
CA GLN E 29 22.72 50.31 -2.29
C GLN E 29 22.11 50.00 -0.94
N LEU E 30 21.73 50.99 -0.19
CA LEU E 30 21.16 50.93 1.09
C LEU E 30 19.92 50.08 1.10
N ARG E 31 19.02 50.31 0.20
CA ARG E 31 17.85 49.55 0.01
C ARG E 31 18.15 48.10 -0.24
N ALA E 32 19.26 47.80 -0.91
CA ALA E 32 19.67 46.44 -1.21
C ALA E 32 20.28 45.70 -0.02
N GLY E 33 20.49 46.39 1.10
CA GLY E 33 21.02 45.82 2.34
C GLY E 33 22.51 46.05 2.59
N ARG E 34 23.22 46.81 1.76
CA ARG E 34 24.65 47.02 1.94
C ARG E 34 24.95 47.80 3.21
N HIS E 35 25.99 47.39 3.94
CA HIS E 35 26.45 48.11 5.12
C HIS E 35 27.51 49.11 4.70
N ILE E 36 27.62 50.26 5.36
CA ILE E 36 28.60 51.28 5.00
C ILE E 36 29.59 51.49 6.14
N GLY E 37 30.87 51.25 5.89
CA GLY E 37 31.95 51.38 6.87
C GLY E 37 32.77 52.65 6.68
N ILE E 38 33.92 52.74 7.33
CA ILE E 38 34.81 53.90 7.24
C ILE E 38 35.66 53.98 5.99
N ASP E 39 35.92 52.87 5.30
CA ASP E 39 36.84 52.85 4.18
C ASP E 39 36.32 53.57 2.94
N ASP E 40 35.05 53.45 2.60
CA ASP E 40 34.46 54.13 1.47
C ASP E 40 34.08 55.55 1.88
N LEU E 41 35.10 56.41 1.95
CA LEU E 41 35.08 57.74 2.40
C LEU E 41 33.93 58.56 1.88
N ASP E 42 33.75 58.61 0.61
CA ASP E 42 32.77 59.40 -0.04
C ASP E 42 31.43 59.21 0.60
N ASN E 43 30.96 58.01 0.61
CA ASN E 43 29.71 57.57 1.11
C ASN E 43 29.55 57.81 2.58
N HIS E 44 30.52 57.45 3.36
CA HIS E 44 30.57 57.54 4.76
C HIS E 44 30.48 58.96 5.24
N ALA E 45 31.27 59.83 4.70
CA ALA E 45 31.28 61.22 4.90
C ALA E 45 29.94 61.84 4.58
N PHE E 46 29.36 61.52 3.47
CA PHE E 46 28.07 61.93 3.09
C PHE E 46 27.04 61.58 4.13
N LEU E 47 27.02 60.38 4.60
CA LEU E 47 26.17 59.88 5.61
C LEU E 47 26.29 60.68 6.88
N MET E 48 27.47 60.92 7.33
CA MET E 48 27.79 61.67 8.48
C MET E 48 27.26 63.08 8.39
N ASP E 49 27.43 63.69 7.22
CA ASP E 49 27.07 65.10 7.08
C ASP E 49 25.57 65.33 7.29
N PHE E 50 24.73 64.45 6.75
CA PHE E 50 23.28 64.64 6.78
C PHE E 50 22.55 63.53 7.54
N GLN E 51 23.11 62.94 8.54
CA GLN E 51 22.60 61.82 9.25
C GLN E 51 21.14 61.97 9.61
N GLU E 52 20.83 63.05 10.31
CA GLU E 52 19.48 63.22 10.85
C GLU E 52 18.46 63.39 9.73
N GLN E 53 18.82 64.09 8.65
CA GLN E 53 17.90 64.25 7.54
C GLN E 53 17.58 62.92 6.90
N LEU E 54 18.52 62.06 6.66
CA LEU E 54 18.36 60.77 6.13
C LEU E 54 17.50 59.89 7.02
N GLU E 55 17.72 59.90 8.29
CA GLU E 55 16.96 59.20 9.25
C GLU E 55 15.51 59.60 9.20
N GLU E 56 15.21 60.85 9.19
CA GLU E 56 13.92 61.40 9.12
C GLU E 56 13.21 61.04 7.83
N PHE E 57 13.91 61.07 6.74
CA PHE E 57 13.49 60.73 5.43
C PHE E 57 13.01 59.30 5.35
N TYR E 58 13.87 58.37 5.61
CA TYR E 58 13.64 56.98 5.60
C TYR E 58 12.56 56.55 6.55
N ALA E 59 12.33 57.27 7.60
CA ALA E 59 11.29 57.07 8.53
C ALA E 59 9.94 57.00 7.89
N ARG E 60 9.74 57.69 6.80
CA ARG E 60 8.56 57.71 6.03
C ARG E 60 8.18 56.34 5.54
N TYR E 61 9.11 55.49 5.28
CA TYR E 61 9.05 54.15 4.85
C TYR E 61 8.83 53.14 5.94
N ASN E 62 8.81 53.51 7.18
CA ASN E 62 8.80 52.65 8.29
C ASN E 62 10.05 51.81 8.37
N VAL E 63 11.20 52.37 8.21
CA VAL E 63 12.50 51.82 8.33
C VAL E 63 13.44 52.72 9.08
N GLU E 64 14.24 52.25 9.97
CA GLU E 64 15.25 52.90 10.72
C GLU E 64 16.57 52.88 10.01
N LEU E 65 17.19 53.97 9.73
CA LEU E 65 18.54 54.16 9.38
C LEU E 65 19.40 54.12 10.61
N ILE E 66 20.17 53.09 10.85
CA ILE E 66 20.89 52.88 12.09
C ILE E 66 22.37 52.96 11.90
N ARG E 67 23.03 53.43 12.95
CA ARG E 67 24.40 53.65 13.18
C ARG E 67 24.96 52.80 14.29
N ALA E 68 25.72 51.78 13.98
CA ALA E 68 26.31 50.92 15.00
C ALA E 68 27.46 51.66 15.69
N PRO E 69 27.82 51.30 16.92
CA PRO E 69 28.93 51.93 17.62
C PRO E 69 30.24 51.89 16.89
N GLU E 70 30.47 50.88 16.08
CA GLU E 70 31.68 50.74 15.32
C GLU E 70 31.77 51.75 14.17
N GLY E 71 30.73 52.56 13.97
CA GLY E 71 30.72 53.61 12.96
C GLY E 71 30.10 53.23 11.63
N PHE E 72 29.45 52.08 11.51
CA PHE E 72 28.85 51.66 10.25
C PHE E 72 27.33 51.81 10.27
N PHE E 73 26.77 52.31 9.17
CA PHE E 73 25.41 52.53 8.88
C PHE E 73 24.74 51.35 8.24
N TYR E 74 23.45 51.19 8.44
CA TYR E 74 22.64 50.17 7.79
C TYR E 74 21.17 50.45 8.06
N LEU E 75 20.31 49.77 7.36
CA LEU E 75 18.89 49.82 7.34
C LEU E 75 18.27 48.69 8.11
N ARG E 76 17.34 48.95 9.02
CA ARG E 76 16.61 47.93 9.75
C ARG E 76 15.12 48.19 9.55
N PRO E 77 14.40 47.33 8.82
CA PRO E 77 12.98 47.54 8.59
C PRO E 77 12.12 47.24 9.81
N ARG E 78 10.99 47.93 9.98
CA ARG E 78 10.04 47.64 11.06
C ARG E 78 9.06 46.55 10.62
N SER E 79 8.15 46.12 11.48
CA SER E 79 7.16 45.11 11.12
C SER E 79 6.20 45.61 10.03
N THR E 80 5.86 46.90 10.03
CA THR E 80 5.06 47.60 9.10
C THR E 80 5.82 48.16 7.93
N THR E 81 7.01 47.63 7.67
CA THR E 81 7.90 48.19 6.66
C THR E 81 7.27 48.23 5.29
N LEU E 82 7.58 49.31 4.58
CA LEU E 82 7.30 49.55 3.22
C LEU E 82 8.24 48.84 2.29
N ILE E 83 9.40 48.39 2.78
CA ILE E 83 10.47 47.70 2.04
C ILE E 83 10.63 46.28 2.61
N PRO E 84 10.69 45.22 1.79
CA PRO E 84 10.81 43.87 2.30
C PRO E 84 12.03 43.63 3.18
N ARG E 85 11.94 42.64 4.04
CA ARG E 85 12.98 42.25 4.99
C ARG E 85 13.27 40.76 4.83
N SER E 86 14.53 40.37 4.96
CA SER E 86 14.97 38.98 4.80
C SER E 86 16.00 38.61 5.84
N VAL E 87 16.27 37.32 5.99
CA VAL E 87 17.20 36.80 7.00
C VAL E 87 18.33 36.00 6.39
N LEU E 88 19.50 36.01 7.03
CA LEU E 88 20.67 35.26 6.57
C LEU E 88 20.57 33.79 6.94
N SER E 89 21.25 32.92 6.21
CA SER E 89 21.31 31.47 6.45
C SER E 89 22.28 31.15 7.58
N GLU E 90 22.13 30.00 8.25
CA GLU E 90 23.03 29.61 9.32
C GLU E 90 24.46 29.43 8.84
N LEU E 91 24.70 29.00 7.60
CA LEU E 91 26.09 28.92 7.13
C LEU E 91 26.68 30.32 7.05
N ASP E 92 25.89 31.30 6.62
CA ASP E 92 26.32 32.69 6.57
C ASP E 92 26.72 33.11 7.97
N MET E 93 25.97 32.72 9.00
CA MET E 93 26.32 33.03 10.37
C MET E 93 27.63 32.41 10.79
N MET E 94 27.87 31.15 10.46
CA MET E 94 29.12 30.51 10.81
C MET E 94 30.25 31.28 10.19
N VAL E 95 30.17 31.58 8.90
CA VAL E 95 31.23 32.35 8.25
C VAL E 95 31.31 33.76 8.84
N GLY E 96 30.19 34.36 9.24
CA GLY E 96 30.17 35.70 9.82
C GLY E 96 30.88 35.75 11.16
N LYS E 97 30.54 34.86 12.10
CA LYS E 97 31.19 34.84 13.40
C LYS E 97 32.66 34.52 13.25
N ILE E 98 33.06 33.64 12.33
CA ILE E 98 34.47 33.37 12.12
C ILE E 98 35.17 34.61 11.56
N LEU E 99 34.58 35.32 10.60
CA LEU E 99 35.19 36.54 10.06
C LEU E 99 35.38 37.57 11.19
N CYS E 100 34.42 37.62 12.12
CA CYS E 100 34.51 38.49 13.27
C CYS E 100 35.74 38.12 14.11
N TYR E 101 35.89 36.86 14.51
CA TYR E 101 37.06 36.45 15.31
C TYR E 101 38.34 36.76 14.53
N LEU E 102 38.38 36.53 13.22
CA LEU E 102 39.54 36.86 12.42
C LEU E 102 39.86 38.35 12.52
N TYR E 103 38.88 39.25 12.45
CA TYR E 103 39.16 40.67 12.56
C TYR E 103 39.82 41.05 13.87
N LEU E 104 39.35 40.45 14.96
CA LEU E 104 39.88 40.72 16.28
C LEU E 104 41.27 40.18 16.48
N SER E 105 41.56 39.01 15.93
CA SER E 105 42.81 38.33 16.15
C SER E 105 44.07 39.18 15.92
N PRO E 106 44.79 39.61 16.98
CA PRO E 106 46.03 40.35 16.81
C PRO E 106 47.13 39.46 16.23
N GLU E 107 47.03 38.14 16.40
CA GLU E 107 48.00 37.19 15.89
C GLU E 107 48.16 37.27 14.37
N ARG E 108 47.09 37.64 13.66
CA ARG E 108 47.09 37.77 12.20
C ARG E 108 47.05 39.23 11.73
N LEU E 109 47.13 40.20 12.63
CA LEU E 109 47.11 41.62 12.27
C LEU E 109 48.29 41.99 11.35
N ALA E 110 49.40 41.28 11.47
CA ALA E 110 50.60 41.47 10.65
C ALA E 110 50.33 41.31 9.15
N ASN E 111 49.29 40.55 8.76
CA ASN E 111 48.89 40.37 7.36
C ASN E 111 48.39 41.69 6.73
N GLN E 112 48.16 42.73 7.53
CA GLN E 112 47.60 44.01 7.10
C GLN E 112 46.18 43.85 6.55
N GLY E 113 45.41 42.91 7.11
CA GLY E 113 44.03 42.64 6.71
C GLY E 113 43.85 41.66 5.58
N ILE E 114 44.89 41.25 4.87
CA ILE E 114 44.72 40.34 3.74
C ILE E 114 44.70 38.89 4.21
N PHE E 115 43.59 38.22 3.99
CA PHE E 115 43.37 36.82 4.34
C PHE E 115 43.05 36.00 3.10
N THR E 116 43.24 34.69 3.17
CA THR E 116 43.00 33.75 2.07
C THR E 116 41.87 32.81 2.44
N SER E 117 41.06 32.38 1.46
CA SER E 117 39.93 31.48 1.74
C SER E 117 40.34 30.24 2.51
N GLN E 118 41.52 29.71 2.22
CA GLN E 118 42.04 28.55 2.91
C GLN E 118 42.25 28.83 4.40
N GLU E 119 42.80 29.99 4.76
CA GLU E 119 43.02 30.34 6.17
C GLU E 119 41.67 30.43 6.89
N LEU E 120 40.67 31.04 6.26
CA LEU E 120 39.34 31.16 6.84
C LEU E 120 38.78 29.77 7.10
N TYR E 121 38.87 28.90 6.10
CA TYR E 121 38.37 27.55 6.18
C TYR E 121 39.07 26.78 7.30
N GLU E 122 40.39 26.90 7.39
CA GLU E 122 41.17 26.24 8.42
C GLU E 122 40.76 26.71 9.81
N GLU E 123 40.51 28.00 10.00
CA GLU E 123 40.10 28.52 11.30
C GLU E 123 38.72 27.96 11.66
N LEU E 124 37.78 28.00 10.71
CA LEU E 124 36.42 27.52 10.91
C LEU E 124 36.43 26.06 11.36
N ILE E 125 37.12 25.17 10.64
CA ILE E 125 37.17 23.77 11.03
C ILE E 125 37.90 23.58 12.35
N SER E 126 38.81 24.47 12.72
CA SER E 126 39.51 24.36 14.00
C SER E 126 38.55 24.54 15.17
N LEU E 127 37.56 25.43 15.04
CA LEU E 127 36.65 25.74 16.14
C LEU E 127 35.33 24.95 16.14
N ALA E 128 34.56 24.96 15.06
CA ALA E 128 33.27 24.28 15.01
C ALA E 128 33.39 22.75 14.89
N ASP E 129 32.30 22.03 15.13
CA ASP E 129 32.29 20.58 14.98
C ASP E 129 32.25 20.25 13.48
N GLU E 130 33.37 19.86 12.90
CA GLU E 130 33.54 19.58 11.48
C GLU E 130 32.50 18.58 10.95
N GLY E 131 32.51 17.36 11.47
CA GLY E 131 31.61 16.30 11.04
C GLY E 131 30.14 16.63 11.27
N LYS E 132 29.80 17.35 12.35
CA LYS E 132 28.39 17.69 12.57
C LYS E 132 27.99 18.85 11.66
N LEU E 133 28.90 19.79 11.37
CA LEU E 133 28.62 20.91 10.48
C LEU E 133 28.44 20.41 9.04
N MET E 134 29.17 19.36 8.67
CA MET E 134 29.08 18.72 7.35
C MET E 134 27.65 18.30 7.00
N LYS E 135 26.79 18.03 8.01
CA LYS E 135 25.37 17.67 7.85
C LYS E 135 24.59 18.67 6.98
N PHE E 136 24.97 19.93 7.00
CA PHE E 136 24.31 20.98 6.22
C PHE E 136 24.67 20.94 4.74
N VAL E 137 25.84 20.38 4.46
CA VAL E 137 26.29 20.17 3.11
C VAL E 137 25.55 18.95 2.57
N ASN E 138 25.54 17.84 3.32
CA ASN E 138 24.86 16.61 2.90
C ASN E 138 24.58 15.71 4.13
N GLN E 139 23.39 15.11 4.16
CA GLN E 139 22.88 14.27 5.24
C GLN E 139 23.67 13.00 5.47
N ARG E 140 24.37 12.54 4.46
CA ARG E 140 25.20 11.35 4.45
C ARG E 140 26.67 11.74 4.59
N SER E 141 27.06 13.01 4.74
CA SER E 141 28.49 13.37 4.84
C SER E 141 29.18 12.71 6.00
N SER E 142 30.33 12.07 5.71
CA SER E 142 31.10 11.36 6.74
C SER E 142 32.60 11.65 6.61
N GLY E 143 33.02 12.80 6.08
CA GLY E 143 34.44 13.14 5.91
C GLY E 143 35.08 12.83 4.55
N SER E 144 34.32 12.44 3.53
CA SER E 144 34.83 12.17 2.17
C SER E 144 35.35 13.46 1.51
N ASP E 145 36.42 13.37 0.73
CA ASP E 145 37.01 14.54 0.09
C ASP E 145 36.08 15.24 -0.88
N LEU E 146 35.21 14.50 -1.58
CA LEU E 146 34.28 15.14 -2.49
C LEU E 146 33.37 16.08 -1.67
N ASP E 147 32.90 15.61 -0.52
CA ASP E 147 32.05 16.37 0.37
C ASP E 147 32.82 17.55 0.98
N LYS E 148 34.11 17.37 1.29
CA LYS E 148 34.97 18.45 1.80
C LYS E 148 35.14 19.53 0.74
N GLN E 149 35.35 19.16 -0.52
CA GLN E 149 35.42 20.14 -1.58
C GLN E 149 34.05 20.83 -1.75
N LYS E 150 32.95 20.09 -1.65
CA LYS E 150 31.64 20.73 -1.75
C LYS E 150 31.48 21.78 -0.65
N LEU E 151 31.87 21.44 0.59
CA LEU E 151 31.80 22.40 1.69
C LEU E 151 32.60 23.66 1.34
N GLN E 152 33.83 23.49 0.86
CA GLN E 152 34.67 24.61 0.48
C GLN E 152 33.99 25.48 -0.60
N GLU E 153 33.34 24.87 -1.55
CA GLU E 153 32.66 25.64 -2.59
C GLU E 153 31.45 26.40 -2.03
N LYS E 154 30.70 25.80 -1.11
CA LYS E 154 29.58 26.51 -0.48
C LYS E 154 30.14 27.70 0.28
N VAL E 155 31.24 27.54 1.01
CA VAL E 155 31.89 28.63 1.73
C VAL E 155 32.25 29.72 0.73
N ARG E 156 32.92 29.38 -0.36
CA ARG E 156 33.31 30.37 -1.36
C ARG E 156 32.12 31.20 -1.82
N THR E 157 31.00 30.53 -2.01
CA THR E 157 29.76 31.12 -2.45
C THR E 157 29.17 32.08 -1.44
N THR E 158 28.96 31.60 -0.23
CA THR E 158 28.44 32.46 0.83
C THR E 158 29.34 33.65 1.04
N LEU E 159 30.65 33.47 1.02
CA LEU E 159 31.59 34.57 1.17
C LEU E 159 31.34 35.61 0.09
N ASN E 160 31.11 35.16 -1.14
CA ASN E 160 30.82 36.04 -2.25
C ASN E 160 29.55 36.84 -1.95
N ARG E 161 28.55 36.24 -1.29
CA ARG E 161 27.34 36.95 -0.90
C ARG E 161 27.63 38.01 0.14
N LEU E 162 28.40 37.67 1.17
CA LEU E 162 28.82 38.65 2.17
C LEU E 162 29.53 39.83 1.51
N ARG E 163 30.34 39.56 0.49
CA ARG E 163 31.05 40.63 -0.19
C ARG E 163 30.04 41.64 -0.72
N ARG E 164 28.93 41.17 -1.29
CA ARG E 164 27.87 42.02 -1.84
C ARG E 164 27.14 42.86 -0.78
N LEU E 165 26.98 42.32 0.42
CA LEU E 165 26.49 43.02 1.61
C LEU E 165 27.50 44.04 2.11
N GLY E 166 28.71 44.11 1.57
CA GLY E 166 29.73 45.05 2.00
C GLY E 166 30.54 44.59 3.19
N MET E 167 30.41 43.35 3.64
CA MET E 167 31.14 42.86 4.81
C MET E 167 32.59 42.44 4.57
N VAL E 168 33.04 42.34 3.32
CA VAL E 168 34.40 41.90 2.95
C VAL E 168 34.74 42.37 1.54
N TYR E 169 35.98 42.79 1.26
CA TYR E 169 36.37 43.32 -0.05
C TYR E 169 37.45 42.46 -0.69
N PHE E 170 37.28 41.89 -1.88
CA PHE E 170 38.33 41.08 -2.51
C PHE E 170 39.45 41.98 -3.03
N LEU E 171 40.62 41.43 -3.28
CA LEU E 171 41.72 42.23 -3.83
C LEU E 171 41.43 42.58 -5.31
N PRO E 172 41.95 43.72 -5.79
CA PRO E 172 41.70 44.18 -7.15
C PRO E 172 42.05 43.19 -8.25
N ASN E 173 43.08 42.37 -8.06
CA ASN E 173 43.53 41.43 -9.09
C ASN E 173 43.48 39.96 -8.70
N ASN E 174 43.44 39.65 -7.41
CA ASN E 174 43.42 38.28 -6.92
C ASN E 174 42.14 37.99 -6.15
N ASN E 175 41.38 37.01 -6.59
CA ASN E 175 40.14 36.70 -5.92
C ASN E 175 40.29 35.68 -4.79
N ASN E 176 41.44 35.02 -4.64
CA ASN E 176 41.64 34.05 -3.56
C ASN E 176 41.95 34.73 -2.23
N LYS E 177 42.14 36.05 -2.25
CA LYS E 177 42.48 36.87 -1.10
C LYS E 177 41.53 38.06 -0.96
N PHE E 178 41.30 38.50 0.26
CA PHE E 178 40.35 39.56 0.58
C PHE E 178 40.67 40.29 1.88
N THR E 179 40.00 41.41 2.14
CA THR E 179 40.15 42.22 3.33
C THR E 179 38.83 42.42 4.06
N ILE E 180 38.89 42.40 5.39
CA ILE E 180 37.74 42.58 6.28
C ILE E 180 37.44 44.07 6.51
N THR E 181 36.23 44.34 7.01
CA THR E 181 35.73 45.65 7.45
C THR E 181 35.02 45.45 8.78
N GLU E 182 34.88 46.51 9.56
CA GLU E 182 34.24 46.53 10.86
C GLU E 182 32.77 46.13 10.85
N ALA E 183 32.09 46.12 9.70
CA ALA E 183 30.68 45.77 9.66
C ALA E 183 30.39 44.36 10.18
N VAL E 184 31.41 43.49 10.18
CA VAL E 184 31.28 42.12 10.67
C VAL E 184 30.90 42.06 12.14
N PHE E 185 31.11 43.11 12.93
CA PHE E 185 30.78 43.02 14.36
C PHE E 185 29.30 42.79 14.65
N ARG E 186 28.39 42.93 13.68
CA ARG E 186 27.00 42.66 13.95
C ARG E 186 26.77 41.18 14.28
N PHE E 187 27.65 40.29 13.84
CA PHE E 187 27.54 38.86 14.17
C PHE E 187 27.80 38.58 15.66
N GLY E 188 28.37 39.53 16.39
CA GLY E 188 28.63 39.41 17.83
C GLY E 188 27.52 40.04 18.68
N ALA E 189 26.41 40.46 18.07
CA ALA E 189 25.31 41.10 18.80
C ALA E 189 24.69 40.25 19.92
N ASP E 190 24.88 38.94 19.90
CA ASP E 190 24.37 38.03 20.92
C ASP E 190 25.30 37.88 22.12
N VAL E 191 26.51 38.44 22.10
CA VAL E 191 27.46 38.28 23.20
C VAL E 191 28.22 39.53 23.60
N ARG E 192 28.02 40.69 22.98
CA ARG E 192 28.81 41.87 23.35
C ARG E 192 28.62 42.32 24.80
N SER E 193 27.53 41.96 25.44
CA SER E 193 27.26 42.22 26.87
C SER E 193 27.29 40.90 27.63
N GLY E 194 28.03 40.84 28.73
CA GLY E 194 28.19 39.63 29.55
C GLY E 194 27.00 39.39 30.46
N ASP E 195 25.89 38.92 29.89
CA ASP E 195 24.65 38.65 30.53
C ASP E 195 24.02 37.36 30.05
N ASP E 196 22.89 36.99 30.56
CA ASP E 196 22.14 35.84 30.26
C ASP E 196 21.87 35.76 28.77
N PRO E 197 22.31 34.73 28.03
CA PRO E 197 22.04 34.64 26.60
C PRO E 197 20.56 34.70 26.22
N ARG E 198 19.65 34.13 27.03
CA ARG E 198 18.23 34.11 26.66
C ARG E 198 17.61 35.49 26.60
N GLU E 199 17.90 36.33 27.57
CA GLU E 199 17.45 37.65 27.70
C GLU E 199 17.97 38.53 26.60
N ILE E 200 19.24 38.33 26.24
CA ILE E 200 19.85 39.04 25.13
C ILE E 200 19.08 38.70 23.86
N GLN E 201 18.87 37.41 23.60
CA GLN E 201 18.16 36.97 22.43
C GLN E 201 16.75 37.56 22.33
N LEU E 202 15.99 37.63 23.43
CA LEU E 202 14.71 38.21 23.54
C LEU E 202 14.73 39.67 23.20
N ARG E 203 15.67 40.41 23.71
CA ARG E 203 15.88 41.78 23.45
C ARG E 203 16.13 42.04 21.98
N MET E 204 16.97 41.22 21.37
CA MET E 204 17.27 41.34 19.95
C MET E 204 16.06 41.10 19.07
N ILE E 205 15.28 40.06 19.36
CA ILE E 205 14.09 39.80 18.55
C ILE E 205 13.07 40.91 18.74
N ARG E 206 12.94 41.49 19.94
CA ARG E 206 12.10 42.59 20.23
C ARG E 206 12.49 43.82 19.46
N ASP E 207 13.78 44.06 19.29
CA ASP E 207 14.31 45.20 18.54
C ASP E 207 14.24 44.99 17.01
N GLY E 208 13.94 43.79 16.55
CA GLY E 208 13.90 43.49 15.11
C GLY E 208 15.29 43.19 14.52
N GLU E 209 16.32 43.07 15.34
CA GLU E 209 17.66 42.75 14.85
C GLU E 209 17.78 41.34 14.31
N ALA E 210 17.21 40.37 15.02
CA ALA E 210 17.35 38.96 14.66
C ALA E 210 16.14 38.07 14.91
N MET E 211 15.96 37.11 14.01
CA MET E 211 14.92 36.10 14.04
C MET E 211 15.48 34.71 14.35
N PRO E 212 14.68 33.80 14.94
CA PRO E 212 15.08 32.43 15.16
C PRO E 212 14.88 31.67 13.84
N VAL E 213 15.03 30.34 13.82
CA VAL E 213 14.86 29.50 12.61
C VAL E 213 13.91 28.33 12.82
N PHE F 9 20.39 73.81 -5.12
CA PHE F 9 18.92 73.92 -4.85
C PHE F 9 18.16 72.80 -5.55
N MET F 10 16.83 72.88 -5.47
CA MET F 10 15.96 71.89 -6.03
C MET F 10 14.69 72.60 -6.53
N PRO F 11 14.16 72.19 -7.68
CA PRO F 11 12.94 72.86 -8.17
C PRO F 11 11.83 72.78 -7.15
N VAL F 12 11.07 73.87 -7.03
CA VAL F 12 10.04 73.95 -5.99
C VAL F 12 8.98 72.87 -6.20
N LYS F 13 8.53 72.69 -7.44
CA LYS F 13 7.47 71.72 -7.67
C LYS F 13 7.94 70.30 -7.44
N LEU F 14 9.21 70.00 -7.72
CA LEU F 14 9.74 68.67 -7.43
C LEU F 14 9.75 68.41 -5.92
N ALA F 15 10.20 69.40 -5.15
CA ALA F 15 10.17 69.26 -3.70
C ALA F 15 8.74 69.05 -3.21
N GLN F 16 7.79 69.83 -3.75
CA GLN F 16 6.40 69.64 -3.39
C GLN F 16 5.95 68.22 -3.70
N ALA F 17 6.26 67.74 -4.91
CA ALA F 17 5.79 66.43 -5.32
C ALA F 17 6.30 65.35 -4.38
N LEU F 18 7.61 65.33 -4.13
CA LEU F 18 8.15 64.25 -3.31
C LEU F 18 7.85 64.46 -1.83
N ALA F 19 7.40 65.66 -1.43
CA ALA F 19 6.92 65.85 -0.07
C ALA F 19 5.55 65.22 0.16
N ASN F 20 4.82 64.94 -0.91
CA ASN F 20 3.46 64.44 -0.77
C ASN F 20 3.45 63.09 -0.07
N SER F 21 2.42 62.84 0.72
CA SER F 21 2.33 61.60 1.48
C SER F 21 2.22 60.37 0.60
N LEU F 22 1.72 60.52 -0.63
CA LEU F 22 1.56 59.37 -1.50
C LEU F 22 2.88 58.90 -2.12
N PHE F 23 3.93 59.72 -2.07
CA PHE F 23 5.15 59.39 -2.80
C PHE F 23 5.83 58.11 -2.33
N PRO F 24 6.09 57.89 -1.04
CA PRO F 24 6.83 56.71 -0.66
C PRO F 24 6.30 55.41 -1.19
N GLU F 25 5.04 55.18 -1.09
CA GLU F 25 4.33 54.05 -1.53
C GLU F 25 4.47 53.86 -3.02
N LEU F 26 4.17 54.93 -3.76
CA LEU F 26 4.27 54.87 -5.20
C LEU F 26 5.70 54.59 -5.65
N ASP F 27 6.69 55.13 -5.04
CA ASP F 27 8.07 54.89 -5.24
C ASP F 27 8.39 53.43 -5.10
N SER F 28 7.99 52.83 -4.02
CA SER F 28 8.14 51.46 -3.72
C SER F 28 7.57 50.58 -4.80
N GLN F 29 6.38 50.84 -5.22
CA GLN F 29 5.67 50.14 -6.24
C GLN F 29 6.38 50.25 -7.57
N LEU F 30 6.73 51.41 -7.99
CA LEU F 30 7.38 51.73 -9.20
C LEU F 30 8.68 50.99 -9.34
N ARG F 31 9.52 51.02 -8.37
CA ARG F 31 10.77 50.40 -8.34
C ARG F 31 10.67 48.91 -8.52
N ALA F 32 9.61 48.30 -8.11
CA ALA F 32 9.25 46.95 -8.28
C ALA F 32 8.84 46.60 -9.68
N GLY F 33 8.54 47.54 -10.51
CA GLY F 33 8.05 47.42 -11.79
C GLY F 33 6.60 47.48 -12.07
N ARG F 34 5.80 47.78 -11.11
CA ARG F 34 4.40 47.91 -11.18
C ARG F 34 3.96 48.94 -12.18
N HIS F 35 2.86 48.70 -12.88
CA HIS F 35 2.29 49.62 -13.84
C HIS F 35 1.09 50.31 -13.21
N ILE F 36 1.00 51.62 -13.38
CA ILE F 36 -0.08 52.41 -12.80
C ILE F 36 -1.06 52.73 -13.92
N GLY F 37 -2.28 52.21 -13.80
CA GLY F 37 -3.33 52.44 -14.77
C GLY F 37 -4.32 53.50 -14.32
N ILE F 38 -5.36 53.68 -15.14
CA ILE F 38 -6.40 54.63 -14.79
C ILE F 38 -7.23 54.14 -13.62
N ASP F 39 -7.12 52.86 -13.26
CA ASP F 39 -7.89 52.34 -12.14
C ASP F 39 -7.49 53.02 -10.84
N ASP F 40 -6.19 53.16 -10.60
CA ASP F 40 -5.68 53.75 -9.35
C ASP F 40 -5.88 55.27 -9.43
N LEU F 41 -7.06 55.70 -9.01
CA LEU F 41 -7.46 57.10 -9.17
C LEU F 41 -6.39 58.05 -8.64
N ASP F 42 -6.06 57.92 -7.36
CA ASP F 42 -5.18 58.90 -6.74
C ASP F 42 -3.76 58.83 -7.30
N ASN F 43 -3.20 57.63 -7.41
CA ASN F 43 -1.85 57.51 -7.94
C ASN F 43 -1.76 58.04 -9.36
N HIS F 44 -2.74 57.68 -10.19
CA HIS F 44 -2.71 58.12 -11.58
C HIS F 44 -2.82 59.64 -11.66
N ALA F 45 -3.70 60.24 -10.86
CA ALA F 45 -3.82 61.69 -10.85
C ALA F 45 -2.51 62.34 -10.40
N PHE F 46 -1.89 61.77 -9.37
CA PHE F 46 -0.63 62.30 -8.87
C PHE F 46 0.44 62.30 -9.96
N LEU F 47 0.56 61.18 -10.68
CA LEU F 47 1.54 61.12 -11.77
C LEU F 47 1.18 62.13 -12.86
N MET F 48 -0.09 62.23 -13.23
CA MET F 48 -0.48 63.21 -14.23
C MET F 48 -0.06 64.61 -13.82
N ASP F 49 -0.20 64.93 -12.52
CA ASP F 49 0.09 66.29 -12.08
C ASP F 49 1.59 66.56 -12.07
N PHE F 50 2.40 65.61 -11.63
CA PHE F 50 3.82 65.87 -11.41
C PHE F 50 4.76 65.14 -12.36
N GLN F 51 4.26 64.68 -13.51
CA GLN F 51 5.10 63.97 -14.47
C GLN F 51 6.37 64.75 -14.83
N GLU F 52 6.21 66.04 -15.15
CA GLU F 52 7.35 66.79 -15.67
C GLU F 52 8.54 66.75 -14.73
N GLN F 53 8.30 66.65 -13.44
CA GLN F 53 9.39 66.62 -12.46
C GLN F 53 9.78 65.20 -12.08
N LEU F 54 8.82 64.28 -12.00
CA LEU F 54 9.18 62.90 -11.68
C LEU F 54 10.04 62.28 -12.77
N GLU F 55 9.81 62.63 -14.03
CA GLU F 55 10.68 62.12 -15.08
C GLU F 55 12.13 62.51 -14.82
N GLU F 56 12.35 63.76 -14.44
CA GLU F 56 13.71 64.20 -14.14
C GLU F 56 14.25 63.49 -12.90
N PHE F 57 13.41 63.31 -11.88
CA PHE F 57 13.88 62.64 -10.67
C PHE F 57 14.37 61.24 -10.97
N TYR F 58 13.62 60.47 -11.75
CA TYR F 58 14.05 59.10 -12.04
C TYR F 58 15.13 59.02 -13.10
N ALA F 59 15.32 60.06 -13.91
CA ALA F 59 16.44 60.04 -14.85
C ALA F 59 17.77 60.02 -14.13
N ARG F 60 17.82 60.55 -12.91
CA ARG F 60 19.02 60.51 -12.09
C ARG F 60 19.46 59.09 -11.77
N TYR F 61 18.55 58.12 -11.91
CA TYR F 61 18.84 56.71 -11.66
C TYR F 61 19.13 55.95 -12.94
N ASN F 62 19.26 56.63 -14.08
CA ASN F 62 19.37 55.96 -15.38
C ASN F 62 18.18 55.03 -15.62
N VAL F 63 16.99 55.49 -15.23
CA VAL F 63 15.75 54.75 -15.46
C VAL F 63 14.72 55.71 -16.03
N GLU F 64 13.95 55.23 -17.00
CA GLU F 64 13.04 56.05 -17.78
C GLU F 64 11.62 55.88 -17.27
N LEU F 65 10.92 57.00 -17.09
CA LEU F 65 9.52 56.99 -16.70
C LEU F 65 8.67 57.26 -17.94
N ILE F 66 7.92 56.25 -18.38
CA ILE F 66 7.17 56.30 -19.63
C ILE F 66 5.68 56.26 -19.33
N ARG F 67 4.93 57.07 -20.05
CA ARG F 67 3.47 57.03 -20.09
C ARG F 67 3.06 56.38 -21.41
N ALA F 68 2.46 55.20 -21.34
CA ALA F 68 2.06 54.50 -22.53
C ALA F 68 0.94 55.28 -23.23
N PRO F 69 0.82 55.13 -24.56
CA PRO F 69 -0.25 55.84 -25.27
C PRO F 69 -1.63 55.48 -24.77
N GLU F 70 -1.81 54.26 -24.24
CA GLU F 70 -3.12 53.89 -23.69
C GLU F 70 -3.43 54.67 -22.42
N GLY F 71 -2.42 55.07 -21.65
CA GLY F 71 -2.64 55.92 -20.49
C GLY F 71 -1.89 55.51 -19.25
N PHE F 72 -1.41 54.27 -19.19
CA PHE F 72 -0.75 53.77 -17.99
C PHE F 72 0.72 54.16 -17.94
N PHE F 73 1.23 54.30 -16.72
CA PHE F 73 2.60 54.69 -16.45
C PHE F 73 3.43 53.46 -16.08
N TYR F 74 4.74 53.54 -16.34
CA TYR F 74 5.66 52.50 -15.93
C TYR F 74 7.09 52.97 -16.13
N LEU F 75 8.02 52.25 -15.51
CA LEU F 75 9.44 52.54 -15.58
C LEU F 75 10.14 51.57 -16.52
N ARG F 76 11.10 52.10 -17.28
CA ARG F 76 11.94 51.28 -18.16
C ARG F 76 13.40 51.52 -17.82
N PRO F 77 14.15 50.51 -17.38
CA PRO F 77 15.56 50.67 -17.09
C PRO F 77 16.44 50.74 -18.30
N ARG F 78 17.49 51.56 -18.23
CA ARG F 78 18.53 51.57 -19.25
C ARG F 78 19.56 50.49 -18.92
N SER F 79 20.55 50.31 -19.73
CA SER F 79 21.66 49.45 -19.54
C SER F 79 22.45 49.80 -18.31
N THR F 80 22.59 51.05 -18.01
CA THR F 80 23.26 51.65 -16.93
C THR F 80 22.41 51.86 -15.70
N THR F 81 21.33 51.18 -15.53
CA THR F 81 20.37 51.28 -14.50
C THR F 81 21.02 51.24 -13.14
N LEU F 82 20.70 52.10 -12.24
CA LEU F 82 21.07 52.11 -10.88
C LEU F 82 20.26 51.20 -9.99
N ILE F 83 19.11 50.77 -10.40
CA ILE F 83 18.23 49.85 -9.78
C ILE F 83 18.50 48.45 -10.25
N PRO F 84 18.77 47.46 -9.39
CA PRO F 84 18.94 46.10 -9.84
C PRO F 84 17.82 45.57 -10.69
N ARG F 85 18.06 45.04 -11.84
CA ARG F 85 17.19 44.52 -12.83
C ARG F 85 16.86 43.06 -12.64
N SER F 86 15.76 42.60 -13.15
CA SER F 86 15.27 41.28 -13.20
C SER F 86 14.45 41.02 -14.44
N VAL F 87 14.39 39.78 -14.91
CA VAL F 87 13.73 39.44 -16.17
C VAL F 87 12.77 38.27 -16.03
N LEU F 88 11.68 38.36 -16.78
CA LEU F 88 10.59 37.48 -16.89
C LEU F 88 10.96 36.17 -17.56
N SER F 89 10.27 35.11 -17.33
CA SER F 89 10.33 33.83 -17.91
C SER F 89 9.62 33.74 -19.24
N GLU F 90 9.99 32.82 -20.14
CA GLU F 90 9.31 32.60 -21.42
C GLU F 90 7.81 32.36 -21.23
N LEU F 91 7.47 31.49 -20.26
CA LEU F 91 6.14 31.19 -19.90
C LEU F 91 5.38 32.44 -19.56
N ASP F 92 6.02 33.38 -18.93
CA ASP F 92 5.53 34.64 -18.54
C ASP F 92 5.03 35.43 -19.72
N MET F 93 5.82 35.62 -20.73
CA MET F 93 5.48 36.27 -21.93
C MET F 93 4.40 35.55 -22.68
N MET F 94 4.40 34.26 -22.71
CA MET F 94 3.39 33.45 -23.26
C MET F 94 2.04 33.81 -22.71
N VAL F 95 1.89 33.77 -21.42
CA VAL F 95 0.74 34.09 -20.68
C VAL F 95 0.30 35.52 -20.95
N GLY F 96 1.20 36.44 -20.95
CA GLY F 96 0.94 37.76 -21.22
C GLY F 96 0.34 38.05 -22.53
N LYS F 97 0.84 37.48 -23.57
CA LYS F 97 0.34 37.52 -24.89
C LYS F 97 -1.05 36.93 -24.97
N ILE F 98 -1.32 35.87 -24.27
CA ILE F 98 -2.59 35.28 -24.11
C ILE F 98 -3.59 36.26 -23.56
N LEU F 99 -3.23 36.87 -22.43
CA LEU F 99 -4.11 37.87 -21.84
C LEU F 99 -4.39 39.01 -22.80
N CYS F 100 -3.37 39.44 -23.54
CA CYS F 100 -3.60 40.49 -24.53
C CYS F 100 -4.63 40.04 -25.55
N TYR F 101 -4.56 38.78 -25.98
CA TYR F 101 -5.58 38.28 -26.90
C TYR F 101 -6.97 38.29 -26.27
N LEU F 102 -7.07 37.88 -25.00
CA LEU F 102 -8.37 37.82 -24.35
C LEU F 102 -9.01 39.19 -24.18
N TYR F 103 -8.24 40.27 -24.30
CA TYR F 103 -8.80 41.62 -24.25
C TYR F 103 -9.49 41.93 -25.57
N LEU F 104 -10.54 41.17 -25.83
CA LEU F 104 -11.22 41.07 -27.12
C LEU F 104 -12.55 41.82 -27.07
N SER F 105 -13.26 41.82 -28.21
CA SER F 105 -14.57 42.47 -28.29
C SER F 105 -15.66 41.56 -27.72
N PRO F 106 -15.74 40.29 -28.15
CA PRO F 106 -16.77 39.41 -27.59
C PRO F 106 -16.58 39.17 -26.10
N GLU F 107 -15.40 39.49 -25.57
CA GLU F 107 -15.17 39.37 -24.13
C GLU F 107 -16.26 40.07 -23.33
N ARG F 108 -16.68 41.25 -23.78
CA ARG F 108 -17.66 42.03 -23.02
C ARG F 108 -18.94 41.23 -22.79
N LEU F 109 -19.46 40.61 -23.84
CA LEU F 109 -20.65 39.79 -23.75
C LEU F 109 -20.37 38.41 -23.17
N ALA F 110 -19.14 37.91 -23.35
CA ALA F 110 -18.82 36.56 -22.89
C ALA F 110 -18.64 36.51 -21.38
N ASN F 111 -18.00 37.51 -20.79
CA ASN F 111 -17.65 37.43 -19.37
C ASN F 111 -17.86 38.72 -18.58
N GLN F 112 -18.26 39.82 -19.23
CA GLN F 112 -18.48 41.08 -18.54
C GLN F 112 -17.24 41.49 -17.74
N GLY F 113 -16.07 41.25 -18.32
CA GLY F 113 -14.82 41.71 -17.76
C GLY F 113 -14.22 40.83 -16.68
N ILE F 114 -14.89 39.74 -16.31
CA ILE F 114 -14.42 38.88 -15.22
C ILE F 114 -14.20 37.47 -15.78
N PHE F 115 -12.94 37.03 -15.74
CA PHE F 115 -12.52 35.73 -16.24
C PHE F 115 -12.26 34.78 -15.08
N THR F 116 -11.87 33.56 -15.43
CA THR F 116 -11.48 32.54 -14.47
C THR F 116 -10.14 31.95 -14.88
N SER F 117 -9.49 31.30 -13.92
CA SER F 117 -8.23 30.62 -14.22
C SER F 117 -8.41 29.58 -15.32
N GLN F 118 -9.55 28.89 -15.33
CA GLN F 118 -9.75 27.83 -16.31
C GLN F 118 -9.81 28.36 -17.73
N GLU F 119 -10.42 29.53 -17.93
CA GLU F 119 -10.42 30.13 -19.26
C GLU F 119 -8.99 30.23 -19.78
N LEU F 120 -8.10 30.79 -18.97
CA LEU F 120 -6.72 31.00 -19.40
C LEU F 120 -6.00 29.65 -19.58
N TYR F 121 -6.16 28.72 -18.70
CA TYR F 121 -5.62 27.41 -18.75
C TYR F 121 -5.90 26.76 -20.07
N GLU F 122 -7.19 26.68 -20.37
CA GLU F 122 -7.63 25.99 -21.57
C GLU F 122 -7.22 26.74 -22.83
N GLU F 123 -7.28 28.08 -22.80
CA GLU F 123 -6.82 28.86 -23.94
C GLU F 123 -5.35 28.61 -24.21
N LEU F 124 -4.50 28.63 -23.23
CA LEU F 124 -3.13 28.36 -23.28
C LEU F 124 -2.85 27.03 -23.92
N ILE F 125 -3.47 26.00 -23.44
CA ILE F 125 -3.34 24.66 -23.88
C ILE F 125 -3.75 24.51 -25.32
N SER F 126 -4.85 25.19 -25.68
CA SER F 126 -5.41 25.01 -27.01
C SER F 126 -4.60 25.75 -28.07
N LEU F 127 -4.07 26.91 -27.73
CA LEU F 127 -3.51 27.80 -28.75
C LEU F 127 -2.01 27.58 -28.97
N ALA F 128 -1.25 27.19 -28.00
CA ALA F 128 0.14 26.97 -28.02
C ALA F 128 0.51 25.67 -28.70
N ASP F 129 1.69 25.53 -29.19
CA ASP F 129 2.31 24.37 -29.70
C ASP F 129 2.83 23.47 -28.61
N GLU F 130 2.77 22.19 -28.75
CA GLU F 130 3.19 21.19 -27.83
C GLU F 130 4.64 21.34 -27.45
N GLY F 131 5.51 21.56 -28.38
CA GLY F 131 6.87 21.65 -28.18
C GLY F 131 7.33 22.68 -27.22
N LYS F 132 6.86 23.87 -27.34
CA LYS F 132 7.10 24.95 -26.46
C LYS F 132 6.53 24.71 -25.09
N LEU F 133 5.42 24.05 -24.97
CA LEU F 133 4.84 23.60 -23.76
C LEU F 133 5.80 22.71 -22.99
N MET F 134 6.33 21.70 -23.62
CA MET F 134 7.31 20.83 -23.12
C MET F 134 8.53 21.59 -22.64
N LYS F 135 8.98 22.52 -23.48
CA LYS F 135 10.11 23.37 -23.15
C LYS F 135 9.82 24.11 -21.86
N PHE F 136 8.57 24.56 -21.67
CA PHE F 136 8.14 25.24 -20.46
C PHE F 136 8.20 24.34 -19.23
N VAL F 137 7.70 23.09 -19.31
CA VAL F 137 7.73 22.17 -18.16
C VAL F 137 9.11 21.50 -17.98
N ASN F 138 9.54 20.70 -18.94
CA ASN F 138 10.83 20.00 -19.02
C ASN F 138 10.84 19.35 -20.39
N GLN F 139 11.97 19.36 -21.10
CA GLN F 139 12.00 18.74 -22.42
C GLN F 139 11.70 17.24 -22.40
N ARG F 140 12.03 16.52 -21.32
CA ARG F 140 11.75 15.07 -21.29
C ARG F 140 10.28 14.72 -21.05
N SER F 141 9.47 15.69 -20.63
CA SER F 141 8.04 15.44 -20.37
C SER F 141 7.32 15.11 -21.66
N SER F 142 6.27 14.29 -21.54
CA SER F 142 5.51 13.81 -22.63
C SER F 142 4.04 13.59 -22.27
N GLY F 143 3.16 14.49 -22.52
CA GLY F 143 1.79 14.34 -22.44
C GLY F 143 1.20 13.58 -21.32
N SER F 144 1.67 13.76 -20.14
CA SER F 144 1.36 13.09 -18.94
C SER F 144 0.58 13.92 -17.96
N ASP F 145 -0.23 13.34 -17.12
CA ASP F 145 -1.05 13.95 -16.15
C ASP F 145 -0.26 14.85 -15.23
N LEU F 146 0.79 14.37 -14.66
CA LEU F 146 1.67 15.05 -13.79
C LEU F 146 2.22 16.29 -14.42
N ASP F 147 2.59 16.24 -15.65
CA ASP F 147 3.05 17.32 -16.44
C ASP F 147 2.02 18.43 -16.51
N LYS F 148 0.80 18.09 -16.78
CA LYS F 148 -0.32 18.96 -16.84
C LYS F 148 -0.59 19.63 -15.52
N GLN F 149 -0.51 18.93 -14.45
CA GLN F 149 -0.62 19.38 -13.11
C GLN F 149 0.43 20.42 -12.80
N LYS F 150 1.68 20.12 -13.14
CA LYS F 150 2.80 21.04 -12.92
C LYS F 150 2.61 22.32 -13.74
N LEU F 151 2.13 22.20 -14.95
CA LEU F 151 1.81 23.26 -15.83
C LEU F 151 0.75 24.17 -15.24
N GLN F 152 -0.29 23.64 -14.69
CA GLN F 152 -1.28 24.31 -13.94
C GLN F 152 -0.70 25.11 -12.81
N GLU F 153 0.12 24.51 -12.02
CA GLU F 153 0.81 25.08 -10.92
C GLU F 153 1.61 26.29 -11.35
N LYS F 154 2.38 26.13 -12.43
CA LYS F 154 3.21 27.18 -12.99
C LYS F 154 2.36 28.34 -13.47
N VAL F 155 1.22 28.05 -14.07
CA VAL F 155 0.27 28.98 -14.55
C VAL F 155 -0.19 29.87 -13.43
N ARG F 156 -0.62 29.32 -12.34
CA ARG F 156 -1.00 29.99 -11.16
C ARG F 156 0.09 30.90 -10.67
N THR F 157 1.29 30.41 -10.61
CA THR F 157 2.46 31.07 -10.17
C THR F 157 2.73 32.34 -10.97
N THR F 158 2.86 32.21 -12.24
CA THR F 158 3.08 33.24 -13.17
C THR F 158 1.98 34.27 -13.18
N LEU F 159 0.76 33.87 -13.03
CA LEU F 159 -0.38 34.68 -12.90
C LEU F 159 -0.26 35.60 -11.71
N ASN F 160 0.17 35.10 -10.60
CA ASN F 160 0.48 35.83 -9.43
C ASN F 160 1.56 36.86 -9.66
N ARG F 161 2.61 36.51 -10.32
CA ARG F 161 3.63 37.38 -10.74
C ARG F 161 3.07 38.58 -11.47
N LEU F 162 2.27 38.34 -12.45
CA LEU F 162 1.58 39.28 -13.25
C LEU F 162 0.73 40.19 -12.42
N ARG F 163 0.03 39.61 -11.45
CA ARG F 163 -0.77 40.41 -10.54
C ARG F 163 0.11 41.39 -9.79
N ARG F 164 1.28 41.04 -9.40
CA ARG F 164 2.25 41.91 -8.84
C ARG F 164 2.63 43.01 -9.78
N LEU F 165 2.77 42.75 -11.04
CA LEU F 165 2.97 43.72 -12.05
C LEU F 165 1.82 44.67 -12.24
N GLY F 166 0.65 44.31 -11.72
CA GLY F 166 -0.54 45.11 -11.95
C GLY F 166 -1.28 44.79 -13.22
N MET F 167 -0.84 43.79 -13.98
CA MET F 167 -1.51 43.46 -15.23
C MET F 167 -2.93 42.97 -14.98
N VAL F 168 -3.11 42.13 -13.96
CA VAL F 168 -4.36 41.43 -13.72
C VAL F 168 -4.77 41.64 -12.27
N TYR F 169 -6.06 41.91 -12.05
CA TYR F 169 -6.60 42.14 -10.72
C TYR F 169 -7.47 40.96 -10.32
N PHE F 170 -7.10 40.30 -9.22
CA PHE F 170 -7.91 39.20 -8.68
C PHE F 170 -9.12 39.78 -7.96
N LEU F 171 -10.27 39.15 -8.15
CA LEU F 171 -11.45 39.56 -7.40
C LEU F 171 -11.28 39.15 -5.94
N PRO F 172 -11.68 40.00 -4.98
CA PRO F 172 -11.30 39.74 -3.60
C PRO F 172 -12.06 38.58 -2.97
N ASN F 173 -11.60 37.37 -3.27
CA ASN F 173 -12.03 36.15 -2.61
C ASN F 173 -10.98 35.09 -2.94
N ASN F 174 -11.04 33.97 -2.23
CA ASN F 174 -9.97 32.99 -2.38
C ASN F 174 -9.97 32.36 -3.77
N ASN F 175 -11.11 32.33 -4.44
CA ASN F 175 -11.17 31.67 -5.73
C ASN F 175 -10.41 32.47 -6.78
N ASN F 176 -9.98 31.76 -7.83
CA ASN F 176 -9.11 32.34 -8.85
C ASN F 176 -9.95 32.81 -10.04
N LYS F 177 -10.55 33.98 -9.88
CA LYS F 177 -11.25 34.68 -10.95
C LYS F 177 -10.79 36.13 -10.94
N PHE F 178 -10.60 36.69 -12.14
CA PHE F 178 -9.90 37.96 -12.24
C PHE F 178 -10.43 38.78 -13.41
N THR F 179 -9.95 40.02 -13.49
CA THR F 179 -10.25 40.94 -14.57
C THR F 179 -8.95 41.49 -15.13
N ILE F 180 -8.96 41.81 -16.43
CA ILE F 180 -7.77 42.23 -17.15
C ILE F 180 -7.78 43.73 -17.28
N THR F 181 -6.65 44.36 -16.98
CA THR F 181 -6.49 45.79 -17.08
C THR F 181 -5.93 46.18 -18.45
N GLU F 182 -6.10 47.45 -18.80
CA GLU F 182 -5.63 47.97 -20.07
C GLU F 182 -4.12 47.86 -20.22
N ALA F 183 -3.37 47.84 -19.12
CA ALA F 183 -1.92 47.84 -19.20
C ALA F 183 -1.39 46.57 -19.84
N VAL F 184 -2.22 45.54 -19.98
CA VAL F 184 -1.80 44.32 -20.65
C VAL F 184 -1.36 44.59 -22.08
N PHE F 185 -1.77 45.73 -22.66
CA PHE F 185 -1.37 46.06 -24.02
C PHE F 185 0.14 46.05 -24.20
N ARG F 186 0.91 46.12 -23.11
CA ARG F 186 2.36 46.15 -23.24
C ARG F 186 2.89 44.90 -23.93
N PHE F 187 2.24 43.79 -23.82
CA PHE F 187 2.51 42.55 -24.46
C PHE F 187 2.16 42.56 -25.92
N GLY F 188 1.34 43.51 -26.34
CA GLY F 188 0.65 43.41 -27.61
C GLY F 188 1.57 43.63 -28.81
N ALA F 189 0.98 43.42 -29.99
CA ALA F 189 1.70 43.48 -31.25
C ALA F 189 1.83 44.93 -31.73
N ASP F 190 2.62 45.10 -32.79
CA ASP F 190 2.65 46.36 -33.51
C ASP F 190 1.40 46.49 -34.38
N VAL F 191 0.82 47.68 -34.42
CA VAL F 191 -0.40 47.93 -35.17
C VAL F 191 -0.07 48.80 -36.37
N ARG F 192 -0.50 48.35 -37.55
CA ARG F 192 -0.32 49.08 -38.79
C ARG F 192 -1.69 49.48 -39.35
N SER F 193 -1.68 50.49 -40.20
CA SER F 193 -2.92 51.08 -40.69
C SER F 193 -3.86 50.01 -41.21
N GLY F 194 -5.03 49.89 -40.58
CA GLY F 194 -6.07 49.00 -41.03
C GLY F 194 -5.95 47.56 -40.59
N ASP F 195 -4.91 47.19 -39.85
CA ASP F 195 -4.71 45.80 -39.48
C ASP F 195 -5.66 45.38 -38.36
N ASP F 196 -6.14 44.15 -38.43
CA ASP F 196 -7.08 43.63 -37.43
C ASP F 196 -6.32 43.16 -36.19
N PRO F 197 -6.65 43.65 -35.00
CA PRO F 197 -5.91 43.21 -33.80
C PRO F 197 -5.92 41.70 -33.59
N ARG F 198 -7.04 41.01 -33.84
CA ARG F 198 -7.05 39.58 -33.59
C ARG F 198 -5.99 38.90 -34.42
N GLU F 199 -5.94 39.23 -35.71
CA GLU F 199 -5.02 38.57 -36.63
C GLU F 199 -3.57 38.79 -36.23
N ILE F 200 -3.20 40.04 -35.95
CA ILE F 200 -1.81 40.33 -35.63
C ILE F 200 -1.41 39.70 -34.30
N GLN F 201 -2.30 39.72 -33.31
CA GLN F 201 -2.00 39.07 -32.04
C GLN F 201 -1.78 37.57 -32.25
N LEU F 202 -2.66 36.93 -33.02
CA LEU F 202 -2.49 35.51 -33.30
C LEU F 202 -1.20 35.26 -34.08
N ARG F 203 -0.88 36.14 -35.03
CA ARG F 203 0.34 35.97 -35.81
C ARG F 203 1.57 35.95 -34.91
N MET F 204 1.62 36.84 -33.91
CA MET F 204 2.75 36.74 -32.99
C MET F 204 2.67 35.49 -32.12
N ILE F 205 1.54 35.08 -31.65
CA ILE F 205 1.35 33.94 -30.84
C ILE F 205 1.85 32.70 -31.52
N ARG F 206 1.63 32.63 -32.83
CA ARG F 206 2.11 31.52 -33.63
C ARG F 206 3.63 31.53 -33.77
N THR G 3 16.41 103.14 63.09
CA THR G 3 17.01 102.69 64.37
C THR G 3 16.27 101.49 64.92
N ILE G 4 16.18 101.38 66.25
CA ILE G 4 15.51 100.23 66.87
C ILE G 4 14.07 100.16 66.40
N GLU G 5 13.44 101.30 66.12
CA GLU G 5 12.08 101.27 65.61
C GLU G 5 11.98 100.50 64.30
N GLU G 6 13.10 100.36 63.59
CA GLU G 6 13.09 99.57 62.35
C GLU G 6 12.56 98.16 62.61
N ARG G 7 12.75 97.66 63.83
CA ARG G 7 12.12 96.40 64.19
C ARG G 7 10.60 96.49 64.00
N VAL G 8 9.95 97.37 64.77
CA VAL G 8 8.49 97.45 64.74
C VAL G 8 8.01 97.72 63.32
N LYS G 9 8.49 98.81 62.72
CA LYS G 9 8.01 99.19 61.39
C LYS G 9 8.34 98.13 60.35
N LYS G 10 9.27 97.22 60.66
CA LYS G 10 9.44 96.05 59.82
C LYS G 10 8.41 94.99 60.17
N ILE G 11 8.38 94.57 61.44
CA ILE G 11 7.55 93.44 61.84
C ILE G 11 6.10 93.70 61.45
N ILE G 12 5.60 94.91 61.75
CA ILE G 12 4.23 95.24 61.40
C ILE G 12 3.92 94.83 59.96
N GLY G 13 4.75 95.29 59.02
CA GLY G 13 4.51 94.95 57.64
C GLY G 13 4.52 93.45 57.41
N GLU G 14 5.55 92.79 57.95
CA GLU G 14 5.67 91.35 57.80
C GLU G 14 4.47 90.62 58.39
N GLN G 15 3.74 91.26 59.31
CA GLN G 15 2.56 90.64 59.90
C GLN G 15 1.26 91.07 59.24
N LEU G 16 1.27 92.13 58.43
CA LEU G 16 0.05 92.66 57.84
C LEU G 16 0.08 92.71 56.32
N GLY G 17 1.18 92.33 55.69
CA GLY G 17 1.27 92.33 54.24
C GLY G 17 1.57 93.68 53.63
N VAL G 18 1.54 94.75 54.41
CA VAL G 18 1.85 96.09 53.91
C VAL G 18 3.36 96.30 53.98
N LYS G 19 3.85 97.31 53.28
CA LYS G 19 5.27 97.64 53.30
C LYS G 19 5.59 98.55 54.47
N GLN G 20 6.87 98.90 54.61
CA GLN G 20 7.32 99.67 55.76
C GLN G 20 6.65 101.04 55.83
N GLU G 21 6.54 101.72 54.68
CA GLU G 21 6.00 103.08 54.64
C GLU G 21 4.49 103.12 54.56
N GLU G 22 3.82 101.99 54.32
CA GLU G 22 2.38 102.01 54.15
C GLU G 22 1.68 102.47 55.43
N VAL G 23 2.15 102.02 56.59
CA VAL G 23 1.49 102.34 57.84
C VAL G 23 1.63 103.82 58.14
N THR G 24 0.52 104.44 58.56
CA THR G 24 0.50 105.84 58.95
C THR G 24 0.17 105.94 60.44
N ASN G 25 0.90 106.82 61.14
CA ASN G 25 0.77 106.90 62.59
C ASN G 25 -0.65 107.26 63.02
N ASN G 26 -1.38 108.01 62.20
CA ASN G 26 -2.72 108.42 62.57
C ASN G 26 -3.73 107.27 62.50
N ALA G 27 -3.48 106.26 61.67
CA ALA G 27 -4.45 105.22 61.43
C ALA G 27 -4.48 104.22 62.58
N SER G 28 -5.43 103.28 62.49
CA SER G 28 -5.65 102.26 63.51
C SER G 28 -5.58 100.88 62.88
N PHE G 29 -4.93 99.95 63.58
CA PHE G 29 -4.78 98.59 63.05
C PHE G 29 -6.12 97.91 62.88
N VAL G 30 -7.04 98.11 63.83
CA VAL G 30 -8.25 97.29 63.89
C VAL G 30 -9.06 97.44 62.60
N GLU G 31 -9.19 98.65 62.08
CA GLU G 31 -10.06 98.93 60.95
C GLU G 31 -9.35 99.58 59.76
N ASP G 32 -8.32 100.38 60.00
CA ASP G 32 -7.67 101.11 58.92
C ASP G 32 -6.52 100.36 58.27
N LEU G 33 -6.16 99.17 58.79
CA LEU G 33 -5.15 98.33 58.19
C LEU G 33 -5.70 97.00 57.67
N GLY G 34 -6.94 96.67 57.98
CA GLY G 34 -7.55 95.44 57.52
C GLY G 34 -7.30 94.23 58.41
N ALA G 35 -6.49 94.37 59.45
CA ALA G 35 -6.20 93.27 60.35
C ALA G 35 -7.36 93.10 61.33
N ASP G 36 -7.95 91.91 61.36
CA ASP G 36 -9.07 91.63 62.24
C ASP G 36 -8.56 91.28 63.63
O 4HH G 37 -6.89 89.68 66.54
C 4HH G 37 -7.90 89.45 65.86
CA 4HH G 37 -9.07 90.44 65.85
N 4HH G 37 -9.46 90.77 64.48
CB 4HH G 37 -10.28 89.85 66.59
OG 4HH G 37 -10.76 88.68 65.94
CJ 4HH G 37 -9.89 87.05 67.26
CK 4HH G 37 -9.47 86.00 68.27
CL1 4HH G 37 -10.57 85.86 69.33
CL2 4HH G 37 -9.32 84.65 67.56
CL3 4HH G 37 -8.19 87.72 69.64
CM 4HH G 37 -8.15 86.36 68.96
OM 4HH G 37 -7.08 86.33 68.02
NN 4HH G 37 -8.23 87.74 70.97
ON 4HH G 37 -8.20 88.73 68.96
P 4HH G 37 -11.78 87.60 65.51
O1P 4HH G 37 -13.08 86.92 65.10
O2P 4HH G 37 -10.78 87.68 64.38
O3P 4HH G 37 -11.12 86.63 66.62
CO 4HH G 37 -8.16 88.96 71.74
CP 4HH G 37 -6.96 89.00 72.66
CQ 4HH G 37 -6.97 87.87 73.66
CS 4HH G 37 -5.74 86.57 75.34
CT 4HH G 37 -4.38 86.54 75.99
NR 4HH G 37 -5.88 87.68 74.40
OR 4HH G 37 -7.97 87.14 73.77
SU 4HH G 37 -4.19 85.14 77.12
HA 4HH G 37 -8.79 91.25 66.31
H 4HH G 37 -10.28 90.62 64.30
HB3 4HH G 37 -10.99 90.52 66.62
HB2 4HH G 37 -10.00 89.62 67.50
HJ3 4HH G 37 -9.19 87.17 66.59
HJ2 4HH G 37 -10.03 87.91 67.71
HL13 4HH G 37 -10.72 86.71 69.77
HL12 4HH G 37 -10.30 85.19 69.99
HL11 4HH G 37 -11.39 85.57 68.91
HL21 4HH G 37 -9.04 83.97 68.20
HL23 4HH G 37 -8.65 84.73 66.86
HL22 4HH G 37 -10.17 84.39 67.16
HL3 4HH G 37 -7.98 85.67 69.66
HM 4HH G 37 -7.21 86.92 67.44
HN 4HH G 37 -8.30 86.98 71.39
HO2 4HH G 37 -8.97 89.06 72.28
HO3 4HH G 37 -8.11 89.73 71.13
HP3 4HH G 37 -6.14 88.93 72.13
HP2 4HH G 37 -6.93 89.84 73.14
HS2 4HH G 37 -6.42 86.67 76.05
HS3 4HH G 37 -5.90 85.73 74.88
HT3 4HH G 37 -3.70 86.48 75.29
HT2 4HH G 37 -4.24 87.37 76.47
HR 4HH G 37 -5.22 88.23 74.30
HU 4HH G 37 -4.39 84.27 76.31
N LEU G 38 -8.03 88.35 65.12
CA LEU G 38 -6.97 87.35 65.10
C LEU G 38 -5.67 87.95 64.57
N ASP G 39 -5.74 88.75 63.52
CA ASP G 39 -4.52 89.32 62.94
C ASP G 39 -3.85 90.27 63.93
N THR G 40 -4.64 91.06 64.66
CA THR G 40 -4.04 91.98 65.63
C THR G 40 -3.44 91.22 66.80
N VAL G 41 -4.09 90.14 67.25
CA VAL G 41 -3.51 89.29 68.28
C VAL G 41 -2.17 88.74 67.80
N GLU G 42 -2.13 88.27 66.56
CA GLU G 42 -0.88 87.75 66.00
C GLU G 42 0.18 88.84 65.94
N LEU G 43 -0.20 90.05 65.57
CA LEU G 43 0.76 91.15 65.48
C LEU G 43 1.35 91.47 66.85
N VAL G 44 0.50 91.63 67.86
CA VAL G 44 0.99 91.97 69.19
C VAL G 44 1.85 90.84 69.74
N MET G 45 1.47 89.59 69.45
CA MET G 45 2.22 88.47 70.00
C MET G 45 3.55 88.30 69.29
N ALA G 46 3.61 88.63 68.00
CA ALA G 46 4.88 88.66 67.29
C ALA G 46 5.78 89.76 67.83
N LEU G 47 5.21 90.92 68.13
CA LEU G 47 5.98 91.97 68.79
C LEU G 47 6.54 91.49 70.12
N GLU G 48 5.71 90.77 70.88
CA GLU G 48 6.17 90.19 72.14
C GLU G 48 7.35 89.26 71.91
N GLU G 49 7.25 88.39 70.90
CA GLU G 49 8.33 87.45 70.62
C GLU G 49 9.62 88.17 70.23
N GLU G 50 9.51 89.19 69.38
CA GLU G 50 10.70 89.83 68.82
C GLU G 50 11.55 90.44 69.93
N PHE G 51 10.92 91.12 70.88
CA PHE G 51 11.63 91.84 71.93
C PHE G 51 11.88 90.98 73.17
N ASP G 52 11.53 89.70 73.14
CA ASP G 52 11.81 88.78 74.24
C ASP G 52 11.26 89.33 75.56
N THR G 53 10.06 89.89 75.50
CA THR G 53 9.42 90.49 76.67
C THR G 53 8.00 89.97 76.82
N GLU G 54 7.23 90.58 77.73
CA GLU G 54 5.85 90.20 77.97
C GLU G 54 4.97 91.44 77.97
N ILE G 55 3.74 91.27 77.52
CA ILE G 55 2.74 92.34 77.54
C ILE G 55 1.42 91.75 78.00
N PRO G 56 0.90 92.11 79.18
CA PRO G 56 -0.37 91.54 79.63
C PRO G 56 -1.51 91.96 78.71
N ASP G 57 -2.68 91.39 78.97
CA ASP G 57 -3.84 91.65 78.12
C ASP G 57 -4.23 93.12 78.16
N GLU G 58 -4.25 93.71 79.35
CA GLU G 58 -4.73 95.09 79.50
C GLU G 58 -3.86 96.05 78.70
N GLU G 59 -2.54 96.00 78.92
CA GLU G 59 -1.63 96.84 78.16
C GLU G 59 -1.66 96.48 76.68
N ALA G 60 -1.70 95.18 76.37
CA ALA G 60 -1.69 94.75 74.97
C ALA G 60 -2.87 95.32 74.20
N GLU G 61 -4.01 95.51 74.86
CA GLU G 61 -5.20 96.01 74.17
C GLU G 61 -5.08 97.48 73.77
N LYS G 62 -4.05 98.18 74.24
CA LYS G 62 -3.88 99.62 73.99
C LYS G 62 -2.96 99.90 72.82
N ILE G 63 -2.91 99.02 71.83
CA ILE G 63 -2.03 99.17 70.68
C ILE G 63 -2.84 99.29 69.38
N THR G 64 -4.11 99.67 69.48
CA THR G 64 -4.96 99.73 68.30
C THR G 64 -4.45 100.75 67.28
N THR G 65 -3.71 101.76 67.73
CA THR G 65 -3.17 102.75 66.82
C THR G 65 -1.74 102.40 66.42
N VAL G 66 -1.32 102.93 65.28
CA VAL G 66 -0.02 102.57 64.72
C VAL G 66 1.11 103.03 65.65
N GLN G 67 1.00 104.26 66.16
CA GLN G 67 2.10 104.83 66.94
C GLN G 67 2.33 104.06 68.23
N ALA G 68 1.26 103.54 68.84
CA ALA G 68 1.38 102.89 70.13
C ALA G 68 2.43 101.78 70.11
N ALA G 69 2.60 101.13 68.96
CA ALA G 69 3.53 100.00 68.88
C ALA G 69 4.94 100.40 69.30
N ILE G 70 5.29 101.68 69.18
CA ILE G 70 6.62 102.16 69.57
C ILE G 70 6.51 102.82 70.94
N ASP G 71 5.35 103.37 71.26
CA ASP G 71 5.22 104.16 72.49
C ASP G 71 5.51 103.32 73.72
N TYR G 72 4.96 102.11 73.77
CA TYR G 72 5.27 101.19 74.87
C TYR G 72 6.65 100.60 74.75
N ILE G 73 7.23 100.58 73.54
CA ILE G 73 8.52 99.95 73.33
C ILE G 73 9.64 100.83 73.85
N ASN G 74 9.75 102.04 73.31
CA ASN G 74 10.82 102.96 73.70
C ASN G 74 10.52 103.60 75.05
N THR H 3 6.55 31.38 67.31
CA THR H 3 7.36 31.15 68.54
C THR H 3 8.54 32.10 68.60
N ILE H 4 9.17 32.16 69.78
CA ILE H 4 10.30 33.06 69.97
C ILE H 4 11.46 32.67 69.07
N GLU H 5 11.77 31.37 68.99
CA GLU H 5 12.93 30.92 68.24
C GLU H 5 12.76 31.10 66.74
N GLU H 6 11.54 31.34 66.26
CA GLU H 6 11.30 31.69 64.87
C GLU H 6 10.90 33.15 64.68
N ARG H 7 10.34 33.79 65.71
CA ARG H 7 10.16 35.24 65.66
C ARG H 7 11.51 35.95 65.57
N VAL H 8 12.53 35.38 66.21
CA VAL H 8 13.88 35.92 66.07
C VAL H 8 14.33 35.89 64.62
N LYS H 9 14.07 34.78 63.92
CA LYS H 9 14.39 34.70 62.50
C LYS H 9 13.56 35.69 61.69
N LYS H 10 12.27 35.81 62.03
CA LYS H 10 11.42 36.79 61.37
C LYS H 10 12.04 38.18 61.44
N ILE H 11 12.52 38.56 62.61
CA ILE H 11 13.11 39.89 62.78
C ILE H 11 14.45 39.98 62.05
N ILE H 12 15.31 38.96 62.19
CA ILE H 12 16.66 39.05 61.67
C ILE H 12 16.64 39.11 60.14
N GLY H 13 15.87 38.22 59.50
CA GLY H 13 15.85 38.19 58.05
C GLY H 13 15.31 39.48 57.45
N GLU H 14 14.26 40.03 58.04
CA GLU H 14 13.63 41.24 57.52
C GLU H 14 14.30 42.52 57.99
N GLN H 15 15.26 42.43 58.93
CA GLN H 15 16.05 43.59 59.31
C GLN H 15 17.43 43.60 58.66
N LEU H 16 17.92 42.45 58.21
CA LEU H 16 19.17 42.38 57.46
C LEU H 16 18.96 41.98 56.01
N GLY H 17 17.77 41.50 55.64
CA GLY H 17 17.49 41.13 54.27
C GLY H 17 18.11 39.84 53.80
N VAL H 18 18.68 39.05 54.71
CA VAL H 18 19.34 37.81 54.35
C VAL H 18 18.31 36.68 54.31
N LYS H 19 18.68 35.58 53.68
CA LYS H 19 17.78 34.46 53.51
C LYS H 19 17.49 33.78 54.85
N GLN H 20 16.30 33.18 54.95
CA GLN H 20 15.97 32.39 56.13
C GLN H 20 16.91 31.21 56.28
N GLU H 21 17.31 30.59 55.17
CA GLU H 21 18.26 29.48 55.24
C GLU H 21 19.60 29.93 55.81
N GLU H 22 20.02 31.14 55.48
CA GLU H 22 21.31 31.64 55.97
C GLU H 22 21.31 31.78 57.48
N VAL H 23 20.19 32.24 58.05
CA VAL H 23 20.13 32.53 59.48
C VAL H 23 19.93 31.23 60.26
N THR H 24 21.03 30.62 60.67
CA THR H 24 21.01 29.48 61.57
C THR H 24 21.28 29.97 62.99
N ASN H 25 21.27 29.04 63.94
CA ASN H 25 21.47 29.41 65.34
C ASN H 25 22.83 30.06 65.55
N ASN H 26 23.87 29.50 64.93
CA ASN H 26 25.23 29.97 65.14
C ASN H 26 25.66 31.03 64.14
N ALA H 27 24.78 31.45 63.23
CA ALA H 27 25.13 32.45 62.22
C ALA H 27 25.37 33.79 62.89
N SER H 28 26.63 34.24 62.90
CA SER H 28 26.96 35.56 63.43
C SER H 28 26.50 36.65 62.46
N PHE H 29 26.09 37.78 63.01
CA PHE H 29 25.54 38.85 62.18
C PHE H 29 26.60 39.47 61.28
N VAL H 30 27.75 39.83 61.86
CA VAL H 30 28.69 40.67 61.14
C VAL H 30 29.35 39.91 59.99
N GLU H 31 29.82 38.69 60.26
CA GLU H 31 30.59 37.95 59.26
C GLU H 31 29.70 37.12 58.35
N ASP H 32 28.71 36.41 58.92
CA ASP H 32 27.83 35.58 58.10
C ASP H 32 26.75 36.43 57.44
N LEU H 33 25.98 37.17 58.25
CA LEU H 33 24.88 37.96 57.73
C LEU H 33 25.32 39.31 57.17
N GLY H 34 26.55 39.74 57.46
CA GLY H 34 27.08 40.95 56.89
C GLY H 34 26.62 42.24 57.53
N ALA H 35 25.77 42.17 58.55
CA ALA H 35 25.26 43.39 59.17
C ALA H 35 26.38 44.14 59.86
N ASP H 36 26.55 45.41 59.50
CA ASP H 36 27.59 46.26 60.04
C ASP H 36 27.04 47.05 61.23
O 4HH H 37 25.29 48.80 63.84
C 4HH H 37 26.05 49.24 62.97
CA 4HH H 37 27.51 48.79 62.91
N 4HH H 37 27.81 48.03 61.70
CB 4HH H 37 28.44 50.00 62.98
OG 4HH H 37 28.18 50.81 64.10
CJ 4HH H 37 27.62 52.93 65.44
CK 4HH H 37 27.65 53.14 66.95
CL1 4HH H 37 27.82 51.79 67.65
CL2 4HH H 37 28.83 54.05 67.31
CL3 4HH H 37 26.27 54.02 68.90
CM 4HH H 37 26.34 53.80 67.40
OM 4HH H 37 25.25 52.99 66.99
NN 4HH H 37 26.34 55.27 69.33
ON 4HH H 37 26.17 53.06 69.66
P 4HH H 37 29.08 51.93 63.49
O1P 4HH H 37 28.67 53.16 62.69
O2P 4HH H 37 30.56 51.61 63.35
O3P 4HH H 37 28.88 52.34 65.04
CO 4HH H 37 26.20 55.64 70.74
CP 4HH H 37 27.32 55.08 71.58
CQ 4HH H 37 27.03 55.28 73.05
CS 4HH H 37 26.17 56.82 74.77
CT 4HH H 37 24.73 57.27 74.70
NR 4HH H 37 26.70 56.50 73.45
OR 4HH H 37 27.08 54.32 73.84
SU 4HH H 37 24.48 58.65 73.56
HA 4HH H 37 27.68 48.22 63.69
H 4HH H 37 28.54 48.29 61.32
HB3 4HH H 37 28.32 50.51 62.17
HB2 4HH H 37 29.36 49.67 63.04
HJ3 4HH H 37 27.48 53.79 64.99
HJ2 4HH H 37 26.87 52.34 65.21
HL13 4HH H 37 27.05 51.24 67.48
HL12 4HH H 37 27.92 51.93 68.61
HL11 4HH H 37 28.62 51.35 67.30
HL21 4HH H 37 28.87 54.17 68.28
HL23 4HH H 37 28.72 54.91 66.87
HL22 4HH H 37 29.66 53.64 67.01
HL3 4HH H 37 26.27 54.68 66.95
HM 4HH H 37 24.53 53.35 67.23
HN 4HH H 37 26.46 55.91 68.75
HO2 4HH H 37 25.35 55.29 71.07
HO3 4HH H 37 26.18 56.61 70.82
HP3 4HH H 37 27.44 54.14 71.40
HP2 4HH H 37 28.15 55.54 71.37
HS2 4HH H 37 26.23 56.02 75.34
HS3 4HH H 37 26.71 57.53 75.18
HT3 4HH H 37 24.17 56.52 74.40
HT2 4HH H 37 24.43 57.53 75.58
HR 4HH H 37 26.83 57.16 72.88
HU 4HH H 37 25.21 59.43 74.10
N LEU H 38 25.65 50.11 62.04
CA LEU H 38 24.28 50.62 62.05
C LEU H 38 23.27 49.51 61.79
N ASP H 39 23.60 48.56 60.93
CA ASP H 39 22.68 47.46 60.67
C ASP H 39 22.42 46.65 61.93
N THR H 40 23.49 46.36 62.70
CA THR H 40 23.31 45.63 63.95
C THR H 40 22.54 46.47 64.98
N VAL H 41 22.78 47.78 65.00
CA VAL H 41 22.02 48.65 65.90
C VAL H 41 20.53 48.54 65.59
N GLU H 42 20.18 48.61 64.30
CA GLU H 42 18.77 48.51 63.92
C GLU H 42 18.23 47.12 64.22
N LEU H 43 19.07 46.09 64.08
CA LEU H 43 18.64 44.74 64.39
C LEU H 43 18.29 44.60 65.88
N VAL H 44 19.13 45.15 66.75
CA VAL H 44 18.84 45.07 68.18
C VAL H 44 17.60 45.90 68.52
N MET H 45 17.44 47.05 67.88
CA MET H 45 16.24 47.84 68.12
C MET H 45 14.99 47.07 67.71
N ALA H 46 15.03 46.40 66.56
CA ALA H 46 13.90 45.61 66.11
C ALA H 46 13.62 44.44 67.04
N LEU H 47 14.68 43.79 67.53
CA LEU H 47 14.50 42.70 68.48
C LEU H 47 13.82 43.21 69.75
N GLU H 48 14.21 44.40 70.22
CA GLU H 48 13.54 45.02 71.36
C GLU H 48 12.07 45.25 71.06
N GLU H 49 11.77 45.80 69.88
CA GLU H 49 10.39 46.15 69.55
C GLU H 49 9.50 44.92 69.44
N GLU H 50 10.00 43.85 68.84
CA GLU H 50 9.17 42.67 68.60
C GLU H 50 8.59 42.14 69.90
N PHE H 51 9.43 41.98 70.93
CA PHE H 51 9.02 41.42 72.20
C PHE H 51 8.76 42.48 73.26
N ASP H 52 8.70 43.75 72.86
CA ASP H 52 8.29 44.85 73.74
C ASP H 52 9.03 44.80 75.07
N THR H 53 10.35 44.65 75.00
CA THR H 53 11.23 44.64 76.16
C THR H 53 12.37 45.61 75.93
N GLU H 54 13.26 45.71 76.92
CA GLU H 54 14.42 46.58 76.83
C GLU H 54 15.64 45.83 77.31
N ILE H 55 16.80 46.26 76.83
CA ILE H 55 18.06 45.55 77.10
C ILE H 55 19.12 46.56 77.54
N PRO H 56 20.04 46.19 78.43
CA PRO H 56 21.12 47.11 78.77
C PRO H 56 22.09 47.29 77.60
N ASP H 57 22.79 48.42 77.61
CA ASP H 57 23.70 48.74 76.51
C ASP H 57 24.80 47.69 76.39
N GLU H 58 25.49 47.40 77.49
CA GLU H 58 26.61 46.47 77.44
C GLU H 58 26.13 45.05 77.15
N GLU H 59 25.08 44.61 77.86
CA GLU H 59 24.56 43.26 77.63
C GLU H 59 24.01 43.12 76.22
N ALA H 60 23.47 44.20 75.65
CA ALA H 60 23.00 44.15 74.28
C ALA H 60 24.16 44.05 73.30
N GLU H 61 25.18 44.89 73.46
CA GLU H 61 26.31 44.84 72.55
C GLU H 61 27.05 43.52 72.65
N LYS H 62 26.95 42.84 73.79
CA LYS H 62 27.54 41.51 73.91
C LYS H 62 26.90 40.53 72.94
N ILE H 63 25.67 40.79 72.52
CA ILE H 63 24.96 39.90 71.61
C ILE H 63 25.48 40.14 70.20
N THR H 64 26.10 39.11 69.61
CA THR H 64 26.65 39.23 68.26
C THR H 64 26.42 37.96 67.44
N THR H 65 25.32 37.25 67.68
CA THR H 65 25.04 36.03 66.94
C THR H 65 23.59 35.64 67.15
N VAL H 66 23.07 34.83 66.22
CA VAL H 66 21.70 34.36 66.33
C VAL H 66 21.52 33.56 67.61
N GLN H 67 22.46 32.67 67.90
CA GLN H 67 22.37 31.89 69.14
C GLN H 67 22.39 32.81 70.36
N ALA H 68 23.31 33.79 70.37
CA ALA H 68 23.34 34.75 71.48
C ALA H 68 22.07 35.59 71.51
N ALA H 69 21.56 35.98 70.33
CA ALA H 69 20.34 36.76 70.26
C ALA H 69 19.19 36.02 70.95
N ILE H 70 18.98 34.75 70.58
CA ILE H 70 17.90 33.99 71.21
C ILE H 70 18.21 33.78 72.69
N ASP H 71 19.47 33.52 73.03
CA ASP H 71 19.82 33.27 74.42
C ASP H 71 19.42 34.44 75.31
N TYR H 72 19.68 35.66 74.85
CA TYR H 72 19.21 36.81 75.63
C TYR H 72 17.70 36.99 75.50
N ILE H 73 17.13 36.62 74.36
CA ILE H 73 15.68 36.75 74.18
C ILE H 73 14.93 35.71 75.00
N ASN H 74 15.40 34.47 74.99
CA ASN H 74 14.75 33.40 75.73
C ASN H 74 15.44 33.16 77.07
N ILE K 2 -81.19 -58.55 1.11
CA ILE K 2 -81.80 -59.05 2.37
C ILE K 2 -81.56 -60.56 2.47
N GLU K 3 -81.53 -61.08 3.69
CA GLU K 3 -81.33 -62.50 3.95
C GLU K 3 -79.97 -62.99 3.43
N ARG K 4 -78.94 -62.49 4.09
CA ARG K 4 -77.57 -62.91 3.79
C ARG K 4 -77.44 -64.43 3.81
N GLY K 5 -76.55 -64.95 2.96
CA GLY K 5 -76.30 -66.37 2.95
C GLY K 5 -75.52 -66.85 4.16
N LYS K 6 -75.46 -68.17 4.31
CA LYS K 6 -74.85 -68.80 5.49
C LYS K 6 -74.11 -70.07 5.10
N PHE K 7 -73.01 -70.35 5.80
CA PHE K 7 -72.40 -71.67 5.76
C PHE K 7 -73.18 -72.60 6.67
N ARG K 8 -73.54 -73.79 6.17
CA ARG K 8 -74.36 -74.68 6.97
C ARG K 8 -73.58 -75.80 7.65
N SER K 9 -72.59 -76.41 6.99
CA SER K 9 -71.91 -77.53 7.62
C SER K 9 -70.54 -77.75 7.00
N LEU K 10 -69.69 -78.45 7.75
CA LEU K 10 -68.34 -78.82 7.35
C LEU K 10 -68.17 -80.31 7.55
N THR K 11 -67.64 -81.00 6.54
CA THR K 11 -67.50 -82.45 6.57
C THR K 11 -66.06 -82.86 6.29
N LEU K 12 -65.56 -83.78 7.11
CA LEU K 12 -64.25 -84.39 6.95
C LEU K 12 -64.39 -85.88 6.72
N VAL K 13 -63.60 -86.41 5.80
CA VAL K 13 -63.59 -87.84 5.50
C VAL K 13 -62.15 -88.32 5.46
N ASN K 14 -61.84 -89.29 6.31
CA ASN K 14 -60.57 -90.00 6.30
C ASN K 14 -59.40 -89.05 6.54
N TRP K 15 -59.59 -88.07 7.42
CA TRP K 15 -58.48 -87.30 7.92
C TRP K 15 -57.90 -87.93 9.18
N ASN K 16 -56.76 -87.41 9.61
CA ASN K 16 -56.09 -87.93 10.77
C ASN K 16 -57.00 -87.77 11.97
N GLY K 17 -57.52 -88.87 12.49
CA GLY K 17 -58.42 -88.84 13.62
C GLY K 17 -59.89 -88.74 13.28
N PHE K 18 -60.23 -88.47 12.02
CA PHE K 18 -61.63 -88.34 11.59
C PHE K 18 -61.82 -89.23 10.38
N PHE K 19 -62.49 -90.37 10.54
CA PHE K 19 -62.85 -91.16 9.38
C PHE K 19 -63.99 -90.51 8.60
N ALA K 20 -65.04 -90.11 9.32
CA ALA K 20 -66.20 -89.48 8.68
C ALA K 20 -66.91 -88.65 9.75
N ARG K 21 -66.81 -87.32 9.65
CA ARG K 21 -67.37 -86.42 10.64
C ARG K 21 -67.95 -85.21 9.93
N THR K 22 -69.11 -84.75 10.42
CA THR K 22 -69.78 -83.57 9.90
C THR K 22 -70.11 -82.63 11.06
N PHE K 23 -69.74 -81.37 10.92
CA PHE K 23 -70.03 -80.35 11.91
C PHE K 23 -71.14 -79.44 11.39
N ASP K 24 -72.17 -79.24 12.21
CA ASP K 24 -73.28 -78.35 11.88
C ASP K 24 -72.95 -76.96 12.42
N LEU K 25 -72.65 -76.03 11.53
CA LEU K 25 -72.18 -74.71 11.94
C LEU K 25 -73.34 -73.84 12.42
N ASP K 26 -73.05 -73.03 13.43
CA ASP K 26 -74.02 -72.11 14.00
C ASP K 26 -74.22 -70.90 13.10
N GLU K 27 -75.36 -70.23 13.26
CA GLU K 27 -75.61 -69.00 12.52
C GLU K 27 -74.76 -67.84 13.02
N LEU K 28 -74.36 -67.82 14.28
CA LEU K 28 -73.50 -66.75 14.78
C LEU K 28 -72.13 -67.24 15.26
N VAL K 29 -72.10 -68.21 16.16
CA VAL K 29 -70.84 -68.61 16.80
C VAL K 29 -70.80 -70.12 16.94
N THR K 30 -69.68 -70.72 16.54
CA THR K 30 -69.39 -72.13 16.73
C THR K 30 -68.09 -72.24 17.51
N THR K 31 -68.10 -73.02 18.58
CA THR K 31 -66.97 -73.13 19.49
C THR K 31 -66.46 -74.55 19.51
N LEU K 32 -65.17 -74.72 19.18
CA LEU K 32 -64.51 -76.01 19.24
C LEU K 32 -63.78 -76.11 20.58
N SER K 33 -63.91 -77.25 21.25
CA SER K 33 -63.40 -77.38 22.60
C SER K 33 -62.87 -78.79 22.84
N GLY K 34 -61.66 -78.88 23.37
CA GLY K 34 -61.07 -80.15 23.73
C GLY K 34 -59.63 -79.99 24.18
N GLY K 35 -59.10 -80.99 24.89
CA GLY K 35 -57.75 -80.91 25.42
C GLY K 35 -56.72 -80.69 24.32
N ASN K 36 -55.49 -80.45 24.77
CA ASN K 36 -54.39 -80.24 23.84
C ASN K 36 -54.23 -81.45 22.93
N GLY K 37 -53.98 -81.16 21.65
CA GLY K 37 -53.79 -82.22 20.68
C GLY K 37 -55.04 -82.94 20.25
N ALA K 38 -56.22 -82.45 20.65
CA ALA K 38 -57.46 -83.15 20.32
C ALA K 38 -57.76 -83.08 18.82
N GLY K 39 -57.50 -81.93 18.20
CA GLY K 39 -57.72 -81.82 16.76
C GLY K 39 -58.47 -80.59 16.28
N LYS K 40 -58.52 -79.56 17.11
CA LYS K 40 -59.27 -78.34 16.78
C LYS K 40 -58.65 -77.63 15.57
N SER K 41 -57.36 -77.30 15.68
CA SER K 41 -56.69 -76.63 14.58
C SER K 41 -56.76 -77.47 13.31
N THR K 42 -56.88 -78.78 13.45
CA THR K 42 -57.02 -79.64 12.28
C THR K 42 -58.31 -79.34 11.53
N THR K 43 -59.40 -79.13 12.26
CA THR K 43 -60.67 -78.80 11.63
C THR K 43 -60.58 -77.45 10.92
N MET K 44 -59.97 -76.46 11.56
CA MET K 44 -59.83 -75.19 10.84
C MET K 44 -58.92 -75.32 9.61
N ALA K 45 -57.89 -76.16 9.69
CA ALA K 45 -57.07 -76.43 8.52
C ALA K 45 -57.93 -76.98 7.39
N ALA K 46 -58.82 -77.92 7.71
CA ALA K 46 -59.71 -78.47 6.70
C ALA K 46 -60.55 -77.37 6.08
N PHE K 47 -61.13 -76.51 6.92
CA PHE K 47 -62.00 -75.47 6.39
C PHE K 47 -61.22 -74.61 5.39
N VAL K 48 -60.07 -74.09 5.79
CA VAL K 48 -59.41 -73.14 4.91
C VAL K 48 -58.89 -73.84 3.66
N THR K 49 -58.42 -75.09 3.78
CA THR K 49 -57.91 -75.75 2.58
C THR K 49 -59.03 -75.99 1.58
N ALA K 50 -60.22 -76.33 2.06
CA ALA K 50 -61.35 -76.44 1.13
C ALA K 50 -61.67 -75.08 0.51
N LEU K 51 -61.53 -74.01 1.30
CA LEU K 51 -61.88 -72.68 0.78
C LEU K 51 -60.88 -72.21 -0.28
N ILE K 52 -59.59 -72.37 -0.02
CA ILE K 52 -58.53 -71.91 -0.92
C ILE K 52 -57.60 -73.07 -1.24
N PRO K 53 -57.91 -73.88 -2.24
CA PRO K 53 -57.07 -75.03 -2.61
C PRO K 53 -55.87 -74.65 -3.47
N ASP K 54 -54.92 -73.91 -2.89
CA ASP K 54 -53.70 -73.51 -3.58
C ASP K 54 -52.51 -73.92 -2.74
N LEU K 55 -51.72 -74.87 -3.26
CA LEU K 55 -50.60 -75.42 -2.50
C LEU K 55 -49.43 -74.45 -2.38
N THR K 56 -49.39 -73.40 -3.20
CA THR K 56 -48.31 -72.42 -3.06
C THR K 56 -48.50 -71.57 -1.82
N LEU K 57 -49.75 -71.25 -1.47
CA LEU K 57 -50.05 -70.41 -0.33
C LEU K 57 -50.22 -71.21 0.97
N LEU K 58 -50.84 -72.37 0.89
CA LEU K 58 -51.19 -73.15 2.07
C LEU K 58 -49.97 -73.48 2.91
N HIS K 59 -49.94 -72.96 4.14
CA HIS K 59 -48.81 -73.20 5.05
C HIS K 59 -49.34 -73.12 6.47
N PHE K 60 -49.51 -74.27 7.12
CA PHE K 60 -50.06 -74.33 8.49
C PHE K 60 -48.92 -74.42 9.50
N ARG K 61 -48.25 -73.30 9.70
CA ARG K 61 -47.22 -73.22 10.73
C ARG K 61 -47.87 -73.32 12.12
N ASN K 62 -47.05 -73.71 13.10
CA ASN K 62 -47.52 -73.83 14.47
C ASN K 62 -47.89 -72.45 15.03
N THR K 63 -48.79 -72.46 16.01
CA THR K 63 -49.23 -71.21 16.60
C THR K 63 -48.09 -70.50 17.32
N THR K 64 -47.30 -71.24 18.10
CA THR K 64 -46.03 -70.69 18.55
C THR K 64 -45.12 -70.51 17.33
N GLU K 65 -44.22 -69.53 17.42
CA GLU K 65 -43.45 -69.09 16.24
C GLU K 65 -44.40 -68.54 15.16
N ALA K 66 -45.42 -67.80 15.61
CA ALA K 66 -46.54 -67.44 14.75
C ALA K 66 -46.14 -66.59 13.55
N GLY K 67 -45.01 -65.90 13.62
CA GLY K 67 -44.73 -64.86 12.64
C GLY K 67 -43.42 -65.02 11.88
N ALA K 68 -42.79 -66.17 12.00
CA ALA K 68 -41.44 -66.35 11.48
C ALA K 68 -41.46 -66.52 9.95
N THR K 69 -40.28 -66.79 9.40
CA THR K 69 -40.11 -66.95 7.96
C THR K 69 -40.65 -68.30 7.49
N SER K 70 -40.46 -68.57 6.20
CA SER K 70 -40.89 -69.85 5.64
C SER K 70 -40.21 -71.02 6.34
N GLY K 71 -38.90 -70.92 6.55
CA GLY K 71 -38.17 -71.96 7.24
C GLY K 71 -38.18 -73.30 6.54
N SER K 72 -38.87 -74.28 7.11
CA SER K 72 -38.82 -75.63 6.59
C SER K 72 -39.50 -75.70 5.23
N ARG K 73 -39.21 -76.79 4.52
CA ARG K 73 -39.89 -77.07 3.26
C ARG K 73 -41.22 -77.77 3.47
N ASP K 74 -41.46 -78.31 4.67
CA ASP K 74 -42.74 -78.92 5.00
C ASP K 74 -43.78 -77.84 5.27
N LYS K 75 -44.93 -77.95 4.61
CA LYS K 75 -46.02 -77.01 4.81
C LYS K 75 -46.97 -77.42 5.91
N GLY K 76 -46.74 -78.58 6.55
CA GLY K 76 -47.53 -78.98 7.69
C GLY K 76 -48.87 -79.61 7.38
N LEU K 77 -49.20 -79.78 6.10
CA LEU K 77 -50.49 -80.35 5.71
C LEU K 77 -50.45 -81.86 5.57
N HIS K 78 -49.35 -82.39 5.01
CA HIS K 78 -49.28 -83.81 4.70
C HIS K 78 -49.63 -84.68 5.90
N GLY K 79 -49.10 -84.35 7.07
CA GLY K 79 -49.31 -85.19 8.23
C GLY K 79 -50.74 -85.28 8.69
N LYS K 80 -51.60 -84.36 8.26
CA LYS K 80 -52.99 -84.37 8.71
C LYS K 80 -53.86 -85.33 7.90
N LEU K 81 -53.36 -85.83 6.77
CA LEU K 81 -54.07 -86.79 5.95
C LEU K 81 -53.76 -88.22 6.41
N ARG K 82 -54.45 -89.18 5.78
CA ARG K 82 -54.20 -90.59 6.00
C ARG K 82 -54.02 -91.27 4.66
N ALA K 83 -53.50 -92.50 4.70
CA ALA K 83 -53.33 -93.26 3.48
C ALA K 83 -54.68 -93.46 2.78
N GLY K 84 -54.67 -93.30 1.47
CA GLY K 84 -55.88 -93.45 0.70
C GLY K 84 -56.44 -92.14 0.18
N VAL K 85 -57.76 -92.02 0.15
CA VAL K 85 -58.44 -90.86 -0.41
C VAL K 85 -59.11 -90.11 0.72
N CYS K 86 -59.04 -88.77 0.65
CA CYS K 86 -59.59 -87.91 1.68
C CYS K 86 -60.40 -86.79 1.03
N TYR K 87 -61.38 -86.28 1.78
CA TYR K 87 -62.25 -85.22 1.28
C TYR K 87 -62.43 -84.12 2.32
N SER K 88 -62.75 -82.93 1.82
CA SER K 88 -63.20 -81.81 2.65
C SER K 88 -64.25 -81.04 1.87
N THR K 89 -65.42 -80.85 2.46
CA THR K 89 -66.54 -80.26 1.74
C THR K 89 -67.29 -79.26 2.63
N LEU K 90 -67.85 -78.24 1.98
CA LEU K 90 -68.68 -77.24 2.62
C LEU K 90 -70.09 -77.29 2.04
N ASP K 91 -71.08 -76.98 2.87
CA ASP K 91 -72.47 -76.90 2.46
C ASP K 91 -72.99 -75.50 2.72
N VAL K 92 -73.55 -74.86 1.69
CA VAL K 92 -73.88 -73.44 1.73
C VAL K 92 -75.32 -73.23 1.25
N ILE K 93 -75.95 -72.20 1.80
CA ILE K 93 -77.29 -71.77 1.43
C ILE K 93 -77.22 -70.30 1.05
N ASN K 94 -77.56 -69.99 -0.20
CA ASN K 94 -77.51 -68.62 -0.69
C ASN K 94 -78.74 -67.83 -0.24
N SER K 95 -78.74 -66.54 -0.59
CA SER K 95 -79.94 -65.74 -0.41
C SER K 95 -81.09 -66.28 -1.23
N ARG K 96 -80.80 -66.95 -2.34
CA ARG K 96 -81.82 -67.58 -3.16
C ARG K 96 -82.34 -68.87 -2.54
N HIS K 97 -81.72 -69.34 -1.46
CA HIS K 97 -82.03 -70.62 -0.83
C HIS K 97 -81.70 -71.81 -1.74
N GLN K 98 -80.65 -71.68 -2.56
CA GLN K 98 -80.16 -72.80 -3.34
C GLN K 98 -79.07 -73.53 -2.55
N ARG K 99 -79.19 -74.85 -2.45
CA ARG K 99 -78.22 -75.66 -1.72
C ARG K 99 -77.09 -76.06 -2.66
N VAL K 100 -75.87 -75.62 -2.34
CA VAL K 100 -74.69 -75.91 -3.14
C VAL K 100 -73.64 -76.53 -2.24
N VAL K 101 -73.00 -77.59 -2.72
CA VAL K 101 -71.94 -78.28 -1.99
C VAL K 101 -70.63 -78.10 -2.76
N VAL K 102 -69.62 -77.61 -2.08
CA VAL K 102 -68.31 -77.32 -2.66
C VAL K 102 -67.24 -78.00 -1.82
N GLY K 103 -66.22 -78.54 -2.48
CA GLY K 103 -65.20 -79.27 -1.75
C GLY K 103 -64.04 -79.66 -2.64
N VAL K 104 -63.13 -80.44 -2.06
CA VAL K 104 -61.90 -80.87 -2.71
C VAL K 104 -61.63 -82.33 -2.34
N ARG K 105 -60.87 -83.02 -3.20
CA ARG K 105 -60.42 -84.37 -2.92
C ARG K 105 -58.91 -84.35 -2.69
N LEU K 106 -58.48 -84.98 -1.59
CA LEU K 106 -57.09 -84.93 -1.14
C LEU K 106 -56.49 -86.33 -1.08
N GLN K 107 -55.20 -86.43 -1.43
CA GLN K 107 -54.50 -87.71 -1.46
C GLN K 107 -53.01 -87.48 -1.21
N GLN K 108 -52.40 -88.36 -0.43
CA GLN K 108 -50.97 -88.30 -0.16
C GLN K 108 -50.19 -88.82 -1.36
N VAL K 109 -49.36 -87.97 -1.95
CA VAL K 109 -48.50 -88.39 -3.05
C VAL K 109 -47.33 -89.18 -2.48
N ALA K 110 -47.12 -90.39 -2.98
CA ALA K 110 -46.07 -91.27 -2.47
C ALA K 110 -44.70 -90.74 -2.85
N GLY K 111 -43.78 -90.78 -1.89
CA GLY K 111 -42.41 -90.43 -2.16
C GLY K 111 -41.64 -90.22 -0.88
N ARG K 112 -40.36 -89.86 -1.04
CA ARG K 112 -39.56 -89.52 0.12
C ARG K 112 -40.14 -88.30 0.84
N ASP K 113 -40.49 -87.27 0.06
CA ASP K 113 -40.98 -86.03 0.60
C ASP K 113 -42.46 -86.10 0.90
N ARG K 114 -42.94 -85.13 1.66
CA ARG K 114 -44.30 -85.08 2.15
C ARG K 114 -45.08 -84.09 1.30
N LYS K 115 -45.70 -84.60 0.23
CA LYS K 115 -46.42 -83.81 -0.75
C LYS K 115 -47.86 -84.31 -0.84
N VAL K 116 -48.74 -83.45 -1.37
CA VAL K 116 -50.17 -83.74 -1.41
C VAL K 116 -50.71 -83.38 -2.79
N ASP K 117 -51.75 -84.11 -3.20
CA ASP K 117 -52.47 -83.87 -4.45
C ASP K 117 -53.90 -83.44 -4.14
N ILE K 118 -54.40 -82.44 -4.86
CA ILE K 118 -55.67 -81.79 -4.54
C ILE K 118 -56.46 -81.54 -5.82
N LYS K 119 -57.78 -81.77 -5.76
CA LYS K 119 -58.66 -81.58 -6.90
C LYS K 119 -60.02 -81.01 -6.46
N PRO K 120 -60.39 -79.80 -6.88
CA PRO K 120 -61.68 -79.24 -6.47
C PRO K 120 -62.85 -79.80 -7.27
N PHE K 121 -64.04 -79.61 -6.73
CA PHE K 121 -65.29 -80.03 -7.39
C PHE K 121 -66.45 -79.30 -6.74
N MET K 122 -67.61 -79.35 -7.41
CA MET K 122 -68.83 -78.72 -6.92
C MET K 122 -70.05 -79.50 -7.38
N ILE K 123 -71.09 -79.51 -6.53
CA ILE K 123 -72.34 -80.21 -6.79
C ILE K 123 -73.48 -79.23 -6.55
N GLN K 124 -74.47 -79.24 -7.43
CA GLN K 124 -75.65 -78.40 -7.29
C GLN K 124 -76.91 -79.23 -7.44
N GLY K 125 -77.99 -78.77 -6.81
CA GLY K 125 -79.28 -79.41 -6.95
C GLY K 125 -79.50 -80.64 -6.09
N LEU K 126 -78.61 -80.93 -5.16
CA LEU K 126 -78.78 -82.10 -4.32
C LEU K 126 -80.06 -81.97 -3.49
N PRO K 127 -80.82 -83.05 -3.31
CA PRO K 127 -81.97 -82.98 -2.42
C PRO K 127 -81.52 -82.67 -1.00
N THR K 128 -82.42 -82.04 -0.25
CA THR K 128 -82.16 -81.74 1.15
C THR K 128 -82.08 -82.98 2.02
N ALA K 129 -82.47 -84.15 1.48
CA ALA K 129 -82.53 -85.37 2.27
C ALA K 129 -81.23 -86.16 2.28
N ILE K 130 -80.23 -85.78 1.48
CA ILE K 130 -78.99 -86.54 1.35
C ILE K 130 -77.85 -85.72 1.93
N GLN K 131 -77.05 -86.36 2.86
CA GLN K 131 -75.91 -85.77 3.55
C GLN K 131 -74.60 -86.11 2.83
N PRO K 132 -73.57 -85.26 2.97
CA PRO K 132 -72.32 -85.52 2.24
C PRO K 132 -71.67 -86.86 2.58
N THR K 133 -71.66 -87.22 3.87
CA THR K 133 -71.03 -88.47 4.26
C THR K 133 -71.65 -89.65 3.55
N GLN K 134 -72.96 -89.60 3.33
CA GLN K 134 -73.64 -90.67 2.61
C GLN K 134 -73.18 -90.71 1.15
N LEU K 135 -73.02 -89.55 0.52
CA LEU K 135 -72.56 -89.52 -0.86
C LEU K 135 -71.18 -90.15 -0.99
N LEU K 136 -70.28 -89.85 -0.06
CA LEU K 136 -68.88 -90.22 -0.25
C LEU K 136 -68.49 -91.59 0.30
N THR K 137 -69.40 -92.35 0.89
CA THR K 137 -69.03 -93.65 1.45
C THR K 137 -70.01 -94.74 1.03
N GLU K 138 -69.50 -95.96 0.90
CA GLU K 138 -70.29 -97.15 0.62
C GLU K 138 -70.39 -98.01 1.89
N ASN K 139 -71.61 -98.41 2.24
CA ASN K 139 -71.85 -99.20 3.45
C ASN K 139 -71.69 -100.69 3.17
N VAL K 140 -70.45 -101.09 2.89
CA VAL K 140 -70.13 -102.49 2.60
C VAL K 140 -70.27 -103.31 3.88
N GLY K 141 -70.24 -104.64 3.72
CA GLY K 141 -70.48 -105.55 4.83
C GLY K 141 -69.52 -105.37 5.99
N GLU K 142 -68.34 -104.80 5.77
CA GLU K 142 -67.36 -104.70 6.83
C GLU K 142 -67.82 -103.76 7.94
N ARG K 143 -67.09 -103.80 9.05
CA ARG K 143 -67.41 -102.94 10.19
C ARG K 143 -67.36 -101.48 9.79
N GLN K 144 -66.43 -101.12 8.91
CA GLN K 144 -66.20 -99.74 8.50
C GLN K 144 -66.47 -99.59 7.01
N ALA K 145 -67.06 -98.46 6.64
CA ALA K 145 -67.46 -98.22 5.26
C ALA K 145 -66.23 -98.04 4.37
N ARG K 146 -66.48 -97.87 3.08
CA ARG K 146 -65.45 -97.67 2.07
C ARG K 146 -65.62 -96.29 1.45
N VAL K 147 -64.56 -95.51 1.46
CA VAL K 147 -64.56 -94.20 0.79
C VAL K 147 -64.37 -94.42 -0.70
N LEU K 148 -65.24 -93.80 -1.51
CA LEU K 148 -65.26 -94.08 -2.93
C LEU K 148 -64.64 -92.94 -3.74
N PRO K 149 -63.72 -93.27 -4.68
CA PRO K 149 -63.03 -92.20 -5.43
C PRO K 149 -63.94 -91.38 -6.33
N LEU K 150 -63.33 -90.43 -7.05
CA LEU K 150 -64.09 -89.50 -7.89
C LEU K 150 -64.82 -90.21 -9.02
N ASN K 151 -64.27 -91.30 -9.54
CA ASN K 151 -64.95 -92.02 -10.62
C ASN K 151 -66.30 -92.54 -10.12
N GLU K 152 -66.28 -93.28 -9.01
CA GLU K 152 -67.52 -93.78 -8.44
C GLU K 152 -68.45 -92.62 -8.10
N LEU K 153 -67.91 -91.52 -7.60
CA LEU K 153 -68.75 -90.39 -7.21
C LEU K 153 -69.44 -89.78 -8.42
N LYS K 154 -68.70 -89.60 -9.51
CA LYS K 154 -69.30 -89.04 -10.73
C LYS K 154 -70.40 -89.95 -11.24
N ASP K 155 -70.13 -91.26 -11.27
CA ASP K 155 -71.16 -92.19 -11.72
C ASP K 155 -72.39 -92.13 -10.81
N ARG K 156 -72.16 -92.05 -9.49
CA ARG K 156 -73.26 -92.07 -8.54
C ARG K 156 -74.11 -90.81 -8.66
N LEU K 157 -73.46 -89.65 -8.84
CA LEU K 157 -74.19 -88.40 -8.92
C LEU K 157 -74.93 -88.25 -10.25
N ASP K 158 -74.27 -88.61 -11.36
CA ASP K 158 -74.92 -88.44 -12.65
C ASP K 158 -76.23 -89.22 -12.72
N GLU K 159 -76.36 -90.28 -11.94
CA GLU K 159 -77.59 -91.07 -11.93
C GLU K 159 -78.76 -90.28 -11.37
N MET K 160 -78.50 -89.29 -10.52
CA MET K 160 -79.57 -88.53 -9.89
C MET K 160 -80.22 -87.60 -10.91
N GLU K 161 -81.49 -87.28 -10.66
CA GLU K 161 -82.26 -86.39 -11.53
C GLU K 161 -82.06 -84.95 -11.06
N GLY K 162 -81.61 -84.09 -11.98
CA GLY K 162 -81.46 -82.68 -11.71
C GLY K 162 -80.17 -82.31 -11.01
N VAL K 163 -79.38 -83.27 -10.56
CA VAL K 163 -78.13 -82.97 -9.87
C VAL K 163 -77.02 -82.84 -10.89
N GLN K 164 -76.22 -81.79 -10.74
CA GLN K 164 -75.10 -81.50 -11.64
C GLN K 164 -73.81 -81.61 -10.86
N PHE K 165 -72.82 -82.30 -11.44
CA PHE K 165 -71.51 -82.46 -10.84
C PHE K 165 -70.47 -81.81 -11.75
N LYS K 166 -69.81 -80.79 -11.25
CA LYS K 166 -68.80 -80.03 -11.98
C LYS K 166 -67.43 -80.28 -11.34
N GLN K 167 -66.45 -80.63 -12.15
CA GLN K 167 -65.10 -80.94 -11.69
C GLN K 167 -64.12 -80.01 -12.39
N PHE K 168 -63.36 -79.26 -11.61
CA PHE K 168 -62.55 -78.17 -12.13
C PHE K 168 -61.12 -78.60 -12.43
N ASN K 169 -60.53 -77.94 -13.42
CA ASN K 169 -59.15 -78.17 -13.83
C ASN K 169 -58.20 -77.08 -13.36
N SER K 170 -58.73 -75.91 -12.99
CA SER K 170 -57.91 -74.81 -12.52
C SER K 170 -58.63 -74.11 -11.37
N ILE K 171 -57.84 -73.55 -10.45
CA ILE K 171 -58.39 -72.89 -9.28
C ILE K 171 -59.21 -71.67 -9.68
N THR K 172 -58.80 -71.00 -10.75
CA THR K 172 -59.49 -69.78 -11.20
C THR K 172 -60.95 -70.06 -11.50
N ASP K 173 -61.24 -71.15 -12.21
CA ASP K 173 -62.62 -71.48 -12.52
C ASP K 173 -63.43 -71.72 -11.26
N TYR K 174 -62.82 -72.43 -10.31
CA TYR K 174 -63.47 -72.78 -9.06
C TYR K 174 -63.85 -71.52 -8.29
N HIS K 175 -62.93 -70.57 -8.19
CA HIS K 175 -63.24 -69.33 -7.51
C HIS K 175 -64.27 -68.50 -8.27
N ALA K 176 -64.22 -68.52 -9.61
CA ALA K 176 -65.23 -67.81 -10.38
C ALA K 176 -66.63 -68.33 -10.07
N GLN K 177 -66.81 -69.65 -10.08
CA GLN K 177 -68.10 -70.21 -9.74
C GLN K 177 -68.50 -69.86 -8.32
N MET K 178 -67.57 -69.94 -7.37
CA MET K 178 -67.94 -69.61 -6.00
C MET K 178 -68.42 -68.17 -5.89
N PHE K 179 -67.74 -67.24 -6.56
CA PHE K 179 -68.17 -65.85 -6.51
C PHE K 179 -69.55 -65.68 -7.14
N ASP K 180 -69.78 -66.30 -8.30
CA ASP K 180 -71.06 -66.12 -8.97
C ASP K 180 -72.22 -66.55 -8.08
N LEU K 181 -72.01 -67.52 -7.21
CA LEU K 181 -73.04 -68.02 -6.31
C LEU K 181 -73.05 -67.31 -4.96
N GLY K 182 -72.20 -66.31 -4.76
CA GLY K 182 -72.20 -65.55 -3.53
C GLY K 182 -71.66 -66.28 -2.33
N VAL K 183 -70.60 -67.08 -2.52
CA VAL K 183 -69.95 -67.74 -1.40
C VAL K 183 -68.77 -66.94 -0.88
N ILE K 184 -68.20 -66.04 -1.68
CA ILE K 184 -67.08 -65.21 -1.25
C ILE K 184 -67.36 -63.77 -1.68
N PRO K 185 -66.75 -62.77 -1.03
CA PRO K 185 -67.12 -61.38 -1.29
C PRO K 185 -66.42 -60.75 -2.49
N LYS K 186 -65.47 -61.43 -3.11
CA LYS K 186 -64.70 -60.84 -4.20
C LYS K 186 -64.24 -61.96 -5.12
N ARG K 187 -64.28 -61.72 -6.43
CA ARG K 187 -63.87 -62.75 -7.37
C ARG K 187 -62.37 -62.65 -7.59
N LEU K 188 -61.66 -63.73 -7.27
CA LEU K 188 -60.21 -63.77 -7.22
C LEU K 188 -59.68 -63.86 -8.64
N ARG K 189 -59.53 -62.68 -9.25
CA ARG K 189 -59.08 -62.60 -10.63
C ARG K 189 -57.79 -63.38 -10.86
N SER K 190 -56.80 -63.13 -10.01
CA SER K 190 -55.44 -63.58 -10.28
C SER K 190 -54.78 -64.04 -8.99
N ALA K 191 -53.59 -64.62 -9.15
CA ALA K 191 -52.85 -65.15 -8.00
C ALA K 191 -52.64 -64.11 -6.91
N SER K 192 -52.43 -62.86 -7.29
CA SER K 192 -52.25 -61.81 -6.30
C SER K 192 -53.51 -61.65 -5.44
N ASP K 193 -54.68 -61.69 -6.07
CA ASP K 193 -55.93 -61.64 -5.32
C ASP K 193 -56.05 -62.82 -4.39
N ARG K 194 -55.66 -64.01 -4.85
CA ARG K 194 -55.68 -65.17 -3.97
C ARG K 194 -54.78 -64.95 -2.76
N SER K 195 -53.60 -64.37 -3.00
CA SER K 195 -52.66 -64.14 -1.92
C SER K 195 -53.25 -63.19 -0.88
N LYS K 196 -53.87 -62.09 -1.34
CA LYS K 196 -54.45 -61.16 -0.38
C LYS K 196 -55.60 -61.79 0.40
N PHE K 197 -56.45 -62.56 -0.28
CA PHE K 197 -57.55 -63.21 0.42
C PHE K 197 -57.03 -64.18 1.48
N TYR K 198 -56.00 -64.94 1.13
CA TYR K 198 -55.41 -65.85 2.10
C TYR K 198 -54.76 -65.10 3.24
N ARG K 199 -54.11 -63.98 2.95
CA ARG K 199 -53.57 -63.13 4.01
C ARG K 199 -54.67 -62.77 4.99
N LEU K 200 -55.82 -62.34 4.48
CA LEU K 200 -56.93 -62.00 5.35
C LEU K 200 -57.31 -63.17 6.25
N ILE K 201 -57.53 -64.33 5.64
CA ILE K 201 -58.00 -65.49 6.41
C ILE K 201 -57.00 -65.87 7.48
N GLU K 202 -55.73 -66.03 7.10
CA GLU K 202 -54.74 -66.54 8.04
C GLU K 202 -54.42 -65.51 9.12
N ALA K 203 -54.43 -64.22 8.78
CA ALA K 203 -54.28 -63.19 9.80
C ALA K 203 -55.41 -63.28 10.81
N SER K 204 -56.64 -63.52 10.35
CA SER K 204 -57.72 -63.72 11.30
C SER K 204 -57.48 -64.96 12.15
N LEU K 205 -56.95 -66.02 11.53
CA LEU K 205 -56.80 -67.29 12.23
C LEU K 205 -55.82 -67.15 13.40
N TYR K 206 -54.62 -66.64 13.13
CA TYR K 206 -53.64 -66.55 14.22
C TYR K 206 -53.90 -65.38 15.17
N GLY K 207 -54.45 -64.28 14.67
CA GLY K 207 -54.77 -63.15 15.51
C GLY K 207 -53.61 -62.18 15.67
N GLY K 208 -53.96 -60.95 16.00
CA GLY K 208 -52.99 -59.87 16.17
C GLY K 208 -53.02 -58.92 14.99
N ILE K 209 -52.43 -57.75 15.22
CA ILE K 209 -52.32 -56.74 14.17
C ILE K 209 -51.38 -57.27 13.11
N SER K 210 -51.92 -57.65 11.95
CA SER K 210 -51.11 -58.26 10.90
C SER K 210 -50.12 -57.25 10.35
N SER K 211 -48.85 -57.67 10.24
CA SER K 211 -47.84 -56.79 9.66
C SER K 211 -48.14 -56.48 8.20
N ALA K 212 -48.46 -57.53 7.43
CA ALA K 212 -48.66 -57.33 5.99
C ALA K 212 -49.86 -56.45 5.72
N ILE K 213 -50.96 -56.66 6.44
CA ILE K 213 -52.13 -55.79 6.26
C ILE K 213 -51.75 -54.35 6.57
N THR K 214 -50.96 -54.16 7.63
CA THR K 214 -50.60 -52.80 8.05
C THR K 214 -49.73 -52.11 7.01
N ARG K 215 -48.79 -52.84 6.40
CA ARG K 215 -47.91 -52.23 5.41
C ARG K 215 -48.70 -51.65 4.25
N SER K 216 -49.58 -52.46 3.64
CA SER K 216 -50.24 -52.12 2.39
C SER K 216 -51.68 -51.66 2.58
N LEU K 217 -51.95 -50.90 3.64
CA LEU K 217 -53.31 -50.56 4.02
C LEU K 217 -54.14 -49.99 2.87
N ARG K 218 -53.56 -49.08 2.07
CA ARG K 218 -54.32 -48.52 0.96
C ARG K 218 -54.65 -49.58 -0.07
N ASP K 219 -53.75 -50.55 -0.28
CA ASP K 219 -54.02 -51.58 -1.28
C ASP K 219 -55.22 -52.45 -0.88
N TYR K 220 -55.46 -52.59 0.42
CA TYR K 220 -56.58 -53.42 0.89
C TYR K 220 -57.88 -52.62 0.98
N LEU K 221 -57.85 -51.41 1.53
CA LEU K 221 -59.10 -50.72 1.85
C LEU K 221 -59.67 -49.87 0.73
N LEU K 222 -58.94 -49.59 -0.35
CA LEU K 222 -59.45 -48.70 -1.36
C LEU K 222 -59.69 -49.40 -2.68
N PRO K 223 -60.87 -49.28 -3.28
CA PRO K 223 -61.08 -49.84 -4.62
C PRO K 223 -60.38 -49.01 -5.68
N GLU K 224 -60.00 -49.67 -6.77
CA GLU K 224 -59.32 -49.02 -7.88
C GLU K 224 -60.36 -48.52 -8.88
N ASN K 225 -60.23 -47.29 -9.33
CA ASN K 225 -61.20 -46.62 -10.18
C ASN K 225 -60.64 -46.47 -11.57
N SER K 226 -61.39 -46.94 -12.58
CA SER K 226 -60.95 -46.87 -13.96
C SER K 226 -61.32 -45.56 -14.64
N GLY K 227 -62.36 -44.87 -14.17
CA GLY K 227 -62.86 -43.72 -14.90
C GLY K 227 -61.78 -42.69 -15.19
N VAL K 228 -60.93 -42.43 -14.19
CA VAL K 228 -59.90 -41.41 -14.32
C VAL K 228 -58.91 -41.72 -15.44
N ARG K 229 -58.83 -42.98 -15.87
CA ARG K 229 -57.74 -43.46 -16.73
C ARG K 229 -58.10 -43.66 -18.20
N LYS K 230 -59.22 -44.33 -18.46
CA LYS K 230 -59.43 -44.89 -19.79
C LYS K 230 -59.64 -43.79 -20.82
N ALA K 231 -60.21 -42.66 -20.40
CA ALA K 231 -60.28 -41.50 -21.27
C ALA K 231 -58.91 -41.21 -21.86
N PHE K 232 -57.91 -41.18 -21.01
CA PHE K 232 -56.59 -40.73 -21.42
C PHE K 232 -55.85 -41.84 -22.16
N GLN K 233 -56.14 -43.10 -21.85
CA GLN K 233 -55.61 -44.16 -22.71
C GLN K 233 -56.15 -44.05 -24.13
N ASP K 234 -57.45 -43.77 -24.29
CA ASP K 234 -57.97 -43.64 -25.66
C ASP K 234 -57.43 -42.39 -26.34
N MET K 235 -57.37 -41.26 -25.62
CA MET K 235 -56.84 -40.05 -26.25
C MET K 235 -55.37 -40.23 -26.61
N GLU K 236 -54.64 -40.95 -25.77
CA GLU K 236 -53.22 -41.20 -25.97
C GLU K 236 -52.95 -42.19 -27.11
N ALA K 237 -53.98 -42.90 -27.57
CA ALA K 237 -53.75 -44.03 -28.47
C ALA K 237 -53.07 -43.62 -29.76
N ALA K 238 -53.51 -42.52 -30.37
CA ALA K 238 -52.95 -42.13 -31.67
C ALA K 238 -51.44 -41.92 -31.57
N LEU K 239 -50.98 -41.30 -30.49
CA LEU K 239 -49.55 -41.08 -30.33
C LEU K 239 -48.80 -42.38 -30.08
N ARG K 240 -49.39 -43.29 -29.29
CA ARG K 240 -48.72 -44.54 -28.98
C ARG K 240 -48.44 -45.34 -30.25
N GLU K 241 -49.46 -45.47 -31.10
CA GLU K 241 -49.30 -46.22 -32.35
C GLU K 241 -48.24 -45.59 -33.23
N ASN K 242 -48.24 -44.26 -33.32
CA ASN K 242 -47.28 -43.56 -34.17
C ASN K 242 -45.86 -43.79 -33.67
N ARG K 243 -45.66 -43.68 -32.36
CA ARG K 243 -44.32 -43.91 -31.79
C ARG K 243 -43.84 -45.32 -32.08
N ILE K 244 -44.71 -46.31 -31.88
CA ILE K 244 -44.32 -47.70 -32.11
C ILE K 244 -43.96 -47.91 -33.57
N THR K 245 -44.76 -47.33 -34.47
CA THR K 245 -44.47 -47.45 -35.89
C THR K 245 -43.10 -46.86 -36.23
N LEU K 246 -42.80 -45.69 -35.67
CA LEU K 246 -41.51 -45.06 -35.94
C LEU K 246 -40.36 -45.95 -35.46
N GLU K 247 -40.50 -46.55 -34.27
CA GLU K 247 -39.44 -47.41 -33.79
C GLU K 247 -39.26 -48.61 -34.70
N ALA K 248 -40.38 -49.19 -35.16
CA ALA K 248 -40.29 -50.35 -36.05
C ALA K 248 -39.57 -49.99 -37.35
N ILE K 249 -39.91 -48.85 -37.94
CA ILE K 249 -39.24 -48.47 -39.18
C ILE K 249 -37.75 -48.32 -38.94
N ARG K 250 -37.35 -47.78 -37.79
CA ARG K 250 -35.92 -47.65 -37.54
C ARG K 250 -35.23 -49.02 -37.48
N VAL K 251 -35.78 -49.94 -36.70
CA VAL K 251 -35.12 -51.24 -36.54
C VAL K 251 -35.03 -51.96 -37.88
N THR K 252 -36.13 -51.98 -38.64
CA THR K 252 -36.12 -52.70 -39.91
C THR K 252 -35.17 -52.04 -40.89
N GLN K 253 -35.06 -50.71 -40.87
CA GLN K 253 -34.10 -50.05 -41.73
C GLN K 253 -32.69 -50.55 -41.45
N SER K 254 -32.31 -50.60 -40.18
CA SER K 254 -30.95 -51.06 -39.86
C SER K 254 -30.74 -52.48 -40.36
N ASP K 255 -31.69 -53.37 -40.10
CA ASP K 255 -31.52 -54.76 -40.50
C ASP K 255 -31.37 -54.90 -42.00
N ARG K 256 -32.22 -54.20 -42.76
CA ARG K 256 -32.15 -54.29 -44.21
C ARG K 256 -30.82 -53.77 -44.73
N ASP K 257 -30.34 -52.66 -44.19
CA ASP K 257 -29.07 -52.14 -44.69
C ASP K 257 -27.94 -53.15 -44.46
N LEU K 258 -27.89 -53.71 -43.26
CA LEU K 258 -26.84 -54.66 -42.95
C LEU K 258 -26.89 -55.85 -43.90
N PHE K 259 -28.05 -56.49 -43.99
CA PHE K 259 -28.18 -57.64 -44.88
C PHE K 259 -27.76 -57.30 -46.29
N LYS K 260 -28.33 -56.23 -46.84
CA LYS K 260 -28.15 -55.96 -48.26
C LYS K 260 -26.71 -55.66 -48.60
N HIS K 261 -25.96 -55.04 -47.68
CA HIS K 261 -24.57 -54.74 -48.04
C HIS K 261 -23.68 -55.97 -47.87
N LEU K 262 -23.81 -56.64 -46.72
CA LEU K 262 -22.92 -57.77 -46.44
C LEU K 262 -23.13 -58.89 -47.46
N ILE K 263 -24.38 -59.20 -47.79
CA ILE K 263 -24.64 -60.28 -48.73
C ILE K 263 -24.02 -59.95 -50.08
N THR K 264 -24.14 -58.70 -50.53
CA THR K 264 -23.61 -58.33 -51.84
C THR K 264 -22.10 -58.52 -51.88
N GLU K 265 -21.39 -58.01 -50.86
CA GLU K 265 -19.94 -58.13 -50.88
C GLU K 265 -19.50 -59.59 -50.84
N ALA K 266 -20.13 -60.40 -49.97
CA ALA K 266 -19.76 -61.81 -49.91
C ALA K 266 -19.97 -62.48 -51.26
N THR K 267 -21.13 -62.24 -51.88
CA THR K 267 -21.46 -62.90 -53.12
C THR K 267 -20.47 -62.53 -54.22
N SER K 268 -20.16 -61.23 -54.36
CA SER K 268 -19.25 -60.84 -55.42
C SER K 268 -17.87 -61.43 -55.20
N TYR K 269 -17.35 -61.27 -53.98
CA TYR K 269 -16.00 -61.76 -53.68
C TYR K 269 -15.87 -63.24 -54.00
N VAL K 270 -16.87 -64.04 -53.65
CA VAL K 270 -16.76 -65.48 -53.87
C VAL K 270 -16.93 -65.82 -55.35
N SER K 271 -17.98 -65.27 -55.98
CA SER K 271 -18.34 -65.71 -57.32
C SER K 271 -17.29 -65.30 -58.34
N ALA K 272 -16.70 -64.11 -58.19
CA ALA K 272 -15.70 -63.68 -59.16
C ALA K 272 -14.52 -64.65 -59.20
N ASP K 273 -14.03 -65.05 -58.02
CA ASP K 273 -12.95 -66.02 -57.97
C ASP K 273 -13.36 -67.35 -58.57
N TYR K 274 -14.58 -67.79 -58.26
CA TYR K 274 -15.06 -69.05 -58.82
C TYR K 274 -14.99 -69.04 -60.35
N MET K 275 -15.47 -67.95 -60.95
CA MET K 275 -15.45 -67.85 -62.40
C MET K 275 -14.03 -67.73 -62.93
N ARG K 276 -13.14 -67.04 -62.20
CA ARG K 276 -11.77 -66.96 -62.66
C ARG K 276 -11.13 -68.34 -62.73
N HIS K 277 -11.41 -69.18 -61.75
CA HIS K 277 -10.92 -70.56 -61.80
C HIS K 277 -11.50 -71.30 -63.00
N ALA K 278 -12.80 -71.12 -63.26
CA ALA K 278 -13.38 -71.77 -64.43
C ALA K 278 -12.63 -71.37 -65.71
N ASN K 279 -12.38 -70.07 -65.87
CA ASN K 279 -11.69 -69.61 -67.07
C ASN K 279 -10.25 -70.14 -67.13
N GLU K 280 -9.58 -70.20 -65.99
CA GLU K 280 -8.23 -70.75 -65.98
C GLU K 280 -8.23 -72.19 -66.46
N ARG K 281 -9.19 -72.99 -65.99
CA ARG K 281 -9.27 -74.38 -66.43
C ARG K 281 -9.51 -74.44 -67.94
N ARG K 282 -10.40 -73.59 -68.45
CA ARG K 282 -10.64 -73.58 -69.88
C ARG K 282 -9.37 -73.27 -70.65
N THR K 283 -8.61 -72.28 -70.18
CA THR K 283 -7.35 -71.94 -70.85
C THR K 283 -6.37 -73.12 -70.82
N HIS K 284 -6.30 -73.80 -69.69
CA HIS K 284 -5.40 -74.95 -69.60
C HIS K 284 -5.79 -76.03 -70.59
N LEU K 285 -7.10 -76.31 -70.71
CA LEU K 285 -7.54 -77.31 -71.66
C LEU K 285 -7.22 -76.90 -73.09
N ASP K 286 -7.45 -75.62 -73.42
CA ASP K 286 -7.14 -75.15 -74.78
C ASP K 286 -5.66 -75.28 -75.08
N GLU K 287 -4.81 -74.89 -74.12
CA GLU K 287 -3.37 -75.02 -74.32
C GLU K 287 -2.97 -76.47 -74.54
N ALA K 288 -3.50 -77.37 -73.71
CA ALA K 288 -3.18 -78.78 -73.84
C ALA K 288 -3.57 -79.29 -75.22
N LEU K 289 -4.79 -79.01 -75.66
CA LEU K 289 -5.23 -79.51 -76.95
C LEU K 289 -4.41 -78.93 -78.10
N ALA K 290 -4.10 -77.63 -78.06
CA ALA K 290 -3.34 -77.04 -79.15
C ALA K 290 -1.94 -77.67 -79.25
N LEU K 291 -1.23 -77.73 -78.12
CA LEU K 291 0.13 -78.26 -78.17
C LEU K 291 0.12 -79.75 -78.52
N ARG K 292 -0.85 -80.49 -77.99
CA ARG K 292 -1.04 -81.88 -78.39
C ARG K 292 -1.21 -82.00 -79.90
N GLY K 293 -2.10 -81.20 -80.47
CA GLY K 293 -2.39 -81.31 -81.89
C GLY K 293 -1.15 -81.10 -82.72
N GLU K 294 -0.45 -80.00 -82.47
CA GLU K 294 0.70 -79.72 -83.32
C GLU K 294 1.84 -80.68 -83.06
N LEU K 295 2.01 -81.13 -81.81
CA LEU K 295 3.00 -82.15 -81.50
C LEU K 295 2.75 -83.42 -82.29
N PHE K 296 1.52 -83.95 -82.24
CA PHE K 296 1.22 -85.18 -82.94
C PHE K 296 1.41 -85.02 -84.45
N GLY K 297 0.92 -83.90 -85.00
CA GLY K 297 1.04 -83.71 -86.44
C GLY K 297 2.48 -83.64 -86.90
N SER K 298 3.30 -82.84 -86.20
CA SER K 298 4.70 -82.75 -86.55
C SER K 298 5.42 -84.08 -86.35
N HIS K 299 4.99 -84.87 -85.36
CA HIS K 299 5.60 -86.17 -85.13
C HIS K 299 5.41 -87.08 -86.34
N LYS K 300 4.16 -87.23 -86.78
CA LYS K 300 3.92 -88.08 -87.95
C LYS K 300 4.58 -87.50 -89.20
N GLN K 301 4.59 -86.17 -89.36
CA GLN K 301 5.25 -85.57 -90.51
C GLN K 301 6.74 -85.90 -90.52
N LEU K 302 7.33 -85.73 -89.29
CA LEU K 302 8.76 -86.06 -89.15
C LEU K 302 9.01 -87.53 -89.47
N ALA K 303 8.15 -88.44 -89.01
CA ALA K 303 8.30 -89.86 -89.32
C ALA K 303 8.21 -90.08 -90.84
N THR K 304 7.23 -89.45 -91.51
CA THR K 304 7.06 -89.57 -92.96
C THR K 304 8.22 -88.92 -93.72
N GLU K 305 8.70 -87.76 -93.27
CA GLU K 305 9.84 -87.07 -93.89
C GLU K 305 11.11 -87.91 -93.75
N GLN K 306 11.32 -88.58 -92.62
CA GLN K 306 12.45 -89.48 -92.41
C GLN K 306 12.38 -90.64 -93.41
N TYR K 307 11.19 -91.23 -93.62
CA TYR K 307 11.02 -92.34 -94.57
C TYR K 307 11.36 -91.87 -95.99
N ARG K 308 10.91 -90.67 -96.38
CA ARG K 308 11.24 -90.07 -97.68
C ARG K 308 12.73 -89.79 -97.77
N HIS K 309 13.32 -89.20 -96.74
CA HIS K 309 14.75 -88.89 -96.66
C HIS K 309 15.61 -90.14 -96.89
N VAL K 310 15.25 -91.25 -96.25
CA VAL K 310 15.92 -92.55 -96.41
C VAL K 310 15.85 -93.01 -97.86
N GLU K 311 14.69 -92.83 -98.53
CA GLU K 311 14.51 -93.22 -99.92
C GLU K 311 15.42 -92.37 -100.84
N MET K 312 15.47 -91.04 -100.66
CA MET K 312 16.37 -90.20 -101.47
C MET K 312 17.84 -90.54 -101.18
N ALA K 313 18.19 -90.84 -99.92
CA ALA K 313 19.55 -91.24 -99.56
C ALA K 313 19.95 -92.56 -100.26
N ARG K 314 19.01 -93.53 -100.37
CA ARG K 314 19.21 -94.83 -101.04
C ARG K 314 19.52 -94.63 -102.53
N GLU K 315 18.72 -93.85 -103.26
CA GLU K 315 18.98 -93.63 -104.68
C GLU K 315 20.31 -92.88 -104.90
N LEU K 316 20.70 -91.95 -104.02
CA LEU K 316 22.00 -91.30 -104.17
C LEU K 316 23.14 -92.28 -103.87
N ALA K 317 22.95 -93.26 -102.98
CA ALA K 317 23.96 -94.27 -102.73
C ALA K 317 24.21 -95.06 -104.03
N GLU K 318 23.15 -95.41 -104.77
CA GLU K 318 23.27 -96.10 -106.06
C GLU K 318 24.00 -95.20 -107.07
N GLN K 319 23.64 -93.91 -107.18
CA GLN K 319 24.37 -93.01 -108.09
C GLN K 319 25.84 -92.84 -107.65
N SER K 320 26.14 -92.82 -106.35
CA SER K 320 27.53 -92.70 -105.87
C SER K 320 28.34 -93.91 -106.35
N GLY K 321 27.78 -95.12 -106.26
CA GLY K 321 28.41 -96.34 -106.77
C GLY K 321 28.61 -96.23 -108.28
N ALA K 322 27.57 -95.81 -109.01
CA ALA K 322 27.66 -95.60 -110.46
C ALA K 322 28.77 -94.59 -110.80
N SER K 323 28.93 -93.52 -110.01
CA SER K 323 29.99 -92.53 -110.23
C SER K 323 31.38 -93.17 -110.09
N SER K 324 31.58 -94.06 -109.11
CA SER K 324 32.87 -94.75 -108.93
C SER K 324 33.14 -95.70 -110.10
N ASP K 325 32.12 -96.41 -110.58
CA ASP K 325 32.23 -97.28 -111.76
C ASP K 325 32.57 -96.43 -112.99
N LEU K 326 31.88 -95.30 -113.17
CA LEU K 326 32.16 -94.37 -114.26
C LEU K 326 33.59 -93.84 -114.11
N GLU K 327 34.06 -93.46 -112.92
CA GLU K 327 35.44 -93.01 -112.74
C GLU K 327 36.42 -94.08 -113.22
N THR K 328 36.16 -95.35 -112.88
CA THR K 328 36.97 -96.48 -113.33
C THR K 328 36.97 -96.58 -114.86
N ASP K 329 35.79 -96.48 -115.49
CA ASP K 329 35.64 -96.50 -116.95
C ASP K 329 36.34 -95.31 -117.61
N HIS K 330 36.27 -94.13 -117.01
CA HIS K 330 36.86 -92.90 -117.53
C HIS K 330 38.40 -92.92 -117.35
N GLN K 331 38.92 -93.54 -116.29
CA GLN K 331 40.36 -93.71 -116.13
C GLN K 331 40.84 -94.57 -117.31
N ALA K 332 40.18 -95.71 -117.56
CA ALA K 332 40.48 -96.57 -118.71
C ALA K 332 40.32 -95.80 -120.04
N ALA K 333 39.31 -94.92 -120.14
CA ALA K 333 39.08 -94.10 -121.33
C ALA K 333 40.25 -93.14 -121.57
N SER K 334 40.74 -92.46 -120.52
CA SER K 334 41.88 -91.55 -120.63
C SER K 334 43.14 -92.32 -121.08
N ASP K 335 43.34 -93.53 -120.52
CA ASP K 335 44.44 -94.40 -120.90
C ASP K 335 44.31 -94.77 -122.39
N HIS K 336 43.11 -95.12 -122.84
CA HIS K 336 42.84 -95.47 -124.24
C HIS K 336 43.19 -94.30 -125.18
N LEU K 337 42.83 -93.05 -124.82
CA LEU K 337 43.19 -91.90 -125.65
C LEU K 337 44.71 -91.80 -125.78
N ASN K 338 45.44 -91.85 -124.66
CA ASN K 338 46.91 -91.78 -124.68
C ASN K 338 47.52 -92.94 -125.49
N LEU K 339 46.97 -94.15 -125.38
CA LEU K 339 47.43 -95.31 -126.15
C LEU K 339 47.25 -95.03 -127.66
N VAL K 340 46.11 -94.47 -128.08
CA VAL K 340 45.87 -94.12 -129.49
C VAL K 340 46.83 -93.01 -129.94
N GLN K 341 47.05 -91.95 -129.15
CA GLN K 341 48.00 -90.88 -129.51
C GLN K 341 49.40 -91.46 -129.72
N THR K 342 49.80 -92.39 -128.84
CA THR K 342 51.08 -93.10 -128.91
C THR K 342 51.19 -93.93 -130.18
N ALA K 343 50.15 -94.72 -130.50
CA ALA K 343 50.11 -95.51 -131.71
C ALA K 343 50.20 -94.62 -132.97
N MET K 344 49.50 -93.48 -133.01
CA MET K 344 49.56 -92.53 -134.14
C MET K 344 51.01 -92.07 -134.37
N ARG K 345 51.74 -91.70 -133.31
CA ARG K 345 53.15 -91.28 -133.41
C ARG K 345 54.01 -92.40 -133.97
N GLN K 346 53.84 -93.64 -133.51
CA GLN K 346 54.60 -94.76 -134.08
C GLN K 346 54.17 -95.09 -135.51
N GLN K 347 52.92 -94.82 -135.91
CA GLN K 347 52.46 -95.05 -137.27
C GLN K 347 53.17 -94.11 -138.23
N GLU K 348 53.33 -92.84 -137.84
CA GLU K 348 54.08 -91.89 -138.66
C GLU K 348 55.54 -92.37 -138.80
N LYS K 349 56.12 -92.94 -137.73
CA LYS K 349 57.48 -93.48 -137.75
C LYS K 349 57.58 -94.64 -138.76
N ILE K 350 56.56 -95.51 -138.82
CA ILE K 350 56.49 -96.61 -139.80
C ILE K 350 56.50 -95.99 -141.22
N ASP K 351 55.75 -94.90 -141.44
CA ASP K 351 55.73 -94.21 -142.74
C ASP K 351 57.13 -93.66 -143.07
N ARG K 352 57.82 -93.03 -142.09
CA ARG K 352 59.19 -92.53 -142.27
C ARG K 352 60.13 -93.67 -142.64
N TYR K 353 60.09 -94.79 -141.93
CA TYR K 353 60.92 -95.97 -142.25
C TYR K 353 60.60 -96.53 -143.65
N GLN K 354 59.35 -96.50 -144.10
CA GLN K 354 58.99 -96.95 -145.45
C GLN K 354 59.69 -96.04 -146.49
N VAL K 355 59.62 -94.71 -146.29
CA VAL K 355 60.29 -93.74 -147.18
C VAL K 355 61.81 -93.95 -147.14
N ASP K 356 62.39 -94.20 -145.97
CA ASP K 356 63.82 -94.49 -145.82
C ASP K 356 64.23 -95.75 -146.60
N LEU K 357 63.38 -96.79 -146.62
CA LEU K 357 63.65 -98.01 -147.39
C LEU K 357 63.51 -97.74 -148.90
N GLU K 358 62.55 -96.91 -149.33
CA GLU K 358 62.43 -96.53 -150.76
C GLU K 358 63.72 -95.80 -151.19
N GLU K 359 64.21 -94.85 -150.38
CA GLU K 359 65.45 -94.11 -150.62
C GLU K 359 66.63 -95.09 -150.74
N LEU K 360 66.79 -96.02 -149.80
CA LEU K 360 67.88 -96.99 -149.86
C LEU K 360 67.75 -97.90 -151.10
N SER K 361 66.54 -98.18 -151.57
CA SER K 361 66.33 -98.99 -152.79
C SER K 361 66.99 -98.30 -153.99
N TYR K 362 66.74 -97.00 -154.17
CA TYR K 362 67.32 -96.22 -155.26
C TYR K 362 68.85 -96.14 -155.14
N ARG K 363 69.36 -95.90 -153.92
CA ARG K 363 70.81 -95.86 -153.67
C ARG K 363 71.45 -97.23 -153.99
N LEU K 364 70.80 -98.33 -153.62
CA LEU K 364 71.29 -99.68 -153.93
C LEU K 364 71.37 -99.89 -155.44
N GLU K 365 70.32 -99.54 -156.18
CA GLU K 365 70.31 -99.68 -157.65
C GLU K 365 71.49 -98.92 -158.28
N GLU K 366 71.72 -97.68 -157.87
CA GLU K 366 72.84 -96.89 -158.38
C GLU K 366 74.18 -97.54 -158.03
N GLN K 367 74.38 -98.00 -156.79
CA GLN K 367 75.65 -98.65 -156.43
C GLN K 367 75.80 -99.99 -157.16
N THR K 368 74.73 -100.75 -157.43
CA THR K 368 74.84 -101.99 -158.20
C THR K 368 75.30 -101.65 -159.62
N ASP K 369 74.72 -100.61 -160.25
CA ASP K 369 75.15 -100.18 -161.58
C ASP K 369 76.64 -99.78 -161.57
N VAL K 370 77.06 -98.97 -160.59
CA VAL K 370 78.47 -98.54 -160.47
C VAL K 370 79.41 -99.75 -160.26
N VAL K 371 79.04 -100.70 -159.40
CA VAL K 371 79.84 -101.92 -159.18
C VAL K 371 79.91 -102.74 -160.46
N GLU K 372 78.81 -102.85 -161.21
CA GLU K 372 78.80 -103.56 -162.49
C GLU K 372 79.74 -102.89 -163.51
N GLU K 373 79.67 -101.56 -163.70
CA GLU K 373 80.60 -100.89 -164.63
C GLU K 373 82.06 -101.06 -164.17
N ALA K 374 82.33 -100.95 -162.87
CA ALA K 374 83.67 -101.15 -162.33
C ALA K 374 84.14 -102.60 -162.59
N GLY K 375 83.24 -103.57 -162.44
CA GLY K 375 83.54 -104.98 -162.70
C GLY K 375 83.82 -105.23 -164.19
N GLU K 376 83.08 -104.57 -165.09
CA GLU K 376 83.31 -104.64 -166.54
C GLU K 376 84.70 -104.08 -166.87
N LEU K 377 85.03 -102.88 -166.36
CA LEU K 377 86.35 -102.28 -166.59
C LEU K 377 87.46 -103.17 -166.02
N GLN K 378 87.25 -103.76 -164.83
CA GLN K 378 88.21 -104.68 -164.21
C GLN K 378 88.47 -105.88 -165.14
N ALA K 379 87.41 -106.49 -165.69
CA ALA K 379 87.53 -107.62 -166.63
C ALA K 379 88.24 -107.22 -167.93
N GLU K 380 87.93 -106.04 -168.48
CA GLU K 380 88.60 -105.53 -169.69
C GLU K 380 90.10 -105.29 -169.45
N TYR K 381 90.48 -104.64 -168.34
CA TYR K 381 91.89 -104.41 -168.04
C TYR K 381 92.60 -105.73 -167.69
N GLU K 382 91.92 -106.71 -167.08
CA GLU K 382 92.51 -108.04 -166.81
C GLU K 382 92.82 -108.74 -168.14
N ALA K 383 91.86 -108.84 -169.06
CA ALA K 383 92.06 -109.49 -170.36
C ALA K 383 93.17 -108.79 -171.17
N ARG K 384 93.20 -107.46 -171.15
CA ARG K 384 94.22 -106.65 -171.83
C ARG K 384 95.60 -106.89 -171.22
N THR K 385 95.71 -106.87 -169.89
CA THR K 385 96.98 -107.10 -169.18
C THR K 385 97.48 -108.52 -169.45
N GLU K 386 96.61 -109.54 -169.39
CA GLU K 386 96.97 -110.93 -169.67
C GLU K 386 97.53 -111.06 -171.09
N ALA K 387 96.85 -110.48 -172.08
CA ALA K 387 97.34 -110.53 -173.46
C ALA K 387 98.71 -109.84 -173.60
N THR K 388 98.90 -108.68 -172.97
CA THR K 388 100.20 -107.99 -173.05
C THR K 388 101.32 -108.80 -172.37
N GLU K 389 101.09 -109.38 -171.19
CA GLU K 389 102.15 -110.17 -170.55
C GLU K 389 102.41 -111.48 -171.30
N GLN K 390 101.39 -112.12 -171.89
CA GLN K 390 101.59 -113.33 -172.70
C GLN K 390 102.45 -113.02 -173.93
N GLU K 391 102.19 -111.89 -174.61
CA GLU K 391 102.98 -111.48 -175.77
C GLU K 391 104.41 -111.11 -175.32
N VAL K 392 104.56 -110.43 -174.18
CA VAL K 392 105.89 -110.13 -173.59
C VAL K 392 106.64 -111.44 -173.31
N ASP K 393 105.98 -112.43 -172.70
CA ASP K 393 106.59 -113.73 -172.40
C ASP K 393 107.00 -114.48 -173.67
N GLU K 394 106.24 -114.35 -174.76
CA GLU K 394 106.61 -114.99 -176.03
C GLU K 394 107.92 -114.36 -176.52
N LEU K 395 108.02 -113.03 -176.56
CA LEU K 395 109.24 -112.34 -176.99
C LEU K 395 110.42 -112.66 -176.05
N LYS K 396 110.17 -112.76 -174.73
CA LYS K 396 111.19 -113.15 -173.75
C LYS K 396 111.70 -114.56 -174.07
N SER K 397 110.79 -115.49 -174.40
CA SER K 397 111.18 -116.86 -174.75
C SER K 397 111.99 -116.88 -176.05
N GLN K 398 111.64 -116.07 -177.05
CA GLN K 398 112.40 -115.98 -178.31
C GLN K 398 113.83 -115.47 -178.06
N LEU K 399 114.01 -114.49 -177.16
CA LEU K 399 115.33 -113.94 -176.82
C LEU K 399 116.16 -114.92 -175.97
N ALA K 400 115.53 -115.59 -175.00
CA ALA K 400 116.18 -116.59 -174.17
C ALA K 400 116.57 -117.85 -174.96
N ASP K 401 115.68 -118.34 -175.80
CA ASP K 401 115.85 -119.52 -176.66
C ASP K 401 116.06 -119.07 -178.12
N TYR K 402 117.20 -118.44 -178.44
CA TYR K 402 117.46 -118.00 -179.82
C TYR K 402 117.65 -119.21 -180.77
N GLN K 403 117.86 -120.41 -180.24
CA GLN K 403 117.93 -121.68 -180.99
C GLN K 403 116.57 -121.96 -181.67
N GLN K 404 115.50 -121.26 -181.26
CA GLN K 404 114.16 -121.29 -181.87
C GLN K 404 114.31 -121.07 -183.39
N ALA K 405 115.34 -120.30 -183.80
CA ALA K 405 115.75 -120.07 -185.19
C ALA K 405 114.67 -119.47 -186.10
N LEU K 406 114.04 -118.37 -185.69
CA LEU K 406 112.99 -117.67 -186.45
C LEU K 406 111.74 -118.49 -186.86
N ASP K 407 111.49 -119.69 -186.30
CA ASP K 407 110.30 -120.50 -186.63
C ASP K 407 109.01 -119.78 -186.22
N VAL K 408 109.00 -119.22 -185.01
CA VAL K 408 107.87 -118.41 -184.50
C VAL K 408 107.74 -117.13 -185.33
N GLN K 409 108.85 -116.53 -185.77
CA GLN K 409 108.81 -115.31 -186.60
C GLN K 409 108.17 -115.65 -187.96
N GLN K 410 108.51 -116.79 -188.57
CA GLN K 410 107.88 -117.24 -189.81
C GLN K 410 106.38 -117.48 -189.57
N THR K 411 106.02 -118.13 -188.47
CA THR K 411 104.62 -118.39 -188.11
C THR K 411 103.86 -117.07 -187.94
N ARG K 412 104.45 -116.09 -187.26
CA ARG K 412 103.86 -114.75 -187.05
C ARG K 412 103.75 -113.99 -188.37
N ALA K 413 104.75 -114.09 -189.25
CA ALA K 413 104.72 -113.44 -190.56
C ALA K 413 103.61 -114.06 -191.45
N ILE K 414 103.48 -115.40 -191.46
CA ILE K 414 102.42 -116.08 -192.23
C ILE K 414 101.05 -115.69 -191.63
N GLN K 415 100.94 -115.61 -190.29
CA GLN K 415 99.72 -115.15 -189.61
C GLN K 415 99.41 -113.69 -190.01
N TYR K 416 100.43 -112.82 -190.16
CA TYR K 416 100.24 -111.43 -190.61
C TYR K 416 99.67 -111.42 -192.04
N GLN K 417 100.20 -112.26 -192.94
CA GLN K 417 99.67 -112.39 -194.31
C GLN K 417 98.22 -112.92 -194.27
N GLN K 418 97.92 -113.88 -193.39
CA GLN K 418 96.57 -114.44 -193.19
C GLN K 418 95.61 -113.36 -192.65
N ALA K 419 96.08 -112.45 -191.79
CA ALA K 419 95.28 -111.36 -191.26
C ALA K 419 94.96 -110.35 -192.38
N LEU K 420 95.95 -110.02 -193.20
CA LEU K 420 95.82 -109.12 -194.35
C LEU K 420 94.83 -109.73 -195.37
N GLN K 421 94.97 -111.02 -195.67
CA GLN K 421 94.10 -111.75 -196.60
C GLN K 421 92.65 -111.75 -196.06
N ALA K 422 92.45 -111.99 -194.76
CA ALA K 422 91.12 -111.97 -194.16
C ALA K 422 90.51 -110.57 -194.26
N LEU K 423 91.29 -109.52 -193.95
CA LEU K 423 90.83 -108.13 -194.04
C LEU K 423 90.38 -107.80 -195.47
N GLU K 424 91.15 -108.21 -196.48
CA GLU K 424 90.79 -107.98 -197.88
C GLU K 424 89.47 -108.68 -198.21
N ARG K 425 89.30 -109.94 -197.75
CA ARG K 425 88.07 -110.71 -197.95
C ARG K 425 86.87 -110.02 -197.28
N ALA K 426 87.05 -109.46 -196.08
CA ALA K 426 85.99 -108.73 -195.39
C ALA K 426 85.66 -107.42 -196.12
N ARG K 427 86.66 -106.67 -196.62
CA ARG K 427 86.43 -105.44 -197.39
C ARG K 427 85.58 -105.74 -198.63
N GLU K 428 85.79 -106.90 -199.26
CA GLU K 428 85.00 -107.35 -200.42
C GLU K 428 83.56 -107.74 -200.02
N LEU K 429 83.38 -108.66 -199.06
CA LEU K 429 82.04 -109.09 -198.63
C LEU K 429 81.19 -107.93 -198.09
N CYS K 430 81.76 -107.08 -197.23
CA CYS K 430 81.09 -105.93 -196.65
C CYS K 430 81.05 -104.70 -197.59
N ARG K 431 81.76 -104.76 -198.74
CA ARG K 431 81.90 -103.67 -199.73
C ARG K 431 82.39 -102.35 -199.11
N LEU K 432 83.42 -102.45 -198.27
CA LEU K 432 84.06 -101.34 -197.55
C LEU K 432 85.56 -101.27 -197.88
N PRO K 433 85.98 -100.64 -199.00
CA PRO K 433 87.40 -100.49 -199.32
C PRO K 433 88.11 -99.67 -198.23
N ASP K 434 87.41 -98.68 -197.66
CA ASP K 434 87.85 -97.84 -196.55
C ASP K 434 87.61 -98.60 -195.23
N LEU K 435 88.63 -99.31 -194.70
CA LEU K 435 88.56 -100.09 -193.46
C LEU K 435 89.95 -100.31 -192.84
N SER K 436 90.01 -100.44 -191.51
CA SER K 436 91.23 -100.68 -190.74
C SER K 436 90.97 -101.55 -189.50
N VAL K 437 91.98 -102.23 -188.97
CA VAL K 437 91.82 -103.08 -187.77
C VAL K 437 91.31 -102.26 -186.55
N ASP K 438 91.75 -101.01 -186.42
CA ASP K 438 91.34 -100.10 -185.32
C ASP K 438 89.87 -99.66 -185.36
N ASN K 439 89.30 -99.42 -186.55
CA ASN K 439 87.90 -98.99 -186.71
C ASN K 439 86.93 -100.08 -187.19
N ALA K 440 87.40 -101.31 -187.48
CA ALA K 440 86.52 -102.40 -187.90
C ALA K 440 85.48 -102.78 -186.84
N GLU K 441 85.77 -102.55 -185.55
CA GLU K 441 84.82 -102.83 -184.45
C GLU K 441 83.55 -101.98 -184.58
N GLU K 442 83.65 -100.75 -185.13
CA GLU K 442 82.50 -99.85 -185.33
C GLU K 442 81.56 -100.43 -186.40
N TRP K 443 82.11 -100.88 -187.53
CA TRP K 443 81.28 -101.52 -188.55
C TRP K 443 80.77 -102.87 -188.06
N LEU K 444 81.55 -103.62 -187.27
CA LEU K 444 81.10 -104.90 -186.74
C LEU K 444 79.92 -104.70 -185.79
N GLU K 445 79.97 -103.76 -184.85
CA GLU K 445 78.83 -103.55 -183.92
C GLU K 445 77.61 -103.04 -184.72
N THR K 446 77.84 -102.23 -185.76
CA THR K 446 76.77 -101.73 -186.64
C THR K 446 76.09 -102.90 -187.36
N PHE K 447 76.87 -103.83 -187.92
CA PHE K 447 76.32 -104.99 -188.61
C PHE K 447 75.77 -106.02 -187.61
N GLN K 448 76.27 -106.07 -186.37
CA GLN K 448 75.73 -106.93 -185.31
C GLN K 448 74.32 -106.40 -184.98
N ALA K 449 74.14 -105.07 -184.88
CA ALA K 449 72.83 -104.48 -184.64
C ALA K 449 71.90 -104.79 -185.83
N LYS K 450 72.41 -104.71 -187.07
CA LYS K 450 71.66 -105.06 -188.29
C LYS K 450 71.19 -106.52 -188.26
N GLU K 451 72.08 -107.43 -187.87
CA GLU K 451 71.81 -108.86 -187.71
C GLU K 451 70.81 -109.12 -186.57
N GLN K 452 70.91 -108.37 -185.46
CA GLN K 452 69.98 -108.48 -184.34
C GLN K 452 68.59 -108.04 -184.82
N GLN K 453 68.49 -106.93 -185.56
CA GLN K 453 67.23 -106.45 -186.12
C GLN K 453 66.66 -107.50 -187.09
N ALA K 454 67.48 -108.09 -187.96
CA ALA K 454 67.04 -109.12 -188.90
C ALA K 454 66.54 -110.39 -188.18
N THR K 455 67.25 -110.87 -187.15
CA THR K 455 66.86 -112.07 -186.37
C THR K 455 65.63 -111.82 -185.49
N GLU K 456 65.56 -110.68 -184.80
CA GLU K 456 64.40 -110.33 -183.95
C GLU K 456 63.15 -110.12 -184.82
N ALA K 457 63.30 -109.49 -185.98
CA ALA K 457 62.20 -109.33 -186.93
C ALA K 457 61.75 -110.72 -187.40
N LEU K 458 62.66 -111.50 -188.00
CA LEU K 458 62.37 -112.84 -188.53
C LEU K 458 61.78 -113.79 -187.47
N LEU K 459 62.08 -113.61 -186.19
CA LEU K 459 61.48 -114.40 -185.12
C LEU K 459 59.97 -114.12 -185.06
N ALA K 460 59.58 -112.83 -185.06
CA ALA K 460 58.17 -112.44 -185.09
C ALA K 460 57.50 -112.93 -186.38
N LEU K 461 58.25 -112.90 -187.51
CA LEU K 461 57.75 -113.40 -188.80
C LEU K 461 57.51 -114.92 -188.71
N GLU K 462 58.42 -115.69 -188.10
CA GLU K 462 58.25 -117.14 -187.92
C GLU K 462 57.00 -117.44 -187.07
N GLN K 463 56.74 -116.71 -185.97
CA GLN K 463 55.51 -116.93 -185.21
C GLN K 463 54.28 -116.62 -186.07
N LYS K 464 54.30 -115.52 -186.83
CA LYS K 464 53.17 -115.15 -187.71
C LYS K 464 52.92 -116.18 -188.81
N LEU K 465 53.96 -116.70 -189.47
CA LEU K 465 53.81 -117.73 -190.48
C LEU K 465 53.31 -119.04 -189.85
N SER K 466 53.74 -119.35 -188.63
CA SER K 466 53.29 -120.55 -187.90
C SER K 466 51.79 -120.49 -187.61
N VAL K 467 51.25 -119.36 -187.15
CA VAL K 467 49.80 -119.21 -186.90
C VAL K 467 48.98 -119.04 -188.20
N ALA K 468 49.62 -118.73 -189.33
CA ALA K 468 48.95 -118.59 -190.63
C ALA K 468 48.42 -119.93 -191.19
N ASP K 469 48.74 -121.06 -190.56
CA ASP K 469 48.28 -122.40 -190.96
C ASP K 469 46.75 -122.59 -190.81
N ALA K 470 46.08 -121.74 -190.03
CA ALA K 470 44.63 -121.79 -189.80
C ALA K 470 43.86 -121.66 -191.14
N ALA K 471 42.85 -122.52 -191.34
CA ALA K 471 42.06 -122.52 -192.55
C ALA K 471 41.18 -121.26 -192.71
N HIS K 472 40.55 -121.13 -193.88
CA HIS K 472 39.70 -119.99 -194.25
C HIS K 472 38.48 -119.79 -193.33
N ASN K 473 37.86 -120.88 -192.87
CA ASN K 473 36.67 -120.81 -192.02
C ASN K 473 36.89 -120.08 -190.67
N GLN K 474 38.02 -120.25 -189.97
CA GLN K 474 38.24 -119.56 -188.70
C GLN K 474 38.27 -118.03 -188.87
N PHE K 475 38.91 -117.53 -189.93
CA PHE K 475 38.97 -116.09 -190.21
C PHE K 475 37.58 -115.52 -190.48
N GLU K 476 36.78 -116.19 -191.31
CA GLU K 476 35.41 -115.78 -191.62
C GLU K 476 34.54 -115.79 -190.34
N GLN K 477 34.54 -116.89 -189.58
CA GLN K 477 33.76 -116.99 -188.35
C GLN K 477 34.15 -115.88 -187.36
N ALA K 478 35.44 -115.62 -187.13
CA ALA K 478 35.87 -114.55 -186.23
C ALA K 478 35.48 -113.16 -186.76
N TYR K 479 35.68 -112.90 -188.06
CA TYR K 479 35.33 -111.64 -188.70
C TYR K 479 33.82 -111.35 -188.63
N GLN K 480 32.98 -112.34 -188.94
CA GLN K 480 31.53 -112.20 -188.86
C GLN K 480 31.09 -112.00 -187.40
N LEU K 481 31.74 -112.65 -186.43
CA LEU K 481 31.39 -112.44 -185.02
C LEU K 481 31.65 -110.98 -184.63
N VAL K 482 32.82 -110.42 -184.96
CA VAL K 482 33.14 -109.00 -184.66
C VAL K 482 32.16 -108.06 -185.36
N LYS K 483 31.85 -108.30 -186.64
CA LYS K 483 30.90 -107.49 -187.43
C LYS K 483 29.50 -107.55 -186.82
N ASN K 484 29.04 -108.71 -186.34
CA ASN K 484 27.73 -108.82 -185.69
C ASN K 484 27.65 -108.05 -184.36
N ILE K 485 28.77 -107.93 -183.63
CA ILE K 485 28.83 -107.23 -182.34
C ILE K 485 28.98 -105.70 -182.51
N VAL K 486 29.97 -105.25 -183.29
CA VAL K 486 30.28 -103.81 -183.49
C VAL K 486 29.61 -103.16 -184.70
N GLY K 487 29.27 -103.95 -185.71
CA GLY K 487 28.77 -103.48 -187.00
C GLY K 487 29.90 -103.60 -188.03
N GLU K 488 29.68 -103.19 -189.27
CA GLU K 488 30.69 -103.26 -190.35
C GLU K 488 32.05 -102.63 -189.95
N THR K 489 33.12 -103.40 -190.09
CA THR K 489 34.52 -103.04 -189.80
C THR K 489 35.43 -103.66 -190.86
N SER K 490 36.59 -103.08 -191.16
CA SER K 490 37.48 -103.71 -192.14
C SER K 490 38.16 -104.93 -191.52
N ARG K 491 38.56 -105.91 -192.34
CA ARG K 491 39.24 -107.13 -191.90
C ARG K 491 40.55 -106.82 -191.19
N SER K 492 41.28 -105.80 -191.66
CA SER K 492 42.52 -105.33 -191.05
C SER K 492 42.31 -104.77 -189.63
N GLU K 493 41.17 -104.10 -189.39
CA GLU K 493 40.77 -103.50 -188.11
C GLU K 493 40.05 -104.48 -187.15
N ALA K 494 39.63 -105.65 -187.67
CA ALA K 494 38.90 -106.64 -186.90
C ALA K 494 39.68 -107.17 -185.68
N TRP K 495 41.00 -107.36 -185.79
CA TRP K 495 41.83 -107.83 -184.67
C TRP K 495 41.82 -106.84 -183.49
N GLN K 496 42.10 -105.57 -183.76
CA GLN K 496 42.13 -104.51 -182.73
C GLN K 496 40.75 -104.32 -182.12
N SER K 497 39.69 -104.28 -182.94
CA SER K 497 38.32 -104.14 -182.44
C SER K 497 37.91 -105.36 -181.60
N ALA K 498 38.26 -106.59 -182.01
CA ALA K 498 37.97 -107.79 -181.22
C ALA K 498 38.70 -107.71 -179.86
N ARG K 499 39.97 -107.31 -179.86
CA ARG K 499 40.76 -107.13 -178.63
C ARG K 499 40.11 -106.08 -177.73
N GLU K 500 39.68 -104.95 -178.28
CA GLU K 500 39.03 -103.87 -177.53
C GLU K 500 37.71 -104.37 -176.91
N LEU K 501 36.94 -105.15 -177.65
CA LEU K 501 35.68 -105.74 -177.17
C LEU K 501 35.97 -106.71 -176.03
N LEU K 502 36.97 -107.58 -176.18
CA LEU K 502 37.37 -108.55 -175.16
C LEU K 502 38.01 -107.85 -173.94
N ARG K 503 38.46 -106.60 -174.10
CA ARG K 503 38.94 -105.72 -173.02
C ARG K 503 37.76 -105.10 -172.26
N ASP K 504 36.77 -104.56 -172.97
CA ASP K 504 35.58 -103.95 -172.35
C ASP K 504 34.58 -104.97 -171.75
N TRP K 505 34.30 -106.08 -172.43
CA TRP K 505 33.33 -107.10 -171.99
C TRP K 505 33.55 -107.62 -170.56
N PRO K 506 34.77 -107.96 -170.10
CA PRO K 506 35.01 -108.37 -168.71
C PRO K 506 34.59 -107.25 -167.73
N SER K 507 34.84 -105.98 -168.06
CA SER K 507 34.43 -104.85 -167.22
C SER K 507 32.90 -104.76 -167.19
N GLN K 508 32.23 -104.93 -168.33
CA GLN K 508 30.77 -104.93 -168.43
C GLN K 508 30.18 -106.04 -167.54
N ARG K 509 30.74 -107.26 -167.61
CA ARG K 509 30.30 -108.39 -166.76
C ARG K 509 30.54 -108.11 -165.28
N HIS K 510 31.69 -107.53 -164.92
CA HIS K 510 32.02 -107.18 -163.55
C HIS K 510 31.06 -106.14 -162.92
N LEU K 511 30.68 -105.10 -163.67
CA LEU K 511 29.78 -104.04 -163.17
C LEU K 511 28.28 -104.34 -163.36
N ALA K 512 27.88 -105.30 -164.20
CA ALA K 512 26.47 -105.66 -164.42
C ALA K 512 25.80 -106.17 -163.13
N ASP K 513 26.51 -106.97 -162.32
CA ASP K 513 25.98 -107.49 -161.05
C ASP K 513 25.66 -106.40 -160.01
N ARG K 514 26.26 -105.21 -160.13
CA ARG K 514 26.04 -104.08 -159.20
C ARG K 514 24.68 -103.39 -159.34
N VAL K 515 23.85 -103.71 -160.34
CA VAL K 515 22.52 -103.06 -160.51
C VAL K 515 21.68 -103.19 -159.23
N GLN K 516 21.60 -104.39 -158.63
CA GLN K 516 20.83 -104.56 -157.40
C GLN K 516 21.46 -103.78 -156.20
N PRO K 517 22.78 -103.86 -155.92
CA PRO K 517 23.41 -103.03 -154.90
C PRO K 517 23.16 -101.53 -155.14
N LEU K 518 23.17 -101.10 -156.41
CA LEU K 518 22.88 -99.71 -156.78
C LEU K 518 21.41 -99.37 -156.51
N ARG K 519 20.46 -100.30 -156.77
CA ARG K 519 19.02 -100.11 -156.51
C ARG K 519 18.79 -99.87 -155.02
N MET K 520 19.35 -100.71 -154.15
CA MET K 520 19.20 -100.48 -152.70
C MET K 520 19.91 -99.18 -152.30
N ARG K 521 21.10 -98.88 -152.85
CA ARG K 521 21.85 -97.65 -152.57
C ARG K 521 21.04 -96.41 -152.92
N LEU K 522 20.47 -96.35 -154.13
CA LEU K 522 19.65 -95.22 -154.57
C LEU K 522 18.36 -95.10 -153.76
N SER K 523 17.74 -96.21 -153.39
CA SER K 523 16.50 -96.16 -152.60
C SER K 523 16.77 -95.49 -151.25
N GLU K 524 17.83 -95.90 -150.55
CA GLU K 524 18.21 -95.32 -149.26
C GLU K 524 18.62 -93.84 -149.44
N LEU K 525 19.42 -93.55 -150.46
CA LEU K 525 19.89 -92.20 -150.77
C LEU K 525 18.76 -91.24 -151.13
N GLU K 526 17.78 -91.67 -151.93
CA GLU K 526 16.65 -90.82 -152.31
C GLU K 526 15.72 -90.60 -151.10
N GLN K 527 15.52 -91.62 -150.25
CA GLN K 527 14.73 -91.47 -149.02
C GLN K 527 15.44 -90.46 -148.11
N ARG K 528 16.78 -90.53 -148.04
CA ARG K 528 17.62 -89.60 -147.29
C ARG K 528 17.46 -88.18 -147.87
N LEU K 529 17.50 -88.01 -149.19
CA LEU K 529 17.30 -86.69 -149.81
C LEU K 529 15.90 -86.15 -149.50
N ASN K 530 14.85 -86.97 -149.48
CA ASN K 530 13.51 -86.51 -149.11
C ASN K 530 13.55 -85.93 -147.69
N ASN K 531 14.19 -86.65 -146.77
CA ASN K 531 14.34 -86.20 -145.37
C ASN K 531 15.17 -84.90 -145.30
N GLN K 532 16.22 -84.75 -146.13
CA GLN K 532 17.01 -83.51 -146.19
C GLN K 532 16.12 -82.35 -146.64
N GLN K 533 15.35 -82.55 -147.72
CA GLN K 533 14.43 -81.53 -148.23
C GLN K 533 13.41 -81.14 -147.17
N ASN K 534 12.84 -82.11 -146.45
CA ASN K 534 11.88 -81.84 -145.38
C ASN K 534 12.54 -80.99 -144.28
N ALA K 535 13.72 -81.37 -143.79
CA ALA K 535 14.42 -80.61 -142.77
C ALA K 535 14.77 -79.19 -143.26
N GLU K 536 15.24 -79.01 -144.50
CA GLU K 536 15.54 -77.69 -145.06
C GLU K 536 14.28 -76.81 -145.10
N ARG K 537 13.15 -77.38 -145.53
CA ARG K 537 11.86 -76.68 -145.58
C ARG K 537 11.46 -76.25 -144.18
N LEU K 538 11.45 -77.16 -143.21
CA LEU K 538 11.05 -76.88 -141.83
C LEU K 538 12.00 -75.85 -141.18
N LEU K 539 13.31 -75.90 -141.48
CA LEU K 539 14.28 -74.91 -140.98
C LEU K 539 13.96 -73.54 -141.54
N SER K 540 13.85 -73.42 -142.87
CA SER K 540 13.54 -72.15 -143.55
C SER K 540 12.20 -71.57 -143.09
N GLU K 541 11.21 -72.43 -142.83
CA GLU K 541 9.90 -72.06 -142.30
C GLU K 541 10.03 -71.42 -140.91
N PHE K 542 10.82 -72.01 -140.00
CA PHE K 542 10.94 -71.46 -138.65
C PHE K 542 11.81 -70.20 -138.58
N CYS K 543 12.84 -70.06 -139.43
CA CYS K 543 13.76 -68.91 -139.44
C CYS K 543 13.04 -67.53 -139.35
N LYS K 544 11.87 -67.39 -139.99
CA LYS K 544 11.06 -66.16 -140.02
C LYS K 544 9.91 -66.09 -138.98
N ARG K 545 9.42 -67.22 -138.44
CA ARG K 545 8.30 -67.24 -137.46
C ARG K 545 8.62 -66.49 -136.16
N GLN K 546 9.81 -66.71 -135.61
CA GLN K 546 10.38 -66.01 -134.45
C GLN K 546 11.82 -65.72 -134.87
N GLY K 547 12.27 -64.47 -134.76
CA GLY K 547 13.57 -64.10 -135.35
C GLY K 547 13.42 -64.01 -136.89
N ARG K 548 14.45 -63.59 -137.62
CA ARG K 548 14.44 -63.52 -139.11
C ARG K 548 15.40 -64.55 -139.75
N GLN K 549 16.52 -64.78 -139.08
CA GLN K 549 17.53 -65.80 -139.38
C GLN K 549 17.87 -66.46 -138.03
N TYR K 550 18.16 -65.60 -137.04
CA TYR K 550 18.37 -65.90 -135.62
C TYR K 550 19.16 -67.18 -135.32
N GLN K 551 20.40 -67.24 -135.81
CA GLN K 551 21.37 -68.33 -135.63
C GLN K 551 20.84 -69.76 -135.90
N ALA K 552 19.99 -69.94 -136.92
CA ALA K 552 19.41 -71.24 -137.26
C ALA K 552 20.45 -72.34 -137.60
N GLU K 553 21.72 -71.98 -137.88
CA GLU K 553 22.81 -72.92 -138.16
C GLU K 553 23.01 -73.91 -137.00
N ASP K 554 22.90 -73.44 -135.76
CA ASP K 554 23.02 -74.22 -134.53
C ASP K 554 22.19 -73.49 -133.46
N LEU K 555 20.91 -73.85 -133.41
CA LEU K 555 19.89 -73.20 -132.58
C LEU K 555 19.65 -73.81 -131.19
N GLU K 556 20.48 -74.77 -130.75
CA GLU K 556 20.36 -75.45 -129.45
C GLU K 556 20.21 -74.48 -128.26
N ALA K 557 21.07 -73.45 -128.17
CA ALA K 557 21.02 -72.48 -127.08
C ALA K 557 19.64 -71.81 -126.92
N LEU K 558 18.96 -71.45 -128.02
CA LEU K 558 17.63 -70.83 -127.96
C LEU K 558 16.62 -71.71 -127.22
N GLN K 559 16.68 -73.04 -127.38
CA GLN K 559 15.75 -73.92 -126.66
C GLN K 559 15.87 -73.70 -125.15
N ASN K 560 17.10 -73.57 -124.63
CA ASN K 560 17.36 -73.30 -123.21
C ASN K 560 16.74 -71.95 -122.79
N GLU K 561 16.79 -70.93 -123.65
CA GLU K 561 16.16 -69.63 -123.37
C GLU K 561 14.64 -69.83 -123.25
N LEU K 562 14.05 -70.52 -124.22
CA LEU K 562 12.62 -70.84 -124.27
C LEU K 562 12.18 -71.65 -123.03
N GLU K 563 13.04 -72.49 -122.46
CA GLU K 563 12.71 -73.22 -121.23
C GLU K 563 12.49 -72.26 -120.05
N ALA K 564 13.34 -71.25 -119.88
CA ALA K 564 13.16 -70.25 -118.83
C ALA K 564 11.81 -69.54 -119.05
N ARG K 565 11.49 -69.20 -120.31
CA ARG K 565 10.21 -68.61 -120.70
C ARG K 565 9.06 -69.57 -120.32
N GLN K 566 9.13 -70.83 -120.71
CA GLN K 566 8.14 -71.87 -120.39
C GLN K 566 7.91 -72.01 -118.88
N GLU K 567 8.95 -72.00 -118.06
CA GLU K 567 8.79 -72.02 -116.61
C GLU K 567 8.01 -70.77 -116.16
N ALA K 568 8.47 -69.59 -116.59
CA ALA K 568 7.83 -68.32 -116.29
C ALA K 568 6.39 -68.24 -116.84
N LEU K 569 6.04 -68.98 -117.90
CA LEU K 569 4.68 -69.05 -118.45
C LEU K 569 3.76 -69.54 -117.34
N SER K 570 4.10 -70.71 -116.78
CA SER K 570 3.35 -71.35 -115.70
C SER K 570 3.22 -70.41 -114.51
N LEU K 571 4.32 -69.84 -114.01
CA LEU K 571 4.27 -68.89 -112.90
C LEU K 571 3.33 -67.72 -113.21
N SER K 572 3.59 -67.01 -114.31
CA SER K 572 2.83 -65.83 -114.73
C SER K 572 1.33 -66.09 -114.95
N VAL K 573 0.94 -67.27 -115.48
CA VAL K 573 -0.48 -67.58 -115.70
C VAL K 573 -1.11 -68.10 -114.40
N ASN K 574 -0.41 -68.94 -113.64
CA ASN K 574 -0.89 -69.47 -112.37
C ASN K 574 -1.18 -68.32 -111.40
N GLU K 575 -0.25 -67.38 -111.22
CA GLU K 575 -0.46 -66.24 -110.33
C GLU K 575 -1.58 -65.32 -110.86
N GLY K 576 -1.48 -64.85 -112.11
CA GLY K 576 -2.49 -63.98 -112.74
C GLY K 576 -3.91 -64.54 -112.62
N GLY K 577 -4.11 -65.79 -113.05
CA GLY K 577 -5.39 -66.50 -112.95
C GLY K 577 -5.89 -66.55 -111.51
N GLU K 578 -5.03 -66.90 -110.56
CA GLU K 578 -5.36 -66.90 -109.13
C GLU K 578 -5.77 -65.49 -108.68
N ARG K 579 -5.02 -64.43 -109.01
CA ARG K 579 -5.40 -63.05 -108.64
C ARG K 579 -6.78 -62.68 -109.17
N ARG K 580 -7.05 -62.84 -110.46
CA ARG K 580 -8.39 -62.51 -110.97
C ARG K 580 -9.44 -63.36 -110.24
N MET K 581 -9.19 -64.65 -110.03
CA MET K 581 -10.09 -65.57 -109.33
C MET K 581 -10.35 -65.10 -107.88
N GLU K 582 -9.33 -64.67 -107.15
CA GLU K 582 -9.47 -64.15 -105.80
C GLU K 582 -10.46 -62.98 -105.84
N MET K 583 -10.23 -62.03 -106.75
CA MET K 583 -11.14 -60.92 -106.94
C MET K 583 -12.51 -61.37 -107.44
N ARG K 584 -12.65 -62.44 -108.24
CA ARG K 584 -13.98 -62.96 -108.64
C ARG K 584 -14.76 -63.35 -107.39
N GLN K 585 -14.12 -64.07 -106.48
CA GLN K 585 -14.75 -64.43 -105.21
C GLN K 585 -15.03 -63.18 -104.38
N GLU K 586 -14.07 -62.26 -104.25
CA GLU K 586 -14.27 -61.01 -103.52
C GLU K 586 -15.43 -60.20 -104.11
N LEU K 587 -15.54 -60.16 -105.43
CA LEU K 587 -16.63 -59.49 -106.14
C LEU K 587 -17.93 -60.13 -105.71
N GLU K 588 -18.01 -61.46 -105.73
CA GLU K 588 -19.20 -62.17 -105.25
C GLU K 588 -19.48 -61.79 -103.80
N GLN K 589 -18.46 -61.73 -102.92
CA GLN K 589 -18.66 -61.29 -101.53
C GLN K 589 -19.24 -59.88 -101.49
N LEU K 590 -18.31 -59.00 -102.30
CA LEU K 590 -18.84 -57.64 -102.32
C LEU K 590 -20.28 -57.61 -102.82
N LYS K 591 -20.56 -58.41 -103.86
CA LYS K 591 -21.93 -58.52 -104.36
C LYS K 591 -22.86 -58.99 -103.25
N GLN K 592 -22.43 -60.00 -102.49
CA GLN K 592 -23.25 -60.53 -101.41
C GLN K 592 -23.40 -59.53 -100.27
N LYS K 593 -22.34 -58.77 -99.98
CA LYS K 593 -22.45 -57.71 -98.98
C LYS K 593 -23.48 -56.68 -99.41
N ILE K 594 -23.42 -56.24 -100.66
CA ILE K 594 -24.41 -55.29 -101.18
C ILE K 594 -25.80 -55.90 -101.14
N GLN K 595 -25.91 -57.18 -101.49
CA GLN K 595 -27.21 -57.85 -101.44
C GLN K 595 -27.76 -57.91 -100.02
N SER K 596 -26.90 -58.20 -99.04
CA SER K 596 -27.35 -58.21 -97.66
C SER K 596 -27.79 -56.82 -97.21
N LEU K 597 -26.98 -55.81 -97.52
CA LEU K 597 -27.34 -54.44 -97.19
C LEU K 597 -28.64 -54.05 -97.88
N THR K 598 -28.85 -54.54 -99.11
CA THR K 598 -30.06 -54.20 -99.84
C THR K 598 -31.28 -54.89 -99.25
N ALA K 599 -31.17 -56.18 -98.92
CA ALA K 599 -32.27 -56.88 -98.26
C ALA K 599 -32.60 -56.20 -96.94
N ARG K 600 -31.60 -55.65 -96.27
CA ARG K 600 -31.83 -54.92 -95.03
C ARG K 600 -32.24 -53.47 -95.27
N ALA K 601 -32.09 -52.95 -96.48
CA ALA K 601 -32.42 -51.55 -96.77
C ALA K 601 -33.91 -51.26 -96.58
N PRO K 602 -34.83 -51.91 -97.32
CA PRO K 602 -36.24 -51.58 -97.12
C PRO K 602 -36.72 -51.89 -95.72
N VAL K 603 -36.17 -52.92 -95.08
CA VAL K 603 -36.50 -53.21 -93.69
C VAL K 603 -36.10 -52.03 -92.81
N TRP K 604 -34.89 -51.51 -93.01
CA TRP K 604 -34.44 -50.36 -92.24
C TRP K 604 -35.33 -49.15 -92.50
N LEU K 605 -35.66 -48.92 -93.77
CA LEU K 605 -36.47 -47.75 -94.12
C LEU K 605 -37.85 -47.83 -93.49
N ALA K 606 -38.48 -49.02 -93.54
CA ALA K 606 -39.76 -49.20 -92.87
C ALA K 606 -39.63 -48.99 -91.37
N ALA K 607 -38.55 -49.50 -90.78
CA ALA K 607 -38.32 -49.28 -89.36
C ALA K 607 -38.25 -47.79 -89.04
N GLN K 608 -37.47 -47.04 -89.81
CA GLN K 608 -37.36 -45.61 -89.59
C GLN K 608 -38.70 -44.90 -89.77
N ASP K 609 -39.45 -45.29 -90.81
CA ASP K 609 -40.74 -44.66 -91.08
C ASP K 609 -41.68 -44.84 -89.91
N THR K 610 -41.91 -46.09 -89.51
CA THR K 610 -42.82 -46.34 -88.39
C THR K 610 -42.25 -45.81 -87.09
N LEU K 611 -40.93 -45.75 -86.95
CA LEU K 611 -40.33 -45.14 -85.77
C LEU K 611 -40.70 -43.68 -85.69
N ASN K 612 -40.56 -42.95 -86.80
CA ASN K 612 -40.94 -41.54 -86.81
C ASN K 612 -42.43 -41.38 -86.51
N GLN K 613 -43.26 -42.24 -87.11
CA GLN K 613 -44.70 -42.13 -86.86
C GLN K 613 -45.02 -42.38 -85.40
N LEU K 614 -44.45 -43.43 -84.81
CA LEU K 614 -44.69 -43.76 -83.41
C LEU K 614 -44.11 -42.67 -82.50
N CYS K 615 -42.98 -42.10 -82.88
CA CYS K 615 -42.39 -41.00 -82.12
C CYS K 615 -43.32 -39.79 -82.11
N GLU K 616 -43.93 -39.49 -83.27
CA GLU K 616 -44.85 -38.36 -83.33
C GLU K 616 -46.14 -38.64 -82.59
N GLN K 617 -46.60 -39.90 -82.60
CA GLN K 617 -47.77 -40.26 -81.82
C GLN K 617 -47.54 -40.05 -80.34
N SER K 618 -46.27 -40.09 -79.91
CA SER K 618 -45.91 -39.87 -78.52
C SER K 618 -45.50 -38.42 -78.31
N GLY K 619 -45.76 -37.92 -77.10
CA GLY K 619 -45.32 -36.58 -76.76
C GLY K 619 -43.80 -36.47 -76.75
N GLU K 620 -43.13 -37.43 -76.13
CA GLU K 620 -41.68 -37.42 -76.04
C GLU K 620 -41.07 -37.97 -77.32
N THR K 621 -39.90 -37.44 -77.68
CA THR K 621 -39.21 -37.87 -78.89
C THR K 621 -38.14 -38.90 -78.55
N LEU K 622 -38.06 -39.93 -79.38
CA LEU K 622 -37.18 -41.07 -79.14
C LEU K 622 -35.90 -40.94 -79.95
N ALA K 623 -34.79 -41.43 -79.39
CA ALA K 623 -33.49 -41.32 -80.03
C ALA K 623 -32.62 -42.57 -79.94
N SER K 624 -32.92 -43.51 -79.06
CA SER K 624 -32.09 -44.70 -78.90
C SER K 624 -32.92 -45.84 -78.34
N SER K 625 -32.40 -47.06 -78.53
CA SER K 625 -33.14 -48.26 -78.14
C SER K 625 -33.45 -48.25 -76.65
N ASN K 626 -32.43 -48.02 -75.82
CA ASN K 626 -32.69 -47.95 -74.39
C ASN K 626 -33.62 -46.79 -74.06
N ASP K 627 -33.53 -45.71 -74.83
CA ASP K 627 -34.48 -44.61 -74.67
C ASP K 627 -35.91 -45.06 -74.98
N VAL K 628 -36.07 -45.87 -76.03
CA VAL K 628 -37.39 -46.39 -76.37
C VAL K 628 -37.94 -47.23 -75.22
N THR K 629 -37.12 -48.12 -74.67
CA THR K 629 -37.58 -48.96 -73.56
C THR K 629 -37.87 -48.12 -72.31
N GLU K 630 -37.07 -47.08 -72.07
CA GLU K 630 -37.34 -46.18 -70.96
C GLU K 630 -38.70 -45.54 -71.11
N TYR K 631 -38.99 -45.02 -72.31
CA TYR K 631 -40.30 -44.44 -72.56
C TYR K 631 -41.40 -45.48 -72.36
N MET K 632 -41.14 -46.72 -72.76
CA MET K 632 -42.16 -47.76 -72.61
C MET K 632 -42.49 -47.99 -71.14
N GLN K 633 -41.47 -48.06 -70.29
CA GLN K 633 -41.78 -48.29 -68.88
C GLN K 633 -42.47 -47.08 -68.27
N GLN K 634 -42.11 -45.88 -68.71
CA GLN K 634 -42.86 -44.70 -68.28
C GLN K 634 -44.33 -44.82 -68.66
N LEU K 635 -44.59 -45.33 -69.87
CA LEU K 635 -45.97 -45.50 -70.32
C LEU K 635 -46.71 -46.49 -69.43
N LEU K 636 -46.07 -47.61 -69.07
CA LEU K 636 -46.72 -48.56 -68.18
C LEU K 636 -47.02 -47.93 -66.83
N GLU K 637 -46.09 -47.14 -66.30
CA GLU K 637 -46.32 -46.48 -65.01
C GLU K 637 -47.55 -45.58 -65.07
N ARG K 638 -47.63 -44.74 -66.11
CA ARG K 638 -48.76 -43.84 -66.24
C ARG K 638 -50.07 -44.61 -66.39
N GLU K 639 -50.04 -45.71 -67.15
CA GLU K 639 -51.23 -46.54 -67.31
C GLU K 639 -51.73 -47.07 -65.98
N ARG K 640 -50.82 -47.58 -65.15
CA ARG K 640 -51.20 -48.09 -63.84
C ARG K 640 -51.84 -47.00 -62.99
N GLU K 641 -51.24 -45.81 -62.97
CA GLU K 641 -51.82 -44.75 -62.16
C GLU K 641 -53.22 -44.39 -62.66
N ALA K 642 -53.40 -44.31 -63.98
CA ALA K 642 -54.70 -43.94 -64.53
C ALA K 642 -55.78 -44.95 -64.15
N THR K 643 -55.47 -46.25 -64.27
CA THR K 643 -56.49 -47.23 -63.91
C THR K 643 -56.80 -47.19 -62.43
N VAL K 644 -55.80 -46.90 -61.59
CA VAL K 644 -56.11 -46.73 -60.17
C VAL K 644 -57.12 -45.61 -59.97
N GLU K 645 -56.91 -44.48 -60.64
CA GLU K 645 -57.82 -43.36 -60.44
C GLU K 645 -59.23 -43.68 -60.92
N ARG K 646 -59.36 -44.34 -62.08
CA ARG K 646 -60.72 -44.64 -62.54
C ARG K 646 -61.41 -45.61 -61.59
N ASP K 647 -60.65 -46.53 -60.99
CA ASP K 647 -61.25 -47.40 -59.98
C ASP K 647 -61.72 -46.60 -58.75
N GLU K 648 -60.90 -45.62 -58.33
CA GLU K 648 -61.30 -44.78 -57.20
C GLU K 648 -62.62 -44.07 -57.48
N VAL K 649 -62.73 -43.48 -58.67
CA VAL K 649 -63.95 -42.75 -59.00
C VAL K 649 -65.14 -43.72 -59.07
N ALA K 650 -64.93 -44.92 -59.59
CA ALA K 650 -66.01 -45.88 -59.61
C ALA K 650 -66.49 -46.22 -58.20
N ALA K 651 -65.56 -46.34 -57.26
CA ALA K 651 -65.96 -46.62 -55.87
C ALA K 651 -66.78 -45.48 -55.30
N GLN K 652 -66.34 -44.23 -55.51
CA GLN K 652 -67.13 -43.11 -54.98
C GLN K 652 -68.51 -43.05 -55.64
N LYS K 653 -68.59 -43.37 -56.93
CA LYS K 653 -69.88 -43.34 -57.59
C LYS K 653 -70.79 -44.44 -57.05
N ARG K 654 -70.22 -45.60 -56.70
CA ARG K 654 -71.00 -46.61 -55.99
C ARG K 654 -71.53 -46.07 -54.67
N GLU K 655 -70.71 -45.33 -53.94
CA GLU K 655 -71.17 -44.79 -52.66
C GLU K 655 -72.34 -43.82 -52.87
N LEU K 656 -72.22 -42.94 -53.86
CA LEU K 656 -73.32 -42.02 -54.15
C LEU K 656 -74.56 -42.76 -54.59
N GLU K 657 -74.41 -43.79 -55.43
CA GLU K 657 -75.56 -44.56 -55.87
C GLU K 657 -76.23 -45.27 -54.70
N LYS K 658 -75.43 -45.77 -53.75
CA LYS K 658 -75.98 -46.37 -52.54
C LYS K 658 -76.75 -45.34 -51.74
N GLN K 659 -76.21 -44.13 -51.62
CA GLN K 659 -76.89 -43.08 -50.88
C GLN K 659 -78.23 -42.72 -51.53
N ILE K 660 -78.25 -42.65 -52.87
CA ILE K 660 -79.48 -42.33 -53.58
C ILE K 660 -80.48 -43.47 -53.45
N GLU K 661 -80.00 -44.71 -53.53
CA GLU K 661 -80.87 -45.86 -53.35
C GLU K 661 -81.50 -45.84 -51.95
N ARG K 662 -80.75 -45.36 -50.97
CA ARG K 662 -81.26 -45.21 -49.61
C ARG K 662 -82.41 -44.21 -49.53
N LEU K 663 -82.67 -43.49 -50.62
CA LEU K 663 -83.86 -42.65 -50.78
C LEU K 663 -85.00 -43.45 -51.41
N SER K 664 -85.37 -44.55 -50.76
CA SER K 664 -86.21 -45.56 -51.39
C SER K 664 -87.57 -45.00 -51.81
N GLN K 665 -88.33 -44.49 -50.85
CA GLN K 665 -89.73 -44.14 -51.12
C GLN K 665 -90.21 -43.04 -50.17
N PRO K 666 -90.86 -41.98 -50.69
CA PRO K 666 -91.11 -41.69 -52.11
C PRO K 666 -89.87 -41.11 -52.75
N SER K 667 -89.20 -40.26 -51.98
CA SER K 667 -87.87 -39.71 -52.31
C SER K 667 -87.22 -39.45 -50.96
N GLY K 668 -86.47 -40.44 -50.47
CA GLY K 668 -86.06 -40.46 -49.09
C GLY K 668 -86.84 -41.52 -48.36
N ALA K 669 -86.16 -42.57 -47.90
CA ALA K 669 -86.84 -43.75 -47.40
C ALA K 669 -87.65 -43.45 -46.15
N GLU K 670 -88.85 -44.02 -46.07
CA GLU K 670 -89.69 -43.98 -44.89
C GLU K 670 -90.04 -45.41 -44.49
N ASP K 671 -90.00 -45.69 -43.18
CA ASP K 671 -90.14 -47.05 -42.71
C ASP K 671 -91.57 -47.54 -42.94
N SER K 672 -91.70 -48.62 -43.70
CA SER K 672 -93.03 -49.17 -43.99
C SER K 672 -93.67 -49.79 -42.76
N ARG K 673 -92.86 -50.31 -41.85
CA ARG K 673 -93.40 -50.90 -40.62
C ARG K 673 -94.23 -49.87 -39.86
N MET K 674 -93.79 -48.63 -39.83
CA MET K 674 -94.56 -47.58 -39.18
C MET K 674 -95.89 -47.35 -39.90
N ILE K 675 -95.90 -47.50 -41.22
CA ILE K 675 -97.16 -47.41 -41.95
C ILE K 675 -98.10 -48.53 -41.53
N ALA K 676 -97.56 -49.74 -41.38
CA ALA K 676 -98.40 -50.86 -40.91
C ALA K 676 -98.95 -50.56 -39.53
N LEU K 677 -98.13 -50.04 -38.63
CA LEU K 677 -98.60 -49.71 -37.29
C LEU K 677 -99.68 -48.63 -37.33
N ALA K 678 -99.49 -47.61 -38.17
CA ALA K 678 -100.53 -46.59 -38.33
C ALA K 678 -101.80 -47.19 -38.90
N GLU K 679 -101.70 -48.28 -39.66
CA GLU K 679 -102.89 -48.97 -40.13
C GLU K 679 -103.56 -49.73 -38.99
N ARG K 680 -102.77 -50.28 -38.07
CA ARG K 680 -103.33 -51.09 -37.00
C ARG K 680 -104.05 -50.27 -35.94
N PHE K 681 -103.79 -48.96 -35.87
CA PHE K 681 -104.48 -48.06 -34.97
C PHE K 681 -105.05 -46.90 -35.76
N GLY K 682 -106.26 -46.48 -35.41
CA GLY K 682 -106.85 -45.34 -36.08
C GLY K 682 -105.98 -44.11 -35.92
N GLY K 683 -105.34 -43.69 -37.02
CA GLY K 683 -104.45 -42.56 -36.95
C GLY K 683 -103.59 -42.49 -38.20
N VAL K 684 -102.69 -41.50 -38.19
CA VAL K 684 -101.83 -41.24 -39.34
C VAL K 684 -100.43 -40.90 -38.85
N LEU K 685 -99.45 -41.17 -39.70
CA LEU K 685 -98.07 -40.84 -39.39
C LEU K 685 -97.87 -39.34 -39.43
N LEU K 686 -97.18 -38.81 -38.40
CA LEU K 686 -97.07 -37.35 -38.24
C LEU K 686 -96.35 -36.70 -39.41
N SER K 687 -95.23 -37.29 -39.83
CA SER K 687 -94.51 -36.75 -40.97
C SER K 687 -95.40 -36.67 -42.20
N GLU K 688 -96.27 -37.66 -42.37
CA GLU K 688 -97.22 -37.62 -43.47
C GLU K 688 -98.18 -36.45 -43.32
N ILE K 689 -98.45 -36.01 -42.10
CA ILE K 689 -99.32 -34.86 -41.88
C ILE K 689 -98.60 -33.57 -42.25
N TYR K 690 -97.35 -33.41 -41.83
CA TYR K 690 -96.60 -32.20 -42.16
C TYR K 690 -95.59 -32.39 -43.29
N ASP K 691 -95.79 -33.37 -44.16
CA ASP K 691 -94.82 -33.58 -45.23
C ASP K 691 -94.81 -32.44 -46.25
N ASP K 692 -95.81 -31.54 -46.24
CA ASP K 692 -95.92 -30.51 -47.26
C ASP K 692 -95.65 -29.11 -46.74
N ILE K 693 -95.24 -28.96 -45.48
CA ILE K 693 -95.02 -27.63 -44.95
C ILE K 693 -93.79 -26.99 -45.61
N THR K 694 -93.74 -25.66 -45.56
CA THR K 694 -92.73 -24.91 -46.28
C THR K 694 -91.33 -25.26 -45.80
N ILE K 695 -90.37 -25.22 -46.72
CA ILE K 695 -88.98 -25.50 -46.38
C ILE K 695 -88.43 -24.46 -45.43
N ASP K 696 -88.97 -23.22 -45.45
CA ASP K 696 -88.47 -22.20 -44.54
C ASP K 696 -88.74 -22.57 -43.09
N ASP K 697 -89.94 -23.05 -42.79
CA ASP K 697 -90.30 -23.40 -41.43
C ASP K 697 -89.99 -24.86 -41.07
N ALA K 698 -89.67 -25.69 -42.05
CA ALA K 698 -89.38 -27.09 -41.77
C ALA K 698 -88.30 -27.30 -40.71
N PRO K 699 -87.14 -26.64 -40.76
CA PRO K 699 -86.16 -26.86 -39.69
C PRO K 699 -86.71 -26.48 -38.33
N TYR K 700 -87.50 -25.42 -38.24
CA TYR K 700 -88.10 -25.03 -36.97
C TYR K 700 -88.99 -26.13 -36.42
N PHE K 701 -89.86 -26.70 -37.26
CA PHE K 701 -90.73 -27.77 -36.80
C PHE K 701 -89.94 -29.00 -36.38
N SER K 702 -88.93 -29.38 -37.16
CA SER K 702 -88.12 -30.54 -36.80
C SER K 702 -87.43 -30.32 -35.46
N ALA K 703 -86.91 -29.12 -35.21
CA ALA K 703 -86.35 -28.83 -33.91
C ALA K 703 -87.42 -28.92 -32.83
N LEU K 704 -88.64 -28.49 -33.14
CA LEU K 704 -89.71 -28.49 -32.15
C LEU K 704 -90.05 -29.90 -31.71
N TYR K 705 -90.21 -30.83 -32.66
CA TYR K 705 -90.68 -32.16 -32.30
C TYR K 705 -89.59 -33.08 -31.77
N GLY K 706 -88.33 -32.91 -32.18
CA GLY K 706 -87.27 -33.75 -31.69
C GLY K 706 -87.49 -35.21 -32.01
N PRO K 707 -87.17 -36.11 -31.08
CA PRO K 707 -87.33 -37.54 -31.36
C PRO K 707 -88.74 -37.92 -31.77
N ALA K 708 -89.75 -37.23 -31.25
CA ALA K 708 -91.14 -37.56 -31.58
C ALA K 708 -91.50 -37.29 -33.02
N ARG K 709 -90.56 -36.84 -33.86
CA ARG K 709 -90.88 -36.54 -35.24
C ARG K 709 -91.57 -37.71 -35.91
N HIS K 710 -91.11 -38.94 -35.64
CA HIS K 710 -91.73 -40.13 -36.22
C HIS K 710 -92.70 -40.70 -35.19
N GLY K 711 -93.99 -40.49 -35.42
CA GLY K 711 -95.02 -40.96 -34.52
C GLY K 711 -96.36 -40.94 -35.21
N ILE K 712 -97.33 -41.58 -34.56
CA ILE K 712 -98.68 -41.76 -35.11
C ILE K 712 -99.64 -40.88 -34.35
N VAL K 713 -100.53 -40.21 -35.08
CA VAL K 713 -101.54 -39.34 -34.49
C VAL K 713 -102.81 -40.16 -34.29
N VAL K 714 -103.06 -40.57 -33.05
CA VAL K 714 -104.20 -41.41 -32.70
C VAL K 714 -105.11 -40.61 -31.76
N PRO K 715 -106.27 -40.13 -32.23
CA PRO K 715 -107.11 -39.28 -31.36
C PRO K 715 -107.80 -40.02 -30.22
N ASP K 716 -107.70 -41.34 -30.11
CA ASP K 716 -108.42 -42.08 -29.08
C ASP K 716 -107.55 -42.53 -27.91
N LEU K 717 -106.41 -43.16 -28.18
CA LEU K 717 -105.55 -43.69 -27.13
C LEU K 717 -106.19 -44.83 -26.35
N SER K 718 -107.38 -45.25 -26.75
CA SER K 718 -108.03 -46.40 -26.13
C SER K 718 -107.74 -47.69 -26.89
N LEU K 719 -107.45 -47.60 -28.18
CA LEU K 719 -107.13 -48.78 -28.97
C LEU K 719 -105.75 -49.32 -28.66
N VAL K 720 -104.83 -48.47 -28.22
CA VAL K 720 -103.43 -48.87 -28.08
C VAL K 720 -103.23 -49.67 -26.80
N ARG K 721 -103.72 -49.15 -25.67
CA ARG K 721 -103.44 -49.77 -24.38
C ARG K 721 -103.75 -51.26 -24.34
N PRO K 722 -104.89 -51.74 -24.85
CA PRO K 722 -105.08 -53.19 -24.88
C PRO K 722 -104.10 -53.89 -25.81
N HIS K 723 -103.80 -53.28 -26.96
CA HIS K 723 -102.91 -53.87 -27.94
C HIS K 723 -101.44 -53.67 -27.60
N LEU K 724 -101.14 -52.91 -26.54
CA LEU K 724 -99.76 -52.52 -26.27
C LEU K 724 -98.89 -53.73 -25.97
N GLU K 725 -99.36 -54.63 -25.10
CA GLU K 725 -98.57 -55.81 -24.78
C GLU K 725 -98.44 -56.75 -25.97
N THR K 726 -99.20 -56.52 -27.04
CA THR K 726 -99.12 -57.32 -28.26
C THR K 726 -98.07 -56.80 -29.24
N LEU K 727 -97.48 -55.64 -28.99
CA LEU K 727 -96.54 -55.03 -29.92
C LEU K 727 -95.12 -55.54 -29.64
N GLU K 728 -94.54 -56.21 -30.62
CA GLU K 728 -93.17 -56.71 -30.49
C GLU K 728 -92.27 -56.34 -31.65
N ASP K 729 -92.80 -56.28 -32.88
CA ASP K 729 -92.00 -55.90 -34.03
C ASP K 729 -91.78 -54.39 -34.14
N CYS K 730 -92.45 -53.61 -33.31
CA CYS K 730 -92.42 -52.16 -33.42
C CYS K 730 -91.02 -51.61 -33.13
N PRO K 731 -90.75 -50.37 -33.58
CA PRO K 731 -89.47 -49.74 -33.24
C PRO K 731 -89.30 -49.62 -31.72
N GLU K 732 -88.05 -49.70 -31.28
CA GLU K 732 -87.78 -49.82 -29.85
C GLU K 732 -88.30 -48.61 -29.07
N ASP K 733 -88.30 -47.43 -29.66
CA ASP K 733 -88.88 -46.23 -29.06
C ASP K 733 -90.06 -45.75 -29.91
N LEU K 734 -91.24 -46.26 -29.61
CA LEU K 734 -92.44 -45.86 -30.33
C LEU K 734 -93.06 -44.62 -29.69
N TYR K 735 -93.52 -43.69 -30.53
CA TYR K 735 -94.09 -42.42 -30.11
C TYR K 735 -95.52 -42.32 -30.61
N LEU K 736 -96.41 -41.84 -29.74
CA LEU K 736 -97.83 -41.70 -30.06
C LEU K 736 -98.34 -40.34 -29.60
N ILE K 737 -99.22 -39.75 -30.40
CA ILE K 737 -99.79 -38.43 -30.13
C ILE K 737 -101.29 -38.47 -30.39
N GLU K 738 -102.04 -37.69 -29.62
CA GLU K 738 -103.49 -37.64 -29.73
C GLU K 738 -103.90 -36.34 -30.40
N GLY K 739 -104.70 -36.45 -31.44
CA GLY K 739 -105.21 -35.28 -32.14
C GLY K 739 -105.94 -35.72 -33.38
N ASP K 740 -106.63 -34.77 -33.98
CA ASP K 740 -107.38 -35.07 -35.20
C ASP K 740 -106.41 -35.24 -36.36
N PRO K 741 -106.34 -36.43 -36.98
CA PRO K 741 -105.44 -36.56 -38.14
C PRO K 741 -105.79 -35.65 -39.30
N GLN K 742 -107.07 -35.37 -39.51
CA GLN K 742 -107.47 -34.56 -40.66
C GLN K 742 -107.11 -33.09 -40.45
N SER K 743 -107.37 -32.56 -39.25
CA SER K 743 -107.01 -31.17 -38.89
C SER K 743 -106.31 -31.26 -37.53
N PHE K 744 -104.99 -31.41 -37.58
CA PHE K 744 -104.18 -31.70 -36.40
C PHE K 744 -103.84 -30.41 -35.65
N ASP K 745 -104.47 -30.20 -34.51
CA ASP K 745 -104.19 -29.03 -33.68
C ASP K 745 -102.77 -29.09 -33.13
N ASP K 746 -102.21 -27.92 -32.84
CA ASP K 746 -100.85 -27.83 -32.34
C ASP K 746 -100.66 -28.75 -31.14
N SER K 747 -99.63 -29.58 -31.21
CA SER K 747 -99.33 -30.47 -30.10
C SER K 747 -99.01 -29.67 -28.85
N VAL K 748 -99.26 -30.27 -27.70
CA VAL K 748 -99.01 -29.59 -26.43
C VAL K 748 -97.50 -29.47 -26.22
N PHE K 749 -96.95 -28.31 -26.59
CA PHE K 749 -95.60 -27.92 -26.21
C PHE K 749 -95.67 -26.52 -25.62
N ASN K 750 -95.02 -26.33 -24.47
CA ASN K 750 -94.77 -24.99 -23.96
C ASN K 750 -93.47 -24.49 -24.59
N ALA K 751 -93.56 -24.23 -25.90
CA ALA K 751 -92.39 -23.99 -26.73
C ALA K 751 -92.07 -22.49 -26.75
N GLU K 752 -90.79 -22.19 -26.62
CA GLU K 752 -90.29 -20.81 -26.64
C GLU K 752 -89.10 -20.74 -27.59
N GLU K 753 -89.13 -19.79 -28.52
CA GLU K 753 -88.21 -19.77 -29.65
C GLU K 753 -86.98 -18.94 -29.31
N GLN K 754 -85.81 -19.54 -29.46
CA GLN K 754 -84.53 -18.86 -29.25
C GLN K 754 -83.85 -18.64 -30.59
N THR K 755 -82.71 -17.94 -30.55
CA THR K 755 -81.92 -17.75 -31.75
C THR K 755 -81.47 -19.09 -32.30
N ASN K 756 -82.00 -19.47 -33.46
CA ASN K 756 -81.63 -20.71 -34.13
C ASN K 756 -81.82 -21.94 -33.24
N ALA K 757 -82.82 -21.88 -32.35
CA ALA K 757 -83.06 -23.00 -31.45
C ALA K 757 -84.46 -22.88 -30.87
N VAL K 758 -84.88 -23.94 -30.19
CA VAL K 758 -86.17 -23.99 -29.53
C VAL K 758 -86.00 -24.60 -28.15
N LEU K 759 -86.82 -24.14 -27.21
CA LEU K 759 -86.85 -24.64 -25.85
C LEU K 759 -88.28 -25.09 -25.55
N VAL K 760 -88.43 -26.30 -25.02
CA VAL K 760 -89.73 -26.91 -24.79
C VAL K 760 -89.78 -27.45 -23.37
N LYS K 761 -90.78 -27.02 -22.60
CA LYS K 761 -90.99 -27.55 -21.25
C LYS K 761 -91.80 -28.83 -21.40
N SER K 762 -91.09 -29.94 -21.56
CA SER K 762 -91.76 -31.20 -21.92
C SER K 762 -92.69 -31.68 -20.81
N SER K 763 -92.24 -31.60 -19.57
CA SER K 763 -92.95 -32.20 -18.44
C SER K 763 -92.57 -31.43 -17.18
N ASP K 764 -93.22 -31.77 -16.07
CA ASP K 764 -92.80 -31.26 -14.78
C ASP K 764 -91.34 -31.62 -14.55
N ARG K 765 -90.53 -30.62 -14.21
CA ARG K 765 -89.11 -30.85 -13.92
C ARG K 765 -88.36 -31.41 -15.13
N GLN K 766 -88.81 -31.09 -16.35
CA GLN K 766 -88.08 -31.45 -17.56
C GLN K 766 -88.26 -30.39 -18.63
N TRP K 767 -87.15 -29.79 -19.05
CA TRP K 767 -87.07 -28.98 -20.26
C TRP K 767 -86.24 -29.71 -21.31
N ARG K 768 -86.55 -29.50 -22.58
CA ARG K 768 -85.76 -30.02 -23.69
C ARG K 768 -85.36 -28.88 -24.61
N TYR K 769 -84.08 -28.83 -24.97
CA TYR K 769 -83.52 -27.77 -25.80
C TYR K 769 -82.94 -28.35 -27.08
N SER K 770 -83.29 -27.76 -28.23
CA SER K 770 -82.86 -28.25 -29.53
C SER K 770 -82.50 -27.10 -30.46
N ARG K 771 -81.53 -27.36 -31.33
CA ARG K 771 -81.06 -26.41 -32.33
C ARG K 771 -81.65 -26.73 -33.70
N TYR K 772 -81.64 -25.73 -34.58
CA TYR K 772 -82.21 -25.89 -35.92
C TYR K 772 -81.36 -26.81 -36.77
N PRO K 773 -81.92 -27.92 -37.29
CA PRO K 773 -81.16 -28.76 -38.24
C PRO K 773 -81.40 -28.38 -39.70
N GLU K 774 -80.84 -29.18 -40.60
CA GLU K 774 -81.18 -29.18 -42.02
C GLU K 774 -81.66 -30.57 -42.41
N LEU K 775 -82.26 -30.67 -43.59
CA LEU K 775 -82.99 -31.87 -44.01
C LEU K 775 -84.01 -32.25 -42.95
N PRO K 776 -84.96 -31.37 -42.63
CA PRO K 776 -85.94 -31.68 -41.61
C PRO K 776 -86.90 -32.78 -42.07
N LEU K 777 -87.39 -33.55 -41.10
CA LEU K 777 -88.32 -34.62 -41.41
C LEU K 777 -89.65 -34.07 -41.92
N PHE K 778 -90.02 -32.87 -41.49
CA PHE K 778 -91.23 -32.22 -41.96
C PHE K 778 -90.91 -31.31 -43.14
N GLY K 779 -91.97 -30.92 -43.86
CA GLY K 779 -91.80 -30.10 -45.04
C GLY K 779 -90.97 -30.78 -46.11
N ARG K 780 -91.04 -32.11 -46.17
CA ARG K 780 -90.22 -32.82 -47.13
C ARG K 780 -90.49 -32.33 -48.55
N ALA K 781 -91.77 -32.27 -48.93
CA ALA K 781 -92.14 -31.98 -50.31
C ALA K 781 -91.37 -32.88 -51.26
N ALA K 782 -91.11 -34.10 -50.81
CA ALA K 782 -90.24 -35.08 -51.45
C ALA K 782 -88.77 -34.68 -51.38
N ARG K 783 -88.45 -33.48 -50.89
CA ARG K 783 -87.08 -32.98 -50.90
C ARG K 783 -86.35 -33.41 -52.16
N GLU K 784 -87.04 -33.27 -53.30
CA GLU K 784 -86.46 -33.63 -54.58
C GLU K 784 -85.18 -32.86 -54.86
N ASN K 785 -85.04 -31.64 -54.33
CA ASN K 785 -83.84 -30.86 -54.58
C ASN K 785 -82.59 -31.56 -54.06
N ARG K 786 -82.68 -32.21 -52.90
CA ARG K 786 -81.54 -33.01 -52.42
C ARG K 786 -81.28 -34.20 -53.31
N LEU K 787 -82.33 -34.89 -53.76
CA LEU K 787 -82.13 -36.01 -54.66
C LEU K 787 -81.43 -35.54 -55.93
N GLU K 788 -81.80 -34.35 -56.43
CA GLU K 788 -81.15 -33.81 -57.61
C GLU K 788 -79.73 -33.36 -57.34
N ALA K 789 -79.45 -32.80 -56.16
CA ALA K 789 -78.07 -32.47 -55.83
C ALA K 789 -77.20 -33.72 -55.80
N LEU K 790 -77.72 -34.80 -55.21
CA LEU K 790 -77.00 -36.06 -55.23
C LEU K 790 -76.87 -36.60 -56.64
N ASN K 791 -77.90 -36.42 -57.47
CA ASN K 791 -77.79 -36.83 -58.87
C ASN K 791 -76.73 -36.02 -59.60
N LEU K 792 -76.64 -34.72 -59.32
CA LEU K 792 -75.61 -33.89 -59.91
C LEU K 792 -74.23 -34.39 -59.54
N GLU K 793 -74.04 -34.70 -58.25
CA GLU K 793 -72.75 -35.25 -57.81
C GLU K 793 -72.48 -36.58 -58.47
N ARG K 794 -73.48 -37.45 -58.56
CA ARG K 794 -73.31 -38.75 -59.17
C ARG K 794 -72.95 -38.61 -60.64
N ASP K 795 -73.58 -37.67 -61.34
CA ASP K 795 -73.29 -37.48 -62.75
C ASP K 795 -71.91 -36.88 -62.95
N ALA K 796 -71.48 -36.00 -62.05
CA ALA K 796 -70.11 -35.50 -62.09
C ALA K 796 -69.12 -36.65 -61.94
N LEU K 797 -69.38 -37.54 -60.98
CA LEU K 797 -68.51 -38.71 -60.81
C LEU K 797 -68.53 -39.59 -62.05
N ALA K 798 -69.72 -39.79 -62.63
CA ALA K 798 -69.83 -40.62 -63.83
C ALA K 798 -69.03 -40.01 -64.99
N GLU K 799 -69.12 -38.70 -65.16
CA GLU K 799 -68.38 -38.03 -66.23
C GLU K 799 -66.87 -38.15 -66.01
N ARG K 800 -66.43 -37.95 -64.77
CA ARG K 800 -65.01 -38.10 -64.48
C ARG K 800 -64.55 -39.53 -64.76
N TYR K 801 -65.35 -40.51 -64.35
CA TYR K 801 -65.05 -41.90 -64.64
C TYR K 801 -64.94 -42.14 -66.14
N ALA K 802 -65.87 -41.57 -66.92
CA ALA K 802 -65.85 -41.75 -68.36
C ALA K 802 -64.56 -41.21 -68.96
N THR K 803 -64.16 -40.01 -68.55
CA THR K 803 -62.92 -39.43 -69.06
C THR K 803 -61.72 -40.30 -68.70
N LEU K 804 -61.66 -40.79 -67.46
CA LEU K 804 -60.52 -41.61 -67.07
C LEU K 804 -60.49 -42.94 -67.84
N SER K 805 -61.64 -43.56 -68.05
CA SER K 805 -61.68 -44.79 -68.83
C SER K 805 -61.18 -44.54 -70.25
N PHE K 806 -61.63 -43.44 -70.86
CA PHE K 806 -61.17 -43.10 -72.20
C PHE K 806 -59.65 -42.91 -72.22
N ASP K 807 -59.12 -42.21 -71.22
CA ASP K 807 -57.67 -41.97 -71.18
C ASP K 807 -56.91 -43.29 -71.07
N VAL K 808 -57.38 -44.20 -70.22
CA VAL K 808 -56.71 -45.49 -70.07
C VAL K 808 -56.74 -46.25 -71.39
N GLN K 809 -57.86 -46.19 -72.11
CA GLN K 809 -57.92 -46.87 -73.40
C GLN K 809 -56.86 -46.32 -74.34
N LYS K 810 -56.71 -45.01 -74.38
CA LYS K 810 -55.69 -44.40 -75.22
C LYS K 810 -54.30 -44.91 -74.85
N ILE K 811 -54.00 -44.92 -73.55
CA ILE K 811 -52.67 -45.33 -73.12
C ILE K 811 -52.38 -46.78 -73.51
N GLN K 812 -53.37 -47.66 -73.32
CA GLN K 812 -53.17 -49.05 -73.69
C GLN K 812 -52.92 -49.22 -75.18
N ARG K 813 -53.63 -48.45 -76.00
CA ARG K 813 -53.39 -48.52 -77.45
C ARG K 813 -51.95 -48.12 -77.77
N ALA K 814 -51.45 -47.05 -77.16
CA ALA K 814 -50.06 -46.66 -77.39
C ALA K 814 -49.10 -47.76 -76.96
N HIS K 815 -49.38 -48.37 -75.82
CA HIS K 815 -48.54 -49.48 -75.34
C HIS K 815 -48.47 -50.61 -76.35
N GLN K 816 -49.63 -51.01 -76.88
CA GLN K 816 -49.63 -52.09 -77.86
C GLN K 816 -48.82 -51.71 -79.09
N ALA K 817 -48.93 -50.47 -79.53
CA ALA K 817 -48.14 -50.03 -80.68
C ALA K 817 -46.65 -50.22 -80.41
N PHE K 818 -46.17 -49.78 -79.26
CA PHE K 818 -44.75 -49.96 -78.95
C PHE K 818 -44.36 -51.42 -78.83
N SER K 819 -45.20 -52.25 -78.21
CA SER K 819 -44.87 -53.67 -78.12
C SER K 819 -44.67 -54.25 -79.51
N GLN K 820 -45.57 -53.93 -80.43
CA GLN K 820 -45.44 -54.47 -81.78
C GLN K 820 -44.16 -53.97 -82.44
N PHE K 821 -43.87 -52.68 -82.28
CA PHE K 821 -42.67 -52.12 -82.91
C PHE K 821 -41.42 -52.84 -82.43
N VAL K 822 -41.22 -52.95 -81.12
CA VAL K 822 -40.04 -53.63 -80.63
C VAL K 822 -40.08 -55.10 -80.97
N GLY K 823 -41.27 -55.63 -81.28
CA GLY K 823 -41.35 -56.99 -81.75
C GLY K 823 -40.92 -57.20 -83.17
N LYS K 824 -40.93 -56.14 -84.00
CA LYS K 824 -40.68 -56.33 -85.43
C LYS K 824 -39.64 -55.40 -86.07
N HIS K 825 -39.28 -54.28 -85.44
CA HIS K 825 -38.28 -53.38 -86.01
C HIS K 825 -37.10 -53.08 -85.10
N LEU K 826 -37.14 -53.48 -83.83
CA LEU K 826 -36.09 -53.09 -82.90
C LEU K 826 -34.71 -53.49 -83.39
N SER K 827 -34.60 -54.64 -84.07
CA SER K 827 -33.29 -55.12 -84.50
C SER K 827 -32.58 -54.11 -85.38
N VAL K 828 -33.33 -53.28 -86.11
CA VAL K 828 -32.76 -52.33 -87.06
C VAL K 828 -32.98 -50.89 -86.63
N ALA K 829 -33.65 -50.66 -85.51
CA ALA K 829 -33.94 -49.30 -85.07
C ALA K 829 -32.67 -48.50 -84.86
N PHE K 830 -32.71 -47.25 -85.28
CA PHE K 830 -31.66 -46.25 -85.05
C PHE K 830 -30.36 -46.57 -85.78
N ASP K 831 -30.35 -47.53 -86.70
CA ASP K 831 -29.15 -47.76 -87.51
C ASP K 831 -29.06 -46.73 -88.63
N THR K 832 -27.88 -46.65 -89.22
CA THR K 832 -27.61 -45.69 -90.29
C THR K 832 -28.16 -46.19 -91.63
N ASP K 833 -28.15 -45.29 -92.61
CA ASP K 833 -28.67 -45.61 -93.93
C ASP K 833 -27.69 -46.52 -94.67
N PRO K 834 -28.12 -47.69 -95.15
CA PRO K 834 -27.18 -48.59 -95.84
C PRO K 834 -26.78 -48.15 -97.25
N GLU K 835 -27.48 -47.19 -97.85
CA GLU K 835 -27.20 -46.83 -99.23
C GLU K 835 -25.78 -46.29 -99.39
N ALA K 836 -25.29 -45.52 -98.41
CA ALA K 836 -23.93 -45.01 -98.50
C ALA K 836 -22.91 -46.16 -98.57
N GLU K 837 -23.08 -47.15 -97.72
CA GLU K 837 -22.18 -48.29 -97.69
C GLU K 837 -22.27 -49.07 -99.00
N ILE K 838 -23.49 -49.21 -99.53
CA ILE K 838 -23.67 -49.89 -100.81
C ILE K 838 -22.93 -49.13 -101.91
N ARG K 839 -23.00 -47.80 -101.89
CA ARG K 839 -22.28 -46.99 -102.86
C ARG K 839 -20.77 -47.23 -102.75
N GLU K 840 -20.26 -47.27 -101.52
CA GLU K 840 -18.83 -47.52 -101.35
C GLU K 840 -18.44 -48.88 -101.93
N LEU K 841 -19.24 -49.91 -101.66
CA LEU K 841 -18.95 -51.22 -102.22
C LEU K 841 -19.10 -51.23 -103.74
N ARG K 842 -19.93 -50.36 -104.30
CA ARG K 842 -19.97 -50.24 -105.76
C ARG K 842 -18.67 -49.66 -106.30
N GLN K 843 -18.10 -48.69 -105.61
CA GLN K 843 -16.78 -48.21 -106.00
C GLN K 843 -15.75 -49.33 -105.96
N ARG K 844 -15.82 -50.15 -104.92
CA ARG K 844 -14.94 -51.32 -104.84
C ARG K 844 -15.16 -52.27 -106.01
N HIS K 845 -16.43 -52.50 -106.39
CA HIS K 845 -16.69 -53.27 -107.60
C HIS K 845 -15.98 -52.68 -108.80
N THR K 846 -16.06 -51.36 -108.97
CA THR K 846 -15.46 -50.75 -110.16
C THR K 846 -13.96 -50.99 -110.19
N GLU K 847 -13.28 -50.69 -109.09
CA GLU K 847 -11.83 -50.88 -109.06
C GLU K 847 -11.46 -52.35 -109.24
N LEU K 848 -12.39 -53.21 -108.62
CA LEU K 848 -12.19 -54.65 -108.78
C LEU K 848 -12.33 -55.03 -110.25
N GLU K 849 -13.33 -54.52 -110.94
CA GLU K 849 -13.55 -54.80 -112.36
C GLU K 849 -12.37 -54.25 -113.19
N ARG K 850 -11.82 -53.08 -112.82
CA ARG K 850 -10.62 -52.52 -113.46
C ARG K 850 -9.44 -53.48 -113.25
N GLU K 851 -9.23 -53.94 -112.02
CA GLU K 851 -8.15 -54.87 -111.68
C GLU K 851 -8.33 -56.23 -112.37
N VAL K 852 -9.55 -56.74 -112.45
CA VAL K 852 -9.88 -57.99 -113.15
C VAL K 852 -9.53 -57.81 -114.61
N SER K 853 -9.93 -56.68 -115.21
CA SER K 853 -9.61 -56.38 -116.59
C SER K 853 -8.09 -56.36 -116.79
N ARG K 854 -7.34 -55.71 -115.89
CA ARG K 854 -5.87 -55.65 -115.97
C ARG K 854 -5.28 -57.05 -115.92
N PHE K 855 -5.71 -57.91 -114.98
CA PHE K 855 -5.19 -59.28 -114.89
C PHE K 855 -5.62 -60.12 -116.10
N GLU K 856 -6.86 -60.03 -116.55
CA GLU K 856 -7.34 -60.76 -117.72
C GLU K 856 -6.54 -60.32 -118.95
N ASP K 857 -6.36 -59.02 -119.18
CA ASP K 857 -5.55 -58.52 -120.29
C ASP K 857 -4.09 -59.03 -120.17
N GLN K 858 -3.45 -58.77 -119.03
CA GLN K 858 -2.06 -59.16 -118.77
C GLN K 858 -1.89 -60.67 -118.98
N THR K 859 -2.77 -61.50 -118.41
CA THR K 859 -2.70 -62.96 -118.59
C THR K 859 -2.92 -63.32 -120.05
N GLN K 860 -3.86 -62.69 -120.76
CA GLN K 860 -4.09 -62.97 -122.18
C GLN K 860 -2.83 -62.66 -123.00
N GLN K 861 -2.27 -61.45 -122.90
CA GLN K 861 -1.05 -61.12 -123.64
C GLN K 861 0.09 -62.06 -123.26
N GLN K 862 0.38 -62.17 -121.96
CA GLN K 862 1.43 -63.02 -121.46
C GLN K 862 1.25 -64.46 -121.96
N ARG K 863 0.08 -65.08 -121.81
CA ARG K 863 -0.09 -66.46 -122.29
C ARG K 863 0.07 -66.52 -123.81
N GLN K 864 -0.37 -65.53 -124.58
CA GLN K 864 -0.19 -65.54 -126.03
C GLN K 864 1.31 -65.52 -126.41
N GLN K 865 2.09 -64.53 -125.96
CA GLN K 865 3.52 -64.49 -126.31
C GLN K 865 4.29 -65.70 -125.76
N TYR K 866 4.02 -66.11 -124.52
CA TYR K 866 4.69 -67.24 -123.92
C TYR K 866 4.26 -68.56 -124.57
N ALA K 867 2.99 -68.73 -124.96
CA ALA K 867 2.51 -69.92 -125.65
C ALA K 867 3.13 -69.97 -127.05
N GLN K 868 3.26 -68.83 -127.74
CA GLN K 868 3.91 -68.79 -129.05
C GLN K 868 5.38 -69.21 -128.89
N ALA K 869 6.06 -68.76 -127.82
CA ALA K 869 7.43 -69.17 -127.53
C ALA K 869 7.49 -70.67 -127.18
N LYS K 870 6.53 -71.20 -126.42
CA LYS K 870 6.43 -72.64 -126.08
C LYS K 870 6.19 -73.47 -127.34
N GLU K 871 5.28 -73.03 -128.20
CA GLU K 871 4.98 -73.70 -129.47
C GLU K 871 6.24 -73.67 -130.34
N SER K 872 7.01 -72.56 -130.34
CA SER K 872 8.25 -72.50 -131.10
C SER K 872 9.23 -73.57 -130.58
N LEU K 873 9.37 -73.73 -129.26
CA LEU K 873 10.22 -74.76 -128.68
C LEU K 873 9.75 -76.14 -129.13
N THR K 874 8.44 -76.40 -129.09
CA THR K 874 7.90 -77.69 -129.55
C THR K 874 8.18 -77.90 -131.04
N THR K 875 8.05 -76.87 -131.90
CA THR K 875 8.35 -77.04 -133.32
C THR K 875 9.84 -77.35 -133.50
N LEU K 876 10.72 -76.67 -132.77
CA LEU K 876 12.16 -76.92 -132.79
C LEU K 876 12.45 -78.36 -132.38
N ASN K 877 12.04 -78.79 -131.19
CA ASN K 877 12.30 -80.14 -130.72
C ASN K 877 11.42 -81.25 -131.34
N ARG K 878 10.52 -80.96 -132.29
CA ARG K 878 9.70 -81.99 -132.96
C ARG K 878 10.17 -82.16 -134.41
N LEU K 879 10.32 -81.04 -135.11
CA LEU K 879 10.78 -80.96 -136.49
C LEU K 879 12.30 -81.03 -136.63
N ILE K 880 13.04 -80.41 -135.70
CA ILE K 880 14.52 -80.35 -135.70
C ILE K 880 15.24 -80.64 -134.36
N PRO K 881 14.88 -81.70 -133.60
CA PRO K 881 15.59 -82.10 -132.38
C PRO K 881 16.91 -82.74 -132.82
N GLN K 882 17.92 -81.91 -133.11
CA GLN K 882 19.22 -82.27 -133.68
C GLN K 882 19.12 -83.07 -135.00
N VAL K 883 17.94 -83.09 -135.66
CA VAL K 883 17.71 -83.73 -136.97
C VAL K 883 18.57 -83.03 -138.03
N THR K 884 18.98 -81.79 -137.76
CA THR K 884 19.88 -81.01 -138.61
C THR K 884 21.21 -81.73 -138.79
N LEU K 885 21.61 -82.62 -137.87
CA LEU K 885 22.84 -83.41 -137.99
C LEU K 885 22.68 -84.52 -139.04
N LEU K 886 21.46 -85.01 -139.28
CA LEU K 886 21.16 -85.99 -140.32
C LEU K 886 21.18 -85.29 -141.70
N LEU K 887 20.64 -84.06 -141.75
CA LEU K 887 20.64 -83.20 -142.93
C LEU K 887 22.09 -82.78 -143.27
N ASP K 888 22.80 -82.25 -142.27
CA ASP K 888 24.20 -81.79 -142.28
C ASP K 888 24.55 -80.75 -143.37
N GLU K 889 23.52 -80.18 -144.03
CA GLU K 889 23.64 -79.22 -145.14
C GLU K 889 24.63 -79.72 -146.22
N THR K 890 24.63 -81.04 -146.46
CA THR K 890 25.57 -81.69 -147.39
C THR K 890 25.43 -81.31 -148.86
N LEU K 891 24.21 -81.22 -149.40
CA LEU K 891 23.94 -80.97 -150.82
C LEU K 891 24.73 -81.98 -151.70
N ILE K 892 24.80 -83.25 -151.25
CA ILE K 892 25.53 -84.33 -151.94
C ILE K 892 25.10 -84.52 -153.40
N ASP K 893 23.79 -84.51 -153.68
CA ASP K 893 23.20 -84.68 -155.02
C ASP K 893 23.75 -85.90 -155.80
N ARG K 894 24.14 -86.97 -155.07
CA ARG K 894 24.69 -88.19 -155.67
C ARG K 894 23.66 -89.14 -156.26
N VAL K 895 22.36 -88.94 -156.03
CA VAL K 895 21.30 -89.81 -156.59
C VAL K 895 21.43 -89.83 -158.13
N GLU K 896 21.77 -88.70 -158.75
CA GLU K 896 22.02 -88.63 -160.19
C GLU K 896 23.23 -89.50 -160.57
N GLU K 897 24.36 -89.42 -159.86
CA GLU K 897 25.54 -90.26 -160.15
C GLU K 897 25.21 -91.75 -160.04
N VAL K 898 24.50 -92.14 -158.97
CA VAL K 898 24.09 -93.53 -158.77
C VAL K 898 23.16 -93.97 -159.93
N ARG K 899 22.28 -93.08 -160.41
CA ARG K 899 21.40 -93.36 -161.55
C ARG K 899 22.21 -93.49 -162.85
N GLU K 900 23.27 -92.71 -163.05
CA GLU K 900 24.16 -92.87 -164.22
C GLU K 900 24.90 -94.21 -164.12
N GLU K 901 25.33 -94.62 -162.93
CA GLU K 901 25.97 -95.92 -162.72
C GLU K 901 24.96 -97.05 -163.02
N MET K 902 23.69 -96.88 -162.65
CA MET K 902 22.64 -97.85 -162.97
C MET K 902 22.42 -97.94 -164.48
N ASP K 903 22.37 -96.81 -165.18
CA ASP K 903 22.17 -96.77 -166.63
C ASP K 903 23.29 -97.55 -167.32
N GLU K 904 24.55 -97.26 -166.96
CA GLU K 904 25.72 -97.94 -167.51
C GLU K 904 25.68 -99.45 -167.17
N ALA K 905 25.33 -99.80 -165.93
CA ALA K 905 25.27 -101.20 -165.51
C ALA K 905 24.10 -101.96 -166.14
N GLN K 906 22.92 -101.36 -166.29
CA GLN K 906 21.78 -102.00 -166.95
C GLN K 906 22.08 -102.14 -168.45
N GLU K 907 22.73 -101.16 -169.09
CA GLU K 907 23.13 -101.26 -170.50
C GLU K 907 24.19 -102.35 -170.67
N ALA K 908 25.14 -102.47 -169.74
CA ALA K 908 26.15 -103.51 -169.77
C ALA K 908 25.48 -104.89 -169.66
N ALA K 909 24.49 -105.04 -168.77
CA ALA K 909 23.74 -106.28 -168.62
C ALA K 909 22.92 -106.59 -169.89
N ARG K 910 22.29 -105.58 -170.50
CA ARG K 910 21.50 -105.73 -171.73
C ARG K 910 22.42 -106.12 -172.91
N PHE K 911 23.61 -105.51 -173.02
CA PHE K 911 24.61 -105.83 -174.04
C PHE K 911 25.15 -107.25 -173.83
N LEU K 912 25.37 -107.67 -172.58
CA LEU K 912 25.81 -109.03 -172.25
C LEU K 912 24.78 -110.06 -172.75
N GLN K 913 23.48 -109.80 -172.55
CA GLN K 913 22.42 -110.68 -173.06
C GLN K 913 22.38 -110.67 -174.60
N GLN K 914 22.59 -109.50 -175.22
CA GLN K 914 22.57 -109.32 -176.68
C GLN K 914 23.75 -109.99 -177.44
N HIS K 915 24.97 -109.92 -176.93
CA HIS K 915 26.18 -110.44 -177.62
C HIS K 915 27.08 -111.42 -176.83
N GLY K 916 26.65 -111.93 -175.67
CA GLY K 916 27.43 -112.88 -174.87
C GLY K 916 27.81 -114.15 -175.65
N SER K 917 26.88 -114.71 -176.44
CA SER K 917 27.15 -115.90 -177.27
C SER K 917 28.18 -115.61 -178.35
N ALA K 918 28.14 -114.42 -178.96
CA ALA K 918 29.09 -114.02 -179.99
C ALA K 918 30.50 -113.81 -179.39
N LEU K 919 30.59 -113.12 -178.26
CA LEU K 919 31.86 -112.86 -177.56
C LEU K 919 32.51 -114.17 -177.06
N THR K 920 31.72 -115.06 -176.45
CA THR K 920 32.22 -116.38 -175.98
C THR K 920 32.71 -117.24 -177.15
N LYS K 921 32.08 -117.18 -178.33
CA LYS K 921 32.51 -117.93 -179.52
C LYS K 921 33.73 -117.30 -180.20
N LEU K 922 33.96 -115.99 -180.01
CA LEU K 922 35.10 -115.23 -180.56
C LEU K 922 36.39 -115.37 -179.72
N GLU K 923 36.29 -115.36 -178.39
CA GLU K 923 37.46 -115.41 -177.49
C GLU K 923 38.44 -116.61 -177.65
N PRO K 924 38.07 -117.83 -178.10
CA PRO K 924 39.03 -118.92 -178.24
C PRO K 924 39.88 -118.85 -179.52
N MET K 925 39.50 -118.06 -180.53
CA MET K 925 40.24 -117.97 -181.81
C MET K 925 40.36 -116.51 -182.32
N VAL K 926 40.71 -115.57 -181.43
CA VAL K 926 40.83 -114.14 -181.81
C VAL K 926 42.05 -113.87 -182.69
N ALA K 927 43.14 -114.59 -182.46
CA ALA K 927 44.42 -114.43 -183.17
C ALA K 927 44.35 -114.55 -184.70
N VAL K 928 43.37 -115.29 -185.24
CA VAL K 928 43.19 -115.46 -186.69
C VAL K 928 42.96 -114.13 -187.41
N LEU K 929 42.36 -113.15 -186.74
CA LEU K 929 42.05 -111.83 -187.29
C LEU K 929 43.29 -111.06 -187.80
N GLN K 930 44.48 -111.41 -187.30
CA GLN K 930 45.75 -110.79 -187.74
C GLN K 930 46.24 -111.31 -189.11
N SER K 931 45.67 -112.41 -189.63
CA SER K 931 46.03 -113.04 -190.90
C SER K 931 44.85 -113.17 -191.87
N ASP K 932 44.90 -112.42 -192.99
CA ASP K 932 43.87 -112.42 -194.05
C ASP K 932 44.35 -113.27 -195.25
N PRO K 933 43.54 -114.20 -195.80
CA PRO K 933 43.91 -115.09 -196.91
C PRO K 933 44.81 -114.54 -198.04
N GLN K 934 44.52 -113.39 -198.67
CA GLN K 934 45.41 -112.85 -199.71
C GLN K 934 46.73 -112.34 -199.11
N GLN K 935 46.65 -111.66 -197.96
CA GLN K 935 47.79 -111.08 -197.26
C GLN K 935 48.79 -112.17 -196.83
N HIS K 936 48.37 -113.42 -196.65
CA HIS K 936 49.26 -114.56 -196.29
C HIS K 936 50.29 -114.80 -197.41
N GLU K 937 49.92 -114.61 -198.68
CA GLU K 937 50.85 -114.76 -199.82
C GLU K 937 51.87 -113.60 -199.82
N GLN K 938 51.38 -112.37 -199.66
CA GLN K 938 52.21 -111.17 -199.60
C GLN K 938 53.19 -111.25 -198.40
N LEU K 939 52.72 -111.82 -197.29
CA LEU K 939 53.46 -112.08 -196.07
C LEU K 939 54.64 -113.03 -196.36
N GLN K 940 54.40 -114.12 -197.11
CA GLN K 940 55.45 -115.07 -197.46
C GLN K 940 56.58 -114.38 -198.25
N GLN K 941 56.23 -113.50 -199.21
CA GLN K 941 57.22 -112.77 -200.01
C GLN K 941 58.13 -111.90 -199.12
N ASP K 942 57.55 -111.17 -198.16
CA ASP K 942 58.34 -110.37 -197.23
C ASP K 942 59.23 -111.24 -196.33
N TYR K 943 58.74 -112.43 -195.95
CA TYR K 943 59.45 -113.33 -195.04
C TYR K 943 60.63 -114.05 -195.72
N GLU K 944 60.50 -114.49 -196.99
CA GLU K 944 61.63 -115.11 -197.70
C GLU K 944 62.73 -114.04 -197.91
N THR K 945 62.32 -112.78 -198.13
CA THR K 945 63.24 -111.63 -198.27
C THR K 945 63.98 -111.39 -196.95
N ALA K 946 63.30 -111.49 -195.81
CA ALA K 946 63.90 -111.35 -194.49
C ALA K 946 64.92 -112.49 -194.24
N LYS K 947 64.63 -113.73 -194.66
CA LYS K 947 65.55 -114.88 -194.52
C LYS K 947 66.82 -114.66 -195.32
N HIS K 948 66.71 -114.16 -196.56
CA HIS K 948 67.86 -113.85 -197.41
C HIS K 948 68.70 -112.72 -196.80
N SER K 949 68.03 -111.70 -196.25
CA SER K 949 68.67 -110.56 -195.58
C SER K 949 69.47 -111.02 -194.34
N GLN K 950 68.94 -111.99 -193.58
CA GLN K 950 69.62 -112.57 -192.41
C GLN K 950 70.92 -113.28 -192.84
N HIS K 951 70.91 -114.01 -193.97
CA HIS K 951 72.11 -114.70 -194.47
C HIS K 951 73.19 -113.67 -194.84
N GLN K 952 72.82 -112.56 -195.51
CA GLN K 952 73.75 -111.48 -195.86
C GLN K 952 74.43 -110.92 -194.60
N ALA K 953 73.63 -110.63 -193.56
CA ALA K 953 74.15 -110.12 -192.30
C ALA K 953 75.11 -111.13 -191.63
N LYS K 954 74.74 -112.42 -191.60
CA LYS K 954 75.58 -113.49 -191.02
C LYS K 954 76.93 -113.62 -191.73
N GLN K 955 76.98 -113.66 -193.06
CA GLN K 955 78.28 -113.78 -193.76
C GLN K 955 79.16 -112.54 -193.58
N GLN K 956 78.59 -111.33 -193.64
CA GLN K 956 79.36 -110.09 -193.45
C GLN K 956 79.88 -109.98 -192.00
N ALA K 957 79.02 -110.22 -191.01
CA ALA K 957 79.42 -110.19 -189.61
C ALA K 957 80.47 -111.26 -189.32
N PHE K 958 80.33 -112.49 -189.85
CA PHE K 958 81.32 -113.56 -189.65
C PHE K 958 82.70 -113.13 -190.16
N ALA K 959 82.76 -112.50 -191.33
CA ALA K 959 84.02 -112.03 -191.89
C ALA K 959 84.64 -110.98 -190.96
N LEU K 960 83.88 -109.96 -190.53
CA LEU K 960 84.38 -108.93 -189.61
C LEU K 960 84.82 -109.56 -188.26
N VAL K 961 84.08 -110.55 -187.74
CA VAL K 961 84.44 -111.27 -186.49
C VAL K 961 85.79 -111.97 -186.64
N GLU K 962 86.07 -112.59 -187.79
CA GLU K 962 87.38 -113.24 -188.05
C GLU K 962 88.53 -112.22 -187.92
N ILE K 963 88.37 -111.00 -188.45
CA ILE K 963 89.38 -109.94 -188.32
C ILE K 963 89.56 -109.56 -186.85
N VAL K 964 88.49 -109.54 -186.04
CA VAL K 964 88.61 -109.28 -184.59
C VAL K 964 89.44 -110.37 -183.92
N GLN K 965 89.29 -111.65 -184.31
CA GLN K 965 90.14 -112.73 -183.77
C GLN K 965 91.60 -112.51 -184.20
N ARG K 966 91.81 -112.07 -185.45
CA ARG K 966 93.11 -111.77 -186.05
C ARG K 966 93.73 -110.44 -185.57
N ARG K 967 93.11 -109.70 -184.63
CA ARG K 967 93.62 -108.41 -184.10
C ARG K 967 95.08 -108.48 -183.68
N VAL K 968 95.44 -109.51 -182.92
CA VAL K 968 96.84 -109.71 -182.47
C VAL K 968 97.77 -110.01 -183.65
N HIS K 969 97.30 -110.71 -184.69
CA HIS K 969 98.09 -111.04 -185.89
C HIS K 969 98.50 -109.79 -186.68
N PHE K 970 97.68 -108.73 -186.72
CA PHE K 970 98.09 -107.48 -187.40
C PHE K 970 99.29 -106.83 -186.72
N SER K 971 99.45 -107.02 -185.39
CA SER K 971 100.60 -106.50 -184.64
C SER K 971 101.90 -107.19 -185.09
N TYR K 972 101.80 -108.37 -185.71
CA TYR K 972 102.92 -109.16 -186.24
C TYR K 972 103.57 -108.51 -187.48
N SER K 973 103.11 -107.33 -187.93
CA SER K 973 103.74 -106.59 -189.04
C SER K 973 105.23 -106.35 -188.73
N ASP K 974 105.56 -106.07 -187.46
CA ASP K 974 106.93 -105.90 -186.98
C ASP K 974 107.65 -107.26 -187.10
N SER K 975 107.00 -108.37 -186.71
CA SER K 975 107.55 -109.73 -186.85
C SER K 975 107.82 -110.09 -188.31
N ALA K 976 106.95 -109.69 -189.25
CA ALA K 976 107.13 -109.91 -190.69
C ALA K 976 108.34 -109.07 -191.20
N GLY K 977 108.46 -107.81 -190.76
CA GLY K 977 109.60 -106.95 -191.11
C GLY K 977 110.91 -107.50 -190.52
N MET K 978 110.85 -108.01 -189.30
CA MET K 978 111.96 -108.65 -188.58
C MET K 978 112.38 -109.90 -189.36
N LEU K 979 111.42 -110.75 -189.79
CA LEU K 979 111.74 -111.94 -190.57
C LEU K 979 112.50 -111.58 -191.86
N SER K 980 112.18 -110.45 -192.52
CA SER K 980 112.88 -110.03 -193.73
C SER K 980 114.34 -109.57 -193.50
N GLU K 981 114.81 -109.44 -192.25
CA GLU K 981 116.22 -109.07 -191.95
C GLU K 981 117.23 -110.09 -192.51
N ASN K 982 116.93 -111.40 -192.40
CA ASN K 982 117.77 -112.51 -192.87
C ASN K 982 119.23 -112.51 -192.36
N ALA K 983 119.47 -111.89 -191.20
CA ALA K 983 120.77 -111.75 -190.53
C ALA K 983 120.55 -111.50 -189.01
N ASP K 984 121.57 -111.07 -188.27
CA ASP K 984 121.42 -110.76 -186.84
C ASP K 984 120.36 -109.68 -186.59
N LEU K 985 119.35 -109.99 -185.75
CA LEU K 985 118.23 -109.10 -185.42
C LEU K 985 117.84 -109.11 -183.92
N ASN K 986 118.75 -109.53 -183.03
CA ASN K 986 118.44 -109.58 -181.58
C ASN K 986 118.11 -108.18 -181.01
N ASP K 987 118.65 -107.11 -181.60
CA ASP K 987 118.36 -105.72 -181.20
C ASP K 987 116.89 -105.37 -181.48
N LYS K 988 116.35 -105.72 -182.66
CA LYS K 988 114.93 -105.48 -183.01
C LYS K 988 114.03 -106.28 -182.08
N LEU K 989 114.41 -107.52 -181.77
CA LEU K 989 113.66 -108.38 -180.84
C LEU K 989 113.60 -107.74 -179.44
N ARG K 990 114.73 -107.24 -178.94
CA ARG K 990 114.80 -106.58 -177.62
C ARG K 990 114.03 -105.25 -177.62
N GLN K 991 114.06 -104.48 -178.72
CA GLN K 991 113.31 -103.22 -178.83
C GLN K 991 111.79 -103.49 -178.80
N ARG K 992 111.33 -104.50 -179.55
CA ARG K 992 109.91 -104.89 -179.59
C ARG K 992 109.48 -105.32 -178.18
N LEU K 993 110.32 -106.09 -177.49
CA LEU K 993 110.08 -106.53 -176.12
C LEU K 993 110.05 -105.35 -175.14
N GLU K 994 110.98 -104.38 -175.21
CA GLU K 994 110.99 -103.23 -174.29
C GLU K 994 109.71 -102.40 -174.45
N HIS K 995 109.22 -102.23 -175.69
CA HIS K 995 107.97 -101.53 -175.92
C HIS K 995 106.84 -102.33 -175.26
N ALA K 996 106.82 -103.65 -175.44
CA ALA K 996 105.82 -104.52 -174.82
C ALA K 996 105.90 -104.46 -173.29
N GLU K 997 107.09 -104.38 -172.70
CA GLU K 997 107.31 -104.24 -171.25
C GLU K 997 106.73 -102.92 -170.73
N SER K 998 106.91 -101.83 -171.48
CA SER K 998 106.39 -100.52 -171.10
C SER K 998 104.86 -100.55 -171.12
N ASP K 999 104.26 -101.14 -172.15
CA ASP K 999 102.81 -101.30 -172.29
C ASP K 999 102.24 -102.18 -171.16
N ARG K 1000 102.90 -103.30 -170.85
CA ARG K 1000 102.53 -104.24 -169.78
C ARG K 1000 102.59 -103.58 -168.41
N SER K 1001 103.61 -102.78 -168.14
CA SER K 1001 103.76 -102.08 -166.85
C SER K 1001 102.64 -101.05 -166.66
N ARG K 1002 102.31 -100.28 -167.70
CA ARG K 1002 101.21 -99.31 -167.68
C ARG K 1002 99.88 -100.04 -167.46
N ALA K 1003 99.67 -101.17 -168.14
CA ALA K 1003 98.46 -101.99 -167.98
C ALA K 1003 98.33 -102.54 -166.54
N ARG K 1004 99.44 -102.99 -165.92
CA ARG K 1004 99.43 -103.48 -164.53
C ARG K 1004 99.06 -102.38 -163.54
N GLU K 1005 99.62 -101.19 -163.69
CA GLU K 1005 99.31 -100.04 -162.82
C GLU K 1005 97.82 -99.68 -162.98
N GLN K 1006 97.34 -99.61 -164.22
CA GLN K 1006 95.95 -99.31 -164.57
C GLN K 1006 95.00 -100.34 -163.92
N LEU K 1007 95.37 -101.63 -163.98
CA LEU K 1007 94.62 -102.75 -163.39
C LEU K 1007 94.58 -102.63 -161.86
N ARG K 1008 95.71 -102.34 -161.20
CA ARG K 1008 95.80 -102.21 -159.73
C ARG K 1008 94.88 -101.10 -159.21
N GLN K 1009 94.94 -99.91 -159.80
CA GLN K 1009 94.09 -98.80 -159.35
C GLN K 1009 92.61 -99.08 -159.64
N GLN K 1010 92.26 -99.72 -160.77
CA GLN K 1010 90.87 -100.08 -161.06
C GLN K 1010 90.37 -101.16 -160.08
N GLN K 1011 91.21 -102.14 -159.72
CA GLN K 1011 90.85 -103.19 -158.76
C GLN K 1011 90.59 -102.58 -157.38
N ALA K 1012 91.42 -101.62 -156.96
CA ALA K 1012 91.22 -100.92 -155.69
C ALA K 1012 89.89 -100.13 -155.73
N GLN K 1013 89.62 -99.40 -156.82
CA GLN K 1013 88.38 -98.63 -156.98
C GLN K 1013 87.15 -99.57 -156.98
N TYR K 1014 87.23 -100.69 -157.69
CA TYR K 1014 86.16 -101.70 -157.71
C TYR K 1014 85.91 -102.26 -156.31
N SER K 1015 86.97 -102.58 -155.56
CA SER K 1015 86.80 -103.10 -154.19
C SER K 1015 86.11 -102.05 -153.31
N GLN K 1016 86.49 -100.78 -153.41
CA GLN K 1016 85.88 -99.69 -152.67
C GLN K 1016 84.38 -99.58 -153.01
N PHE K 1017 84.03 -99.64 -154.30
CA PHE K 1017 82.63 -99.59 -154.73
C PHE K 1017 81.88 -100.82 -154.19
N ASN K 1018 82.51 -101.99 -154.15
CA ASN K 1018 81.90 -103.22 -153.63
C ASN K 1018 81.64 -103.07 -152.12
N GLN K 1019 82.58 -102.54 -151.32
CA GLN K 1019 82.34 -102.32 -149.89
C GLN K 1019 81.22 -101.30 -149.64
N VAL K 1020 81.15 -100.17 -150.38
CA VAL K 1020 80.03 -99.22 -150.17
C VAL K 1020 78.70 -99.86 -150.57
N LEU K 1021 78.65 -100.67 -151.64
CA LEU K 1021 77.42 -101.36 -152.03
C LEU K 1021 76.98 -102.30 -150.90
N ALA K 1022 77.90 -103.09 -150.34
CA ALA K 1022 77.60 -103.98 -149.22
C ALA K 1022 77.14 -103.18 -147.98
N SER K 1023 77.70 -101.99 -147.77
CA SER K 1023 77.28 -101.14 -146.66
C SER K 1023 75.82 -100.72 -146.86
N LEU K 1024 75.40 -100.40 -148.09
CA LEU K 1024 74.01 -100.06 -148.37
C LEU K 1024 73.11 -101.28 -148.17
N LYS K 1025 73.54 -102.47 -148.61
CA LYS K 1025 72.75 -103.72 -148.45
C LYS K 1025 72.47 -103.96 -146.97
N SER K 1026 73.51 -103.93 -146.14
CA SER K 1026 73.39 -104.12 -144.70
C SER K 1026 72.51 -103.03 -144.07
N SER K 1027 72.62 -101.77 -144.53
CA SER K 1027 71.77 -100.69 -144.02
C SER K 1027 70.31 -100.95 -144.37
N TYR K 1028 70.01 -101.46 -145.57
CA TYR K 1028 68.67 -101.81 -145.98
C TYR K 1028 68.15 -102.95 -145.10
N GLU K 1029 68.97 -103.98 -144.86
CA GLU K 1029 68.59 -105.12 -143.99
C GLU K 1029 68.25 -104.65 -142.57
N THR K 1030 69.08 -103.82 -141.92
CA THR K 1030 68.76 -103.32 -140.58
C THR K 1030 67.53 -102.42 -140.58
N LYS K 1031 67.36 -101.53 -141.57
CA LYS K 1031 66.16 -100.69 -141.68
C LYS K 1031 64.91 -101.54 -141.90
N GLN K 1032 65.00 -102.60 -142.71
CA GLN K 1032 63.90 -103.53 -142.97
C GLN K 1032 63.55 -104.29 -141.69
N ASP K 1033 64.54 -104.83 -140.97
CA ASP K 1033 64.30 -105.53 -139.71
C ASP K 1033 63.67 -104.59 -138.67
N MET K 1034 64.11 -103.33 -138.60
CA MET K 1034 63.50 -102.35 -137.69
C MET K 1034 62.05 -102.06 -138.09
N LEU K 1035 61.74 -101.96 -139.40
CA LEU K 1035 60.37 -101.76 -139.88
C LEU K 1035 59.52 -102.96 -139.44
N LYS K 1036 60.00 -104.19 -139.62
CA LYS K 1036 59.32 -105.42 -139.19
C LYS K 1036 59.10 -105.43 -137.68
N GLU K 1037 60.11 -105.06 -136.90
CA GLU K 1037 60.02 -104.99 -135.45
C GLU K 1037 59.02 -103.92 -134.98
N LEU K 1038 59.00 -102.75 -135.64
CA LEU K 1038 58.05 -101.68 -135.33
C LEU K 1038 56.61 -102.09 -135.71
N LEU K 1039 56.42 -102.81 -136.82
CA LEU K 1039 55.12 -103.34 -137.20
C LEU K 1039 54.68 -104.42 -136.18
N GLN K 1040 55.61 -105.26 -135.71
CA GLN K 1040 55.31 -106.26 -134.67
C GLN K 1040 54.88 -105.53 -133.39
N GLU K 1041 55.50 -104.39 -133.05
CA GLU K 1041 55.11 -103.57 -131.90
C GLU K 1041 53.65 -103.11 -132.05
N MET K 1042 53.22 -102.76 -133.27
CA MET K 1042 51.82 -102.39 -133.57
C MET K 1042 50.89 -103.59 -133.32
N LYS K 1043 51.30 -104.81 -133.71
CA LYS K 1043 50.52 -106.02 -133.46
C LYS K 1043 50.46 -106.33 -131.96
N ASP K 1044 51.52 -106.04 -131.20
CA ASP K 1044 51.58 -106.27 -129.75
C ASP K 1044 50.62 -105.31 -129.00
N ILE K 1045 50.66 -104.00 -129.28
CA ILE K 1045 49.74 -103.03 -128.64
C ILE K 1045 48.27 -103.31 -128.99
N GLY K 1046 48.02 -103.91 -130.16
CA GLY K 1046 46.68 -104.32 -130.63
C GLY K 1046 45.66 -103.19 -130.81
N VAL K 1047 46.07 -102.02 -131.28
CA VAL K 1047 45.18 -100.87 -131.54
C VAL K 1047 45.28 -100.42 -133.01
N GLN K 1048 44.15 -100.28 -133.70
CA GLN K 1048 44.10 -99.84 -135.10
C GLN K 1048 44.61 -98.40 -135.26
N ALA K 1049 44.17 -97.50 -134.37
CA ALA K 1049 44.52 -96.09 -134.31
C ALA K 1049 44.47 -95.33 -135.66
N ASP K 1050 43.38 -95.47 -136.42
CA ASP K 1050 43.17 -94.71 -137.67
C ASP K 1050 42.98 -93.22 -137.33
N ALA K 1051 43.35 -92.29 -138.21
CA ALA K 1051 43.18 -90.85 -137.96
C ALA K 1051 41.70 -90.50 -137.64
N ASN K 1052 40.75 -91.07 -138.40
CA ASN K 1052 39.32 -90.90 -138.17
C ASN K 1052 38.92 -91.49 -136.79
N ALA K 1053 39.42 -92.69 -136.47
CA ALA K 1053 39.15 -93.35 -135.20
C ALA K 1053 39.70 -92.57 -134.00
N GLU K 1054 40.87 -91.95 -134.14
CA GLU K 1054 41.50 -91.14 -133.09
C GLU K 1054 40.63 -89.93 -132.72
N MET K 1055 40.21 -89.11 -133.69
CA MET K 1055 39.36 -87.95 -133.42
C MET K 1055 38.03 -88.40 -132.78
N ARG K 1056 37.39 -89.44 -133.33
CA ARG K 1056 36.15 -90.00 -132.79
C ARG K 1056 36.32 -90.48 -131.35
N ALA K 1057 37.39 -91.21 -131.05
CA ALA K 1057 37.65 -91.71 -129.71
C ALA K 1057 37.83 -90.54 -128.72
N ARG K 1058 38.67 -89.55 -129.02
CA ARG K 1058 38.85 -88.41 -128.12
C ARG K 1058 37.55 -87.63 -127.92
N GLU K 1059 36.76 -87.41 -128.96
CA GLU K 1059 35.48 -86.71 -128.83
C GLU K 1059 34.54 -87.43 -127.86
N ARG K 1060 34.34 -88.76 -128.05
CA ARG K 1060 33.49 -89.55 -127.15
C ARG K 1060 34.03 -89.59 -125.73
N ARG K 1061 35.33 -89.86 -125.53
CA ARG K 1061 35.85 -89.92 -124.16
C ARG K 1061 35.90 -88.54 -123.50
N ASP K 1062 36.18 -87.46 -124.23
CA ASP K 1062 36.17 -86.10 -123.66
C ASP K 1062 34.74 -85.68 -123.28
N ARG K 1063 33.71 -85.94 -124.11
CA ARG K 1063 32.32 -85.57 -123.74
C ARG K 1063 31.88 -86.42 -122.53
N LEU K 1064 32.36 -87.67 -122.45
CA LEU K 1064 32.11 -88.56 -121.32
C LEU K 1064 32.78 -88.00 -120.04
N HIS K 1065 34.05 -87.57 -120.09
CA HIS K 1065 34.74 -86.97 -118.93
C HIS K 1065 33.96 -85.78 -118.36
N GLU K 1066 33.51 -84.85 -119.21
CA GLU K 1066 32.71 -83.73 -118.71
C GLU K 1066 31.37 -84.22 -118.16
N ALA K 1067 30.68 -85.15 -118.82
CA ALA K 1067 29.41 -85.70 -118.35
C ALA K 1067 29.57 -86.37 -116.97
N LEU K 1068 30.64 -87.15 -116.75
CA LEU K 1068 30.94 -87.78 -115.45
C LEU K 1068 31.08 -86.71 -114.37
N SER K 1069 31.88 -85.66 -114.64
CA SER K 1069 32.10 -84.57 -113.69
C SER K 1069 30.76 -83.90 -113.33
N VAL K 1070 29.89 -83.67 -114.31
CA VAL K 1070 28.58 -83.07 -114.09
C VAL K 1070 27.68 -84.02 -113.29
N ASN K 1071 27.60 -85.31 -113.64
CA ASN K 1071 26.79 -86.28 -112.91
C ASN K 1071 27.26 -86.38 -111.45
N ARG K 1072 28.58 -86.50 -111.21
CA ARG K 1072 29.16 -86.56 -109.87
C ARG K 1072 28.90 -85.26 -109.11
N SER K 1073 28.97 -84.09 -109.77
CA SER K 1073 28.66 -82.81 -109.10
C SER K 1073 27.21 -82.76 -108.64
N ARG K 1074 26.25 -83.25 -109.46
CA ARG K 1074 24.83 -83.34 -109.11
C ARG K 1074 24.66 -84.24 -107.90
N VAL K 1075 25.31 -85.41 -107.91
CA VAL K 1075 25.26 -86.38 -106.80
C VAL K 1075 25.78 -85.72 -105.53
N ASN K 1076 26.95 -85.07 -105.57
CA ASN K 1076 27.50 -84.40 -104.40
C ASN K 1076 26.55 -83.30 -103.89
N GLN K 1077 26.00 -82.46 -104.79
CA GLN K 1077 25.07 -81.38 -104.43
C GLN K 1077 23.83 -81.96 -103.72
N LEU K 1078 23.20 -82.97 -104.31
CA LEU K 1078 22.02 -83.61 -103.74
C LEU K 1078 22.37 -84.27 -102.38
N GLU K 1079 23.53 -84.93 -102.25
CA GLU K 1079 23.94 -85.52 -100.96
C GLU K 1079 24.13 -84.44 -99.89
N LYS K 1080 24.72 -83.28 -100.23
CA LYS K 1080 24.88 -82.18 -99.26
C LYS K 1080 23.50 -81.68 -98.82
N GLN K 1081 22.58 -81.48 -99.75
CA GLN K 1081 21.21 -81.04 -99.41
C GLN K 1081 20.53 -82.06 -98.49
N ILE K 1082 20.64 -83.35 -98.81
CA ILE K 1082 20.06 -84.44 -98.02
C ILE K 1082 20.73 -84.51 -96.63
N ALA K 1083 22.05 -84.37 -96.52
CA ALA K 1083 22.75 -84.35 -95.23
C ALA K 1083 22.25 -83.17 -94.37
N PHE K 1084 22.02 -82.00 -94.98
CA PHE K 1084 21.50 -80.83 -94.29
C PHE K 1084 20.06 -81.10 -93.81
N CYS K 1085 19.23 -81.71 -94.67
CA CYS K 1085 17.85 -82.06 -94.31
C CYS K 1085 17.83 -83.00 -93.10
N GLU K 1086 18.73 -83.98 -93.04
CA GLU K 1086 18.81 -84.93 -91.92
C GLU K 1086 19.18 -84.19 -90.62
N ALA K 1087 20.23 -83.36 -90.68
CA ALA K 1087 20.71 -82.59 -89.55
C ALA K 1087 19.67 -81.60 -89.01
N GLU K 1088 18.97 -80.88 -89.90
CA GLU K 1088 17.92 -79.94 -89.52
C GLU K 1088 16.72 -80.67 -88.91
N MET K 1089 16.30 -81.78 -89.53
CA MET K 1089 15.15 -82.56 -89.09
C MET K 1089 15.39 -83.27 -87.75
N GLU K 1090 16.62 -83.74 -87.47
CA GLU K 1090 16.93 -84.36 -86.18
C GLU K 1090 16.80 -83.33 -85.04
N ASN K 1091 17.12 -82.06 -85.29
CA ASN K 1091 16.90 -81.02 -84.30
C ASN K 1091 15.40 -80.82 -84.11
N VAL K 1092 14.59 -80.92 -85.16
CA VAL K 1092 13.13 -80.85 -85.02
C VAL K 1092 12.64 -82.07 -84.21
N GLN K 1093 13.26 -83.25 -84.35
CA GLN K 1093 12.92 -84.42 -83.53
C GLN K 1093 13.25 -84.11 -82.05
N LYS K 1094 14.44 -83.57 -81.92
CA LYS K 1094 14.75 -83.20 -80.54
C LYS K 1094 13.82 -82.08 -80.04
N LYS K 1095 13.43 -81.17 -80.93
CA LYS K 1095 12.34 -80.25 -80.59
C LYS K 1095 11.08 -81.00 -80.19
N LEU K 1096 10.75 -82.07 -80.92
CA LEU K 1096 9.57 -82.85 -80.57
C LEU K 1096 9.68 -83.41 -79.15
N ARG K 1097 10.86 -83.90 -78.79
CA ARG K 1097 11.04 -84.39 -77.42
C ARG K 1097 10.82 -83.28 -76.39
N LYS K 1098 11.38 -82.10 -76.63
CA LYS K 1098 11.19 -80.99 -75.69
C LYS K 1098 9.71 -80.63 -75.58
N LEU K 1099 9.02 -80.56 -76.71
CA LEU K 1099 7.60 -80.27 -76.72
C LEU K 1099 6.81 -81.35 -76.00
N GLU K 1100 7.25 -82.60 -76.13
CA GLU K 1100 6.57 -83.71 -75.48
C GLU K 1100 6.63 -83.57 -73.97
N ARG K 1101 7.80 -83.24 -73.43
CA ARG K 1101 7.87 -83.03 -71.98
C ARG K 1101 7.06 -81.82 -71.54
N ASP K 1102 7.00 -80.77 -72.36
CA ASP K 1102 6.11 -79.64 -72.03
C ASP K 1102 4.65 -80.10 -71.95
N TYR K 1103 4.22 -80.89 -72.93
CA TYR K 1103 2.87 -81.45 -72.92
C TYR K 1103 2.62 -82.26 -71.67
N TYR K 1104 3.62 -83.05 -71.25
CA TYR K 1104 3.53 -83.87 -70.06
C TYR K 1104 3.25 -83.01 -68.82
N GLN K 1105 4.00 -81.92 -68.70
CA GLN K 1105 3.77 -80.97 -67.60
C GLN K 1105 2.33 -80.43 -67.62
N ILE K 1106 1.89 -79.96 -68.79
CA ILE K 1106 0.54 -79.40 -68.90
C ILE K 1106 -0.50 -80.44 -68.48
N ARG K 1107 -0.27 -81.70 -68.86
CA ARG K 1107 -1.23 -82.75 -68.58
C ARG K 1107 -1.37 -82.99 -67.08
N GLU K 1108 -0.25 -83.02 -66.36
CA GLU K 1108 -0.36 -83.13 -64.91
C GLU K 1108 -1.14 -81.96 -64.34
N GLN K 1109 -0.87 -80.75 -64.82
CA GLN K 1109 -1.64 -79.60 -64.34
C GLN K 1109 -3.13 -79.85 -64.46
N VAL K 1110 -3.57 -80.31 -65.64
CA VAL K 1110 -5.00 -80.46 -65.89
C VAL K 1110 -5.62 -81.47 -64.93
N VAL K 1111 -5.01 -82.65 -64.82
CA VAL K 1111 -5.65 -83.69 -64.02
C VAL K 1111 -5.70 -83.27 -62.55
N SER K 1112 -4.61 -82.70 -62.05
CA SER K 1112 -4.60 -82.28 -60.65
C SER K 1112 -5.65 -81.20 -60.40
N ALA K 1113 -5.86 -80.30 -61.35
CA ALA K 1113 -6.90 -79.28 -61.18
C ALA K 1113 -8.29 -79.91 -61.07
N LYS K 1114 -8.60 -80.85 -61.96
CA LYS K 1114 -9.93 -81.46 -61.89
C LYS K 1114 -10.17 -82.14 -60.56
N ALA K 1115 -9.13 -82.74 -59.98
CA ALA K 1115 -9.33 -83.42 -58.71
C ALA K 1115 -9.96 -82.48 -57.68
N GLY K 1116 -9.56 -81.20 -57.68
CA GLY K 1116 -10.14 -80.24 -56.75
C GLY K 1116 -11.48 -79.70 -57.20
N TRP K 1117 -11.64 -79.47 -58.52
CA TRP K 1117 -12.95 -79.07 -59.01
C TRP K 1117 -14.02 -80.02 -58.51
N CYS K 1118 -13.71 -81.33 -58.48
CA CYS K 1118 -14.66 -82.31 -58.00
C CYS K 1118 -15.19 -81.95 -56.62
N ALA K 1119 -14.27 -81.71 -55.68
CA ALA K 1119 -14.68 -81.46 -54.31
C ALA K 1119 -15.49 -80.19 -54.21
N VAL K 1120 -15.04 -79.12 -54.87
CA VAL K 1120 -15.77 -77.85 -54.73
C VAL K 1120 -17.19 -78.01 -55.25
N MET K 1121 -17.36 -78.60 -56.45
CA MET K 1121 -18.72 -78.78 -56.95
C MET K 1121 -19.52 -79.80 -56.15
N ARG K 1122 -18.88 -80.64 -55.34
CA ARG K 1122 -19.66 -81.46 -54.42
C ARG K 1122 -20.25 -80.62 -53.29
N MET K 1123 -19.44 -79.75 -52.70
CA MET K 1123 -19.91 -78.97 -51.56
C MET K 1123 -20.87 -77.86 -51.99
N VAL K 1124 -20.65 -77.28 -53.18
CA VAL K 1124 -21.43 -76.13 -53.61
C VAL K 1124 -22.89 -76.46 -53.84
N LYS K 1125 -23.25 -77.74 -53.92
CA LYS K 1125 -24.64 -78.12 -54.21
C LYS K 1125 -25.59 -77.80 -53.08
N ASP K 1126 -25.16 -77.03 -52.07
CA ASP K 1126 -26.09 -76.49 -51.09
C ASP K 1126 -26.71 -75.21 -51.61
N ASN K 1127 -27.22 -75.26 -52.85
CA ASN K 1127 -28.06 -74.27 -53.52
C ASN K 1127 -27.31 -73.00 -53.93
N GLY K 1128 -26.03 -72.89 -53.57
CA GLY K 1128 -25.26 -71.74 -53.99
C GLY K 1128 -25.02 -71.72 -55.49
N VAL K 1129 -24.61 -72.86 -56.04
CA VAL K 1129 -24.25 -72.93 -57.45
C VAL K 1129 -25.45 -72.62 -58.33
N GLU K 1130 -26.65 -72.94 -57.86
CA GLU K 1130 -27.83 -72.83 -58.71
C GLU K 1130 -27.82 -71.52 -59.50
N ARG K 1131 -27.85 -70.39 -58.80
CA ARG K 1131 -27.64 -69.11 -59.48
C ARG K 1131 -26.79 -68.12 -58.71
N ARG K 1132 -26.52 -68.36 -57.42
CA ARG K 1132 -25.88 -67.31 -56.63
C ARG K 1132 -24.39 -67.20 -56.94
N LEU K 1133 -23.65 -68.31 -56.90
CA LEU K 1133 -22.23 -68.23 -57.20
C LEU K 1133 -21.95 -68.26 -58.69
N HIS K 1134 -22.75 -68.99 -59.46
CA HIS K 1134 -22.54 -69.17 -60.89
C HIS K 1134 -23.07 -67.96 -61.67
N ARG K 1135 -22.34 -66.84 -61.53
CA ARG K 1135 -22.68 -65.59 -62.21
C ARG K 1135 -22.19 -65.64 -63.65
N ARG K 1136 -22.89 -66.45 -64.46
CA ARG K 1136 -22.42 -66.77 -65.80
C ARG K 1136 -22.22 -65.54 -66.69
N GLU K 1137 -22.68 -64.36 -66.28
CA GLU K 1137 -22.35 -63.17 -67.06
C GLU K 1137 -20.85 -63.01 -67.18
N LEU K 1138 -20.10 -63.40 -66.15
CA LEU K 1138 -18.68 -63.11 -66.05
C LEU K 1138 -17.82 -63.95 -66.98
N ALA K 1139 -18.38 -64.96 -67.63
CA ALA K 1139 -17.57 -65.86 -68.44
C ALA K 1139 -16.91 -65.16 -69.62
N TYR K 1140 -17.42 -63.99 -70.02
CA TYR K 1140 -16.94 -63.27 -71.20
C TYR K 1140 -16.11 -62.05 -70.83
N MET K 1141 -15.26 -62.20 -69.82
CA MET K 1141 -14.39 -61.15 -69.32
C MET K 1141 -12.99 -61.69 -69.13
N GLU K 1142 -12.01 -60.80 -69.20
CA GLU K 1142 -10.62 -61.16 -68.95
C GLU K 1142 -10.31 -61.16 -67.45
N GLY K 1143 -9.25 -61.86 -67.09
CA GLY K 1143 -8.96 -62.08 -65.68
C GLY K 1143 -8.64 -60.80 -64.91
N GLY K 1144 -8.12 -59.78 -65.60
CA GLY K 1144 -7.76 -58.56 -64.90
C GLY K 1144 -8.97 -57.87 -64.27
N ALA K 1145 -10.07 -57.78 -65.02
CA ALA K 1145 -11.28 -57.20 -64.47
C ALA K 1145 -11.81 -58.05 -63.31
N LEU K 1146 -11.78 -59.37 -63.46
CA LEU K 1146 -12.23 -60.24 -62.38
C LEU K 1146 -11.44 -59.99 -61.11
N ARG K 1147 -10.11 -59.91 -61.23
CA ARG K 1147 -9.29 -59.62 -60.05
C ARG K 1147 -9.59 -58.25 -59.48
N SER K 1148 -9.81 -57.25 -60.33
CA SER K 1148 -10.14 -55.93 -59.81
C SER K 1148 -11.40 -55.98 -58.96
N MET K 1149 -12.44 -56.65 -59.47
CA MET K 1149 -13.68 -56.76 -58.69
C MET K 1149 -13.44 -57.52 -57.40
N SER K 1150 -12.68 -58.63 -57.47
CA SER K 1150 -12.42 -59.41 -56.27
C SER K 1150 -11.71 -58.58 -55.21
N ASP K 1151 -10.71 -57.81 -55.63
CA ASP K 1151 -9.93 -57.02 -54.68
C ASP K 1151 -10.79 -55.94 -54.04
N LYS K 1152 -11.59 -55.22 -54.84
CA LYS K 1152 -12.41 -54.16 -54.27
C LYS K 1152 -13.47 -54.75 -53.35
N ALA K 1153 -14.03 -55.91 -53.71
CA ALA K 1153 -14.98 -56.58 -52.82
C ALA K 1153 -14.33 -56.96 -51.50
N LEU K 1154 -13.10 -57.47 -51.55
CA LEU K 1154 -12.38 -57.81 -50.32
C LEU K 1154 -12.15 -56.56 -49.48
N GLY K 1155 -11.81 -55.44 -50.13
CA GLY K 1155 -11.64 -54.21 -49.41
C GLY K 1155 -12.90 -53.82 -48.64
N ALA K 1156 -14.06 -53.96 -49.28
CA ALA K 1156 -15.31 -53.69 -48.57
C ALA K 1156 -15.53 -54.70 -47.43
N LEU K 1157 -15.28 -55.98 -47.70
CA LEU K 1157 -15.54 -57.01 -46.70
C LEU K 1157 -14.75 -56.76 -45.43
N ARG K 1158 -13.47 -56.42 -45.55
CA ARG K 1158 -12.66 -56.22 -44.36
C ARG K 1158 -13.35 -55.28 -43.39
N LEU K 1159 -13.94 -54.21 -43.91
CA LEU K 1159 -14.65 -53.27 -43.06
C LEU K 1159 -15.96 -53.86 -42.57
N ALA K 1160 -16.72 -54.49 -43.47
CA ALA K 1160 -18.03 -55.01 -43.06
C ALA K 1160 -17.89 -56.04 -41.94
N VAL K 1161 -16.90 -56.91 -42.04
CA VAL K 1161 -16.75 -58.04 -41.12
C VAL K 1161 -15.83 -57.72 -39.94
N ALA K 1162 -15.52 -56.44 -39.73
CA ALA K 1162 -14.46 -56.10 -38.77
C ALA K 1162 -14.76 -56.67 -37.39
N ASP K 1163 -16.00 -56.56 -36.94
CA ASP K 1163 -16.31 -56.87 -35.54
C ASP K 1163 -16.36 -58.38 -35.29
N ASN K 1164 -17.00 -59.14 -36.18
CA ASN K 1164 -17.15 -60.57 -35.96
C ASN K 1164 -15.79 -61.26 -35.95
N GLU K 1165 -15.73 -62.40 -35.29
CA GLU K 1165 -14.49 -63.19 -35.22
C GLU K 1165 -14.54 -64.46 -36.06
N HIS K 1166 -15.66 -65.19 -36.03
CA HIS K 1166 -15.76 -66.41 -36.82
C HIS K 1166 -15.59 -66.10 -38.31
N LEU K 1167 -16.37 -65.14 -38.80
CA LEU K 1167 -16.29 -64.75 -40.19
C LEU K 1167 -14.92 -64.17 -40.51
N ARG K 1168 -14.35 -63.44 -39.57
CA ARG K 1168 -13.03 -62.85 -39.80
C ARG K 1168 -11.98 -63.93 -39.95
N ASP K 1169 -12.04 -64.97 -39.11
CA ASP K 1169 -11.12 -66.09 -39.26
C ASP K 1169 -11.29 -66.78 -40.61
N ALA K 1170 -12.55 -67.02 -41.01
CA ALA K 1170 -12.78 -67.71 -42.28
C ALA K 1170 -12.25 -66.88 -43.45
N LEU K 1171 -12.54 -65.58 -43.45
CA LEU K 1171 -12.05 -64.72 -44.52
C LEU K 1171 -10.53 -64.73 -44.55
N ARG K 1172 -9.90 -64.65 -43.39
CA ARG K 1172 -8.44 -64.74 -43.33
C ARG K 1172 -7.96 -66.00 -44.01
N LEU K 1173 -8.56 -67.13 -43.67
CA LEU K 1173 -8.14 -68.40 -44.23
C LEU K 1173 -8.38 -68.46 -45.74
N SER K 1174 -9.31 -67.66 -46.26
CA SER K 1174 -9.73 -67.83 -47.64
C SER K 1174 -8.72 -67.32 -48.67
N GLU K 1175 -7.77 -66.47 -48.28
CA GLU K 1175 -7.05 -65.69 -49.29
C GLU K 1175 -5.84 -66.41 -49.90
N ASP K 1176 -5.58 -67.67 -49.58
CA ASP K 1176 -4.53 -68.42 -50.28
C ASP K 1176 -5.10 -68.94 -51.60
N PRO K 1177 -4.53 -68.58 -52.76
CA PRO K 1177 -5.14 -69.01 -54.03
C PRO K 1177 -5.08 -70.52 -54.24
N LYS K 1178 -4.24 -71.23 -53.50
CA LYS K 1178 -4.00 -72.66 -53.70
C LYS K 1178 -5.03 -73.55 -53.00
N ARG K 1179 -6.02 -72.97 -52.31
CA ARG K 1179 -7.05 -73.73 -51.60
C ARG K 1179 -8.42 -73.11 -51.86
N PRO K 1180 -8.97 -73.30 -53.06
CA PRO K 1180 -10.22 -72.63 -53.44
C PRO K 1180 -11.42 -72.92 -52.54
N GLU K 1181 -11.59 -74.16 -52.07
CA GLU K 1181 -12.81 -74.51 -51.34
C GLU K 1181 -13.00 -73.64 -50.10
N ARG K 1182 -11.92 -73.06 -49.60
CA ARG K 1182 -12.00 -72.18 -48.44
C ARG K 1182 -12.94 -71.00 -48.68
N LYS K 1183 -12.97 -70.45 -49.90
CA LYS K 1183 -13.84 -69.32 -50.17
C LYS K 1183 -15.31 -69.72 -50.09
N VAL K 1184 -15.68 -70.86 -50.65
CA VAL K 1184 -17.07 -71.30 -50.57
C VAL K 1184 -17.42 -71.60 -49.12
N GLN K 1185 -16.47 -72.13 -48.35
CA GLN K 1185 -16.72 -72.35 -46.93
C GLN K 1185 -17.01 -71.03 -46.21
N PHE K 1186 -16.26 -69.99 -46.57
CA PHE K 1186 -16.55 -68.65 -46.04
C PHE K 1186 -17.95 -68.21 -46.41
N PHE K 1187 -18.35 -68.44 -47.66
CA PHE K 1187 -19.70 -68.09 -48.09
C PHE K 1187 -20.76 -68.81 -47.26
N ILE K 1188 -20.55 -70.11 -47.03
CA ILE K 1188 -21.49 -70.89 -46.21
C ILE K 1188 -21.57 -70.32 -44.81
N ALA K 1189 -20.42 -69.94 -44.24
CA ALA K 1189 -20.43 -69.35 -42.91
C ALA K 1189 -21.28 -68.09 -42.89
N VAL K 1190 -21.12 -67.24 -43.91
CA VAL K 1190 -21.89 -65.99 -43.96
C VAL K 1190 -23.38 -66.31 -43.99
N TYR K 1191 -23.79 -67.22 -44.88
CA TYR K 1191 -25.22 -67.52 -44.99
C TYR K 1191 -25.77 -68.05 -43.68
N GLN K 1192 -25.06 -68.97 -43.02
CA GLN K 1192 -25.57 -69.50 -41.75
C GLN K 1192 -25.69 -68.41 -40.71
N HIS K 1193 -24.67 -67.55 -40.63
CA HIS K 1193 -24.68 -66.46 -39.67
C HIS K 1193 -25.89 -65.55 -39.89
N LEU K 1194 -26.18 -65.23 -41.16
CA LEU K 1194 -27.37 -64.44 -41.44
C LEU K 1194 -28.64 -65.17 -41.04
N ARG K 1195 -28.74 -66.46 -41.37
CA ARG K 1195 -29.97 -67.18 -41.07
C ARG K 1195 -30.30 -67.15 -39.59
N GLU K 1196 -29.29 -67.16 -38.72
CA GLU K 1196 -29.63 -67.07 -37.30
C GLU K 1196 -30.28 -65.73 -36.95
N ARG K 1197 -29.94 -64.66 -37.65
CA ARG K 1197 -30.38 -63.31 -37.31
C ARG K 1197 -31.69 -62.88 -37.97
N ILE K 1198 -32.39 -63.78 -38.67
CA ILE K 1198 -33.55 -63.39 -39.48
C ILE K 1198 -34.69 -62.81 -38.65
N ARG K 1199 -34.85 -63.26 -37.40
CA ARG K 1199 -35.98 -62.86 -36.56
C ARG K 1199 -37.31 -63.29 -37.21
N GLN K 1200 -37.54 -64.60 -37.23
CA GLN K 1200 -38.69 -65.15 -37.93
C GLN K 1200 -40.03 -64.84 -37.28
N ASP K 1201 -40.05 -64.09 -36.18
CA ASP K 1201 -41.33 -63.63 -35.64
C ASP K 1201 -42.13 -62.90 -36.70
N ILE K 1202 -41.47 -62.15 -37.58
CA ILE K 1202 -42.14 -61.34 -38.60
C ILE K 1202 -41.82 -61.83 -40.00
N ILE K 1203 -40.86 -62.73 -40.16
CA ILE K 1203 -40.37 -63.18 -41.46
C ILE K 1203 -40.34 -64.71 -41.42
N ARG K 1204 -40.44 -65.33 -42.60
CA ARG K 1204 -40.48 -66.79 -42.64
C ARG K 1204 -39.44 -67.39 -43.59
N THR K 1205 -39.02 -66.65 -44.61
CA THR K 1205 -38.03 -67.18 -45.55
C THR K 1205 -36.74 -67.51 -44.82
N ASP K 1206 -36.18 -68.69 -45.14
CA ASP K 1206 -34.88 -69.05 -44.59
C ASP K 1206 -33.75 -68.41 -45.39
N ASP K 1207 -33.91 -68.29 -46.70
CA ASP K 1207 -32.88 -67.67 -47.54
C ASP K 1207 -32.86 -66.16 -47.32
N PRO K 1208 -31.76 -65.58 -46.86
CA PRO K 1208 -31.74 -64.12 -46.64
C PRO K 1208 -32.03 -63.30 -47.89
N VAL K 1209 -31.48 -63.74 -49.03
CA VAL K 1209 -31.63 -62.99 -50.27
C VAL K 1209 -33.11 -62.78 -50.56
N ASP K 1210 -33.92 -63.81 -50.31
CA ASP K 1210 -35.36 -63.67 -50.46
C ASP K 1210 -35.95 -62.81 -49.34
N ALA K 1211 -35.30 -62.78 -48.18
CA ALA K 1211 -35.81 -61.99 -47.06
C ALA K 1211 -35.73 -60.50 -47.34
N ILE K 1212 -34.83 -60.08 -48.22
CA ILE K 1212 -34.73 -58.65 -48.56
C ILE K 1212 -36.08 -58.11 -49.01
N GLU K 1213 -36.77 -58.85 -49.89
CA GLU K 1213 -38.05 -58.35 -50.39
C GLU K 1213 -39.05 -58.17 -49.27
N GLN K 1214 -39.05 -59.05 -48.28
CA GLN K 1214 -40.00 -58.91 -47.19
C GLN K 1214 -39.66 -57.70 -46.32
N MET K 1215 -38.37 -57.42 -46.12
CA MET K 1215 -38.04 -56.19 -45.41
C MET K 1215 -38.50 -54.97 -46.20
N GLU K 1216 -38.35 -55.00 -47.52
CA GLU K 1216 -38.82 -53.88 -48.34
C GLU K 1216 -40.32 -53.68 -48.18
N ILE K 1217 -41.07 -54.78 -48.22
CA ILE K 1217 -42.53 -54.69 -48.08
C ILE K 1217 -42.90 -54.12 -46.72
N GLU K 1218 -42.20 -54.57 -45.68
CA GLU K 1218 -42.47 -54.04 -44.34
C GLU K 1218 -42.23 -52.54 -44.29
N LEU K 1219 -41.14 -52.07 -44.89
CA LEU K 1219 -40.91 -50.62 -44.90
C LEU K 1219 -42.04 -49.89 -45.60
N ALA K 1220 -42.47 -50.37 -46.77
CA ALA K 1220 -43.55 -49.67 -47.47
C ALA K 1220 -44.82 -49.65 -46.63
N ARG K 1221 -45.21 -50.79 -46.07
CA ARG K 1221 -46.44 -50.86 -45.30
C ARG K 1221 -46.38 -49.98 -44.07
N LEU K 1222 -45.26 -50.03 -43.33
CA LEU K 1222 -45.15 -49.22 -42.13
C LEU K 1222 -45.19 -47.73 -42.47
N THR K 1223 -44.51 -47.32 -43.53
CA THR K 1223 -44.60 -45.92 -43.92
C THR K 1223 -46.02 -45.53 -44.29
N GLU K 1224 -46.79 -46.47 -44.85
CA GLU K 1224 -48.18 -46.14 -45.17
C GLU K 1224 -49.03 -46.02 -43.90
N GLU K 1225 -48.81 -46.89 -42.91
CA GLU K 1225 -49.59 -46.83 -41.67
C GLU K 1225 -49.32 -45.55 -40.90
N LEU K 1226 -48.15 -44.94 -41.10
CA LEU K 1226 -47.72 -43.78 -40.34
C LEU K 1226 -48.54 -42.52 -40.65
N THR K 1227 -49.43 -42.58 -41.64
CA THR K 1227 -50.05 -41.38 -42.23
C THR K 1227 -50.66 -40.37 -41.26
N ALA K 1228 -51.79 -40.69 -40.61
CA ALA K 1228 -52.52 -39.66 -39.85
C ALA K 1228 -53.85 -40.22 -39.35
N ARG K 1229 -54.35 -39.65 -38.24
CA ARG K 1229 -55.72 -39.91 -37.79
C ARG K 1229 -56.51 -38.66 -37.40
N GLU K 1230 -55.86 -37.77 -36.63
CA GLU K 1230 -56.30 -36.41 -36.31
C GLU K 1230 -57.71 -36.29 -35.72
N GLN K 1231 -58.27 -37.33 -35.11
CA GLN K 1231 -59.53 -37.18 -34.37
C GLN K 1231 -59.30 -36.79 -32.91
N LYS K 1232 -58.68 -35.64 -32.70
CA LYS K 1232 -58.15 -35.21 -31.39
C LYS K 1232 -59.12 -34.27 -30.70
N LEU K 1233 -59.73 -34.72 -29.59
CA LEU K 1233 -60.60 -33.86 -28.78
C LEU K 1233 -60.84 -34.54 -27.44
N ALA K 1234 -60.48 -33.86 -26.34
CA ALA K 1234 -60.60 -34.47 -25.02
C ALA K 1234 -60.71 -33.40 -23.94
N ILE K 1235 -60.99 -33.87 -22.72
CA ILE K 1235 -61.09 -33.06 -21.50
C ILE K 1235 -59.74 -32.46 -21.14
N SER K 1236 -59.74 -31.49 -20.23
CA SER K 1236 -58.51 -30.81 -19.85
C SER K 1236 -58.67 -30.18 -18.47
N SER K 1237 -57.51 -29.94 -17.84
CA SER K 1237 -57.38 -29.14 -16.62
C SER K 1237 -58.51 -29.28 -15.61
N LYS K 1238 -59.32 -28.24 -15.45
CA LYS K 1238 -60.23 -28.16 -14.30
C LYS K 1238 -61.08 -29.41 -14.15
N SER K 1239 -61.62 -29.92 -15.27
CA SER K 1239 -62.53 -31.04 -15.18
C SER K 1239 -61.84 -32.26 -14.59
N VAL K 1240 -60.58 -32.50 -14.97
CA VAL K 1240 -59.83 -33.60 -14.38
C VAL K 1240 -59.71 -33.41 -12.88
N ALA K 1241 -59.37 -32.19 -12.46
CA ALA K 1241 -59.27 -31.91 -11.04
C ALA K 1241 -60.59 -32.18 -10.34
N ASN K 1242 -61.71 -31.83 -10.97
CA ASN K 1242 -63.00 -32.04 -10.33
C ASN K 1242 -63.33 -33.52 -10.16
N ILE K 1243 -63.06 -34.33 -11.19
CA ILE K 1243 -63.33 -35.76 -11.04
C ILE K 1243 -62.45 -36.36 -9.96
N ILE K 1244 -61.18 -35.95 -9.92
CA ILE K 1244 -60.31 -36.44 -8.86
C ILE K 1244 -60.83 -36.02 -7.49
N ARG K 1245 -61.22 -34.76 -7.35
CA ARG K 1245 -61.73 -34.28 -6.06
C ARG K 1245 -62.98 -35.04 -5.65
N LYS K 1246 -63.91 -35.26 -6.58
CA LYS K 1246 -65.13 -35.99 -6.21
C LYS K 1246 -64.82 -37.42 -5.81
N THR K 1247 -63.91 -38.08 -6.54
CA THR K 1247 -63.54 -39.44 -6.15
C THR K 1247 -62.95 -39.46 -4.74
N ILE K 1248 -62.05 -38.50 -4.46
CA ILE K 1248 -61.46 -38.42 -3.13
C ILE K 1248 -62.53 -38.19 -2.08
N GLN K 1249 -63.48 -37.29 -2.37
CA GLN K 1249 -64.52 -36.95 -1.41
C GLN K 1249 -65.39 -38.16 -1.12
N ARG K 1250 -65.76 -38.90 -2.16
CA ARG K 1250 -66.59 -40.09 -1.97
C ARG K 1250 -65.86 -41.14 -1.13
N GLU K 1251 -64.57 -41.35 -1.41
CA GLU K 1251 -63.83 -42.31 -0.60
C GLU K 1251 -63.75 -41.87 0.86
N GLN K 1252 -63.48 -40.57 1.09
CA GLN K 1252 -63.43 -40.08 2.46
C GLN K 1252 -64.77 -40.31 3.16
N ASN K 1253 -65.88 -40.03 2.48
CA ASN K 1253 -67.18 -40.20 3.11
C ASN K 1253 -67.47 -41.66 3.42
N ARG K 1254 -67.20 -42.56 2.47
CA ARG K 1254 -67.44 -43.97 2.76
C ARG K 1254 -66.62 -44.43 3.94
N ILE K 1255 -65.34 -44.06 3.98
CA ILE K 1255 -64.51 -44.42 5.12
C ILE K 1255 -65.12 -43.88 6.40
N ARG K 1256 -65.60 -42.64 6.37
CA ARG K 1256 -66.20 -42.05 7.56
C ARG K 1256 -67.42 -42.85 8.01
N MET K 1257 -68.16 -43.42 7.07
CA MET K 1257 -69.31 -44.24 7.45
C MET K 1257 -68.86 -45.55 8.08
N LEU K 1258 -67.90 -46.24 7.46
CA LEU K 1258 -67.35 -47.44 8.07
C LEU K 1258 -66.81 -47.12 9.45
N ASN K 1259 -66.21 -45.94 9.60
CA ASN K 1259 -65.53 -45.57 10.84
C ASN K 1259 -66.51 -45.56 12.01
N GLN K 1260 -67.77 -45.20 11.78
CA GLN K 1260 -68.70 -45.02 12.88
C GLN K 1260 -69.10 -46.36 13.52
N GLY K 1261 -69.12 -47.43 12.73
CA GLY K 1261 -69.50 -48.72 13.29
C GLY K 1261 -68.56 -49.23 14.36
N LEU K 1262 -67.34 -48.71 14.40
CA LEU K 1262 -66.32 -49.15 15.34
C LEU K 1262 -66.18 -48.26 16.57
N GLN K 1263 -67.01 -47.24 16.71
CA GLN K 1263 -66.97 -46.42 17.92
C GLN K 1263 -67.36 -47.26 19.14
N ALA K 1264 -66.72 -46.96 20.26
CA ALA K 1264 -67.06 -47.56 21.55
C ALA K 1264 -66.97 -49.09 21.47
N VAL K 1265 -65.78 -49.56 21.14
CA VAL K 1265 -65.43 -50.97 21.24
C VAL K 1265 -64.39 -51.09 22.35
N SER K 1266 -64.68 -51.92 23.34
CA SER K 1266 -63.86 -52.03 24.54
C SER K 1266 -62.95 -53.25 24.41
N PHE K 1267 -61.65 -53.00 24.39
CA PHE K 1267 -60.64 -54.06 24.36
C PHE K 1267 -59.56 -53.65 25.36
N GLY K 1268 -59.62 -54.19 26.57
CA GLY K 1268 -58.70 -53.72 27.59
C GLY K 1268 -58.87 -52.23 27.76
N GLN K 1269 -57.78 -51.49 27.59
CA GLN K 1269 -57.80 -50.04 27.71
C GLN K 1269 -58.09 -49.33 26.39
N VAL K 1270 -58.20 -50.06 25.29
CA VAL K 1270 -58.58 -49.43 24.02
C VAL K 1270 -60.09 -49.25 24.01
N ARG K 1271 -60.53 -48.06 23.57
CA ARG K 1271 -61.93 -47.69 23.57
C ARG K 1271 -62.47 -47.28 22.22
N GLY K 1272 -61.64 -47.23 21.19
CA GLY K 1272 -62.11 -46.93 19.84
C GLY K 1272 -61.01 -47.12 18.83
N VAL K 1273 -61.43 -47.27 17.57
CA VAL K 1273 -60.53 -47.51 16.45
C VAL K 1273 -60.97 -46.65 15.29
N ARG K 1274 -60.02 -46.16 14.49
CA ARG K 1274 -60.32 -45.32 13.35
C ARG K 1274 -59.38 -45.63 12.20
N LEU K 1275 -59.83 -45.30 10.99
CA LEU K 1275 -58.99 -45.25 9.79
C LEU K 1275 -58.82 -43.77 9.43
N ASN K 1276 -57.62 -43.24 9.69
CA ASN K 1276 -57.35 -41.84 9.46
C ASN K 1276 -56.91 -41.64 8.01
N VAL K 1277 -57.62 -40.80 7.27
CA VAL K 1277 -57.38 -40.56 5.86
C VAL K 1277 -56.95 -39.11 5.68
N ASN K 1278 -55.87 -38.90 4.94
CA ASN K 1278 -55.33 -37.57 4.72
C ASN K 1278 -54.79 -37.47 3.30
N VAL K 1279 -54.61 -36.23 2.85
CA VAL K 1279 -54.13 -35.95 1.50
C VAL K 1279 -52.70 -35.44 1.59
N ARG K 1280 -51.82 -36.04 0.79
CA ARG K 1280 -50.42 -35.61 0.77
C ARG K 1280 -50.29 -34.21 0.21
N GLU K 1281 -49.40 -33.42 0.80
CA GLU K 1281 -49.22 -32.03 0.39
C GLU K 1281 -48.73 -31.95 -1.05
N SER K 1282 -47.68 -32.71 -1.37
CA SER K 1282 -47.08 -32.57 -2.70
C SER K 1282 -48.09 -32.80 -3.79
N HIS K 1283 -49.15 -33.55 -3.51
CA HIS K 1283 -50.24 -33.74 -4.46
C HIS K 1283 -51.36 -32.72 -4.28
N ALA K 1284 -51.59 -32.25 -3.06
CA ALA K 1284 -52.61 -31.22 -2.86
C ALA K 1284 -52.26 -29.95 -3.65
N ILE K 1285 -51.01 -29.50 -3.56
CA ILE K 1285 -50.63 -28.30 -4.30
C ILE K 1285 -50.74 -28.56 -5.81
N LEU K 1286 -50.36 -29.75 -6.26
CA LEU K 1286 -50.47 -30.05 -7.67
C LEU K 1286 -51.92 -29.99 -8.13
N LEU K 1287 -52.83 -30.54 -7.33
CA LEU K 1287 -54.24 -30.52 -7.69
C LEU K 1287 -54.76 -29.10 -7.75
N ASP K 1288 -54.37 -28.25 -6.78
CA ASP K 1288 -54.80 -26.86 -6.81
C ASP K 1288 -54.23 -26.12 -8.03
N VAL K 1289 -52.96 -26.33 -8.34
CA VAL K 1289 -52.35 -25.68 -9.50
C VAL K 1289 -53.09 -26.08 -10.76
N LEU K 1290 -53.33 -27.38 -10.92
CA LEU K 1290 -54.05 -27.85 -12.09
C LEU K 1290 -55.46 -27.29 -12.13
N SER K 1291 -56.02 -26.96 -10.97
CA SER K 1291 -57.36 -26.36 -10.95
C SER K 1291 -57.35 -24.91 -11.38
N GLU K 1292 -56.38 -24.10 -10.93
CA GLU K 1292 -56.52 -22.65 -11.02
C GLU K 1292 -55.40 -21.90 -11.72
N GLN K 1293 -54.22 -22.48 -11.91
CA GLN K 1293 -53.10 -21.77 -12.54
C GLN K 1293 -52.78 -22.34 -13.92
N GLN K 1294 -53.76 -22.95 -14.58
CA GLN K 1294 -53.52 -23.62 -15.84
C GLN K 1294 -52.98 -22.70 -16.93
N GLU K 1295 -53.33 -21.41 -16.89
CA GLU K 1295 -52.80 -20.50 -17.90
C GLU K 1295 -51.30 -20.30 -17.79
N GLN K 1296 -50.72 -20.61 -16.63
CA GLN K 1296 -49.28 -20.48 -16.41
C GLN K 1296 -48.49 -21.65 -16.97
N HIS K 1297 -49.16 -22.76 -17.31
CA HIS K 1297 -48.48 -23.98 -17.72
C HIS K 1297 -49.06 -24.55 -19.01
N GLN K 1298 -49.98 -23.85 -19.68
CA GLN K 1298 -50.65 -24.41 -20.84
C GLN K 1298 -49.66 -24.84 -21.90
N ASP K 1299 -48.50 -24.18 -21.98
CA ASP K 1299 -47.48 -24.60 -22.93
C ASP K 1299 -47.14 -26.07 -22.76
N LEU K 1300 -47.07 -26.53 -21.52
CA LEU K 1300 -46.69 -27.90 -21.24
C LEU K 1300 -47.81 -28.89 -21.50
N PHE K 1301 -49.05 -28.42 -21.62
CA PHE K 1301 -50.20 -29.31 -21.80
C PHE K 1301 -50.62 -29.46 -23.26
N ASN K 1302 -50.60 -28.38 -24.03
CA ASN K 1302 -51.01 -28.45 -25.43
C ASN K 1302 -49.88 -28.73 -26.40
N SER K 1303 -48.64 -28.88 -25.90
CA SER K 1303 -47.54 -29.28 -26.77
C SER K 1303 -47.77 -30.70 -27.25
N GLN K 1304 -48.04 -30.87 -28.54
CA GLN K 1304 -48.42 -32.17 -29.09
C GLN K 1304 -47.23 -33.11 -29.23
N ARG K 1305 -46.01 -32.65 -29.00
CA ARG K 1305 -44.85 -33.54 -29.05
C ARG K 1305 -44.83 -34.51 -27.87
N LEU K 1306 -45.62 -34.27 -26.83
CA LEU K 1306 -45.71 -35.17 -25.69
C LEU K 1306 -47.16 -35.38 -25.29
N THR K 1307 -47.45 -36.55 -24.73
CA THR K 1307 -48.81 -36.93 -24.40
C THR K 1307 -49.23 -36.36 -23.03
N PHE K 1308 -50.49 -36.61 -22.68
CA PHE K 1308 -51.06 -36.02 -21.47
C PHE K 1308 -50.37 -36.52 -20.22
N SER K 1309 -50.24 -37.85 -20.08
CA SER K 1309 -49.62 -38.38 -18.87
C SER K 1309 -48.20 -37.86 -18.72
N GLU K 1310 -47.48 -37.75 -19.84
CA GLU K 1310 -46.15 -37.13 -19.80
C GLU K 1310 -46.24 -35.69 -19.33
N ALA K 1311 -47.26 -34.96 -19.77
CA ALA K 1311 -47.45 -33.60 -19.31
C ALA K 1311 -47.65 -33.54 -17.80
N MET K 1312 -48.45 -34.47 -17.27
CA MET K 1312 -48.66 -34.53 -15.83
C MET K 1312 -47.36 -34.78 -15.10
N ALA K 1313 -46.56 -35.72 -15.60
CA ALA K 1313 -45.29 -36.01 -14.95
C ALA K 1313 -44.36 -34.80 -14.97
N LYS K 1314 -44.30 -34.11 -16.11
CA LYS K 1314 -43.42 -32.94 -16.22
C LYS K 1314 -43.89 -31.82 -15.31
N LEU K 1315 -45.20 -31.59 -15.23
CA LEU K 1315 -45.68 -30.59 -14.30
C LEU K 1315 -45.34 -30.96 -12.86
N TYR K 1316 -45.51 -32.24 -12.51
CA TYR K 1316 -45.18 -32.65 -11.16
C TYR K 1316 -43.70 -32.45 -10.84
N GLN K 1317 -42.81 -32.66 -11.82
CA GLN K 1317 -41.41 -32.38 -11.56
C GLN K 1317 -41.15 -30.89 -11.48
N ARG K 1318 -41.92 -30.08 -12.21
CA ARG K 1318 -41.72 -28.64 -12.14
C ARG K 1318 -42.03 -28.13 -10.74
N LEU K 1319 -43.10 -28.60 -10.14
CA LEU K 1319 -43.30 -28.40 -8.71
C LEU K 1319 -42.39 -29.35 -7.95
N ASN K 1320 -42.11 -29.02 -6.69
CA ASN K 1320 -41.26 -29.79 -5.80
C ASN K 1320 -40.01 -30.27 -6.56
N PRO K 1321 -39.18 -29.35 -7.05
CA PRO K 1321 -38.09 -29.75 -7.93
C PRO K 1321 -37.10 -30.72 -7.29
N GLN K 1322 -37.03 -30.77 -5.97
CA GLN K 1322 -36.06 -31.66 -5.32
C GLN K 1322 -36.35 -33.13 -5.58
N VAL K 1323 -37.57 -33.46 -6.01
CA VAL K 1323 -37.88 -34.86 -6.30
C VAL K 1323 -36.97 -35.38 -7.40
N ASP K 1324 -36.46 -36.59 -7.19
CA ASP K 1324 -35.68 -37.30 -8.20
C ASP K 1324 -36.52 -38.40 -8.82
N MET K 1325 -36.14 -38.78 -10.05
CA MET K 1325 -36.82 -39.82 -10.80
C MET K 1325 -35.85 -40.94 -11.11
N GLY K 1326 -36.25 -42.17 -10.78
CA GLY K 1326 -35.37 -43.32 -10.86
C GLY K 1326 -35.17 -43.89 -12.26
N GLN K 1327 -34.84 -43.04 -13.21
CA GLN K 1327 -34.58 -43.49 -14.58
C GLN K 1327 -35.76 -44.29 -15.13
N ARG K 1328 -36.96 -43.98 -14.64
CA ARG K 1328 -38.17 -44.63 -15.12
C ARG K 1328 -38.87 -43.72 -16.11
N LEU K 1329 -39.61 -44.33 -17.03
CA LEU K 1329 -40.23 -43.54 -18.09
C LEU K 1329 -41.19 -42.53 -17.49
N PRO K 1330 -41.24 -41.30 -18.02
CA PRO K 1330 -42.23 -40.35 -17.52
C PRO K 1330 -43.65 -40.84 -17.72
N GLN K 1331 -43.89 -41.73 -18.68
CA GLN K 1331 -45.22 -42.29 -18.90
C GLN K 1331 -45.74 -42.98 -17.64
N THR K 1332 -44.89 -43.79 -17.02
CA THR K 1332 -45.31 -44.50 -15.82
C THR K 1332 -45.61 -43.55 -14.67
N ILE K 1333 -44.77 -42.52 -14.50
CA ILE K 1333 -45.02 -41.55 -13.44
C ILE K 1333 -46.33 -40.82 -13.70
N GLY K 1334 -46.63 -40.54 -14.96
CA GLY K 1334 -47.89 -39.94 -15.32
C GLY K 1334 -49.06 -40.81 -14.91
N GLU K 1335 -49.03 -42.08 -15.33
CA GLU K 1335 -50.12 -42.97 -14.94
C GLU K 1335 -50.24 -43.10 -13.42
N GLU K 1336 -49.12 -43.01 -12.70
CA GLU K 1336 -49.20 -42.98 -11.25
C GLU K 1336 -49.96 -41.75 -10.77
N LEU K 1337 -49.68 -40.59 -11.35
CA LEU K 1337 -50.44 -39.40 -10.98
C LEU K 1337 -51.91 -39.52 -11.36
N LEU K 1338 -52.23 -40.32 -12.39
CA LEU K 1338 -53.63 -40.49 -12.77
C LEU K 1338 -54.42 -41.35 -11.78
N ASP K 1339 -53.74 -42.16 -10.97
CA ASP K 1339 -54.43 -43.06 -10.05
C ASP K 1339 -54.70 -42.31 -8.75
N TYR K 1340 -55.98 -42.15 -8.42
CA TYR K 1340 -56.37 -41.33 -7.28
C TYR K 1340 -55.83 -41.85 -5.96
N ARG K 1341 -55.70 -43.17 -5.81
CA ARG K 1341 -55.27 -43.72 -4.53
C ARG K 1341 -53.93 -43.14 -4.08
N ASN K 1342 -53.05 -42.83 -5.03
CA ASN K 1342 -51.73 -42.33 -4.69
C ASN K 1342 -51.79 -41.00 -3.95
N TYR K 1343 -52.91 -40.30 -3.99
CA TYR K 1343 -53.03 -39.02 -3.31
C TYR K 1343 -53.36 -39.15 -1.82
N LEU K 1344 -53.67 -40.36 -1.33
CA LEU K 1344 -54.18 -40.54 0.01
C LEU K 1344 -53.16 -41.18 0.93
N GLU K 1345 -53.16 -40.75 2.19
CA GLU K 1345 -52.30 -41.29 3.24
C GLU K 1345 -53.20 -41.93 4.29
N LEU K 1346 -52.86 -43.15 4.70
CA LEU K 1346 -53.73 -43.96 5.54
C LEU K 1346 -53.01 -44.43 6.79
N ASP K 1347 -53.72 -44.34 7.93
CA ASP K 1347 -53.20 -44.77 9.22
C ASP K 1347 -54.31 -45.46 10.00
N VAL K 1348 -53.91 -46.19 11.04
CA VAL K 1348 -54.81 -46.78 12.01
C VAL K 1348 -54.53 -46.16 13.37
N GLU K 1349 -55.57 -45.74 14.07
CA GLU K 1349 -55.44 -45.06 15.35
C GLU K 1349 -56.36 -45.71 16.37
N VAL K 1350 -55.95 -45.63 17.65
CA VAL K 1350 -56.71 -46.20 18.76
C VAL K 1350 -56.80 -45.18 19.87
N ASN K 1351 -57.94 -45.16 20.57
CA ASN K 1351 -58.20 -44.23 21.67
C ASN K 1351 -57.91 -44.97 22.97
N ARG K 1352 -56.66 -44.95 23.41
CA ARG K 1352 -56.20 -45.74 24.53
C ARG K 1352 -56.33 -44.96 25.84
N GLY K 1353 -57.06 -45.54 26.79
CA GLY K 1353 -57.03 -45.08 28.16
C GLY K 1353 -57.25 -43.59 28.29
N SER K 1354 -56.46 -42.96 29.17
CA SER K 1354 -56.59 -41.53 29.39
C SER K 1354 -56.06 -40.72 28.21
N ASP K 1355 -55.28 -41.34 27.34
CA ASP K 1355 -54.65 -40.61 26.25
C ASP K 1355 -55.62 -40.40 25.09
N GLY K 1356 -55.20 -39.57 24.14
CA GLY K 1356 -55.98 -39.28 22.95
C GLY K 1356 -55.83 -40.36 21.90
N TRP K 1357 -55.93 -39.95 20.64
CA TRP K 1357 -55.80 -40.89 19.53
C TRP K 1357 -54.34 -41.12 19.21
N LEU K 1358 -53.92 -42.39 19.25
CA LEU K 1358 -52.54 -42.80 19.04
C LEU K 1358 -52.46 -43.74 17.87
N LYS K 1359 -51.34 -43.70 17.14
CA LYS K 1359 -51.15 -44.67 16.07
C LYS K 1359 -50.98 -46.06 16.68
N ALA K 1360 -51.62 -47.05 16.06
CA ALA K 1360 -51.63 -48.41 16.59
C ALA K 1360 -50.30 -49.08 16.28
N GLU K 1361 -49.46 -49.26 17.30
CA GLU K 1361 -48.23 -50.03 17.19
C GLU K 1361 -48.36 -51.29 18.04
N SER K 1362 -47.99 -52.43 17.45
CA SER K 1362 -48.12 -53.71 18.15
C SER K 1362 -47.33 -53.70 19.46
N GLY K 1363 -46.10 -53.19 19.42
CA GLY K 1363 -45.26 -53.20 20.61
C GLY K 1363 -45.76 -52.34 21.74
N ALA K 1364 -46.74 -51.46 21.48
CA ALA K 1364 -47.27 -50.55 22.48
C ALA K 1364 -48.66 -50.97 22.96
N LEU K 1365 -48.98 -52.26 22.89
CA LEU K 1365 -50.28 -52.76 23.29
C LEU K 1365 -50.10 -54.10 23.98
N SER K 1366 -51.07 -54.44 24.83
CA SER K 1366 -51.09 -55.78 25.40
C SER K 1366 -51.51 -56.78 24.34
N THR K 1367 -51.58 -58.06 24.75
CA THR K 1367 -51.92 -59.12 23.80
C THR K 1367 -53.38 -59.01 23.35
N GLY K 1368 -54.30 -58.91 24.31
CA GLY K 1368 -55.71 -58.86 23.96
C GLY K 1368 -56.06 -57.65 23.13
N GLU K 1369 -55.49 -56.49 23.48
CA GLU K 1369 -55.74 -55.29 22.70
C GLU K 1369 -55.31 -55.49 21.26
N ALA K 1370 -54.16 -56.14 21.05
CA ALA K 1370 -53.70 -56.39 19.69
C ALA K 1370 -54.67 -57.28 18.94
N ILE K 1371 -55.15 -58.36 19.58
CA ILE K 1371 -56.09 -59.24 18.89
C ILE K 1371 -57.36 -58.49 18.52
N GLY K 1372 -57.90 -57.71 19.45
CA GLY K 1372 -59.12 -56.97 19.18
C GLY K 1372 -58.96 -55.98 18.04
N THR K 1373 -57.84 -55.26 18.03
CA THR K 1373 -57.59 -54.31 16.95
C THR K 1373 -57.50 -55.02 15.61
N GLY K 1374 -56.85 -56.18 15.58
CA GLY K 1374 -56.77 -56.95 14.35
C GLY K 1374 -58.15 -57.30 13.82
N MET K 1375 -59.02 -57.81 14.69
CA MET K 1375 -60.38 -58.12 14.26
C MET K 1375 -61.07 -56.87 13.69
N SER K 1376 -60.88 -55.73 14.34
CA SER K 1376 -61.51 -54.50 13.85
C SER K 1376 -61.08 -54.21 12.41
N ILE K 1377 -59.77 -54.21 12.17
CA ILE K 1377 -59.32 -53.88 10.82
C ILE K 1377 -59.81 -54.91 9.81
N LEU K 1378 -59.89 -56.18 10.22
CA LEU K 1378 -60.37 -57.20 9.29
C LEU K 1378 -61.81 -56.93 8.86
N VAL K 1379 -62.68 -56.58 9.81
CA VAL K 1379 -64.06 -56.30 9.40
C VAL K 1379 -64.09 -55.05 8.51
N MET K 1380 -63.21 -54.08 8.75
CA MET K 1380 -63.13 -52.96 7.81
C MET K 1380 -62.88 -53.46 6.40
N VAL K 1381 -61.90 -54.36 6.23
CA VAL K 1381 -61.56 -54.83 4.90
C VAL K 1381 -62.76 -55.54 4.27
N VAL K 1382 -63.43 -56.39 5.05
CA VAL K 1382 -64.53 -57.17 4.49
C VAL K 1382 -65.65 -56.25 4.02
N GLN K 1383 -66.00 -55.25 4.83
CA GLN K 1383 -67.06 -54.33 4.41
C GLN K 1383 -66.67 -53.60 3.14
N SER K 1384 -65.41 -53.15 3.06
CA SER K 1384 -64.99 -52.43 1.86
C SER K 1384 -65.11 -53.31 0.64
N TRP K 1385 -64.66 -54.57 0.75
CA TRP K 1385 -64.72 -55.47 -0.40
C TRP K 1385 -66.15 -55.75 -0.83
N GLU K 1386 -67.06 -55.92 0.12
CA GLU K 1386 -68.44 -56.14 -0.29
C GLU K 1386 -69.00 -54.91 -1.00
N GLU K 1387 -68.70 -53.71 -0.51
CA GLU K 1387 -69.18 -52.53 -1.23
C GLU K 1387 -68.60 -52.47 -2.63
N GLU K 1388 -67.35 -52.90 -2.80
CA GLU K 1388 -66.70 -52.82 -4.10
C GLU K 1388 -67.40 -53.71 -5.12
N SER K 1389 -67.68 -54.96 -4.74
CA SER K 1389 -68.09 -55.96 -5.73
C SER K 1389 -69.57 -55.90 -6.06
N ARG K 1390 -70.39 -55.26 -5.23
CA ARG K 1390 -71.84 -55.36 -5.41
C ARG K 1390 -72.30 -54.87 -6.77
N ARG K 1391 -71.52 -54.01 -7.42
CA ARG K 1391 -71.86 -53.57 -8.77
C ARG K 1391 -71.64 -54.66 -9.81
N LEU K 1392 -71.03 -55.79 -9.44
CA LEU K 1392 -70.88 -56.93 -10.34
C LEU K 1392 -71.70 -58.14 -9.91
N ARG K 1393 -72.62 -57.99 -8.97
CA ARG K 1393 -73.38 -59.11 -8.43
C ARG K 1393 -74.88 -58.89 -8.63
N GLY K 1394 -75.62 -59.99 -8.53
CA GLY K 1394 -77.06 -59.93 -8.69
C GLY K 1394 -77.70 -59.05 -7.62
N LYS K 1395 -78.82 -58.44 -7.99
CA LYS K 1395 -79.51 -57.53 -7.07
C LYS K 1395 -80.02 -58.22 -5.81
N ASP K 1396 -80.19 -59.54 -5.82
CA ASP K 1396 -80.75 -60.23 -4.67
C ASP K 1396 -79.77 -61.25 -4.10
N ILE K 1397 -78.49 -60.93 -4.09
CA ILE K 1397 -77.44 -61.80 -3.57
C ILE K 1397 -76.68 -61.04 -2.49
N SER K 1398 -76.45 -61.70 -1.36
CA SER K 1398 -75.68 -61.13 -0.25
C SER K 1398 -74.65 -62.15 0.21
N PRO K 1399 -73.37 -61.92 -0.07
CA PRO K 1399 -72.36 -62.95 0.21
C PRO K 1399 -72.27 -63.32 1.69
N CYS K 1400 -71.75 -64.53 1.93
CA CYS K 1400 -71.51 -65.01 3.29
C CYS K 1400 -70.26 -64.37 3.88
N ARG K 1401 -70.22 -64.22 5.20
CA ARG K 1401 -69.08 -63.63 5.88
C ARG K 1401 -68.73 -64.49 7.09
N LEU K 1402 -67.47 -64.92 7.19
CA LEU K 1402 -67.03 -65.81 8.26
C LEU K 1402 -65.54 -65.59 8.54
N LEU K 1403 -65.18 -65.61 9.83
CA LEU K 1403 -63.81 -65.43 10.28
C LEU K 1403 -63.50 -66.37 11.45
N PHE K 1404 -62.21 -66.56 11.70
CA PHE K 1404 -61.70 -67.50 12.68
C PHE K 1404 -61.06 -66.79 13.86
N LEU K 1405 -60.76 -67.58 14.89
CA LEU K 1405 -59.90 -67.15 15.99
C LEU K 1405 -59.34 -68.38 16.67
N ASP K 1406 -58.03 -68.59 16.57
CA ASP K 1406 -57.36 -69.71 17.23
C ASP K 1406 -56.78 -69.27 18.56
N GLU K 1407 -56.75 -70.21 19.52
CA GLU K 1407 -56.31 -69.93 20.87
C GLU K 1407 -57.07 -68.73 21.44
N ALA K 1408 -58.41 -68.82 21.38
CA ALA K 1408 -59.25 -67.73 21.84
C ALA K 1408 -59.17 -67.52 23.34
N ALA K 1409 -58.56 -68.43 24.09
CA ALA K 1409 -58.48 -68.25 25.54
C ALA K 1409 -57.74 -66.97 25.91
N ARG K 1410 -56.99 -66.40 24.97
CA ARG K 1410 -56.21 -65.20 25.23
C ARG K 1410 -57.07 -63.96 25.50
N LEU K 1411 -58.38 -64.02 25.23
CA LEU K 1411 -59.27 -62.90 25.45
C LEU K 1411 -60.10 -63.10 26.71
N ASP K 1412 -60.31 -62.01 27.44
CA ASP K 1412 -61.11 -62.01 28.66
C ASP K 1412 -62.59 -61.86 28.31
N ALA K 1413 -63.45 -62.16 29.28
CA ALA K 1413 -64.90 -62.20 29.03
C ALA K 1413 -65.40 -60.88 28.42
N LYS K 1414 -64.95 -59.75 28.94
CA LYS K 1414 -65.41 -58.46 28.43
C LYS K 1414 -65.07 -58.31 26.95
N SER K 1415 -63.85 -58.69 26.58
CA SER K 1415 -63.44 -58.60 25.18
C SER K 1415 -64.28 -59.52 24.31
N ILE K 1416 -64.58 -60.73 24.79
CA ILE K 1416 -65.39 -61.66 24.01
C ILE K 1416 -66.81 -61.11 23.83
N ALA K 1417 -67.36 -60.49 24.87
CA ALA K 1417 -68.66 -59.87 24.72
C ALA K 1417 -68.63 -58.79 23.65
N THR K 1418 -67.57 -57.97 23.65
CA THR K 1418 -67.45 -56.95 22.62
C THR K 1418 -67.38 -57.58 21.24
N LEU K 1419 -66.61 -58.64 21.09
CA LEU K 1419 -66.44 -59.28 19.79
C LEU K 1419 -67.74 -59.90 19.31
N PHE K 1420 -68.47 -60.55 20.21
CA PHE K 1420 -69.78 -61.10 19.85
C PHE K 1420 -70.73 -60.00 19.40
N GLU K 1421 -70.74 -58.88 20.13
CA GLU K 1421 -71.60 -57.77 19.72
C GLU K 1421 -71.24 -57.30 18.31
N LEU K 1422 -69.95 -57.13 18.03
CA LEU K 1422 -69.56 -56.69 16.71
C LEU K 1422 -70.04 -57.65 15.64
N CYS K 1423 -69.72 -58.94 15.78
CA CYS K 1423 -70.06 -59.86 14.70
C CYS K 1423 -71.56 -59.95 14.53
N GLU K 1424 -72.32 -59.94 15.63
CA GLU K 1424 -73.77 -60.00 15.52
C GLU K 1424 -74.31 -58.79 14.76
N ARG K 1425 -73.80 -57.60 15.08
CA ARG K 1425 -74.25 -56.41 14.38
C ARG K 1425 -73.85 -56.45 12.91
N LEU K 1426 -72.82 -57.22 12.58
CA LEU K 1426 -72.32 -57.32 11.21
C LEU K 1426 -72.77 -58.59 10.50
N GLN K 1427 -73.67 -59.37 11.10
CA GLN K 1427 -74.20 -60.58 10.48
C GLN K 1427 -73.08 -61.51 10.00
N MET K 1428 -72.03 -61.62 10.80
CA MET K 1428 -70.83 -62.33 10.39
C MET K 1428 -70.58 -63.51 11.33
N GLN K 1429 -70.35 -64.68 10.75
CA GLN K 1429 -70.19 -65.91 11.53
C GLN K 1429 -68.79 -66.02 12.10
N LEU K 1430 -68.67 -66.74 13.22
CA LEU K 1430 -67.39 -66.97 13.88
C LEU K 1430 -67.21 -68.44 14.23
N ILE K 1431 -65.96 -68.89 14.10
CA ILE K 1431 -65.52 -70.19 14.57
C ILE K 1431 -64.29 -69.94 15.45
N ILE K 1432 -64.38 -70.33 16.72
CA ILE K 1432 -63.33 -70.07 17.69
C ILE K 1432 -62.92 -71.38 18.35
N ALA K 1433 -61.63 -71.50 18.64
CA ALA K 1433 -61.06 -72.67 19.30
C ALA K 1433 -60.47 -72.25 20.63
N ALA K 1434 -60.76 -73.01 21.68
CA ALA K 1434 -60.22 -72.76 22.99
C ALA K 1434 -60.13 -74.08 23.74
N PRO K 1435 -59.07 -74.30 24.51
CA PRO K 1435 -59.02 -75.52 25.32
C PRO K 1435 -59.94 -75.44 26.54
N GLU K 1436 -61.23 -75.27 26.27
CA GLU K 1436 -62.33 -75.46 27.21
C GLU K 1436 -62.36 -74.31 28.23
N ASN K 1437 -61.36 -73.43 28.23
CA ASN K 1437 -61.34 -72.41 29.28
C ASN K 1437 -62.53 -71.46 29.18
N ILE K 1438 -63.06 -71.25 27.98
CA ILE K 1438 -64.19 -70.34 27.77
C ILE K 1438 -65.42 -71.14 27.35
N SER K 1439 -66.57 -70.75 27.88
CA SER K 1439 -67.85 -71.41 27.60
C SER K 1439 -68.88 -70.35 27.21
N PRO K 1440 -68.82 -69.84 25.99
CA PRO K 1440 -69.82 -68.86 25.55
C PRO K 1440 -71.21 -69.48 25.48
N GLU K 1441 -72.15 -68.85 26.19
CA GLU K 1441 -73.49 -69.43 26.32
C GLU K 1441 -74.24 -69.43 24.99
N LYS K 1442 -74.06 -68.40 24.17
CA LYS K 1442 -74.74 -68.35 22.89
C LYS K 1442 -73.97 -69.14 21.83
N GLY K 1443 -74.72 -69.79 20.96
CA GLY K 1443 -74.12 -70.51 19.85
C GLY K 1443 -74.01 -72.00 20.11
N THR K 1444 -73.28 -72.66 19.21
CA THR K 1444 -73.11 -74.11 19.21
C THR K 1444 -71.72 -74.48 19.70
N THR K 1445 -71.64 -75.55 20.49
CA THR K 1445 -70.41 -76.00 21.09
C THR K 1445 -70.15 -77.46 20.74
N TYR K 1446 -68.89 -77.79 20.49
CA TYR K 1446 -68.48 -79.15 20.13
C TYR K 1446 -67.37 -79.62 21.07
N LYS K 1447 -67.60 -80.76 21.72
CA LYS K 1447 -66.63 -81.37 22.63
C LYS K 1447 -65.86 -82.45 21.89
N LEU K 1448 -64.54 -82.38 21.94
CA LEU K 1448 -63.66 -83.31 21.24
C LEU K 1448 -62.81 -84.10 22.23
N VAL K 1449 -62.60 -85.38 21.93
CA VAL K 1449 -61.75 -86.25 22.73
C VAL K 1449 -61.10 -87.26 21.79
N ARG K 1450 -59.76 -87.31 21.79
CA ARG K 1450 -59.02 -88.20 20.94
C ARG K 1450 -58.65 -89.47 21.69
N LYS K 1451 -58.87 -90.63 21.04
CA LYS K 1451 -58.71 -91.92 21.67
C LYS K 1451 -57.97 -92.86 20.72
N VAL K 1452 -57.58 -94.02 21.25
CA VAL K 1452 -56.98 -95.09 20.46
C VAL K 1452 -57.94 -96.25 20.44
N PHE K 1453 -58.33 -96.68 19.25
CA PHE K 1453 -59.34 -97.72 19.04
C PHE K 1453 -58.89 -98.66 17.94
N LYS K 1454 -58.82 -99.95 18.27
CA LYS K 1454 -58.26 -100.95 17.35
C LYS K 1454 -56.90 -100.50 16.84
N ASN K 1455 -56.10 -99.96 17.76
CA ASN K 1455 -54.74 -99.50 17.45
C ASN K 1455 -54.74 -98.42 16.38
N HIS K 1456 -55.70 -97.50 16.47
CA HIS K 1456 -55.76 -96.36 15.56
C HIS K 1456 -56.37 -95.16 16.27
N GLU K 1457 -55.92 -93.97 15.86
CA GLU K 1457 -56.36 -92.73 16.46
C GLU K 1457 -57.77 -92.38 16.01
N HIS K 1458 -58.62 -92.01 16.96
CA HIS K 1458 -60.04 -91.74 16.70
C HIS K 1458 -60.52 -90.60 17.58
N VAL K 1459 -61.34 -89.72 17.01
CA VAL K 1459 -61.83 -88.53 17.69
C VAL K 1459 -63.32 -88.69 17.96
N HIS K 1460 -63.68 -88.66 19.24
CA HIS K 1460 -65.07 -88.70 19.67
C HIS K 1460 -65.62 -87.27 19.77
N VAL K 1461 -66.81 -87.03 19.20
CA VAL K 1461 -67.35 -85.69 19.08
C VAL K 1461 -68.76 -85.64 19.64
N VAL K 1462 -69.05 -84.61 20.42
CA VAL K 1462 -70.38 -84.36 20.98
C VAL K 1462 -70.70 -82.89 20.80
N GLY K 1463 -71.99 -82.58 20.65
CA GLY K 1463 -72.42 -81.22 20.38
C GLY K 1463 -73.56 -80.79 21.26
N LEU K 1464 -73.58 -79.49 21.56
CA LEU K 1464 -74.62 -78.85 22.37
C LEU K 1464 -74.99 -77.52 21.72
N ARG K 1465 -76.25 -77.13 21.83
CA ARG K 1465 -76.67 -75.83 21.30
C ARG K 1465 -78.04 -75.47 21.84
N GLY K 1466 -78.42 -74.22 21.60
CA GLY K 1466 -79.74 -73.72 21.94
C GLY K 1466 -79.86 -73.03 23.27
N PHE K 1467 -78.83 -73.04 24.10
CA PHE K 1467 -78.91 -72.42 25.41
C PHE K 1467 -79.03 -70.90 25.29
N GLY K 1468 -79.79 -70.32 26.21
CA GLY K 1468 -79.99 -68.88 26.23
C GLY K 1468 -81.37 -68.48 25.75
N ILE L 2 -27.74 -80.01 50.56
CA ILE L 2 -27.59 -78.64 50.37
C ILE L 2 -28.91 -77.96 50.12
N GLU L 3 -29.10 -76.76 50.68
CA GLU L 3 -30.32 -76.00 50.47
C GLU L 3 -30.11 -75.01 49.32
N ARG L 4 -30.92 -75.15 48.28
CA ARG L 4 -30.77 -74.29 47.11
C ARG L 4 -31.34 -72.91 47.39
N GLY L 5 -30.74 -71.90 46.74
CA GLY L 5 -31.20 -70.55 46.91
C GLY L 5 -32.57 -70.31 46.29
N LYS L 6 -33.20 -69.21 46.70
CA LYS L 6 -34.56 -68.91 46.28
C LYS L 6 -34.74 -67.41 46.11
N PHE L 7 -35.66 -67.04 45.21
CA PHE L 7 -36.06 -65.65 45.03
C PHE L 7 -37.20 -65.34 45.99
N ARG L 8 -37.01 -64.35 46.86
CA ARG L 8 -38.06 -64.02 47.82
C ARG L 8 -39.13 -63.11 47.23
N SER L 9 -38.74 -61.99 46.60
CA SER L 9 -39.74 -61.02 46.18
C SER L 9 -39.22 -60.15 45.05
N LEU L 10 -40.17 -59.45 44.42
CA LEU L 10 -39.93 -58.51 43.33
C LEU L 10 -40.60 -57.19 43.67
N THR L 11 -39.91 -56.07 43.42
CA THR L 11 -40.43 -54.75 43.74
C THR L 11 -40.36 -53.85 42.52
N LEU L 12 -41.42 -53.09 42.29
CA LEU L 12 -41.52 -52.13 41.20
C LEU L 12 -41.81 -50.75 41.77
N VAL L 13 -41.16 -49.72 41.23
CA VAL L 13 -41.38 -48.35 41.65
C VAL L 13 -41.54 -47.46 40.42
N ASN L 14 -42.67 -46.76 40.36
CA ASN L 14 -42.93 -45.74 39.36
C ASN L 14 -42.91 -46.32 37.95
N TRP L 15 -43.45 -47.52 37.79
CA TRP L 15 -43.67 -48.09 36.47
C TRP L 15 -45.04 -47.66 35.95
N ASN L 16 -45.33 -48.03 34.70
CA ASN L 16 -46.57 -47.62 34.08
C ASN L 16 -47.74 -48.33 34.74
N GLY L 17 -48.42 -47.65 35.66
CA GLY L 17 -49.52 -48.22 36.40
C GLY L 17 -49.19 -48.62 37.82
N PHE L 18 -47.91 -48.83 38.13
CA PHE L 18 -47.47 -49.17 39.48
C PHE L 18 -46.68 -48.01 40.04
N PHE L 19 -47.09 -47.53 41.21
CA PHE L 19 -46.27 -46.52 41.89
C PHE L 19 -45.22 -47.19 42.75
N ALA L 20 -45.64 -48.04 43.68
CA ALA L 20 -44.71 -48.80 44.52
C ALA L 20 -45.43 -50.07 44.96
N ARG L 21 -45.09 -51.19 44.31
CA ARG L 21 -45.75 -52.47 44.55
C ARG L 21 -44.70 -53.55 44.71
N THR L 22 -44.97 -54.50 45.60
CA THR L 22 -44.06 -55.59 45.91
C THR L 22 -44.80 -56.92 45.85
N PHE L 23 -44.37 -57.80 44.95
CA PHE L 23 -44.91 -59.15 44.83
C PHE L 23 -44.03 -60.12 45.61
N ASP L 24 -44.65 -60.90 46.48
CA ASP L 24 -43.94 -61.94 47.24
C ASP L 24 -44.02 -63.25 46.48
N LEU L 25 -42.88 -63.74 46.02
CA LEU L 25 -42.87 -64.96 45.22
C LEU L 25 -43.08 -66.19 46.09
N ASP L 26 -43.45 -67.28 45.43
CA ASP L 26 -43.70 -68.57 46.05
C ASP L 26 -42.51 -69.50 45.86
N GLU L 27 -42.44 -70.53 46.71
CA GLU L 27 -41.35 -71.49 46.63
C GLU L 27 -41.42 -72.32 45.35
N LEU L 28 -42.62 -72.62 44.85
CA LEU L 28 -42.75 -73.43 43.64
C LEU L 28 -43.37 -72.68 42.47
N VAL L 29 -44.55 -72.08 42.63
CA VAL L 29 -45.28 -71.49 41.51
C VAL L 29 -45.96 -70.20 41.95
N THR L 30 -45.88 -69.18 41.11
CA THR L 30 -46.55 -67.89 41.33
C THR L 30 -47.33 -67.54 40.07
N THR L 31 -48.61 -67.22 40.23
CA THR L 31 -49.51 -66.97 39.12
C THR L 31 -50.03 -65.54 39.17
N LEU L 32 -50.13 -64.93 37.98
CA LEU L 32 -50.67 -63.59 37.82
C LEU L 32 -51.92 -63.67 36.95
N SER L 33 -53.02 -63.10 37.42
CA SER L 33 -54.30 -63.14 36.73
C SER L 33 -54.90 -61.75 36.65
N GLY L 34 -55.79 -61.56 35.69
CA GLY L 34 -56.46 -60.30 35.49
C GLY L 34 -56.77 -60.08 34.01
N GLY L 35 -57.78 -59.26 33.75
CA GLY L 35 -58.22 -59.01 32.40
C GLY L 35 -57.11 -58.47 31.53
N ASN L 36 -57.42 -58.38 30.24
CA ASN L 36 -56.45 -57.90 29.26
C ASN L 36 -56.03 -56.48 29.61
N GLY L 37 -54.73 -56.21 29.50
CA GLY L 37 -54.19 -54.91 29.81
C GLY L 37 -53.99 -54.63 31.29
N ALA L 38 -54.16 -55.64 32.14
CA ALA L 38 -54.03 -55.42 33.58
C ALA L 38 -52.59 -55.07 33.98
N GLY L 39 -51.61 -55.74 33.36
CA GLY L 39 -50.21 -55.46 33.67
C GLY L 39 -49.33 -56.66 33.97
N LYS L 40 -49.77 -57.85 33.58
CA LYS L 40 -49.02 -59.07 33.87
C LYS L 40 -47.70 -59.11 33.10
N SER L 41 -47.77 -58.96 31.78
CA SER L 41 -46.55 -58.99 30.96
C SER L 41 -45.58 -57.91 31.40
N THR L 42 -46.10 -56.78 31.89
CA THR L 42 -45.24 -55.72 32.38
C THR L 42 -44.42 -56.20 33.58
N THR L 43 -45.05 -56.94 34.48
CA THR L 43 -44.34 -57.50 35.62
C THR L 43 -43.25 -58.45 35.15
N MET L 44 -43.57 -59.33 34.20
CA MET L 44 -42.54 -60.19 33.63
C MET L 44 -41.36 -59.36 33.13
N ALA L 45 -41.65 -58.31 32.36
CA ALA L 45 -40.61 -57.51 31.76
C ALA L 45 -39.73 -56.86 32.82
N ALA L 46 -40.35 -56.36 33.89
CA ALA L 46 -39.57 -55.75 34.95
C ALA L 46 -38.61 -56.78 35.56
N PHE L 47 -39.10 -57.99 35.80
CA PHE L 47 -38.23 -59.00 36.38
C PHE L 47 -37.02 -59.24 35.48
N VAL L 48 -37.21 -59.53 34.23
CA VAL L 48 -36.19 -59.85 33.31
C VAL L 48 -35.20 -58.72 33.17
N THR L 49 -35.65 -57.51 33.12
CA THR L 49 -34.88 -56.33 33.09
C THR L 49 -33.92 -56.28 34.24
N ALA L 50 -34.39 -56.48 35.42
CA ALA L 50 -33.64 -56.55 36.62
C ALA L 50 -32.61 -57.65 36.58
N LEU L 51 -32.83 -58.70 35.88
CA LEU L 51 -31.98 -59.82 35.75
C LEU L 51 -30.82 -59.60 34.80
N ILE L 52 -31.05 -59.14 33.62
CA ILE L 52 -30.17 -58.90 32.55
C ILE L 52 -30.22 -57.49 32.01
N PRO L 53 -29.57 -56.50 32.62
CA PRO L 53 -29.71 -55.12 32.19
C PRO L 53 -29.13 -54.76 30.84
N ASP L 54 -28.59 -55.66 30.09
CA ASP L 54 -28.00 -55.48 28.83
C ASP L 54 -29.01 -54.88 27.89
N LEU L 55 -28.97 -53.62 27.59
CA LEU L 55 -29.86 -52.89 26.77
C LEU L 55 -29.83 -53.31 25.32
N THR L 56 -28.78 -53.87 24.83
CA THR L 56 -28.62 -54.39 23.53
C THR L 56 -29.55 -55.55 23.26
N LEU L 57 -29.81 -56.37 24.22
CA LEU L 57 -30.54 -57.57 24.20
C LEU L 57 -32.03 -57.38 24.35
N LEU L 58 -32.46 -56.70 25.35
CA LEU L 58 -33.79 -56.47 25.76
C LEU L 58 -34.68 -56.10 24.60
N HIS L 59 -35.69 -56.90 24.31
CA HIS L 59 -36.60 -56.64 23.21
C HIS L 59 -37.93 -57.30 23.54
N PHE L 60 -38.93 -56.51 23.93
CA PHE L 60 -40.21 -57.02 24.41
C PHE L 60 -41.24 -56.96 23.29
N ARG L 61 -41.25 -58.02 22.47
CA ARG L 61 -42.30 -58.14 21.47
C ARG L 61 -43.62 -58.53 22.10
N ASN L 62 -44.70 -58.32 21.35
CA ASN L 62 -45.99 -58.86 21.73
C ASN L 62 -45.91 -60.39 21.77
N THR L 63 -46.85 -61.00 22.48
CA THR L 63 -46.91 -62.46 22.45
C THR L 63 -47.26 -62.96 21.04
N THR L 64 -48.23 -62.32 20.40
CA THR L 64 -48.35 -62.50 18.97
C THR L 64 -47.13 -61.89 18.28
N GLU L 65 -46.83 -62.40 17.08
CA GLU L 65 -45.57 -62.13 16.42
C GLU L 65 -44.39 -62.73 17.16
N ALA L 66 -44.63 -63.77 17.94
CA ALA L 66 -43.56 -64.46 18.63
C ALA L 66 -42.67 -65.17 17.63
N GLY L 67 -41.36 -65.10 17.85
CA GLY L 67 -40.42 -65.81 17.01
C GLY L 67 -40.03 -65.12 15.73
N ALA L 68 -40.64 -63.99 15.42
CA ALA L 68 -40.29 -63.23 14.22
C ALA L 68 -39.19 -62.24 14.57
N THR L 69 -38.02 -62.40 13.96
CA THR L 69 -36.92 -61.47 14.13
C THR L 69 -37.22 -60.20 13.34
N SER L 70 -37.62 -59.15 14.04
CA SER L 70 -38.25 -58.00 13.41
C SER L 70 -37.35 -56.78 13.32
N GLY L 71 -36.41 -56.61 14.25
CA GLY L 71 -35.64 -55.37 14.27
C GLY L 71 -36.48 -54.14 14.48
N SER L 72 -37.62 -54.27 15.16
CA SER L 72 -38.56 -53.18 15.34
C SER L 72 -37.85 -51.89 15.74
N ARG L 73 -38.42 -50.77 15.30
CA ARG L 73 -37.86 -49.47 15.65
C ARG L 73 -37.77 -49.29 17.16
N ASP L 74 -38.76 -49.78 17.90
CA ASP L 74 -38.84 -49.56 19.35
C ASP L 74 -38.82 -50.90 20.07
N LYS L 75 -37.93 -51.02 21.05
CA LYS L 75 -37.80 -52.25 21.82
C LYS L 75 -38.96 -52.48 22.78
N GLY L 76 -39.79 -51.47 23.04
CA GLY L 76 -40.96 -51.64 23.86
C GLY L 76 -40.75 -51.47 25.35
N LEU L 77 -39.54 -51.13 25.79
CA LEU L 77 -39.32 -50.92 27.22
C LEU L 77 -39.68 -49.51 27.65
N HIS L 78 -39.35 -48.52 26.83
CA HIS L 78 -39.49 -47.13 27.25
C HIS L 78 -40.91 -46.82 27.71
N GLY L 79 -41.91 -47.26 26.94
CA GLY L 79 -43.28 -46.92 27.27
C GLY L 79 -43.77 -47.50 28.57
N LYS L 80 -43.11 -48.54 29.08
CA LYS L 80 -43.50 -49.15 30.34
C LYS L 80 -43.01 -48.36 31.54
N LEU L 81 -42.29 -47.27 31.33
CA LEU L 81 -41.76 -46.43 32.39
C LEU L 81 -42.46 -45.07 32.40
N ARG L 82 -42.55 -44.49 33.58
CA ARG L 82 -43.08 -43.14 33.72
C ARG L 82 -41.94 -42.13 33.78
N ALA L 83 -42.30 -40.85 33.76
CA ALA L 83 -41.31 -39.80 33.90
C ALA L 83 -40.71 -39.85 35.31
N GLY L 84 -39.49 -39.36 35.41
CA GLY L 84 -38.78 -39.39 36.67
C GLY L 84 -37.97 -40.65 36.83
N VAL L 85 -37.62 -40.93 38.08
CA VAL L 85 -36.77 -42.07 38.40
C VAL L 85 -37.63 -43.31 38.63
N CYS L 86 -37.05 -44.47 38.34
CA CYS L 86 -37.73 -45.75 38.47
C CYS L 86 -36.77 -46.78 39.03
N TYR L 87 -37.32 -47.84 39.63
CA TYR L 87 -36.51 -48.93 40.15
C TYR L 87 -37.12 -50.28 39.82
N SER L 88 -36.27 -51.30 39.92
CA SER L 88 -36.69 -52.71 39.85
C SER L 88 -35.65 -53.52 40.61
N THR L 89 -36.08 -54.23 41.64
CA THR L 89 -35.16 -54.90 42.54
C THR L 89 -35.66 -56.30 42.88
N LEU L 90 -34.72 -57.17 43.23
CA LEU L 90 -35.00 -58.55 43.64
C LEU L 90 -34.34 -58.83 44.98
N ASP L 91 -35.05 -59.56 45.83
CA ASP L 91 -34.51 -60.02 47.11
C ASP L 91 -34.28 -61.52 47.00
N VAL L 92 -33.09 -61.97 47.38
CA VAL L 92 -32.68 -63.36 47.20
C VAL L 92 -32.09 -63.88 48.50
N ILE L 93 -32.41 -65.12 48.84
CA ILE L 93 -31.80 -65.82 49.96
C ILE L 93 -30.79 -66.82 49.40
N ASN L 94 -29.55 -66.66 49.69
CA ASN L 94 -28.45 -67.43 49.29
C ASN L 94 -28.47 -68.80 49.92
N SER L 95 -27.82 -69.78 49.38
CA SER L 95 -27.59 -71.05 49.95
C SER L 95 -26.97 -70.94 51.32
N ARG L 96 -26.16 -69.98 51.54
CA ARG L 96 -25.52 -69.58 52.72
C ARG L 96 -26.42 -68.88 53.71
N HIS L 97 -27.70 -68.76 53.35
CA HIS L 97 -28.67 -68.03 54.16
C HIS L 97 -28.24 -66.58 54.35
N GLN L 98 -27.82 -65.92 53.33
CA GLN L 98 -27.47 -64.56 53.17
C GLN L 98 -28.50 -63.80 52.38
N ARG L 99 -28.99 -62.67 52.89
CA ARG L 99 -29.97 -61.86 52.18
C ARG L 99 -29.24 -60.82 51.34
N VAL L 100 -29.42 -60.81 50.05
CA VAL L 100 -28.86 -59.97 49.06
C VAL L 100 -29.91 -59.33 48.19
N VAL L 101 -29.86 -58.07 47.92
CA VAL L 101 -30.73 -57.25 47.17
C VAL L 101 -30.05 -56.75 45.92
N VAL L 102 -30.34 -57.25 44.77
CA VAL L 102 -29.95 -56.83 43.48
C VAL L 102 -31.01 -55.96 42.86
N GLY L 103 -30.70 -55.13 41.93
CA GLY L 103 -31.53 -54.27 41.23
C GLY L 103 -30.95 -53.32 40.27
N VAL L 104 -31.71 -52.46 39.68
CA VAL L 104 -31.40 -51.46 38.72
C VAL L 104 -32.14 -50.18 38.94
N ARG L 105 -31.52 -49.04 38.64
CA ARG L 105 -32.23 -47.76 38.59
C ARG L 105 -32.46 -47.42 37.12
N LEU L 106 -33.72 -47.23 36.74
CA LEU L 106 -34.10 -46.93 35.38
C LEU L 106 -34.58 -45.48 35.28
N GLN L 107 -34.34 -44.86 34.13
CA GLN L 107 -34.74 -43.47 33.94
C GLN L 107 -34.85 -43.17 32.46
N GLN L 108 -35.94 -42.53 32.05
CA GLN L 108 -36.11 -42.11 30.67
C GLN L 108 -35.09 -41.04 30.31
N VAL L 109 -34.73 -41.00 29.03
CA VAL L 109 -33.80 -39.99 28.50
C VAL L 109 -34.61 -38.94 27.76
N ALA L 110 -34.43 -37.68 28.14
CA ALA L 110 -35.06 -36.59 27.42
C ALA L 110 -34.44 -36.46 26.04
N GLY L 111 -35.28 -36.32 25.03
CA GLY L 111 -34.85 -36.23 23.65
C GLY L 111 -35.79 -37.01 22.75
N ARG L 112 -35.71 -36.69 21.45
CA ARG L 112 -36.63 -37.32 20.50
C ARG L 112 -36.54 -38.83 20.52
N ASP L 113 -35.32 -39.38 20.58
CA ASP L 113 -35.17 -40.82 20.64
C ASP L 113 -35.65 -41.34 21.99
N ARG L 114 -36.49 -42.38 21.97
CA ARG L 114 -37.04 -42.95 23.20
C ARG L 114 -36.03 -43.92 23.80
N LYS L 115 -35.00 -43.36 24.39
CA LYS L 115 -33.91 -44.12 24.99
C LYS L 115 -34.09 -44.22 26.50
N VAL L 116 -33.36 -45.15 27.11
CA VAL L 116 -33.46 -45.42 28.54
C VAL L 116 -32.07 -45.59 29.13
N ASP L 117 -31.94 -45.20 30.40
CA ASP L 117 -30.70 -45.29 31.15
C ASP L 117 -30.84 -46.33 32.27
N ILE L 118 -29.85 -47.12 32.52
CA ILE L 118 -29.73 -48.16 33.46
C ILE L 118 -28.50 -48.04 34.32
N LYS L 119 -28.56 -48.19 35.61
CA LYS L 119 -27.54 -48.22 36.58
C LYS L 119 -27.69 -49.34 37.57
N PRO L 120 -27.00 -50.47 37.46
CA PRO L 120 -27.13 -51.54 38.42
C PRO L 120 -26.61 -51.20 39.79
N PHE L 121 -26.98 -51.91 40.79
CA PHE L 121 -26.59 -51.82 42.14
C PHE L 121 -26.83 -53.08 42.92
N MET L 122 -26.22 -53.27 44.04
CA MET L 122 -26.30 -54.36 44.94
C MET L 122 -26.19 -53.96 46.39
N ILE L 123 -26.91 -54.55 47.29
CA ILE L 123 -26.97 -54.36 48.70
C ILE L 123 -26.76 -55.65 49.44
N GLN L 124 -25.88 -55.74 50.39
CA GLN L 124 -25.56 -56.82 51.23
C GLN L 124 -25.69 -56.50 52.70
N GLY L 125 -26.14 -57.47 53.50
CA GLY L 125 -26.19 -57.30 54.93
C GLY L 125 -27.36 -56.50 55.43
N LEU L 126 -28.35 -56.20 54.59
CA LEU L 126 -29.49 -55.42 55.03
C LEU L 126 -30.25 -56.17 56.10
N PRO L 127 -30.68 -55.51 57.18
CA PRO L 127 -31.43 -56.22 58.22
C PRO L 127 -32.70 -56.83 57.67
N THR L 128 -33.07 -57.99 58.22
CA THR L 128 -34.25 -58.70 57.74
C THR L 128 -35.54 -57.92 57.92
N ALA L 129 -35.54 -56.90 58.78
CA ALA L 129 -36.76 -56.17 59.07
C ALA L 129 -37.06 -55.06 58.06
N ILE L 130 -36.13 -54.75 57.18
CA ILE L 130 -36.30 -53.66 56.22
C ILE L 130 -36.97 -54.19 54.96
N GLN L 131 -38.02 -53.51 54.52
CA GLN L 131 -38.67 -53.82 53.27
C GLN L 131 -38.15 -52.90 52.16
N PRO L 132 -37.93 -53.42 50.95
CA PRO L 132 -37.43 -52.55 49.88
C PRO L 132 -38.36 -51.40 49.56
N THR L 133 -39.67 -51.62 49.64
CA THR L 133 -40.61 -50.56 49.31
C THR L 133 -40.37 -49.32 50.19
N GLN L 134 -40.13 -49.53 51.47
CA GLN L 134 -39.89 -48.42 52.37
C GLN L 134 -38.46 -47.88 52.21
N LEU L 135 -37.50 -48.76 51.95
CA LEU L 135 -36.12 -48.31 51.81
C LEU L 135 -35.96 -47.35 50.65
N LEU L 136 -36.74 -47.55 49.58
CA LEU L 136 -36.60 -46.75 48.37
C LEU L 136 -37.45 -45.48 48.36
N THR L 137 -38.21 -45.21 49.41
CA THR L 137 -39.09 -44.05 49.43
C THR L 137 -38.96 -43.28 50.73
N GLU L 138 -39.28 -41.98 50.65
CA GLU L 138 -39.26 -41.07 51.78
C GLU L 138 -40.70 -40.64 52.09
N ASN L 139 -41.06 -40.67 53.36
CA ASN L 139 -42.42 -40.30 53.78
C ASN L 139 -42.49 -38.79 53.92
N VAL L 140 -43.06 -38.14 52.91
CA VAL L 140 -43.24 -36.69 52.89
C VAL L 140 -44.72 -36.40 52.95
N GLY L 141 -45.10 -35.52 53.86
CA GLY L 141 -46.50 -35.17 54.01
C GLY L 141 -47.27 -36.26 54.73
N GLU L 142 -48.58 -36.13 54.67
CA GLU L 142 -49.48 -37.03 55.38
C GLU L 142 -49.67 -38.27 54.52
N ARG L 143 -48.78 -39.27 54.70
CA ARG L 143 -48.93 -40.53 53.99
C ARG L 143 -48.98 -40.32 52.47
N GLN L 144 -48.02 -39.54 51.98
CA GLN L 144 -47.91 -39.16 50.57
C GLN L 144 -46.47 -39.29 50.07
N ALA L 145 -45.88 -40.46 50.32
CA ALA L 145 -44.44 -40.66 50.18
C ALA L 145 -43.89 -40.18 48.84
N ARG L 146 -42.57 -39.96 48.82
CA ARG L 146 -41.80 -39.53 47.66
C ARG L 146 -40.69 -40.53 47.37
N VAL L 147 -40.33 -40.69 46.09
CA VAL L 147 -39.22 -41.54 45.71
C VAL L 147 -37.92 -40.73 45.74
N LEU L 148 -36.81 -41.42 46.02
CA LEU L 148 -35.54 -40.74 46.21
C LEU L 148 -34.44 -41.29 45.29
N PRO L 149 -33.59 -40.43 44.73
CA PRO L 149 -32.61 -40.91 43.73
C PRO L 149 -31.49 -41.73 44.34
N LEU L 150 -30.54 -42.13 43.55
CA LEU L 150 -29.41 -42.89 43.87
C LEU L 150 -28.54 -42.26 44.94
N ASN L 151 -28.21 -40.99 44.74
CA ASN L 151 -27.31 -40.34 45.69
C ASN L 151 -27.95 -40.27 47.07
N GLU L 152 -29.23 -39.88 47.13
CA GLU L 152 -29.93 -39.88 48.41
C GLU L 152 -30.03 -41.28 48.98
N LEU L 153 -30.24 -42.28 48.12
CA LEU L 153 -30.29 -43.66 48.57
C LEU L 153 -28.96 -44.10 49.19
N LYS L 154 -27.87 -43.78 48.60
CA LYS L 154 -26.55 -44.02 49.05
C LYS L 154 -26.30 -43.40 50.38
N ASP L 155 -26.69 -42.13 50.50
CA ASP L 155 -26.56 -41.45 51.78
C ASP L 155 -27.37 -42.15 52.86
N ARG L 156 -28.59 -42.56 52.53
CA ARG L 156 -29.44 -43.23 53.51
C ARG L 156 -28.83 -44.53 53.96
N LEU L 157 -28.26 -45.31 53.10
CA LEU L 157 -27.64 -46.56 53.32
C LEU L 157 -26.39 -46.43 54.14
N ASP L 158 -25.50 -45.57 53.77
CA ASP L 158 -24.23 -45.34 54.36
C ASP L 158 -24.35 -45.02 55.82
N GLU L 159 -25.44 -44.32 56.18
CA GLU L 159 -25.65 -43.95 57.57
C GLU L 159 -26.03 -45.14 58.43
N MET L 160 -26.38 -46.28 57.83
CA MET L 160 -26.69 -47.47 58.58
C MET L 160 -25.42 -48.22 58.97
N GLU L 161 -25.59 -49.23 59.81
CA GLU L 161 -24.50 -50.04 60.34
C GLU L 161 -24.53 -51.42 59.71
N GLY L 162 -23.40 -51.84 59.14
CA GLY L 162 -23.22 -53.20 58.68
C GLY L 162 -23.65 -53.48 57.26
N VAL L 163 -24.41 -52.66 56.61
CA VAL L 163 -24.88 -52.76 55.29
C VAL L 163 -23.85 -52.30 54.30
N GLN L 164 -23.59 -52.98 53.24
CA GLN L 164 -22.71 -52.72 52.16
C GLN L 164 -23.45 -52.36 50.90
N PHE L 165 -23.26 -51.23 50.31
CA PHE L 165 -23.78 -50.72 49.11
C PHE L 165 -22.74 -50.66 48.03
N LYS L 166 -23.05 -51.17 46.83
CA LYS L 166 -22.13 -51.17 45.69
C LYS L 166 -22.88 -50.78 44.42
N GLN L 167 -22.27 -49.89 43.63
CA GLN L 167 -22.69 -49.39 42.38
C GLN L 167 -21.75 -49.81 41.28
N PHE L 168 -22.20 -50.36 40.19
CA PHE L 168 -21.50 -50.94 39.11
C PHE L 168 -21.34 -50.02 37.94
N ASN L 169 -20.10 -49.86 37.44
CA ASN L 169 -19.80 -49.04 36.28
C ASN L 169 -19.93 -49.85 34.98
N SER L 170 -19.98 -51.19 35.07
CA SER L 170 -20.11 -52.10 33.93
C SER L 170 -20.95 -53.32 34.32
N ILE L 171 -21.75 -53.82 33.38
CA ILE L 171 -22.60 -54.99 33.59
C ILE L 171 -21.81 -56.28 33.87
N THR L 172 -20.58 -56.38 33.36
CA THR L 172 -19.70 -57.55 33.54
C THR L 172 -19.35 -57.78 35.01
N ASP L 173 -18.98 -56.72 35.73
CA ASP L 173 -18.66 -56.81 37.17
C ASP L 173 -19.90 -57.17 38.00
N TYR L 174 -21.08 -56.66 37.62
CA TYR L 174 -22.34 -56.94 38.15
C TYR L 174 -22.67 -58.41 38.04
N HIS L 175 -22.54 -58.98 36.84
CA HIS L 175 -22.78 -60.40 36.63
C HIS L 175 -21.78 -61.26 37.41
N ALA L 176 -20.53 -60.82 37.53
CA ALA L 176 -19.52 -61.53 38.29
C ALA L 176 -19.91 -61.63 39.77
N GLN L 177 -20.30 -60.51 40.38
CA GLN L 177 -20.74 -60.51 41.77
C GLN L 177 -21.99 -61.40 41.92
N MET L 178 -22.91 -61.40 40.94
CA MET L 178 -24.06 -62.22 40.92
C MET L 178 -23.70 -63.68 40.95
N PHE L 179 -22.79 -64.11 40.08
CA PHE L 179 -22.39 -65.52 40.03
C PHE L 179 -21.71 -65.95 41.33
N ASP L 180 -20.80 -65.12 41.86
CA ASP L 180 -20.04 -65.39 43.09
C ASP L 180 -20.97 -65.61 44.29
N LEU L 181 -22.17 -65.01 44.26
CA LEU L 181 -23.21 -65.12 45.21
C LEU L 181 -24.24 -66.18 44.91
N GLY L 182 -24.07 -66.97 43.91
CA GLY L 182 -24.96 -67.95 43.53
C GLY L 182 -26.31 -67.53 43.08
N VAL L 183 -26.39 -66.55 42.25
CA VAL L 183 -27.53 -66.00 41.64
C VAL L 183 -27.75 -66.43 40.20
N ILE L 184 -26.75 -66.75 39.47
CA ILE L 184 -26.69 -67.20 38.13
C ILE L 184 -26.07 -68.57 38.03
N PRO L 185 -26.54 -69.48 37.17
CA PRO L 185 -25.88 -70.75 37.01
C PRO L 185 -24.52 -70.71 36.37
N LYS L 186 -24.33 -69.90 35.37
CA LYS L 186 -23.21 -69.73 34.52
C LYS L 186 -22.47 -68.45 34.81
N ARG L 187 -21.16 -68.41 34.57
CA ARG L 187 -20.38 -67.18 34.72
C ARG L 187 -20.38 -66.48 33.36
N LEU L 188 -21.13 -65.37 33.26
CA LEU L 188 -21.29 -64.62 32.00
C LEU L 188 -20.10 -63.69 31.81
N ARG L 189 -18.97 -64.29 31.42
CA ARG L 189 -17.71 -63.59 31.18
C ARG L 189 -17.71 -62.75 29.90
N SER L 190 -18.22 -63.30 28.79
CA SER L 190 -18.25 -62.63 27.48
C SER L 190 -19.68 -62.26 27.06
N ALA L 191 -19.78 -61.35 26.09
CA ALA L 191 -21.05 -60.92 25.52
C ALA L 191 -21.82 -62.10 24.91
N SER L 192 -21.13 -63.10 24.33
CA SER L 192 -21.72 -64.25 23.78
C SER L 192 -22.42 -65.08 24.82
N ASP L 193 -21.81 -65.25 25.98
CA ASP L 193 -22.39 -66.00 27.11
C ASP L 193 -23.67 -65.32 27.60
N ARG L 194 -23.63 -63.97 27.68
CA ARG L 194 -24.77 -63.14 28.06
C ARG L 194 -25.91 -63.29 27.06
N SER L 195 -25.60 -63.40 25.77
CA SER L 195 -26.49 -63.67 24.72
C SER L 195 -27.19 -65.00 24.90
N LYS L 196 -26.47 -66.03 25.17
CA LYS L 196 -26.94 -67.34 25.45
C LYS L 196 -27.92 -67.34 26.59
N PHE L 197 -27.59 -66.75 27.68
CA PHE L 197 -28.38 -66.61 28.84
C PHE L 197 -29.71 -65.96 28.52
N TYR L 198 -29.68 -64.86 27.85
CA TYR L 198 -30.80 -64.13 27.40
C TYR L 198 -31.70 -64.96 26.52
N ARG L 199 -31.16 -65.67 25.59
CA ARG L 199 -31.82 -66.59 24.75
C ARG L 199 -32.66 -67.54 25.54
N LEU L 200 -32.10 -68.14 26.53
CA LEU L 200 -32.73 -69.05 27.41
C LEU L 200 -33.96 -68.46 28.02
N ILE L 201 -33.84 -67.37 28.70
CA ILE L 201 -34.88 -66.70 29.39
C ILE L 201 -36.00 -66.29 28.45
N GLU L 202 -35.61 -65.65 27.34
CA GLU L 202 -36.62 -65.15 26.41
C GLU L 202 -37.42 -66.30 25.81
N ALA L 203 -36.74 -67.39 25.43
CA ALA L 203 -37.44 -68.55 24.92
C ALA L 203 -38.42 -69.10 25.95
N SER L 204 -38.01 -69.14 27.22
CA SER L 204 -38.95 -69.58 28.24
C SER L 204 -40.15 -68.64 28.32
N LEU L 205 -39.91 -67.34 28.25
CA LEU L 205 -40.99 -66.38 28.42
C LEU L 205 -42.05 -66.55 27.33
N TYR L 206 -41.64 -66.56 26.07
CA TYR L 206 -42.63 -66.74 25.01
C TYR L 206 -43.03 -68.19 24.80
N GLY L 207 -42.28 -69.14 25.35
CA GLY L 207 -42.68 -70.53 25.34
C GLY L 207 -42.56 -71.21 23.99
N GLY L 208 -42.44 -72.54 24.01
CA GLY L 208 -42.41 -73.32 22.80
C GLY L 208 -41.01 -73.69 22.37
N ILE L 209 -40.96 -74.45 21.28
CA ILE L 209 -39.70 -74.87 20.68
C ILE L 209 -39.02 -73.66 20.06
N SER L 210 -37.96 -73.17 20.69
CA SER L 210 -37.29 -71.98 20.21
C SER L 210 -36.42 -72.35 19.03
N SER L 211 -36.60 -71.65 17.90
CA SER L 211 -35.87 -72.01 16.69
C SER L 211 -34.37 -71.91 16.90
N ALA L 212 -33.92 -70.88 17.60
CA ALA L 212 -32.49 -70.66 17.76
C ALA L 212 -31.86 -71.71 18.67
N ILE L 213 -32.57 -72.13 19.71
CA ILE L 213 -32.00 -73.09 20.66
C ILE L 213 -31.68 -74.40 19.96
N THR L 214 -32.69 -74.97 19.27
CA THR L 214 -32.51 -76.29 18.68
C THR L 214 -31.42 -76.27 17.61
N ARG L 215 -31.32 -75.18 16.86
CA ARG L 215 -30.43 -75.15 15.71
C ARG L 215 -28.96 -75.30 16.13
N SER L 216 -28.61 -74.86 17.33
CA SER L 216 -27.23 -74.87 17.82
C SER L 216 -27.09 -75.66 19.10
N LEU L 217 -27.83 -76.75 19.21
CA LEU L 217 -27.96 -77.47 20.48
C LEU L 217 -26.61 -77.90 21.03
N ARG L 218 -25.67 -78.28 20.15
CA ARG L 218 -24.33 -78.61 20.62
C ARG L 218 -23.76 -77.48 21.47
N ASP L 219 -23.79 -76.28 21.03
CA ASP L 219 -23.26 -75.12 21.64
C ASP L 219 -23.79 -74.93 23.03
N TYR L 220 -25.04 -75.15 23.23
CA TYR L 220 -25.77 -74.96 24.43
C TYR L 220 -25.52 -76.04 25.47
N LEU L 221 -25.55 -77.29 25.03
CA LEU L 221 -25.50 -78.38 26.02
C LEU L 221 -24.08 -78.83 26.38
N LEU L 222 -23.24 -79.09 25.38
CA LEU L 222 -21.96 -79.72 25.65
C LEU L 222 -20.97 -78.71 26.25
N PRO L 223 -20.34 -79.02 27.38
CA PRO L 223 -19.36 -78.15 27.98
C PRO L 223 -17.98 -78.26 27.38
N GLU L 224 -17.12 -77.32 27.61
CA GLU L 224 -15.77 -77.22 27.21
C GLU L 224 -14.80 -77.78 28.22
N ASN L 225 -13.71 -78.36 27.81
CA ASN L 225 -12.71 -79.07 28.51
C ASN L 225 -11.33 -78.48 28.35
N SER L 226 -10.65 -78.10 29.44
CA SER L 226 -9.32 -77.49 29.37
C SER L 226 -8.21 -78.51 29.12
N GLY L 227 -8.33 -79.76 29.60
CA GLY L 227 -7.43 -80.78 29.35
C GLY L 227 -7.22 -81.11 27.93
N VAL L 228 -8.25 -81.11 27.15
CA VAL L 228 -8.28 -81.25 25.75
C VAL L 228 -7.42 -80.18 25.10
N ARG L 229 -7.65 -78.92 25.50
CA ARG L 229 -6.94 -77.73 24.98
C ARG L 229 -5.44 -77.77 25.21
N LYS L 230 -5.03 -78.14 26.42
CA LYS L 230 -3.61 -78.21 26.79
C LYS L 230 -2.80 -79.16 25.91
N ALA L 231 -3.29 -80.36 25.61
CA ALA L 231 -2.74 -81.26 24.69
C ALA L 231 -2.75 -80.72 23.28
N PHE L 232 -3.86 -80.22 22.83
CA PHE L 232 -4.12 -79.68 21.55
C PHE L 232 -3.29 -78.46 21.21
N GLN L 233 -2.72 -77.76 22.14
CA GLN L 233 -1.91 -76.64 21.93
C GLN L 233 -0.76 -76.92 20.99
N ASP L 234 -0.03 -77.96 21.23
CA ASP L 234 1.07 -78.44 20.48
C ASP L 234 0.69 -78.71 19.06
N MET L 235 -0.30 -79.50 18.86
CA MET L 235 -0.85 -79.88 17.62
C MET L 235 -1.35 -78.70 16.85
N GLU L 236 -1.90 -77.73 17.50
CA GLU L 236 -2.33 -76.49 17.02
C GLU L 236 -1.21 -75.76 16.34
N ALA L 237 -0.11 -75.61 16.99
CA ALA L 237 1.10 -75.08 16.48
C ALA L 237 1.48 -75.76 15.19
N ALA L 238 1.55 -77.09 15.25
CA ALA L 238 1.99 -77.86 14.10
C ALA L 238 1.06 -77.64 12.90
N LEU L 239 -0.24 -77.67 13.14
CA LEU L 239 -1.20 -77.60 12.04
C LEU L 239 -1.22 -76.20 11.44
N ARG L 240 -1.06 -75.16 12.18
CA ARG L 240 -0.88 -73.84 11.73
C ARG L 240 0.28 -73.75 10.77
N GLU L 241 1.40 -74.33 11.21
CA GLU L 241 2.59 -74.32 10.36
C GLU L 241 2.30 -75.00 9.03
N ASN L 242 1.60 -76.13 9.08
CA ASN L 242 1.29 -76.84 7.85
C ASN L 242 0.42 -75.99 6.93
N ARG L 243 -0.55 -75.28 7.42
CA ARG L 243 -1.37 -74.39 6.71
C ARG L 243 -0.56 -73.36 5.98
N ILE L 244 0.36 -72.74 6.64
CA ILE L 244 1.30 -71.81 6.13
C ILE L 244 1.89 -72.33 4.86
N THR L 245 2.52 -73.45 4.93
CA THR L 245 3.21 -74.10 3.88
C THR L 245 2.32 -74.36 2.70
N LEU L 246 1.17 -74.92 2.93
CA LEU L 246 0.17 -75.22 1.96
C LEU L 246 -0.20 -74.00 1.15
N GLU L 247 -0.48 -72.92 1.78
CA GLU L 247 -0.86 -71.70 1.19
C GLU L 247 0.21 -71.16 0.27
N ALA L 248 1.43 -71.18 0.70
CA ALA L 248 2.57 -70.83 -0.06
C ALA L 248 2.59 -71.57 -1.38
N ILE L 249 2.44 -72.85 -1.35
CA ILE L 249 2.35 -73.71 -2.47
C ILE L 249 1.23 -73.28 -3.40
N ARG L 250 0.07 -73.09 -2.88
CA ARG L 250 -1.11 -72.74 -3.56
C ARG L 250 -0.96 -71.47 -4.36
N VAL L 251 -0.18 -70.55 -3.92
CA VAL L 251 0.17 -69.34 -4.57
C VAL L 251 1.09 -69.60 -5.74
N THR L 252 2.24 -70.13 -5.48
CA THR L 252 3.32 -70.30 -6.38
C THR L 252 2.94 -71.18 -7.55
N GLN L 253 2.25 -72.28 -7.25
CA GLN L 253 1.82 -73.20 -8.29
C GLN L 253 0.98 -72.48 -9.35
N SER L 254 0.03 -71.69 -8.98
CA SER L 254 -0.76 -70.89 -9.82
C SER L 254 0.08 -70.02 -10.69
N ASP L 255 0.92 -69.24 -10.12
CA ASP L 255 1.76 -68.32 -10.78
C ASP L 255 2.53 -68.98 -11.90
N ARG L 256 3.12 -70.08 -11.63
CA ARG L 256 3.85 -70.90 -12.52
C ARG L 256 3.02 -71.37 -13.69
N ASP L 257 1.83 -71.88 -13.36
CA ASP L 257 0.95 -72.34 -14.43
C ASP L 257 0.72 -71.24 -15.45
N LEU L 258 0.39 -70.04 -14.98
CA LEU L 258 0.10 -68.95 -15.92
C LEU L 258 1.34 -68.55 -16.73
N PHE L 259 2.48 -68.38 -16.15
CA PHE L 259 3.70 -68.13 -16.79
C PHE L 259 3.93 -69.09 -17.94
N LYS L 260 3.91 -70.37 -17.58
CA LYS L 260 4.28 -71.41 -18.55
C LYS L 260 3.31 -71.41 -19.73
N HIS L 261 2.01 -71.34 -19.44
CA HIS L 261 1.05 -71.41 -20.53
C HIS L 261 1.25 -70.26 -21.50
N LEU L 262 1.39 -69.03 -20.97
CA LEU L 262 1.57 -67.90 -21.87
C LEU L 262 2.82 -68.05 -22.71
N ILE L 263 3.94 -68.38 -22.16
CA ILE L 263 5.18 -68.50 -22.82
C ILE L 263 5.08 -69.48 -23.95
N THR L 264 4.65 -70.69 -23.61
CA THR L 264 4.64 -71.74 -24.62
C THR L 264 3.73 -71.39 -25.78
N GLU L 265 2.51 -70.91 -25.49
CA GLU L 265 1.59 -70.61 -26.60
C GLU L 265 2.09 -69.44 -27.44
N ALA L 266 2.64 -68.40 -26.81
CA ALA L 266 3.10 -67.26 -27.58
C ALA L 266 4.25 -67.63 -28.50
N THR L 267 5.23 -68.38 -27.98
CA THR L 267 6.33 -68.81 -28.83
C THR L 267 5.82 -69.71 -29.96
N SER L 268 4.92 -70.65 -29.66
CA SER L 268 4.37 -71.48 -30.72
C SER L 268 3.72 -70.62 -31.79
N TYR L 269 3.00 -69.58 -31.38
CA TYR L 269 2.27 -68.73 -32.32
C TYR L 269 3.22 -67.93 -33.21
N VAL L 270 4.32 -67.42 -32.67
CA VAL L 270 5.17 -66.50 -33.42
C VAL L 270 6.25 -67.23 -34.21
N SER L 271 6.99 -68.11 -33.53
CA SER L 271 8.14 -68.75 -34.16
C SER L 271 7.75 -69.50 -35.43
N ALA L 272 6.54 -70.07 -35.46
CA ALA L 272 6.13 -70.85 -36.61
C ALA L 272 6.15 -70.01 -37.88
N ASP L 273 5.48 -68.86 -37.85
CA ASP L 273 5.44 -68.01 -39.03
C ASP L 273 6.78 -67.36 -39.31
N TYR L 274 7.55 -67.04 -38.27
CA TYR L 274 8.88 -66.51 -38.52
C TYR L 274 9.72 -67.50 -39.32
N MET L 275 9.68 -68.78 -38.93
CA MET L 275 10.38 -69.81 -39.69
C MET L 275 9.78 -70.00 -41.08
N ARG L 276 8.46 -69.88 -41.22
CA ARG L 276 7.89 -69.96 -42.56
C ARG L 276 8.55 -68.94 -43.48
N HIS L 277 8.61 -67.68 -43.03
CA HIS L 277 9.22 -66.64 -43.86
C HIS L 277 10.68 -66.96 -44.15
N ALA L 278 11.44 -67.33 -43.12
CA ALA L 278 12.84 -67.65 -43.33
C ALA L 278 13.00 -68.77 -44.35
N ASN L 279 12.11 -69.74 -44.32
CA ASN L 279 12.23 -70.89 -45.21
C ASN L 279 11.89 -70.51 -46.65
N GLU L 280 10.87 -69.67 -46.85
CA GLU L 280 10.63 -69.21 -48.22
C GLU L 280 11.84 -68.48 -48.78
N ARG L 281 12.43 -67.59 -47.97
CA ARG L 281 13.61 -66.87 -48.44
C ARG L 281 14.77 -67.80 -48.73
N ARG L 282 15.00 -68.77 -47.84
CA ARG L 282 16.04 -69.77 -48.09
C ARG L 282 15.79 -70.51 -49.39
N THR L 283 14.54 -70.91 -49.64
CA THR L 283 14.23 -71.72 -50.81
C THR L 283 14.49 -70.95 -52.09
N HIS L 284 13.99 -69.71 -52.17
CA HIS L 284 14.21 -68.94 -53.39
C HIS L 284 15.69 -68.64 -53.58
N LEU L 285 16.43 -68.37 -52.50
CA LEU L 285 17.87 -68.18 -52.65
C LEU L 285 18.53 -69.43 -53.20
N ASP L 286 18.15 -70.61 -52.69
CA ASP L 286 18.76 -71.85 -53.17
C ASP L 286 18.48 -72.05 -54.65
N GLU L 287 17.23 -71.81 -55.06
CA GLU L 287 16.88 -71.94 -56.48
C GLU L 287 17.72 -70.98 -57.31
N ALA L 288 17.89 -69.76 -56.83
CA ALA L 288 18.67 -68.77 -57.57
C ALA L 288 20.12 -69.20 -57.69
N LEU L 289 20.70 -69.75 -56.63
CA LEU L 289 22.09 -70.19 -56.70
C LEU L 289 22.26 -71.37 -57.66
N ALA L 290 21.33 -72.33 -57.62
CA ALA L 290 21.43 -73.44 -58.57
C ALA L 290 21.33 -72.92 -60.00
N LEU L 291 20.40 -72.01 -60.26
CA LEU L 291 20.27 -71.43 -61.60
C LEU L 291 21.54 -70.68 -61.99
N ARG L 292 22.11 -69.91 -61.06
CA ARG L 292 23.34 -69.17 -61.33
C ARG L 292 24.47 -70.12 -61.73
N GLY L 293 24.72 -71.14 -60.90
CA GLY L 293 25.81 -72.05 -61.18
C GLY L 293 25.64 -72.76 -62.51
N GLU L 294 24.42 -73.25 -62.76
CA GLU L 294 24.17 -73.94 -64.03
C GLU L 294 24.35 -73.00 -65.20
N LEU L 295 23.90 -71.74 -65.09
CA LEU L 295 24.07 -70.79 -66.17
C LEU L 295 25.54 -70.52 -66.44
N PHE L 296 26.32 -70.29 -65.39
CA PHE L 296 27.74 -70.02 -65.59
C PHE L 296 28.43 -71.21 -66.25
N GLY L 297 28.20 -72.41 -65.73
CA GLY L 297 28.82 -73.58 -66.33
C GLY L 297 28.41 -73.77 -67.78
N SER L 298 27.12 -73.63 -68.07
CA SER L 298 26.64 -73.81 -69.43
C SER L 298 27.25 -72.78 -70.36
N HIS L 299 27.30 -71.52 -69.93
CA HIS L 299 27.79 -70.45 -70.77
C HIS L 299 29.27 -70.65 -71.11
N LYS L 300 30.09 -70.88 -70.09
CA LYS L 300 31.51 -71.08 -70.31
C LYS L 300 31.76 -72.33 -71.16
N GLN L 301 31.01 -73.41 -70.87
CA GLN L 301 31.17 -74.65 -71.63
C GLN L 301 30.87 -74.43 -73.09
N LEU L 302 29.78 -73.63 -73.58
CA LEU L 302 29.43 -73.42 -75.00
C LEU L 302 30.38 -72.48 -75.74
N ALA L 303 30.93 -71.45 -75.08
CA ALA L 303 31.88 -70.57 -75.74
C ALA L 303 33.13 -71.36 -76.18
N THR L 304 33.78 -72.07 -75.24
CA THR L 304 34.97 -72.89 -75.53
C THR L 304 34.66 -74.01 -76.53
N GLU L 305 33.49 -74.64 -76.42
CA GLU L 305 33.03 -75.70 -77.30
C GLU L 305 32.91 -75.17 -78.73
N GLN L 306 32.26 -74.02 -78.90
CA GLN L 306 32.13 -73.37 -80.21
C GLN L 306 33.49 -72.96 -80.75
N TYR L 307 34.41 -72.42 -79.94
CA TYR L 307 35.73 -72.07 -80.48
C TYR L 307 36.47 -73.31 -80.97
N ARG L 308 36.46 -74.41 -80.20
CA ARG L 308 37.12 -75.65 -80.63
C ARG L 308 36.49 -76.18 -81.93
N HIS L 309 35.16 -76.18 -82.02
CA HIS L 309 34.45 -76.60 -83.22
C HIS L 309 34.74 -75.69 -84.40
N VAL L 310 34.77 -74.37 -84.22
CA VAL L 310 35.09 -73.44 -85.31
C VAL L 310 36.52 -73.68 -85.81
N GLU L 311 37.51 -73.77 -84.93
CA GLU L 311 38.89 -74.03 -85.35
C GLU L 311 38.98 -75.40 -86.05
N MET L 312 38.34 -76.44 -85.51
CA MET L 312 38.30 -77.75 -86.16
C MET L 312 37.63 -77.61 -87.54
N ALA L 313 36.53 -76.87 -87.68
CA ALA L 313 35.85 -76.66 -88.96
C ALA L 313 36.79 -75.98 -89.97
N ARG L 314 37.66 -75.03 -89.56
CA ARG L 314 38.66 -74.43 -90.46
C ARG L 314 39.60 -75.54 -90.94
N GLU L 315 40.10 -76.37 -90.01
CA GLU L 315 40.99 -77.49 -90.34
C GLU L 315 40.29 -78.47 -91.31
N LEU L 316 39.02 -78.79 -91.12
CA LEU L 316 38.29 -79.66 -92.06
C LEU L 316 38.16 -79.00 -93.44
N ALA L 317 37.89 -77.69 -93.49
CA ALA L 317 37.81 -76.98 -94.77
C ALA L 317 39.18 -77.07 -95.47
N GLU L 318 40.28 -76.80 -94.75
CA GLU L 318 41.64 -76.92 -95.30
C GLU L 318 41.95 -78.36 -95.71
N GLN L 319 41.60 -79.35 -94.89
CA GLN L 319 41.80 -80.77 -95.21
C GLN L 319 40.99 -81.17 -96.44
N SER L 320 39.76 -80.67 -96.62
CA SER L 320 38.94 -80.96 -97.80
C SER L 320 39.59 -80.38 -99.05
N GLY L 321 40.06 -79.12 -98.98
CA GLY L 321 40.74 -78.44 -100.09
C GLY L 321 42.03 -79.20 -100.44
N ALA L 322 42.86 -79.47 -99.43
CA ALA L 322 44.10 -80.22 -99.58
C ALA L 322 43.81 -81.61 -100.15
N SER L 323 42.74 -82.30 -99.73
CA SER L 323 42.39 -83.62 -100.27
C SER L 323 42.11 -83.53 -101.77
N SER L 324 41.38 -82.50 -102.24
CA SER L 324 41.09 -82.31 -103.67
C SER L 324 42.38 -81.99 -104.45
N ASP L 325 43.28 -81.20 -103.86
CA ASP L 325 44.57 -80.85 -104.46
C ASP L 325 45.44 -82.11 -104.56
N LEU L 326 45.52 -82.88 -103.46
CA LEU L 326 46.24 -84.14 -103.40
C LEU L 326 45.62 -85.14 -104.39
N GLU L 327 44.30 -85.15 -104.62
CA GLU L 327 43.71 -86.00 -105.64
C GLU L 327 44.31 -85.62 -107.00
N THR L 328 44.34 -84.33 -107.34
CA THR L 328 44.93 -83.89 -108.62
C THR L 328 46.42 -84.25 -108.71
N ASP L 329 47.19 -84.04 -107.63
CA ASP L 329 48.61 -84.39 -107.60
C ASP L 329 48.84 -85.90 -107.72
N HIS L 330 48.08 -86.73 -107.00
CA HIS L 330 48.24 -88.19 -107.09
C HIS L 330 47.71 -88.73 -108.42
N GLN L 331 46.71 -88.09 -109.03
CA GLN L 331 46.27 -88.46 -110.37
C GLN L 331 47.41 -88.17 -111.34
N ALA L 332 48.02 -86.99 -111.28
CA ALA L 332 49.19 -86.65 -112.11
C ALA L 332 50.36 -87.61 -111.83
N ALA L 333 50.54 -88.02 -110.58
CA ALA L 333 51.56 -88.97 -110.20
C ALA L 333 51.26 -90.36 -110.82
N SER L 334 49.99 -90.82 -110.79
CA SER L 334 49.60 -92.09 -111.40
C SER L 334 49.75 -92.03 -112.92
N ASP L 335 49.50 -90.86 -113.52
CA ASP L 335 49.71 -90.63 -114.96
C ASP L 335 51.21 -90.80 -115.26
N HIS L 336 52.08 -90.26 -114.41
CA HIS L 336 53.53 -90.43 -114.52
C HIS L 336 53.88 -91.92 -114.39
N LEU L 337 53.26 -92.66 -113.44
CA LEU L 337 53.50 -94.10 -113.32
C LEU L 337 53.08 -94.82 -114.61
N ASN L 338 51.90 -94.52 -115.16
CA ASN L 338 51.42 -95.13 -116.40
C ASN L 338 52.40 -94.84 -117.56
N LEU L 339 52.93 -93.61 -117.62
CA LEU L 339 53.90 -93.20 -118.63
C LEU L 339 55.19 -94.04 -118.46
N VAL L 340 55.67 -94.23 -117.23
CA VAL L 340 56.83 -95.07 -116.91
C VAL L 340 56.55 -96.54 -117.28
N GLN L 341 55.36 -97.08 -116.96
CA GLN L 341 54.98 -98.47 -117.33
C GLN L 341 55.04 -98.64 -118.85
N THR L 342 54.53 -97.63 -119.57
CA THR L 342 54.52 -97.61 -121.04
C THR L 342 55.95 -97.67 -121.57
N ALA L 343 56.84 -96.84 -121.01
CA ALA L 343 58.25 -96.75 -121.40
C ALA L 343 59.10 -97.97 -121.02
N MET L 344 58.67 -98.85 -120.10
CA MET L 344 59.44 -100.06 -119.74
C MET L 344 59.77 -100.91 -120.98
N ARG L 345 58.84 -101.02 -121.94
CA ARG L 345 59.06 -101.79 -123.17
C ARG L 345 60.23 -101.20 -123.96
N GLN L 346 60.29 -99.86 -124.09
CA GLN L 346 61.39 -99.18 -124.77
C GLN L 346 62.69 -99.20 -123.95
N GLN L 347 62.64 -99.23 -122.61
CA GLN L 347 63.84 -99.33 -121.78
C GLN L 347 64.54 -100.67 -122.13
N GLU L 348 63.78 -101.77 -122.09
CA GLU L 348 64.28 -103.10 -122.46
C GLU L 348 64.75 -103.15 -123.92
N LYS L 349 64.06 -102.46 -124.84
CA LYS L 349 64.45 -102.39 -126.25
C LYS L 349 65.83 -101.72 -126.41
N ILE L 350 66.07 -100.61 -125.70
CA ILE L 350 67.36 -99.92 -125.71
C ILE L 350 68.43 -100.88 -125.15
N ASP L 351 68.13 -101.63 -124.07
CA ASP L 351 69.05 -102.61 -123.51
C ASP L 351 69.35 -103.74 -124.51
N ARG L 352 68.32 -104.29 -125.18
CA ARG L 352 68.53 -105.33 -126.20
C ARG L 352 69.38 -104.80 -127.34
N TYR L 353 69.13 -103.58 -127.83
CA TYR L 353 69.94 -103.01 -128.89
C TYR L 353 71.39 -102.81 -128.41
N GLN L 354 71.63 -102.47 -127.14
CA GLN L 354 72.99 -102.37 -126.61
C GLN L 354 73.65 -103.75 -126.62
N VAL L 355 72.95 -104.81 -126.22
CA VAL L 355 73.48 -106.19 -126.27
C VAL L 355 73.76 -106.60 -127.71
N ASP L 356 72.87 -106.25 -128.66
CA ASP L 356 73.10 -106.51 -130.08
C ASP L 356 74.36 -105.80 -130.56
N LEU L 357 74.60 -104.55 -130.11
CA LEU L 357 75.79 -103.79 -130.46
C LEU L 357 77.05 -104.44 -129.86
N GLU L 358 76.98 -105.00 -128.65
CA GLU L 358 78.09 -105.73 -128.04
C GLU L 358 78.40 -106.97 -128.88
N GLU L 359 77.38 -107.76 -129.25
CA GLU L 359 77.55 -108.95 -130.08
C GLU L 359 78.13 -108.57 -131.46
N LEU L 360 77.60 -107.51 -132.08
CA LEU L 360 78.11 -107.01 -133.35
C LEU L 360 79.56 -106.54 -133.18
N SER L 361 79.93 -105.95 -132.04
CA SER L 361 81.32 -105.54 -131.78
C SER L 361 82.21 -106.79 -131.71
N TYR L 362 81.77 -107.87 -131.04
CA TYR L 362 82.55 -109.10 -130.98
C TYR L 362 82.71 -109.69 -132.39
N ARG L 363 81.63 -109.70 -133.19
CA ARG L 363 81.67 -110.19 -134.58
C ARG L 363 82.60 -109.30 -135.42
N LEU L 364 82.58 -107.99 -135.22
CA LEU L 364 83.47 -107.04 -135.90
C LEU L 364 84.92 -107.34 -135.52
N GLU L 365 85.23 -107.54 -134.24
CA GLU L 365 86.59 -107.85 -133.80
C GLU L 365 87.06 -109.14 -134.48
N GLU L 366 86.25 -110.20 -134.47
CA GLU L 366 86.61 -111.46 -135.13
C GLU L 366 86.86 -111.24 -136.63
N GLN L 367 85.98 -110.52 -137.34
CA GLN L 367 86.19 -110.29 -138.77
C GLN L 367 87.37 -109.33 -139.02
N THR L 368 87.64 -108.34 -138.18
CA THR L 368 88.79 -107.45 -138.36
C THR L 368 90.06 -108.28 -138.24
N ASP L 369 90.14 -109.17 -137.24
CA ASP L 369 91.32 -110.04 -137.08
C ASP L 369 91.50 -110.94 -138.31
N VAL L 370 90.41 -111.51 -138.82
CA VAL L 370 90.44 -112.37 -140.02
C VAL L 370 90.86 -111.56 -141.26
N VAL L 371 90.34 -110.34 -141.43
CA VAL L 371 90.68 -109.46 -142.56
C VAL L 371 92.15 -109.01 -142.47
N GLU L 372 92.66 -108.68 -141.28
CA GLU L 372 94.07 -108.29 -141.10
C GLU L 372 95.00 -109.47 -141.42
N GLU L 373 94.70 -110.68 -140.95
CA GLU L 373 95.49 -111.87 -141.26
C GLU L 373 95.43 -112.16 -142.77
N ALA L 374 94.24 -112.08 -143.37
CA ALA L 374 94.05 -112.30 -144.79
C ALA L 374 94.78 -111.24 -145.63
N GLY L 375 94.82 -109.98 -145.17
CA GLY L 375 95.52 -108.87 -145.82
C GLY L 375 97.03 -109.07 -145.77
N GLU L 376 97.58 -109.54 -144.64
CA GLU L 376 99.01 -109.85 -144.50
C GLU L 376 99.38 -110.99 -145.45
N LEU L 377 98.58 -112.06 -145.48
CA LEU L 377 98.81 -113.19 -146.40
C LEU L 377 98.68 -112.72 -147.85
N GLN L 378 97.72 -111.84 -148.16
CA GLN L 378 97.55 -111.29 -149.51
C GLN L 378 98.79 -110.49 -149.95
N ALA L 379 99.27 -109.57 -149.11
CA ALA L 379 100.45 -108.75 -149.41
C ALA L 379 101.72 -109.62 -149.51
N GLU L 380 101.89 -110.61 -148.63
CA GLU L 380 103.03 -111.52 -148.67
C GLU L 380 102.98 -112.34 -149.97
N TYR L 381 101.82 -112.87 -150.35
CA TYR L 381 101.68 -113.62 -151.60
C TYR L 381 101.89 -112.71 -152.81
N GLU L 382 101.51 -111.42 -152.75
CA GLU L 382 101.78 -110.46 -153.83
C GLU L 382 103.29 -110.28 -154.00
N ALA L 383 104.01 -109.95 -152.92
CA ALA L 383 105.46 -109.77 -152.98
C ALA L 383 106.14 -111.05 -153.48
N ARG L 384 105.70 -112.23 -152.98
CA ARG L 384 106.22 -113.53 -153.40
C ARG L 384 105.92 -113.79 -154.86
N THR L 385 104.70 -113.53 -155.34
CA THR L 385 104.37 -113.77 -156.73
C THR L 385 105.17 -112.86 -157.64
N GLU L 386 105.23 -111.56 -157.35
CA GLU L 386 106.06 -110.62 -158.12
C GLU L 386 107.52 -111.09 -158.09
N ALA L 387 108.01 -111.63 -156.96
CA ALA L 387 109.35 -112.18 -156.84
C ALA L 387 109.50 -113.41 -157.76
N THR L 388 108.46 -114.25 -157.90
CA THR L 388 108.50 -115.40 -158.83
C THR L 388 108.55 -114.90 -160.27
N GLU L 389 107.78 -113.88 -160.67
CA GLU L 389 107.94 -113.34 -162.04
C GLU L 389 109.34 -112.73 -162.21
N GLN L 390 109.87 -112.01 -161.20
CA GLN L 390 111.22 -111.43 -161.25
C GLN L 390 112.27 -112.54 -161.41
N GLU L 391 112.14 -113.65 -160.68
CA GLU L 391 113.03 -114.81 -160.77
C GLU L 391 112.95 -115.45 -162.16
N VAL L 392 111.73 -115.62 -162.71
CA VAL L 392 111.51 -116.15 -164.06
C VAL L 392 112.16 -115.23 -165.09
N ASP L 393 111.99 -113.91 -164.98
CA ASP L 393 112.60 -112.94 -165.88
C ASP L 393 114.14 -112.94 -165.76
N GLU L 394 114.67 -113.06 -164.54
CA GLU L 394 116.11 -113.09 -164.32
C GLU L 394 116.68 -114.34 -164.98
N LEU L 395 116.04 -115.52 -164.80
CA LEU L 395 116.48 -116.77 -165.42
C LEU L 395 116.41 -116.64 -166.96
N LYS L 396 115.33 -116.07 -167.52
CA LYS L 396 115.19 -115.85 -168.98
C LYS L 396 116.29 -114.93 -169.51
N SER L 397 116.57 -113.83 -168.82
CA SER L 397 117.62 -112.89 -169.22
C SER L 397 119.01 -113.53 -169.12
N GLN L 398 119.31 -114.26 -168.05
CA GLN L 398 120.61 -114.93 -167.89
C GLN L 398 120.78 -116.02 -168.97
N LEU L 399 119.71 -116.74 -169.33
CA LEU L 399 119.74 -117.75 -170.38
C LEU L 399 120.05 -117.06 -171.72
N ALA L 400 119.40 -115.93 -172.02
CA ALA L 400 119.67 -115.14 -173.24
C ALA L 400 121.15 -114.70 -173.29
N ASP L 401 121.67 -114.13 -172.22
CA ASP L 401 123.06 -113.68 -172.13
C ASP L 401 124.05 -114.84 -172.31
N TYR L 402 123.76 -116.02 -171.74
CA TYR L 402 124.62 -117.19 -171.86
C TYR L 402 124.68 -117.74 -173.30
N GLN L 403 123.55 -117.79 -174.02
CA GLN L 403 123.52 -118.32 -175.39
C GLN L 403 124.02 -117.37 -176.48
N GLN L 404 124.23 -116.08 -176.21
CA GLN L 404 124.62 -115.06 -177.21
C GLN L 404 125.62 -115.53 -178.29
N ALA L 405 126.78 -116.09 -177.91
CA ALA L 405 127.77 -116.58 -178.87
C ALA L 405 127.39 -117.90 -179.59
N LEU L 406 126.56 -118.74 -178.97
CA LEU L 406 126.12 -120.05 -179.49
C LEU L 406 125.15 -120.01 -180.68
N ASP L 407 124.04 -119.29 -180.56
CA ASP L 407 122.96 -119.26 -181.57
C ASP L 407 123.02 -118.14 -182.63
N VAL L 408 123.89 -117.14 -182.50
CA VAL L 408 124.02 -116.03 -183.49
C VAL L 408 124.56 -116.52 -184.84
N GLN L 409 125.55 -117.41 -184.84
CA GLN L 409 126.15 -117.97 -186.06
C GLN L 409 125.32 -119.19 -186.53
N GLN L 410 124.10 -118.93 -187.01
CA GLN L 410 123.15 -119.96 -187.45
C GLN L 410 123.47 -120.57 -188.84
N THR L 411 124.17 -119.83 -189.71
CA THR L 411 124.65 -120.26 -191.06
C THR L 411 123.59 -120.74 -192.07
N ARG L 412 122.30 -120.43 -191.87
CA ARG L 412 121.14 -120.87 -192.69
C ARG L 412 121.06 -122.39 -192.97
N ALA L 413 121.81 -123.21 -192.22
CA ALA L 413 121.85 -124.66 -192.36
C ALA L 413 120.86 -125.38 -191.43
N ILE L 414 120.61 -124.82 -190.23
CA ILE L 414 119.68 -125.38 -189.23
C ILE L 414 118.24 -124.84 -189.44
N GLN L 415 117.99 -124.18 -190.58
CA GLN L 415 116.71 -123.55 -190.94
C GLN L 415 115.70 -124.53 -191.58
N TYR L 416 116.14 -125.53 -192.36
CA TYR L 416 115.23 -126.46 -193.03
C TYR L 416 114.54 -127.46 -192.08
N GLN L 417 115.09 -127.73 -190.90
CA GLN L 417 114.48 -128.65 -189.93
C GLN L 417 113.09 -128.12 -189.52
N GLN L 418 112.87 -126.81 -189.53
CA GLN L 418 111.57 -126.19 -189.24
C GLN L 418 110.54 -126.61 -190.29
N ALA L 419 110.94 -126.71 -191.56
CA ALA L 419 110.08 -127.17 -192.65
C ALA L 419 109.70 -128.64 -192.39
N LEU L 420 110.69 -129.46 -191.99
CA LEU L 420 110.49 -130.86 -191.64
C LEU L 420 109.55 -130.98 -190.43
N GLN L 421 109.75 -130.18 -189.37
CA GLN L 421 108.86 -130.19 -188.20
C GLN L 421 107.45 -129.74 -188.57
N ALA L 422 107.29 -128.71 -189.43
CA ALA L 422 105.99 -128.24 -189.87
C ALA L 422 105.25 -129.36 -190.63
N LEU L 423 105.96 -130.05 -191.52
CA LEU L 423 105.45 -131.18 -192.30
C LEU L 423 105.07 -132.33 -191.36
N GLU L 424 105.90 -132.65 -190.36
CA GLU L 424 105.60 -133.72 -189.39
C GLU L 424 104.38 -133.34 -188.52
N ARG L 425 104.28 -132.07 -188.08
CA ARG L 425 103.14 -131.57 -187.31
C ARG L 425 101.86 -131.74 -188.14
N ALA L 426 101.94 -131.40 -189.43
CA ALA L 426 100.81 -131.57 -190.35
C ALA L 426 100.48 -133.06 -190.52
N ARG L 427 101.47 -133.96 -190.55
CA ARG L 427 101.25 -135.42 -190.66
C ARG L 427 100.44 -135.96 -189.46
N GLU L 428 100.60 -135.43 -188.24
CA GLU L 428 99.73 -135.84 -187.12
C GLU L 428 98.37 -135.11 -187.15
N LEU L 429 98.35 -133.79 -187.38
CA LEU L 429 97.13 -132.97 -187.39
C LEU L 429 96.15 -133.31 -188.53
N CYS L 430 96.67 -133.56 -189.73
CA CYS L 430 95.93 -133.95 -190.93
C CYS L 430 96.08 -135.47 -191.10
N ARG L 431 94.98 -136.21 -191.27
CA ARG L 431 95.00 -137.68 -191.44
C ARG L 431 95.51 -138.09 -192.85
N LEU L 432 96.77 -137.77 -193.13
CA LEU L 432 97.50 -137.96 -194.39
C LEU L 432 98.94 -138.47 -194.12
N PRO L 433 99.17 -139.77 -193.86
CA PRO L 433 100.51 -140.29 -193.60
C PRO L 433 101.46 -140.13 -194.80
N ASP L 434 100.91 -140.10 -196.02
CA ASP L 434 101.65 -139.92 -197.29
C ASP L 434 101.91 -138.44 -197.67
N LEU L 435 101.50 -137.48 -196.83
CA LEU L 435 101.66 -136.04 -197.09
C LEU L 435 103.12 -135.65 -197.37
N SER L 436 103.36 -135.13 -198.58
CA SER L 436 104.66 -134.66 -199.09
C SER L 436 104.57 -133.18 -199.45
N VAL L 437 105.68 -132.44 -199.37
CA VAL L 437 105.69 -131.01 -199.73
C VAL L 437 105.23 -130.77 -201.19
N ASP L 438 105.36 -131.79 -202.05
CA ASP L 438 104.95 -131.78 -203.45
C ASP L 438 103.42 -131.87 -203.61
N ASN L 439 102.77 -132.87 -203.00
CA ASN L 439 101.30 -133.05 -203.09
C ASN L 439 100.52 -132.23 -202.04
N ALA L 440 101.22 -131.48 -201.17
CA ALA L 440 100.59 -130.65 -200.15
C ALA L 440 99.74 -129.51 -200.76
N GLU L 441 99.93 -129.14 -202.03
CA GLU L 441 99.11 -128.10 -202.66
C GLU L 441 97.70 -128.63 -202.94
N GLU L 442 97.56 -129.87 -203.42
CA GLU L 442 96.26 -130.51 -203.62
C GLU L 442 95.57 -130.72 -202.26
N TRP L 443 96.33 -131.12 -201.24
CA TRP L 443 95.78 -131.25 -199.90
C TRP L 443 95.34 -129.89 -199.35
N LEU L 444 96.11 -128.82 -199.55
CA LEU L 444 95.75 -127.47 -199.11
C LEU L 444 94.40 -127.04 -199.70
N GLU L 445 94.21 -127.11 -201.02
CA GLU L 445 92.92 -126.73 -201.62
C GLU L 445 91.79 -127.65 -201.15
N THR L 446 92.06 -128.95 -201.00
CA THR L 446 91.05 -129.92 -200.51
C THR L 446 90.63 -129.59 -199.07
N PHE L 447 91.55 -129.25 -198.18
CA PHE L 447 91.22 -128.87 -196.80
C PHE L 447 90.60 -127.46 -196.74
N GLN L 448 90.97 -126.54 -197.63
CA GLN L 448 90.31 -125.22 -197.70
C GLN L 448 88.84 -125.43 -198.10
N ALA L 449 88.54 -126.38 -198.99
CA ALA L 449 87.16 -126.71 -199.36
C ALA L 449 86.38 -127.20 -198.12
N LYS L 450 86.98 -128.07 -197.29
CA LYS L 450 86.35 -128.52 -196.04
C LYS L 450 86.14 -127.36 -195.06
N GLU L 451 87.10 -126.44 -194.95
CA GLU L 451 86.98 -125.27 -194.06
C GLU L 451 85.84 -124.36 -194.50
N GLN L 452 85.72 -124.00 -195.78
CA GLN L 452 84.59 -123.16 -196.20
C GLN L 452 83.26 -123.92 -196.00
N GLN L 453 83.22 -125.24 -196.25
CA GLN L 453 82.01 -126.03 -196.01
C GLN L 453 81.64 -125.97 -194.52
N ALA L 454 82.62 -126.06 -193.62
CA ALA L 454 82.41 -125.96 -192.19
C ALA L 454 81.86 -124.56 -191.82
N THR L 455 82.37 -123.47 -192.42
CA THR L 455 81.83 -122.12 -192.14
C THR L 455 80.39 -122.00 -192.64
N GLU L 456 80.08 -122.50 -193.82
CA GLU L 456 78.71 -122.45 -194.36
C GLU L 456 77.76 -123.25 -193.48
N ALA L 457 78.16 -124.45 -193.04
CA ALA L 457 77.36 -125.28 -192.15
C ALA L 457 77.18 -124.60 -190.78
N LEU L 458 78.22 -123.93 -190.27
CA LEU L 458 78.20 -123.20 -189.01
C LEU L 458 77.21 -122.04 -189.09
N LEU L 459 77.24 -121.25 -190.17
CA LEU L 459 76.29 -120.13 -190.39
C LEU L 459 74.85 -120.65 -190.55
N ALA L 460 74.66 -121.76 -191.28
CA ALA L 460 73.35 -122.36 -191.47
C ALA L 460 72.73 -122.76 -190.12
N LEU L 461 73.53 -123.39 -189.24
CA LEU L 461 73.10 -123.76 -187.90
C LEU L 461 72.87 -122.49 -187.05
N GLU L 462 73.71 -121.46 -187.21
CA GLU L 462 73.62 -120.20 -186.46
C GLU L 462 72.33 -119.41 -186.69
N GLN L 463 71.78 -119.41 -187.92
CA GLN L 463 70.51 -118.73 -188.21
C GLN L 463 69.38 -119.33 -187.35
N LYS L 464 69.21 -120.67 -187.41
CA LYS L 464 68.19 -121.36 -186.62
C LYS L 464 68.48 -121.23 -185.11
N LEU L 465 69.75 -121.25 -184.72
CA LEU L 465 70.16 -121.12 -183.32
C LEU L 465 69.77 -119.75 -182.76
N SER L 466 69.95 -118.67 -183.54
CA SER L 466 69.63 -117.30 -183.11
C SER L 466 68.13 -117.11 -182.89
N VAL L 467 67.29 -117.60 -183.81
CA VAL L 467 65.83 -117.51 -183.64
C VAL L 467 65.39 -118.40 -182.46
N ALA L 468 65.97 -119.59 -182.30
CA ALA L 468 65.65 -120.49 -181.20
C ALA L 468 66.05 -119.90 -179.83
N ASP L 469 67.24 -119.30 -179.71
CA ASP L 469 67.72 -118.72 -178.46
C ASP L 469 66.84 -117.52 -178.05
N ALA L 470 66.48 -116.65 -178.99
CA ALA L 470 65.63 -115.50 -178.71
C ALA L 470 64.19 -115.95 -178.37
N ALA L 471 63.67 -116.99 -179.04
CA ALA L 471 62.34 -117.53 -178.75
C ALA L 471 62.33 -118.07 -177.31
N HIS L 472 63.39 -118.77 -176.89
CA HIS L 472 63.54 -119.25 -175.52
C HIS L 472 63.66 -118.06 -174.55
N ASN L 473 64.34 -116.96 -174.92
CA ASN L 473 64.43 -115.78 -174.06
C ASN L 473 63.03 -115.18 -173.84
N GLN L 474 62.19 -115.04 -174.88
CA GLN L 474 60.83 -114.53 -174.70
C GLN L 474 59.99 -115.51 -173.87
N PHE L 475 60.13 -116.83 -174.10
CA PHE L 475 59.44 -117.86 -173.32
C PHE L 475 59.81 -117.73 -171.84
N GLU L 476 61.10 -117.58 -171.53
CA GLU L 476 61.59 -117.37 -170.16
C GLU L 476 61.05 -116.05 -169.60
N GLN L 477 61.01 -114.96 -170.37
CA GLN L 477 60.44 -113.69 -169.89
C GLN L 477 58.97 -113.87 -169.51
N ALA L 478 58.18 -114.54 -170.36
CA ALA L 478 56.78 -114.81 -170.06
C ALA L 478 56.66 -115.65 -168.77
N TYR L 479 57.52 -116.67 -168.62
CA TYR L 479 57.57 -117.50 -167.43
C TYR L 479 57.96 -116.69 -166.19
N GLN L 480 58.98 -115.82 -166.26
CA GLN L 480 59.37 -114.97 -165.12
C GLN L 480 58.21 -114.04 -164.75
N LEU L 481 57.55 -113.42 -165.73
CA LEU L 481 56.40 -112.54 -165.49
C LEU L 481 55.31 -113.30 -164.75
N VAL L 482 54.95 -114.52 -165.20
CA VAL L 482 53.95 -115.36 -164.52
C VAL L 482 54.43 -115.71 -163.10
N LYS L 483 55.70 -116.09 -162.91
CA LYS L 483 56.22 -116.42 -161.56
C LYS L 483 56.21 -115.20 -160.65
N ASN L 484 56.51 -114.00 -161.13
CA ASN L 484 56.48 -112.80 -160.32
C ASN L 484 55.05 -112.47 -159.85
N ILE L 485 54.04 -112.67 -160.71
CA ILE L 485 52.63 -112.39 -160.41
C ILE L 485 51.97 -113.45 -159.49
N VAL L 486 52.19 -114.75 -159.71
CA VAL L 486 51.55 -115.86 -158.93
C VAL L 486 52.51 -116.73 -158.11
N GLY L 487 53.73 -116.95 -158.57
CA GLY L 487 54.73 -117.83 -157.94
C GLY L 487 55.01 -119.07 -158.79
N GLU L 488 55.61 -120.11 -158.21
CA GLU L 488 55.93 -121.34 -158.95
C GLU L 488 54.70 -122.01 -159.59
N THR L 489 54.85 -122.42 -160.85
CA THR L 489 53.85 -123.11 -161.67
C THR L 489 54.57 -123.75 -162.88
N SER L 490 54.00 -124.75 -163.54
CA SER L 490 54.66 -125.39 -164.69
C SER L 490 54.46 -124.59 -165.99
N ARG L 491 55.30 -124.85 -167.00
CA ARG L 491 55.19 -124.17 -168.31
C ARG L 491 53.88 -124.53 -169.01
N SER L 492 53.38 -125.75 -168.78
CA SER L 492 52.10 -126.21 -169.33
C SER L 492 50.93 -125.35 -168.83
N GLU L 493 50.99 -124.90 -167.56
CA GLU L 493 50.01 -124.02 -166.89
C GLU L 493 50.24 -122.51 -167.14
N ALA L 494 51.39 -122.12 -167.71
CA ALA L 494 51.74 -120.71 -167.92
C ALA L 494 50.76 -119.93 -168.81
N TRP L 495 50.35 -120.47 -169.97
CA TRP L 495 49.42 -119.75 -170.86
C TRP L 495 48.04 -119.52 -170.23
N GLN L 496 47.44 -120.55 -169.64
CA GLN L 496 46.13 -120.46 -169.00
C GLN L 496 46.20 -119.52 -167.80
N SER L 497 47.25 -119.60 -166.98
CA SER L 497 47.40 -118.67 -165.85
C SER L 497 47.61 -117.25 -166.36
N ALA L 498 48.41 -117.01 -167.41
CA ALA L 498 48.57 -115.67 -167.98
C ALA L 498 47.22 -115.12 -168.48
N ARG L 499 46.41 -115.96 -169.15
CA ARG L 499 45.06 -115.59 -169.64
C ARG L 499 44.14 -115.26 -168.47
N GLU L 500 44.19 -116.05 -167.39
CA GLU L 500 43.37 -115.85 -166.19
C GLU L 500 43.79 -114.53 -165.48
N LEU L 501 45.09 -114.27 -165.40
CA LEU L 501 45.65 -113.04 -164.82
C LEU L 501 45.22 -111.81 -165.62
N LEU L 502 45.27 -111.88 -166.95
CA LEU L 502 44.84 -110.77 -167.81
C LEU L 502 43.30 -110.61 -167.79
N ARG L 503 42.56 -111.65 -167.38
CA ARG L 503 41.10 -111.62 -167.16
C ARG L 503 40.80 -110.97 -165.81
N ASP L 504 41.64 -111.22 -164.79
CA ASP L 504 41.53 -110.62 -163.47
C ASP L 504 41.89 -109.11 -163.49
N TRP L 505 42.92 -108.70 -164.22
CA TRP L 505 43.39 -107.32 -164.29
C TRP L 505 42.28 -106.26 -164.54
N PRO L 506 41.33 -106.44 -165.50
CA PRO L 506 40.20 -105.54 -165.70
C PRO L 506 39.36 -105.38 -164.41
N SER L 507 38.98 -106.50 -163.80
CA SER L 507 38.20 -106.53 -162.56
C SER L 507 38.96 -105.89 -161.38
N GLN L 508 40.25 -106.18 -161.23
CA GLN L 508 41.12 -105.64 -160.18
C GLN L 508 41.13 -104.10 -160.22
N ARG L 509 41.27 -103.50 -161.41
CA ARG L 509 41.23 -102.04 -161.55
C ARG L 509 39.84 -101.47 -161.21
N HIS L 510 38.77 -102.03 -161.78
CA HIS L 510 37.40 -101.57 -161.53
C HIS L 510 37.02 -101.62 -160.05
N LEU L 511 37.37 -102.71 -159.35
CA LEU L 511 37.07 -102.83 -157.92
C LEU L 511 38.01 -101.95 -157.08
N ALA L 512 39.27 -101.72 -157.49
CA ALA L 512 40.18 -100.80 -156.79
C ALA L 512 39.65 -99.36 -156.88
N ASP L 513 38.95 -99.00 -157.96
CA ASP L 513 38.31 -97.68 -158.13
C ASP L 513 37.15 -97.45 -157.15
N ARG L 514 36.63 -98.50 -156.49
CA ARG L 514 35.50 -98.43 -155.55
C ARG L 514 35.87 -97.81 -154.19
N VAL L 515 37.16 -97.62 -153.88
CA VAL L 515 37.66 -97.07 -152.60
C VAL L 515 37.03 -95.73 -152.19
N GLN L 516 37.18 -94.65 -152.97
CA GLN L 516 36.62 -93.33 -152.59
C GLN L 516 35.10 -93.35 -152.32
N PRO L 517 34.24 -93.91 -153.18
CA PRO L 517 32.80 -93.99 -152.89
C PRO L 517 32.50 -94.66 -151.54
N LEU L 518 33.28 -95.69 -151.17
CA LEU L 518 33.15 -96.40 -149.90
C LEU L 518 33.62 -95.56 -148.70
N ARG L 519 34.59 -94.64 -148.87
CA ARG L 519 35.06 -93.77 -147.76
C ARG L 519 33.92 -92.87 -147.28
N MET L 520 33.20 -92.24 -148.21
CA MET L 520 32.04 -91.41 -147.85
C MET L 520 30.96 -92.27 -147.20
N ARG L 521 30.70 -93.47 -147.73
CA ARG L 521 29.73 -94.42 -147.15
C ARG L 521 30.12 -94.78 -145.71
N LEU L 522 31.41 -95.06 -145.47
CA LEU L 522 31.92 -95.39 -144.14
C LEU L 522 31.73 -94.22 -143.17
N SER L 523 32.06 -93.00 -143.59
CA SER L 523 31.91 -91.81 -142.75
C SER L 523 30.45 -91.59 -142.34
N GLU L 524 29.52 -91.74 -143.27
CA GLU L 524 28.09 -91.57 -143.03
C GLU L 524 27.58 -92.67 -142.10
N LEU L 525 27.89 -93.94 -142.40
CA LEU L 525 27.47 -95.11 -141.61
C LEU L 525 28.03 -95.04 -140.17
N GLU L 526 29.24 -94.50 -139.99
CA GLU L 526 29.86 -94.30 -138.68
C GLU L 526 29.03 -93.29 -137.87
N GLN L 527 28.61 -92.17 -138.47
CA GLN L 527 27.75 -91.22 -137.75
C GLN L 527 26.43 -91.90 -137.38
N ARG L 528 25.85 -92.72 -138.27
CA ARG L 528 24.59 -93.42 -137.97
C ARG L 528 24.75 -94.28 -136.73
N LEU L 529 25.81 -95.09 -136.64
CA LEU L 529 26.05 -95.91 -135.45
C LEU L 529 26.17 -95.04 -134.20
N ASN L 530 26.91 -93.93 -134.28
CA ASN L 530 27.06 -93.00 -133.16
C ASN L 530 25.68 -92.56 -132.66
N ASN L 531 24.82 -92.09 -133.56
CA ASN L 531 23.47 -91.66 -133.21
C ASN L 531 22.62 -92.81 -132.67
N GLN L 532 22.77 -94.03 -133.19
CA GLN L 532 22.04 -95.20 -132.68
C GLN L 532 22.45 -95.42 -131.22
N GLN L 533 23.75 -95.43 -130.92
CA GLN L 533 24.24 -95.59 -129.56
C GLN L 533 23.79 -94.43 -128.67
N ASN L 534 23.80 -93.17 -129.15
CA ASN L 534 23.33 -92.05 -128.33
C ASN L 534 21.85 -92.26 -127.96
N ALA L 535 21.00 -92.59 -128.94
CA ALA L 535 19.58 -92.82 -128.72
C ALA L 535 19.33 -94.00 -127.75
N GLU L 536 20.04 -95.12 -127.92
CA GLU L 536 19.93 -96.29 -127.03
C GLU L 536 20.34 -95.95 -125.59
N ARG L 537 21.46 -95.22 -125.43
CA ARG L 537 21.94 -94.77 -124.11
C ARG L 537 20.93 -93.85 -123.44
N LEU L 538 20.52 -92.78 -124.13
CA LEU L 538 19.54 -91.83 -123.62
C LEU L 538 18.21 -92.52 -123.26
N LEU L 539 17.75 -93.47 -124.08
CA LEU L 539 16.55 -94.27 -123.80
C LEU L 539 16.75 -95.06 -122.51
N SER L 540 17.87 -95.77 -122.37
CA SER L 540 18.15 -96.58 -121.17
C SER L 540 18.27 -95.73 -119.91
N GLU L 541 18.95 -94.58 -119.95
CA GLU L 541 19.06 -93.70 -118.77
C GLU L 541 17.69 -93.12 -118.39
N PHE L 542 16.90 -92.61 -119.34
CA PHE L 542 15.57 -92.10 -119.02
C PHE L 542 14.68 -93.23 -118.47
N CYS L 543 14.64 -94.39 -119.14
CA CYS L 543 13.83 -95.52 -118.72
C CYS L 543 14.23 -96.07 -117.35
N LYS L 544 15.44 -95.74 -116.85
CA LYS L 544 15.92 -96.10 -115.50
C LYS L 544 15.57 -95.00 -114.50
N ARG L 545 15.61 -93.73 -114.93
CA ARG L 545 15.30 -92.54 -114.10
C ARG L 545 13.81 -92.53 -113.76
N GLN L 546 12.93 -92.72 -114.75
CA GLN L 546 11.48 -92.88 -114.61
C GLN L 546 11.16 -94.27 -115.17
N GLY L 547 10.47 -95.11 -114.38
CA GLY L 547 10.28 -96.52 -114.75
C GLY L 547 11.65 -97.25 -114.58
N ARG L 548 11.76 -98.52 -114.99
CA ARG L 548 13.04 -99.29 -114.98
C ARG L 548 13.42 -99.73 -116.40
N GLN L 549 12.38 -100.12 -117.13
CA GLN L 549 12.31 -100.46 -118.55
C GLN L 549 10.88 -99.97 -118.84
N TYR L 550 10.74 -98.91 -119.63
CA TYR L 550 9.43 -98.28 -119.82
C TYR L 550 9.08 -98.03 -121.29
N GLN L 551 8.62 -99.08 -121.96
CA GLN L 551 8.13 -99.08 -123.35
C GLN L 551 8.96 -98.25 -124.35
N ALA L 552 10.29 -98.39 -124.27
CA ALA L 552 11.27 -97.71 -125.12
C ALA L 552 11.05 -97.93 -126.64
N GLU L 553 10.39 -99.02 -127.02
CA GLU L 553 10.08 -99.38 -128.41
C GLU L 553 9.17 -98.34 -129.09
N ASP L 554 8.17 -97.83 -128.37
CA ASP L 554 7.20 -96.82 -128.84
C ASP L 554 6.65 -96.07 -127.60
N LEU L 555 7.28 -94.93 -127.28
CA LEU L 555 6.99 -94.13 -126.09
C LEU L 555 6.11 -92.88 -126.30
N GLU L 556 5.72 -92.54 -127.54
CA GLU L 556 4.87 -91.36 -127.83
C GLU L 556 3.56 -91.35 -127.03
N ALA L 557 2.95 -92.51 -126.82
CA ALA L 557 1.72 -92.64 -126.05
C ALA L 557 1.90 -92.10 -124.62
N LEU L 558 3.07 -92.32 -124.02
CA LEU L 558 3.38 -91.83 -122.67
C LEU L 558 3.53 -90.31 -122.71
N GLN L 559 4.13 -89.74 -123.77
CA GLN L 559 4.23 -88.28 -123.89
C GLN L 559 2.81 -87.68 -123.91
N ASN L 560 1.90 -88.28 -124.70
CA ASN L 560 0.51 -87.82 -124.76
C ASN L 560 -0.20 -87.94 -123.39
N GLU L 561 -0.03 -89.05 -122.68
CA GLU L 561 -0.65 -89.20 -121.35
C GLU L 561 -0.04 -88.22 -120.33
N LEU L 562 1.27 -87.94 -120.42
CA LEU L 562 1.91 -86.98 -119.53
C LEU L 562 1.39 -85.58 -119.86
N GLU L 563 1.15 -85.25 -121.14
CA GLU L 563 0.53 -83.96 -121.50
C GLU L 563 -0.88 -83.90 -120.90
N ALA L 564 -1.65 -84.99 -120.95
CA ALA L 564 -2.97 -85.07 -120.32
C ALA L 564 -2.83 -84.85 -118.80
N ARG L 565 -1.78 -85.39 -118.18
CA ARG L 565 -1.49 -85.19 -116.75
C ARG L 565 -1.08 -83.73 -116.48
N GLN L 566 -0.46 -83.02 -117.44
CA GLN L 566 -0.17 -81.59 -117.27
C GLN L 566 -1.50 -80.81 -117.34
N GLU L 567 -2.44 -81.23 -118.19
CA GLU L 567 -3.77 -80.62 -118.20
C GLU L 567 -4.39 -80.88 -116.81
N ALA L 568 -4.27 -82.12 -116.30
CA ALA L 568 -4.76 -82.47 -114.97
C ALA L 568 -4.09 -81.59 -113.89
N LEU L 569 -2.80 -81.22 -114.04
CA LEU L 569 -2.10 -80.31 -113.14
C LEU L 569 -2.90 -79.00 -113.10
N SER L 570 -3.08 -78.37 -114.27
CA SER L 570 -3.78 -77.10 -114.39
C SER L 570 -5.20 -77.18 -113.80
N LEU L 571 -5.95 -78.24 -114.09
CA LEU L 571 -7.30 -78.43 -113.55
C LEU L 571 -7.24 -78.55 -112.02
N SER L 572 -6.43 -79.47 -111.51
CA SER L 572 -6.30 -79.75 -110.07
C SER L 572 -5.80 -78.55 -109.26
N VAL L 573 -4.78 -77.84 -109.74
CA VAL L 573 -4.23 -76.68 -109.03
C VAL L 573 -5.25 -75.54 -109.01
N ASN L 574 -5.93 -75.25 -110.13
CA ASN L 574 -6.94 -74.19 -110.19
C ASN L 574 -8.16 -74.55 -109.32
N GLU L 575 -8.66 -75.79 -109.39
CA GLU L 575 -9.79 -76.23 -108.57
C GLU L 575 -9.46 -76.19 -107.09
N GLY L 576 -8.31 -76.74 -106.69
CA GLY L 576 -7.89 -76.73 -105.30
C GLY L 576 -7.70 -75.29 -104.80
N GLY L 577 -7.11 -74.42 -105.63
CA GLY L 577 -6.89 -73.01 -105.33
C GLY L 577 -8.18 -72.22 -105.16
N GLU L 578 -9.12 -72.32 -106.10
CA GLU L 578 -10.39 -71.59 -105.98
C GLU L 578 -11.21 -72.16 -104.81
N ARG L 579 -11.32 -73.48 -104.69
CA ARG L 579 -12.10 -74.09 -103.61
C ARG L 579 -11.53 -73.77 -102.25
N ARG L 580 -10.22 -73.89 -102.03
CA ARG L 580 -9.65 -73.56 -100.71
C ARG L 580 -9.81 -72.09 -100.41
N MET L 581 -9.67 -71.19 -101.38
CA MET L 581 -9.82 -69.78 -101.05
C MET L 581 -11.30 -69.45 -100.83
N GLU L 582 -12.23 -70.03 -101.57
CA GLU L 582 -13.67 -69.81 -101.38
C GLU L 582 -14.09 -70.32 -100.00
N MET L 583 -13.62 -71.50 -99.57
CA MET L 583 -13.94 -72.01 -98.23
C MET L 583 -13.20 -71.15 -97.18
N ARG L 584 -12.05 -70.55 -97.50
CA ARG L 584 -11.41 -69.60 -96.57
C ARG L 584 -12.31 -68.36 -96.45
N GLN L 585 -12.94 -67.90 -97.53
CA GLN L 585 -13.86 -66.77 -97.45
C GLN L 585 -15.06 -67.17 -96.59
N GLU L 586 -15.54 -68.40 -96.71
CA GLU L 586 -16.61 -68.91 -95.85
C GLU L 586 -16.09 -68.84 -94.40
N LEU L 587 -14.83 -69.21 -94.15
CA LEU L 587 -14.22 -69.09 -92.82
C LEU L 587 -14.27 -67.63 -92.38
N GLU L 588 -13.95 -66.67 -93.23
CA GLU L 588 -14.03 -65.25 -92.85
C GLU L 588 -15.47 -64.88 -92.47
N GLN L 589 -16.48 -65.34 -93.22
CA GLN L 589 -17.87 -65.08 -92.84
C GLN L 589 -18.12 -65.67 -91.45
N LEU L 590 -17.53 -66.84 -91.28
CA LEU L 590 -17.76 -67.46 -89.97
C LEU L 590 -17.06 -66.67 -88.86
N LYS L 591 -15.87 -66.14 -89.16
CA LYS L 591 -15.13 -65.37 -88.18
C LYS L 591 -15.87 -64.10 -87.80
N GLN L 592 -16.34 -63.35 -88.81
CA GLN L 592 -17.15 -62.17 -88.53
C GLN L 592 -18.39 -62.54 -87.74
N LYS L 593 -19.03 -63.66 -88.07
CA LYS L 593 -20.18 -64.11 -87.31
C LYS L 593 -19.82 -64.34 -85.85
N ILE L 594 -18.67 -64.97 -85.60
CA ILE L 594 -18.26 -65.23 -84.23
C ILE L 594 -18.04 -63.92 -83.48
N GLN L 595 -17.39 -62.94 -84.11
CA GLN L 595 -17.24 -61.66 -83.43
C GLN L 595 -18.60 -61.02 -83.10
N SER L 596 -19.53 -61.05 -84.05
CA SER L 596 -20.85 -60.48 -83.78
C SER L 596 -21.53 -61.19 -82.61
N LEU L 597 -21.52 -62.53 -82.65
CA LEU L 597 -22.16 -63.30 -81.60
C LEU L 597 -21.50 -63.04 -80.26
N THR L 598 -20.17 -62.92 -80.24
CA THR L 598 -19.46 -62.69 -79.00
C THR L 598 -19.79 -61.33 -78.41
N ALA L 599 -19.84 -60.29 -79.24
CA ALA L 599 -20.23 -58.98 -78.75
C ALA L 599 -21.65 -59.02 -78.18
N ARG L 600 -22.54 -59.73 -78.84
CA ARG L 600 -23.93 -59.79 -78.41
C ARG L 600 -24.13 -60.61 -77.13
N ALA L 601 -23.34 -61.65 -76.93
CA ALA L 601 -23.61 -62.63 -75.87
C ALA L 601 -23.82 -62.05 -74.47
N PRO L 602 -22.92 -61.25 -73.91
CA PRO L 602 -23.05 -60.90 -72.48
C PRO L 602 -24.36 -60.20 -72.15
N VAL L 603 -24.83 -59.35 -73.05
CA VAL L 603 -26.09 -58.63 -72.81
C VAL L 603 -27.23 -59.63 -72.73
N TRP L 604 -27.28 -60.56 -73.68
CA TRP L 604 -28.33 -61.58 -73.67
C TRP L 604 -28.28 -62.40 -72.39
N LEU L 605 -27.06 -62.72 -71.92
CA LEU L 605 -26.96 -63.53 -70.73
C LEU L 605 -27.46 -62.77 -69.49
N ALA L 606 -27.07 -61.51 -69.34
CA ALA L 606 -27.57 -60.71 -68.22
C ALA L 606 -29.09 -60.62 -68.26
N ALA L 607 -29.64 -60.37 -69.43
CA ALA L 607 -31.08 -60.28 -69.59
C ALA L 607 -31.75 -61.58 -69.18
N GLN L 608 -31.19 -62.71 -69.61
CA GLN L 608 -31.76 -64.00 -69.25
C GLN L 608 -31.73 -64.25 -67.75
N ASP L 609 -30.63 -63.89 -67.07
CA ASP L 609 -30.62 -64.10 -65.63
C ASP L 609 -31.72 -63.30 -64.96
N THR L 610 -31.86 -62.02 -65.33
CA THR L 610 -32.91 -61.23 -64.70
C THR L 610 -34.29 -61.81 -65.00
N LEU L 611 -34.51 -62.24 -66.25
CA LEU L 611 -35.81 -62.80 -66.60
C LEU L 611 -36.11 -64.06 -65.81
N ASN L 612 -35.14 -64.97 -65.69
CA ASN L 612 -35.38 -66.18 -64.94
C ASN L 612 -35.72 -65.86 -63.49
N GLN L 613 -34.95 -64.96 -62.88
CA GLN L 613 -35.24 -64.58 -61.50
C GLN L 613 -36.66 -64.03 -61.39
N LEU L 614 -37.03 -63.16 -62.33
CA LEU L 614 -38.34 -62.52 -62.26
C LEU L 614 -39.47 -63.53 -62.37
N CYS L 615 -39.43 -64.38 -63.40
CA CYS L 615 -40.56 -65.29 -63.61
C CYS L 615 -40.59 -66.36 -62.54
N GLU L 616 -39.43 -66.83 -62.08
CA GLU L 616 -39.42 -67.78 -60.98
C GLU L 616 -40.00 -67.16 -59.72
N GLN L 617 -39.77 -65.86 -59.51
CA GLN L 617 -40.37 -65.18 -58.37
C GLN L 617 -41.90 -65.21 -58.45
N SER L 618 -42.46 -65.26 -59.66
CA SER L 618 -43.88 -65.43 -59.84
C SER L 618 -44.25 -66.90 -60.02
N GLY L 619 -45.55 -67.18 -60.01
CA GLY L 619 -46.01 -68.54 -60.20
C GLY L 619 -46.05 -68.97 -61.65
N GLU L 620 -46.22 -68.03 -62.56
CA GLU L 620 -46.36 -68.33 -63.98
C GLU L 620 -45.05 -68.06 -64.70
N THR L 621 -44.82 -68.82 -65.77
CA THR L 621 -43.59 -68.73 -66.55
C THR L 621 -43.85 -67.99 -67.85
N LEU L 622 -43.05 -66.97 -68.13
CA LEU L 622 -43.22 -66.11 -69.29
C LEU L 622 -42.43 -66.64 -70.47
N ALA L 623 -42.95 -66.37 -71.68
CA ALA L 623 -42.27 -66.82 -72.89
C ALA L 623 -42.18 -65.78 -74.00
N SER L 624 -42.87 -64.65 -73.92
CA SER L 624 -42.86 -63.68 -75.01
C SER L 624 -43.29 -62.32 -74.49
N SER L 625 -43.03 -61.29 -75.31
CA SER L 625 -43.40 -59.93 -74.93
C SER L 625 -44.89 -59.81 -74.66
N ASN L 626 -45.72 -60.32 -75.58
CA ASN L 626 -47.16 -60.27 -75.39
C ASN L 626 -47.55 -61.00 -74.11
N ASP L 627 -46.88 -62.11 -73.82
CA ASP L 627 -47.16 -62.86 -72.60
C ASP L 627 -46.91 -62.01 -71.37
N VAL L 628 -45.79 -61.29 -71.36
CA VAL L 628 -45.48 -60.40 -70.25
C VAL L 628 -46.57 -59.34 -70.09
N THR L 629 -47.04 -58.79 -71.21
CA THR L 629 -48.09 -57.76 -71.14
C THR L 629 -49.36 -58.31 -70.52
N GLU L 630 -49.80 -59.49 -70.98
CA GLU L 630 -51.02 -60.06 -70.40
C GLU L 630 -50.84 -60.34 -68.91
N TYR L 631 -49.63 -60.74 -68.51
CA TYR L 631 -49.38 -60.91 -67.08
C TYR L 631 -49.47 -59.58 -66.34
N MET L 632 -49.02 -58.49 -66.96
CA MET L 632 -49.26 -57.16 -66.39
C MET L 632 -50.74 -56.97 -66.09
N GLN L 633 -51.60 -57.27 -67.07
CA GLN L 633 -53.02 -57.02 -66.87
C GLN L 633 -53.59 -57.84 -65.72
N GLN L 634 -53.24 -59.13 -65.65
CA GLN L 634 -53.70 -59.93 -64.53
C GLN L 634 -53.22 -59.36 -63.20
N LEU L 635 -51.99 -58.84 -63.17
CA LEU L 635 -51.49 -58.24 -61.95
C LEU L 635 -52.35 -57.04 -61.54
N LEU L 636 -52.74 -56.21 -62.52
CA LEU L 636 -53.59 -55.07 -62.21
C LEU L 636 -54.93 -55.52 -61.63
N GLU L 637 -55.52 -56.56 -62.20
CA GLU L 637 -56.80 -57.02 -61.66
C GLU L 637 -56.66 -57.48 -60.20
N ARG L 638 -55.59 -58.21 -59.89
CA ARG L 638 -55.40 -58.60 -58.50
C ARG L 638 -55.19 -57.39 -57.59
N GLU L 639 -54.47 -56.37 -58.06
CA GLU L 639 -54.38 -55.14 -57.27
C GLU L 639 -55.76 -54.61 -56.92
N ARG L 640 -56.61 -54.45 -57.93
CA ARG L 640 -57.86 -53.74 -57.70
C ARG L 640 -58.91 -54.60 -57.00
N GLU L 641 -58.67 -55.91 -56.86
CA GLU L 641 -59.53 -56.72 -55.98
C GLU L 641 -59.04 -56.65 -54.52
N ALA L 642 -57.75 -56.90 -54.32
CA ALA L 642 -57.21 -56.88 -52.97
C ALA L 642 -57.46 -55.53 -52.31
N THR L 643 -57.36 -54.44 -53.07
CA THR L 643 -57.57 -53.12 -52.49
C THR L 643 -58.99 -52.96 -51.97
N VAL L 644 -59.97 -53.52 -52.69
CA VAL L 644 -61.36 -53.41 -52.24
C VAL L 644 -61.54 -54.14 -50.92
N GLU L 645 -61.03 -55.37 -50.80
CA GLU L 645 -61.15 -56.03 -49.50
C GLU L 645 -60.44 -55.24 -48.41
N ARG L 646 -59.26 -54.70 -48.72
CA ARG L 646 -58.52 -53.90 -47.75
C ARG L 646 -59.34 -52.73 -47.24
N ASP L 647 -59.96 -51.99 -48.17
CA ASP L 647 -60.73 -50.82 -47.80
C ASP L 647 -61.97 -51.19 -46.99
N GLU L 648 -62.65 -52.28 -47.37
CA GLU L 648 -63.85 -52.66 -46.63
C GLU L 648 -63.50 -53.04 -45.19
N VAL L 649 -62.43 -53.81 -45.02
CA VAL L 649 -62.01 -54.15 -43.66
C VAL L 649 -61.62 -52.89 -42.90
N ALA L 650 -61.01 -51.92 -43.60
CA ALA L 650 -60.67 -50.66 -42.95
C ALA L 650 -61.93 -49.96 -42.45
N ALA L 651 -62.99 -49.97 -43.25
CA ALA L 651 -64.24 -49.35 -42.82
C ALA L 651 -64.77 -50.02 -41.56
N GLN L 652 -64.76 -51.35 -41.53
CA GLN L 652 -65.21 -52.03 -40.31
C GLN L 652 -64.36 -51.66 -39.12
N LYS L 653 -63.04 -51.59 -39.29
CA LYS L 653 -62.17 -51.24 -38.17
C LYS L 653 -62.45 -49.84 -37.66
N ARG L 654 -62.67 -48.89 -38.57
CA ARG L 654 -63.00 -47.54 -38.15
C ARG L 654 -64.30 -47.52 -37.35
N GLU L 655 -65.31 -48.25 -37.82
CA GLU L 655 -66.56 -48.31 -37.07
C GLU L 655 -66.34 -48.89 -35.68
N LEU L 656 -65.53 -49.94 -35.58
CA LEU L 656 -65.28 -50.55 -34.28
C LEU L 656 -64.59 -49.58 -33.33
N GLU L 657 -63.56 -48.87 -33.80
CA GLU L 657 -62.92 -47.91 -32.91
C GLU L 657 -63.88 -46.81 -32.48
N LYS L 658 -64.71 -46.32 -33.40
CA LYS L 658 -65.65 -45.28 -33.00
C LYS L 658 -66.63 -45.81 -31.96
N GLN L 659 -67.10 -47.05 -32.14
CA GLN L 659 -68.01 -47.64 -31.16
C GLN L 659 -67.34 -47.80 -29.81
N ILE L 660 -66.09 -48.29 -29.79
CA ILE L 660 -65.38 -48.45 -28.54
C ILE L 660 -65.20 -47.09 -27.87
N GLU L 661 -64.86 -46.08 -28.65
CA GLU L 661 -64.53 -44.78 -28.11
C GLU L 661 -65.73 -44.13 -27.43
N ARG L 662 -66.94 -44.37 -27.95
CA ARG L 662 -68.13 -43.80 -27.33
C ARG L 662 -68.34 -44.31 -25.91
N LEU L 663 -67.83 -45.50 -25.60
CA LEU L 663 -68.05 -46.14 -24.30
C LEU L 663 -66.93 -45.85 -23.31
N SER L 664 -66.03 -44.94 -23.64
CA SER L 664 -64.78 -44.84 -22.89
C SER L 664 -64.93 -44.04 -21.61
N GLN L 665 -65.35 -42.78 -21.71
CA GLN L 665 -65.03 -41.81 -20.67
C GLN L 665 -66.13 -40.77 -20.60
N PRO L 666 -66.24 -40.06 -19.46
CA PRO L 666 -65.69 -40.42 -18.14
C PRO L 666 -66.66 -41.43 -17.58
N SER L 667 -67.92 -41.12 -17.89
CA SER L 667 -69.04 -42.06 -17.85
C SER L 667 -69.57 -42.05 -19.28
N GLY L 668 -69.18 -43.05 -20.05
CA GLY L 668 -69.32 -43.03 -21.50
C GLY L 668 -70.61 -42.39 -21.99
N ALA L 669 -70.48 -41.34 -22.79
CA ALA L 669 -71.60 -40.52 -23.21
C ALA L 669 -71.15 -39.68 -24.39
N GLU L 670 -71.91 -38.65 -24.71
CA GLU L 670 -71.55 -37.72 -25.77
C GLU L 670 -70.53 -36.72 -25.23
N ASP L 671 -69.42 -37.26 -24.73
CA ASP L 671 -68.41 -36.55 -23.94
C ASP L 671 -67.83 -35.30 -24.59
N SER L 672 -68.01 -35.12 -25.91
CA SER L 672 -67.34 -34.02 -26.59
C SER L 672 -67.61 -32.69 -25.90
N ARG L 673 -68.87 -32.40 -25.63
CA ARG L 673 -69.29 -31.17 -24.98
C ARG L 673 -69.92 -31.39 -23.61
N MET L 674 -70.43 -32.59 -23.35
CA MET L 674 -71.28 -32.81 -22.18
C MET L 674 -70.57 -32.55 -20.86
N ILE L 675 -69.28 -32.81 -20.77
CA ILE L 675 -68.58 -32.63 -19.50
C ILE L 675 -68.52 -31.14 -19.13
N ALA L 676 -68.10 -30.31 -20.08
CA ALA L 676 -68.14 -28.87 -19.87
C ALA L 676 -69.56 -28.39 -19.62
N LEU L 677 -70.52 -28.91 -20.39
CA LEU L 677 -71.91 -28.50 -20.16
C LEU L 677 -72.41 -28.92 -18.79
N ALA L 678 -71.83 -29.99 -18.23
CA ALA L 678 -72.23 -30.45 -16.92
C ALA L 678 -71.73 -29.52 -15.83
N GLU L 679 -70.49 -29.05 -15.97
CA GLU L 679 -70.00 -28.13 -14.94
C GLU L 679 -70.43 -26.68 -15.16
N ARG L 680 -70.74 -26.27 -16.39
CA ARG L 680 -71.12 -24.87 -16.58
C ARG L 680 -72.46 -24.55 -15.93
N PHE L 681 -73.24 -25.57 -15.58
CA PHE L 681 -74.39 -25.41 -14.71
C PHE L 681 -74.16 -26.21 -13.44
N GLY L 682 -74.85 -25.81 -12.37
CA GLY L 682 -74.68 -26.49 -11.10
C GLY L 682 -75.36 -27.84 -11.08
N GLY L 683 -74.96 -28.72 -12.00
CA GLY L 683 -75.64 -29.98 -12.20
C GLY L 683 -74.68 -31.15 -12.29
N VAL L 684 -75.28 -32.33 -12.46
CA VAL L 684 -74.54 -33.59 -12.56
C VAL L 684 -75.15 -34.41 -13.69
N LEU L 685 -74.30 -35.08 -14.44
CA LEU L 685 -74.76 -35.93 -15.54
C LEU L 685 -75.55 -37.12 -15.00
N LEU L 686 -76.72 -37.36 -15.59
CA LEU L 686 -77.59 -38.42 -15.08
C LEU L 686 -76.93 -39.78 -15.20
N SER L 687 -76.31 -40.07 -16.35
CA SER L 687 -75.67 -41.37 -16.52
C SER L 687 -74.61 -41.60 -15.46
N GLU L 688 -73.98 -40.52 -14.98
CA GLU L 688 -72.99 -40.66 -13.92
C GLU L 688 -73.64 -40.98 -12.58
N ILE L 689 -74.83 -40.44 -12.34
CA ILE L 689 -75.55 -40.76 -11.11
C ILE L 689 -75.91 -42.25 -11.10
N TYR L 690 -76.23 -42.81 -12.26
CA TYR L 690 -76.58 -44.21 -12.40
C TYR L 690 -75.37 -45.07 -12.79
N ASP L 691 -74.16 -44.65 -12.39
CA ASP L 691 -72.97 -45.42 -12.73
C ASP L 691 -73.00 -46.81 -12.10
N ASP L 692 -73.57 -46.94 -10.91
CA ASP L 692 -73.36 -48.14 -10.11
C ASP L 692 -74.46 -49.19 -10.28
N ILE L 693 -75.48 -48.93 -11.11
CA ILE L 693 -76.63 -49.82 -11.14
C ILE L 693 -76.25 -51.19 -11.69
N THR L 694 -76.94 -52.21 -11.19
CA THR L 694 -76.66 -53.59 -11.57
C THR L 694 -77.15 -53.89 -12.98
N ILE L 695 -76.68 -55.03 -13.50
CA ILE L 695 -77.02 -55.42 -14.86
C ILE L 695 -78.50 -55.76 -15.00
N ASP L 696 -79.14 -56.18 -13.90
CA ASP L 696 -80.55 -56.58 -13.98
C ASP L 696 -81.46 -55.38 -14.14
N ASP L 697 -81.18 -54.28 -13.44
CA ASP L 697 -81.99 -53.07 -13.55
C ASP L 697 -81.52 -52.16 -14.69
N ALA L 698 -80.35 -52.40 -15.26
CA ALA L 698 -79.84 -51.54 -16.33
C ALA L 698 -80.80 -51.48 -17.52
N PRO L 699 -81.27 -52.59 -18.08
CA PRO L 699 -82.20 -52.47 -19.22
C PRO L 699 -83.48 -51.76 -18.86
N TYR L 700 -84.04 -52.05 -17.68
CA TYR L 700 -85.23 -51.34 -17.26
C TYR L 700 -85.01 -49.84 -17.23
N PHE L 701 -83.95 -49.39 -16.56
CA PHE L 701 -83.72 -47.95 -16.46
C PHE L 701 -83.46 -47.34 -17.82
N SER L 702 -82.71 -48.03 -18.68
CA SER L 702 -82.41 -47.49 -20.00
C SER L 702 -83.69 -47.33 -20.81
N ALA L 703 -84.61 -48.28 -20.71
CA ALA L 703 -85.90 -48.11 -21.38
C ALA L 703 -86.69 -46.97 -20.76
N LEU L 704 -86.68 -46.87 -19.43
CA LEU L 704 -87.46 -45.83 -18.76
C LEU L 704 -87.03 -44.45 -19.19
N TYR L 705 -85.74 -44.17 -19.13
CA TYR L 705 -85.27 -42.81 -19.38
C TYR L 705 -85.17 -42.48 -20.88
N GLY L 706 -85.14 -43.48 -21.74
CA GLY L 706 -85.20 -43.24 -23.17
C GLY L 706 -84.12 -42.29 -23.66
N PRO L 707 -84.50 -41.35 -24.53
CA PRO L 707 -83.50 -40.39 -25.03
C PRO L 707 -82.88 -39.55 -23.93
N ALA L 708 -83.57 -39.35 -22.81
CA ALA L 708 -83.07 -38.48 -21.75
C ALA L 708 -82.03 -39.14 -20.86
N ARG L 709 -81.57 -40.36 -21.19
CA ARG L 709 -80.60 -41.02 -20.32
C ARG L 709 -79.41 -40.12 -20.06
N HIS L 710 -78.91 -39.45 -21.08
CA HIS L 710 -77.72 -38.62 -20.99
C HIS L 710 -78.03 -37.13 -20.83
N GLY L 711 -79.12 -36.79 -20.15
CA GLY L 711 -79.38 -35.42 -19.75
C GLY L 711 -78.60 -35.04 -18.51
N ILE L 712 -78.78 -33.80 -18.08
CA ILE L 712 -78.10 -33.23 -16.91
C ILE L 712 -79.16 -32.93 -15.85
N VAL L 713 -78.83 -33.20 -14.59
CA VAL L 713 -79.70 -32.85 -13.48
C VAL L 713 -79.35 -31.46 -12.98
N VAL L 714 -80.35 -30.57 -12.91
CA VAL L 714 -80.14 -29.20 -12.44
C VAL L 714 -81.36 -28.79 -11.61
N PRO L 715 -81.18 -28.49 -10.32
CA PRO L 715 -82.34 -28.43 -9.41
C PRO L 715 -83.30 -27.27 -9.63
N ASP L 716 -82.93 -26.22 -10.38
CA ASP L 716 -83.83 -25.08 -10.57
C ASP L 716 -84.37 -24.92 -11.98
N LEU L 717 -83.51 -24.98 -12.99
CA LEU L 717 -83.92 -24.87 -14.39
C LEU L 717 -84.36 -23.46 -14.78
N SER L 718 -84.38 -22.53 -13.84
CA SER L 718 -84.55 -21.13 -14.18
C SER L 718 -83.22 -20.39 -14.26
N LEU L 719 -82.21 -20.89 -13.55
CA LEU L 719 -80.88 -20.29 -13.63
C LEU L 719 -80.25 -20.54 -14.98
N VAL L 720 -80.65 -21.60 -15.67
CA VAL L 720 -80.16 -21.82 -17.03
C VAL L 720 -80.82 -20.89 -18.04
N ARG L 721 -82.02 -20.41 -17.75
CA ARG L 721 -82.74 -19.63 -18.76
C ARG L 721 -81.92 -18.46 -19.29
N PRO L 722 -81.20 -17.69 -18.47
CA PRO L 722 -80.32 -16.67 -19.06
C PRO L 722 -79.13 -17.27 -19.81
N HIS L 723 -78.51 -18.31 -19.29
CA HIS L 723 -77.36 -18.90 -19.97
C HIS L 723 -77.72 -19.49 -21.31
N LEU L 724 -78.98 -19.89 -21.50
CA LEU L 724 -79.33 -20.78 -22.59
C LEU L 724 -79.03 -20.18 -23.95
N GLU L 725 -79.31 -18.88 -24.13
CA GLU L 725 -79.14 -18.28 -25.46
C GLU L 725 -77.72 -18.48 -25.97
N THR L 726 -76.75 -18.62 -25.06
CA THR L 726 -75.36 -18.78 -25.46
C THR L 726 -75.05 -20.16 -26.00
N LEU L 727 -75.91 -21.16 -25.76
CA LEU L 727 -75.58 -22.51 -26.20
C LEU L 727 -75.69 -22.63 -27.71
N GLU L 728 -74.57 -22.39 -28.38
CA GLU L 728 -74.42 -22.67 -29.80
C GLU L 728 -73.59 -23.91 -30.07
N ASP L 729 -72.95 -24.46 -29.04
CA ASP L 729 -72.05 -25.61 -29.16
C ASP L 729 -72.55 -26.68 -28.19
N CYS L 730 -73.39 -27.58 -28.68
CA CYS L 730 -74.02 -28.58 -27.82
C CYS L 730 -74.65 -29.63 -28.72
N PRO L 731 -74.98 -30.80 -28.18
CA PRO L 731 -75.70 -31.80 -28.97
C PRO L 731 -77.03 -31.24 -29.45
N GLU L 732 -77.49 -31.75 -30.59
CA GLU L 732 -78.66 -31.16 -31.23
C GLU L 732 -79.90 -31.25 -30.35
N ASP L 733 -79.89 -32.12 -29.34
CA ASP L 733 -81.03 -32.28 -28.45
C ASP L 733 -80.50 -32.47 -27.02
N LEU L 734 -80.59 -31.42 -26.22
CA LEU L 734 -80.09 -31.42 -24.85
C LEU L 734 -81.25 -31.61 -23.88
N TYR L 735 -81.04 -32.46 -22.87
CA TYR L 735 -82.07 -32.79 -21.90
C TYR L 735 -81.64 -32.30 -20.52
N LEU L 736 -82.56 -31.67 -19.80
CA LEU L 736 -82.32 -31.12 -18.48
C LEU L 736 -83.40 -31.61 -17.52
N ILE L 737 -83.00 -31.95 -16.31
CA ILE L 737 -83.91 -32.49 -15.31
C ILE L 737 -83.68 -31.77 -13.99
N GLU L 738 -84.74 -31.65 -13.20
CA GLU L 738 -84.70 -30.94 -11.93
C GLU L 738 -84.80 -31.93 -10.79
N GLY L 739 -83.91 -31.80 -9.81
CA GLY L 739 -83.92 -32.65 -8.65
C GLY L 739 -82.61 -32.53 -7.91
N ASP L 740 -82.56 -33.18 -6.76
CA ASP L 740 -81.35 -33.14 -5.95
C ASP L 740 -80.27 -33.99 -6.61
N PRO L 741 -79.16 -33.43 -7.06
CA PRO L 741 -78.13 -34.27 -7.69
C PRO L 741 -77.58 -35.35 -6.79
N GLN L 742 -77.47 -35.09 -5.48
CA GLN L 742 -76.88 -36.08 -4.59
C GLN L 742 -77.84 -37.22 -4.25
N SER L 743 -79.14 -36.94 -4.11
CA SER L 743 -80.12 -37.97 -3.73
C SER L 743 -81.34 -37.82 -4.64
N PHE L 744 -81.08 -37.68 -5.93
CA PHE L 744 -82.11 -37.49 -6.95
C PHE L 744 -83.23 -38.51 -6.83
N ASP L 745 -84.46 -38.02 -6.65
CA ASP L 745 -85.63 -38.88 -6.62
C ASP L 745 -86.06 -39.24 -8.03
N ASP L 746 -86.67 -40.40 -8.18
CA ASP L 746 -87.20 -40.81 -9.48
C ASP L 746 -88.02 -39.70 -10.09
N SER L 747 -87.56 -39.18 -11.22
CA SER L 747 -88.30 -38.14 -11.92
C SER L 747 -89.75 -38.54 -12.06
N VAL L 748 -90.65 -37.62 -11.72
CA VAL L 748 -92.06 -37.91 -11.84
C VAL L 748 -92.36 -38.24 -13.30
N PHE L 749 -92.54 -39.53 -13.58
CA PHE L 749 -92.94 -40.01 -14.89
C PHE L 749 -94.30 -40.64 -14.73
N ASN L 750 -95.14 -40.53 -15.76
CA ASN L 750 -96.39 -41.28 -15.74
C ASN L 750 -96.08 -42.68 -16.25
N ALA L 751 -95.11 -43.32 -15.62
CA ALA L 751 -94.57 -44.57 -16.14
C ALA L 751 -95.46 -45.75 -15.80
N GLU L 752 -95.36 -46.81 -16.60
CA GLU L 752 -96.17 -47.99 -16.39
C GLU L 752 -95.42 -49.19 -16.96
N GLU L 753 -95.03 -50.11 -16.09
CA GLU L 753 -94.29 -51.29 -16.51
C GLU L 753 -95.19 -52.25 -17.28
N GLN L 754 -94.65 -52.82 -18.36
CA GLN L 754 -95.33 -53.83 -19.15
C GLN L 754 -94.35 -54.96 -19.42
N THR L 755 -94.84 -56.02 -20.06
CA THR L 755 -93.99 -57.15 -20.39
C THR L 755 -92.82 -56.69 -21.25
N ASN L 756 -91.61 -56.74 -20.68
CA ASN L 756 -90.39 -56.44 -21.42
C ASN L 756 -90.46 -55.07 -22.09
N ALA L 757 -91.19 -54.13 -21.50
CA ALA L 757 -91.31 -52.80 -22.05
C ALA L 757 -91.91 -51.87 -21.00
N VAL L 758 -91.89 -50.58 -21.30
CA VAL L 758 -92.39 -49.55 -20.39
C VAL L 758 -93.17 -48.52 -21.19
N LEU L 759 -94.32 -48.13 -20.66
CA LEU L 759 -95.14 -47.06 -21.22
C LEU L 759 -95.00 -45.82 -20.34
N VAL L 760 -95.02 -44.65 -20.98
CA VAL L 760 -94.89 -43.38 -20.26
C VAL L 760 -95.72 -42.32 -20.97
N LYS L 761 -96.43 -41.49 -20.18
CA LYS L 761 -97.06 -40.30 -20.70
C LYS L 761 -96.10 -39.13 -20.52
N SER L 762 -95.56 -38.63 -21.64
CA SER L 762 -94.64 -37.50 -21.58
C SER L 762 -95.37 -36.18 -21.39
N SER L 763 -96.51 -36.03 -22.04
CA SER L 763 -97.26 -34.78 -22.02
C SER L 763 -98.72 -35.10 -22.27
N ASP L 764 -99.59 -34.12 -22.01
CA ASP L 764 -100.98 -34.26 -22.40
C ASP L 764 -101.06 -34.53 -23.90
N ARG L 765 -101.72 -35.63 -24.24
CA ARG L 765 -101.82 -36.10 -25.62
C ARG L 765 -100.50 -36.60 -26.19
N GLN L 766 -99.60 -37.07 -25.33
CA GLN L 766 -98.36 -37.70 -25.78
C GLN L 766 -97.98 -38.88 -24.90
N TRP L 767 -97.58 -39.98 -25.53
CA TRP L 767 -97.10 -41.20 -24.89
C TRP L 767 -95.88 -41.75 -25.62
N ARG L 768 -94.97 -42.37 -24.87
CA ARG L 768 -93.82 -43.07 -25.43
C ARG L 768 -93.82 -44.51 -24.92
N TYR L 769 -93.43 -45.44 -25.78
CA TYR L 769 -93.39 -46.87 -25.46
C TYR L 769 -92.01 -47.42 -25.82
N SER L 770 -91.25 -47.82 -24.81
CA SER L 770 -89.87 -48.25 -24.98
C SER L 770 -89.74 -49.73 -24.68
N ARG L 771 -89.17 -50.48 -25.64
CA ARG L 771 -88.86 -51.88 -25.43
C ARG L 771 -87.49 -52.06 -24.78
N TYR L 772 -87.38 -53.04 -23.90
CA TYR L 772 -86.15 -53.35 -23.18
C TYR L 772 -85.00 -53.58 -24.16
N PRO L 773 -83.98 -52.74 -24.18
CA PRO L 773 -82.79 -53.04 -24.97
C PRO L 773 -81.87 -54.02 -24.24
N GLU L 774 -80.90 -54.53 -24.98
CA GLU L 774 -79.85 -55.38 -24.44
C GLU L 774 -78.50 -54.67 -24.51
N LEU L 775 -77.73 -54.78 -23.41
CA LEU L 775 -76.45 -54.10 -23.24
C LEU L 775 -76.65 -52.59 -23.29
N PRO L 776 -77.24 -52.01 -22.25
CA PRO L 776 -77.62 -50.59 -22.27
C PRO L 776 -76.52 -49.59 -21.98
N LEU L 777 -76.94 -48.35 -21.78
CA LEU L 777 -76.05 -47.25 -21.38
C LEU L 777 -75.76 -47.28 -19.88
N PHE L 778 -76.80 -47.13 -19.06
CA PHE L 778 -76.59 -47.09 -17.61
C PHE L 778 -75.88 -48.35 -17.14
N GLY L 779 -75.51 -48.35 -15.87
CA GLY L 779 -74.76 -49.44 -15.31
C GLY L 779 -73.38 -49.53 -15.93
N ARG L 780 -72.66 -48.42 -15.95
CA ARG L 780 -71.33 -48.40 -16.55
C ARG L 780 -70.32 -49.04 -15.60
N ALA L 781 -70.60 -50.27 -15.20
CA ALA L 781 -69.59 -51.15 -14.62
C ALA L 781 -69.35 -52.32 -15.57
N ALA L 782 -70.39 -53.01 -16.02
CA ALA L 782 -70.24 -54.07 -16.99
C ALA L 782 -70.20 -53.57 -18.43
N ARG L 783 -70.55 -52.31 -18.68
CA ARG L 783 -70.39 -51.82 -20.03
C ARG L 783 -68.92 -51.80 -20.41
N GLU L 784 -68.05 -51.73 -19.40
CA GLU L 784 -66.65 -52.09 -19.62
C GLU L 784 -66.52 -53.54 -20.06
N ASN L 785 -67.39 -54.43 -19.56
CA ASN L 785 -67.41 -55.80 -20.04
C ASN L 785 -67.67 -55.83 -21.54
N ARG L 786 -68.65 -55.06 -22.01
CA ARG L 786 -68.92 -55.11 -23.44
C ARG L 786 -67.81 -54.47 -24.25
N LEU L 787 -67.20 -53.39 -23.75
CA LEU L 787 -66.10 -52.84 -24.54
C LEU L 787 -64.89 -53.76 -24.52
N GLU L 788 -64.76 -54.59 -23.48
CA GLU L 788 -63.75 -55.64 -23.51
C GLU L 788 -64.05 -56.62 -24.65
N ALA L 789 -65.31 -57.02 -24.78
CA ALA L 789 -65.68 -57.86 -25.91
C ALA L 789 -65.37 -57.18 -27.24
N LEU L 790 -65.60 -55.87 -27.32
CA LEU L 790 -65.31 -55.14 -28.56
C LEU L 790 -63.81 -55.07 -28.83
N ASN L 791 -62.99 -54.92 -27.80
CA ASN L 791 -61.54 -54.97 -28.01
C ASN L 791 -61.13 -56.31 -28.57
N LEU L 792 -61.67 -57.39 -28.00
CA LEU L 792 -61.38 -58.71 -28.52
C LEU L 792 -61.80 -58.82 -29.99
N GLU L 793 -62.95 -58.24 -30.33
CA GLU L 793 -63.41 -58.25 -31.71
C GLU L 793 -62.46 -57.47 -32.62
N ARG L 794 -62.03 -56.30 -32.19
CA ARG L 794 -61.24 -55.41 -33.04
C ARG L 794 -59.83 -55.94 -33.26
N ASP L 795 -59.32 -56.76 -32.34
CA ASP L 795 -58.01 -57.37 -32.54
C ASP L 795 -57.96 -58.14 -33.86
N ALA L 796 -58.99 -58.94 -34.12
CA ALA L 796 -59.03 -59.74 -35.34
C ALA L 796 -59.04 -58.86 -36.58
N LEU L 797 -59.81 -57.77 -36.56
CA LEU L 797 -59.84 -56.87 -37.70
C LEU L 797 -58.47 -56.26 -37.95
N ALA L 798 -57.78 -55.86 -36.88
CA ALA L 798 -56.44 -55.30 -37.06
C ALA L 798 -55.51 -56.32 -37.72
N GLU L 799 -55.53 -57.56 -37.24
CA GLU L 799 -54.69 -58.60 -37.81
C GLU L 799 -54.99 -58.81 -39.29
N ARG L 800 -56.28 -58.97 -39.62
CA ARG L 800 -56.67 -59.25 -40.99
C ARG L 800 -56.30 -58.08 -41.91
N TYR L 801 -56.50 -56.85 -41.42
CA TYR L 801 -56.13 -55.68 -42.20
C TYR L 801 -54.63 -55.65 -42.45
N ALA L 802 -53.83 -56.01 -41.45
CA ALA L 802 -52.38 -56.08 -41.64
C ALA L 802 -52.04 -57.01 -42.80
N THR L 803 -52.61 -58.21 -42.78
CA THR L 803 -52.29 -59.15 -43.86
C THR L 803 -52.70 -58.60 -45.22
N LEU L 804 -53.90 -58.01 -45.31
CA LEU L 804 -54.36 -57.51 -46.61
C LEU L 804 -53.47 -56.38 -47.12
N SER L 805 -53.05 -55.46 -46.24
CA SER L 805 -52.17 -54.39 -46.66
C SER L 805 -50.84 -54.94 -47.15
N PHE L 806 -50.31 -55.95 -46.44
CA PHE L 806 -49.07 -56.57 -46.88
C PHE L 806 -49.22 -57.13 -48.29
N ASP L 807 -50.34 -57.80 -48.54
CA ASP L 807 -50.57 -58.39 -49.86
C ASP L 807 -50.61 -57.31 -50.94
N VAL L 808 -51.31 -56.21 -50.68
CA VAL L 808 -51.39 -55.13 -51.67
C VAL L 808 -50.00 -54.59 -51.97
N GLN L 809 -49.19 -54.37 -50.93
CA GLN L 809 -47.84 -53.87 -51.17
C GLN L 809 -47.03 -54.86 -52.01
N LYS L 810 -47.19 -56.16 -51.75
CA LYS L 810 -46.49 -57.15 -52.54
C LYS L 810 -46.86 -57.03 -54.02
N ILE L 811 -48.15 -56.90 -54.30
CA ILE L 811 -48.57 -56.79 -55.70
C ILE L 811 -47.97 -55.53 -56.34
N GLN L 812 -48.03 -54.42 -55.61
CA GLN L 812 -47.53 -53.17 -56.18
C GLN L 812 -46.05 -53.28 -56.51
N ARG L 813 -45.27 -53.86 -55.60
CA ARG L 813 -43.85 -54.01 -55.87
C ARG L 813 -43.59 -54.98 -57.02
N ALA L 814 -44.43 -56.01 -57.17
CA ALA L 814 -44.26 -56.91 -58.32
C ALA L 814 -44.44 -56.15 -59.62
N HIS L 815 -45.46 -55.29 -59.69
CA HIS L 815 -45.63 -54.47 -60.90
C HIS L 815 -44.43 -53.56 -61.11
N GLN L 816 -43.92 -52.97 -60.03
CA GLN L 816 -42.74 -52.12 -60.15
C GLN L 816 -41.57 -52.90 -60.73
N ALA L 817 -41.39 -54.14 -60.27
CA ALA L 817 -40.29 -54.96 -60.77
C ALA L 817 -40.44 -55.22 -62.26
N PHE L 818 -41.64 -55.60 -62.69
CA PHE L 818 -41.82 -55.86 -64.13
C PHE L 818 -41.61 -54.60 -64.96
N SER L 819 -42.06 -53.44 -64.46
CA SER L 819 -41.83 -52.21 -65.21
C SER L 819 -40.35 -51.89 -65.31
N GLN L 820 -39.62 -52.01 -64.21
CA GLN L 820 -38.18 -51.79 -64.21
C GLN L 820 -37.53 -52.71 -65.24
N PHE L 821 -37.93 -53.98 -65.19
CA PHE L 821 -37.43 -54.99 -66.13
C PHE L 821 -37.60 -54.52 -67.56
N VAL L 822 -38.84 -54.23 -67.96
CA VAL L 822 -39.05 -53.89 -69.37
C VAL L 822 -38.32 -52.60 -69.72
N GLY L 823 -38.17 -51.69 -68.76
CA GLY L 823 -37.41 -50.49 -69.03
C GLY L 823 -35.98 -50.79 -69.40
N LYS L 824 -35.39 -51.81 -68.77
CA LYS L 824 -33.97 -52.10 -68.93
C LYS L 824 -33.66 -53.34 -69.77
N HIS L 825 -34.66 -54.03 -70.31
CA HIS L 825 -34.47 -55.43 -70.71
C HIS L 825 -34.91 -55.80 -72.12
N LEU L 826 -36.00 -55.22 -72.64
CA LEU L 826 -36.59 -55.76 -73.87
C LEU L 826 -35.66 -55.77 -75.08
N SER L 827 -34.60 -54.97 -75.07
CA SER L 827 -33.80 -54.87 -76.28
C SER L 827 -33.30 -56.23 -76.75
N VAL L 828 -33.19 -57.20 -75.84
CA VAL L 828 -32.63 -58.50 -76.17
C VAL L 828 -33.47 -59.64 -75.60
N ALA L 829 -34.64 -59.32 -75.07
CA ALA L 829 -35.46 -60.34 -74.41
C ALA L 829 -35.85 -61.46 -75.37
N PHE L 830 -35.88 -62.68 -74.86
CA PHE L 830 -36.41 -63.86 -75.56
C PHE L 830 -35.69 -64.17 -76.86
N ASP L 831 -34.47 -63.67 -77.05
CA ASP L 831 -33.75 -63.98 -78.27
C ASP L 831 -33.07 -65.34 -78.16
N THR L 832 -32.57 -65.83 -79.29
CA THR L 832 -31.96 -67.15 -79.36
C THR L 832 -30.62 -67.19 -78.63
N ASP L 833 -30.30 -68.35 -78.07
CA ASP L 833 -29.14 -68.50 -77.18
C ASP L 833 -27.83 -68.43 -77.97
N PRO L 834 -26.90 -67.53 -77.60
CA PRO L 834 -25.65 -67.45 -78.37
C PRO L 834 -24.65 -68.56 -78.06
N GLU L 835 -24.66 -69.12 -76.85
CA GLU L 835 -23.74 -70.22 -76.56
C GLU L 835 -23.86 -71.32 -77.61
N ALA L 836 -25.09 -71.71 -77.92
CA ALA L 836 -25.32 -72.76 -78.91
C ALA L 836 -24.67 -72.41 -80.25
N GLU L 837 -24.95 -71.22 -80.75
CA GLU L 837 -24.53 -70.87 -82.09
C GLU L 837 -23.02 -70.70 -82.18
N ILE L 838 -22.43 -70.13 -81.13
CA ILE L 838 -20.97 -70.04 -81.07
C ILE L 838 -20.36 -71.44 -81.06
N ARG L 839 -20.96 -72.37 -80.32
CA ARG L 839 -20.42 -73.72 -80.31
C ARG L 839 -20.48 -74.30 -81.71
N GLU L 840 -21.60 -74.08 -82.41
CA GLU L 840 -21.76 -74.60 -83.76
C GLU L 840 -20.70 -74.04 -84.70
N LEU L 841 -20.50 -72.72 -84.66
CA LEU L 841 -19.52 -72.12 -85.57
C LEU L 841 -18.11 -72.58 -85.25
N ARG L 842 -17.81 -72.87 -83.99
CA ARG L 842 -16.50 -73.44 -83.69
C ARG L 842 -16.37 -74.87 -84.20
N GLN L 843 -17.46 -75.64 -84.20
CA GLN L 843 -17.44 -76.93 -84.89
C GLN L 843 -17.13 -76.75 -86.37
N ARG L 844 -17.78 -75.76 -87.00
CA ARG L 844 -17.52 -75.48 -88.41
C ARG L 844 -16.06 -75.11 -88.64
N HIS L 845 -15.50 -74.27 -87.76
CA HIS L 845 -14.08 -73.93 -87.89
C HIS L 845 -13.20 -75.16 -87.80
N THR L 846 -13.50 -76.08 -86.89
CA THR L 846 -12.69 -77.28 -86.76
C THR L 846 -12.71 -78.09 -88.04
N GLU L 847 -13.89 -78.36 -88.54
CA GLU L 847 -13.99 -79.16 -89.77
C GLU L 847 -13.38 -78.41 -90.96
N LEU L 848 -13.53 -77.10 -91.01
CA LEU L 848 -12.96 -76.28 -92.08
C LEU L 848 -11.44 -76.35 -91.99
N GLU L 849 -10.82 -76.31 -90.81
CA GLU L 849 -9.37 -76.44 -90.64
C GLU L 849 -8.90 -77.80 -91.16
N ARG L 850 -9.66 -78.87 -90.88
CA ARG L 850 -9.35 -80.21 -91.39
C ARG L 850 -9.40 -80.19 -92.91
N GLU L 851 -10.40 -79.51 -93.47
CA GLU L 851 -10.55 -79.40 -94.92
C GLU L 851 -9.46 -78.53 -95.56
N VAL L 852 -9.04 -77.44 -94.92
CA VAL L 852 -7.94 -76.59 -95.38
C VAL L 852 -6.69 -77.45 -95.48
N SER L 853 -6.45 -78.26 -94.44
CA SER L 853 -5.31 -79.16 -94.39
C SER L 853 -5.36 -80.14 -95.57
N ARG L 854 -6.52 -80.76 -95.84
CA ARG L 854 -6.69 -81.69 -96.96
C ARG L 854 -6.42 -80.99 -98.29
N PHE L 855 -6.95 -79.78 -98.51
CA PHE L 855 -6.69 -79.05 -99.75
C PHE L 855 -5.20 -78.71 -99.88
N GLU L 856 -4.54 -78.28 -98.80
CA GLU L 856 -3.11 -77.97 -98.83
C GLU L 856 -2.31 -79.23 -99.17
N ASP L 857 -2.59 -80.35 -98.49
CA ASP L 857 -1.92 -81.60 -98.76
C ASP L 857 -2.11 -82.03 -100.22
N GLN L 858 -3.35 -82.02 -100.71
CA GLN L 858 -3.68 -82.40 -102.08
C GLN L 858 -3.01 -81.49 -103.11
N THR L 859 -3.13 -80.16 -102.95
CA THR L 859 -2.55 -79.20 -103.89
C THR L 859 -1.03 -79.31 -103.94
N GLN L 860 -0.38 -79.53 -102.80
CA GLN L 860 1.07 -79.76 -102.74
C GLN L 860 1.42 -81.04 -103.50
N GLN L 861 0.88 -82.18 -103.05
CA GLN L 861 1.13 -83.50 -103.65
C GLN L 861 0.95 -83.50 -105.16
N GLN L 862 -0.19 -83.02 -105.67
CA GLN L 862 -0.42 -82.98 -107.11
C GLN L 862 0.57 -82.04 -107.82
N ARG L 863 0.91 -80.85 -107.26
CA ARG L 863 1.85 -79.94 -107.94
C ARG L 863 3.22 -80.59 -108.01
N GLN L 864 3.70 -81.23 -106.94
CA GLN L 864 4.97 -81.93 -106.95
C GLN L 864 4.96 -83.11 -107.95
N GLN L 865 4.02 -84.05 -107.78
CA GLN L 865 3.89 -85.23 -108.65
C GLN L 865 3.83 -84.84 -110.14
N TYR L 866 2.96 -83.90 -110.51
CA TYR L 866 2.85 -83.47 -111.89
C TYR L 866 4.07 -82.62 -112.32
N ALA L 867 4.77 -81.92 -111.40
CA ALA L 867 5.98 -81.20 -111.78
C ALA L 867 7.07 -82.23 -112.11
N GLN L 868 7.23 -83.30 -111.32
CA GLN L 868 8.18 -84.36 -111.68
C GLN L 868 7.76 -85.02 -113.01
N ALA L 869 6.46 -85.18 -113.25
CA ALA L 869 5.99 -85.70 -114.52
C ALA L 869 6.40 -84.74 -115.65
N LYS L 870 6.26 -83.42 -115.45
CA LYS L 870 6.67 -82.37 -116.41
C LYS L 870 8.16 -82.46 -116.69
N GLU L 871 8.98 -82.63 -115.66
CA GLU L 871 10.43 -82.79 -115.77
C GLU L 871 10.76 -84.05 -116.58
N SER L 872 10.03 -85.15 -116.38
CA SER L 872 10.23 -86.39 -117.14
C SER L 872 9.79 -86.23 -118.62
N LEU L 873 8.65 -85.57 -118.86
CA LEU L 873 8.12 -85.31 -120.20
C LEU L 873 9.07 -84.40 -120.98
N THR L 874 9.59 -83.37 -120.33
CA THR L 874 10.55 -82.45 -120.94
C THR L 874 11.86 -83.18 -121.28
N THR L 875 12.36 -84.09 -120.44
CA THR L 875 13.55 -84.88 -120.83
C THR L 875 13.24 -85.75 -122.05
N LEU L 876 12.06 -86.40 -122.13
CA LEU L 876 11.69 -87.21 -123.28
C LEU L 876 11.57 -86.36 -124.54
N ASN L 877 10.82 -85.26 -124.49
CA ASN L 877 10.61 -84.39 -125.64
C ASN L 877 11.87 -83.57 -126.03
N ARG L 878 12.94 -83.60 -125.22
CA ARG L 878 14.23 -82.97 -125.50
C ARG L 878 15.18 -83.97 -126.15
N LEU L 879 15.44 -85.06 -125.43
CA LEU L 879 16.40 -86.10 -125.79
C LEU L 879 15.92 -87.11 -126.85
N ILE L 880 14.66 -87.55 -126.78
CA ILE L 880 14.09 -88.54 -127.72
C ILE L 880 12.68 -88.23 -128.28
N PRO L 881 12.42 -87.01 -128.78
CA PRO L 881 11.18 -86.64 -129.46
C PRO L 881 11.20 -87.29 -130.85
N GLN L 882 10.73 -88.54 -130.95
CA GLN L 882 10.73 -89.37 -132.16
C GLN L 882 12.14 -89.74 -132.66
N VAL L 883 13.20 -89.46 -131.89
CA VAL L 883 14.57 -89.83 -132.27
C VAL L 883 14.69 -91.37 -132.33
N THR L 884 13.83 -92.04 -131.56
CA THR L 884 13.70 -93.50 -131.53
C THR L 884 13.25 -94.02 -132.90
N LEU L 885 12.47 -93.24 -133.68
CA LEU L 885 12.03 -93.58 -135.03
C LEU L 885 13.17 -93.39 -136.04
N LEU L 886 14.07 -92.42 -135.79
CA LEU L 886 15.27 -92.19 -136.62
C LEU L 886 16.19 -93.44 -136.48
N LEU L 887 16.31 -93.95 -135.25
CA LEU L 887 17.02 -95.19 -134.88
C LEU L 887 16.31 -96.43 -135.47
N ASP L 888 14.98 -96.46 -135.34
CA ASP L 888 14.05 -97.50 -135.82
C ASP L 888 14.38 -98.93 -135.33
N GLU L 889 15.25 -99.07 -134.33
CA GLU L 889 15.77 -100.36 -133.83
C GLU L 889 16.33 -101.18 -135.02
N THR L 890 16.98 -100.47 -135.95
CA THR L 890 17.48 -101.02 -137.21
C THR L 890 18.59 -102.07 -137.08
N LEU L 891 19.57 -101.88 -136.19
CA LEU L 891 20.72 -102.79 -136.00
C LEU L 891 21.41 -103.08 -137.35
N ILE L 892 21.95 -102.01 -137.96
CA ILE L 892 22.60 -102.05 -139.29
C ILE L 892 23.71 -103.11 -139.42
N ASP L 893 24.64 -103.21 -138.46
CA ASP L 893 25.75 -104.17 -138.44
C ASP L 893 26.55 -104.28 -139.77
N ARG L 894 26.63 -103.18 -140.52
CA ARG L 894 27.33 -103.09 -141.83
C ARG L 894 28.69 -102.39 -141.77
N VAL L 895 29.07 -101.67 -140.71
CA VAL L 895 30.39 -101.00 -140.65
C VAL L 895 31.53 -102.04 -140.78
N GLU L 896 31.31 -103.26 -140.27
CA GLU L 896 32.23 -104.38 -140.37
C GLU L 896 32.39 -104.80 -141.83
N GLU L 897 31.28 -104.86 -142.58
CA GLU L 897 31.31 -105.16 -144.02
C GLU L 897 32.02 -104.04 -144.78
N VAL L 898 31.72 -102.78 -144.46
CA VAL L 898 32.36 -101.62 -145.09
C VAL L 898 33.87 -101.63 -144.80
N ARG L 899 34.31 -102.04 -143.61
CA ARG L 899 35.74 -102.16 -143.26
C ARG L 899 36.38 -103.31 -144.04
N GLU L 900 35.66 -104.42 -144.25
CA GLU L 900 36.15 -105.52 -145.09
C GLU L 900 36.29 -105.01 -146.54
N GLU L 901 35.33 -104.22 -147.03
CA GLU L 901 35.37 -103.59 -148.35
C GLU L 901 36.57 -102.61 -148.46
N MET L 902 36.84 -101.80 -147.41
CA MET L 902 38.02 -100.92 -147.35
C MET L 902 39.29 -101.75 -147.57
N ASP L 903 39.49 -102.78 -146.76
CA ASP L 903 40.67 -103.65 -146.81
C ASP L 903 40.81 -104.39 -148.15
N GLU L 904 39.74 -105.00 -148.65
CA GLU L 904 39.72 -105.73 -149.92
C GLU L 904 40.07 -104.80 -151.10
N ALA L 905 39.45 -103.62 -151.17
CA ALA L 905 39.74 -102.65 -152.23
C ALA L 905 41.17 -102.10 -152.11
N GLN L 906 41.65 -101.78 -150.90
CA GLN L 906 43.01 -101.28 -150.69
C GLN L 906 44.05 -102.35 -151.08
N GLU L 907 43.86 -103.62 -150.70
CA GLU L 907 44.76 -104.70 -151.08
C GLU L 907 44.78 -104.90 -152.60
N ALA L 908 43.62 -104.84 -153.28
CA ALA L 908 43.57 -104.94 -154.74
C ALA L 908 44.32 -103.77 -155.40
N ALA L 909 44.18 -102.54 -154.88
CA ALA L 909 44.88 -101.38 -155.38
C ALA L 909 46.40 -101.56 -155.20
N ARG L 910 46.83 -102.06 -154.03
CA ARG L 910 48.25 -102.33 -153.72
C ARG L 910 48.78 -103.41 -154.67
N PHE L 911 48.00 -104.47 -154.95
CA PHE L 911 48.36 -105.52 -155.90
C PHE L 911 48.51 -104.94 -157.32
N LEU L 912 47.59 -104.05 -157.73
CA LEU L 912 47.63 -103.37 -159.02
C LEU L 912 48.94 -102.57 -159.15
N GLN L 913 49.33 -101.80 -158.11
CA GLN L 913 50.60 -101.06 -158.14
C GLN L 913 51.81 -102.01 -158.13
N GLN L 914 51.75 -103.09 -157.35
CA GLN L 914 52.81 -104.10 -157.23
C GLN L 914 53.10 -104.85 -158.54
N HIS L 915 52.06 -105.29 -159.27
CA HIS L 915 52.22 -106.08 -160.50
C HIS L 915 51.80 -105.38 -161.80
N GLY L 916 51.55 -104.07 -161.80
CA GLY L 916 51.16 -103.32 -163.00
C GLY L 916 52.19 -103.43 -164.12
N SER L 917 53.48 -103.28 -163.81
CA SER L 917 54.56 -103.41 -164.80
C SER L 917 54.67 -104.84 -165.34
N ALA L 918 54.57 -105.86 -164.47
CA ALA L 918 54.64 -107.27 -164.87
C ALA L 918 53.47 -107.62 -165.80
N LEU L 919 52.24 -107.21 -165.46
CA LEU L 919 51.05 -107.45 -166.28
C LEU L 919 51.20 -106.73 -167.63
N THR L 920 51.67 -105.48 -167.63
CA THR L 920 51.91 -104.68 -168.85
C THR L 920 52.91 -105.37 -169.78
N LYS L 921 54.01 -105.89 -169.25
CA LYS L 921 55.03 -106.59 -170.04
C LYS L 921 54.53 -107.94 -170.55
N LEU L 922 53.67 -108.64 -169.81
CA LEU L 922 53.12 -109.94 -170.19
C LEU L 922 51.99 -109.86 -171.24
N GLU L 923 51.09 -108.88 -171.14
CA GLU L 923 49.93 -108.69 -172.02
C GLU L 923 50.15 -108.76 -173.55
N PRO L 924 51.16 -108.11 -174.15
CA PRO L 924 51.38 -108.15 -175.60
C PRO L 924 52.06 -109.43 -176.10
N MET L 925 52.91 -110.06 -175.28
CA MET L 925 53.72 -111.23 -175.66
C MET L 925 53.30 -112.57 -175.04
N VAL L 926 52.03 -112.76 -174.64
CA VAL L 926 51.55 -114.03 -174.05
C VAL L 926 51.66 -115.24 -174.98
N ALA L 927 51.53 -115.02 -176.29
CA ALA L 927 51.53 -116.05 -177.32
C ALA L 927 52.81 -116.94 -177.35
N VAL L 928 53.93 -116.49 -176.78
CA VAL L 928 55.16 -117.30 -176.72
C VAL L 928 55.02 -118.54 -175.83
N LEU L 929 54.13 -118.53 -174.82
CA LEU L 929 53.93 -119.62 -173.84
C LEU L 929 53.47 -120.98 -174.43
N GLN L 930 53.14 -121.03 -175.72
CA GLN L 930 52.76 -122.25 -176.44
C GLN L 930 53.93 -122.75 -177.32
N SER L 931 55.17 -122.55 -176.88
CA SER L 931 56.41 -122.90 -177.60
C SER L 931 57.32 -123.88 -176.82
N ASP L 932 58.14 -124.64 -177.54
CA ASP L 932 59.09 -125.60 -176.98
C ASP L 932 60.55 -125.11 -177.19
N PRO L 933 61.34 -124.86 -176.13
CA PRO L 933 62.72 -124.41 -176.24
C PRO L 933 63.78 -125.54 -176.22
N GLN L 934 63.45 -126.81 -175.99
CA GLN L 934 64.48 -127.87 -175.94
C GLN L 934 65.31 -127.97 -177.23
N GLN L 935 64.72 -127.60 -178.37
CA GLN L 935 65.38 -127.54 -179.67
C GLN L 935 66.57 -126.54 -179.69
N HIS L 936 66.51 -125.43 -178.93
CA HIS L 936 67.62 -124.46 -178.81
C HIS L 936 68.85 -125.13 -178.18
N GLU L 937 68.67 -125.86 -177.08
CA GLU L 937 69.76 -126.53 -176.38
C GLU L 937 70.45 -127.58 -177.26
N GLN L 938 69.67 -128.43 -177.95
CA GLN L 938 70.25 -129.44 -178.84
C GLN L 938 71.00 -128.78 -180.01
N LEU L 939 70.41 -127.74 -180.62
CA LEU L 939 71.03 -127.00 -181.71
C LEU L 939 72.31 -126.28 -181.26
N GLN L 940 72.37 -125.85 -180.00
CA GLN L 940 73.57 -125.21 -179.43
C GLN L 940 74.72 -126.24 -179.37
N GLN L 941 74.41 -127.50 -179.03
CA GLN L 941 75.40 -128.60 -179.02
C GLN L 941 75.90 -128.89 -180.45
N ASP L 942 74.99 -128.91 -181.44
CA ASP L 942 75.36 -129.11 -182.86
C ASP L 942 76.23 -127.95 -183.37
N TYR L 943 75.87 -126.71 -183.06
CA TYR L 943 76.64 -125.52 -183.45
C TYR L 943 78.01 -125.51 -182.75
N GLU L 944 78.09 -125.92 -181.48
CA GLU L 944 79.36 -126.03 -180.75
C GLU L 944 80.25 -127.07 -181.46
N THR L 945 79.68 -128.21 -181.83
CA THR L 945 80.40 -129.26 -182.57
C THR L 945 80.86 -128.72 -183.93
N ALA L 946 80.04 -127.92 -184.60
CA ALA L 946 80.39 -127.28 -185.86
C ALA L 946 81.54 -126.27 -185.66
N LYS L 947 81.53 -125.51 -184.55
CA LYS L 947 82.60 -124.54 -184.22
C LYS L 947 83.91 -125.28 -183.94
N HIS L 948 83.88 -126.40 -183.22
CA HIS L 948 85.08 -127.22 -182.99
C HIS L 948 85.61 -127.75 -184.33
N SER L 949 84.71 -128.29 -185.16
CA SER L 949 85.05 -128.82 -186.49
C SER L 949 85.68 -127.72 -187.37
N GLN L 950 85.12 -126.50 -187.35
CA GLN L 950 85.65 -125.35 -188.10
C GLN L 950 87.04 -124.99 -187.57
N HIS L 951 87.26 -124.98 -186.26
CA HIS L 951 88.56 -124.68 -185.66
C HIS L 951 89.60 -125.72 -186.11
N GLN L 952 89.29 -127.01 -186.06
CA GLN L 952 90.20 -128.07 -186.54
C GLN L 952 90.46 -127.91 -188.05
N ALA L 953 89.44 -127.63 -188.87
CA ALA L 953 89.60 -127.44 -190.30
C ALA L 953 90.52 -126.24 -190.59
N LYS L 954 90.37 -125.14 -189.86
CA LYS L 954 91.19 -123.92 -190.00
C LYS L 954 92.64 -124.21 -189.61
N GLN L 955 92.85 -124.93 -188.50
CA GLN L 955 94.18 -125.32 -188.02
C GLN L 955 94.88 -126.24 -189.04
N GLN L 956 94.14 -127.20 -189.61
CA GLN L 956 94.63 -128.11 -190.64
C GLN L 956 94.99 -127.35 -191.92
N ALA L 957 94.11 -126.44 -192.39
CA ALA L 957 94.39 -125.63 -193.58
C ALA L 957 95.65 -124.78 -193.35
N PHE L 958 95.79 -124.18 -192.16
CA PHE L 958 96.97 -123.38 -191.82
C PHE L 958 98.26 -124.23 -191.81
N ALA L 959 98.21 -125.46 -191.30
CA ALA L 959 99.36 -126.37 -191.30
C ALA L 959 99.79 -126.67 -192.75
N LEU L 960 98.83 -126.84 -193.66
CA LEU L 960 99.09 -127.05 -195.08
C LEU L 960 99.67 -125.78 -195.74
N VAL L 961 99.19 -124.58 -195.37
CA VAL L 961 99.76 -123.31 -195.88
C VAL L 961 101.22 -123.20 -195.43
N GLU L 962 101.54 -123.55 -194.18
CA GLU L 962 102.93 -123.51 -193.70
C GLU L 962 103.83 -124.40 -194.54
N ILE L 963 103.39 -125.61 -194.93
CA ILE L 963 104.17 -126.52 -195.77
C ILE L 963 104.48 -125.85 -197.12
N VAL L 964 103.46 -125.22 -197.74
CA VAL L 964 103.62 -124.53 -199.03
C VAL L 964 104.63 -123.39 -198.92
N GLN L 965 104.57 -122.56 -197.86
CA GLN L 965 105.52 -121.48 -197.66
C GLN L 965 106.95 -122.01 -197.42
N ARG L 966 107.07 -123.15 -196.73
CA ARG L 966 108.34 -123.80 -196.39
C ARG L 966 108.96 -124.67 -197.48
N ARG L 967 108.36 -124.78 -198.68
CA ARG L 967 108.93 -125.57 -199.81
C ARG L 967 110.32 -125.07 -200.21
N VAL L 968 110.54 -123.75 -200.19
CA VAL L 968 111.85 -123.15 -200.50
C VAL L 968 112.89 -123.56 -199.44
N HIS L 969 112.52 -123.59 -198.16
CA HIS L 969 113.41 -124.00 -197.06
C HIS L 969 113.81 -125.48 -197.21
N PHE L 970 112.88 -126.34 -197.64
CA PHE L 970 113.14 -127.76 -197.91
C PHE L 970 114.16 -127.95 -199.06
N SER L 971 114.25 -127.02 -200.02
CA SER L 971 115.16 -127.10 -201.18
C SER L 971 116.64 -127.29 -200.80
N TYR L 972 117.11 -126.62 -199.73
CA TYR L 972 118.50 -126.70 -199.25
C TYR L 972 118.66 -127.63 -198.04
N SER L 973 117.80 -128.66 -197.95
CA SER L 973 117.83 -129.69 -196.90
C SER L 973 119.13 -130.52 -196.88
N ASP L 974 119.95 -130.44 -197.92
CA ASP L 974 121.27 -131.09 -198.00
C ASP L 974 122.33 -130.39 -197.12
N SER L 975 122.09 -129.13 -196.72
CA SER L 975 123.00 -128.33 -195.87
C SER L 975 123.10 -128.86 -194.43
N ALA L 976 124.20 -128.54 -193.74
CA ALA L 976 124.47 -128.92 -192.35
C ALA L 976 125.44 -127.93 -191.66
N GLY L 977 125.42 -127.90 -190.33
CA GLY L 977 126.26 -127.01 -189.51
C GLY L 977 126.44 -127.51 -188.07
N MET L 978 127.28 -126.83 -187.29
CA MET L 978 127.56 -127.18 -185.89
C MET L 978 126.32 -127.00 -185.00
N LEU L 979 126.18 -127.84 -183.96
CA LEU L 979 125.07 -127.81 -183.01
C LEU L 979 125.46 -128.46 -181.67
N SER L 980 124.75 -128.12 -180.58
CA SER L 980 124.91 -128.66 -179.23
C SER L 980 126.31 -128.51 -178.58
N GLU L 981 126.92 -127.32 -178.71
CA GLU L 981 128.24 -127.03 -178.13
C GLU L 981 128.16 -126.75 -176.62
N ASN L 982 127.27 -125.84 -176.20
CA ASN L 982 127.03 -125.46 -174.79
C ASN L 982 125.64 -125.93 -174.30
N ALA L 983 125.12 -127.02 -174.84
CA ALA L 983 123.79 -127.54 -174.52
C ALA L 983 123.55 -127.95 -173.05
N ASP L 984 124.56 -128.45 -172.33
CA ASP L 984 124.41 -128.91 -170.94
C ASP L 984 123.90 -127.80 -170.01
N LEU L 985 124.61 -126.68 -169.88
CA LEU L 985 124.16 -125.57 -169.00
C LEU L 985 122.87 -124.95 -169.52
N ASN L 986 122.71 -124.79 -170.85
CA ASN L 986 121.49 -124.25 -171.43
C ASN L 986 120.27 -125.12 -171.05
N ASP L 987 120.37 -126.46 -171.11
CA ASP L 987 119.30 -127.37 -170.72
C ASP L 987 119.03 -127.34 -169.20
N LYS L 988 120.07 -127.34 -168.36
CA LYS L 988 119.90 -127.26 -166.89
C LYS L 988 119.25 -125.93 -166.48
N LEU L 989 119.67 -124.83 -167.10
CA LEU L 989 119.11 -123.50 -166.86
C LEU L 989 117.66 -123.46 -167.35
N ARG L 990 117.35 -124.09 -168.49
CA ARG L 990 115.97 -124.19 -169.00
C ARG L 990 115.10 -124.99 -168.03
N GLN L 991 115.63 -126.06 -167.42
CA GLN L 991 114.90 -126.83 -166.41
C GLN L 991 114.66 -125.97 -165.16
N ARG L 992 115.66 -125.20 -164.68
CA ARG L 992 115.46 -124.30 -163.52
C ARG L 992 114.41 -123.24 -163.87
N LEU L 993 114.40 -122.75 -165.11
CA LEU L 993 113.41 -121.80 -165.58
C LEU L 993 112.01 -122.44 -165.60
N GLU L 994 111.87 -123.69 -166.02
CA GLU L 994 110.57 -124.38 -166.00
C GLU L 994 110.10 -124.53 -164.53
N HIS L 995 111.03 -124.85 -163.62
CA HIS L 995 110.72 -124.90 -162.18
C HIS L 995 110.24 -123.51 -161.73
N ALA L 996 110.92 -122.43 -162.14
CA ALA L 996 110.51 -121.08 -161.79
C ALA L 996 109.13 -120.73 -162.39
N GLU L 997 108.85 -121.08 -163.64
CA GLU L 997 107.55 -120.82 -164.28
C GLU L 997 106.41 -121.64 -163.64
N SER L 998 106.66 -122.90 -163.29
CA SER L 998 105.69 -123.74 -162.61
C SER L 998 105.47 -123.17 -161.20
N ASP L 999 106.53 -122.80 -160.47
CA ASP L 999 106.41 -122.16 -159.15
C ASP L 999 105.68 -120.82 -159.26
N ARG L 1000 105.91 -120.04 -160.33
CA ARG L 1000 105.21 -118.78 -160.59
C ARG L 1000 103.73 -119.07 -160.79
N SER L 1001 103.40 -120.14 -161.49
CA SER L 1001 102.01 -120.56 -161.72
C SER L 1001 101.33 -120.91 -160.38
N ARG L 1002 102.04 -121.65 -159.51
CA ARG L 1002 101.54 -121.97 -158.15
C ARG L 1002 101.36 -120.69 -157.35
N ALA L 1003 102.36 -119.79 -157.39
CA ALA L 1003 102.34 -118.52 -156.70
C ALA L 1003 101.12 -117.68 -157.11
N ARG L 1004 100.84 -117.60 -158.41
CA ARG L 1004 99.66 -116.91 -158.95
C ARG L 1004 98.37 -117.55 -158.48
N GLU L 1005 98.28 -118.88 -158.48
CA GLU L 1005 97.06 -119.55 -158.02
C GLU L 1005 96.81 -119.22 -156.55
N GLN L 1006 97.84 -119.35 -155.70
CA GLN L 1006 97.73 -119.00 -154.28
C GLN L 1006 97.41 -117.51 -154.08
N LEU L 1007 97.92 -116.63 -154.95
CA LEU L 1007 97.63 -115.20 -154.90
C LEU L 1007 96.16 -114.93 -155.22
N ARG L 1008 95.62 -115.47 -156.32
CA ARG L 1008 94.23 -115.27 -156.74
C ARG L 1008 93.24 -115.79 -155.72
N GLN L 1009 93.43 -117.01 -155.20
CA GLN L 1009 92.54 -117.56 -154.18
C GLN L 1009 92.60 -116.70 -152.91
N GLN L 1010 93.77 -116.20 -152.50
CA GLN L 1010 93.88 -115.33 -151.33
C GLN L 1010 93.15 -114.00 -151.56
N GLN L 1011 93.29 -113.37 -152.74
CA GLN L 1011 92.55 -112.15 -153.07
C GLN L 1011 91.04 -112.41 -152.97
N ALA L 1012 90.59 -113.59 -153.43
CA ALA L 1012 89.20 -113.97 -153.35
C ALA L 1012 88.75 -114.08 -151.88
N GLN L 1013 89.38 -114.93 -151.04
CA GLN L 1013 88.94 -115.02 -149.63
C GLN L 1013 89.05 -113.67 -148.91
N TYR L 1014 90.12 -112.91 -149.14
CA TYR L 1014 90.27 -111.59 -148.53
C TYR L 1014 89.11 -110.68 -148.95
N SER L 1015 88.70 -110.71 -150.22
CA SER L 1015 87.57 -109.92 -150.69
C SER L 1015 86.29 -110.34 -149.96
N GLN L 1016 85.99 -111.65 -149.84
CA GLN L 1016 84.80 -112.06 -149.10
C GLN L 1016 84.89 -111.66 -147.61
N PHE L 1017 86.06 -111.76 -146.98
CA PHE L 1017 86.25 -111.35 -145.59
C PHE L 1017 86.00 -109.84 -145.43
N ASN L 1018 86.54 -109.02 -146.34
CA ASN L 1018 86.33 -107.57 -146.34
C ASN L 1018 84.84 -107.25 -146.56
N GLN L 1019 84.16 -108.00 -147.43
CA GLN L 1019 82.74 -107.87 -147.72
C GLN L 1019 81.88 -108.19 -146.51
N VAL L 1020 82.11 -109.31 -145.80
CA VAL L 1020 81.33 -109.59 -144.58
C VAL L 1020 81.67 -108.56 -143.50
N LEU L 1021 82.93 -108.10 -143.39
CA LEU L 1021 83.31 -107.07 -142.43
C LEU L 1021 82.56 -105.76 -142.73
N ALA L 1022 82.48 -105.32 -143.99
CA ALA L 1022 81.75 -104.12 -144.37
C ALA L 1022 80.25 -104.28 -144.07
N SER L 1023 79.70 -105.49 -144.26
CA SER L 1023 78.30 -105.77 -143.93
C SER L 1023 78.09 -105.62 -142.41
N LEU L 1024 79.03 -106.13 -141.59
CA LEU L 1024 78.99 -106.03 -140.14
C LEU L 1024 79.12 -104.56 -139.72
N LYS L 1025 80.06 -103.79 -140.30
CA LYS L 1025 80.26 -102.37 -139.98
C LYS L 1025 78.95 -101.60 -140.17
N SER L 1026 78.33 -101.70 -141.33
CA SER L 1026 77.07 -101.02 -141.60
C SER L 1026 75.96 -101.48 -140.66
N SER L 1027 75.86 -102.77 -140.35
CA SER L 1027 74.83 -103.27 -139.42
C SER L 1027 75.04 -102.67 -138.04
N TYR L 1028 76.29 -102.64 -137.56
CA TYR L 1028 76.65 -102.06 -136.28
C TYR L 1028 76.36 -100.56 -136.25
N GLU L 1029 76.81 -99.81 -137.25
CA GLU L 1029 76.58 -98.36 -137.33
C GLU L 1029 75.08 -98.03 -137.35
N THR L 1030 74.30 -98.70 -138.21
CA THR L 1030 72.85 -98.48 -138.27
C THR L 1030 72.16 -98.87 -136.97
N LYS L 1031 72.53 -100.00 -136.33
CA LYS L 1031 71.97 -100.40 -135.02
C LYS L 1031 72.34 -99.36 -133.96
N GLN L 1032 73.52 -98.76 -134.03
CA GLN L 1032 73.98 -97.71 -133.11
C GLN L 1032 73.18 -96.42 -133.34
N ASP L 1033 72.98 -96.04 -134.62
CA ASP L 1033 72.17 -94.88 -135.00
C ASP L 1033 70.72 -95.05 -134.53
N MET L 1034 70.20 -96.29 -134.61
CA MET L 1034 68.84 -96.61 -134.16
C MET L 1034 68.76 -96.62 -132.63
N LEU L 1035 69.80 -97.06 -131.91
CA LEU L 1035 69.80 -97.02 -130.45
C LEU L 1035 69.78 -95.55 -130.00
N LYS L 1036 70.63 -94.67 -130.56
CA LYS L 1036 70.62 -93.25 -130.18
C LYS L 1036 69.29 -92.58 -130.60
N GLU L 1037 68.71 -92.97 -131.73
CA GLU L 1037 67.40 -92.46 -132.17
C GLU L 1037 66.31 -92.89 -131.18
N LEU L 1038 66.35 -94.14 -130.69
CA LEU L 1038 65.41 -94.64 -129.70
C LEU L 1038 65.62 -93.93 -128.35
N LEU L 1039 66.86 -93.64 -127.98
CA LEU L 1039 67.15 -92.88 -126.77
C LEU L 1039 66.64 -91.44 -126.92
N GLN L 1040 66.73 -90.86 -128.13
CA GLN L 1040 66.21 -89.53 -128.42
C GLN L 1040 64.68 -89.59 -128.29
N GLU L 1041 64.03 -90.63 -128.82
CA GLU L 1041 62.58 -90.86 -128.68
C GLU L 1041 62.21 -90.94 -127.19
N MET L 1042 63.00 -91.66 -126.37
CA MET L 1042 62.80 -91.76 -124.91
C MET L 1042 62.88 -90.36 -124.25
N LYS L 1043 63.72 -89.47 -124.76
CA LYS L 1043 63.84 -88.08 -124.25
C LYS L 1043 62.75 -87.17 -124.83
N ASP L 1044 62.18 -87.49 -125.99
CA ASP L 1044 61.08 -86.74 -126.59
C ASP L 1044 59.78 -87.03 -125.82
N ILE L 1045 59.53 -88.29 -125.43
CA ILE L 1045 58.40 -88.64 -124.57
C ILE L 1045 58.61 -88.06 -123.15
N GLY L 1046 59.86 -87.71 -122.82
CA GLY L 1046 60.29 -87.07 -121.58
C GLY L 1046 60.20 -87.89 -120.30
N VAL L 1047 60.57 -89.17 -120.34
CA VAL L 1047 60.54 -90.05 -119.15
C VAL L 1047 61.85 -90.82 -118.97
N GLN L 1048 62.38 -90.85 -117.74
CA GLN L 1048 63.63 -91.56 -117.39
C GLN L 1048 63.58 -93.08 -117.65
N ALA L 1049 62.43 -93.71 -117.43
CA ALA L 1049 62.14 -95.14 -117.64
C ALA L 1049 63.10 -96.17 -117.02
N ASP L 1050 63.73 -95.91 -115.88
CA ASP L 1050 64.60 -96.89 -115.21
C ASP L 1050 63.76 -97.84 -114.32
N ALA L 1051 64.00 -99.15 -114.41
CA ALA L 1051 63.24 -100.16 -113.67
C ALA L 1051 63.28 -99.99 -112.13
N ASN L 1052 64.44 -99.70 -111.54
CA ASN L 1052 64.53 -99.49 -110.09
C ASN L 1052 63.73 -98.24 -109.67
N ALA L 1053 63.81 -97.15 -110.43
CA ALA L 1053 63.06 -95.93 -110.15
C ALA L 1053 61.55 -96.16 -110.31
N GLU L 1054 61.12 -96.99 -111.27
CA GLU L 1054 59.72 -97.36 -111.49
C GLU L 1054 59.10 -97.97 -110.22
N MET L 1055 59.79 -98.95 -109.60
CA MET L 1055 59.34 -99.58 -108.36
C MET L 1055 59.25 -98.58 -107.19
N ARG L 1056 60.29 -97.76 -106.98
CA ARG L 1056 60.31 -96.76 -105.90
C ARG L 1056 59.22 -95.71 -106.08
N ALA L 1057 59.01 -95.22 -107.31
CA ALA L 1057 57.96 -94.25 -107.61
C ALA L 1057 56.57 -94.84 -107.33
N ARG L 1058 56.24 -96.03 -107.86
CA ARG L 1058 54.92 -96.66 -107.62
C ARG L 1058 54.64 -96.87 -106.14
N GLU L 1059 55.64 -97.32 -105.39
CA GLU L 1059 55.51 -97.52 -103.94
C GLU L 1059 55.16 -96.18 -103.24
N ARG L 1060 55.93 -95.11 -103.51
CA ARG L 1060 55.66 -93.80 -102.89
C ARG L 1060 54.27 -93.26 -103.26
N ARG L 1061 53.86 -93.36 -104.52
CA ARG L 1061 52.52 -92.88 -104.94
C ARG L 1061 51.42 -93.71 -104.28
N ASP L 1062 51.53 -95.04 -104.25
CA ASP L 1062 50.52 -95.88 -103.61
C ASP L 1062 50.35 -95.56 -102.12
N ARG L 1063 51.44 -95.36 -101.37
CA ARG L 1063 51.33 -94.97 -99.94
C ARG L 1063 50.58 -93.65 -99.78
N LEU L 1064 50.81 -92.70 -100.68
CA LEU L 1064 50.14 -91.40 -100.68
C LEU L 1064 48.65 -91.53 -101.10
N HIS L 1065 48.32 -92.39 -102.07
CA HIS L 1065 46.93 -92.65 -102.48
C HIS L 1065 46.13 -93.24 -101.30
N GLU L 1066 46.72 -94.23 -100.62
CA GLU L 1066 46.10 -94.85 -99.45
C GLU L 1066 45.89 -93.82 -98.34
N ALA L 1067 46.90 -93.00 -98.02
CA ALA L 1067 46.79 -91.95 -97.02
C ALA L 1067 45.71 -90.92 -97.40
N LEU L 1068 45.63 -90.52 -98.67
CA LEU L 1068 44.61 -89.59 -99.13
C LEU L 1068 43.20 -90.18 -98.97
N SER L 1069 42.99 -91.45 -99.31
CA SER L 1069 41.69 -92.09 -99.14
C SER L 1069 41.24 -92.03 -97.67
N VAL L 1070 42.17 -92.26 -96.74
CA VAL L 1070 41.91 -92.17 -95.30
C VAL L 1070 41.59 -90.72 -94.92
N ASN L 1071 42.33 -89.75 -95.44
CA ASN L 1071 42.09 -88.32 -95.16
C ASN L 1071 40.67 -87.91 -95.59
N ARG L 1072 40.21 -88.28 -96.80
CA ARG L 1072 38.85 -87.95 -97.25
C ARG L 1072 37.80 -88.55 -96.30
N SER L 1073 37.98 -89.82 -95.92
CA SER L 1073 37.06 -90.51 -95.00
C SER L 1073 36.97 -89.79 -93.65
N ARG L 1074 38.13 -89.42 -93.06
CA ARG L 1074 38.20 -88.70 -91.78
C ARG L 1074 37.48 -87.37 -91.89
N VAL L 1075 37.76 -86.60 -92.94
CA VAL L 1075 37.11 -85.31 -93.17
C VAL L 1075 35.59 -85.49 -93.22
N ASN L 1076 35.08 -86.52 -93.93
CA ASN L 1076 33.65 -86.76 -94.00
C ASN L 1076 33.03 -87.04 -92.62
N GLN L 1077 33.61 -87.91 -91.77
CA GLN L 1077 33.03 -88.14 -90.45
C GLN L 1077 33.15 -86.92 -89.52
N LEU L 1078 34.28 -86.22 -89.54
CA LEU L 1078 34.45 -85.03 -88.72
C LEU L 1078 33.52 -83.90 -89.19
N GLU L 1079 33.23 -83.78 -90.49
CA GLU L 1079 32.28 -82.78 -91.00
C GLU L 1079 30.88 -83.08 -90.42
N LYS L 1080 30.49 -84.36 -90.36
CA LYS L 1080 29.22 -84.76 -89.75
C LYS L 1080 29.22 -84.36 -88.29
N GLN L 1081 30.28 -84.70 -87.55
CA GLN L 1081 30.40 -84.32 -86.13
C GLN L 1081 30.31 -82.80 -85.95
N ILE L 1082 31.03 -82.02 -86.74
CA ILE L 1082 31.04 -80.55 -86.72
C ILE L 1082 29.63 -80.00 -86.96
N ALA L 1083 28.98 -80.39 -88.06
CA ALA L 1083 27.64 -79.89 -88.38
C ALA L 1083 26.63 -80.26 -87.28
N PHE L 1084 26.68 -81.50 -86.77
CA PHE L 1084 25.77 -81.93 -85.72
C PHE L 1084 26.04 -81.22 -84.39
N CYS L 1085 27.28 -81.20 -83.90
CA CYS L 1085 27.61 -80.56 -82.63
C CYS L 1085 27.34 -79.05 -82.67
N GLU L 1086 27.69 -78.34 -83.74
CA GLU L 1086 27.42 -76.90 -83.85
C GLU L 1086 25.91 -76.62 -83.76
N ALA L 1087 25.10 -77.42 -84.47
CA ALA L 1087 23.65 -77.29 -84.41
C ALA L 1087 23.12 -77.62 -83.00
N GLU L 1088 23.69 -78.64 -82.35
CA GLU L 1088 23.33 -78.99 -80.97
C GLU L 1088 23.68 -77.84 -80.02
N MET L 1089 24.85 -77.21 -80.19
CA MET L 1089 25.27 -76.09 -79.35
C MET L 1089 24.32 -74.90 -79.50
N GLU L 1090 23.88 -74.58 -80.71
CA GLU L 1090 22.89 -73.50 -80.93
C GLU L 1090 21.56 -73.83 -80.24
N ASN L 1091 21.12 -75.10 -80.32
CA ASN L 1091 19.90 -75.57 -79.68
C ASN L 1091 20.05 -75.46 -78.14
N VAL L 1092 21.21 -75.85 -77.61
CA VAL L 1092 21.55 -75.75 -76.20
C VAL L 1092 21.65 -74.26 -75.77
N GLN L 1093 22.15 -73.36 -76.61
CA GLN L 1093 22.17 -71.93 -76.28
C GLN L 1093 20.74 -71.37 -76.12
N LYS L 1094 19.72 -72.18 -76.74
CA LYS L 1094 18.36 -71.69 -76.52
C LYS L 1094 17.85 -72.09 -75.13
N LYS L 1095 18.18 -73.31 -74.67
CA LYS L 1095 17.89 -73.68 -73.29
C LYS L 1095 18.60 -72.76 -72.31
N LEU L 1096 19.85 -72.44 -72.60
CA LEU L 1096 20.62 -71.52 -71.77
C LEU L 1096 19.89 -70.20 -71.61
N ARG L 1097 19.33 -69.68 -72.71
CA ARG L 1097 18.63 -68.40 -72.64
C ARG L 1097 17.33 -68.51 -71.84
N LYS L 1098 16.62 -69.63 -71.97
CA LYS L 1098 15.45 -69.82 -71.12
C LYS L 1098 15.84 -69.79 -69.66
N LEU L 1099 16.92 -70.51 -69.31
CA LEU L 1099 17.41 -70.51 -67.95
C LEU L 1099 17.82 -69.10 -67.50
N GLU L 1100 18.39 -68.32 -68.42
CA GLU L 1100 18.80 -66.96 -68.10
C GLU L 1100 17.60 -66.11 -67.69
N ARG L 1101 16.53 -66.16 -68.48
CA ARG L 1101 15.33 -65.39 -68.15
C ARG L 1101 14.74 -65.83 -66.82
N ASP L 1102 14.67 -67.15 -66.60
CA ASP L 1102 14.19 -67.67 -65.32
C ASP L 1102 15.03 -67.13 -64.16
N TYR L 1103 16.35 -67.16 -64.35
CA TYR L 1103 17.28 -66.71 -63.31
C TYR L 1103 17.09 -65.24 -62.98
N TYR L 1104 16.90 -64.41 -64.00
CA TYR L 1104 16.61 -62.99 -63.77
C TYR L 1104 15.37 -62.81 -62.90
N GLN L 1105 14.29 -63.51 -63.26
CA GLN L 1105 13.05 -63.39 -62.48
C GLN L 1105 13.29 -63.78 -61.02
N ILE L 1106 13.95 -64.91 -60.80
CA ILE L 1106 14.20 -65.37 -59.44
C ILE L 1106 15.07 -64.37 -58.68
N ARG L 1107 16.06 -63.80 -59.36
CA ARG L 1107 16.93 -62.80 -58.73
C ARG L 1107 16.13 -61.64 -58.19
N GLU L 1108 15.25 -61.08 -59.02
CA GLU L 1108 14.46 -59.95 -58.55
C GLU L 1108 13.60 -60.34 -57.34
N GLN L 1109 12.98 -61.51 -57.40
CA GLN L 1109 12.11 -61.92 -56.30
C GLN L 1109 12.89 -62.05 -54.99
N VAL L 1110 14.08 -62.65 -55.05
CA VAL L 1110 14.87 -62.84 -53.84
C VAL L 1110 15.24 -61.50 -53.23
N VAL L 1111 15.71 -60.56 -54.05
CA VAL L 1111 16.12 -59.27 -53.51
C VAL L 1111 14.93 -58.58 -52.84
N SER L 1112 13.76 -58.66 -53.48
CA SER L 1112 12.59 -58.02 -52.88
C SER L 1112 12.26 -58.62 -51.53
N ALA L 1113 12.40 -59.95 -51.39
CA ALA L 1113 12.15 -60.56 -50.08
C ALA L 1113 13.11 -60.01 -49.02
N LYS L 1114 14.40 -59.94 -49.34
CA LYS L 1114 15.37 -59.49 -48.36
C LYS L 1114 15.06 -58.07 -47.90
N ALA L 1115 14.66 -57.20 -48.82
CA ALA L 1115 14.42 -55.81 -48.45
C ALA L 1115 13.40 -55.71 -47.33
N GLY L 1116 12.29 -56.46 -47.44
CA GLY L 1116 11.30 -56.45 -46.37
C GLY L 1116 11.81 -57.07 -45.09
N TRP L 1117 12.53 -58.20 -45.20
CA TRP L 1117 12.94 -58.93 -44.00
C TRP L 1117 13.90 -58.11 -43.14
N CYS L 1118 14.63 -57.17 -43.75
CA CYS L 1118 15.56 -56.35 -42.98
C CYS L 1118 14.91 -55.64 -41.79
N ALA L 1119 13.70 -55.13 -41.96
CA ALA L 1119 13.05 -54.39 -40.89
C ALA L 1119 12.84 -55.27 -39.67
N VAL L 1120 12.37 -56.50 -39.89
CA VAL L 1120 12.21 -57.42 -38.77
C VAL L 1120 13.55 -57.66 -38.10
N MET L 1121 14.62 -57.79 -38.89
CA MET L 1121 15.91 -58.03 -38.24
C MET L 1121 16.31 -56.87 -37.33
N ARG L 1122 16.16 -55.65 -37.81
CA ARG L 1122 16.49 -54.52 -36.94
C ARG L 1122 15.57 -54.48 -35.73
N MET L 1123 14.32 -54.93 -35.88
CA MET L 1123 13.36 -54.88 -34.78
C MET L 1123 13.55 -55.98 -33.74
N VAL L 1124 14.17 -57.10 -34.11
CA VAL L 1124 14.31 -58.24 -33.20
C VAL L 1124 15.70 -58.27 -32.55
N LYS L 1125 16.38 -57.13 -32.50
CA LYS L 1125 17.68 -57.02 -31.83
C LYS L 1125 17.57 -57.06 -30.31
N ASP L 1126 16.45 -57.22 -29.72
CA ASP L 1126 16.14 -57.25 -28.34
C ASP L 1126 16.60 -58.50 -27.64
N ASN L 1127 17.31 -59.37 -28.30
CA ASN L 1127 17.74 -60.65 -27.87
C ASN L 1127 16.60 -61.65 -27.93
N GLY L 1128 15.58 -61.41 -28.66
CA GLY L 1128 14.53 -62.26 -28.91
C GLY L 1128 14.65 -63.30 -29.93
N VAL L 1129 15.69 -63.16 -30.76
CA VAL L 1129 15.85 -64.00 -31.94
C VAL L 1129 16.84 -65.13 -31.69
N GLU L 1130 17.87 -64.90 -30.88
CA GLU L 1130 19.01 -65.81 -30.85
C GLU L 1130 18.58 -67.26 -30.65
N ARG L 1131 17.76 -67.60 -29.71
CA ARG L 1131 17.26 -68.90 -29.47
C ARG L 1131 15.76 -69.08 -29.41
N ARG L 1132 15.04 -68.17 -28.84
CA ARG L 1132 13.66 -68.23 -28.58
C ARG L 1132 12.83 -68.24 -29.83
N LEU L 1133 13.13 -67.32 -30.74
CA LEU L 1133 12.39 -67.21 -31.98
C LEU L 1133 12.94 -68.11 -33.09
N HIS L 1134 14.26 -68.26 -33.17
CA HIS L 1134 14.89 -69.06 -34.21
C HIS L 1134 15.09 -70.50 -33.72
N ARG L 1135 13.97 -71.21 -33.64
CA ARG L 1135 13.99 -72.62 -33.24
C ARG L 1135 14.27 -73.45 -34.49
N ARG L 1136 15.55 -73.79 -34.67
CA ARG L 1136 15.98 -74.54 -35.85
C ARG L 1136 15.26 -75.87 -35.97
N GLU L 1137 14.74 -76.40 -34.87
CA GLU L 1137 14.01 -77.67 -34.94
C GLU L 1137 12.86 -77.62 -35.93
N LEU L 1138 12.23 -76.45 -36.10
CA LEU L 1138 11.10 -76.32 -37.00
C LEU L 1138 11.49 -76.08 -38.45
N ALA L 1139 12.78 -75.87 -38.73
CA ALA L 1139 13.19 -75.44 -40.07
C ALA L 1139 12.75 -76.43 -41.14
N TYR L 1140 12.64 -77.71 -40.79
CA TYR L 1140 12.39 -78.76 -41.79
C TYR L 1140 10.95 -78.76 -42.31
N MET L 1141 10.02 -78.16 -41.58
CA MET L 1141 8.60 -78.23 -41.95
C MET L 1141 8.28 -77.36 -43.16
N GLU L 1142 7.07 -77.56 -43.68
CA GLU L 1142 6.52 -76.87 -44.84
C GLU L 1142 5.43 -75.89 -44.39
N GLY L 1143 4.93 -75.12 -45.36
CA GLY L 1143 3.99 -74.05 -45.03
C GLY L 1143 2.72 -74.55 -44.36
N GLY L 1144 2.18 -75.68 -44.82
CA GLY L 1144 0.90 -76.14 -44.28
C GLY L 1144 0.98 -76.47 -42.80
N ALA L 1145 2.02 -77.21 -42.40
CA ALA L 1145 2.16 -77.56 -40.99
C ALA L 1145 2.33 -76.32 -40.13
N LEU L 1146 3.15 -75.38 -40.59
CA LEU L 1146 3.38 -74.17 -39.82
C LEU L 1146 2.09 -73.37 -39.65
N ARG L 1147 1.33 -73.19 -40.73
CA ARG L 1147 0.07 -72.49 -40.60
C ARG L 1147 -0.89 -73.21 -39.66
N SER L 1148 -0.97 -74.54 -39.77
CA SER L 1148 -1.91 -75.27 -38.93
C SER L 1148 -1.57 -75.09 -37.46
N MET L 1149 -0.30 -75.22 -37.11
CA MET L 1149 0.07 -75.12 -35.69
C MET L 1149 -0.03 -73.68 -35.20
N SER L 1150 0.24 -72.71 -36.07
CA SER L 1150 0.01 -71.31 -35.70
C SER L 1150 -1.46 -71.07 -35.37
N ASP L 1151 -2.37 -71.59 -36.19
CA ASP L 1151 -3.78 -71.43 -35.90
C ASP L 1151 -4.16 -72.11 -34.59
N LYS L 1152 -3.62 -73.30 -34.34
CA LYS L 1152 -3.93 -73.98 -33.08
C LYS L 1152 -3.51 -73.10 -31.91
N ALA L 1153 -2.33 -72.48 -32.01
CA ALA L 1153 -1.87 -71.61 -30.93
C ALA L 1153 -2.76 -70.39 -30.78
N LEU L 1154 -3.16 -69.77 -31.90
CA LEU L 1154 -3.98 -68.58 -31.83
C LEU L 1154 -5.30 -68.88 -31.13
N GLY L 1155 -5.85 -70.07 -31.37
CA GLY L 1155 -7.07 -70.45 -30.67
C GLY L 1155 -6.93 -70.38 -29.17
N ALA L 1156 -5.81 -70.86 -28.64
CA ALA L 1156 -5.59 -70.78 -27.20
C ALA L 1156 -5.33 -69.35 -26.76
N LEU L 1157 -4.60 -68.58 -27.58
CA LEU L 1157 -4.25 -67.22 -27.19
C LEU L 1157 -5.49 -66.36 -26.99
N ARG L 1158 -6.43 -66.42 -27.93
CA ARG L 1158 -7.63 -65.60 -27.78
C ARG L 1158 -8.27 -65.81 -26.42
N LEU L 1159 -8.29 -67.05 -25.95
CA LEU L 1159 -8.88 -67.34 -24.64
C LEU L 1159 -7.96 -66.85 -23.52
N ALA L 1160 -6.65 -67.06 -23.66
CA ALA L 1160 -5.73 -66.76 -22.57
C ALA L 1160 -5.51 -65.27 -22.35
N VAL L 1161 -5.90 -64.42 -23.31
CA VAL L 1161 -5.58 -62.99 -23.24
C VAL L 1161 -6.81 -62.14 -22.98
N ALA L 1162 -8.00 -62.73 -22.86
CA ALA L 1162 -9.23 -61.92 -22.79
C ALA L 1162 -9.16 -60.85 -21.71
N ASP L 1163 -8.60 -61.09 -20.57
CA ASP L 1163 -8.60 -60.25 -19.43
C ASP L 1163 -8.00 -58.90 -19.71
N ASN L 1164 -6.85 -58.86 -20.28
CA ASN L 1164 -6.08 -57.71 -20.60
C ASN L 1164 -6.66 -56.95 -21.76
N GLU L 1165 -6.43 -55.69 -21.88
CA GLU L 1165 -6.91 -54.80 -22.86
C GLU L 1165 -5.92 -54.42 -23.94
N HIS L 1166 -4.80 -53.85 -23.61
CA HIS L 1166 -3.80 -53.43 -24.52
C HIS L 1166 -3.11 -54.59 -25.17
N LEU L 1167 -2.84 -55.62 -24.37
CA LEU L 1167 -2.30 -56.86 -24.90
C LEU L 1167 -3.28 -57.53 -25.84
N ARG L 1168 -4.56 -57.51 -25.49
CA ARG L 1168 -5.60 -58.05 -26.37
C ARG L 1168 -5.66 -57.26 -27.66
N ASP L 1169 -5.56 -55.93 -27.58
CA ASP L 1169 -5.54 -55.13 -28.80
C ASP L 1169 -4.31 -55.44 -29.65
N ALA L 1170 -3.16 -55.64 -29.01
CA ALA L 1170 -1.96 -55.98 -29.76
C ALA L 1170 -2.12 -57.32 -30.48
N LEU L 1171 -2.71 -58.30 -29.80
CA LEU L 1171 -2.98 -59.58 -30.45
C LEU L 1171 -3.91 -59.39 -31.64
N ARG L 1172 -4.95 -58.58 -31.47
CA ARG L 1172 -5.88 -58.35 -32.58
C ARG L 1172 -5.19 -57.66 -33.74
N LEU L 1173 -4.28 -56.72 -33.46
CA LEU L 1173 -3.54 -56.05 -34.52
C LEU L 1173 -2.57 -56.99 -35.22
N SER L 1174 -2.00 -57.95 -34.50
CA SER L 1174 -1.03 -58.88 -35.07
C SER L 1174 -1.62 -59.81 -36.12
N GLU L 1175 -2.91 -59.65 -36.46
CA GLU L 1175 -3.59 -60.64 -37.27
C GLU L 1175 -3.17 -60.61 -38.73
N ASP L 1176 -2.78 -59.46 -39.25
CA ASP L 1176 -2.60 -59.30 -40.70
C ASP L 1176 -1.29 -59.93 -41.17
N PRO L 1177 -1.32 -60.83 -42.17
CA PRO L 1177 -0.06 -61.43 -42.62
C PRO L 1177 0.80 -60.53 -43.49
N LYS L 1178 0.23 -59.47 -44.09
CA LYS L 1178 1.01 -58.63 -44.99
C LYS L 1178 2.01 -57.76 -44.25
N ARG L 1179 1.92 -57.68 -42.93
CA ARG L 1179 2.86 -56.94 -42.09
C ARG L 1179 3.34 -57.83 -40.96
N PRO L 1180 4.26 -58.75 -41.25
CA PRO L 1180 4.66 -59.74 -40.23
C PRO L 1180 5.26 -59.15 -38.97
N GLU L 1181 5.89 -57.97 -39.05
CA GLU L 1181 6.55 -57.39 -37.88
C GLU L 1181 5.58 -57.20 -36.72
N ARG L 1182 4.29 -57.11 -37.01
CA ARG L 1182 3.29 -56.97 -35.95
C ARG L 1182 3.36 -58.14 -34.99
N LYS L 1183 3.64 -59.33 -35.49
CA LYS L 1183 3.79 -60.51 -34.64
C LYS L 1183 4.95 -60.34 -33.68
N VAL L 1184 6.08 -59.83 -34.17
CA VAL L 1184 7.23 -59.62 -33.30
C VAL L 1184 6.91 -58.58 -32.25
N GLN L 1185 6.20 -57.52 -32.63
CA GLN L 1185 5.79 -56.53 -31.63
C GLN L 1185 4.92 -57.17 -30.55
N PHE L 1186 4.00 -58.05 -30.95
CA PHE L 1186 3.18 -58.72 -29.94
C PHE L 1186 4.03 -59.58 -29.03
N PHE L 1187 5.01 -60.26 -29.51
CA PHE L 1187 5.93 -61.05 -28.77
C PHE L 1187 6.65 -60.23 -27.73
N ILE L 1188 7.18 -59.12 -28.11
CA ILE L 1188 7.79 -58.14 -27.29
C ILE L 1188 6.87 -57.74 -26.18
N ALA L 1189 5.65 -57.48 -26.48
CA ALA L 1189 4.60 -57.13 -25.60
C ALA L 1189 4.41 -58.19 -24.54
N VAL L 1190 4.38 -59.42 -24.91
CA VAL L 1190 4.27 -60.55 -24.06
C VAL L 1190 5.37 -60.56 -23.04
N TYR L 1191 6.58 -60.43 -23.46
CA TYR L 1191 7.75 -60.40 -22.66
C TYR L 1191 7.71 -59.26 -21.66
N GLN L 1192 7.40 -58.08 -22.10
CA GLN L 1192 7.23 -56.91 -21.33
C GLN L 1192 6.23 -57.13 -20.22
N HIS L 1193 5.10 -57.67 -20.54
CA HIS L 1193 4.05 -58.07 -19.69
C HIS L 1193 4.53 -58.94 -18.57
N LEU L 1194 5.21 -59.98 -18.88
CA LEU L 1194 5.72 -60.95 -17.99
C LEU L 1194 6.78 -60.41 -17.06
N ARG L 1195 7.66 -59.55 -17.57
CA ARG L 1195 8.81 -59.07 -16.82
C ARG L 1195 8.46 -58.45 -15.47
N GLU L 1196 7.35 -57.75 -15.34
CA GLU L 1196 6.87 -57.12 -14.16
C GLU L 1196 6.45 -58.10 -13.09
N ARG L 1197 5.98 -59.25 -13.45
CA ARG L 1197 5.30 -60.20 -12.65
C ARG L 1197 6.17 -61.07 -11.78
N ILE L 1198 7.45 -60.90 -11.75
CA ILE L 1198 8.40 -61.52 -10.89
C ILE L 1198 8.14 -61.20 -9.45
N ARG L 1199 8.21 -62.11 -8.54
CA ARG L 1199 7.93 -62.00 -7.16
C ARG L 1199 8.94 -61.30 -6.27
N GLN L 1200 10.10 -61.89 -5.98
CA GLN L 1200 11.12 -61.30 -5.08
C GLN L 1200 12.56 -61.46 -5.59
N ASP L 1201 13.54 -60.87 -4.88
CA ASP L 1201 14.98 -60.82 -5.26
C ASP L 1201 15.67 -62.10 -5.71
N ILE L 1202 15.53 -63.22 -4.99
CA ILE L 1202 16.20 -64.46 -5.41
C ILE L 1202 15.71 -64.94 -6.79
N ILE L 1203 14.53 -64.51 -7.21
CA ILE L 1203 13.90 -64.85 -8.49
C ILE L 1203 14.08 -63.69 -9.49
N ARG L 1204 14.93 -62.69 -9.23
CA ARG L 1204 15.05 -61.52 -10.12
C ARG L 1204 15.84 -61.72 -11.40
N THR L 1205 15.87 -62.92 -11.92
CA THR L 1205 16.41 -63.17 -13.25
C THR L 1205 15.46 -62.42 -14.19
N ASP L 1206 15.88 -61.32 -14.79
CA ASP L 1206 14.99 -60.51 -15.66
C ASP L 1206 14.42 -61.27 -16.87
N ASP L 1207 14.84 -62.51 -17.09
CA ASP L 1207 14.49 -63.37 -18.14
C ASP L 1207 13.38 -64.30 -17.73
N PRO L 1208 12.12 -64.15 -18.18
CA PRO L 1208 11.04 -64.98 -17.68
C PRO L 1208 11.28 -66.47 -17.68
N VAL L 1209 11.67 -67.00 -18.81
CA VAL L 1209 11.94 -68.36 -19.06
C VAL L 1209 12.91 -68.89 -18.04
N ASP L 1210 13.92 -68.15 -17.72
CA ASP L 1210 14.87 -68.39 -16.70
C ASP L 1210 14.25 -68.42 -15.33
N ALA L 1211 13.24 -67.64 -15.08
CA ALA L 1211 12.52 -67.56 -13.87
C ALA L 1211 11.71 -68.80 -13.58
N ILE L 1212 11.21 -69.46 -14.58
CA ILE L 1212 10.41 -70.62 -14.51
C ILE L 1212 11.03 -71.66 -13.61
N GLU L 1213 12.23 -72.05 -13.88
CA GLU L 1213 12.97 -73.06 -13.22
C GLU L 1213 13.18 -72.75 -11.76
N GLN L 1214 13.47 -71.52 -11.43
CA GLN L 1214 13.60 -71.03 -10.12
C GLN L 1214 12.33 -71.21 -9.33
N MET L 1215 11.21 -70.89 -9.90
CA MET L 1215 9.92 -71.11 -9.37
C MET L 1215 9.70 -72.56 -9.02
N GLU L 1216 9.99 -73.44 -9.92
CA GLU L 1216 9.85 -74.84 -9.80
C GLU L 1216 10.74 -75.41 -8.71
N ILE L 1217 11.92 -74.92 -8.55
CA ILE L 1217 12.84 -75.17 -7.51
C ILE L 1217 12.20 -74.87 -6.18
N GLU L 1218 11.58 -73.74 -6.05
CA GLU L 1218 10.81 -73.35 -4.94
C GLU L 1218 9.72 -74.34 -4.62
N LEU L 1219 9.02 -74.78 -5.60
CA LEU L 1219 8.00 -75.77 -5.51
C LEU L 1219 8.51 -77.03 -4.86
N ALA L 1220 9.64 -77.52 -5.36
CA ALA L 1220 10.23 -78.74 -4.79
C ALA L 1220 10.62 -78.53 -3.32
N ARG L 1221 11.26 -77.45 -2.99
CA ARG L 1221 11.64 -77.05 -1.69
C ARG L 1221 10.46 -77.08 -0.75
N LEU L 1222 9.40 -76.42 -1.20
CA LEU L 1222 8.17 -76.35 -0.42
C LEU L 1222 7.60 -77.73 -0.19
N THR L 1223 7.65 -78.59 -1.21
CA THR L 1223 7.12 -79.94 -1.05
C THR L 1223 7.86 -80.68 0.04
N GLU L 1224 9.19 -80.55 0.08
CA GLU L 1224 9.94 -81.23 1.12
C GLU L 1224 9.54 -80.70 2.49
N GLU L 1225 9.44 -79.38 2.62
CA GLU L 1225 9.05 -78.82 3.91
C GLU L 1225 7.69 -79.33 4.35
N LEU L 1226 6.74 -79.39 3.40
CA LEU L 1226 5.41 -79.91 3.71
C LEU L 1226 5.49 -81.36 4.19
N THR L 1227 6.30 -82.17 3.52
CA THR L 1227 6.42 -83.57 3.93
C THR L 1227 6.88 -83.66 5.38
N ALA L 1228 7.93 -82.91 5.73
CA ALA L 1228 8.44 -82.95 7.09
C ALA L 1228 7.37 -82.48 8.08
N ARG L 1229 6.67 -81.40 7.76
CA ARG L 1229 5.67 -80.87 8.68
C ARG L 1229 4.53 -81.84 8.90
N GLU L 1230 4.03 -82.48 7.85
CA GLU L 1230 2.95 -83.44 8.05
C GLU L 1230 3.42 -84.66 8.85
N GLN L 1231 4.68 -85.06 8.65
CA GLN L 1231 5.22 -86.12 9.52
C GLN L 1231 5.20 -85.70 10.99
N LYS L 1232 5.58 -84.45 11.27
CA LYS L 1232 5.53 -83.95 12.64
C LYS L 1232 4.10 -83.97 13.18
N LEU L 1233 3.16 -83.55 12.35
CA LEU L 1233 1.76 -83.47 12.76
C LEU L 1233 1.24 -84.84 13.18
N ALA L 1234 1.64 -85.91 12.47
CA ALA L 1234 1.12 -87.23 12.82
C ALA L 1234 1.46 -87.60 14.27
N ILE L 1235 2.72 -87.45 14.65
CA ILE L 1235 3.13 -87.83 16.00
C ILE L 1235 2.45 -86.93 17.02
N SER L 1236 2.24 -85.66 16.68
CA SER L 1236 1.47 -84.82 17.59
C SER L 1236 0.06 -85.37 17.77
N SER L 1237 -0.57 -85.85 16.68
CA SER L 1237 -1.97 -86.25 16.73
C SER L 1237 -2.19 -87.48 17.62
N LYS L 1238 -1.27 -88.45 17.55
CA LYS L 1238 -1.48 -89.67 18.33
C LYS L 1238 -1.64 -89.35 19.81
N SER L 1239 -0.85 -88.43 20.35
CA SER L 1239 -0.92 -88.16 21.79
C SER L 1239 -2.32 -87.70 22.19
N VAL L 1240 -3.02 -86.97 21.38
CA VAL L 1240 -4.25 -86.32 21.62
C VAL L 1240 -5.43 -87.27 21.57
N ALA L 1241 -5.44 -88.14 20.61
CA ALA L 1241 -6.48 -89.08 20.34
C ALA L 1241 -7.06 -89.70 21.59
N ASN L 1242 -6.24 -90.16 22.48
CA ASN L 1242 -6.54 -90.89 23.66
C ASN L 1242 -7.49 -90.13 24.55
N ILE L 1243 -7.11 -88.97 24.96
CA ILE L 1243 -7.81 -88.09 25.79
C ILE L 1243 -9.14 -87.74 25.20
N ILE L 1244 -9.22 -87.53 23.92
CA ILE L 1244 -10.42 -87.28 23.20
C ILE L 1244 -11.41 -88.39 23.41
N ARG L 1245 -11.01 -89.61 23.21
CA ARG L 1245 -11.79 -90.77 23.41
C ARG L 1245 -12.38 -90.83 24.78
N LYS L 1246 -11.55 -90.64 25.82
CA LYS L 1246 -11.98 -90.68 27.24
C LYS L 1246 -13.08 -89.65 27.46
N THR L 1247 -12.90 -88.45 26.90
CA THR L 1247 -13.78 -87.36 27.02
C THR L 1247 -15.15 -87.67 26.49
N ILE L 1248 -15.23 -88.15 25.28
CA ILE L 1248 -16.43 -88.48 24.61
C ILE L 1248 -17.21 -89.52 25.37
N GLN L 1249 -16.58 -90.54 25.85
CA GLN L 1249 -17.16 -91.53 26.66
C GLN L 1249 -17.84 -90.93 27.86
N ARG L 1250 -17.19 -90.07 28.55
CA ARG L 1250 -17.65 -89.37 29.69
C ARG L 1250 -18.94 -88.65 29.40
N GLU L 1251 -18.96 -87.84 28.40
CA GLU L 1251 -20.06 -87.03 27.99
C GLU L 1251 -21.27 -87.83 27.59
N GLN L 1252 -21.12 -88.87 26.83
CA GLN L 1252 -22.16 -89.76 26.49
C GLN L 1252 -22.81 -90.36 27.71
N ASN L 1253 -22.06 -90.82 28.64
CA ASN L 1253 -22.51 -91.31 29.89
C ASN L 1253 -23.34 -90.30 30.62
N ARG L 1254 -22.91 -89.09 30.70
CA ARG L 1254 -23.55 -88.00 31.33
C ARG L 1254 -24.90 -87.72 30.73
N ILE L 1255 -24.94 -87.60 29.41
CA ILE L 1255 -26.21 -87.31 28.75
C ILE L 1255 -27.21 -88.44 28.98
N ARG L 1256 -26.77 -89.68 28.82
CA ARG L 1256 -27.71 -90.78 29.02
C ARG L 1256 -28.20 -90.83 30.47
N MET L 1257 -27.31 -90.59 31.44
CA MET L 1257 -27.76 -90.50 32.82
C MET L 1257 -28.79 -89.40 32.98
N LEU L 1258 -28.63 -88.31 32.23
CA LEU L 1258 -29.51 -87.16 32.37
C LEU L 1258 -30.90 -87.41 31.83
N ASN L 1259 -31.05 -88.31 30.85
CA ASN L 1259 -32.38 -88.61 30.34
C ASN L 1259 -33.27 -89.26 31.40
N GLN L 1260 -32.70 -90.10 32.27
CA GLN L 1260 -33.50 -90.73 33.31
C GLN L 1260 -34.01 -89.75 34.35
N GLY L 1261 -33.50 -88.52 34.38
CA GLY L 1261 -34.13 -87.50 35.18
C GLY L 1261 -35.48 -87.09 34.66
N LEU L 1262 -35.83 -87.56 33.46
CA LEU L 1262 -37.13 -87.34 32.85
C LEU L 1262 -37.88 -88.67 32.86
N GLN L 1263 -39.14 -88.64 33.27
CA GLN L 1263 -39.87 -89.86 33.59
C GLN L 1263 -41.16 -89.97 32.79
N ALA L 1264 -41.05 -89.85 31.47
CA ALA L 1264 -42.19 -90.04 30.57
C ALA L 1264 -43.27 -88.98 30.83
N VAL L 1265 -42.88 -87.74 30.55
CA VAL L 1265 -43.80 -86.62 30.68
C VAL L 1265 -45.01 -86.84 29.77
N SER L 1266 -46.15 -86.32 30.19
CA SER L 1266 -47.40 -86.44 29.46
C SER L 1266 -47.85 -85.06 29.01
N PHE L 1267 -47.78 -84.80 27.71
CA PHE L 1267 -48.32 -83.58 27.11
C PHE L 1267 -49.14 -83.99 25.90
N GLY L 1268 -50.46 -83.88 26.00
CA GLY L 1268 -51.28 -84.28 24.87
C GLY L 1268 -50.96 -85.71 24.49
N GLN L 1269 -50.54 -85.90 23.24
CA GLN L 1269 -50.16 -87.22 22.76
C GLN L 1269 -48.69 -87.53 22.92
N VAL L 1270 -47.88 -86.58 23.37
CA VAL L 1270 -46.46 -86.83 23.61
C VAL L 1270 -46.31 -87.54 24.94
N ARG L 1271 -45.68 -88.72 24.93
CA ARG L 1271 -45.51 -89.53 26.12
C ARG L 1271 -44.11 -89.49 26.71
N GLY L 1272 -43.16 -88.87 26.03
CA GLY L 1272 -41.81 -88.82 26.55
C GLY L 1272 -40.92 -87.98 25.66
N VAL L 1273 -39.83 -87.51 26.24
CA VAL L 1273 -38.83 -86.70 25.55
C VAL L 1273 -37.46 -87.27 25.84
N ARG L 1274 -36.58 -87.23 24.84
CA ARG L 1274 -35.28 -87.86 24.95
C ARG L 1274 -34.27 -87.10 24.10
N LEU L 1275 -33.01 -87.14 24.54
CA LEU L 1275 -31.90 -86.60 23.77
C LEU L 1275 -31.09 -87.76 23.18
N ASN L 1276 -30.87 -87.70 21.87
CA ASN L 1276 -30.23 -88.78 21.14
C ASN L 1276 -28.80 -88.34 20.78
N VAL L 1277 -27.81 -89.06 21.32
CA VAL L 1277 -26.41 -88.74 21.12
C VAL L 1277 -25.73 -89.90 20.39
N ASN L 1278 -25.04 -89.59 19.30
CA ASN L 1278 -24.27 -90.58 18.59
C ASN L 1278 -22.97 -89.95 18.10
N VAL L 1279 -21.89 -90.73 18.14
CA VAL L 1279 -20.63 -90.26 17.60
C VAL L 1279 -20.69 -90.28 16.08
N ARG L 1280 -19.84 -89.47 15.46
CA ARG L 1280 -19.77 -89.36 14.00
C ARG L 1280 -18.70 -90.30 13.48
N GLU L 1281 -19.10 -91.24 12.62
CA GLU L 1281 -18.15 -92.21 12.08
C GLU L 1281 -17.06 -91.53 11.27
N SER L 1282 -17.39 -90.47 10.55
CA SER L 1282 -16.39 -89.80 9.72
C SER L 1282 -15.22 -89.33 10.57
N HIS L 1283 -15.50 -88.66 11.69
CA HIS L 1283 -14.41 -88.13 12.50
C HIS L 1283 -13.70 -89.21 13.30
N ALA L 1284 -14.41 -90.26 13.74
CA ALA L 1284 -13.73 -91.37 14.38
C ALA L 1284 -12.74 -92.02 13.41
N ILE L 1285 -13.18 -92.24 12.18
CA ILE L 1285 -12.32 -92.83 11.16
C ILE L 1285 -11.13 -91.92 10.88
N LEU L 1286 -11.38 -90.62 10.80
CA LEU L 1286 -10.29 -89.68 10.53
C LEU L 1286 -9.30 -89.64 11.69
N LEU L 1287 -9.71 -89.76 12.91
CA LEU L 1287 -8.92 -89.91 14.07
C LEU L 1287 -8.04 -91.13 13.99
N ASP L 1288 -8.64 -92.25 13.59
CA ASP L 1288 -7.82 -93.45 13.38
C ASP L 1288 -6.77 -93.22 12.31
N VAL L 1289 -7.15 -92.56 11.21
CA VAL L 1289 -6.21 -92.32 10.12
C VAL L 1289 -5.02 -91.51 10.61
N LEU L 1290 -5.28 -90.44 11.36
CA LEU L 1290 -4.17 -89.61 11.81
C LEU L 1290 -3.38 -90.25 12.95
N SER L 1291 -4.06 -91.00 13.83
CA SER L 1291 -3.39 -91.50 15.03
C SER L 1291 -2.34 -92.56 14.68
N GLU L 1292 -2.72 -93.54 13.88
CA GLU L 1292 -1.88 -94.72 13.67
C GLU L 1292 -0.92 -94.46 12.51
N GLN L 1293 0.37 -94.60 12.77
CA GLN L 1293 1.42 -94.18 11.85
C GLN L 1293 2.00 -95.34 11.03
N GLN L 1294 2.88 -94.97 10.09
CA GLN L 1294 3.29 -95.86 9.01
C GLN L 1294 3.98 -97.13 9.51
N GLU L 1295 5.03 -97.00 10.32
CA GLU L 1295 5.96 -98.13 10.47
C GLU L 1295 5.32 -99.31 11.18
N GLN L 1296 4.65 -99.09 12.32
CA GLN L 1296 4.02 -100.20 13.02
C GLN L 1296 2.74 -100.64 12.32
N HIS L 1297 1.88 -99.69 11.96
CA HIS L 1297 0.53 -100.02 11.49
C HIS L 1297 0.43 -100.23 9.99
N GLN L 1298 1.54 -100.22 9.25
CA GLN L 1298 1.49 -100.62 7.84
C GLN L 1298 0.94 -102.03 7.69
N ASP L 1299 1.17 -102.89 8.70
CA ASP L 1299 0.54 -104.20 8.70
C ASP L 1299 -0.95 -104.11 9.01
N LEU L 1300 -1.36 -103.07 9.73
CA LEU L 1300 -2.78 -102.84 9.97
C LEU L 1300 -3.47 -102.16 8.79
N PHE L 1301 -2.73 -101.37 8.01
CA PHE L 1301 -3.30 -100.55 6.95
C PHE L 1301 -3.82 -101.34 5.75
N ASN L 1302 -3.75 -102.66 5.74
CA ASN L 1302 -4.25 -103.39 4.57
C ASN L 1302 -5.79 -103.45 4.57
N SER L 1303 -6.43 -102.65 5.42
CA SER L 1303 -7.88 -102.51 5.41
C SER L 1303 -8.32 -101.41 4.43
N GLN L 1304 -9.48 -101.61 3.80
CA GLN L 1304 -9.95 -100.76 2.72
C GLN L 1304 -10.38 -99.36 3.15
N ARG L 1305 -10.53 -99.10 4.45
CA ARG L 1305 -11.09 -97.82 4.89
C ARG L 1305 -10.05 -96.77 5.27
N LEU L 1306 -8.83 -97.17 5.63
CA LEU L 1306 -7.82 -96.24 6.15
C LEU L 1306 -6.61 -96.20 5.25
N THR L 1307 -6.17 -94.99 4.89
CA THR L 1307 -4.90 -94.78 4.21
C THR L 1307 -4.35 -93.40 4.54
N PHE L 1308 -3.06 -93.22 4.28
CA PHE L 1308 -2.37 -91.98 4.62
C PHE L 1308 -2.86 -90.81 3.76
N SER L 1309 -2.98 -91.03 2.45
CA SER L 1309 -3.29 -89.92 1.55
C SER L 1309 -4.58 -89.22 1.92
N GLU L 1310 -5.46 -89.91 2.66
CA GLU L 1310 -6.77 -89.34 2.99
C GLU L 1310 -6.62 -88.09 3.85
N ALA L 1311 -5.54 -87.96 4.61
CA ALA L 1311 -5.32 -86.75 5.38
C ALA L 1311 -5.19 -85.54 4.45
N MET L 1312 -4.46 -85.69 3.35
CA MET L 1312 -4.41 -84.65 2.34
C MET L 1312 -5.72 -84.56 1.55
N ALA L 1313 -6.44 -85.67 1.40
CA ALA L 1313 -7.74 -85.59 0.73
C ALA L 1313 -8.69 -84.67 1.49
N LYS L 1314 -8.59 -84.64 2.81
CA LYS L 1314 -9.38 -83.70 3.61
C LYS L 1314 -8.95 -82.26 3.38
N LEU L 1315 -7.91 -82.02 2.58
CA LEU L 1315 -7.59 -80.66 2.17
C LEU L 1315 -8.78 -80.03 1.46
N TYR L 1316 -9.51 -80.82 0.66
CA TYR L 1316 -10.74 -80.32 0.05
C TYR L 1316 -11.72 -79.85 1.11
N GLN L 1317 -11.94 -80.67 2.13
CA GLN L 1317 -12.82 -80.26 3.22
C GLN L 1317 -12.19 -79.14 4.03
N ARG L 1318 -10.88 -79.02 3.96
CA ARG L 1318 -10.16 -78.00 4.73
C ARG L 1318 -10.58 -76.59 4.35
N LEU L 1319 -10.87 -76.34 3.06
CA LEU L 1319 -10.98 -74.97 2.59
C LEU L 1319 -12.17 -74.23 3.21
N ASN L 1320 -13.37 -74.83 3.14
CA ASN L 1320 -14.55 -74.17 3.72
C ASN L 1320 -15.70 -75.13 4.03
N PRO L 1321 -15.94 -75.47 5.30
CA PRO L 1321 -17.21 -76.11 5.66
C PRO L 1321 -18.38 -75.13 5.70
N GLN L 1322 -19.58 -75.69 5.63
CA GLN L 1322 -20.81 -74.92 5.45
C GLN L 1322 -21.37 -74.52 6.82
N VAL L 1323 -20.59 -73.77 7.61
CA VAL L 1323 -21.09 -73.28 8.89
C VAL L 1323 -22.06 -72.11 8.64
N ASP L 1324 -23.02 -71.92 9.56
CA ASP L 1324 -24.08 -70.96 9.32
C ASP L 1324 -23.99 -69.81 10.34
N MET L 1325 -24.16 -70.07 11.64
CA MET L 1325 -24.22 -68.97 12.59
C MET L 1325 -22.86 -68.71 13.22
N GLY L 1326 -22.56 -67.43 13.43
CA GLY L 1326 -21.24 -66.99 13.83
C GLY L 1326 -21.23 -66.49 15.27
N GLN L 1327 -20.43 -67.08 16.10
CA GLN L 1327 -20.00 -66.68 17.37
C GLN L 1327 -18.67 -67.28 17.74
N ARG L 1328 -17.83 -66.61 18.44
CA ARG L 1328 -16.50 -67.01 18.68
C ARG L 1328 -15.80 -67.21 17.35
N LEU L 1329 -15.30 -68.41 17.08
CA LEU L 1329 -14.51 -68.56 15.86
C LEU L 1329 -14.40 -69.99 15.34
N PRO L 1330 -15.37 -70.44 14.53
CA PRO L 1330 -15.22 -71.72 13.82
C PRO L 1330 -14.59 -71.53 12.44
N GLN L 1331 -13.70 -72.38 12.03
CA GLN L 1331 -12.93 -72.31 10.84
C GLN L 1331 -12.85 -73.42 9.82
N THR L 1332 -12.53 -74.64 10.24
CA THR L 1332 -12.16 -75.65 9.24
C THR L 1332 -12.01 -77.02 9.88
N ILE L 1333 -11.90 -78.04 9.02
CA ILE L 1333 -11.88 -79.43 9.48
C ILE L 1333 -10.71 -79.67 10.43
N GLY L 1334 -9.54 -79.15 10.11
CA GLY L 1334 -8.42 -79.29 11.02
C GLY L 1334 -8.74 -78.65 12.34
N GLU L 1335 -9.14 -77.42 12.35
CA GLU L 1335 -9.68 -76.72 13.45
C GLU L 1335 -10.83 -77.47 14.06
N GLU L 1336 -11.66 -78.05 13.19
CA GLU L 1336 -12.87 -78.71 13.68
C GLU L 1336 -12.54 -79.94 14.51
N LEU L 1337 -11.44 -80.60 14.30
CA LEU L 1337 -10.93 -81.72 14.99
C LEU L 1337 -10.39 -81.42 16.36
N LEU L 1338 -9.99 -80.23 16.62
CA LEU L 1338 -9.40 -79.73 17.82
C LEU L 1338 -10.31 -79.72 19.01
N ASP L 1339 -11.59 -79.84 18.86
CA ASP L 1339 -12.63 -79.82 19.82
C ASP L 1339 -13.43 -81.09 19.85
N TYR L 1340 -13.58 -81.75 20.95
CA TYR L 1340 -14.32 -82.94 21.16
C TYR L 1340 -15.76 -82.83 20.74
N ARG L 1341 -16.37 -81.71 20.92
CA ARG L 1341 -17.73 -81.43 20.69
C ARG L 1341 -18.15 -81.71 19.26
N ASN L 1342 -17.23 -81.51 18.32
CA ASN L 1342 -17.55 -81.72 16.92
C ASN L 1342 -17.71 -83.19 16.55
N TYR L 1343 -17.40 -84.11 17.46
CA TYR L 1343 -17.45 -85.54 17.21
C TYR L 1343 -18.83 -86.14 17.41
N LEU L 1344 -19.89 -85.34 17.55
CA LEU L 1344 -21.19 -85.85 17.99
C LEU L 1344 -22.31 -85.30 17.12
N GLU L 1345 -23.38 -86.09 17.05
CA GLU L 1345 -24.68 -85.63 16.58
C GLU L 1345 -25.63 -85.64 17.76
N LEU L 1346 -26.52 -84.65 17.83
CA LEU L 1346 -27.29 -84.40 19.05
C LEU L 1346 -28.67 -83.91 18.64
N ASP L 1347 -29.70 -84.71 18.94
CA ASP L 1347 -31.05 -84.40 18.48
C ASP L 1347 -32.09 -84.78 19.52
N VAL L 1348 -33.27 -84.17 19.38
CA VAL L 1348 -34.38 -84.31 20.32
C VAL L 1348 -35.42 -85.22 19.70
N GLU L 1349 -35.97 -86.13 20.50
CA GLU L 1349 -36.94 -87.11 20.04
C GLU L 1349 -38.13 -87.15 20.98
N VAL L 1350 -39.29 -87.49 20.45
CA VAL L 1350 -40.54 -87.58 21.22
C VAL L 1350 -41.26 -88.87 20.88
N ASN L 1351 -41.83 -89.50 21.89
CA ASN L 1351 -42.58 -90.75 21.72
C ASN L 1351 -44.07 -90.46 21.58
N ARG L 1352 -44.41 -89.86 20.45
CA ARG L 1352 -45.80 -89.49 20.19
C ARG L 1352 -46.67 -90.74 20.08
N GLY L 1353 -47.71 -90.79 20.91
CA GLY L 1353 -48.71 -91.84 20.81
C GLY L 1353 -48.14 -93.23 20.76
N SER L 1354 -48.35 -93.91 19.62
CA SER L 1354 -47.84 -95.26 19.42
C SER L 1354 -46.98 -95.36 18.17
N ASP L 1355 -46.43 -94.23 17.71
CA ASP L 1355 -45.57 -94.21 16.54
C ASP L 1355 -44.10 -94.37 16.87
N GLY L 1356 -43.75 -94.61 18.13
CA GLY L 1356 -42.37 -94.74 18.52
C GLY L 1356 -41.70 -93.38 18.62
N TRP L 1357 -40.37 -93.41 18.72
CA TRP L 1357 -39.60 -92.19 18.86
C TRP L 1357 -39.40 -91.52 17.51
N LEU L 1358 -39.81 -90.26 17.41
CA LEU L 1358 -39.72 -89.48 16.19
C LEU L 1358 -38.99 -88.18 16.50
N LYS L 1359 -38.37 -87.61 15.47
CA LYS L 1359 -37.73 -86.31 15.61
C LYS L 1359 -38.82 -85.25 15.77
N ALA L 1360 -38.55 -84.24 16.59
CA ALA L 1360 -39.53 -83.22 16.91
C ALA L 1360 -39.36 -82.02 15.98
N GLU L 1361 -40.40 -81.73 15.19
CA GLU L 1361 -40.50 -80.49 14.45
C GLU L 1361 -41.75 -79.75 14.86
N SER L 1362 -41.65 -78.42 14.93
CA SER L 1362 -42.78 -77.62 15.39
C SER L 1362 -43.99 -77.79 14.48
N GLY L 1363 -43.77 -77.83 13.17
CA GLY L 1363 -44.87 -77.92 12.22
C GLY L 1363 -45.65 -79.22 12.27
N ALA L 1364 -45.23 -80.18 13.08
CA ALA L 1364 -45.89 -81.46 13.21
C ALA L 1364 -46.21 -81.76 14.67
N LEU L 1365 -46.65 -80.75 15.40
CA LEU L 1365 -47.01 -80.90 16.80
C LEU L 1365 -48.09 -79.90 17.16
N SER L 1366 -48.90 -80.24 18.15
CA SER L 1366 -49.88 -79.31 18.66
C SER L 1366 -49.19 -78.18 19.44
N THR L 1367 -49.93 -77.11 19.66
CA THR L 1367 -49.40 -75.98 20.42
C THR L 1367 -48.97 -76.41 21.82
N GLY L 1368 -49.87 -77.09 22.54
CA GLY L 1368 -49.52 -77.53 23.88
C GLY L 1368 -48.35 -78.50 23.89
N GLU L 1369 -48.33 -79.41 22.93
CA GLU L 1369 -47.21 -80.34 22.82
C GLU L 1369 -45.91 -79.59 22.60
N ALA L 1370 -45.94 -78.58 21.74
CA ALA L 1370 -44.74 -77.78 21.48
C ALA L 1370 -44.25 -77.09 22.74
N ILE L 1371 -45.17 -76.49 23.50
CA ILE L 1371 -44.76 -75.77 24.71
C ILE L 1371 -44.15 -76.74 25.73
N GLY L 1372 -44.79 -77.89 25.93
CA GLY L 1372 -44.24 -78.85 26.87
C GLY L 1372 -42.86 -79.32 26.47
N THR L 1373 -42.65 -79.60 25.18
CA THR L 1373 -41.35 -80.06 24.73
C THR L 1373 -40.29 -78.96 24.94
N GLY L 1374 -40.64 -77.71 24.63
CA GLY L 1374 -39.71 -76.63 24.85
C GLY L 1374 -39.27 -76.52 26.30
N MET L 1375 -40.23 -76.62 27.22
CA MET L 1375 -39.88 -76.53 28.63
C MET L 1375 -38.96 -77.67 29.04
N SER L 1376 -39.22 -78.88 28.54
CA SER L 1376 -38.31 -79.98 28.85
C SER L 1376 -36.90 -79.64 28.41
N ILE L 1377 -36.75 -79.13 27.19
CA ILE L 1377 -35.42 -78.83 26.67
C ILE L 1377 -34.73 -77.81 27.57
N LEU L 1378 -35.45 -76.76 27.97
CA LEU L 1378 -34.81 -75.71 28.76
C LEU L 1378 -34.37 -76.21 30.13
N VAL L 1379 -35.19 -77.04 30.78
CA VAL L 1379 -34.72 -77.55 32.07
C VAL L 1379 -33.46 -78.37 31.86
N MET L 1380 -33.38 -79.13 30.77
CA MET L 1380 -32.17 -79.91 30.56
C MET L 1380 -30.95 -78.99 30.38
N VAL L 1381 -31.14 -77.88 29.66
CA VAL L 1381 -30.03 -76.96 29.43
C VAL L 1381 -29.53 -76.39 30.74
N VAL L 1382 -30.45 -75.91 31.59
CA VAL L 1382 -30.01 -75.28 32.83
C VAL L 1382 -29.30 -76.30 33.71
N GLN L 1383 -29.72 -77.51 33.77
CA GLN L 1383 -29.09 -78.59 34.44
C GLN L 1383 -27.67 -78.75 33.98
N SER L 1384 -27.45 -78.78 32.71
CA SER L 1384 -26.18 -78.89 32.09
C SER L 1384 -25.25 -77.81 32.55
N TRP L 1385 -25.67 -76.60 32.49
CA TRP L 1385 -24.95 -75.45 32.90
C TRP L 1385 -24.52 -75.54 34.34
N GLU L 1386 -25.38 -75.90 35.23
CA GLU L 1386 -25.11 -76.09 36.60
C GLU L 1386 -24.02 -77.11 36.81
N GLU L 1387 -24.04 -78.20 36.11
CA GLU L 1387 -23.06 -79.22 36.16
C GLU L 1387 -21.70 -78.73 35.74
N GLU L 1388 -21.62 -77.95 34.70
CA GLU L 1388 -20.45 -77.41 34.15
C GLU L 1388 -19.65 -76.62 35.16
N SER L 1389 -20.28 -75.75 35.87
CA SER L 1389 -19.78 -74.85 36.83
C SER L 1389 -19.44 -75.47 38.16
N ARG L 1390 -19.66 -76.79 38.34
CA ARG L 1390 -19.41 -77.48 39.63
C ARG L 1390 -17.99 -77.25 40.11
N ARG L 1391 -17.05 -77.15 39.17
CA ARG L 1391 -15.66 -76.93 39.51
C ARG L 1391 -15.35 -75.50 39.98
N LEU L 1392 -15.83 -74.51 39.24
CA LEU L 1392 -15.50 -73.10 39.52
C LEU L 1392 -16.16 -72.60 40.81
N ARG L 1393 -17.39 -73.04 41.11
CA ARG L 1393 -18.19 -72.70 42.21
C ARG L 1393 -17.58 -73.17 43.50
N GLY L 1394 -17.80 -72.50 44.59
CA GLY L 1394 -17.59 -72.99 45.85
C GLY L 1394 -18.43 -74.15 46.20
N LYS L 1395 -17.94 -75.04 47.06
CA LYS L 1395 -18.60 -76.34 47.35
C LYS L 1395 -20.03 -76.15 47.87
N ASP L 1396 -20.32 -75.05 48.56
CA ASP L 1396 -21.43 -74.83 49.41
C ASP L 1396 -22.60 -74.06 48.82
N ILE L 1397 -22.57 -73.64 47.60
CA ILE L 1397 -23.50 -72.85 46.88
C ILE L 1397 -24.18 -73.60 45.77
N SER L 1398 -25.47 -73.67 45.72
CA SER L 1398 -26.33 -74.16 44.71
C SER L 1398 -27.09 -73.04 44.05
N PRO L 1399 -26.91 -72.71 42.78
CA PRO L 1399 -27.53 -71.54 42.20
C PRO L 1399 -29.03 -71.59 42.12
N CYS L 1400 -29.70 -70.47 42.12
CA CYS L 1400 -31.09 -70.28 41.99
C CYS L 1400 -31.61 -70.74 40.65
N ARG L 1401 -32.88 -71.15 40.60
CA ARG L 1401 -33.49 -71.71 39.40
C ARG L 1401 -34.85 -71.05 39.19
N LEU L 1402 -35.10 -70.51 38.00
CA LEU L 1402 -36.34 -69.79 37.76
C LEU L 1402 -36.61 -69.64 36.28
N LEU L 1403 -37.86 -69.85 35.87
CA LEU L 1403 -38.29 -69.73 34.48
C LEU L 1403 -39.67 -69.07 34.40
N PHE L 1404 -40.05 -68.68 33.19
CA PHE L 1404 -41.29 -67.97 32.94
C PHE L 1404 -42.14 -68.71 31.90
N LEU L 1405 -43.41 -68.32 31.83
CA LEU L 1405 -44.30 -68.77 30.76
C LEU L 1405 -45.48 -67.81 30.68
N ASP L 1406 -45.58 -67.06 29.58
CA ASP L 1406 -46.71 -66.18 29.36
C ASP L 1406 -47.81 -66.89 28.57
N GLU L 1407 -49.03 -66.39 28.72
CA GLU L 1407 -50.21 -67.01 28.12
C GLU L 1407 -50.26 -68.50 28.44
N ALA L 1408 -50.24 -68.80 29.74
CA ALA L 1408 -50.36 -70.18 30.18
C ALA L 1408 -51.71 -70.79 29.83
N ALA L 1409 -52.70 -69.96 29.47
CA ALA L 1409 -54.03 -70.49 29.19
C ALA L 1409 -54.03 -71.44 28.00
N ARG L 1410 -52.97 -71.42 27.19
CA ARG L 1410 -52.88 -72.33 26.05
C ARG L 1410 -52.73 -73.79 26.46
N LEU L 1411 -52.45 -74.05 27.74
CA LEU L 1411 -52.26 -75.41 28.23
C LEU L 1411 -53.50 -75.88 28.98
N ASP L 1412 -53.82 -77.16 28.83
CA ASP L 1412 -54.95 -77.75 29.54
C ASP L 1412 -54.52 -78.30 30.90
N ALA L 1413 -55.50 -78.75 31.69
CA ALA L 1413 -55.26 -79.12 33.08
C ALA L 1413 -54.19 -80.21 33.20
N LYS L 1414 -54.29 -81.24 32.36
CA LYS L 1414 -53.32 -82.34 32.44
C LYS L 1414 -51.91 -81.83 32.16
N SER L 1415 -51.76 -80.95 31.16
CA SER L 1415 -50.45 -80.42 30.81
C SER L 1415 -49.87 -79.61 31.96
N ILE L 1416 -50.68 -78.77 32.60
CA ILE L 1416 -50.19 -77.98 33.72
C ILE L 1416 -49.82 -78.89 34.90
N ALA L 1417 -50.59 -79.94 35.14
CA ALA L 1417 -50.21 -80.87 36.20
C ALA L 1417 -48.84 -81.47 35.92
N THR L 1418 -48.60 -81.88 34.67
CA THR L 1418 -47.30 -82.40 34.29
C THR L 1418 -46.21 -81.37 34.55
N LEU L 1419 -46.44 -80.13 34.13
CA LEU L 1419 -45.44 -79.08 34.26
C LEU L 1419 -45.11 -78.83 35.73
N PHE L 1420 -46.13 -78.77 36.58
CA PHE L 1420 -45.89 -78.54 38.00
C PHE L 1420 -45.07 -79.67 38.60
N GLU L 1421 -45.42 -80.93 38.31
CA GLU L 1421 -44.64 -81.99 38.95
C GLU L 1421 -43.20 -81.98 38.44
N LEU L 1422 -42.99 -81.71 37.15
CA LEU L 1422 -41.62 -81.60 36.65
C LEU L 1422 -40.85 -80.55 37.43
N CYS L 1423 -41.41 -79.34 37.51
CA CYS L 1423 -40.63 -78.26 38.11
C CYS L 1423 -40.41 -78.48 39.61
N GLU L 1424 -41.37 -79.07 40.30
CA GLU L 1424 -41.16 -79.27 41.74
C GLU L 1424 -40.13 -80.38 41.99
N ARG L 1425 -40.09 -81.39 41.12
CA ARG L 1425 -39.08 -82.42 41.30
C ARG L 1425 -37.67 -81.89 41.11
N LEU L 1426 -37.52 -80.82 40.32
CA LEU L 1426 -36.23 -80.22 40.04
C LEU L 1426 -35.94 -78.98 40.88
N GLN L 1427 -36.76 -78.71 41.90
CA GLN L 1427 -36.61 -77.50 42.72
C GLN L 1427 -36.55 -76.26 41.84
N MET L 1428 -37.43 -76.19 40.85
CA MET L 1428 -37.43 -75.10 39.88
C MET L 1428 -38.60 -74.16 40.18
N GLN L 1429 -38.31 -72.87 40.28
CA GLN L 1429 -39.36 -71.88 40.48
C GLN L 1429 -39.96 -71.46 39.15
N LEU L 1430 -41.26 -71.14 39.18
CA LEU L 1430 -41.99 -70.74 37.98
C LEU L 1430 -42.81 -69.49 38.24
N ILE L 1431 -42.95 -68.69 37.20
CA ILE L 1431 -43.81 -67.51 37.18
C ILE L 1431 -44.64 -67.59 35.91
N ILE L 1432 -45.96 -67.69 36.06
CA ILE L 1432 -46.85 -67.87 34.91
C ILE L 1432 -47.95 -66.84 34.96
N ALA L 1433 -48.52 -66.55 33.78
CA ALA L 1433 -49.54 -65.53 33.61
C ALA L 1433 -50.68 -66.08 32.76
N ALA L 1434 -51.90 -65.67 33.10
CA ALA L 1434 -53.07 -66.07 32.33
C ALA L 1434 -54.22 -65.13 32.68
N PRO L 1435 -55.10 -64.83 31.72
CA PRO L 1435 -56.25 -63.96 32.05
C PRO L 1435 -57.11 -64.50 33.17
N GLU L 1436 -57.29 -65.81 33.23
CA GLU L 1436 -58.16 -66.46 34.21
C GLU L 1436 -57.31 -67.35 35.11
N ASN L 1437 -57.79 -67.57 36.33
CA ASN L 1437 -56.98 -68.30 37.31
C ASN L 1437 -56.92 -69.78 36.95
N ILE L 1438 -55.86 -70.18 36.25
CA ILE L 1438 -55.73 -71.55 35.77
C ILE L 1438 -55.15 -72.50 36.81
N SER L 1439 -54.60 -72.00 37.91
CA SER L 1439 -53.97 -72.83 38.95
C SER L 1439 -54.55 -72.45 40.31
N PRO L 1440 -55.69 -73.03 40.68
CA PRO L 1440 -56.32 -72.62 41.95
C PRO L 1440 -55.81 -73.32 43.20
N GLU L 1441 -55.22 -74.52 43.09
CA GLU L 1441 -54.87 -75.31 44.25
C GLU L 1441 -53.36 -75.45 44.46
N LYS L 1442 -52.55 -74.64 43.80
CA LYS L 1442 -51.10 -74.71 43.96
C LYS L 1442 -50.53 -73.31 44.06
N GLY L 1443 -49.51 -73.16 44.90
CA GLY L 1443 -48.78 -71.91 45.00
C GLY L 1443 -49.63 -70.69 45.33
N THR L 1444 -49.05 -69.52 45.13
CA THR L 1444 -49.72 -68.24 45.40
C THR L 1444 -50.20 -67.62 44.09
N THR L 1445 -51.19 -66.76 44.21
CA THR L 1445 -51.81 -66.12 43.05
C THR L 1445 -52.16 -64.68 43.39
N TYR L 1446 -52.02 -63.79 42.40
CA TYR L 1446 -52.38 -62.40 42.54
C TYR L 1446 -53.32 -62.01 41.41
N LYS L 1447 -54.27 -61.12 41.72
CA LYS L 1447 -55.25 -60.64 40.77
C LYS L 1447 -55.05 -59.14 40.57
N LEU L 1448 -54.90 -58.72 39.33
CA LEU L 1448 -54.60 -57.34 38.97
C LEU L 1448 -55.81 -56.71 38.29
N VAL L 1449 -56.17 -55.51 38.74
CA VAL L 1449 -57.25 -54.73 38.14
C VAL L 1449 -56.74 -53.31 37.94
N ARG L 1450 -56.92 -52.78 36.73
CA ARG L 1450 -56.47 -51.45 36.38
C ARG L 1450 -57.64 -50.48 36.42
N LYS L 1451 -57.46 -49.35 37.09
CA LYS L 1451 -58.49 -48.33 37.24
C LYS L 1451 -58.00 -47.02 36.63
N VAL L 1452 -58.80 -46.44 35.75
CA VAL L 1452 -58.56 -45.07 35.32
C VAL L 1452 -59.01 -44.14 36.44
N PHE L 1453 -58.18 -43.16 36.78
CA PHE L 1453 -58.38 -42.42 38.01
C PHE L 1453 -57.68 -41.08 37.96
N LYS L 1454 -58.47 -40.01 37.92
CA LYS L 1454 -57.99 -38.63 37.87
C LYS L 1454 -56.96 -38.44 36.74
N ASN L 1455 -57.37 -38.84 35.54
CA ASN L 1455 -56.58 -38.62 34.32
C ASN L 1455 -55.21 -39.28 34.40
N HIS L 1456 -55.13 -40.38 35.14
CA HIS L 1456 -53.98 -41.27 35.08
C HIS L 1456 -54.47 -42.67 35.43
N GLU L 1457 -53.54 -43.60 35.55
CA GLU L 1457 -53.88 -45.01 35.73
C GLU L 1457 -53.25 -45.56 37.00
N HIS L 1458 -53.95 -46.49 37.62
CA HIS L 1458 -53.50 -47.10 38.87
C HIS L 1458 -53.90 -48.57 38.87
N VAL L 1459 -53.00 -49.43 39.34
CA VAL L 1459 -53.22 -50.87 39.37
C VAL L 1459 -53.50 -51.31 40.80
N HIS L 1460 -54.57 -52.06 40.98
CA HIS L 1460 -54.95 -52.61 42.28
C HIS L 1460 -54.70 -54.12 42.29
N VAL L 1461 -54.01 -54.60 43.31
CA VAL L 1461 -53.60 -56.00 43.42
C VAL L 1461 -54.25 -56.61 44.65
N VAL L 1462 -54.83 -57.79 44.49
CA VAL L 1462 -55.44 -58.54 45.59
C VAL L 1462 -55.07 -60.01 45.43
N GLY L 1463 -54.85 -60.69 46.55
CA GLY L 1463 -54.52 -62.09 46.53
C GLY L 1463 -55.74 -62.99 46.46
N LEU L 1464 -55.49 -64.24 46.06
CA LEU L 1464 -56.51 -65.26 45.94
C LEU L 1464 -56.08 -66.49 46.73
N ARG L 1465 -57.06 -67.22 47.25
CA ARG L 1465 -56.78 -68.40 48.06
C ARG L 1465 -57.66 -69.58 47.66
N GLY L 1466 -57.07 -70.78 47.79
CA GLY L 1466 -57.68 -71.98 47.25
C GLY L 1466 -59.07 -72.26 47.78
N PHE L 1467 -59.30 -72.02 49.07
CA PHE L 1467 -60.54 -72.43 49.72
C PHE L 1467 -61.04 -71.32 50.63
N GLY L 1468 -62.36 -71.31 50.83
CA GLY L 1468 -63.01 -70.32 51.66
C GLY L 1468 -64.27 -70.88 52.32
N SER M 2 -35.94 -74.19 -11.62
CA SER M 2 -37.30 -73.79 -11.15
C SER M 2 -37.29 -72.39 -10.54
N SER M 3 -38.47 -71.86 -10.26
CA SER M 3 -38.60 -70.52 -9.69
C SER M 3 -38.21 -70.54 -8.21
N THR M 4 -38.02 -69.34 -7.66
CA THR M 4 -37.61 -69.16 -6.27
C THR M 4 -36.40 -70.04 -5.96
N HIS M 5 -35.36 -69.87 -6.77
CA HIS M 5 -34.18 -70.71 -6.73
C HIS M 5 -32.96 -69.82 -6.83
N ILE M 6 -32.00 -69.99 -5.91
CA ILE M 6 -30.90 -69.04 -5.78
C ILE M 6 -30.26 -68.78 -7.14
N GLU M 7 -30.12 -69.82 -7.96
CA GLU M 7 -29.43 -69.67 -9.23
C GLU M 7 -30.08 -68.64 -10.15
N GLN M 8 -31.36 -68.35 -9.94
CA GLN M 8 -32.02 -67.35 -10.80
C GLN M 8 -31.35 -66.00 -10.69
N PHE M 9 -30.87 -65.64 -9.50
CA PHE M 9 -30.36 -64.30 -9.24
C PHE M 9 -28.86 -64.26 -9.01
N MET M 10 -28.28 -65.35 -8.50
CA MET M 10 -26.88 -65.34 -8.11
C MET M 10 -26.23 -66.70 -8.21
N PRO M 11 -24.95 -66.76 -8.59
CA PRO M 11 -24.22 -68.02 -8.52
C PRO M 11 -24.16 -68.54 -7.10
N VAL M 12 -24.22 -69.86 -6.96
CA VAL M 12 -24.25 -70.47 -5.62
C VAL M 12 -22.97 -70.15 -4.87
N LYS M 13 -21.82 -70.24 -5.53
CA LYS M 13 -20.55 -70.00 -4.83
C LYS M 13 -20.47 -68.57 -4.32
N LEU M 14 -20.97 -67.60 -5.08
CA LEU M 14 -20.93 -66.22 -4.63
C LEU M 14 -21.81 -66.02 -3.40
N ALA M 15 -23.04 -66.55 -3.43
CA ALA M 15 -23.90 -66.47 -2.27
C ALA M 15 -23.27 -67.16 -1.07
N GLN M 16 -22.64 -68.30 -1.30
CA GLN M 16 -21.97 -69.03 -0.24
C GLN M 16 -20.87 -68.18 0.39
N ALA M 17 -20.11 -67.46 -0.45
CA ALA M 17 -19.07 -66.59 0.07
C ALA M 17 -19.67 -65.46 0.89
N LEU M 18 -20.65 -64.75 0.34
CA LEU M 18 -21.22 -63.59 1.03
C LEU M 18 -21.88 -64.00 2.35
N ALA M 19 -22.31 -65.24 2.47
CA ALA M 19 -22.94 -65.70 3.71
C ALA M 19 -21.93 -66.08 4.78
N ASN M 20 -20.64 -66.10 4.45
CA ASN M 20 -19.64 -66.54 5.40
C ASN M 20 -19.47 -65.51 6.52
N SER M 21 -19.01 -65.99 7.68
CA SER M 21 -18.87 -65.13 8.85
C SER M 21 -17.68 -64.19 8.76
N LEU M 22 -16.72 -64.42 7.93
CA LEU M 22 -15.57 -63.65 7.67
C LEU M 22 -15.79 -62.47 6.76
N PHE M 23 -16.85 -62.52 5.96
CA PHE M 23 -17.05 -61.50 4.93
C PHE M 23 -17.18 -60.09 5.47
N PRO M 24 -18.01 -59.81 6.49
CA PRO M 24 -18.19 -58.39 6.86
C PRO M 24 -16.91 -57.71 7.30
N GLU M 25 -16.12 -58.29 8.13
CA GLU M 25 -14.85 -57.86 8.55
C GLU M 25 -13.98 -57.48 7.38
N LEU M 26 -13.81 -58.39 6.49
CA LEU M 26 -12.98 -58.33 5.34
C LEU M 26 -13.39 -57.23 4.39
N ASP M 27 -14.64 -57.13 4.10
CA ASP M 27 -15.26 -56.14 3.30
C ASP M 27 -14.99 -54.76 3.83
N SER M 28 -15.25 -54.53 5.07
CA SER M 28 -15.01 -53.33 5.77
C SER M 28 -13.58 -52.90 5.64
N GLN M 29 -12.66 -53.77 5.89
CA GLN M 29 -11.27 -53.54 5.82
C GLN M 29 -10.81 -53.19 4.44
N LEU M 30 -11.18 -53.96 3.46
CA LEU M 30 -10.83 -53.82 2.09
C LEU M 30 -11.23 -52.46 1.56
N ARG M 31 -12.43 -52.04 1.79
CA ARG M 31 -12.91 -50.77 1.44
C ARG M 31 -12.08 -49.67 2.04
N ALA M 32 -11.55 -49.88 3.23
CA ALA M 32 -10.72 -48.89 3.93
C ALA M 32 -9.30 -48.80 3.38
N GLY M 33 -8.91 -49.67 2.45
CA GLY M 33 -7.60 -49.69 1.80
C GLY M 33 -6.60 -50.69 2.35
N ARG M 34 -6.97 -51.54 3.29
CA ARG M 34 -6.02 -52.50 3.87
C ARG M 34 -5.55 -53.52 2.85
N HIS M 35 -4.26 -53.84 2.86
CA HIS M 35 -3.69 -54.88 2.01
C HIS M 35 -3.73 -56.20 2.77
N ILE M 36 -3.91 -57.33 2.09
CA ILE M 36 -3.97 -58.64 2.75
C ILE M 36 -2.82 -59.51 2.30
N GLY M 37 -1.97 -59.93 3.22
CA GLY M 37 -0.78 -60.76 2.96
C GLY M 37 -1.00 -62.22 3.36
N ILE M 38 0.07 -63.01 3.42
CA ILE M 38 0.00 -64.43 3.77
C ILE M 38 -0.13 -64.71 5.27
N ASP M 39 0.27 -63.79 6.15
CA ASP M 39 0.29 -64.08 7.57
C ASP M 39 -1.09 -64.19 8.22
N ASP M 40 -2.06 -63.37 7.84
CA ASP M 40 -3.40 -63.46 8.35
C ASP M 40 -4.17 -64.52 7.58
N LEU M 41 -3.90 -65.77 7.93
CA LEU M 41 -4.37 -66.96 7.33
C LEU M 41 -5.84 -66.96 7.02
N ASP M 42 -6.66 -66.70 7.97
CA ASP M 42 -8.07 -66.74 7.87
C ASP M 42 -8.54 -65.99 6.65
N ASN M 43 -8.22 -64.74 6.58
CA ASN M 43 -8.56 -63.81 5.57
C ASN M 43 -8.01 -64.19 4.22
N HIS M 44 -6.77 -64.52 4.16
CA HIS M 44 -6.03 -64.86 2.99
C HIS M 44 -6.60 -66.09 2.33
N ALA M 45 -6.80 -67.13 3.06
CA ALA M 45 -7.41 -68.34 2.67
C ALA M 45 -8.80 -68.12 2.13
N PHE M 46 -9.60 -67.35 2.79
CA PHE M 46 -10.88 -66.96 2.35
C PHE M 46 -10.84 -66.32 1.00
N LEU M 47 -9.99 -65.38 0.79
CA LEU M 47 -9.75 -64.69 -0.42
C LEU M 47 -9.42 -65.63 -1.54
N MET M 48 -8.51 -66.52 -1.33
CA MET M 48 -8.08 -67.53 -2.23
C MET M 48 -9.21 -68.42 -2.67
N ASP M 49 -10.05 -68.81 -1.70
CA ASP M 49 -11.09 -69.79 -2.00
C ASP M 49 -12.10 -69.24 -3.01
N PHE M 50 -12.50 -67.98 -2.87
CA PHE M 50 -13.55 -67.39 -3.69
C PHE M 50 -13.06 -66.22 -4.54
N GLN M 51 -11.85 -66.17 -4.99
CA GLN M 51 -11.23 -65.10 -5.66
C GLN M 51 -12.09 -64.52 -6.76
N GLU M 52 -12.49 -65.40 -7.68
CA GLU M 52 -13.20 -64.92 -8.87
C GLU M 52 -14.57 -64.36 -8.51
N GLN M 53 -15.26 -64.95 -7.55
CA GLN M 53 -16.55 -64.42 -7.13
C GLN M 53 -16.41 -63.01 -6.56
N LEU M 54 -15.47 -62.74 -5.72
CA LEU M 54 -15.17 -61.48 -5.16
C LEU M 54 -14.82 -60.47 -6.21
N GLU M 55 -14.00 -60.79 -7.15
CA GLU M 55 -13.64 -59.98 -8.25
C GLU M 55 -14.85 -59.55 -9.05
N GLU M 56 -15.70 -60.45 -9.38
CA GLU M 56 -16.90 -60.24 -10.11
C GLU M 56 -17.86 -59.36 -9.36
N PHE M 57 -17.99 -59.55 -8.09
CA PHE M 57 -18.78 -58.82 -7.16
C PHE M 57 -18.40 -57.36 -7.12
N TYR M 58 -17.21 -57.06 -6.74
CA TYR M 58 -16.65 -55.78 -6.63
C TYR M 58 -16.63 -55.02 -7.92
N ALA M 59 -16.61 -55.69 -9.04
CA ALA M 59 -16.70 -55.14 -10.33
C ALA M 59 -17.92 -54.28 -10.51
N ARG M 60 -18.98 -54.55 -9.82
CA ARG M 60 -20.20 -53.85 -9.80
C ARG M 60 -20.00 -52.41 -9.39
N TYR M 61 -19.07 -52.14 -8.54
CA TYR M 61 -18.64 -50.90 -8.00
C TYR M 61 -17.68 -50.12 -8.86
N ASN M 62 -17.24 -50.64 -9.95
CA ASN M 62 -16.20 -50.10 -10.76
C ASN M 62 -14.89 -50.05 -10.02
N VAL M 63 -14.49 -51.09 -9.36
CA VAL M 63 -13.27 -51.33 -8.68
C VAL M 63 -12.72 -52.70 -8.95
N GLU M 64 -11.46 -52.87 -9.19
CA GLU M 64 -10.73 -54.06 -9.38
C GLU M 64 -10.21 -54.61 -8.08
N LEU M 65 -10.52 -55.79 -7.70
CA LEU M 65 -9.90 -56.60 -6.71
C LEU M 65 -8.65 -57.22 -7.27
N ILE M 66 -7.47 -56.78 -6.89
CA ILE M 66 -6.21 -57.19 -7.51
C ILE M 66 -5.36 -58.00 -6.57
N ARG M 67 -4.61 -58.90 -7.17
CA ARG M 67 -3.68 -59.85 -6.66
C ARG M 67 -2.28 -59.61 -7.15
N ALA M 68 -1.40 -59.09 -6.32
CA ALA M 68 -0.02 -58.85 -6.72
C ALA M 68 0.72 -60.19 -6.80
N PRO M 69 1.80 -60.29 -7.58
CA PRO M 69 2.59 -61.50 -7.67
C PRO M 69 3.11 -62.02 -6.36
N GLU M 70 3.35 -61.15 -5.40
CA GLU M 70 3.83 -61.52 -4.10
C GLU M 70 2.77 -62.24 -3.27
N GLY M 71 1.53 -62.34 -3.76
CA GLY M 71 0.45 -63.04 -3.12
C GLY M 71 -0.47 -62.18 -2.27
N PHE M 72 -0.37 -60.85 -2.33
CA PHE M 72 -1.23 -59.97 -1.54
C PHE M 72 -2.31 -59.32 -2.39
N PHE M 73 -3.52 -59.26 -1.85
CA PHE M 73 -4.71 -58.70 -2.38
C PHE M 73 -4.88 -57.25 -2.01
N TYR M 74 -5.55 -56.48 -2.84
CA TYR M 74 -5.91 -55.10 -2.57
C TYR M 74 -6.89 -54.62 -3.62
N LEU M 75 -7.49 -53.48 -3.39
CA LEU M 75 -8.47 -52.78 -4.13
C LEU M 75 -7.89 -51.64 -4.92
N ARG M 76 -8.18 -51.55 -6.22
CA ARG M 76 -7.75 -50.43 -7.06
C ARG M 76 -8.98 -49.85 -7.71
N PRO M 77 -9.41 -48.63 -7.36
CA PRO M 77 -10.58 -48.03 -7.96
C PRO M 77 -10.36 -47.55 -9.38
N ARG M 78 -11.38 -47.57 -10.24
CA ARG M 78 -11.31 -47.01 -11.60
C ARG M 78 -11.62 -45.52 -11.57
N SER M 79 -11.54 -44.83 -12.71
CA SER M 79 -11.88 -43.40 -12.77
C SER M 79 -13.35 -43.14 -12.46
N THR M 80 -14.26 -44.06 -12.84
CA THR M 80 -15.65 -44.07 -12.61
C THR M 80 -16.05 -44.73 -11.32
N THR M 81 -15.11 -44.86 -10.39
CA THR M 81 -15.34 -45.62 -9.17
C THR M 81 -16.51 -45.10 -8.37
N LEU M 82 -17.25 -46.04 -7.79
CA LEU M 82 -18.28 -45.86 -6.85
C LEU M 82 -17.77 -45.59 -5.45
N ILE M 83 -16.50 -45.90 -5.17
CA ILE M 83 -15.81 -45.75 -3.88
C ILE M 83 -14.68 -44.74 -4.04
N PRO M 84 -14.51 -43.74 -3.16
CA PRO M 84 -13.45 -42.76 -3.31
C PRO M 84 -12.05 -43.34 -3.34
N ARG M 85 -11.14 -42.60 -3.96
CA ARG M 85 -9.74 -42.98 -4.12
C ARG M 85 -8.86 -41.86 -3.60
N SER M 86 -7.74 -42.20 -2.97
CA SER M 86 -6.80 -41.24 -2.38
C SER M 86 -5.37 -41.63 -2.65
N VAL M 87 -4.43 -40.72 -2.42
CA VAL M 87 -3.01 -40.93 -2.68
C VAL M 87 -2.16 -40.75 -1.43
N LEU M 88 -1.04 -41.47 -1.35
CA LEU M 88 -0.12 -41.36 -0.22
C LEU M 88 0.79 -40.13 -0.35
N SER M 89 1.31 -39.65 0.76
CA SER M 89 2.23 -38.50 0.82
C SER M 89 3.65 -38.92 0.46
N GLU M 90 4.49 -37.99 0.00
CA GLU M 90 5.87 -38.31 -0.35
C GLU M 90 6.67 -38.82 0.85
N LEU M 91 6.39 -38.37 2.07
CA LEU M 91 7.11 -38.94 3.21
C LEU M 91 6.74 -40.41 3.37
N ASP M 92 5.48 -40.75 3.15
CA ASP M 92 5.01 -42.13 3.20
C ASP M 92 5.81 -42.93 2.17
N MET M 93 6.05 -42.38 0.98
CA MET M 93 6.85 -43.07 -0.01
C MET M 93 8.27 -43.30 0.43
N MET M 94 8.91 -42.30 1.04
CA MET M 94 10.27 -42.47 1.51
C MET M 94 10.29 -43.61 2.50
N VAL M 95 9.39 -43.59 3.49
CA VAL M 95 9.36 -44.67 4.47
C VAL M 95 9.00 -45.98 3.80
N GLY M 96 8.14 -45.98 2.78
CA GLY M 96 7.74 -47.19 2.07
C GLY M 96 8.90 -47.84 1.33
N LYS M 97 9.63 -47.08 0.51
CA LYS M 97 10.77 -47.61 -0.23
C LYS M 97 11.85 -48.08 0.73
N ILE M 98 12.08 -47.39 1.85
CA ILE M 98 13.05 -47.86 2.82
C ILE M 98 12.58 -49.16 3.46
N LEU M 99 11.31 -49.29 3.84
CA LEU M 99 10.79 -50.54 4.41
C LEU M 99 10.98 -51.69 3.41
N CYS M 100 10.80 -51.40 2.11
CA CYS M 100 11.03 -52.37 1.07
C CYS M 100 12.49 -52.85 1.07
N TYR M 101 13.46 -51.92 1.03
CA TYR M 101 14.86 -52.32 1.05
C TYR M 101 15.16 -53.12 2.33
N LEU M 102 14.61 -52.73 3.48
CA LEU M 102 14.79 -53.46 4.72
C LEU M 102 14.29 -54.90 4.57
N TYR M 103 13.13 -55.12 3.95
CA TYR M 103 12.62 -56.49 3.78
C TYR M 103 13.56 -57.37 2.99
N LEU M 104 14.14 -56.81 1.93
CA LEU M 104 15.06 -57.55 1.07
C LEU M 104 16.37 -57.84 1.73
N SER M 105 16.88 -56.91 2.52
CA SER M 105 18.19 -57.02 3.13
C SER M 105 18.48 -58.35 3.86
N PRO M 106 19.30 -59.26 3.28
CA PRO M 106 19.64 -60.49 3.97
C PRO M 106 20.53 -60.22 5.18
N GLU M 107 21.24 -59.10 5.20
CA GLU M 107 22.13 -58.70 6.29
C GLU M 107 21.38 -58.60 7.62
N ARG M 108 20.10 -58.22 7.59
CA ARG M 108 19.26 -58.09 8.78
C ARG M 108 18.22 -59.22 8.92
N LEU M 109 18.25 -60.22 8.05
CA LEU M 109 17.30 -61.34 8.12
C LEU M 109 17.42 -62.11 9.45
N ALA M 110 18.59 -62.11 10.06
CA ALA M 110 18.86 -62.75 11.34
C ALA M 110 17.97 -62.21 12.48
N ASN M 111 17.46 -60.97 12.37
CA ASN M 111 16.55 -60.37 13.34
C ASN M 111 15.20 -61.11 13.39
N GLN M 112 14.92 -62.01 12.43
CA GLN M 112 13.66 -62.73 12.28
C GLN M 112 12.49 -61.76 12.02
N GLY M 113 12.77 -60.67 11.30
CA GLY M 113 11.76 -59.66 10.93
C GLY M 113 11.56 -58.54 11.93
N ILE M 114 12.09 -58.63 13.14
CA ILE M 114 11.86 -57.58 14.14
C ILE M 114 12.84 -56.43 13.96
N PHE M 115 12.33 -55.26 13.66
CA PHE M 115 13.10 -54.03 13.47
C PHE M 115 12.65 -52.97 14.47
N THR M 116 13.50 -51.98 14.72
CA THR M 116 13.25 -50.88 15.66
C THR M 116 13.17 -49.57 14.89
N SER M 117 12.34 -48.63 15.34
CA SER M 117 12.20 -47.33 14.66
C SER M 117 13.53 -46.63 14.43
N GLN M 118 14.43 -46.75 15.38
CA GLN M 118 15.75 -46.16 15.27
C GLN M 118 16.54 -46.76 14.10
N GLU M 119 16.50 -48.08 13.91
CA GLU M 119 17.20 -48.72 12.80
C GLU M 119 16.65 -48.23 11.47
N LEU M 120 15.32 -48.13 11.37
CA LEU M 120 14.67 -47.62 10.15
C LEU M 120 15.16 -46.21 9.87
N TYR M 121 15.13 -45.36 10.89
CA TYR M 121 15.55 -43.98 10.76
C TYR M 121 17.01 -43.89 10.34
N GLU M 122 17.88 -44.69 10.94
CA GLU M 122 19.30 -44.71 10.59
C GLU M 122 19.51 -45.13 9.15
N GLU M 123 18.77 -46.12 8.65
CA GLU M 123 18.92 -46.57 7.28
C GLU M 123 18.47 -45.44 6.32
N LEU M 124 17.32 -44.83 6.61
CA LEU M 124 16.77 -43.76 5.80
C LEU M 124 17.78 -42.62 5.66
N ILE M 125 18.30 -42.10 6.77
CA ILE M 125 19.28 -41.02 6.70
C ILE M 125 20.57 -41.46 6.02
N SER M 126 20.91 -42.74 6.05
CA SER M 126 22.11 -43.23 5.39
C SER M 126 22.00 -43.09 3.87
N LEU M 127 20.81 -43.30 3.31
CA LEU M 127 20.61 -43.28 1.86
C LEU M 127 20.14 -41.93 1.28
N ALA M 128 19.05 -41.35 1.77
CA ALA M 128 18.51 -40.11 1.23
C ALA M 128 19.32 -38.87 1.63
N ASP M 129 19.09 -37.74 0.98
CA ASP M 129 19.78 -36.49 1.33
C ASP M 129 19.11 -35.93 2.60
N GLU M 130 19.76 -36.10 3.74
CA GLU M 130 19.27 -35.70 5.06
C GLU M 130 18.82 -34.25 5.10
N GLY M 131 19.73 -33.31 4.87
CA GLY M 131 19.44 -31.88 4.91
C GLY M 131 18.42 -31.44 3.88
N LYS M 132 18.38 -32.04 2.70
CA LYS M 132 17.39 -31.64 1.71
C LYS M 132 16.04 -32.26 2.07
N LEU M 133 15.99 -33.46 2.64
CA LEU M 133 14.75 -34.10 3.06
C LEU M 133 14.13 -33.35 4.23
N MET M 134 14.97 -32.79 5.10
CA MET M 134 14.55 -31.98 6.24
C MET M 134 13.62 -30.82 5.84
N LYS M 135 13.71 -30.32 4.60
CA LYS M 135 12.88 -29.26 4.02
C LYS M 135 11.37 -29.54 4.17
N PHE M 136 10.97 -30.81 4.15
CA PHE M 136 9.58 -31.21 4.28
C PHE M 136 9.06 -31.12 5.71
N VAL M 137 9.91 -31.28 6.70
CA VAL M 137 9.53 -31.15 8.09
C VAL M 137 9.29 -29.68 8.42
N ASN M 138 10.23 -28.84 7.96
CA ASN M 138 10.20 -27.39 8.13
C ASN M 138 11.09 -26.70 7.07
N GLN M 139 10.59 -25.61 6.47
CA GLN M 139 11.26 -24.85 5.43
C GLN M 139 12.56 -24.18 5.92
N ARG M 140 12.77 -24.03 7.23
CA ARG M 140 13.96 -23.41 7.83
C ARG M 140 14.92 -24.42 8.46
N SER M 141 14.67 -25.72 8.41
CA SER M 141 15.57 -26.71 9.03
C SER M 141 16.99 -26.70 8.44
N SER M 142 17.98 -26.76 9.34
CA SER M 142 19.40 -26.74 9.00
C SER M 142 20.19 -27.74 9.86
N GLY M 143 19.59 -28.83 10.35
CA GLY M 143 20.27 -29.83 11.19
C GLY M 143 20.15 -29.66 12.72
N SER M 144 19.31 -28.76 13.22
CA SER M 144 19.07 -28.58 14.67
C SER M 144 18.40 -29.81 15.28
N ASP M 145 18.75 -30.16 16.52
CA ASP M 145 18.19 -31.32 17.18
C ASP M 145 16.69 -31.26 17.36
N LEU M 146 16.12 -30.09 17.61
CA LEU M 146 14.68 -29.98 17.76
C LEU M 146 14.01 -30.44 16.45
N ASP M 147 14.56 -30.00 15.33
CA ASP M 147 14.06 -30.35 14.00
C ASP M 147 14.29 -31.84 13.73
N LYS M 148 15.41 -32.42 14.19
CA LYS M 148 15.70 -33.85 14.04
C LYS M 148 14.68 -34.66 14.84
N GLN M 149 14.35 -34.24 16.05
CA GLN M 149 13.32 -34.93 16.82
C GLN M 149 11.97 -34.75 16.13
N LYS M 150 11.65 -33.57 15.58
CA LYS M 150 10.40 -33.37 14.85
C LYS M 150 10.32 -34.34 13.65
N LEU M 151 11.41 -34.56 12.92
CA LEU M 151 11.45 -35.51 11.81
C LEU M 151 11.15 -36.91 12.33
N GLN M 152 11.81 -37.33 13.40
CA GLN M 152 11.58 -38.64 14.01
C GLN M 152 10.11 -38.82 14.39
N GLU M 153 9.47 -37.81 14.96
CA GLU M 153 8.05 -37.88 15.33
C GLU M 153 7.16 -37.97 14.08
N LYS M 154 7.49 -37.27 12.98
CA LYS M 154 6.74 -37.40 11.72
C LYS M 154 6.86 -38.81 11.16
N VAL M 155 8.04 -39.41 11.26
CA VAL M 155 8.29 -40.78 10.83
C VAL M 155 7.44 -41.70 11.69
N ARG M 156 7.41 -41.51 13.01
CA ARG M 156 6.56 -42.27 13.94
C ARG M 156 5.09 -42.21 13.52
N THR M 157 4.63 -41.04 13.09
CA THR M 157 3.27 -40.83 12.60
C THR M 157 2.96 -41.54 11.30
N THR M 158 3.81 -41.37 10.29
CA THR M 158 3.58 -42.05 9.02
C THR M 158 3.64 -43.55 9.18
N LEU M 159 4.56 -44.08 9.99
CA LEU M 159 4.70 -45.51 10.19
C LEU M 159 3.42 -46.07 10.79
N ASN M 160 2.80 -45.35 11.72
CA ASN M 160 1.52 -45.75 12.33
C ASN M 160 0.42 -45.81 11.25
N ARG M 161 0.39 -44.86 10.31
CA ARG M 161 -0.56 -44.90 9.19
C ARG M 161 -0.30 -46.14 8.32
N LEU M 162 0.96 -46.46 8.00
CA LEU M 162 1.25 -47.68 7.23
C LEU M 162 0.77 -48.92 7.98
N ARG M 163 0.84 -48.95 9.31
CA ARG M 163 0.35 -50.08 10.11
C ARG M 163 -1.14 -50.28 9.87
N ARG M 164 -1.92 -49.20 9.81
CA ARG M 164 -3.37 -49.26 9.52
C ARG M 164 -3.67 -49.80 8.11
N LEU M 165 -2.83 -49.50 7.12
CA LEU M 165 -2.89 -50.03 5.76
C LEU M 165 -2.47 -51.51 5.71
N GLY M 166 -1.97 -52.09 6.81
CA GLY M 166 -1.57 -53.49 6.85
C GLY M 166 -0.15 -53.72 6.35
N MET M 167 0.66 -52.69 6.12
CA MET M 167 2.02 -52.84 5.60
C MET M 167 3.07 -53.21 6.65
N VAL M 168 2.77 -53.15 7.94
CA VAL M 168 3.70 -53.41 9.04
C VAL M 168 2.95 -53.75 10.32
N TYR M 169 3.41 -54.68 11.15
CA TYR M 169 2.71 -55.11 12.35
C TYR M 169 3.54 -54.83 13.61
N PHE M 170 3.07 -54.05 14.58
CA PHE M 170 3.84 -53.78 15.81
C PHE M 170 3.84 -55.02 16.72
N LEU M 171 4.82 -55.17 17.61
CA LEU M 171 4.84 -56.32 18.53
C LEU M 171 3.70 -56.22 19.55
N PRO M 172 3.20 -57.35 20.04
CA PRO M 172 2.07 -57.38 20.96
C PRO M 172 2.23 -56.54 22.23
N ASN M 173 3.44 -56.44 22.79
CA ASN M 173 3.70 -55.70 24.04
C ASN M 173 4.66 -54.52 23.90
N ASN M 174 5.45 -54.45 22.83
CA ASN M 174 6.41 -53.37 22.63
C ASN M 174 6.12 -52.58 21.35
N ASN M 175 5.87 -51.29 21.47
CA ASN M 175 5.53 -50.44 20.33
C ASN M 175 6.76 -49.80 19.67
N ASN M 176 7.99 -50.00 20.20
CA ASN M 176 9.21 -49.46 19.57
C ASN M 176 9.76 -50.43 18.52
N LYS M 177 9.18 -51.62 18.43
CA LYS M 177 9.59 -52.69 17.51
C LYS M 177 8.41 -53.22 16.71
N PHE M 178 8.68 -53.67 15.50
CA PHE M 178 7.65 -54.13 14.56
C PHE M 178 8.18 -55.12 13.53
N THR M 179 7.28 -55.76 12.78
CA THR M 179 7.59 -56.72 11.73
C THR M 179 6.99 -56.33 10.39
N ILE M 180 7.75 -56.57 9.33
CA ILE M 180 7.36 -56.28 7.95
C ILE M 180 6.50 -57.40 7.36
N THR M 181 5.82 -57.11 6.25
CA THR M 181 5.03 -58.01 5.42
C THR M 181 5.36 -57.71 3.95
N GLU M 182 5.13 -58.66 3.07
CA GLU M 182 5.38 -58.57 1.65
C GLU M 182 4.60 -57.47 0.93
N ALA M 183 3.54 -56.91 1.54
CA ALA M 183 2.76 -55.88 0.86
C ALA M 183 3.58 -54.65 0.50
N VAL M 184 4.70 -54.43 1.18
CA VAL M 184 5.59 -53.30 0.93
C VAL M 184 6.15 -53.30 -0.48
N PHE M 185 6.16 -54.43 -1.20
CA PHE M 185 6.74 -54.43 -2.55
C PHE M 185 6.03 -53.52 -3.55
N ARG M 186 4.84 -53.00 -3.24
CA ARG M 186 4.18 -52.10 -4.17
C ARG M 186 4.97 -50.80 -4.32
N PHE M 187 5.80 -50.43 -3.34
CA PHE M 187 6.64 -49.23 -3.45
C PHE M 187 7.74 -49.39 -4.49
N GLY M 188 8.03 -50.60 -4.96
CA GLY M 188 9.02 -50.88 -6.00
C GLY M 188 8.40 -50.98 -7.40
N ALA M 189 7.12 -50.66 -7.56
CA ALA M 189 6.42 -50.76 -8.85
C ALA M 189 7.05 -49.91 -9.97
N ASP M 190 7.85 -48.90 -9.64
CA ASP M 190 8.52 -48.05 -10.62
C ASP M 190 9.86 -48.60 -11.10
N VAL M 191 10.37 -49.69 -10.52
CA VAL M 191 11.68 -50.25 -10.91
C VAL M 191 11.75 -51.76 -11.04
N ARG M 192 10.67 -52.52 -10.81
CA ARG M 192 10.79 -53.98 -10.89
C ARG M 192 11.19 -54.51 -12.26
N SER M 193 10.99 -53.74 -13.32
CA SER M 193 11.42 -54.06 -14.68
C SER M 193 12.54 -53.10 -15.09
N GLY M 194 13.65 -53.63 -15.61
CA GLY M 194 14.81 -52.84 -16.01
C GLY M 194 14.62 -52.18 -17.37
N ASP M 195 13.83 -51.12 -17.41
CA ASP M 195 13.48 -50.35 -18.54
C ASP M 195 13.46 -48.87 -18.29
N ASP M 196 13.18 -48.06 -19.25
CA ASP M 196 13.11 -46.65 -19.22
C ASP M 196 12.19 -46.20 -18.12
N PRO M 197 12.62 -45.43 -17.10
CA PRO M 197 11.74 -44.97 -16.04
C PRO M 197 10.52 -44.19 -16.53
N ARG M 198 10.63 -43.39 -17.59
CA ARG M 198 9.49 -42.56 -18.05
C ARG M 198 8.32 -43.39 -18.54
N GLU M 199 8.60 -44.41 -19.32
CA GLU M 199 7.68 -45.31 -19.89
C GLU M 199 6.98 -46.12 -18.83
N ILE M 200 7.75 -46.56 -17.82
CA ILE M 200 7.20 -47.28 -16.69
C ILE M 200 6.19 -46.37 -16.00
N GLN M 201 6.59 -45.15 -15.69
CA GLN M 201 5.71 -44.21 -15.01
C GLN M 201 4.41 -43.95 -15.77
N LEU M 202 4.45 -43.80 -17.10
CA LEU M 202 3.35 -43.64 -17.97
C LEU M 202 2.42 -44.83 -17.91
N ARG M 203 2.94 -46.01 -17.95
CA ARG M 203 2.23 -47.24 -17.85
C ARG M 203 1.47 -47.33 -16.53
N MET M 204 2.14 -46.98 -15.44
CA MET M 204 1.53 -46.99 -14.12
C MET M 204 0.38 -46.00 -14.00
N ILE M 205 0.55 -44.78 -14.50
CA ILE M 205 -0.54 -43.81 -14.41
C ILE M 205 -1.70 -44.25 -15.30
N ARG M 206 -1.45 -44.87 -16.45
CA ARG M 206 -2.44 -45.41 -17.31
C ARG M 206 -3.22 -46.52 -16.65
N ASP M 207 -2.56 -47.36 -15.87
CA ASP M 207 -3.21 -48.44 -15.15
C ASP M 207 -3.95 -47.98 -13.88
N GLY M 208 -3.77 -46.75 -13.45
CA GLY M 208 -4.41 -46.23 -12.24
C GLY M 208 -3.64 -46.58 -10.97
N GLU M 209 -2.44 -47.16 -11.08
CA GLU M 209 -1.65 -47.50 -9.91
C GLU M 209 -1.11 -46.29 -9.17
N ALA M 210 -0.62 -45.29 -9.91
CA ALA M 210 0.02 -44.13 -9.31
C ALA M 210 -0.20 -42.80 -10.02
N MET M 211 -0.29 -41.75 -9.21
CA MET M 211 -0.45 -40.37 -9.64
C MET M 211 0.82 -39.55 -9.37
N PRO M 212 1.07 -38.47 -10.14
CA PRO M 212 2.17 -37.56 -9.89
C PRO M 212 1.73 -36.58 -8.78
N VAL M 213 2.51 -35.55 -8.47
CA VAL M 213 2.19 -34.56 -7.42
C VAL M 213 2.28 -33.12 -7.91
N PHE N 9 -26.55 -71.55 3.19
CA PHE N 9 -27.46 -70.93 2.17
C PHE N 9 -27.75 -69.49 2.52
N MET N 10 -28.63 -68.88 1.73
CA MET N 10 -29.02 -67.50 1.89
C MET N 10 -30.49 -67.36 1.51
N PRO N 11 -31.25 -66.54 2.25
CA PRO N 11 -32.67 -66.39 1.91
C PRO N 11 -32.83 -65.92 0.47
N VAL N 12 -33.84 -66.46 -0.21
CA VAL N 12 -34.03 -66.18 -1.62
C VAL N 12 -34.28 -64.69 -1.84
N LYS N 13 -35.15 -64.09 -1.03
CA LYS N 13 -35.47 -62.69 -1.24
C LYS N 13 -34.30 -61.78 -0.95
N LEU N 14 -33.45 -62.13 0.01
CA LEU N 14 -32.23 -61.35 0.25
C LEU N 14 -31.31 -61.39 -0.95
N ALA N 15 -31.10 -62.58 -1.52
CA ALA N 15 -30.28 -62.69 -2.71
C ALA N 15 -30.88 -61.87 -3.86
N GLN N 16 -32.20 -61.93 -4.02
CA GLN N 16 -32.84 -61.11 -5.04
C GLN N 16 -32.56 -59.64 -4.79
N ALA N 17 -32.75 -59.20 -3.55
CA ALA N 17 -32.60 -57.78 -3.24
C ALA N 17 -31.20 -57.30 -3.58
N LEU N 18 -30.18 -58.00 -3.09
CA LEU N 18 -28.82 -57.52 -3.32
C LEU N 18 -28.35 -57.80 -4.74
N ALA N 19 -29.07 -58.64 -5.50
CA ALA N 19 -28.76 -58.78 -6.92
C ALA N 19 -29.23 -57.58 -7.73
N ASN N 20 -30.14 -56.78 -7.19
CA ASN N 20 -30.71 -55.68 -7.96
C ASN N 20 -29.64 -54.67 -8.32
N SER N 21 -29.80 -54.05 -9.49
CA SER N 21 -28.80 -53.10 -9.97
C SER N 21 -28.70 -51.87 -9.09
N LEU N 22 -29.77 -51.53 -8.36
CA LEU N 22 -29.73 -50.32 -7.54
C LEU N 22 -28.94 -50.51 -6.25
N PHE N 23 -28.63 -51.75 -5.87
CA PHE N 23 -28.04 -51.97 -4.55
C PHE N 23 -26.66 -51.34 -4.38
N PRO N 24 -25.68 -51.50 -5.29
CA PRO N 24 -24.37 -50.97 -5.02
C PRO N 24 -24.33 -49.51 -4.65
N GLU N 25 -25.01 -48.69 -5.37
CA GLU N 25 -25.13 -47.28 -5.20
C GLU N 25 -25.72 -46.95 -3.85
N LEU N 26 -26.87 -47.58 -3.58
CA LEU N 26 -27.55 -47.33 -2.31
C LEU N 26 -26.68 -47.75 -1.13
N ASP N 27 -25.97 -48.82 -1.20
CA ASP N 27 -25.03 -49.30 -0.26
C ASP N 27 -23.97 -48.26 0.03
N SER N 28 -23.36 -47.74 -0.98
CA SER N 28 -22.39 -46.72 -0.93
C SER N 28 -22.88 -45.49 -0.20
N GLN N 29 -24.04 -45.02 -0.53
CA GLN N 29 -24.68 -43.91 0.06
C GLN N 29 -24.97 -44.13 1.51
N LEU N 30 -25.56 -45.22 1.86
CA LEU N 30 -25.94 -45.61 3.16
C LEU N 30 -24.77 -45.64 4.11
N ARG N 31 -23.70 -46.27 3.72
CA ARG N 31 -22.52 -46.40 4.48
C ARG N 31 -21.91 -45.07 4.82
N ALA N 32 -22.08 -44.08 4.00
CA ALA N 32 -21.71 -42.73 4.16
C ALA N 32 -22.54 -41.99 5.17
N GLY N 33 -23.68 -42.48 5.55
CA GLY N 33 -24.63 -41.90 6.37
C GLY N 33 -25.77 -41.16 5.82
N ARG N 34 -25.95 -41.16 4.54
CA ARG N 34 -27.00 -40.53 3.83
C ARG N 34 -28.35 -41.01 4.27
N HIS N 35 -29.33 -40.11 4.30
CA HIS N 35 -30.70 -40.42 4.64
C HIS N 35 -31.54 -40.48 3.38
N ILE N 36 -32.36 -41.51 3.25
CA ILE N 36 -33.20 -41.72 2.08
C ILE N 36 -34.61 -41.28 2.44
N GLY N 37 -35.09 -40.24 1.76
CA GLY N 37 -36.43 -39.72 1.98
C GLY N 37 -37.41 -40.18 0.91
N ILE N 38 -38.63 -39.66 1.01
CA ILE N 38 -39.64 -39.97 0.01
C ILE N 38 -39.31 -39.33 -1.33
N ASP N 39 -38.38 -38.37 -1.37
CA ASP N 39 -38.04 -37.72 -2.62
C ASP N 39 -37.43 -38.73 -3.60
N ASP N 40 -36.51 -39.57 -3.13
CA ASP N 40 -35.82 -40.53 -3.98
C ASP N 40 -36.78 -41.69 -4.27
N LEU N 41 -37.58 -41.52 -5.32
CA LEU N 41 -38.65 -42.44 -5.62
C LEU N 41 -38.16 -43.89 -5.64
N ASP N 42 -37.19 -44.17 -6.51
CA ASP N 42 -36.78 -45.56 -6.72
C ASP N 42 -36.09 -46.13 -5.48
N ASN N 43 -35.14 -45.40 -4.89
CA ASN N 43 -34.46 -45.91 -3.72
C ASN N 43 -35.43 -46.15 -2.57
N HIS N 44 -36.33 -45.21 -2.35
CA HIS N 44 -37.29 -45.35 -1.25
C HIS N 44 -38.20 -46.56 -1.48
N ALA N 45 -38.67 -46.73 -2.71
CA ALA N 45 -39.50 -47.89 -3.01
C ALA N 45 -38.72 -49.19 -2.80
N PHE N 46 -37.46 -49.22 -3.23
CA PHE N 46 -36.62 -50.40 -3.06
C PHE N 46 -36.49 -50.76 -1.59
N LEU N 47 -36.20 -49.78 -0.74
CA LEU N 47 -36.10 -50.03 0.69
C LEU N 47 -37.44 -50.51 1.25
N MET N 48 -38.53 -49.87 0.85
CA MET N 48 -39.84 -50.32 1.33
C MET N 48 -40.06 -51.79 0.98
N ASP N 49 -39.65 -52.20 -0.21
CA ASP N 49 -39.92 -53.56 -0.64
C ASP N 49 -39.06 -54.58 0.10
N PHE N 50 -37.78 -54.27 0.32
CA PHE N 50 -36.84 -55.26 0.85
C PHE N 50 -36.35 -54.96 2.26
N GLN N 51 -37.05 -54.13 3.03
CA GLN N 51 -36.63 -53.80 4.39
C GLN N 51 -36.38 -55.05 5.23
N GLU N 52 -37.32 -56.00 5.20
CA GLU N 52 -37.23 -57.13 6.13
C GLU N 52 -35.90 -57.86 5.99
N GLN N 53 -35.33 -57.88 4.80
CA GLN N 53 -34.08 -58.58 4.58
C GLN N 53 -32.87 -57.66 4.70
N LEU N 54 -32.99 -56.40 4.26
CA LEU N 54 -31.86 -55.49 4.40
C LEU N 54 -31.53 -55.23 5.87
N GLU N 55 -32.54 -55.20 6.74
CA GLU N 55 -32.25 -55.03 8.16
C GLU N 55 -31.34 -56.15 8.65
N GLU N 56 -31.65 -57.39 8.26
CA GLU N 56 -30.81 -58.50 8.65
C GLU N 56 -29.42 -58.40 8.03
N PHE N 57 -29.35 -57.99 6.76
CA PHE N 57 -28.05 -57.88 6.11
C PHE N 57 -27.14 -56.91 6.84
N TYR N 58 -27.66 -55.74 7.23
CA TYR N 58 -26.82 -54.76 7.91
C TYR N 58 -26.60 -55.08 9.38
N ALA N 59 -27.45 -55.91 9.99
CA ALA N 59 -27.19 -56.31 11.37
C ALA N 59 -25.90 -57.10 11.49
N ARG N 60 -25.50 -57.77 10.41
CA ARG N 60 -24.24 -58.51 10.38
C ARG N 60 -23.05 -57.59 10.57
N TYR N 61 -23.22 -56.29 10.35
CA TYR N 61 -22.16 -55.30 10.52
C TYR N 61 -22.25 -54.58 11.86
N ASN N 62 -23.12 -55.04 12.78
CA ASN N 62 -23.38 -54.31 14.01
C ASN N 62 -23.83 -52.87 13.73
N VAL N 63 -24.65 -52.71 12.70
CA VAL N 63 -25.22 -51.41 12.35
C VAL N 63 -26.71 -51.59 12.13
N GLU N 64 -27.48 -50.61 12.59
CA GLU N 64 -28.94 -50.71 12.63
C GLU N 64 -29.53 -49.92 11.47
N LEU N 65 -30.50 -50.52 10.77
CA LEU N 65 -31.22 -49.85 9.70
C LEU N 65 -32.59 -49.43 10.23
N ILE N 66 -32.78 -48.12 10.37
CA ILE N 66 -33.98 -47.56 10.99
C ILE N 66 -34.80 -46.80 9.96
N ARG N 67 -36.11 -46.98 10.03
CA ARG N 67 -37.08 -46.18 9.29
C ARG N 67 -37.72 -45.20 10.27
N ALA N 68 -37.47 -43.92 10.09
CA ALA N 68 -38.01 -42.92 10.98
C ALA N 68 -39.53 -42.87 10.84
N PRO N 69 -40.23 -42.46 11.90
CA PRO N 69 -41.69 -42.38 11.80
C PRO N 69 -42.17 -41.45 10.70
N GLU N 70 -41.38 -40.42 10.37
CA GLU N 70 -41.77 -39.53 9.28
C GLU N 70 -41.70 -40.24 7.92
N GLY N 71 -40.83 -41.23 7.76
CA GLY N 71 -40.80 -42.03 6.55
C GLY N 71 -39.43 -42.29 5.98
N PHE N 72 -38.43 -41.50 6.38
CA PHE N 72 -37.10 -41.62 5.81
C PHE N 72 -36.28 -42.71 6.50
N PHE N 73 -35.38 -43.31 5.73
CA PHE N 73 -34.51 -44.38 6.18
C PHE N 73 -33.12 -43.85 6.51
N TYR N 74 -32.44 -44.55 7.42
CA TYR N 74 -31.05 -44.21 7.72
C TYR N 74 -30.45 -45.33 8.58
N LEU N 75 -29.12 -45.30 8.66
CA LEU N 75 -28.35 -46.28 9.44
C LEU N 75 -27.88 -45.67 10.75
N ARG N 76 -27.92 -46.47 11.81
CA ARG N 76 -27.40 -46.07 13.11
C ARG N 76 -26.36 -47.09 13.58
N PRO N 77 -25.10 -46.69 13.77
CA PRO N 77 -24.09 -47.61 14.25
C PRO N 77 -24.18 -47.92 15.72
N ARG N 78 -23.87 -49.17 16.09
CA ARG N 78 -23.70 -49.53 17.49
C ARG N 78 -22.28 -49.21 17.94
N SER N 79 -21.95 -49.44 19.17
CA SER N 79 -20.67 -49.32 19.74
C SER N 79 -19.66 -50.23 19.08
N THR N 80 -20.06 -51.41 18.71
CA THR N 80 -19.35 -52.45 18.06
C THR N 80 -19.38 -52.39 16.56
N THR N 81 -19.66 -51.28 15.95
CA THR N 81 -19.82 -51.06 14.57
C THR N 81 -18.63 -51.58 13.79
N LEU N 82 -18.81 -52.29 12.73
CA LEU N 82 -17.85 -52.73 11.80
C LEU N 82 -17.46 -51.69 10.77
N ILE N 83 -18.22 -50.68 10.57
CA ILE N 83 -18.01 -49.55 9.74
C ILE N 83 -17.33 -48.44 10.49
N PRO N 84 -16.19 -47.89 10.07
CA PRO N 84 -15.61 -46.76 10.75
C PRO N 84 -16.52 -45.58 10.96
N ARG N 85 -16.70 -45.08 12.12
CA ARG N 85 -17.54 -44.03 12.56
C ARG N 85 -16.90 -42.66 12.47
N SER N 86 -17.69 -41.61 12.39
CA SER N 86 -17.26 -40.22 12.39
C SER N 86 -18.33 -39.39 13.07
N VAL N 87 -17.98 -38.21 13.57
CA VAL N 87 -18.90 -37.38 14.35
C VAL N 87 -18.91 -35.94 13.87
N LEU N 88 -20.11 -35.34 13.89
CA LEU N 88 -20.44 -34.01 13.55
C LEU N 88 -19.87 -32.99 14.51
N SER N 89 -19.58 -31.77 14.09
CA SER N 89 -19.12 -30.66 14.92
C SER N 89 -20.33 -29.97 15.54
N GLU N 90 -20.14 -29.26 16.63
CA GLU N 90 -21.06 -28.46 17.36
C GLU N 90 -21.86 -27.57 16.44
N LEU N 91 -21.20 -26.80 15.65
CA LEU N 91 -21.75 -25.92 14.69
C LEU N 91 -22.71 -26.64 13.78
N ASP N 92 -22.45 -27.86 13.46
CA ASP N 92 -23.22 -28.73 12.67
C ASP N 92 -24.60 -28.93 13.26
N MET N 93 -24.70 -29.33 14.49
CA MET N 93 -25.90 -29.49 15.20
C MET N 93 -26.65 -28.21 15.36
N MET N 94 -25.99 -27.12 15.60
CA MET N 94 -26.54 -25.82 15.65
C MET N 94 -27.34 -25.52 14.41
N VAL N 95 -26.73 -25.63 13.28
CA VAL N 95 -27.29 -25.43 11.99
C VAL N 95 -28.45 -26.35 11.75
N GLY N 96 -28.34 -27.59 12.09
CA GLY N 96 -29.34 -28.53 11.96
C GLY N 96 -30.60 -28.22 12.68
N LYS N 97 -30.51 -27.83 13.90
CA LYS N 97 -31.56 -27.37 14.71
C LYS N 97 -32.23 -26.15 14.15
N ILE N 98 -31.42 -25.25 13.59
CA ILE N 98 -31.98 -24.09 12.92
C ILE N 98 -32.84 -24.53 11.73
N LEU N 99 -32.31 -25.42 10.89
CA LEU N 99 -33.11 -25.88 9.76
C LEU N 99 -34.39 -26.54 10.23
N CYS N 100 -34.33 -27.29 11.32
CA CYS N 100 -35.55 -27.89 11.85
C CYS N 100 -36.56 -26.81 12.23
N TYR N 101 -36.08 -25.72 12.82
CA TYR N 101 -36.99 -24.61 13.12
C TYR N 101 -37.58 -24.02 11.85
N LEU N 102 -36.78 -23.84 10.81
CA LEU N 102 -37.27 -23.22 9.58
C LEU N 102 -38.32 -24.07 8.89
N TYR N 103 -38.44 -25.35 9.22
CA TYR N 103 -39.47 -26.21 8.66
C TYR N 103 -40.80 -25.88 9.36
N LEU N 104 -41.24 -24.65 9.13
CA LEU N 104 -42.33 -24.01 9.85
C LEU N 104 -43.59 -23.95 8.99
N SER N 105 -44.67 -23.39 9.54
CA SER N 105 -45.91 -23.24 8.82
C SER N 105 -45.88 -22.01 7.91
N PRO N 106 -45.51 -20.84 8.43
CA PRO N 106 -45.44 -19.66 7.55
C PRO N 106 -44.39 -19.80 6.45
N GLU N 107 -43.49 -20.78 6.58
CA GLU N 107 -42.51 -21.05 5.54
C GLU N 107 -43.18 -21.20 4.18
N ARG N 108 -44.32 -21.89 4.13
CA ARG N 108 -44.98 -22.17 2.85
C ARG N 108 -45.30 -20.89 2.11
N LEU N 109 -45.88 -19.91 2.81
CA LEU N 109 -46.21 -18.62 2.23
C LEU N 109 -44.99 -17.71 2.12
N ALA N 110 -43.99 -17.90 3.00
CA ALA N 110 -42.83 -17.01 3.01
C ALA N 110 -41.88 -17.31 1.85
N ASN N 111 -41.66 -18.60 1.54
CA ASN N 111 -40.65 -18.95 0.56
C ASN N 111 -41.04 -20.04 -0.40
N GLN N 112 -42.22 -20.65 -0.26
CA GLN N 112 -42.66 -21.72 -1.15
C GLN N 112 -41.62 -22.84 -1.22
N GLY N 113 -41.02 -23.15 -0.08
CA GLY N 113 -40.12 -24.27 0.05
C GLY N 113 -38.69 -24.02 -0.39
N ILE N 114 -38.37 -22.83 -0.88
CA ILE N 114 -37.04 -22.53 -1.40
C ILE N 114 -36.45 -21.38 -0.59
N PHE N 115 -35.36 -21.66 0.12
CA PHE N 115 -34.67 -20.70 0.96
C PHE N 115 -33.37 -20.24 0.29
N THR N 116 -32.67 -19.35 0.99
CA THR N 116 -31.37 -18.87 0.55
C THR N 116 -30.39 -18.99 1.71
N SER N 117 -29.10 -18.95 1.37
CA SER N 117 -28.06 -18.98 2.39
C SER N 117 -28.22 -17.83 3.37
N GLN N 118 -28.63 -16.66 2.89
CA GLN N 118 -28.73 -15.49 3.76
C GLN N 118 -29.80 -15.67 4.83
N GLU N 119 -30.92 -16.31 4.48
CA GLU N 119 -31.94 -16.58 5.50
C GLU N 119 -31.31 -17.31 6.67
N LEU N 120 -30.58 -18.38 6.39
CA LEU N 120 -29.98 -19.19 7.44
C LEU N 120 -28.90 -18.42 8.18
N TYR N 121 -28.06 -17.69 7.52
CA TYR N 121 -27.04 -16.88 8.06
C TYR N 121 -27.59 -15.95 9.11
N GLU N 122 -28.57 -15.17 8.69
CA GLU N 122 -29.15 -14.16 9.56
C GLU N 122 -29.93 -14.78 10.70
N GLU N 123 -30.65 -15.88 10.43
CA GLU N 123 -31.35 -16.57 11.51
C GLU N 123 -30.37 -17.08 12.56
N LEU N 124 -29.30 -17.70 12.19
CA LEU N 124 -28.26 -18.18 13.01
C LEU N 124 -27.73 -17.09 13.89
N ILE N 125 -27.35 -15.98 13.26
CA ILE N 125 -26.75 -14.88 14.00
C ILE N 125 -27.76 -14.28 14.97
N SER N 126 -29.03 -14.22 14.58
CA SER N 126 -30.02 -13.55 15.41
C SER N 126 -30.42 -14.41 16.62
N LEU N 127 -30.50 -15.72 16.43
CA LEU N 127 -31.12 -16.58 17.44
C LEU N 127 -30.12 -17.13 18.44
N ALA N 128 -28.87 -17.35 18.04
CA ALA N 128 -27.89 -17.93 18.94
C ALA N 128 -27.30 -16.87 19.87
N ASP N 129 -26.70 -17.28 20.93
CA ASP N 129 -25.94 -16.55 21.87
C ASP N 129 -24.55 -16.25 21.38
N GLU N 130 -24.00 -15.13 21.68
CA GLU N 130 -22.72 -14.66 21.29
C GLU N 130 -21.61 -15.60 21.72
N GLY N 131 -21.64 -16.07 22.93
CA GLY N 131 -20.66 -16.89 23.46
C GLY N 131 -20.38 -18.15 22.75
N LYS N 132 -21.39 -18.89 22.41
CA LYS N 132 -21.33 -20.06 21.64
C LYS N 132 -20.86 -19.80 20.23
N LEU N 133 -21.19 -18.70 19.65
CA LEU N 133 -20.69 -18.22 18.41
C LEU N 133 -19.19 -18.10 18.42
N MET N 134 -18.64 -17.43 19.37
CA MET N 134 -17.26 -17.29 19.63
C MET N 134 -16.60 -18.63 19.76
N LYS N 135 -17.20 -19.53 20.56
CA LYS N 135 -16.70 -20.90 20.76
C LYS N 135 -16.64 -21.66 19.43
N PHE N 136 -17.54 -21.36 18.50
CA PHE N 136 -17.59 -21.88 17.20
C PHE N 136 -16.41 -21.45 16.36
N VAL N 137 -16.17 -20.14 16.24
CA VAL N 137 -15.05 -19.64 15.42
C VAL N 137 -13.68 -19.81 16.09
N ASN N 138 -13.47 -19.15 17.23
CA ASN N 138 -12.29 -19.19 18.09
C ASN N 138 -12.59 -18.36 19.35
N GLN N 139 -12.14 -18.80 20.54
CA GLN N 139 -12.42 -18.06 21.77
C GLN N 139 -11.81 -16.66 21.80
N ARG N 140 -10.70 -16.40 21.10
CA ARG N 140 -10.10 -15.06 21.06
C ARG N 140 -10.83 -14.05 20.16
N SER N 141 -11.76 -14.51 19.32
CA SER N 141 -12.52 -13.62 18.46
C SER N 141 -13.47 -12.76 19.28
N SER N 142 -13.72 -11.54 18.82
CA SER N 142 -14.57 -10.55 19.38
C SER N 142 -15.22 -9.67 18.34
N GLY N 143 -16.43 -9.93 17.94
CA GLY N 143 -17.23 -9.10 17.17
C GLY N 143 -16.64 -8.35 16.04
N SER N 144 -15.78 -8.95 15.28
CA SER N 144 -15.01 -8.44 14.22
C SER N 144 -15.45 -8.89 12.85
N ASP N 145 -15.25 -8.13 11.83
CA ASP N 145 -15.58 -8.38 10.48
C ASP N 145 -15.04 -9.70 10.00
N LEU N 146 -13.78 -9.94 10.16
CA LEU N 146 -13.09 -11.11 9.80
C LEU N 146 -13.71 -12.34 10.42
N ASP N 147 -14.08 -12.27 11.65
CA ASP N 147 -14.76 -13.28 12.36
C ASP N 147 -16.06 -13.67 11.71
N LYS N 148 -16.85 -12.71 11.33
CA LYS N 148 -18.08 -12.84 10.63
C LYS N 148 -17.90 -13.49 9.29
N GLN N 149 -16.91 -13.13 8.56
CA GLN N 149 -16.52 -13.68 7.32
C GLN N 149 -16.20 -15.15 7.45
N LYS N 150 -15.37 -15.49 8.45
CA LYS N 150 -14.97 -16.89 8.75
C LYS N 150 -16.18 -17.73 9.13
N LEU N 151 -17.13 -17.15 9.86
CA LEU N 151 -18.36 -17.72 10.25
C LEU N 151 -19.22 -18.05 9.07
N GLN N 152 -19.35 -17.15 8.13
CA GLN N 152 -19.97 -17.33 6.86
C GLN N 152 -19.39 -18.49 6.11
N GLU N 153 -18.11 -18.55 5.99
CA GLU N 153 -17.37 -19.58 5.36
C GLU N 153 -17.70 -20.93 5.94
N LYS N 154 -17.63 -21.01 7.29
CA LYS N 154 -17.92 -22.22 8.04
C LYS N 154 -19.36 -22.67 7.83
N VAL N 155 -20.31 -21.74 7.72
CA VAL N 155 -21.69 -21.95 7.46
C VAL N 155 -21.87 -22.65 6.14
N ARG N 156 -21.29 -22.14 5.10
CA ARG N 156 -21.27 -22.71 3.81
C ARG N 156 -20.75 -24.13 3.83
N THR N 157 -19.66 -24.35 4.49
CA THR N 157 -19.00 -25.58 4.65
C THR N 157 -19.89 -26.64 5.26
N THR N 158 -20.42 -26.39 6.40
CA THR N 158 -21.30 -27.21 7.13
C THR N 158 -22.56 -27.50 6.38
N LEU N 159 -23.10 -26.56 5.68
CA LEU N 159 -24.22 -26.67 4.82
C LEU N 159 -23.99 -27.70 3.75
N ASN N 160 -22.85 -27.70 3.15
CA ASN N 160 -22.40 -28.67 2.21
C ASN N 160 -22.34 -30.05 2.82
N ARG N 161 -21.80 -30.19 3.98
CA ARG N 161 -21.79 -31.38 4.74
C ARG N 161 -23.17 -31.96 4.86
N LEU N 162 -24.11 -31.18 5.28
CA LEU N 162 -25.48 -31.49 5.44
C LEU N 162 -26.09 -31.95 4.14
N ARG N 163 -25.74 -31.25 3.06
CA ARG N 163 -26.22 -31.68 1.76
C ARG N 163 -25.74 -33.08 1.44
N ARG N 164 -24.56 -33.47 1.79
CA ARG N 164 -24.06 -34.78 1.70
C ARG N 164 -24.89 -35.75 2.51
N LEU N 165 -25.33 -35.38 3.67
CA LEU N 165 -26.23 -36.13 4.47
C LEU N 165 -27.59 -36.30 3.86
N GLY N 166 -27.92 -35.48 2.86
CA GLY N 166 -29.25 -35.49 2.29
C GLY N 166 -30.25 -34.63 3.01
N MET N 167 -29.84 -33.89 4.03
CA MET N 167 -30.77 -33.06 4.77
C MET N 167 -31.34 -31.95 3.88
N VAL N 168 -30.49 -31.33 3.07
CA VAL N 168 -30.83 -30.13 2.32
C VAL N 168 -30.45 -30.34 0.86
N TYR N 169 -31.33 -29.94 -0.05
CA TYR N 169 -31.11 -30.09 -1.49
C TYR N 169 -30.86 -28.70 -2.10
N PHE N 170 -29.70 -28.53 -2.71
CA PHE N 170 -29.39 -27.30 -3.41
C PHE N 170 -30.11 -27.27 -4.75
N LEU N 171 -30.65 -26.11 -5.11
CA LEU N 171 -31.26 -25.98 -6.41
C LEU N 171 -30.16 -25.97 -7.48
N PRO N 172 -30.37 -26.64 -8.62
CA PRO N 172 -29.24 -26.85 -9.53
C PRO N 172 -28.82 -25.59 -10.27
N ASN N 173 -28.04 -24.77 -9.58
CA ASN N 173 -27.34 -23.63 -10.16
C ASN N 173 -26.26 -23.23 -9.16
N ASN N 174 -25.34 -22.39 -9.60
CA ASN N 174 -24.19 -22.09 -8.76
C ASN N 174 -24.59 -21.33 -7.50
N ASN N 175 -25.70 -20.60 -7.54
CA ASN N 175 -26.08 -19.78 -6.40
C ASN N 175 -26.54 -20.67 -5.24
N ASN N 176 -26.44 -20.13 -4.03
CA ASN N 176 -26.71 -20.89 -2.81
C ASN N 176 -28.14 -20.64 -2.35
N LYS N 177 -29.08 -21.34 -2.99
CA LYS N 177 -30.47 -21.38 -2.58
C LYS N 177 -30.92 -22.83 -2.57
N PHE N 178 -31.71 -23.21 -1.58
CA PHE N 178 -31.95 -24.61 -1.31
C PHE N 178 -33.35 -24.83 -0.75
N THR N 179 -33.72 -26.10 -0.64
CA THR N 179 -34.98 -26.54 -0.04
C THR N 179 -34.68 -27.57 1.03
N ILE N 180 -35.54 -27.61 2.05
CA ILE N 180 -35.35 -28.45 3.22
C ILE N 180 -36.20 -29.70 3.08
N THR N 181 -35.61 -30.86 3.34
CA THR N 181 -36.32 -32.12 3.28
C THR N 181 -36.86 -32.51 4.65
N GLU N 182 -37.82 -33.42 4.63
CA GLU N 182 -38.45 -33.88 5.87
C GLU N 182 -37.46 -34.54 6.81
N ALA N 183 -36.37 -35.10 6.30
CA ALA N 183 -35.45 -35.84 7.15
C ALA N 183 -34.76 -34.95 8.16
N VAL N 184 -34.85 -33.62 7.99
CA VAL N 184 -34.30 -32.70 8.98
C VAL N 184 -34.90 -32.91 10.35
N PHE N 185 -36.07 -33.55 10.43
CA PHE N 185 -36.68 -33.80 11.73
C PHE N 185 -35.77 -34.56 12.68
N ARG N 186 -34.72 -35.20 12.17
CA ARG N 186 -33.83 -35.95 13.06
C ARG N 186 -33.19 -35.05 14.11
N PHE N 187 -32.98 -33.80 13.85
CA PHE N 187 -32.51 -32.80 14.72
C PHE N 187 -33.51 -32.37 15.75
N GLY N 188 -34.79 -32.68 15.51
CA GLY N 188 -35.86 -32.01 16.22
C GLY N 188 -36.00 -32.47 17.66
N ALA N 189 -36.89 -31.78 18.37
CA ALA N 189 -37.13 -32.01 19.78
C ALA N 189 -38.04 -33.19 20.02
N ASP N 190 -38.17 -33.57 21.29
CA ASP N 190 -39.19 -34.52 21.71
C ASP N 190 -40.54 -33.83 21.75
N VAL N 191 -41.58 -34.52 21.28
CA VAL N 191 -42.93 -33.98 21.21
C VAL N 191 -43.79 -34.67 22.25
N ARG N 192 -44.47 -33.88 23.07
CA ARG N 192 -45.38 -34.36 24.09
C ARG N 192 -46.79 -33.90 23.74
N SER N 193 -47.78 -34.60 24.30
CA SER N 193 -49.17 -34.37 23.95
C SER N 193 -49.52 -32.89 24.05
N GLY N 194 -49.90 -32.30 22.93
CA GLY N 194 -50.38 -30.93 22.89
C GLY N 194 -49.32 -29.87 22.82
N ASP N 195 -48.04 -30.23 22.82
CA ASP N 195 -46.98 -29.22 22.84
C ASP N 195 -46.81 -28.58 21.46
N ASP N 196 -46.52 -27.28 21.46
CA ASP N 196 -46.35 -26.53 20.22
C ASP N 196 -44.95 -26.74 19.66
N PRO N 197 -44.79 -27.19 18.42
CA PRO N 197 -43.43 -27.40 17.89
C PRO N 197 -42.54 -26.17 17.96
N ARG N 198 -43.06 -24.97 17.67
CA ARG N 198 -42.20 -23.79 17.69
C ARG N 198 -41.56 -23.64 19.06
N GLU N 199 -42.38 -23.73 20.10
CA GLU N 199 -41.92 -23.48 21.46
C GLU N 199 -40.85 -24.49 21.86
N ILE N 200 -41.10 -25.78 21.62
CA ILE N 200 -40.16 -26.80 22.06
C ILE N 200 -38.85 -26.69 21.27
N GLN N 201 -38.93 -26.42 19.97
CA GLN N 201 -37.72 -26.25 19.18
C GLN N 201 -36.91 -25.08 19.70
N LEU N 202 -37.57 -23.95 19.98
CA LEU N 202 -36.86 -22.80 20.54
C LEU N 202 -36.27 -23.12 21.90
N ARG N 203 -37.02 -23.86 22.71
CA ARG N 203 -36.53 -24.23 24.04
C ARG N 203 -35.23 -24.99 23.95
N MET N 204 -35.13 -25.93 23.01
CA MET N 204 -33.83 -26.60 22.86
C MET N 204 -32.77 -25.65 22.30
N ILE N 205 -33.13 -24.80 21.34
CA ILE N 205 -32.12 -23.93 20.76
C ILE N 205 -31.56 -22.98 21.81
N ARG N 206 -32.35 -22.60 22.79
CA ARG N 206 -31.88 -21.77 23.89
C ARG N 206 -30.94 -22.54 24.81
N THR O 3 -8.38 -105.72 -60.29
CA THR O 3 -7.06 -105.90 -60.96
C THR O 3 -6.64 -104.58 -61.63
N ILE O 4 -5.94 -104.68 -62.76
CA ILE O 4 -5.47 -103.47 -63.44
C ILE O 4 -6.63 -102.58 -63.82
N GLU O 5 -7.80 -103.17 -64.11
CA GLU O 5 -8.98 -102.36 -64.40
C GLU O 5 -9.33 -101.44 -63.24
N GLU O 6 -8.89 -101.78 -62.03
CA GLU O 6 -9.13 -100.90 -60.89
C GLU O 6 -8.62 -99.49 -61.16
N ARG O 7 -7.58 -99.37 -61.99
CA ARG O 7 -7.16 -98.05 -62.43
C ARG O 7 -8.33 -97.31 -63.08
N VAL O 8 -8.80 -97.84 -64.21
CA VAL O 8 -9.85 -97.15 -64.97
C VAL O 8 -11.05 -96.89 -64.09
N LYS O 9 -11.63 -97.94 -63.52
CA LYS O 9 -12.84 -97.79 -62.73
C LYS O 9 -12.62 -96.88 -61.52
N LYS O 10 -11.36 -96.67 -61.13
CA LYS O 10 -11.08 -95.62 -60.15
C LYS O 10 -11.04 -94.25 -60.83
N ILE O 11 -10.16 -94.10 -61.82
CA ILE O 11 -9.93 -92.81 -62.43
C ILE O 11 -11.24 -92.20 -62.92
N ILE O 12 -12.04 -93.01 -63.62
CA ILE O 12 -13.32 -92.53 -64.13
C ILE O 12 -14.07 -91.78 -63.02
N GLY O 13 -14.26 -92.43 -61.87
CA GLY O 13 -14.97 -91.78 -60.80
C GLY O 13 -14.30 -90.49 -60.37
N GLU O 14 -12.98 -90.55 -60.15
CA GLU O 14 -12.24 -89.38 -59.74
C GLU O 14 -12.35 -88.25 -60.75
N GLN O 15 -12.68 -88.57 -62.01
CA GLN O 15 -12.83 -87.55 -63.04
C GLN O 15 -14.28 -87.12 -63.25
N LEU O 16 -15.25 -87.88 -62.74
CA LEU O 16 -16.66 -87.59 -62.98
C LEU O 16 -17.47 -87.38 -61.72
N GLY O 17 -16.86 -87.53 -60.54
CA GLY O 17 -17.57 -87.33 -59.28
C GLY O 17 -18.40 -88.51 -58.83
N VAL O 18 -18.56 -89.53 -59.67
CA VAL O 18 -19.32 -90.73 -59.30
C VAL O 18 -18.38 -91.69 -58.59
N LYS O 19 -18.95 -92.68 -57.91
CA LYS O 19 -18.16 -93.68 -57.22
C LYS O 19 -17.80 -94.83 -58.17
N GLN O 20 -17.06 -95.80 -57.65
CA GLN O 20 -16.54 -96.87 -58.49
C GLN O 20 -17.67 -97.69 -59.13
N GLU O 21 -18.70 -98.00 -58.34
CA GLU O 21 -19.79 -98.86 -58.81
C GLU O 21 -20.87 -98.10 -59.56
N GLU O 22 -20.85 -96.77 -59.53
CA GLU O 22 -21.92 -96.00 -60.17
C GLU O 22 -21.95 -96.24 -61.68
N VAL O 23 -20.78 -96.31 -62.31
CA VAL O 23 -20.74 -96.45 -63.76
C VAL O 23 -21.25 -97.82 -64.17
N THR O 24 -22.09 -97.84 -65.20
CA THR O 24 -22.63 -99.06 -65.77
C THR O 24 -22.11 -99.24 -67.19
N ASN O 25 -21.72 -100.46 -67.53
CA ASN O 25 -21.07 -100.71 -68.81
C ASN O 25 -21.98 -100.35 -69.98
N ASN O 26 -23.30 -100.46 -69.81
CA ASN O 26 -24.23 -100.18 -70.90
C ASN O 26 -24.34 -98.69 -71.19
N ALA O 27 -24.08 -97.83 -70.21
CA ALA O 27 -24.31 -96.41 -70.36
C ALA O 27 -23.21 -95.75 -71.18
N SER O 28 -23.39 -94.46 -71.46
CA SER O 28 -22.47 -93.67 -72.26
C SER O 28 -22.04 -92.44 -71.48
N PHE O 29 -20.75 -92.11 -71.56
CA PHE O 29 -20.22 -90.96 -70.83
C PHE O 29 -20.86 -89.66 -71.30
N VAL O 30 -21.07 -89.52 -72.60
CA VAL O 30 -21.43 -88.22 -73.16
C VAL O 30 -22.72 -87.70 -72.55
N GLU O 31 -23.72 -88.56 -72.39
CA GLU O 31 -25.04 -88.14 -71.94
C GLU O 31 -25.53 -88.86 -70.69
N ASP O 32 -25.14 -90.10 -70.46
CA ASP O 32 -25.65 -90.88 -69.34
C ASP O 32 -24.84 -90.71 -68.07
N LEU O 33 -23.71 -89.99 -68.12
CA LEU O 33 -22.91 -89.72 -66.94
C LEU O 33 -22.85 -88.23 -66.59
N GLY O 34 -23.35 -87.36 -67.46
CA GLY O 34 -23.36 -85.94 -67.21
C GLY O 34 -22.10 -85.20 -67.62
N ALA O 35 -21.07 -85.92 -68.07
CA ALA O 35 -19.83 -85.30 -68.50
C ALA O 35 -20.00 -84.73 -69.89
N ASP O 36 -19.77 -83.42 -70.04
CA ASP O 36 -19.91 -82.76 -71.33
C ASP O 36 -18.64 -82.96 -72.17
O 4HH O 37 -15.15 -82.98 -73.44
C 4HH O 37 -16.07 -82.16 -73.38
CA 4HH O 37 -17.36 -82.37 -74.14
N 4HH O 37 -18.53 -82.23 -73.26
CB 4HH O 37 -17.48 -81.39 -75.30
OG 4HH O 37 -17.53 -80.05 -74.83
CJ 4HH O 37 -15.42 -79.36 -75.21
CK 4HH O 37 -14.05 -78.86 -75.66
CL1 4HH O 37 -14.15 -78.35 -77.11
CL2 4HH O 37 -13.62 -77.69 -74.77
CL3 4HH O 37 -13.36 -81.19 -76.39
CM 4HH O 37 -12.98 -79.96 -75.59
OM 4HH O 37 -12.75 -80.32 -74.24
NN 4HH O 37 -12.69 -81.42 -77.51
ON 4HH O 37 -14.26 -81.93 -75.98
P 4HH O 37 -17.88 -78.53 -74.85
O1P 4HH O 37 -18.62 -77.23 -75.10
O2P 4HH O 37 -17.86 -78.93 -73.39
O3P 4HH O 37 -16.36 -78.26 -75.26
CO 4HH O 37 -12.87 -82.62 -78.31
CP 4HH O 37 -11.60 -83.42 -78.44
CQ 4HH O 37 -10.50 -82.62 -79.10
CS 4HH O 37 -8.10 -82.48 -79.64
CT 4HH O 37 -6.83 -83.26 -79.44
NR 4HH O 37 -9.26 -83.16 -79.09
OR 4HH O 37 -10.72 -81.52 -79.60
SU 4HH O 37 -5.38 -82.38 -80.06
HA 4HH O 37 -17.35 -83.27 -74.50
H 4HH O 37 -19.10 -81.64 -73.53
HB3 4HH O 37 -18.29 -81.58 -75.80
HB2 4HH O 37 -16.70 -81.49 -75.88
HJ3 4HH O 37 -15.35 -79.70 -74.30
HJ2 4HH O 37 -15.71 -80.08 -75.79
HL13 4HH O 37 -14.45 -79.06 -77.68
HL12 4HH O 37 -13.27 -78.05 -77.41
HL11 4HH O 37 -14.77 -77.61 -77.14
HL21 4HH O 37 -12.74 -77.36 -75.05
HL23 4HH O 37 -13.58 -77.98 -73.84
HL22 4HH O 37 -14.26 -76.96 -74.85
HL3 4HH O 37 -12.14 -79.59 -75.97
HM 4HH O 37 -13.45 -80.65 -73.91
HN 4HH O 37 -12.11 -80.83 -77.78
HO2 4HH O 37 -13.17 -82.36 -79.21
HO3 4HH O 37 -13.57 -83.18 -77.91
HP3 4HH O 37 -11.30 -83.70 -77.55
HP2 4HH O 37 -11.77 -84.22 -78.96
HS2 4HH O 37 -8.24 -82.32 -80.60
HS3 4HH O 37 -8.01 -81.60 -79.20
HT3 4HH O 37 -6.72 -83.44 -78.49
HT2 4HH O 37 -6.91 -84.11 -79.91
HR 4HH O 37 -9.17 -83.96 -78.76
HU 4HH O 37 -5.48 -81.40 -79.35
N LEU O 38 -15.98 -81.04 -72.64
CA LEU O 38 -14.76 -80.74 -71.91
C LEU O 38 -14.47 -81.82 -70.87
N ASP O 39 -15.50 -82.28 -70.15
CA ASP O 39 -15.28 -83.29 -69.12
C ASP O 39 -14.80 -84.60 -69.74
N THR O 40 -15.36 -84.99 -70.89
CA THR O 40 -14.92 -86.22 -71.52
C THR O 40 -13.50 -86.10 -72.06
N VAL O 41 -13.14 -84.94 -72.60
CA VAL O 41 -11.76 -84.70 -73.00
C VAL O 41 -10.84 -84.85 -71.81
N GLU O 42 -11.21 -84.26 -70.68
CA GLU O 42 -10.41 -84.38 -69.47
C GLU O 42 -10.29 -85.83 -69.04
N LEU O 43 -11.38 -86.59 -69.12
CA LEU O 43 -11.35 -87.99 -68.71
C LEU O 43 -10.39 -88.80 -69.58
N VAL O 44 -10.52 -88.66 -70.91
CA VAL O 44 -9.66 -89.43 -71.80
C VAL O 44 -8.21 -89.03 -71.62
N MET O 45 -7.95 -87.73 -71.38
CA MET O 45 -6.58 -87.27 -71.26
C MET O 45 -5.98 -87.70 -69.93
N ALA O 46 -6.79 -87.77 -68.88
CA ALA O 46 -6.33 -88.34 -67.62
C ALA O 46 -6.02 -89.82 -67.76
N LEU O 47 -6.85 -90.55 -68.51
CA LEU O 47 -6.53 -91.95 -68.80
C LEU O 47 -5.21 -92.05 -69.54
N GLU O 48 -4.98 -91.15 -70.50
CA GLU O 48 -3.70 -91.12 -71.21
C GLU O 48 -2.55 -90.91 -70.24
N GLU O 49 -2.70 -89.96 -69.31
CA GLU O 49 -1.63 -89.67 -68.35
C GLU O 49 -1.36 -90.88 -67.46
N GLU O 50 -2.41 -91.53 -66.97
CA GLU O 50 -2.23 -92.59 -65.98
C GLU O 50 -1.40 -93.74 -66.54
N PHE O 51 -1.67 -94.15 -67.78
CA PHE O 51 -1.01 -95.28 -68.38
C PHE O 51 0.26 -94.91 -69.15
N ASP O 52 0.67 -93.66 -69.10
CA ASP O 52 1.92 -93.21 -69.72
C ASP O 52 1.97 -93.62 -71.19
N THR O 53 0.83 -93.46 -71.88
CA THR O 53 0.72 -93.82 -73.28
C THR O 53 0.11 -92.68 -74.09
N GLU O 54 -0.23 -92.94 -75.34
CA GLU O 54 -0.84 -91.95 -76.22
C GLU O 54 -2.07 -92.55 -76.88
N ILE O 55 -3.05 -91.69 -77.15
CA ILE O 55 -4.27 -92.07 -77.86
C ILE O 55 -4.58 -90.97 -78.86
N PRO O 56 -4.49 -91.21 -80.17
CA PRO O 56 -4.82 -90.15 -81.12
C PRO O 56 -6.29 -89.75 -81.04
N ASP O 57 -6.63 -88.71 -81.79
CA ASP O 57 -8.00 -88.19 -81.74
C ASP O 57 -9.00 -89.22 -82.22
N GLU O 58 -8.69 -89.91 -83.32
CA GLU O 58 -9.66 -90.84 -83.90
C GLU O 58 -10.00 -91.97 -82.93
N GLU O 59 -8.97 -92.65 -82.41
CA GLU O 59 -9.22 -93.70 -81.42
C GLU O 59 -9.82 -93.12 -80.15
N ALA O 60 -9.33 -91.95 -79.71
CA ALA O 60 -9.85 -91.37 -78.48
C ALA O 60 -11.34 -91.10 -78.56
N GLU O 61 -11.85 -90.78 -79.74
CA GLU O 61 -13.28 -90.47 -79.88
C GLU O 61 -14.17 -91.70 -79.72
N LYS O 62 -13.59 -92.90 -79.67
CA LYS O 62 -14.35 -94.14 -79.61
C LYS O 62 -14.51 -94.67 -78.19
N ILE O 63 -14.54 -93.77 -77.19
CA ILE O 63 -14.64 -94.15 -75.80
C ILE O 63 -15.94 -93.62 -75.17
N THR O 64 -16.93 -93.31 -75.99
CA THR O 64 -18.16 -92.71 -75.47
C THR O 64 -18.88 -93.66 -74.50
N THR O 65 -18.67 -94.96 -74.66
CA THR O 65 -19.31 -95.93 -73.77
C THR O 65 -18.38 -96.30 -72.62
N VAL O 66 -18.98 -96.76 -71.52
CA VAL O 66 -18.22 -97.04 -70.32
C VAL O 66 -17.21 -98.17 -70.56
N GLN O 67 -17.65 -99.23 -71.23
CA GLN O 67 -16.80 -100.41 -71.38
C GLN O 67 -15.56 -100.10 -72.22
N ALA O 68 -15.69 -99.21 -73.21
CA ALA O 68 -14.58 -98.96 -74.12
C ALA O 68 -13.31 -98.57 -73.37
N ALA O 69 -13.47 -97.91 -72.22
CA ALA O 69 -12.30 -97.43 -71.47
C ALA O 69 -11.35 -98.56 -71.14
N ILE O 70 -11.85 -99.80 -71.04
CA ILE O 70 -10.99 -100.95 -70.75
C ILE O 70 -10.68 -101.69 -72.04
N ASP O 71 -11.59 -101.61 -73.02
CA ASP O 71 -11.44 -102.41 -74.23
C ASP O 71 -10.13 -102.05 -74.96
N TYR O 72 -9.86 -100.77 -75.10
CA TYR O 72 -8.60 -100.35 -75.71
C TYR O 72 -7.42 -100.54 -74.77
N ILE O 73 -7.66 -100.62 -73.47
CA ILE O 73 -6.57 -100.72 -72.50
C ILE O 73 -6.01 -102.13 -72.48
N ASN O 74 -6.85 -103.12 -72.16
CA ASN O 74 -6.41 -104.50 -72.07
C ASN O 74 -6.23 -105.12 -73.45
N THR P 3 24.60 -41.17 -57.61
CA THR P 3 25.92 -41.59 -58.16
C THR P 3 26.26 -43.01 -57.73
N ILE P 4 27.27 -43.60 -58.39
CA ILE P 4 27.66 -44.97 -58.09
C ILE P 4 28.16 -45.09 -56.65
N GLU P 5 29.00 -44.14 -56.22
CA GLU P 5 29.61 -44.24 -54.90
C GLU P 5 28.61 -44.05 -53.77
N GLU P 6 27.41 -43.53 -54.06
CA GLU P 6 26.34 -43.47 -53.09
C GLU P 6 25.21 -44.45 -53.39
N ARG P 7 25.05 -44.87 -54.64
CA ARG P 7 24.16 -45.98 -54.92
C ARG P 7 24.64 -47.26 -54.25
N VAL P 8 25.96 -47.42 -54.13
CA VAL P 8 26.50 -48.56 -53.40
C VAL P 8 26.04 -48.51 -51.95
N LYS P 9 26.09 -47.32 -51.32
CA LYS P 9 25.59 -47.18 -49.96
C LYS P 9 24.09 -47.45 -49.89
N LYS P 10 23.34 -46.94 -50.87
CA LYS P 10 21.91 -47.21 -50.93
C LYS P 10 21.63 -48.70 -50.88
N ILE P 11 22.38 -49.47 -51.67
CA ILE P 11 22.18 -50.92 -51.69
C ILE P 11 22.64 -51.57 -50.39
N ILE P 12 23.81 -51.18 -49.89
CA ILE P 12 24.40 -51.87 -48.75
C ILE P 12 23.56 -51.64 -47.49
N GLY P 13 23.16 -50.40 -47.24
CA GLY P 13 22.39 -50.11 -46.04
C GLY P 13 21.04 -50.80 -46.03
N GLU P 14 20.37 -50.82 -47.17
CA GLU P 14 19.04 -51.42 -47.27
C GLU P 14 19.08 -52.93 -47.50
N GLN P 15 20.25 -53.51 -47.76
CA GLN P 15 20.38 -54.95 -47.84
C GLN P 15 20.96 -55.57 -46.57
N LEU P 16 21.64 -54.79 -45.75
CA LEU P 16 22.12 -55.23 -44.45
C LEU P 16 21.42 -54.55 -43.28
N GLY P 17 20.68 -53.46 -43.54
CA GLY P 17 19.95 -52.78 -42.49
C GLY P 17 20.80 -51.93 -41.58
N VAL P 18 22.07 -51.73 -41.89
CA VAL P 18 22.96 -50.97 -41.04
C VAL P 18 22.84 -49.48 -41.38
N LYS P 19 23.34 -48.64 -40.48
CA LYS P 19 23.23 -47.20 -40.65
C LYS P 19 24.09 -46.71 -41.81
N GLN P 20 23.66 -45.61 -42.42
CA GLN P 20 24.47 -44.98 -43.45
C GLN P 20 25.80 -44.51 -42.89
N GLU P 21 25.81 -44.00 -41.65
CA GLU P 21 27.05 -43.57 -41.03
C GLU P 21 28.02 -44.74 -40.87
N GLU P 22 27.49 -45.92 -40.55
CA GLU P 22 28.36 -47.08 -40.35
C GLU P 22 29.08 -47.45 -41.64
N VAL P 23 28.40 -47.36 -42.77
CA VAL P 23 28.97 -47.81 -44.04
C VAL P 23 29.92 -46.76 -44.60
N THR P 24 31.19 -46.88 -44.24
CA THR P 24 32.24 -46.07 -44.82
C THR P 24 32.92 -46.86 -45.94
N ASN P 25 33.91 -46.24 -46.58
CA ASN P 25 34.58 -46.89 -47.70
C ASN P 25 35.27 -48.18 -47.26
N ASN P 26 35.93 -48.15 -46.10
CA ASN P 26 36.71 -49.27 -45.62
C ASN P 26 35.91 -50.22 -44.73
N ALA P 27 34.63 -49.96 -44.52
CA ALA P 27 33.81 -50.80 -43.64
C ALA P 27 33.62 -52.17 -44.29
N SER P 28 34.24 -53.20 -43.69
CA SER P 28 34.05 -54.56 -44.16
C SER P 28 32.68 -55.07 -43.78
N PHE P 29 32.10 -55.91 -44.64
CA PHE P 29 30.73 -56.37 -44.41
C PHE P 29 30.64 -57.29 -43.21
N VAL P 30 31.51 -58.29 -43.12
CA VAL P 30 31.34 -59.37 -42.15
C VAL P 30 31.57 -58.86 -40.74
N GLU P 31 32.66 -58.13 -40.52
CA GLU P 31 33.03 -57.74 -39.16
C GLU P 31 32.39 -56.41 -38.74
N ASP P 32 32.39 -55.42 -39.62
CA ASP P 32 31.80 -54.13 -39.28
C ASP P 32 30.28 -54.16 -39.44
N LEU P 33 29.81 -54.52 -40.64
CA LEU P 33 28.38 -54.53 -40.92
C LEU P 33 27.70 -55.80 -40.44
N GLY P 34 28.44 -56.85 -40.10
CA GLY P 34 27.86 -58.04 -39.53
C GLY P 34 27.22 -58.99 -40.51
N ALA P 35 27.23 -58.67 -41.80
CA ALA P 35 26.58 -59.52 -42.79
C ALA P 35 27.31 -60.86 -42.88
N ASP P 36 26.56 -61.95 -42.70
CA ASP P 36 27.11 -63.29 -42.73
C ASP P 36 26.96 -63.87 -44.14
O 4HH P 37 26.25 -64.87 -47.52
C 4HH P 37 26.08 -65.49 -46.46
CA 4HH P 37 27.25 -65.85 -45.56
N 4HH P 37 27.21 -65.17 -44.27
CB 4HH P 37 27.29 -67.36 -45.31
OG 4HH P 37 27.28 -68.11 -46.51
CJ 4HH P 37 26.51 -69.82 -48.26
CK 4HH P 37 27.22 -70.27 -49.54
CL1 4HH P 37 28.42 -69.34 -49.81
CL2 4HH P 37 27.73 -71.70 -49.34
CL3 4HH P 37 26.87 -70.63 -52.03
CM 4HH P 37 26.24 -70.22 -50.71
OM 4HH P 37 25.72 -68.91 -50.81
NN 4HH P 37 26.50 -71.78 -52.55
ON 4HH P 37 27.70 -69.90 -52.57
P 4HH P 37 26.97 -69.41 -45.70
O1P 4HH P 37 25.65 -70.09 -45.44
O2P 4HH P 37 28.06 -69.86 -44.75
O3P 4HH P 37 27.45 -69.91 -47.15
CO 4HH P 37 26.96 -72.25 -53.85
CP 4HH P 37 28.45 -72.52 -53.87
CQ 4HH P 37 28.94 -72.78 -55.27
CS 4HH P 37 28.45 -73.92 -57.41
CT 4HH P 37 27.22 -73.54 -58.19
NR 4HH P 37 28.28 -73.71 -55.97
OR 4HH P 37 29.88 -72.15 -55.75
SU 4HH P 37 25.73 -74.38 -57.60
HA 4HH P 37 28.08 -65.60 -46.02
H 4HH P 37 27.36 -65.70 -43.61
HB3 4HH P 37 26.51 -67.60 -44.77
HB2 4HH P 37 28.10 -67.57 -44.82
HJ3 4HH P 37 25.74 -70.39 -48.10
HJ2 4HH P 37 26.20 -68.90 -48.37
HL13 4HH P 37 28.09 -68.45 -50.00
HL12 4HH P 37 28.92 -69.68 -50.57
HL11 4HH P 37 28.99 -69.33 -49.03
HL21 4HH P 37 28.20 -71.99 -50.15
HL23 4HH P 37 26.98 -72.29 -49.18
HL22 4HH P 37 28.34 -71.73 -48.59
HL3 4HH P 37 25.49 -70.84 -50.51
HM 4HH P 37 25.18 -68.88 -51.47
HN 4HH P 37 25.94 -72.29 -52.11
HO2 4HH P 37 26.75 -71.58 -54.53
HO3 4HH P 37 26.48 -73.07 -54.09
HP3 4HH P 37 28.93 -71.76 -53.50
HP2 4HH P 37 28.65 -73.30 -53.31
HS2 4HH P 37 29.21 -73.38 -57.72
HS3 4HH P 37 28.67 -74.86 -57.57
HT3 4HH P 37 27.08 -72.58 -58.12
HT2 4HH P 37 27.36 -73.77 -59.12
HR 4HH P 37 27.73 -74.23 -55.54
HU 4HH P 37 26.11 -75.51 -57.78
N LEU P 38 24.87 -65.86 -46.04
CA LEU P 38 23.69 -65.58 -46.86
C LEU P 38 23.44 -64.08 -47.00
N ASP P 39 23.70 -63.30 -45.95
CA ASP P 39 23.53 -61.86 -46.06
C ASP P 39 24.45 -61.27 -47.12
N THR P 40 25.72 -61.71 -47.14
CA THR P 40 26.64 -61.21 -48.16
C THR P 40 26.23 -61.70 -49.55
N VAL P 41 25.72 -62.92 -49.65
CA VAL P 41 25.24 -63.41 -50.94
C VAL P 41 24.13 -62.49 -51.46
N GLU P 42 23.18 -62.16 -50.59
CA GLU P 42 22.08 -61.28 -51.01
C GLU P 42 22.60 -59.88 -51.32
N LEU P 43 23.63 -59.43 -50.59
CA LEU P 43 24.21 -58.12 -50.88
C LEU P 43 24.83 -58.08 -52.26
N VAL P 44 25.57 -59.12 -52.64
CA VAL P 44 26.17 -59.14 -53.97
C VAL P 44 25.10 -59.25 -55.04
N MET P 45 24.05 -60.04 -54.78
CA MET P 45 22.96 -60.12 -55.74
C MET P 45 22.30 -58.76 -55.94
N ALA P 46 22.07 -58.03 -54.85
CA ALA P 46 21.49 -56.70 -54.96
C ALA P 46 22.41 -55.74 -55.70
N LEU P 47 23.71 -55.82 -55.43
CA LEU P 47 24.66 -54.98 -56.16
C LEU P 47 24.61 -55.27 -57.65
N GLU P 48 24.49 -56.54 -58.01
CA GLU P 48 24.34 -56.90 -59.42
C GLU P 48 23.07 -56.29 -59.99
N GLU P 49 21.96 -56.40 -59.26
CA GLU P 49 20.68 -55.92 -59.78
C GLU P 49 20.67 -54.41 -59.96
N GLU P 50 21.25 -53.67 -59.02
CA GLU P 50 21.18 -52.22 -59.07
C GLU P 50 21.76 -51.69 -60.39
N PHE P 51 22.94 -52.17 -60.76
CA PHE P 51 23.63 -51.69 -61.95
C PHE P 51 23.46 -52.63 -63.14
N ASP P 52 22.55 -53.60 -63.05
CA ASP P 52 22.17 -54.46 -64.17
C ASP P 52 23.40 -55.03 -64.87
N THR P 53 24.32 -55.57 -64.08
CA THR P 53 25.53 -56.22 -64.58
C THR P 53 25.66 -57.58 -63.94
N GLU P 54 26.73 -58.30 -64.30
CA GLU P 54 27.00 -59.62 -63.75
C GLU P 54 28.48 -59.69 -63.37
N ILE P 55 28.78 -60.57 -62.42
CA ILE P 55 30.13 -60.67 -61.87
C ILE P 55 30.55 -62.14 -61.83
N PRO P 56 31.82 -62.46 -62.02
CA PRO P 56 32.25 -63.86 -61.87
C PRO P 56 32.18 -64.30 -60.41
N ASP P 57 32.07 -65.61 -60.23
CA ASP P 57 31.93 -66.16 -58.88
C ASP P 57 33.15 -65.83 -58.02
N GLU P 58 34.35 -66.13 -58.53
CA GLU P 58 35.56 -65.92 -57.74
C GLU P 58 35.82 -64.43 -57.54
N GLU P 59 35.73 -63.65 -58.60
CA GLU P 59 35.95 -62.21 -58.48
C GLU P 59 34.91 -61.57 -57.58
N ALA P 60 33.69 -62.10 -57.57
CA ALA P 60 32.66 -61.57 -56.67
C ALA P 60 32.98 -61.91 -55.22
N GLU P 61 33.31 -63.18 -54.95
CA GLU P 61 33.62 -63.58 -53.57
C GLU P 61 34.85 -62.86 -53.06
N LYS P 62 35.74 -62.43 -53.96
CA LYS P 62 36.89 -61.64 -53.52
C LYS P 62 36.46 -60.33 -52.89
N ILE P 63 35.27 -59.83 -53.25
CA ILE P 63 34.77 -58.57 -52.72
C ILE P 63 34.26 -58.79 -51.31
N THR P 64 34.90 -58.15 -50.33
CA THR P 64 34.50 -58.30 -48.94
C THR P 64 34.57 -56.98 -48.18
N THR P 65 34.33 -55.86 -48.85
CA THR P 65 34.38 -54.57 -48.18
C THR P 65 33.72 -53.53 -49.07
N VAL P 66 33.31 -52.42 -48.44
CA VAL P 66 32.69 -51.33 -49.19
C VAL P 66 33.66 -50.79 -50.23
N GLN P 67 34.91 -50.58 -49.83
CA GLN P 67 35.91 -50.10 -50.78
C GLN P 67 36.09 -51.08 -51.93
N ALA P 68 36.20 -52.38 -51.61
CA ALA P 68 36.30 -53.39 -52.66
C ALA P 68 35.03 -53.45 -53.49
N ALA P 69 33.88 -53.31 -52.85
CA ALA P 69 32.61 -53.31 -53.56
C ALA P 69 32.59 -52.22 -54.64
N ILE P 70 32.91 -50.98 -54.24
CA ILE P 70 32.93 -49.89 -55.21
C ILE P 70 34.01 -50.12 -56.25
N ASP P 71 35.18 -50.62 -55.81
CA ASP P 71 36.28 -50.83 -56.74
C ASP P 71 35.87 -51.76 -57.88
N TYR P 72 35.17 -52.83 -57.56
CA TYR P 72 34.67 -53.68 -58.63
C TYR P 72 33.50 -53.04 -59.37
N ILE P 73 32.70 -52.23 -58.66
CA ILE P 73 31.57 -51.57 -59.31
C ILE P 73 32.04 -50.44 -60.22
N ASN P 74 33.00 -49.64 -59.76
CA ASN P 74 33.52 -48.54 -60.55
C ASN P 74 34.81 -48.92 -61.26
MG MG Q . 12.09 89.77 -31.74
PG ATP R . 14.16 90.12 -33.23
O1G ATP R . 15.38 89.87 -34.03
O2G ATP R . 13.99 89.16 -32.05
O3G ATP R . 12.88 90.13 -34.04
PB ATP R . 13.27 92.66 -32.02
O1B ATP R . 13.11 93.75 -32.99
O2B ATP R . 11.98 91.95 -31.60
O3B ATP R . 14.23 91.55 -32.55
PA ATP R . 13.62 93.21 -29.15
O1A ATP R . 13.46 91.86 -28.59
O2A ATP R . 12.37 94.07 -29.07
O3A ATP R . 14.00 93.12 -30.68
O5' ATP R . 14.81 94.03 -28.53
C5' ATP R . 15.08 95.40 -28.93
C4' ATP R . 16.36 95.87 -28.31
O4' ATP R . 16.14 95.91 -26.89
C3' ATP R . 17.48 94.87 -28.53
O3' ATP R . 18.69 95.63 -28.44
C2' ATP R . 17.46 94.03 -27.25
O2' ATP R . 18.82 93.76 -26.97
C1' ATP R . 17.08 95.09 -26.22
N9 ATP R . 16.39 94.52 -25.09
C8 ATP R . 15.21 93.83 -25.11
N7 ATP R . 14.79 93.42 -23.93
C5 ATP R . 15.79 93.87 -23.07
C6 ATP R . 15.96 93.77 -21.68
N6 ATP R . 15.09 93.15 -20.86
N1 ATP R . 17.06 94.34 -21.13
C2 ATP R . 17.92 94.96 -21.93
N3 ATP R . 17.87 95.12 -23.26
C4 ATP R . 16.77 94.55 -23.76
H5'1 ATP R . 14.34 95.97 -28.66
H5'2 ATP R . 15.15 95.43 -29.90
H4' ATP R . 16.60 96.75 -28.66
H3' ATP R . 17.41 94.35 -29.34
HO3' ATP R . 19.29 95.19 -28.86
H2' ATP R . 16.88 93.25 -27.27
HO2' ATP R . 19.05 93.11 -27.48
H1' ATP R . 17.87 95.58 -25.93
H8 ATP R . 14.73 93.66 -25.88
HN61 ATP R . 14.37 92.80 -21.19
HN62 ATP R . 15.25 93.12 -20.02
H2 ATP R . 18.66 95.33 -21.51
MG MG S . 11.76 70.94 -40.78
PG ATP T . 10.11 72.99 -41.74
O1G ATP T . 8.71 73.47 -41.60
O2G ATP T . 10.73 72.50 -40.44
O3G ATP T . 11.03 74.01 -42.41
PB ATP T . 11.19 70.82 -43.43
O1B ATP T . 11.28 71.14 -44.86
O2B ATP T . 12.50 70.92 -42.65
O3B ATP T . 10.14 71.74 -42.70
PA ATP T . 10.78 68.25 -42.08
O1A ATP T . 10.76 68.85 -40.73
O2A ATP T . 12.06 67.51 -42.44
O3A ATP T . 10.59 69.38 -43.16
O5' ATP T . 9.57 67.28 -42.36
C5' ATP T . 9.43 66.60 -43.61
C4' ATP T . 8.12 65.85 -43.67
O4' ATP T . 8.29 64.68 -42.83
C3' ATP T . 7.01 66.66 -43.00
O3' ATP T . 5.80 66.21 -43.59
C2' ATP T . 6.98 66.13 -41.57
O2' ATP T . 5.61 66.10 -41.22
C1' ATP T . 7.31 64.66 -41.81
N9 ATP T . 7.94 64.05 -40.65
C8 ATP T . 9.07 64.48 -40.01
N7 ATP T . 9.41 63.75 -38.98
C5 ATP T . 8.44 62.76 -38.94
C6 ATP T . 8.22 61.67 -38.09
N6 ATP T . 9.02 61.36 -37.05
N1 ATP T . 7.15 60.89 -38.32
C2 ATP T . 6.36 61.17 -39.35
N3 ATP T . 6.45 62.18 -40.22
C4 ATP T . 7.52 62.94 -39.96
H5'1 ATP T . 10.16 65.96 -43.74
H5'2 ATP T . 9.46 67.25 -44.34
H4' ATP T . 7.89 65.61 -44.57
H3' ATP T . 7.14 67.62 -43.05
HO3' ATP T . 5.23 66.83 -43.49
H2' ATP T . 7.56 66.59 -40.94
HO2' ATP T . 5.38 66.92 -41.10
H1' ATP T . 6.52 64.16 -42.08
H8 ATP T . 9.55 65.23 -40.28
HN61 ATP T . 9.72 61.85 -36.89
HN62 ATP T . 8.83 60.69 -36.56
H2 ATP T . 5.64 60.60 -39.47
MG MG U . -54.52 -76.11 18.34
PG ATP V . -54.10 -77.23 20.62
O1G ATP V . -53.58 -77.51 21.99
O2G ATP V . -53.10 -76.52 19.71
O3G ATP V . -55.41 -76.43 20.62
PB ATP V . -55.39 -79.09 18.74
O1B ATP V . -56.57 -79.76 19.28
O2B ATP V . -55.66 -77.92 17.81
O3B ATP V . -54.44 -78.57 19.87
PA ATP V . -53.91 -80.23 16.46
O1A ATP V . -53.02 -79.11 16.11
O2A ATP V . -55.17 -80.32 15.59
O3A ATP V . -54.43 -80.08 17.95
O5' ATP V . -53.21 -81.64 16.44
C5' ATP V . -53.96 -82.85 16.71
C4' ATP V . -53.03 -84.02 16.79
O4' ATP V . -52.44 -84.18 15.49
C3' ATP V . -51.86 -83.74 17.73
O3' ATP V . -51.41 -85.00 18.18
C2' ATP V . -50.78 -83.23 16.79
O2' ATP V . -49.57 -83.75 17.32
C1' ATP V . -51.03 -84.10 15.56
N9 ATP V . -50.59 -83.44 14.34
C8 ATP V . -51.03 -82.26 13.84
N7 ATP V . -50.47 -81.90 12.71
C5 ATP V . -49.59 -82.95 12.45
C6 ATP V . -48.69 -83.19 11.40
N6 ATP V . -48.51 -82.36 10.37
N1 ATP V . -47.96 -84.32 11.44
C2 ATP V . -48.13 -85.15 12.46
N3 ATP V . -48.94 -85.03 13.52
C4 ATP V . -49.66 -83.91 13.45
H5'1 ATP V . -54.61 -83.01 15.99
H5'2 ATP V . -54.44 -82.76 17.54
H4' ATP V . -53.50 -84.83 17.06
H3' ATP V . -52.08 -83.11 18.45
HO3' ATP V . -51.00 -84.88 18.91
H2' ATP V . -50.76 -82.27 16.62
HO2' ATP V . -49.35 -83.25 17.98
H1' ATP V . -50.60 -84.97 15.66
H8 ATP V . -51.69 -81.74 14.26
HN61 ATP V . -48.98 -81.63 10.30
HN62 ATP V . -47.95 -82.56 9.75
H2 ATP V . -47.60 -85.92 12.45
MG MG W . -49.73 -58.61 28.69
PG ATP X . -52.41 -59.31 28.28
O1G ATP X . -53.53 -59.01 27.33
O2G ATP X . -51.04 -59.44 27.60
O3G ATP X . -52.67 -60.53 29.16
PB ATP X . -51.45 -57.77 30.60
O1B ATP X . -52.32 -57.84 31.78
O2B ATP X . -50.20 -58.66 30.63
O3B ATP X . -52.23 -58.11 29.29
PA ATP X . -49.67 -55.63 29.66
O1A ATP X . -49.28 -56.34 28.44
O2A ATP X . -48.63 -55.60 30.77
O3A ATP X . -50.96 -56.29 30.29
O5' ATP X . -50.13 -54.14 29.41
C5' ATP X . -50.52 -53.28 30.49
C4' ATP X . -51.03 -51.97 29.94
O4' ATP X . -49.88 -51.21 29.53
C3' ATP X . -51.86 -52.18 28.68
O3' ATP X . -52.74 -51.07 28.59
C2' ATP X . -50.83 -51.96 27.56
O2' ATP X . -51.56 -51.30 26.54
C1' ATP X . -49.99 -50.86 28.17
N9 ATP X . -48.63 -50.88 27.64
C8 ATP X . -47.76 -51.94 27.64
N7 ATP X . -46.60 -51.67 27.08
C5 ATP X . -46.72 -50.35 26.68
C6 ATP X . -45.84 -49.46 26.04
N6 ATP X . -44.61 -49.80 25.65
N1 ATP X . -46.27 -48.21 25.79
C2 ATP X . -47.51 -47.86 26.17
N3 ATP X . -48.42 -48.61 26.78
C4 ATP X . -47.97 -49.84 27.02
H5'1 ATP X . -49.77 -53.11 31.09
H5'2 ATP X . -51.24 -53.71 31.00
H4' ATP X . -51.55 -51.50 30.62
H3' ATP X . -52.29 -53.05 28.63
HO3' ATP X . -53.39 -51.33 28.11
H2' ATP X . -50.35 -52.75 27.27
HO2' ATP X . -52.07 -51.87 26.19
H1' ATP X . -50.40 -49.98 28.05
H8 ATP X . -47.96 -52.76 27.99
HN61 ATP X . -44.30 -50.58 25.81
HN62 ATP X . -44.11 -49.21 25.25
H2 ATP X . -47.76 -46.99 25.97
#